data_6CNB
#
_entry.id   6CNB
#
loop_
_entity.id
_entity.type
_entity.pdbx_description
1 polymer 'DNA-directed RNA polymerase III subunit RPC1'
2 polymer 'DNA-directed RNA polymerase III subunit RPC2'
3 polymer 'DNA-directed RNA polymerases I and III subunit RPAC1'
4 polymer 'DNA-directed RNA polymerase III subunit RPC9'
5 polymer 'DNA-directed RNA polymerases I, II, and III subunit RPABC1'
6 polymer 'DNA-directed RNA polymerases I, II, and III subunit RPABC2'
7 polymer 'DNA-directed RNA polymerase III subunit RPC8'
8 polymer 'DNA-directed RNA polymerases I, II, and III subunit RPABC3'
9 polymer 'DNA-directed RNA polymerase III subunit RPC10'
10 polymer 'DNA-directed RNA polymerases I, II, and III subunit RPABC5'
11 polymer 'DNA-directed RNA polymerases I and III subunit RPAC2'
12 polymer 'DNA-directed RNA polymerases I, II, and III subunit RPABC4'
13 polymer 'DNA-directed RNA polymerase III subunit RPC5'
14 polymer 'DNA-directed RNA polymerase III subunit RPC4'
15 polymer 'DNA-directed RNA polymerase III subunit RPC3'
16 polymer 'DNA-directed RNA polymerase III subunit RPC6'
17 polymer 'DNA-directed RNA polymerase III subunit RPC7,DNA-directed RNA polymerase III subunit RPC7,DNA-directed RNA polymerase III subunit RPC7,DNA-directed RNA polymerase III subunit RPC7,DNA-directed RNA polymerase III subunit RPC7'
18 polymer 'Transcription factor IIIB 70 kDa subunit,TATA-box-binding protein,Transcription factor IIIB 70 kDa subunit'
19 polymer "Transcription factor TFIIIB component B'',Transcription factor TFIIIB component B'',Transcription factor TFIIIB component B'',Transcription factor TFIIIB component B'',Transcription factor TFIIIB component B''"
20 polymer 'DNA (71-MER)'
21 polymer 'DNA (71-MER)'
22 non-polymer 'ZINC ION'
#
loop_
_entity_poly.entity_id
_entity_poly.type
_entity_poly.pdbx_seq_one_letter_code
_entity_poly.pdbx_strand_id
1 'polypeptide(L)'
;MKEVVVSETPKRIKGLEFSALSAADIVAQSEVEVSTRDLFDLEKDRAPKANGALDPKMGVSSSSLECATCHGNLASCHGH
FGHLKLALPVFHIGYFKATIQILQGICKNCSAILLSETDKRQFLHELRRPGVDNLRRMGILKKILDQCKKQRRCLHCGAL
NGVVKKAAAGAGSAALKIIHDTFRWVGKKSAPEKDIWVGEWKEVLAHNPELERYVKRCMDDLNPLKTLNLFKQIKSADCE
LLGIDATVPSGRPETYIWRYLPAPPVCIRPSVMMQDSPASNEDDLTVKLTEIVWTSSLIKAGLDKGISINNMMEHWDYLQ
LTVAMYINSDSVNPAMLPGSSNGGGKVKPIRGFCQRLKGKQGRFRGNLSGKRVDFSGRTVISPDPNLSIDEVAVPDRVAK
VLTYPEKVTRYNRHKLQELIVNGPNVHPGANYLLKRNEDARRNLRYGDRMKLAKNLQIGDVVERHLEDGDVVLFNRQPSL
HRLSILSHYAKIRPWRTFRLNECVCTPYNADFDGDEMNLHVPQTEEARAEAINLMGVKNNLLTPKSGEPIIAATQDFITG
SYLISHKDSFYDRATLTQLLSMMSDGIEHFDIPPPAIMKPYYLWTGKQVFSLLIKPNHNSPVVINLDAKNKVFVPPKSKS
LPNEMSQNDGFVIIRGSQILSGVMDKSVLGDGKKHSVFYTILRDYGPQEAANAMNRMAKLCARFLGNRGFSIGINDVTPA
DDLKQKKEELVEIAYHKCDELITLFNKGELETQPGCNEEQTLEAKIGGLLSKVREEVGDVCINELDNWNAPLIMATCGSK
GSTLNVSQMVAVVGQQIISGNRVPDGFQDRSLPHFPKNSKTPQSKGFVRNSFFSGLSPPEFLFHAISGREGLVDTAVKTA
ETGYMSRRLMKSLEDLSCQYDNTVRTSANGIVQFTYGGDGLDPLEMEGNAQPVNFNRSWDHAYNITFNNQDKGLLPYAIM
ETANEILGPLEERLVRYDNSGCLVKREDLNKAEYVDQYDAERDFYHSLREYINGKATALANLRKSRGMLGLLEPPAKELQ
GIDPDETVPDNVKTSVSQLYRISEKSVRKFLEIALFKYRKARLEPGTAIGAIGAQSIGEPGTQMTLKTFHFAGVASMNVT
LGVPRIKEIINASKVISTPIINAVLVNDNDERAARVVKGRVEKTLLSDVAFYVQDVYKDNLSFIQVRIDLGTIDKLQLEL
TIEDIAVAITRASKLKIQASDVNIIGKDRIAINVFPEGYKAKSISTSAKEPSENDVFYRMQQLRRALPDVVVKGLPDISR
AVINIRDDGKRELLVEGYGLRDVMCTDGVIGSRTTTNHVLEVFSVLGIEAARYSIIREINYTMSNHGMSVDPRHIQLLGD
VMTYKGEVLGITRFGLSKMRDSVLQLASFEKTTDHLFDAAFYMKKDAVEGVSECIILGQTMSIGTGSFKVVKGTNISEKD
LVPKRCLFESLSNEAALKAN
;
A
2 'polypeptide(L)'
;MVAATKRRKTHIHKHVKDEAFDDLLKPVYKGKKLTDEINTAQDKWHLLPAFLKVKGLVKQHLDSFNYFVDTDLKKIIKAN
QLILSDVDPEFYLKYVDIRVGKKSSSSTKDYLTPPHECRLRDMTYSAPIYVDIEYTRGRNIIMHKDVEIGRMPIMLRSNK
CILYDADESKMAKLNECPLDPGGYFIVNGTEKVILVQEQLSKNRIIVEADEKKGIVQASVTSSTHERKSKTYVITKNGKI
YLKHNSIAEEIPIAIVLKACGILSDLEIMQLVCGNDSSYQDIFAVNLEESSKLDIYTQQQALEYIGAKVKTMRRQKLTIL
QEGIEAIATTVIAHLTVEALDFREKALYIAMMTRRVVMAMYNPKMIDDRDYVGNKRLELAGQLISLLFEDLFKKFNNDFK
LSIDKVLKKPNRAMEYDALLSINVHSNNITSGLNRAISTGNWSLKRFKMERAGVTHVLSRLSYISALGMMTRISSQFEKS
RKVSGPRALQPSQFGMLCTADTPEGEACGLVKNLALMTHITTDDEEEPIKKLCYVLGVEDITLIDSASLHLNYGVYLNGT
LIGSIRFPTKFVTQFRHLRRTGKVSEFISIYSNSHQMAVHIATDGGRICRPLIIVSDGQSRVKDIHLRKLLDGELDFDDF
LKLGLVEYLDVNEENDSYIALYEKDIVPSMTHLEIEPFTILGAVAGLIPYPHHNQSPRNTYQCAMGKQAIGAIAYNQFKR
IDTLLYLMTYPQQPMVKTKTIELIDYDKLPAGQNATVAVMSYSGYDIEDALVLNKSSIDRGFGRCETRRKTTTVLKRYAN
HTQDIIGGMRVDENGDPIWQHQSLGPDGLGEVGMKVQSGQIYINKSVPTNSADAPNPNNVNVQTQYREAPVIYRGPEPSH
IDQVMMSVSDNDQALIKVLLRQNRRPELGDKFSSRHGQKGVCGIIVKQEDMPFNDQGIVPDIIMNPHGFPSRMTVGKMIE
LISGKAGVLNGTLEYGTCFGGSKLEDMSKILVDQGFNYSGKDMLYSGITGECLQAYIFFGPIYYQKLKHMVLDKMHARAR
GPRAVLTRQPTEGRSRDGGLRLGEMERDCVIAYGASQLLLERLMISSDAFEVDVCDKCGLMGYSGWCTTCKSAENIIKMT
IPYAAKLLFQELLSMNIAPRLRLEDIFQQ
;
B
3 'polypeptide(L)'
;MSNIVGIEYNRVTNTTSTDFPGFSKDAENEWNVEKFKKDFEVNISSLDAREANFDLINIDTSIANAFRRIMISEVPSVAA
EYVYFFNNTSVIQDEVLAHRIGLVPLKVDPDMLTWVDSNLPDDEKFTDENTIVLSLNVKCTRNPDAPKGSTDPKELYNNA
HVYARDLKFEPQGRQSTTFADCPVVPADPDILLAKLRPGQEISLKAHCILGIGGDHAKFSPVSTASYRLLPQINILQPIK
GESARRFQKCFPPGVIGIDEGSDEAYVKDARKDTVSREVLRYEEFADKVKLGRVRNHFIFNVESAGAMTPEEIFFKSVRI
LKNKAEYLKNCPITQ
;
C
4 'polypeptide(L)'
;MKVLEERNAFLSDYEVLKFLTDLEKKHLWDQKSLAALKKSRSKGKQNRPYNHPELQGITRNVVNYLSINKNFINQEDEGE
ERESSGAKDAEKSGISKMSDESFAELMTKLNSFKLFKAEKLQIVNQLPANMVHLYSIVEECDARFDEKTIEEMLEIISGY
A
;
D
5 'polypeptide(L)'
;MDQENERNISRLWRAFRTVKEMVKDRGYFITQEEVELPLEDFKAKYCDSMGRPQRKMMSFQANPTEESISKFPDMGSLWV
EFCDEPSVGVKTMKTFVIHIQEKNFQTGIFVYQNNITPSAMKLVPSIPPATIETFNEAALVVNITHHELVPKHIRLSSDE
KRELLKRYRLKESQLPRIQRADPVALYLGLKRGEVVKIIRKSETSGRYASYRICM
;
E
6 'polypeptide(L)'
;MSDYEEAFNDGNENFEDFDVEHFSDEETYEEKPQFKDGETTDANGKTIVTGGNGPEDFQQHEQIRRKTLKEKAIPKDQRA
TTPYMTKYERARILGTRALQISMNAPVFVDLEGETDPLRIAMKELAEKKIPLVIRRYLPDGSFEDWSVEELIVDL
;
F
7 'polypeptide(L)'
;MFILSKIADLVRIPPDQFHRDTISAITHQLNNKFANKIIPNVGLCITIYDLLTVEEGQLKPGDGSSYINVTFRAVVFKPF
LGEIVTGWISKCTAEGIKVSLLGIFDDIFIPQNMLFEGCYYTPEESAWIWPMDEETKLYFDVNEKIRFRIEREVFVDVKP
KSPKERELEERAQLENEIEGKNEETPQNEKPPAYALLGSCQTDGMGLVSWWE
;
G
8 'polypeptide(L)'
;MSNTLFDDIFQVSEVDPGRYNKVCRIEAASTTQDQCKLTLDINVELFPVAAQDSLTVTIASSLNLEDTPANDSSATRSWR
PPQAGDRSLADDYDYVMYGTAYKFEEVSKDLIAVYYSFGGLLMRLEGNYRNLNNLKQENAYLLIRR
;
H
9 'polypeptide(L)'
;MLSFCPSCNNMLLITSGDSGVYTLACRSCPYEFPIEGIEIYDRKKLPRKEVDDVLGGGWDNVDQTKTQCPNYDTCGGESA
YFFQLQIRSADEPMTTFYKCVNCGHRWKEN
;
I
10 'polypeptide(L)' MIVPVRCFSCGKVVGDKWESYLNLLQEDELDEGTALSRLGLKRYCCRRMILTHVDLIEKFLRYNPLEKRD J
11 'polypeptide(L)'
;MTEDIEQKKTATEVTPQEPKHIQEEEEQDVDMTGDEEQEEEPDREKIKLLTQATSEDGTSASFQIVEEDHTLGNALRYVI
MKNPDVEFCGYSIPHPSENLLNIRIQTYGETTAVDALQKGLKDLMDLCDVVESKFTEKIKSM
;
K
12 'polypeptide(L)' MSREGFQIPTNLDAAAAGTSQARTATLKYICAECSSKLSLSRTDAVRCKDCGHRILLKARTKRLVQFEAR L
13 'polypeptide(L)'
;MSIDNKLFVTEEDEEDRTQDRADVEDESNDIDMIADENGTNSAIANEQEEKSEEVKAEDDTGEEEEDDPVIEEFPLKISG
EEESLHVFQYANRPRLVGRKPAEHPFISAARYKPKSHLWEIDIPLDEQAFYNKDKAESEWNGVNVQTLKGVGVENNGQYA
AFVKDMQVYLVPIERVAQLKPFFKYIDDANVTRKQEDARRNPNPSSQRAQVVTMSVKSVNDPSQNRLTGSLLAHKVADEE
ANIELTWAEGTFEQFKDTIVKEAEDKTLVALEKQEDYIDNLV
;
M
14 'polypeptide(L)'
;MSSNKGNGRLPSLKDSSSNGGGSAKPSLKFKPKAVARKSKEEREAAASKVKLEEESKRGNDKKHFNNKNKRVTGAGGQQR
RMAKYLNNTHVISSGPLAAGNFVSEKGDLRRGFIKSEGSGSSLVQKGLETIDNGAESSENEAEDDDNEGVASKSKKKFNM
GKEFEARNLIEDEDDGESEKSSDVDMDDEEWRSKRIEQLFPVRPVRVRHEDVETVKREIQEALSEKPTREPTPSVKTEPV
GTGLQSYLEERERQVNEKLADLGLEKEFQSVDGKEAAAELELLNADHQHILRKLKKMNNKPERFMVFQLPTRLPAFERPA
VKEEKEDMETQASDPSKKKKNIKKKDTKDALSTRELAGKVGSIRVHKSGKLSVKIGNVVMDIGKGAETTFLQDVIALSIA
DDASSAELLGRVDGKIVVTPQI
;
N
15 'polypeptide(L)'
;MDELLGEALSAENQTGESTVESEKLVTPEDVMTISSLEQRTLNPDLFLYKELVKAHLGERAASVIGMLVALGRLSVRELV
EKIDGMDVDSVKTTLVSLTQLRCVKYLQETAISGKKTTYYYYNEEGIHILLYSGLIIDEIITQMRVNDEEEHKQLVAEIV
QNVISLGSLTVEDYLSSVTSDSMKYTISSLFVQLCEMGYLIQISKLHYTPIEDLWQFLYEKHYKNIPRNSPLSDLKKRSQ
AKMNAKTDFAKIINKPNELSQILTVDPKTSLRIVKPTVSLTINLDRFMKGRRSKQLINLAKTRVGSVTAQVYKIALRLTE
QKSPKIRDPLTQTGLLQDLEEAKSFQDEAELVEEKTPGLTFNAIDLARHLPAELDLRGSLLSRKPSDNKKRSGSNAAASL
PSKKLKTEDGFVIPALPAAVSKSLQESGDTQEEDEEEEDLDADTEDPHSASLINSHLKILASSNFPFLNETKPGVYYVPY
SKLMPVLKSSVYEYVIASTLGPSAMRLSRCIRDNKLVSEKIINSTALMKEKDIRSTLASLIRYNSVEIQEVPRTADRSAS
RAVFLFRCKETHSYNFMRQNLEWNMANLLFKKEKLKQENSTLLKKANRDDVKGRENELLLPSELNQLKMVNERELNVFAR
LSRLLSLWEVFQMA
;
O
16 'polypeptide(L)'
;MSGMIENGLQLSDNAKTLHSQMMSKGIGALFTQQELQKQMGIGSLTDLMSIVQELLDKNLIKLVKQNDELKFQGVLESEA
QKKATMSAEEALVYSYIEASGREGIWSKTIKARTNLHQHVVLKCLKSLESQRYVKSVKSVKFPTRKIYMLYSLQPSVDIT
GGPWFTDGELDIEFINSLLTIVWRFISENTFPNGFKNFENGPKKNVFYAPNVKNYSTTQEILEFITAAQVANVELTPSNI
RSLCEVLVYDDKLEKVTHDCYRVTLESILQMNQGEGEPEAGNKALEDEEEFSIFNYFKMFPASKHDKEVVYFDEWTI
;
P
17 'polypeptide(L)'
;MSSYRGGSRGGGSNYMSNLPFGLGYGDVGKNHITEFPSIPLPINGPITNKERSLAVKYINFGKTVKDGPF(UNK)(UNK)
(UNK)(UNK)(UNK)(UNK)(UNK)(UNK)(UNK)(UNK)(UNK)(UNK)(UNK)(UNK)(UNK)(UNK)(UNK)(UNK)
(UNK)RKPNIILDEDDTNDGIERYSDKYLKKRKIGISIDDHPYNLNLFPNELYNVMGINKKKLLAISKFNNADDVFTGTG
LQDENIGLSMLAKLKELAEDVDDASTGDGAAKGSKTGEGEDDDLADDDFEEDEDEEDDDDYNAEKYFNNGDDDDYGDEED
PNEEAAF
;
Q
18 'polypeptide(L)'
;MPVCKNCHGTEFERDLSNANNDLVCKACGVVSEDNPIVSEVTFGETSAGAAVVQGSFIGAGQSHAAFGGSSALESREATL
NNARRKLRAVSYALHIPEYITDAAFQWYKLALANNFVQGRRSQNVIASCLYVACRKEKTHHMLIDFSSRLQVSVYSIGAT
FLKMVKKLHITELPLADPSLFIQHFAEKLDLADKKIKVVKDAVKLAQRMSKDWMFEGRRPAGIAGACILLACRMNNLRRT
HTEIVAVSHVAEETLQQRLNEFKNTKAAKLSVQKFRENDVEDGEARPPSFVKNRKKERKIKDSLDKEEMFQTSEEALNKN
PILTQVLGEQELSSKEVLFYLKQFSERRARVVERIKATNGIDGENIYHEGSENETRKRKLSEAMPWSGIVPTLQNIVATV
TLGCRLDLKTVALHARNAEYNPKRFAAVIMRIREPKTTALIFASGKMVVTGAKSEDDSKLASRKYARIIQKIGFAAKFTD
FKIQNIVGSCDVKFPIRLEGLAFSHGTFSSYEPELFPGLIYRMVKPKIVLLIFVSGKIVLTGAKQREEIYQAFEAIYPVL
SEFRKMGSGSGSGSGSGSPRNLHLLPTTDTYLSKVSDDPDNLEDVDDEELNAHLLNEEASKLKERIWIGLNADFLLEQES
KRLKQEADIATGNTSVKKKRTRRRNNTRSDEPTKTVDAAAAIGLMSDLQDKSGLHAALKAAEESGDFTTADSVKNMLQKA
SFSKKINYDAIDGLFR
;
R
19 'polypeptide(L)'
;MSSIVNKSGTRFAPKVRQRRAATGGTPTPKPRTPQLFIPESKEIEEDNSDNDKGVDENETAIVEKPSLVGERSLEGFTLT
GTNGHDNEIGDEGPIDASTQNPKADVIEDNVTLKPAPLQTHRDQKVPRSSRLASLSKDNESRPSFKPSFLDSSSNSNGTA
RRLSTISNKLPKKIRLGSITENDMNLKTFKRHRVLGKPSSAKKPAGAHRISIVSKISPPTAMTDSLDRNEFSSETSTSRE
ADENENYVISKVKDIPKKVRDGESAKYFIDEENFTMAELCKPNFPIGQISENFEKSKMAKKAKLEKRRHLRELRMR
(UNK)(UNK)(UNK)(UNK)(UNK)(UNK)(UNK)(UNK)(UNK)(UNK)(UNK)(UNK)(UNK)(UNK)(UNK)(UNK)
(UNK)(UNK)(UNK)(UNK)(UNK)(UNK)(UNK)(UNK)(UNK)(UNK)(UNK)(UNK)(UNK)(UNK)(UNK)(UNK)
(UNK)(UNK)(UNK)(UNK)(UNK)(UNK)(UNK)(UNK)(UNK)(UNK)(UNK)TAIQLKLNPDGTMAIDEETMVVDRH
KNASIENEYKEKVDENPFANLYNYGSYGRGSYTDPWTVEEMIKFYKALSMWGTDFNLISQLYPYRSRKQVKAKFVNEEKK
RPILIELALRSKLPPNFDEYCCEIKKNIGTVADFNEKLIELQNEHKHHMKEIEEAKNTAKEEDQTAQRLNDANLNKKGSG
GIMTNDLKVYRKTEVVLGTIDDLKRKKLKERNNDDNEDNEGSEEEPEIDQ
;
S
20 'polydeoxyribonucleotide'
;(DT)(DT)(DT)(DT)(DC)(DA)(DA)(DC)(DA)(DT)(DA)(DT)(DA)(DT)(DT)(DA)(DG)(DT)(DA)(DA)
(DT)(DA)(DC)(DT)(DT)(DT)(DT)(DT)(DC)(DT)(DG)(DT)(DA)(DT)(DT)(DT)(DT)(DT)(DT)(DT)
(DT)(DT)(DT)(DT)(DT)(DT)(DT)(DT)(DT)(DA)(DA)(DA)(DT)(DG)(DA)(DC)(DT)(DC)(DC)(DA)
(DT)(DG)(DG)(DC)(DC)(DA)(DA)(DG)(DT)(DT)(DG)
;
X
21 'polydeoxyribonucleotide'
;(DC)(DA)(DA)(DC)(DT)(DT)(DG)(DG)(DC)(DC)(DA)(DT)(DG)(DG)(DA)(DG)(DT)(DC)(DA)(DT)
(DT)(DT)(DT)(DA)(DT)(DC)(DT)(DT)(DG)(DT)(DG)(DT)(DC)(DA)(DC)(DT)(DT)(DT)(DT)(DA)
(DC)(DA)(DG)(DA)(DA)(DA)(DA)(DA)(DG)(DT)(DA)(DT)(DT)(DA)(DC)(DT)(DA)(DA)(DT)(DA)
(DT)(DA)(DT)(DG)(DT)(DT)(DG)(DA)(DA)(DA)(DA)
;
Y
#
# COMPACT_ATOMS: atom_id res chain seq x y z
N LYS A 2 -34.63 37.02 -31.97
CA LYS A 2 -34.19 36.47 -30.69
C LYS A 2 -32.66 36.48 -30.60
N GLU A 3 -32.10 35.41 -30.03
CA GLU A 3 -30.67 35.18 -30.04
C GLU A 3 -29.85 36.29 -29.38
N VAL A 4 -29.88 36.38 -28.06
CA VAL A 4 -28.95 37.25 -27.36
C VAL A 4 -27.52 36.80 -27.67
N VAL A 5 -26.59 37.75 -27.66
CA VAL A 5 -25.21 37.47 -28.03
C VAL A 5 -24.59 36.51 -27.01
N VAL A 6 -23.73 35.61 -27.49
CA VAL A 6 -23.00 34.69 -26.64
C VAL A 6 -21.57 35.21 -26.54
N SER A 7 -21.05 35.30 -25.31
CA SER A 7 -19.71 35.81 -25.07
C SER A 7 -19.00 34.86 -24.13
N GLU A 8 -17.72 34.62 -24.38
CA GLU A 8 -16.87 33.84 -23.50
C GLU A 8 -15.43 34.31 -23.67
N THR A 9 -14.60 34.04 -22.67
CA THR A 9 -13.22 34.41 -22.75
C THR A 9 -12.41 33.25 -22.22
N PRO A 10 -11.29 32.90 -22.85
CA PRO A 10 -10.48 31.80 -22.33
C PRO A 10 -9.88 32.15 -20.98
N LYS A 11 -10.02 31.23 -20.03
CA LYS A 11 -9.58 31.44 -18.67
C LYS A 11 -8.55 30.38 -18.30
N ARG A 12 -7.66 30.73 -17.38
CA ARG A 12 -6.79 29.72 -16.78
C ARG A 12 -6.76 29.95 -15.29
N ILE A 13 -6.39 28.91 -14.56
CA ILE A 13 -6.48 28.93 -13.10
C ILE A 13 -5.43 29.86 -12.55
N LYS A 14 -5.85 30.87 -11.80
CA LYS A 14 -4.94 31.66 -11.01
C LYS A 14 -5.26 31.35 -9.56
N GLY A 15 -4.39 30.59 -8.93
CA GLY A 15 -4.52 30.32 -7.51
C GLY A 15 -5.64 29.36 -7.16
N LEU A 16 -5.55 28.76 -5.99
CA LEU A 16 -6.63 27.94 -5.43
C LEU A 16 -6.95 28.47 -4.05
N GLU A 17 -8.12 29.05 -3.88
CA GLU A 17 -8.54 29.50 -2.56
C GLU A 17 -9.04 28.28 -1.80
N PHE A 18 -8.34 27.92 -0.74
CA PHE A 18 -8.79 26.85 0.14
C PHE A 18 -9.77 27.40 1.16
N SER A 19 -10.60 26.51 1.69
CA SER A 19 -11.49 26.81 2.79
C SER A 19 -12.20 25.53 3.17
N ALA A 20 -12.77 25.48 4.36
CA ALA A 20 -13.76 24.47 4.63
C ALA A 20 -15.05 24.97 4.00
N LEU A 21 -15.88 24.06 3.54
CA LEU A 21 -17.23 24.45 3.19
C LEU A 21 -17.96 24.87 4.45
N SER A 22 -19.00 25.68 4.29
CA SER A 22 -19.75 26.04 5.47
C SER A 22 -20.56 24.84 5.94
N ALA A 23 -21.23 25.02 7.07
CA ALA A 23 -22.28 24.08 7.40
C ALA A 23 -23.39 24.16 6.38
N ALA A 24 -23.71 25.37 5.92
CA ALA A 24 -24.80 25.58 4.98
C ALA A 24 -24.47 25.20 3.55
N ASP A 25 -23.32 25.63 3.03
CA ASP A 25 -23.06 25.46 1.60
C ASP A 25 -23.21 24.03 1.14
N ILE A 26 -22.93 23.06 2.01
CA ILE A 26 -23.12 21.67 1.63
C ILE A 26 -24.55 21.42 1.22
N VAL A 27 -25.50 21.53 2.16
CA VAL A 27 -26.89 21.32 1.82
C VAL A 27 -27.35 22.30 0.75
N ALA A 28 -26.61 23.38 0.53
CA ALA A 28 -26.88 24.24 -0.60
C ALA A 28 -26.33 23.65 -1.90
N GLN A 29 -25.51 22.61 -1.80
CA GLN A 29 -25.00 21.93 -2.97
C GLN A 29 -25.74 20.69 -3.45
N SER A 30 -25.60 19.59 -2.73
CA SER A 30 -26.05 18.30 -3.26
C SER A 30 -27.52 18.31 -3.52
N GLU A 31 -27.94 17.46 -4.45
CA GLU A 31 -29.36 17.33 -4.72
C GLU A 31 -30.24 16.74 -3.63
N VAL A 32 -29.81 15.65 -3.00
CA VAL A 32 -30.68 14.89 -2.12
C VAL A 32 -29.92 14.45 -0.87
N GLU A 33 -30.60 14.61 0.25
CA GLU A 33 -30.21 14.00 1.51
C GLU A 33 -30.08 12.51 1.34
N VAL A 34 -28.93 11.95 1.73
CA VAL A 34 -28.91 10.51 1.82
C VAL A 34 -29.89 10.13 2.92
N SER A 35 -29.64 10.62 4.13
CA SER A 35 -30.54 10.53 5.27
C SER A 35 -31.10 9.11 5.36
N THR A 36 -32.41 9.01 5.63
CA THR A 36 -33.14 7.76 5.54
C THR A 36 -32.44 6.62 6.24
N ARG A 37 -32.22 5.53 5.50
CA ARG A 37 -31.53 4.36 6.00
C ARG A 37 -30.75 3.82 4.81
N ASP A 38 -30.21 2.62 4.95
CA ASP A 38 -29.36 2.12 3.90
C ASP A 38 -30.04 1.09 3.01
N LEU A 39 -30.01 -0.18 3.42
CA LEU A 39 -30.79 -1.26 2.84
C LEU A 39 -30.54 -1.52 1.36
N PHE A 40 -30.12 -0.47 0.62
CA PHE A 40 -29.96 -0.52 -0.83
C PHE A 40 -31.08 -1.29 -1.52
N ASP A 41 -32.30 -1.14 -1.00
CA ASP A 41 -33.57 -1.62 -1.53
C ASP A 41 -33.50 -2.96 -2.25
N LEU A 42 -33.22 -4.03 -1.51
CA LEU A 42 -33.25 -5.33 -2.16
C LEU A 42 -34.70 -5.76 -2.31
N GLU A 43 -35.16 -5.76 -3.56
CA GLU A 43 -36.49 -6.11 -4.01
C GLU A 43 -36.50 -5.71 -5.47
N LYS A 44 -37.42 -6.28 -6.25
CA LYS A 44 -37.45 -6.06 -7.70
C LYS A 44 -36.03 -6.19 -8.27
N ASP A 45 -35.51 -5.11 -8.84
CA ASP A 45 -34.14 -5.00 -9.32
C ASP A 45 -33.14 -5.37 -8.23
N ARG A 46 -31.99 -5.89 -8.64
CA ARG A 46 -30.86 -5.91 -7.74
C ARG A 46 -30.51 -4.47 -7.42
N ALA A 47 -30.52 -4.10 -6.14
CA ALA A 47 -30.16 -2.77 -5.65
C ALA A 47 -30.53 -1.64 -6.61
N PRO A 48 -31.80 -1.46 -6.98
CA PRO A 48 -32.19 -0.25 -7.72
C PRO A 48 -31.91 1.02 -6.96
N LYS A 49 -31.53 0.92 -5.69
CA LYS A 49 -30.99 2.01 -4.88
C LYS A 49 -31.97 3.18 -4.81
N ALA A 50 -33.03 2.97 -4.03
CA ALA A 50 -34.01 4.03 -3.78
C ALA A 50 -33.50 4.92 -2.66
N ASN A 51 -33.41 6.22 -2.94
CA ASN A 51 -32.81 7.19 -2.02
C ASN A 51 -31.46 6.65 -1.57
N GLY A 52 -31.15 6.69 -0.28
CA GLY A 52 -30.01 5.95 0.24
C GLY A 52 -28.63 6.39 -0.22
N ALA A 53 -27.59 5.66 0.20
CA ALA A 53 -26.21 6.08 -0.08
C ALA A 53 -25.94 6.12 -1.57
N LEU A 54 -26.06 4.98 -2.25
CA LEU A 54 -26.19 5.05 -3.70
C LEU A 54 -27.51 5.71 -4.01
N ASP A 55 -27.64 6.26 -5.21
CA ASP A 55 -28.87 6.95 -5.58
C ASP A 55 -28.72 7.43 -7.00
N PRO A 56 -29.72 7.20 -7.86
CA PRO A 56 -29.57 7.64 -9.25
C PRO A 56 -29.42 9.13 -9.39
N LYS A 57 -30.01 9.91 -8.50
CA LYS A 57 -29.86 11.35 -8.64
C LYS A 57 -28.66 11.89 -7.89
N MET A 58 -27.92 11.04 -7.20
CA MET A 58 -26.58 11.39 -6.76
C MET A 58 -25.53 11.15 -7.84
N GLY A 59 -25.65 10.04 -8.54
CA GLY A 59 -24.69 9.67 -9.58
C GLY A 59 -25.07 8.30 -10.09
N VAL A 60 -24.17 7.71 -10.86
CA VAL A 60 -24.37 6.36 -11.34
C VAL A 60 -23.06 5.60 -11.27
N SER A 61 -23.13 4.32 -11.55
CA SER A 61 -21.93 3.49 -11.50
C SER A 61 -21.68 2.73 -12.79
N SER A 62 -22.46 1.70 -13.07
CA SER A 62 -22.39 0.97 -14.33
C SER A 62 -22.89 1.87 -15.45
N SER A 63 -22.52 1.51 -16.68
CA SER A 63 -23.16 2.16 -17.81
C SER A 63 -24.37 1.29 -18.12
N SER A 64 -25.48 1.69 -17.52
CA SER A 64 -26.77 1.05 -17.69
C SER A 64 -27.85 2.10 -17.73
N LEU A 65 -28.02 2.75 -16.59
CA LEU A 65 -29.16 3.60 -16.28
C LEU A 65 -28.72 5.05 -16.14
N GLU A 66 -29.66 5.95 -16.38
CA GLU A 66 -29.32 7.35 -16.45
C GLU A 66 -29.12 7.92 -15.05
N CYS A 67 -28.67 9.16 -15.03
CA CYS A 67 -28.18 9.80 -13.81
C CYS A 67 -29.20 10.73 -13.17
N ALA A 68 -30.45 10.76 -13.67
CA ALA A 68 -31.38 11.77 -13.21
C ALA A 68 -30.79 13.15 -13.48
N THR A 69 -30.37 13.85 -12.42
CA THR A 69 -30.04 15.27 -12.46
C THR A 69 -29.31 15.68 -13.73
N CYS A 70 -28.06 15.22 -13.93
CA CYS A 70 -27.52 15.22 -15.30
C CYS A 70 -27.29 13.79 -15.74
N HIS A 71 -28.17 13.35 -16.62
CA HIS A 71 -28.13 11.98 -17.10
C HIS A 71 -27.27 11.88 -18.36
N GLY A 72 -27.39 10.76 -19.06
CA GLY A 72 -26.39 10.39 -20.05
C GLY A 72 -25.19 9.68 -19.45
N ASN A 73 -25.48 8.73 -18.57
CA ASN A 73 -24.63 7.60 -18.16
C ASN A 73 -23.24 8.08 -17.73
N LEU A 74 -22.22 7.29 -18.06
CA LEU A 74 -20.86 7.58 -17.63
C LEU A 74 -20.19 8.62 -18.48
N ALA A 75 -20.73 8.93 -19.66
CA ALA A 75 -20.17 10.00 -20.45
C ALA A 75 -20.17 11.32 -19.70
N SER A 76 -21.32 11.96 -19.53
CA SER A 76 -21.28 13.37 -19.14
C SER A 76 -21.47 13.63 -17.66
N CYS A 77 -21.76 12.62 -16.84
CA CYS A 77 -22.11 12.89 -15.45
C CYS A 77 -20.85 12.84 -14.61
N HIS A 78 -20.47 13.99 -14.06
CA HIS A 78 -19.25 14.14 -13.29
C HIS A 78 -19.47 13.69 -11.85
N GLY A 79 -20.68 13.26 -11.55
CA GLY A 79 -21.08 12.94 -10.20
C GLY A 79 -21.76 14.18 -9.65
N HIS A 80 -22.50 14.01 -8.57
CA HIS A 80 -23.02 15.12 -7.82
C HIS A 80 -22.78 14.79 -6.36
N PHE A 81 -23.11 15.69 -5.47
CA PHE A 81 -22.85 15.34 -4.09
C PHE A 81 -24.08 14.76 -3.43
N GLY A 82 -23.94 14.51 -2.14
CA GLY A 82 -25.04 14.16 -1.30
C GLY A 82 -24.71 14.67 0.07
N HIS A 83 -25.70 15.00 0.87
CA HIS A 83 -25.38 15.61 2.15
C HIS A 83 -26.07 14.86 3.26
N LEU A 84 -25.27 14.22 4.09
CA LEU A 84 -25.77 13.34 5.13
C LEU A 84 -26.11 14.19 6.34
N LYS A 85 -27.39 14.24 6.68
CA LYS A 85 -27.80 14.90 7.92
C LYS A 85 -27.32 14.05 9.09
N LEU A 86 -26.85 14.73 10.13
CA LEU A 86 -26.18 14.02 11.20
C LEU A 86 -26.66 14.58 12.53
N ALA A 87 -27.02 13.70 13.47
CA ALA A 87 -27.52 14.18 14.75
C ALA A 87 -26.37 14.37 15.72
N LEU A 88 -26.37 15.52 16.39
CA LEU A 88 -25.34 15.99 17.30
C LEU A 88 -24.08 16.36 16.52
N PRO A 89 -23.31 17.31 16.99
CA PRO A 89 -22.11 17.72 16.25
C PRO A 89 -20.92 16.83 16.51
N VAL A 90 -20.85 15.75 15.76
CA VAL A 90 -19.69 14.87 15.80
C VAL A 90 -18.41 15.65 15.58
N PHE A 91 -17.36 15.21 16.25
CA PHE A 91 -16.11 15.93 16.22
C PHE A 91 -15.41 15.61 14.91
N HIS A 92 -14.24 16.19 14.65
CA HIS A 92 -13.62 16.03 13.35
C HIS A 92 -12.15 15.69 13.50
N ILE A 93 -11.71 14.63 12.82
CA ILE A 93 -10.33 14.20 12.92
C ILE A 93 -9.39 15.00 12.03
N GLY A 94 -9.88 15.54 10.92
CA GLY A 94 -9.00 16.28 10.03
C GLY A 94 -8.48 17.56 10.66
N TYR A 95 -9.39 18.41 11.10
CA TYR A 95 -9.03 19.68 11.72
C TYR A 95 -8.75 19.51 13.19
N PHE A 96 -8.79 18.28 13.70
CA PHE A 96 -8.66 18.03 15.13
C PHE A 96 -7.51 18.83 15.73
N LYS A 97 -6.29 18.49 15.36
CA LYS A 97 -5.12 19.13 15.95
C LYS A 97 -5.19 20.64 15.79
N ALA A 98 -5.86 21.13 14.75
CA ALA A 98 -6.13 22.56 14.69
C ALA A 98 -7.16 22.98 15.72
N THR A 99 -8.18 22.15 15.94
CA THR A 99 -9.16 22.46 16.95
C THR A 99 -8.52 22.58 18.31
N ILE A 100 -7.43 21.85 18.55
CA ILE A 100 -6.72 22.00 19.80
C ILE A 100 -6.02 23.36 19.84
N GLN A 101 -5.82 23.99 18.69
CA GLN A 101 -5.30 25.35 18.72
C GLN A 101 -6.41 26.35 18.96
N ILE A 102 -7.36 26.44 18.02
CA ILE A 102 -8.47 27.37 18.18
C ILE A 102 -9.10 27.27 19.56
N LEU A 103 -9.22 26.08 20.11
CA LEU A 103 -9.67 25.92 21.47
C LEU A 103 -8.55 26.13 22.49
N GLN A 104 -7.32 25.84 22.12
CA GLN A 104 -6.18 26.11 23.00
C GLN A 104 -6.13 27.58 23.36
N GLY A 105 -6.49 28.44 22.41
CA GLY A 105 -6.24 29.86 22.55
C GLY A 105 -7.42 30.71 22.93
N ILE A 106 -8.44 30.12 23.54
CA ILE A 106 -9.61 30.88 23.94
C ILE A 106 -10.05 30.41 25.31
N CYS A 107 -10.44 31.36 26.16
CA CYS A 107 -10.85 30.99 27.49
C CYS A 107 -12.13 30.16 27.43
N LYS A 108 -12.26 29.24 28.36
CA LYS A 108 -13.27 28.22 28.28
C LYS A 108 -14.59 28.66 28.90
N ASN A 109 -14.67 29.89 29.39
CA ASN A 109 -15.93 30.33 29.99
C ASN A 109 -16.62 31.35 29.10
N CYS A 110 -16.16 32.60 29.12
CA CYS A 110 -16.83 33.62 28.32
C CYS A 110 -16.36 33.61 26.88
N SER A 111 -15.31 32.85 26.58
CA SER A 111 -14.89 32.55 25.21
C SER A 111 -14.62 33.82 24.41
N ALA A 112 -13.88 34.72 25.05
CA ALA A 112 -13.28 35.84 24.36
C ALA A 112 -11.81 35.54 24.17
N ILE A 113 -11.26 36.02 23.06
CA ILE A 113 -9.83 35.82 22.83
C ILE A 113 -9.07 36.35 24.03
N LEU A 114 -8.22 35.51 24.60
CA LEU A 114 -7.82 35.78 25.98
C LEU A 114 -6.50 36.52 26.08
N LEU A 115 -5.84 36.83 24.97
CA LEU A 115 -4.80 37.84 25.00
C LEU A 115 -5.50 39.20 24.94
N SER A 116 -4.85 40.25 25.43
CA SER A 116 -5.64 41.45 25.70
C SER A 116 -5.10 42.75 25.13
N GLU A 117 -5.88 43.81 25.34
CA GLU A 117 -5.64 45.21 24.99
C GLU A 117 -5.15 45.42 23.56
N THR A 118 -4.26 46.39 23.39
CA THR A 118 -3.59 46.68 22.13
C THR A 118 -2.45 45.69 21.85
N ASP A 119 -2.01 44.96 22.87
CA ASP A 119 -1.12 43.83 22.59
C ASP A 119 -1.73 42.93 21.52
N LYS A 120 -3.01 42.63 21.66
CA LYS A 120 -3.71 41.80 20.71
C LYS A 120 -3.74 42.54 19.38
N ARG A 121 -3.78 43.86 19.45
CA ARG A 121 -3.78 44.70 18.26
C ARG A 121 -2.39 44.68 17.66
N GLN A 122 -1.37 44.60 18.51
CA GLN A 122 0.01 44.55 18.08
C GLN A 122 0.20 43.30 17.22
N PHE A 123 -0.32 42.18 17.70
CA PHE A 123 -0.22 40.92 16.98
C PHE A 123 -0.85 41.11 15.61
N LEU A 124 -1.91 41.90 15.56
CA LEU A 124 -2.60 42.20 14.31
C LEU A 124 -1.75 43.06 13.38
N HIS A 125 -1.42 44.27 13.80
CA HIS A 125 -0.53 45.16 13.07
C HIS A 125 0.73 44.46 12.62
N GLU A 126 1.23 43.50 13.39
CA GLU A 126 2.37 42.74 12.89
C GLU A 126 1.98 41.87 11.70
N LEU A 127 0.82 41.21 11.75
CA LEU A 127 0.41 40.37 10.63
C LEU A 127 0.25 41.13 9.34
N ARG A 128 -0.56 42.19 9.33
CA ARG A 128 -0.98 42.83 8.09
C ARG A 128 0.14 43.58 7.39
N ARG A 129 1.33 43.65 8.00
CA ARG A 129 2.44 44.33 7.35
C ARG A 129 2.67 43.70 5.97
N PRO A 130 2.72 44.51 4.91
CA PRO A 130 2.45 44.00 3.56
C PRO A 130 3.32 42.84 3.11
N GLY A 131 4.52 42.69 3.66
CA GLY A 131 5.45 41.72 3.10
C GLY A 131 5.48 40.37 3.79
N VAL A 132 4.47 40.07 4.59
CA VAL A 132 4.43 38.85 5.39
C VAL A 132 4.11 37.67 4.48
N ASP A 133 4.91 36.62 4.57
CA ASP A 133 4.72 35.40 3.82
C ASP A 133 4.11 34.33 4.72
N ASN A 134 3.82 33.17 4.13
CA ASN A 134 3.20 32.08 4.87
C ASN A 134 4.03 31.65 6.06
N LEU A 135 5.33 31.44 5.85
CA LEU A 135 6.20 31.07 6.95
C LEU A 135 6.11 32.09 8.09
N ARG A 136 6.26 33.37 7.78
CA ARG A 136 6.07 34.41 8.79
C ARG A 136 4.75 34.25 9.52
N ARG A 137 3.66 34.09 8.77
CA ARG A 137 2.36 33.81 9.39
C ARG A 137 2.48 32.74 10.45
N MET A 138 2.80 31.52 10.02
CA MET A 138 2.84 30.40 10.94
C MET A 138 3.71 30.68 12.16
N GLY A 139 4.85 31.33 11.97
CA GLY A 139 5.67 31.69 13.12
C GLY A 139 4.94 32.61 14.08
N ILE A 140 4.33 33.67 13.56
CA ILE A 140 3.60 34.59 14.41
C ILE A 140 2.50 33.86 15.16
N LEU A 141 1.79 32.95 14.48
CA LEU A 141 0.82 32.14 15.18
C LEU A 141 1.47 31.35 16.31
N LYS A 142 2.61 30.73 16.03
CA LYS A 142 3.36 30.03 17.07
C LYS A 142 3.67 30.94 18.25
N LYS A 143 3.77 32.25 18.01
CA LYS A 143 3.90 33.16 19.14
C LYS A 143 2.56 33.43 19.81
N ILE A 144 1.61 34.01 19.10
CA ILE A 144 0.32 34.37 19.67
C ILE A 144 -0.32 33.24 20.45
N LEU A 145 -0.16 32.00 20.00
CA LEU A 145 -0.76 30.89 20.72
C LEU A 145 -0.18 30.77 22.13
N ASP A 146 1.09 30.39 22.25
CA ASP A 146 1.56 30.19 23.61
C ASP A 146 1.61 31.48 24.41
N GLN A 147 1.56 32.64 23.74
CA GLN A 147 1.39 33.89 24.47
C GLN A 147 0.08 33.90 25.25
N CYS A 148 -0.97 33.29 24.70
CA CYS A 148 -2.19 33.20 25.49
C CYS A 148 -2.15 32.02 26.45
N LYS A 149 -1.36 30.98 26.16
CA LYS A 149 -1.21 29.89 27.12
C LYS A 149 -0.78 30.41 28.48
N LYS A 150 0.30 31.17 28.52
CA LYS A 150 0.87 31.62 29.79
C LYS A 150 -0.03 32.59 30.54
N GLN A 151 -1.10 33.09 29.91
CA GLN A 151 -2.15 33.80 30.61
C GLN A 151 -2.82 32.81 31.55
N ARG A 152 -3.47 33.29 32.59
CA ARG A 152 -4.06 32.39 33.57
C ARG A 152 -5.56 32.61 33.69
N ARG A 153 -5.94 33.72 34.26
CA ARG A 153 -7.31 34.18 34.26
C ARG A 153 -7.60 34.90 32.95
N CYS A 154 -8.81 34.69 32.43
CA CYS A 154 -9.24 35.42 31.25
C CYS A 154 -9.45 36.89 31.59
N LEU A 155 -9.50 37.73 30.56
CA LEU A 155 -9.43 39.15 30.79
C LEU A 155 -10.75 39.66 31.35
N HIS A 156 -11.83 39.65 30.58
CA HIS A 156 -13.05 40.24 31.10
C HIS A 156 -14.03 39.20 31.62
N CYS A 157 -13.70 37.91 31.56
CA CYS A 157 -14.57 36.92 32.17
C CYS A 157 -14.36 36.78 33.66
N GLY A 158 -13.13 36.92 34.14
CA GLY A 158 -12.83 36.74 35.55
C GLY A 158 -12.50 35.31 35.87
N ALA A 159 -12.98 34.38 35.04
CA ALA A 159 -12.67 32.98 35.24
C ALA A 159 -11.23 32.70 34.82
N LEU A 160 -10.70 31.59 35.31
CA LEU A 160 -9.35 31.18 34.98
C LEU A 160 -9.43 30.01 34.00
N ASN A 161 -8.27 29.52 33.56
CA ASN A 161 -8.23 28.37 32.68
C ASN A 161 -6.83 27.78 32.72
N GLY A 162 -6.59 26.77 31.88
CA GLY A 162 -5.36 26.03 31.92
C GLY A 162 -5.13 25.20 30.68
N VAL A 163 -4.18 24.27 30.75
CA VAL A 163 -3.75 23.49 29.60
C VAL A 163 -4.89 22.61 29.13
N VAL A 164 -4.84 22.22 27.86
CA VAL A 164 -5.79 21.30 27.27
C VAL A 164 -5.05 20.20 26.52
N LYS A 165 -5.14 18.98 27.03
CA LYS A 165 -4.12 17.97 26.79
C LYS A 165 -4.39 16.92 25.71
N LYS A 166 -5.55 16.91 25.05
CA LYS A 166 -5.79 15.84 24.07
C LYS A 166 -5.72 14.46 24.72
N ALA A 167 -6.78 14.06 25.41
CA ALA A 167 -6.71 12.92 26.33
C ALA A 167 -6.07 11.68 25.70
N ALA A 168 -5.10 11.13 26.41
CA ALA A 168 -4.24 10.01 26.01
C ALA A 168 -3.58 10.23 24.65
N ALA A 169 -3.35 9.14 23.91
CA ALA A 169 -2.82 9.27 22.54
C ALA A 169 -3.15 8.00 21.75
N GLY A 170 -3.52 8.17 20.48
CA GLY A 170 -3.26 7.19 19.45
C GLY A 170 -4.24 6.05 19.30
N ALA A 171 -4.98 5.71 20.35
CA ALA A 171 -5.78 4.50 20.33
C ALA A 171 -7.08 4.71 19.56
N GLY A 172 -7.72 5.84 19.78
CA GLY A 172 -9.03 6.10 19.22
C GLY A 172 -10.09 5.94 20.27
N SER A 173 -9.77 5.16 21.30
CA SER A 173 -10.61 5.18 22.49
C SER A 173 -10.69 6.59 23.04
N ALA A 174 -9.59 7.11 23.58
CA ALA A 174 -9.52 8.49 24.04
C ALA A 174 -9.17 9.48 22.93
N ALA A 175 -8.58 9.00 21.81
CA ALA A 175 -7.87 9.89 20.91
C ALA A 175 -8.74 11.05 20.41
N LEU A 176 -10.04 10.87 20.31
CA LEU A 176 -10.92 11.96 19.90
C LEU A 176 -11.48 12.75 21.07
N LYS A 177 -11.27 12.29 22.30
CA LYS A 177 -11.75 13.00 23.48
C LYS A 177 -10.68 14.00 23.87
N ILE A 178 -11.10 15.21 24.21
CA ILE A 178 -10.18 16.27 24.58
C ILE A 178 -10.46 16.67 26.02
N ILE A 179 -9.46 17.20 26.70
CA ILE A 179 -9.60 17.61 28.10
C ILE A 179 -8.81 18.87 28.35
N HIS A 180 -9.42 19.81 29.07
CA HIS A 180 -8.69 20.85 29.78
C HIS A 180 -9.16 20.78 31.23
N ASP A 181 -8.42 21.43 32.12
CA ASP A 181 -8.70 21.25 33.53
C ASP A 181 -8.38 22.50 34.34
N THR A 182 -8.59 22.39 35.65
CA THR A 182 -8.13 23.37 36.63
C THR A 182 -6.73 22.95 37.04
N PHE A 183 -5.77 23.80 36.68
CA PHE A 183 -4.37 23.47 36.90
C PHE A 183 -3.64 24.70 37.43
N ARG A 184 -2.37 24.51 37.79
CA ARG A 184 -1.54 25.56 38.36
C ARG A 184 -2.19 26.13 39.63
N TRP A 185 -2.92 25.28 40.32
CA TRP A 185 -3.57 25.68 41.56
C TRP A 185 -2.59 25.75 42.73
N VAL A 186 -1.59 24.87 42.74
CA VAL A 186 -0.47 24.79 43.68
C VAL A 186 -0.96 24.49 45.08
N GLY A 187 -2.25 24.70 45.32
CA GLY A 187 -2.92 24.23 46.53
C GLY A 187 -2.67 25.07 47.76
N LYS A 188 -1.58 25.84 47.78
CA LYS A 188 -1.32 26.71 48.92
C LYS A 188 -2.04 28.02 48.76
N LYS A 189 -2.11 28.53 47.53
CA LYS A 189 -2.91 29.71 47.25
C LYS A 189 -4.38 29.34 47.25
N SER A 190 -5.23 30.33 47.51
CA SER A 190 -6.67 30.09 47.59
C SER A 190 -7.22 29.93 46.17
N ALA A 191 -7.79 28.81 45.93
CA ALA A 191 -8.52 28.89 44.69
C ALA A 191 -10.03 28.85 44.95
N PRO A 192 -10.70 29.99 44.83
CA PRO A 192 -12.16 30.00 45.03
C PRO A 192 -12.87 29.08 44.08
N GLU A 193 -12.40 28.98 42.84
CA GLU A 193 -12.90 27.97 41.91
C GLU A 193 -12.78 26.57 42.49
N LYS A 194 -11.56 26.11 42.79
CA LYS A 194 -11.39 24.78 43.37
C LYS A 194 -12.23 24.62 44.64
N ASP A 195 -12.36 25.67 45.45
CA ASP A 195 -13.26 25.59 46.60
C ASP A 195 -14.68 25.25 46.15
N ILE A 196 -15.18 25.91 45.11
CA ILE A 196 -16.47 25.51 44.56
C ILE A 196 -16.43 24.07 44.10
N TRP A 197 -15.31 23.67 43.49
CA TRP A 197 -15.21 22.36 42.85
C TRP A 197 -15.34 21.23 43.86
N VAL A 198 -14.60 21.31 44.96
CA VAL A 198 -14.69 20.27 45.97
C VAL A 198 -16.07 20.28 46.63
N GLY A 199 -16.60 21.47 46.93
CA GLY A 199 -17.94 21.57 47.46
C GLY A 199 -19.00 20.96 46.58
N GLU A 200 -18.78 20.99 45.26
CA GLU A 200 -19.65 20.30 44.33
C GLU A 200 -19.75 18.82 44.68
N TRP A 201 -18.64 18.09 44.58
CA TRP A 201 -18.61 16.65 44.77
C TRP A 201 -19.12 16.22 46.14
N LYS A 202 -19.14 17.14 47.12
CA LYS A 202 -19.67 16.82 48.43
C LYS A 202 -21.10 16.31 48.35
N GLU A 203 -21.84 16.72 47.32
CA GLU A 203 -23.20 16.23 47.14
C GLU A 203 -23.27 14.92 46.37
N VAL A 204 -22.13 14.39 45.92
CA VAL A 204 -22.08 13.09 45.30
C VAL A 204 -21.47 12.04 46.22
N LEU A 205 -20.21 12.22 46.59
CA LEU A 205 -19.56 11.27 47.48
C LEU A 205 -20.40 10.98 48.71
N ALA A 206 -20.67 11.99 49.53
CA ALA A 206 -21.54 11.84 50.69
C ALA A 206 -22.89 11.25 50.33
N HIS A 207 -23.35 11.43 49.09
CA HIS A 207 -24.59 10.81 48.67
C HIS A 207 -24.33 9.41 48.14
N ASN A 208 -23.47 9.32 47.12
CA ASN A 208 -23.17 8.08 46.42
C ASN A 208 -21.71 7.76 46.67
N PRO A 209 -21.40 7.13 47.81
CA PRO A 209 -19.99 6.87 48.16
C PRO A 209 -19.28 5.93 47.21
N GLU A 210 -19.98 5.23 46.32
CA GLU A 210 -19.32 4.26 45.45
C GLU A 210 -18.18 4.90 44.68
N LEU A 211 -18.49 5.86 43.82
CA LEU A 211 -17.51 6.54 42.97
C LEU A 211 -16.35 7.08 43.80
N GLU A 212 -16.67 7.75 44.89
CA GLU A 212 -15.75 8.13 45.97
C GLU A 212 -14.57 8.91 45.39
N ARG A 213 -13.36 8.76 45.93
CA ARG A 213 -12.16 9.38 45.41
C ARG A 213 -11.34 8.40 44.57
N TYR A 214 -11.77 7.14 44.51
CA TYR A 214 -10.96 6.12 43.85
C TYR A 214 -10.69 6.49 42.40
N VAL A 215 -11.72 6.40 41.57
CA VAL A 215 -11.69 7.01 40.24
C VAL A 215 -12.15 8.44 40.43
N LYS A 216 -11.26 9.39 40.11
CA LYS A 216 -11.43 10.77 40.53
C LYS A 216 -10.38 11.62 39.82
N ARG A 217 -10.39 12.91 40.07
CA ARG A 217 -9.42 13.85 39.49
C ARG A 217 -9.51 13.86 37.98
N CYS A 218 -10.68 13.49 37.46
CA CYS A 218 -10.94 13.60 36.02
C CYS A 218 -11.02 15.05 35.57
N MET A 219 -11.27 15.97 36.49
CA MET A 219 -11.58 17.36 36.15
C MET A 219 -12.77 17.30 35.20
N ASP A 220 -12.74 18.01 34.08
CA ASP A 220 -13.81 17.92 33.10
C ASP A 220 -13.22 17.80 31.71
N ASP A 221 -14.11 17.63 30.74
CA ASP A 221 -13.75 17.58 29.33
C ASP A 221 -14.65 18.54 28.58
N LEU A 222 -14.55 18.51 27.26
CA LEU A 222 -15.48 19.23 26.41
C LEU A 222 -16.19 18.24 25.51
N ASN A 223 -17.49 18.06 25.76
CA ASN A 223 -18.33 17.36 24.82
C ASN A 223 -18.27 18.07 23.47
N PRO A 224 -17.84 17.37 22.42
CA PRO A 224 -17.79 17.99 21.09
C PRO A 224 -19.08 18.69 20.70
N LEU A 225 -20.21 18.33 21.30
CA LEU A 225 -21.32 19.27 21.29
C LEU A 225 -20.93 20.60 21.91
N LYS A 226 -20.62 20.59 23.21
CA LYS A 226 -20.40 21.85 23.93
C LYS A 226 -19.34 22.72 23.25
N THR A 227 -18.33 22.11 22.64
CA THR A 227 -17.35 22.95 21.94
C THR A 227 -17.75 23.82 20.76
N LEU A 228 -18.83 23.50 20.06
CA LEU A 228 -19.40 24.48 19.13
C LEU A 228 -20.35 25.56 19.71
N ASN A 229 -20.98 25.17 20.80
CA ASN A 229 -21.80 26.08 21.56
C ASN A 229 -20.78 27.09 22.09
N LEU A 230 -19.55 26.62 22.30
CA LEU A 230 -18.46 27.48 22.74
C LEU A 230 -17.83 28.24 21.59
N PHE A 231 -17.63 27.59 20.44
CA PHE A 231 -17.15 28.30 19.27
C PHE A 231 -18.07 29.42 18.83
N LYS A 232 -19.32 29.42 19.27
CA LYS A 232 -20.27 30.37 18.76
C LYS A 232 -20.18 31.75 19.41
N GLN A 233 -19.30 31.89 20.40
CA GLN A 233 -19.12 33.16 21.09
C GLN A 233 -18.50 34.30 20.30
N ILE A 234 -17.16 34.32 20.25
CA ILE A 234 -16.47 35.37 19.49
C ILE A 234 -16.70 35.13 17.98
N LYS A 235 -17.58 35.95 17.42
CA LYS A 235 -18.04 35.76 16.05
C LYS A 235 -17.56 37.03 15.35
N SER A 236 -16.25 37.26 15.41
CA SER A 236 -15.64 38.44 14.77
C SER A 236 -14.35 38.73 15.51
N ALA A 237 -14.09 40.02 15.77
CA ALA A 237 -13.01 40.38 16.66
C ALA A 237 -11.72 39.76 16.17
N ASP A 238 -11.24 38.77 16.92
CA ASP A 238 -9.95 38.16 16.68
C ASP A 238 -9.93 37.34 15.40
N CYS A 239 -10.62 36.19 15.37
CA CYS A 239 -10.63 35.38 14.17
C CYS A 239 -9.20 35.16 13.72
N GLU A 240 -8.81 35.86 12.66
CA GLU A 240 -7.50 35.71 12.03
C GLU A 240 -6.35 35.71 13.02
N LEU A 241 -6.52 36.34 14.17
CA LEU A 241 -5.48 36.32 15.18
C LEU A 241 -5.06 34.86 15.34
N LEU A 242 -6.02 33.96 15.18
CA LEU A 242 -5.80 32.53 15.26
C LEU A 242 -5.32 32.01 13.91
N GLY A 243 -5.87 32.58 12.83
CA GLY A 243 -5.45 32.14 11.51
C GLY A 243 -6.53 32.11 10.45
N ILE A 244 -7.74 32.58 10.71
CA ILE A 244 -8.84 32.46 9.76
C ILE A 244 -9.30 33.85 9.36
N ASP A 245 -9.09 34.22 8.10
CA ASP A 245 -9.75 35.42 7.59
C ASP A 245 -11.26 35.20 7.67
N ALA A 246 -11.95 36.09 8.39
CA ALA A 246 -13.39 36.13 8.27
C ALA A 246 -13.78 37.48 7.71
N THR A 247 -14.06 37.50 6.41
CA THR A 247 -14.97 38.46 5.81
C THR A 247 -16.28 37.69 5.66
N VAL A 248 -16.32 36.54 6.33
CA VAL A 248 -17.34 35.49 6.40
C VAL A 248 -17.76 34.93 5.05
N PRO A 249 -16.85 34.54 4.16
CA PRO A 249 -17.24 33.56 3.15
C PRO A 249 -17.53 32.24 3.85
N SER A 250 -16.63 31.83 4.74
CA SER A 250 -16.84 30.64 5.56
C SER A 250 -17.70 30.94 6.77
N GLY A 251 -17.56 32.12 7.35
CA GLY A 251 -18.31 32.44 8.55
C GLY A 251 -17.82 31.89 9.87
N ARG A 252 -16.56 32.16 10.21
CA ARG A 252 -15.99 31.77 11.50
C ARG A 252 -15.61 30.30 11.69
N PRO A 253 -15.08 29.99 12.87
CA PRO A 253 -14.62 28.67 13.33
C PRO A 253 -15.73 27.87 14.02
N GLU A 254 -16.60 27.29 13.20
CA GLU A 254 -17.72 26.49 13.68
C GLU A 254 -18.00 25.36 12.70
N THR A 255 -17.53 25.54 11.46
CA THR A 255 -17.69 24.55 10.42
C THR A 255 -16.56 23.52 10.50
N TYR A 256 -15.52 23.86 11.24
CA TYR A 256 -14.38 22.97 11.44
C TYR A 256 -14.90 21.64 11.96
N ILE A 257 -15.89 21.69 12.85
CA ILE A 257 -16.47 20.47 13.38
C ILE A 257 -17.65 20.10 12.50
N TRP A 258 -17.79 18.80 12.25
CA TRP A 258 -18.79 18.34 11.30
C TRP A 258 -20.17 18.71 11.79
N ARG A 259 -21.04 19.10 10.88
CA ARG A 259 -22.48 19.11 11.10
C ARG A 259 -23.23 18.39 10.00
N TYR A 260 -23.13 18.88 8.77
CA TYR A 260 -23.66 18.17 7.62
C TYR A 260 -22.49 17.51 6.90
N LEU A 261 -22.46 16.19 6.94
CA LEU A 261 -21.36 15.46 6.33
C LEU A 261 -21.53 15.24 4.84
N PRO A 262 -20.63 15.83 4.03
CA PRO A 262 -20.67 15.74 2.56
C PRO A 262 -20.50 14.33 2.01
N ALA A 263 -21.56 13.81 1.39
CA ALA A 263 -21.51 12.50 0.78
C ALA A 263 -20.86 12.67 -0.58
N PRO A 264 -19.87 11.81 -0.91
CA PRO A 264 -19.20 11.99 -2.18
C PRO A 264 -20.02 11.39 -3.30
N PRO A 265 -19.74 11.76 -4.55
CA PRO A 265 -20.54 11.26 -5.66
C PRO A 265 -20.43 9.75 -5.81
N VAL A 266 -21.16 9.22 -6.79
CA VAL A 266 -21.02 7.80 -7.08
C VAL A 266 -19.80 7.57 -7.92
N CYS A 267 -19.51 8.48 -8.86
CA CYS A 267 -18.35 8.33 -9.72
C CYS A 267 -17.04 8.38 -8.95
N ILE A 268 -17.07 8.82 -7.70
CA ILE A 268 -15.88 8.68 -6.85
C ILE A 268 -15.89 7.28 -6.25
N ARG A 269 -17.06 6.79 -5.88
CA ARG A 269 -17.19 5.50 -5.23
C ARG A 269 -17.99 4.52 -6.08
N PRO A 270 -17.47 4.16 -7.24
CA PRO A 270 -18.23 3.31 -8.15
C PRO A 270 -18.50 1.96 -7.53
N SER A 271 -19.77 1.56 -7.57
CA SER A 271 -20.10 0.18 -7.25
C SER A 271 -19.33 -0.72 -8.21
N VAL A 272 -18.68 -1.74 -7.65
CA VAL A 272 -17.86 -2.63 -8.47
C VAL A 272 -18.78 -3.35 -9.44
N MET A 273 -18.19 -3.91 -10.49
CA MET A 273 -18.97 -4.57 -11.53
C MET A 273 -19.98 -5.52 -10.89
N MET A 274 -21.20 -5.50 -11.43
CA MET A 274 -22.26 -6.34 -10.88
C MET A 274 -21.86 -7.82 -10.93
N GLN A 275 -21.00 -8.16 -11.88
CA GLN A 275 -20.53 -9.54 -12.03
C GLN A 275 -21.68 -10.53 -12.10
N ASP A 276 -21.35 -11.79 -12.34
CA ASP A 276 -22.34 -12.86 -12.44
C ASP A 276 -22.94 -13.18 -11.07
N SER A 277 -24.23 -12.93 -10.92
CA SER A 277 -24.92 -13.19 -9.65
C SER A 277 -25.07 -11.92 -8.81
N PRO A 278 -26.00 -11.88 -7.85
CA PRO A 278 -26.56 -10.59 -7.43
C PRO A 278 -25.58 -9.64 -6.79
N ALA A 279 -24.70 -10.11 -5.90
CA ALA A 279 -23.90 -9.19 -5.12
C ALA A 279 -22.78 -8.67 -6.00
N SER A 280 -22.82 -7.35 -6.23
CA SER A 280 -21.66 -6.62 -6.69
C SER A 280 -20.86 -6.19 -5.48
N ASN A 281 -19.55 -6.23 -5.60
CA ASN A 281 -18.71 -5.83 -4.48
C ASN A 281 -19.00 -4.38 -4.11
N GLU A 282 -18.91 -4.07 -2.83
CA GLU A 282 -19.17 -2.73 -2.33
C GLU A 282 -17.92 -2.03 -2.83
N ASP A 283 -17.82 -0.74 -2.50
CA ASP A 283 -16.64 0.06 -2.76
C ASP A 283 -16.59 1.03 -1.52
N ASP A 284 -15.73 0.67 -0.59
CA ASP A 284 -15.49 1.43 0.64
C ASP A 284 -16.58 2.42 1.06
N LEU A 285 -16.35 3.70 0.77
CA LEU A 285 -17.24 4.83 1.12
C LEU A 285 -18.74 4.52 1.03
N THR A 286 -19.08 3.49 0.27
CA THR A 286 -20.45 3.05 0.10
C THR A 286 -20.93 2.27 1.31
N VAL A 287 -19.99 1.74 2.08
CA VAL A 287 -20.31 0.97 3.28
C VAL A 287 -20.13 1.82 4.53
N LYS A 288 -19.03 2.55 4.63
CA LYS A 288 -18.82 3.35 5.83
C LYS A 288 -19.97 4.30 6.06
N LEU A 289 -20.18 5.27 5.17
CA LEU A 289 -21.21 6.26 5.50
C LEU A 289 -22.60 5.63 5.49
N THR A 290 -22.85 4.65 4.63
CA THR A 290 -24.15 3.99 4.68
C THR A 290 -24.36 3.30 6.02
N GLU A 291 -23.30 3.04 6.76
CA GLU A 291 -23.43 2.72 8.16
C GLU A 291 -23.61 3.97 9.01
N ILE A 292 -22.88 5.05 8.69
CA ILE A 292 -23.03 6.28 9.45
C ILE A 292 -24.46 6.77 9.42
N VAL A 293 -25.15 6.62 8.30
CA VAL A 293 -26.59 6.88 8.31
C VAL A 293 -27.26 6.06 9.39
N TRP A 294 -26.95 4.76 9.45
CA TRP A 294 -27.60 3.90 10.42
C TRP A 294 -27.38 4.39 11.84
N THR A 295 -26.12 4.50 12.27
CA THR A 295 -25.87 4.96 13.63
C THR A 295 -26.44 6.35 13.87
N SER A 296 -26.44 7.22 12.87
CA SER A 296 -27.10 8.50 12.99
C SER A 296 -28.56 8.32 13.35
N SER A 297 -29.36 7.79 12.42
CA SER A 297 -30.79 7.61 12.66
C SER A 297 -31.06 6.83 13.93
N LEU A 298 -30.12 5.98 14.35
CA LEU A 298 -30.18 5.47 15.71
C LEU A 298 -30.23 6.60 16.72
N ILE A 299 -29.20 7.45 16.73
CA ILE A 299 -29.13 8.51 17.74
C ILE A 299 -30.22 9.54 17.53
N LYS A 300 -30.83 9.55 16.35
CA LYS A 300 -31.97 10.42 16.10
C LYS A 300 -33.23 9.84 16.72
N ALA A 301 -33.50 8.57 16.47
CA ALA A 301 -34.58 7.88 17.16
C ALA A 301 -34.26 7.71 18.63
N GLY A 302 -33.01 7.35 18.93
CA GLY A 302 -32.48 7.59 20.25
C GLY A 302 -32.51 9.06 20.53
N LEU A 303 -32.40 9.40 21.82
CA LEU A 303 -32.38 10.79 22.24
C LEU A 303 -33.74 11.45 21.96
N ASP A 304 -34.54 10.81 21.12
CA ASP A 304 -35.90 11.28 20.88
C ASP A 304 -36.82 10.83 21.99
N LYS A 305 -36.79 9.54 22.33
CA LYS A 305 -37.68 9.01 23.35
C LYS A 305 -36.91 8.22 24.39
N GLY A 306 -36.23 7.16 23.95
CA GLY A 306 -35.72 6.13 24.82
C GLY A 306 -34.30 6.39 25.25
N ILE A 307 -33.53 5.29 25.28
CA ILE A 307 -32.12 5.17 25.62
C ILE A 307 -31.85 5.76 27.00
N SER A 308 -30.70 6.40 27.16
CA SER A 308 -30.24 6.86 28.47
C SER A 308 -28.93 7.59 28.28
N ILE A 309 -28.59 8.43 29.27
CA ILE A 309 -27.41 9.28 29.11
C ILE A 309 -26.17 8.41 29.02
N ASN A 310 -26.17 7.25 29.66
CA ASN A 310 -25.03 6.36 29.51
C ASN A 310 -25.03 5.68 28.16
N ASN A 311 -26.14 5.06 27.78
CA ASN A 311 -26.21 4.33 26.52
C ASN A 311 -26.37 5.28 25.34
N MET A 312 -26.51 6.57 25.62
CA MET A 312 -26.45 7.56 24.56
C MET A 312 -25.03 7.64 24.04
N MET A 313 -24.12 8.09 24.92
CA MET A 313 -22.83 8.54 24.44
C MET A 313 -22.11 7.46 23.65
N GLU A 314 -21.90 6.27 24.20
CA GLU A 314 -21.04 5.28 23.55
C GLU A 314 -21.43 5.07 22.08
N HIS A 315 -22.72 5.16 21.75
CA HIS A 315 -23.08 5.29 20.35
C HIS A 315 -22.40 6.48 19.71
N TRP A 316 -22.72 7.68 20.17
CA TRP A 316 -22.18 8.93 19.66
C TRP A 316 -20.66 8.90 19.53
N ASP A 317 -19.96 8.48 20.57
CA ASP A 317 -18.55 8.17 20.44
C ASP A 317 -18.27 7.25 19.26
N TYR A 318 -18.99 6.14 19.16
CA TYR A 318 -18.82 5.29 17.98
C TYR A 318 -19.07 6.05 16.70
N LEU A 319 -19.85 7.13 16.75
CA LEU A 319 -20.05 7.93 15.56
C LEU A 319 -18.78 8.68 15.19
N GLN A 320 -18.23 9.46 16.13
CA GLN A 320 -17.03 10.20 15.77
C GLN A 320 -15.86 9.28 15.45
N LEU A 321 -15.68 8.21 16.22
CA LEU A 321 -14.69 7.22 15.86
C LEU A 321 -14.92 6.72 14.44
N THR A 322 -16.17 6.41 14.10
CA THR A 322 -16.46 5.97 12.75
C THR A 322 -16.02 7.01 11.72
N VAL A 323 -16.72 8.14 11.64
CA VAL A 323 -16.45 9.13 10.60
C VAL A 323 -14.98 9.49 10.54
N ALA A 324 -14.30 9.55 11.68
CA ALA A 324 -12.85 9.64 11.66
C ALA A 324 -12.25 8.50 10.85
N MET A 325 -12.69 7.27 11.09
CA MET A 325 -12.17 6.17 10.28
C MET A 325 -12.63 6.29 8.84
N TYR A 326 -13.69 7.06 8.58
CA TYR A 326 -14.13 7.29 7.22
C TYR A 326 -13.17 8.16 6.44
N ILE A 327 -12.65 9.23 7.03
CA ILE A 327 -11.64 10.02 6.32
C ILE A 327 -10.21 9.67 6.69
N ASN A 328 -9.95 8.61 7.45
CA ASN A 328 -8.57 8.30 7.81
C ASN A 328 -8.46 6.83 8.20
N SER A 329 -7.25 6.43 8.62
CA SER A 329 -7.06 5.13 9.26
C SER A 329 -6.80 5.32 10.74
N ASP A 330 -5.58 5.76 11.07
CA ASP A 330 -5.18 6.21 12.41
C ASP A 330 -5.62 5.20 13.47
N SER A 331 -6.55 5.58 14.34
CA SER A 331 -7.12 4.69 15.36
C SER A 331 -7.56 3.38 14.72
N VAL A 332 -7.12 2.28 15.33
CA VAL A 332 -7.27 0.96 14.72
C VAL A 332 -8.36 0.14 15.39
N ASN A 333 -8.12 -0.35 16.62
CA ASN A 333 -9.06 -1.23 17.30
C ASN A 333 -9.12 -0.89 18.79
N PRO A 334 -9.75 0.20 19.16
CA PRO A 334 -9.81 0.61 20.57
C PRO A 334 -10.71 -0.27 21.43
N ALA A 335 -10.42 -1.57 21.46
CA ALA A 335 -11.21 -2.56 22.18
C ALA A 335 -12.69 -2.45 21.82
N MET A 336 -12.99 -2.52 20.53
CA MET A 336 -14.35 -2.25 20.05
C MET A 336 -14.96 -3.39 19.25
N LEU A 337 -14.43 -3.68 18.06
CA LEU A 337 -15.00 -4.58 17.06
C LEU A 337 -16.26 -3.94 16.46
N PRO A 338 -16.61 -4.26 15.21
CA PRO A 338 -17.66 -3.47 14.54
C PRO A 338 -19.07 -3.99 14.72
N GLY A 339 -20.04 -3.24 14.18
CA GLY A 339 -21.46 -3.49 14.30
C GLY A 339 -22.07 -4.15 13.08
N SER A 340 -23.30 -3.76 12.74
CA SER A 340 -23.96 -4.26 11.54
C SER A 340 -23.05 -4.08 10.32
N SER A 341 -23.03 -5.10 9.47
CA SER A 341 -22.10 -5.19 8.35
C SER A 341 -20.65 -5.13 8.86
N ASN A 342 -20.25 -6.24 9.49
CA ASN A 342 -18.97 -6.31 10.19
C ASN A 342 -17.98 -7.30 9.58
N GLY A 343 -18.35 -8.57 9.48
CA GLY A 343 -17.31 -9.58 9.49
C GLY A 343 -16.81 -9.73 10.91
N GLY A 344 -15.54 -9.42 11.16
CA GLY A 344 -14.96 -9.72 12.45
C GLY A 344 -13.93 -10.82 12.40
N GLY A 345 -13.55 -11.19 11.19
CA GLY A 345 -12.37 -12.01 10.99
C GLY A 345 -11.12 -11.16 11.03
N LYS A 346 -11.26 -9.96 11.61
CA LYS A 346 -10.17 -9.00 11.76
C LYS A 346 -9.61 -8.57 10.41
N VAL A 347 -10.42 -7.77 9.71
CA VAL A 347 -10.01 -7.22 8.42
C VAL A 347 -9.37 -5.85 8.67
N LYS A 348 -8.05 -5.78 8.46
CA LYS A 348 -7.24 -4.61 8.82
C LYS A 348 -7.51 -3.37 7.96
N PRO A 349 -7.48 -3.44 6.61
CA PRO A 349 -7.37 -2.19 5.85
C PRO A 349 -8.71 -1.51 5.66
N ILE A 350 -9.41 -1.25 6.77
CA ILE A 350 -10.72 -0.61 6.69
C ILE A 350 -10.58 0.80 6.14
N ARG A 351 -9.40 1.37 6.25
CA ARG A 351 -9.16 2.72 5.75
C ARG A 351 -9.47 2.81 4.27
N GLY A 352 -10.39 3.70 3.92
CA GLY A 352 -10.71 3.86 2.53
C GLY A 352 -10.29 5.14 1.83
N PHE A 353 -9.98 6.20 2.57
CA PHE A 353 -10.08 7.55 2.00
C PHE A 353 -8.78 8.33 2.07
N CYS A 354 -8.37 8.75 3.26
CA CYS A 354 -7.17 9.57 3.37
C CYS A 354 -6.01 8.94 2.62
N GLN A 355 -5.94 7.62 2.60
CA GLN A 355 -4.81 6.92 1.99
C GLN A 355 -4.94 6.82 0.48
N ARG A 356 -6.13 6.50 -0.03
CA ARG A 356 -6.30 6.47 -1.48
C ARG A 356 -5.86 7.78 -2.08
N LEU A 357 -5.97 8.87 -1.34
CA LEU A 357 -5.49 10.17 -1.75
C LEU A 357 -3.99 10.33 -1.56
N LYS A 358 -3.35 9.46 -0.76
CA LYS A 358 -2.10 9.87 -0.12
C LYS A 358 -0.83 9.26 -0.69
N GLY A 359 -0.56 8.02 -0.32
CA GLY A 359 0.83 7.57 -0.30
C GLY A 359 1.30 6.59 -1.34
N LYS A 360 2.60 6.30 -1.30
CA LYS A 360 3.26 5.23 -2.04
C LYS A 360 2.91 5.43 -3.52
N GLN A 361 2.31 4.46 -4.18
CA GLN A 361 1.57 4.74 -5.39
C GLN A 361 0.09 4.77 -5.02
N GLY A 362 -0.37 5.98 -4.73
CA GLY A 362 -1.75 6.27 -4.41
C GLY A 362 -2.33 7.15 -5.49
N ARG A 363 -3.37 7.90 -5.15
CA ARG A 363 -3.80 8.96 -6.06
C ARG A 363 -2.72 9.98 -6.32
N PHE A 364 -2.47 10.83 -5.34
CA PHE A 364 -1.94 12.16 -5.63
C PHE A 364 -0.66 12.07 -6.46
N ARG A 365 0.25 11.20 -6.05
CA ARG A 365 1.55 11.09 -6.69
C ARG A 365 1.57 10.10 -7.83
N GLY A 366 1.46 8.80 -7.52
CA GLY A 366 1.57 7.77 -8.53
C GLY A 366 0.49 7.83 -9.59
N ASN A 367 -0.59 8.54 -9.35
CA ASN A 367 -1.71 8.62 -10.28
C ASN A 367 -1.80 9.98 -10.96
N LEU A 368 -1.96 11.06 -10.21
CA LEU A 368 -2.14 12.36 -10.86
C LEU A 368 -0.83 12.92 -11.43
N SER A 369 0.25 12.87 -10.67
CA SER A 369 1.53 13.32 -11.22
C SER A 369 2.19 12.24 -12.07
N GLY A 370 1.83 10.98 -11.83
CA GLY A 370 2.42 9.82 -12.48
C GLY A 370 1.55 9.22 -13.56
N LYS A 371 0.72 10.02 -14.21
CA LYS A 371 -0.37 9.53 -15.02
C LYS A 371 0.10 8.47 -16.00
N ARG A 372 -0.61 7.35 -15.98
CA ARG A 372 -0.44 6.31 -16.99
C ARG A 372 -1.01 6.84 -18.29
N VAL A 373 -0.39 6.50 -19.41
CA VAL A 373 -0.50 7.28 -20.62
C VAL A 373 -1.08 6.42 -21.72
N ASP A 374 -1.33 7.03 -22.87
CA ASP A 374 -1.95 6.44 -24.04
C ASP A 374 -1.07 6.69 -25.26
N PHE A 375 -1.34 5.94 -26.33
CA PHE A 375 -0.47 5.92 -27.51
C PHE A 375 0.94 5.51 -27.13
N SER A 376 1.10 4.27 -26.74
CA SER A 376 2.42 3.80 -26.35
C SER A 376 2.63 2.38 -26.83
N GLY A 377 3.77 1.82 -26.44
CA GLY A 377 4.14 0.48 -26.83
C GLY A 377 5.36 0.06 -26.05
N ARG A 378 5.52 -1.25 -25.92
CA ARG A 378 6.60 -1.79 -25.10
C ARG A 378 7.10 -3.04 -25.80
N THR A 379 8.42 -3.19 -25.90
CA THR A 379 8.96 -4.31 -26.67
C THR A 379 10.39 -4.58 -26.20
N VAL A 380 10.86 -5.78 -26.52
CA VAL A 380 12.27 -6.09 -26.40
C VAL A 380 13.01 -5.35 -27.50
N ILE A 381 14.32 -5.16 -27.34
CA ILE A 381 15.13 -4.34 -28.21
C ILE A 381 15.91 -5.26 -29.13
N SER A 382 16.75 -4.68 -30.00
CA SER A 382 17.77 -5.43 -30.73
C SER A 382 18.59 -4.47 -31.55
N PRO A 383 19.89 -4.66 -31.67
CA PRO A 383 20.74 -3.67 -32.31
C PRO A 383 20.43 -3.56 -33.80
N ASP A 384 20.64 -2.36 -34.32
CA ASP A 384 20.60 -2.12 -35.75
C ASP A 384 21.66 -1.10 -36.15
N PRO A 385 22.87 -1.51 -36.45
CA PRO A 385 23.88 -0.55 -36.89
C PRO A 385 23.49 0.18 -38.15
N ASN A 386 23.06 -0.55 -39.17
CA ASN A 386 22.75 0.03 -40.47
C ASN A 386 21.84 1.23 -40.38
N LEU A 387 20.86 1.19 -39.51
CA LEU A 387 20.00 2.33 -39.26
C LEU A 387 20.83 3.49 -38.74
N SER A 388 20.52 4.69 -39.18
CA SER A 388 21.29 5.86 -38.78
C SER A 388 21.06 6.17 -37.30
N ILE A 389 21.71 7.22 -36.80
CA ILE A 389 21.33 7.69 -35.48
C ILE A 389 19.99 8.40 -35.61
N ASP A 390 19.45 8.81 -34.48
CA ASP A 390 18.22 9.58 -34.35
C ASP A 390 17.08 8.96 -35.15
N GLU A 391 17.12 7.64 -35.34
CA GLU A 391 15.93 6.90 -35.74
C GLU A 391 15.71 5.76 -34.77
N VAL A 392 14.49 5.26 -34.73
CA VAL A 392 14.15 4.03 -34.05
C VAL A 392 13.37 3.19 -35.03
N ALA A 393 13.93 2.07 -35.46
CA ALA A 393 13.17 1.16 -36.30
C ALA A 393 12.00 0.68 -35.46
N VAL A 394 10.81 0.73 -36.06
CA VAL A 394 9.62 0.32 -35.32
C VAL A 394 8.96 -0.83 -36.06
N PRO A 395 8.50 -1.85 -35.37
CA PRO A 395 7.87 -2.96 -36.08
C PRO A 395 6.55 -2.52 -36.66
N ASP A 396 6.36 -2.83 -37.93
CA ASP A 396 5.13 -2.38 -38.56
C ASP A 396 3.90 -2.92 -37.84
N ARG A 397 4.05 -4.02 -37.11
CA ARG A 397 2.89 -4.63 -36.49
C ARG A 397 2.45 -3.87 -35.24
N VAL A 398 3.30 -2.99 -34.71
CA VAL A 398 2.76 -1.97 -33.81
C VAL A 398 2.57 -0.65 -34.55
N ALA A 399 2.96 -0.56 -35.81
CA ALA A 399 2.66 0.63 -36.58
C ALA A 399 1.24 0.64 -37.09
N LYS A 400 0.66 -0.54 -37.32
CA LYS A 400 -0.73 -0.59 -37.73
C LYS A 400 -1.66 -0.04 -36.67
N VAL A 401 -1.41 -0.35 -35.40
CA VAL A 401 -2.35 -0.02 -34.33
C VAL A 401 -1.99 1.25 -33.58
N LEU A 402 -0.87 1.88 -33.89
CA LEU A 402 -0.45 3.07 -33.14
C LEU A 402 -0.43 4.25 -34.10
N THR A 403 -1.36 5.16 -33.94
CA THR A 403 -1.72 6.08 -35.02
C THR A 403 -1.40 7.51 -34.66
N TYR A 404 -1.28 8.32 -35.69
CA TYR A 404 -1.03 9.73 -35.45
C TYR A 404 -2.10 10.57 -36.11
N PRO A 405 -2.61 11.60 -35.44
CA PRO A 405 -3.66 12.43 -36.04
C PRO A 405 -3.07 13.42 -37.03
N GLU A 406 -3.85 13.75 -38.04
CA GLU A 406 -3.43 14.64 -39.11
C GLU A 406 -4.66 15.44 -39.53
N LYS A 407 -4.50 16.74 -39.69
CA LYS A 407 -5.57 17.56 -40.23
C LYS A 407 -5.30 17.82 -41.69
N VAL A 408 -6.10 17.22 -42.57
CA VAL A 408 -5.75 17.25 -43.98
C VAL A 408 -6.07 18.65 -44.46
N THR A 409 -5.06 19.35 -44.97
CA THR A 409 -5.40 20.64 -45.49
C THR A 409 -4.50 20.92 -46.70
N ARG A 410 -5.16 21.04 -47.85
CA ARG A 410 -4.61 21.63 -49.06
C ARG A 410 -3.31 21.09 -49.65
N TYR A 411 -2.43 20.56 -48.79
CA TYR A 411 -1.21 19.96 -49.27
C TYR A 411 -1.25 18.45 -49.17
N ASN A 412 -2.16 17.91 -48.36
CA ASN A 412 -2.10 16.51 -47.98
C ASN A 412 -3.01 15.64 -48.80
N ARG A 413 -3.92 16.23 -49.58
CA ARG A 413 -5.00 15.45 -50.15
C ARG A 413 -4.50 14.30 -50.99
N HIS A 414 -3.79 14.59 -52.09
CA HIS A 414 -3.40 13.55 -53.01
C HIS A 414 -2.48 12.51 -52.39
N LYS A 415 -1.96 12.75 -51.20
CA LYS A 415 -1.63 11.65 -50.32
C LYS A 415 -2.87 11.07 -49.67
N LEU A 416 -3.55 11.84 -48.83
CA LEU A 416 -4.54 11.27 -47.93
C LEU A 416 -5.78 10.75 -48.63
N GLN A 417 -6.33 11.46 -49.62
CA GLN A 417 -7.46 10.89 -50.34
C GLN A 417 -7.06 9.57 -50.97
N GLU A 418 -5.79 9.38 -51.27
CA GLU A 418 -5.26 8.06 -51.57
C GLU A 418 -4.99 7.25 -50.31
N LEU A 419 -4.45 7.87 -49.27
CA LEU A 419 -4.00 7.09 -48.13
C LEU A 419 -5.14 6.35 -47.45
N ILE A 420 -6.37 6.84 -47.58
CA ILE A 420 -7.53 6.11 -47.07
C ILE A 420 -7.76 4.84 -47.86
N VAL A 421 -7.72 4.93 -49.19
CA VAL A 421 -8.18 3.80 -50.00
C VAL A 421 -7.35 2.55 -49.71
N ASN A 422 -6.17 2.70 -49.12
CA ASN A 422 -5.46 1.52 -48.64
C ASN A 422 -6.23 0.82 -47.54
N GLY A 423 -6.72 1.58 -46.56
CA GLY A 423 -7.44 1.00 -45.46
C GLY A 423 -6.50 0.57 -44.36
N PRO A 424 -7.04 0.19 -43.21
CA PRO A 424 -6.19 -0.09 -42.05
C PRO A 424 -5.38 -1.36 -42.14
N ASN A 425 -5.72 -2.30 -43.01
CA ASN A 425 -5.00 -3.57 -43.01
C ASN A 425 -3.57 -3.40 -43.52
N VAL A 426 -3.38 -2.81 -44.69
CA VAL A 426 -2.04 -2.61 -45.22
C VAL A 426 -1.37 -1.44 -44.51
N HIS A 427 -0.03 -1.46 -44.41
CA HIS A 427 0.66 -0.49 -43.56
C HIS A 427 0.52 0.95 -44.04
N PRO A 428 0.94 1.30 -45.17
CA PRO A 428 0.97 2.73 -45.46
C PRO A 428 -0.43 3.25 -45.74
N GLY A 429 -1.16 3.50 -44.65
CA GLY A 429 -2.56 3.81 -44.71
C GLY A 429 -3.11 4.42 -43.43
N ALA A 430 -4.44 4.46 -43.30
CA ALA A 430 -5.03 5.09 -42.13
C ALA A 430 -6.11 4.16 -41.58
N ASN A 431 -6.61 4.46 -40.39
CA ASN A 431 -7.78 3.72 -39.94
C ASN A 431 -8.92 4.65 -39.52
N TYR A 432 -8.77 5.38 -38.42
CA TYR A 432 -9.87 6.23 -38.00
C TYR A 432 -9.95 7.49 -38.84
N LEU A 433 -11.17 8.00 -39.04
CA LEU A 433 -11.39 9.24 -39.77
C LEU A 433 -12.43 10.06 -39.03
N LEU A 434 -12.24 11.37 -39.01
CA LEU A 434 -13.11 12.30 -38.30
C LEU A 434 -13.41 13.52 -39.17
N LYS A 435 -14.68 13.74 -39.47
CA LYS A 435 -15.07 14.85 -40.33
C LYS A 435 -15.11 16.15 -39.54
N ARG A 436 -14.96 17.28 -40.25
CA ARG A 436 -15.04 18.63 -39.68
C ARG A 436 -16.36 18.91 -38.99
N ASN A 437 -17.37 18.09 -39.22
CA ASN A 437 -18.72 18.25 -38.69
C ASN A 437 -18.84 17.75 -37.30
N GLU A 438 -17.69 17.36 -36.74
CA GLU A 438 -17.50 17.10 -35.32
C GLU A 438 -18.54 16.13 -34.76
N ASP A 439 -18.79 15.04 -35.46
CA ASP A 439 -19.89 14.19 -35.03
C ASP A 439 -19.45 13.31 -33.86
N ALA A 440 -18.79 12.21 -34.17
CA ALA A 440 -18.04 11.45 -33.18
C ALA A 440 -16.71 11.09 -33.80
N ARG A 441 -16.75 10.18 -34.77
CA ARG A 441 -15.68 9.82 -35.69
C ARG A 441 -16.15 8.61 -36.48
N ARG A 442 -15.48 8.34 -37.59
CA ARG A 442 -15.77 7.15 -38.39
C ARG A 442 -14.56 6.23 -38.34
N ASN A 443 -14.70 5.11 -37.63
CA ASN A 443 -13.78 4.01 -37.81
C ASN A 443 -13.86 3.52 -39.25
N LEU A 444 -12.78 2.90 -39.71
CA LEU A 444 -12.87 2.20 -40.99
C LEU A 444 -13.07 0.72 -40.69
N ARG A 445 -14.32 0.37 -40.75
CA ARG A 445 -14.89 -0.88 -40.31
C ARG A 445 -15.88 -1.42 -41.31
N TYR A 446 -17.02 -0.72 -41.43
CA TYR A 446 -18.05 -1.11 -42.38
C TYR A 446 -17.49 -1.33 -43.77
N GLY A 447 -17.07 -0.25 -44.41
CA GLY A 447 -17.03 -0.25 -45.85
C GLY A 447 -16.90 1.17 -46.34
N ASP A 448 -17.45 1.46 -47.52
CA ASP A 448 -17.23 2.74 -48.16
C ASP A 448 -15.73 2.91 -48.42
N ARG A 449 -15.12 3.83 -47.68
CA ARG A 449 -13.86 4.42 -48.07
C ARG A 449 -14.09 4.99 -49.46
N MET A 450 -13.07 5.00 -50.32
CA MET A 450 -13.33 5.26 -51.73
C MET A 450 -14.27 6.45 -51.87
N LYS A 451 -15.51 6.16 -52.24
CA LYS A 451 -16.54 7.20 -52.29
C LYS A 451 -16.62 7.97 -50.98
N LEU A 452 -16.10 7.42 -49.88
CA LEU A 452 -15.87 8.26 -48.71
C LEU A 452 -14.71 9.21 -48.94
N ALA A 453 -13.57 8.71 -49.41
CA ALA A 453 -12.43 9.58 -49.61
C ALA A 453 -12.65 10.60 -50.72
N LYS A 454 -13.66 10.39 -51.57
CA LYS A 454 -13.92 11.35 -52.63
C LYS A 454 -14.48 12.65 -52.07
N ASN A 455 -14.77 12.71 -50.79
CA ASN A 455 -15.15 13.99 -50.22
C ASN A 455 -13.97 14.59 -49.49
N LEU A 456 -13.71 14.12 -48.26
CA LEU A 456 -12.58 14.56 -47.47
C LEU A 456 -12.41 16.07 -47.54
N GLN A 457 -13.27 16.83 -46.87
CA GLN A 457 -13.15 18.27 -46.94
C GLN A 457 -11.86 18.72 -46.25
N ILE A 458 -11.67 20.03 -46.16
CA ILE A 458 -10.38 20.52 -45.71
C ILE A 458 -10.19 20.24 -44.22
N GLY A 459 -10.98 20.87 -43.37
CA GLY A 459 -10.73 20.77 -41.96
C GLY A 459 -10.87 19.39 -41.35
N ASP A 460 -11.18 18.38 -42.16
CA ASP A 460 -11.36 17.02 -41.69
C ASP A 460 -10.05 16.48 -41.13
N VAL A 461 -10.17 15.47 -40.27
CA VAL A 461 -9.04 14.86 -39.60
C VAL A 461 -8.98 13.38 -39.98
N VAL A 462 -7.80 12.90 -40.32
CA VAL A 462 -7.55 11.49 -40.56
C VAL A 462 -6.49 11.05 -39.57
N GLU A 463 -6.35 9.76 -39.37
CA GLU A 463 -5.28 9.25 -38.53
C GLU A 463 -4.41 8.30 -39.34
N ARG A 464 -3.20 8.75 -39.64
CA ARG A 464 -2.25 7.91 -40.33
C ARG A 464 -1.80 6.78 -39.42
N HIS A 465 -1.42 5.66 -40.02
CA HIS A 465 -0.75 4.65 -39.22
C HIS A 465 0.50 5.27 -38.62
N LEU A 466 1.51 5.47 -39.46
CA LEU A 466 2.78 6.07 -39.07
C LEU A 466 3.61 5.95 -40.34
N GLU A 467 4.66 6.76 -40.47
CA GLU A 467 5.55 6.47 -41.58
C GLU A 467 6.99 6.69 -41.19
N ASP A 468 7.86 6.47 -42.17
CA ASP A 468 9.17 7.08 -42.14
C ASP A 468 9.00 8.57 -41.91
N GLY A 469 9.75 9.10 -40.96
CA GLY A 469 9.76 10.53 -40.70
C GLY A 469 8.88 10.99 -39.56
N ASP A 470 7.85 10.24 -39.18
CA ASP A 470 7.04 10.63 -38.02
C ASP A 470 7.89 10.65 -36.76
N VAL A 471 7.79 11.73 -36.03
CA VAL A 471 8.65 11.97 -34.88
C VAL A 471 8.11 11.19 -33.69
N VAL A 472 8.94 10.34 -33.11
CA VAL A 472 8.51 9.48 -32.01
C VAL A 472 9.52 9.57 -30.89
N LEU A 473 9.05 9.87 -29.68
CA LEU A 473 9.96 9.97 -28.55
C LEU A 473 10.00 8.63 -27.82
N PHE A 474 11.17 8.33 -27.26
CA PHE A 474 11.56 6.98 -26.96
C PHE A 474 12.19 6.89 -25.57
N ASN A 475 11.66 6.00 -24.75
CA ASN A 475 12.06 5.91 -23.34
C ASN A 475 12.44 4.49 -22.97
N ARG A 476 13.23 4.35 -21.90
CA ARG A 476 13.73 3.01 -21.62
C ARG A 476 13.29 2.38 -20.30
N GLN A 477 13.95 2.74 -19.23
CA GLN A 477 13.94 1.99 -17.98
C GLN A 477 13.53 2.89 -16.84
N PRO A 478 13.68 2.45 -15.60
CA PRO A 478 13.83 3.45 -14.54
C PRO A 478 14.87 4.42 -15.03
N SER A 479 14.50 5.70 -15.08
CA SER A 479 15.28 6.62 -15.89
C SER A 479 16.18 7.44 -14.99
N LEU A 480 17.46 7.12 -15.04
CA LEU A 480 18.43 7.66 -14.11
C LEU A 480 18.62 9.15 -14.26
N HIS A 481 18.63 9.67 -15.48
CA HIS A 481 18.88 11.10 -15.65
C HIS A 481 18.33 11.68 -16.94
N ARG A 482 18.69 12.94 -17.20
CA ARG A 482 18.04 13.73 -18.24
C ARG A 482 18.07 13.03 -19.59
N LEU A 483 19.02 12.13 -19.83
CA LEU A 483 18.92 11.38 -21.08
C LEU A 483 18.31 10.02 -20.76
N SER A 484 17.01 9.97 -20.96
CA SER A 484 16.28 8.74 -21.17
C SER A 484 15.29 9.06 -22.27
N ILE A 485 14.38 9.98 -21.98
CA ILE A 485 13.47 10.51 -22.98
C ILE A 485 14.36 11.12 -24.05
N LEU A 486 14.23 10.63 -25.27
CA LEU A 486 14.84 11.22 -26.46
C LEU A 486 13.78 11.22 -27.54
N SER A 487 14.13 11.66 -28.73
CA SER A 487 13.16 11.54 -29.81
C SER A 487 13.86 11.31 -31.13
N HIS A 488 13.25 10.45 -31.93
CA HIS A 488 13.87 9.91 -33.12
C HIS A 488 12.88 10.02 -34.26
N TYR A 489 13.41 10.22 -35.45
CA TYR A 489 12.60 10.00 -36.64
C TYR A 489 12.33 8.51 -36.77
N ALA A 490 11.07 8.12 -36.76
CA ALA A 490 10.78 6.68 -36.79
C ALA A 490 10.88 6.17 -38.21
N LYS A 491 11.39 4.96 -38.35
CA LYS A 491 11.44 4.27 -39.64
C LYS A 491 10.87 2.87 -39.46
N ILE A 492 10.04 2.45 -40.40
CA ILE A 492 9.26 1.23 -40.26
C ILE A 492 9.96 0.08 -40.98
N ARG A 493 10.04 -1.06 -40.32
CA ARG A 493 10.66 -2.25 -40.87
C ARG A 493 9.82 -3.47 -40.51
N PRO A 494 10.20 -4.65 -40.99
CA PRO A 494 9.56 -5.88 -40.52
C PRO A 494 10.12 -6.46 -39.24
N TRP A 495 9.75 -7.71 -39.01
CA TRP A 495 9.82 -8.45 -37.75
C TRP A 495 9.09 -7.71 -36.65
N ARG A 496 9.51 -7.92 -35.40
CA ARG A 496 8.93 -7.12 -34.34
C ARG A 496 9.97 -6.91 -33.26
N THR A 497 10.43 -5.68 -33.13
CA THR A 497 11.21 -5.22 -31.98
C THR A 497 11.69 -3.82 -32.28
N PHE A 498 12.05 -3.10 -31.22
CA PHE A 498 12.52 -1.73 -31.36
C PHE A 498 14.00 -1.77 -31.65
N ARG A 499 14.38 -1.27 -32.80
CA ARG A 499 15.77 -1.27 -33.22
C ARG A 499 16.25 0.17 -33.20
N LEU A 500 17.12 0.47 -32.26
CA LEU A 500 17.87 1.71 -32.22
C LEU A 500 19.29 1.46 -32.72
N ASN A 501 20.06 2.52 -32.84
CA ASN A 501 21.43 2.36 -33.27
C ASN A 501 22.32 2.29 -32.04
N GLU A 502 23.25 1.36 -32.07
CA GLU A 502 24.02 0.98 -30.90
C GLU A 502 24.63 2.16 -30.19
N CYS A 503 25.07 3.15 -30.95
CA CYS A 503 25.67 4.35 -30.40
C CYS A 503 24.81 5.01 -29.34
N VAL A 504 23.49 4.90 -29.43
CA VAL A 504 22.62 5.54 -28.46
C VAL A 504 22.29 4.61 -27.31
N CYS A 505 22.91 3.45 -27.24
CA CYS A 505 22.65 2.60 -26.09
C CYS A 505 23.18 3.19 -24.79
N THR A 506 24.28 3.92 -24.83
CA THR A 506 24.89 4.41 -23.60
C THR A 506 24.05 5.43 -22.83
N PRO A 507 23.34 6.36 -23.46
CA PRO A 507 22.49 7.25 -22.66
C PRO A 507 21.46 6.48 -21.88
N TYR A 508 20.83 5.51 -22.52
CA TYR A 508 19.88 4.64 -21.88
C TYR A 508 20.54 3.66 -20.93
N ASN A 509 21.87 3.62 -20.93
CA ASN A 509 22.73 2.52 -20.49
C ASN A 509 22.13 1.21 -20.98
N ALA A 510 21.61 1.25 -22.21
CA ALA A 510 20.92 0.11 -22.79
C ALA A 510 21.87 -1.07 -22.90
N ASP A 511 21.50 -2.19 -22.29
CA ASP A 511 22.31 -3.39 -22.28
C ASP A 511 21.88 -4.38 -23.35
N PHE A 512 20.81 -4.08 -24.08
CA PHE A 512 20.08 -5.11 -24.80
C PHE A 512 19.76 -6.24 -23.85
N ASP A 513 20.31 -7.42 -24.13
CA ASP A 513 19.91 -8.58 -23.34
C ASP A 513 18.39 -8.65 -23.47
N GLY A 514 17.64 -8.62 -22.38
CA GLY A 514 16.20 -8.67 -22.53
C GLY A 514 15.40 -7.42 -22.21
N ASP A 515 16.05 -6.28 -22.02
CA ASP A 515 15.34 -5.14 -21.45
C ASP A 515 14.26 -4.62 -22.38
N GLU A 516 13.32 -3.87 -21.81
CA GLU A 516 12.11 -3.42 -22.50
C GLU A 516 12.16 -1.91 -22.63
N MET A 517 11.40 -1.39 -23.57
CA MET A 517 11.38 0.03 -23.85
C MET A 517 9.96 0.57 -23.74
N ASN A 518 9.81 1.84 -24.08
CA ASN A 518 8.51 2.45 -24.24
C ASN A 518 8.56 3.38 -25.43
N LEU A 519 7.61 3.21 -26.33
CA LEU A 519 7.58 4.01 -27.55
C LEU A 519 6.39 4.95 -27.43
N HIS A 520 6.63 6.25 -27.38
CA HIS A 520 5.57 7.24 -27.28
C HIS A 520 5.54 8.10 -28.52
N VAL A 521 4.44 8.04 -29.27
CA VAL A 521 4.19 9.08 -30.26
C VAL A 521 3.61 10.28 -29.53
N PRO A 522 3.87 11.50 -29.96
CA PRO A 522 3.09 12.61 -29.45
C PRO A 522 1.76 12.63 -30.18
N GLN A 523 0.96 13.68 -29.98
CA GLN A 523 -0.28 13.78 -30.72
C GLN A 523 -0.36 15.13 -31.43
N THR A 524 -0.49 16.20 -30.65
CA THR A 524 -0.77 17.50 -31.23
C THR A 524 0.42 18.00 -32.05
N GLU A 525 0.10 18.71 -33.12
CA GLU A 525 1.09 19.10 -34.12
C GLU A 525 2.26 19.85 -33.53
N GLU A 526 2.08 20.58 -32.44
CA GLU A 526 3.18 21.36 -31.89
C GLU A 526 3.98 20.62 -30.85
N ALA A 527 3.50 19.45 -30.39
CA ALA A 527 4.34 18.67 -29.50
C ALA A 527 5.42 17.94 -30.28
N ARG A 528 5.11 17.49 -31.48
CA ARG A 528 6.15 16.98 -32.38
C ARG A 528 7.30 17.96 -32.49
N ALA A 529 7.07 19.11 -33.13
CA ALA A 529 8.15 20.06 -33.31
C ALA A 529 8.82 20.42 -32.01
N GLU A 530 8.14 20.28 -30.90
CA GLU A 530 8.81 20.32 -29.62
C GLU A 530 9.77 19.16 -29.41
N ALA A 531 9.45 17.97 -29.92
CA ALA A 531 10.23 16.78 -29.61
C ALA A 531 11.50 16.73 -30.46
N ILE A 532 11.39 16.40 -31.75
CA ILE A 532 12.61 16.20 -32.52
C ILE A 532 13.51 17.42 -32.48
N ASN A 533 12.94 18.62 -32.57
CA ASN A 533 13.78 19.80 -32.60
C ASN A 533 14.52 20.05 -31.30
N LEU A 534 13.81 20.10 -30.18
CA LEU A 534 14.46 20.32 -28.89
C LEU A 534 14.97 19.03 -28.29
N MET A 535 14.10 18.08 -28.02
CA MET A 535 14.39 16.91 -27.23
C MET A 535 15.03 15.81 -28.06
N GLY A 536 15.29 16.06 -29.32
CA GLY A 536 15.81 15.05 -30.22
C GLY A 536 17.21 14.63 -29.86
N VAL A 537 17.75 13.73 -30.67
CA VAL A 537 19.09 13.21 -30.43
C VAL A 537 20.16 14.21 -30.79
N LYS A 538 20.23 14.58 -32.07
CA LYS A 538 21.33 15.40 -32.56
C LYS A 538 21.81 16.58 -31.73
N ASN A 539 20.86 17.37 -31.22
CA ASN A 539 21.17 18.55 -30.42
C ASN A 539 21.47 18.19 -28.98
N ASN A 540 21.01 17.02 -28.56
CA ASN A 540 21.24 16.53 -27.21
C ASN A 540 22.36 15.50 -27.21
N LEU A 541 23.15 15.51 -28.28
CA LEU A 541 24.27 14.59 -28.43
C LEU A 541 25.17 14.60 -27.21
N LEU A 542 25.24 15.73 -26.51
CA LEU A 542 26.09 15.80 -25.34
C LEU A 542 25.34 15.37 -24.09
N THR A 543 25.94 15.62 -22.94
CA THR A 543 25.35 15.33 -21.65
C THR A 543 25.03 16.63 -20.94
N PRO A 544 24.01 16.66 -20.09
CA PRO A 544 23.69 17.88 -19.36
C PRO A 544 24.73 18.28 -18.32
N LYS A 545 25.27 17.35 -17.55
CA LYS A 545 26.12 17.73 -16.42
C LYS A 545 27.54 18.09 -16.79
N SER A 546 28.22 17.27 -17.59
CA SER A 546 29.64 17.46 -17.77
C SER A 546 30.00 18.17 -19.06
N GLY A 547 29.01 18.43 -19.90
CA GLY A 547 29.31 18.93 -21.22
C GLY A 547 30.28 18.01 -21.92
N GLU A 548 29.96 16.74 -21.93
CA GLU A 548 30.83 15.67 -22.34
C GLU A 548 30.08 14.71 -23.25
N PRO A 549 30.69 14.22 -24.31
CA PRO A 549 29.91 13.41 -25.25
C PRO A 549 29.41 12.15 -24.59
N ILE A 550 28.10 11.92 -24.62
CA ILE A 550 27.57 10.70 -24.03
C ILE A 550 27.18 9.68 -25.09
N ILE A 551 27.19 10.03 -26.37
CA ILE A 551 26.91 9.05 -27.42
C ILE A 551 28.12 8.93 -28.32
N ALA A 552 28.59 7.71 -28.52
CA ALA A 552 29.76 7.46 -29.34
C ALA A 552 29.88 5.98 -29.64
N ALA A 553 30.98 5.60 -30.28
CA ALA A 553 31.26 4.21 -30.54
C ALA A 553 31.51 3.47 -29.23
N THR A 554 30.96 2.27 -29.13
CA THR A 554 31.14 1.42 -27.96
C THR A 554 31.26 -0.03 -28.38
N GLN A 555 32.13 -0.78 -27.71
CA GLN A 555 32.38 -2.18 -28.02
C GLN A 555 32.80 -2.34 -29.47
N ASP A 556 32.06 -3.11 -30.27
CA ASP A 556 32.52 -3.44 -31.63
C ASP A 556 33.05 -2.24 -32.37
N PHE A 557 32.32 -1.13 -32.32
CA PHE A 557 32.76 0.03 -33.08
C PHE A 557 34.16 0.48 -32.73
N ILE A 558 34.51 0.55 -31.45
CA ILE A 558 35.87 0.91 -31.09
C ILE A 558 36.85 -0.07 -31.71
N THR A 559 36.83 -1.32 -31.23
CA THR A 559 37.83 -2.29 -31.66
C THR A 559 37.92 -2.43 -33.17
N GLY A 560 36.80 -2.54 -33.86
CA GLY A 560 36.86 -2.59 -35.31
C GLY A 560 37.57 -1.39 -35.88
N SER A 561 37.14 -0.20 -35.49
CA SER A 561 37.90 1.00 -35.84
C SER A 561 39.37 0.83 -35.49
N TYR A 562 39.65 0.35 -34.29
CA TYR A 562 41.04 0.14 -33.92
C TYR A 562 41.76 -0.71 -34.96
N LEU A 563 41.16 -1.82 -35.36
CA LEU A 563 41.86 -2.73 -36.25
C LEU A 563 42.10 -2.10 -37.61
N ILE A 564 41.33 -1.09 -37.98
CA ILE A 564 41.64 -0.34 -39.19
C ILE A 564 42.72 0.68 -38.89
N SER A 565 42.66 1.27 -37.71
CA SER A 565 43.65 2.25 -37.31
C SER A 565 44.97 1.63 -36.95
N HIS A 566 45.07 0.30 -36.94
CA HIS A 566 46.29 -0.32 -36.45
C HIS A 566 47.42 -0.05 -37.44
N LYS A 567 48.47 0.59 -36.93
CA LYS A 567 49.57 1.05 -37.79
C LYS A 567 50.07 -0.07 -38.69
N ASP A 568 50.00 -1.30 -38.21
CA ASP A 568 50.41 -2.45 -38.98
C ASP A 568 49.63 -2.60 -40.27
N SER A 569 48.39 -2.13 -40.32
CA SER A 569 47.51 -2.50 -41.42
C SER A 569 47.88 -1.78 -42.71
N PHE A 570 47.40 -2.34 -43.81
CA PHE A 570 47.40 -1.67 -45.09
C PHE A 570 46.18 -2.12 -45.88
N TYR A 571 46.00 -1.54 -47.05
CA TYR A 571 44.89 -1.93 -47.91
C TYR A 571 45.29 -1.71 -49.35
N ASP A 572 44.35 -1.94 -50.24
CA ASP A 572 44.62 -1.75 -51.63
C ASP A 572 43.41 -1.13 -52.31
N ARG A 573 43.64 -0.57 -53.49
CA ARG A 573 42.65 0.31 -54.08
C ARG A 573 41.34 -0.42 -54.31
N ALA A 574 41.38 -1.73 -54.57
CA ALA A 574 40.14 -2.48 -54.58
C ALA A 574 39.58 -2.60 -53.18
N THR A 575 40.35 -3.15 -52.25
CA THR A 575 39.87 -3.30 -50.89
C THR A 575 39.50 -1.93 -50.32
N LEU A 576 40.42 -0.97 -50.39
CA LEU A 576 40.08 0.36 -49.89
C LEU A 576 38.84 0.90 -50.57
N THR A 577 38.83 0.92 -51.90
CA THR A 577 37.67 1.41 -52.61
C THR A 577 36.39 0.83 -52.03
N GLN A 578 36.38 -0.47 -51.79
CA GLN A 578 35.17 -1.07 -51.26
C GLN A 578 34.89 -0.62 -49.84
N LEU A 579 35.92 -0.52 -48.99
CA LEU A 579 35.68 0.05 -47.66
C LEU A 579 35.06 1.43 -47.77
N LEU A 580 35.80 2.37 -48.36
CA LEU A 580 35.35 3.74 -48.50
C LEU A 580 33.96 3.79 -49.12
N SER A 581 33.56 2.75 -49.83
CA SER A 581 32.16 2.58 -50.18
C SER A 581 31.32 2.18 -48.99
N MET A 582 31.53 0.98 -48.47
CA MET A 582 30.75 0.41 -47.37
C MET A 582 30.48 1.41 -46.27
N MET A 583 31.44 2.27 -46.00
CA MET A 583 31.27 3.32 -45.00
C MET A 583 30.05 4.18 -45.27
N SER A 584 29.70 4.36 -46.54
CA SER A 584 28.42 4.97 -46.88
C SER A 584 27.83 4.19 -48.03
N ASP A 585 26.63 3.67 -47.82
CA ASP A 585 26.16 2.52 -48.57
C ASP A 585 26.22 2.72 -50.08
N GLY A 586 26.49 3.92 -50.50
CA GLY A 586 26.39 4.36 -51.85
C GLY A 586 26.50 5.88 -51.83
N ILE A 587 25.86 6.51 -52.80
CA ILE A 587 25.33 7.84 -52.57
C ILE A 587 26.42 8.91 -52.58
N GLU A 588 27.69 8.54 -52.45
CA GLU A 588 28.67 9.60 -52.21
C GLU A 588 29.79 9.59 -53.23
N HIS A 589 30.37 10.77 -53.41
CA HIS A 589 31.44 11.03 -54.37
C HIS A 589 32.74 11.13 -53.61
N PHE A 590 33.57 10.11 -53.74
CA PHE A 590 34.83 10.10 -53.00
C PHE A 590 35.97 10.50 -53.91
N ASP A 591 36.84 11.33 -53.36
CA ASP A 591 38.08 11.72 -54.01
C ASP A 591 39.22 11.03 -53.29
N ILE A 592 39.83 10.06 -53.95
CA ILE A 592 40.84 9.24 -53.28
C ILE A 592 42.12 10.04 -53.18
N PRO A 593 42.66 10.20 -51.97
CA PRO A 593 43.87 10.98 -51.81
C PRO A 593 45.06 10.17 -52.28
N PRO A 594 46.25 10.76 -52.32
CA PRO A 594 47.41 10.04 -52.79
C PRO A 594 47.72 8.87 -51.86
N PRO A 595 48.10 7.73 -52.42
CA PRO A 595 48.39 6.57 -51.59
C PRO A 595 49.66 6.75 -50.80
N ALA A 596 49.67 6.14 -49.62
CA ALA A 596 50.76 6.33 -48.67
C ALA A 596 52.09 5.91 -49.26
N ILE A 597 52.16 4.75 -49.88
CA ILE A 597 53.43 4.27 -50.38
C ILE A 597 53.26 3.87 -51.84
N MET A 598 54.36 3.89 -52.58
CA MET A 598 54.31 3.77 -54.03
C MET A 598 55.54 3.01 -54.49
N LYS A 599 55.38 2.13 -55.46
CA LYS A 599 56.51 1.33 -55.96
C LYS A 599 56.19 -0.16 -55.84
N PRO A 600 56.66 -0.80 -54.76
CA PRO A 600 56.37 -2.22 -54.51
C PRO A 600 54.89 -2.46 -54.33
N TYR A 601 54.20 -2.06 -55.38
CA TYR A 601 52.73 -2.00 -55.41
C TYR A 601 52.27 -0.60 -55.06
N TYR A 602 51.07 -0.53 -54.49
CA TYR A 602 50.41 0.67 -54.00
C TYR A 602 49.63 0.23 -52.77
N LEU A 603 49.48 1.10 -51.78
CA LEU A 603 48.77 0.75 -50.55
C LEU A 603 48.18 2.05 -50.02
N TRP A 604 47.25 1.94 -49.09
CA TRP A 604 46.75 3.09 -48.38
C TRP A 604 46.66 2.77 -46.90
N THR A 605 47.32 3.58 -46.08
CA THR A 605 47.36 3.25 -44.67
C THR A 605 46.00 3.48 -44.03
N GLY A 606 45.74 2.70 -42.98
CA GLY A 606 44.47 2.77 -42.30
C GLY A 606 44.10 4.17 -41.85
N LYS A 607 45.08 5.00 -41.52
CA LYS A 607 44.78 6.36 -41.10
C LYS A 607 44.12 7.15 -42.21
N GLN A 608 44.24 6.70 -43.45
CA GLN A 608 43.57 7.37 -44.54
C GLN A 608 42.15 6.87 -44.73
N VAL A 609 42.00 5.57 -45.01
CA VAL A 609 40.67 4.98 -45.14
C VAL A 609 39.79 5.35 -43.96
N PHE A 610 40.37 5.53 -42.79
CA PHE A 610 39.61 6.13 -41.71
C PHE A 610 39.58 7.64 -41.78
N SER A 611 40.63 8.28 -42.30
CA SER A 611 40.58 9.73 -42.43
C SER A 611 39.47 10.17 -43.35
N LEU A 612 39.33 9.53 -44.51
CA LEU A 612 38.28 9.90 -45.43
C LEU A 612 36.90 9.79 -44.84
N LEU A 613 36.72 8.95 -43.82
CA LEU A 613 35.47 8.93 -43.06
C LEU A 613 35.05 10.33 -42.65
N ILE A 614 36.00 11.17 -42.27
CA ILE A 614 35.68 12.49 -41.77
C ILE A 614 35.36 13.44 -42.91
N LYS A 615 36.19 13.46 -43.95
CA LYS A 615 36.07 14.40 -45.06
C LYS A 615 35.89 13.60 -46.35
N PRO A 616 34.77 12.97 -46.55
CA PRO A 616 34.59 12.11 -47.72
C PRO A 616 34.74 12.84 -49.04
N ASN A 617 34.05 13.95 -49.19
CA ASN A 617 34.08 14.69 -50.43
C ASN A 617 35.28 15.64 -50.37
N HIS A 618 35.42 16.49 -51.38
CA HIS A 618 36.10 17.75 -51.16
C HIS A 618 35.13 18.86 -50.77
N ASN A 619 33.82 18.63 -50.92
CA ASN A 619 32.81 19.62 -50.56
C ASN A 619 32.23 19.41 -49.19
N SER A 620 32.60 18.37 -48.47
CA SER A 620 32.09 18.22 -47.13
C SER A 620 32.77 19.26 -46.26
N PRO A 621 32.06 20.25 -45.76
CA PRO A 621 32.72 21.36 -45.09
C PRO A 621 33.19 20.98 -43.70
N VAL A 622 33.92 19.89 -43.59
CA VAL A 622 34.49 19.46 -42.32
C VAL A 622 36.01 19.57 -42.43
N VAL A 623 36.58 20.48 -41.67
CA VAL A 623 38.01 20.60 -41.52
C VAL A 623 38.25 20.57 -40.02
N ILE A 624 39.11 19.68 -39.56
CA ILE A 624 39.38 19.53 -38.14
C ILE A 624 40.86 19.78 -37.92
N ASN A 625 41.26 19.69 -36.66
CA ASN A 625 42.63 19.46 -36.23
C ASN A 625 42.59 19.38 -34.72
N LEU A 626 43.61 18.76 -34.13
CA LEU A 626 43.48 18.29 -32.75
C LEU A 626 44.75 17.56 -32.35
N ASP A 627 44.95 17.43 -31.04
CA ASP A 627 45.84 16.43 -30.46
C ASP A 627 45.08 15.74 -29.35
N ALA A 628 45.53 14.56 -28.96
CA ALA A 628 44.87 13.81 -27.90
C ALA A 628 45.83 12.77 -27.35
N LYS A 629 45.35 12.03 -26.35
CA LYS A 629 46.06 10.88 -25.82
C LYS A 629 45.06 9.76 -25.65
N ASN A 630 45.20 8.70 -26.42
CA ASN A 630 44.40 7.55 -26.05
C ASN A 630 45.01 6.90 -24.82
N LYS A 631 44.33 5.92 -24.26
CA LYS A 631 44.88 5.29 -23.07
C LYS A 631 45.94 4.27 -23.48
N VAL A 632 46.57 3.68 -22.47
CA VAL A 632 47.83 2.95 -22.60
C VAL A 632 48.78 3.72 -23.51
N PHE A 633 48.83 5.03 -23.33
CA PHE A 633 49.90 5.83 -23.91
C PHE A 633 51.23 5.41 -23.31
N VAL A 634 52.25 5.34 -24.14
CA VAL A 634 53.57 4.89 -23.70
C VAL A 634 54.54 6.06 -23.85
N PRO A 635 55.10 6.57 -22.75
CA PRO A 635 56.07 7.65 -22.84
C PRO A 635 57.24 7.26 -23.74
N PRO A 636 57.64 8.15 -24.62
CA PRO A 636 58.71 7.82 -25.57
C PRO A 636 60.07 7.82 -24.91
N LYS A 637 61.12 7.74 -25.71
CA LYS A 637 62.42 8.17 -25.20
C LYS A 637 62.33 9.63 -24.79
N SER A 638 62.64 9.90 -23.52
CA SER A 638 62.42 11.24 -22.99
C SER A 638 63.21 12.32 -23.73
N LYS A 639 64.26 11.94 -24.45
CA LYS A 639 64.96 12.88 -25.30
C LYS A 639 64.02 13.48 -26.34
N SER A 640 63.13 12.67 -26.90
CA SER A 640 62.18 13.20 -27.86
C SER A 640 61.06 13.90 -27.10
N LEU A 641 60.96 15.21 -27.31
CA LEU A 641 59.92 15.97 -26.63
C LEU A 641 58.53 15.65 -27.15
N PRO A 642 58.26 15.68 -28.45
CA PRO A 642 56.91 15.33 -28.91
C PRO A 642 56.63 13.87 -28.65
N ASN A 643 55.47 13.64 -28.02
CA ASN A 643 55.07 12.29 -27.64
C ASN A 643 54.49 11.53 -28.81
N GLU A 644 54.20 12.23 -29.91
CA GLU A 644 53.68 11.60 -31.11
C GLU A 644 54.50 10.37 -31.50
N MET A 645 55.81 10.51 -31.59
CA MET A 645 56.71 9.37 -31.74
C MET A 645 56.82 8.73 -30.37
N SER A 646 56.63 7.43 -30.32
CA SER A 646 56.65 6.65 -29.09
C SER A 646 56.97 5.21 -29.43
N GLN A 647 57.07 4.37 -28.40
CA GLN A 647 57.22 2.94 -28.63
C GLN A 647 56.07 2.39 -29.46
N ASN A 648 54.86 2.91 -29.24
CA ASN A 648 53.74 2.51 -30.08
C ASN A 648 52.78 3.69 -30.19
N ASP A 649 52.15 3.82 -31.34
CA ASP A 649 50.99 4.71 -31.53
C ASP A 649 51.36 6.08 -30.98
N GLY A 650 50.51 6.67 -30.17
CA GLY A 650 50.90 7.92 -29.54
C GLY A 650 49.76 8.87 -29.27
N PHE A 651 50.10 10.15 -29.26
CA PHE A 651 49.10 11.17 -29.51
C PHE A 651 48.32 10.81 -30.77
N VAL A 652 47.02 11.06 -30.74
CA VAL A 652 46.31 11.18 -31.99
C VAL A 652 46.33 12.64 -32.35
N ILE A 653 47.10 13.01 -33.35
CA ILE A 653 47.13 14.38 -33.77
C ILE A 653 46.66 14.46 -35.21
N ILE A 654 45.61 15.24 -35.43
CA ILE A 654 44.93 15.32 -36.71
C ILE A 654 45.12 16.73 -37.22
N ARG A 655 45.36 16.86 -38.52
CA ARG A 655 45.53 18.16 -39.15
C ARG A 655 44.82 18.13 -40.48
N GLY A 656 44.18 19.23 -40.85
CA GLY A 656 43.48 19.29 -42.12
C GLY A 656 42.50 18.16 -42.31
N SER A 657 41.95 17.65 -41.21
CA SER A 657 41.06 16.49 -41.25
C SER A 657 41.73 15.30 -41.93
N GLN A 658 42.99 15.07 -41.61
CA GLN A 658 43.66 13.82 -41.90
C GLN A 658 44.24 13.31 -40.59
N ILE A 659 44.14 12.01 -40.36
CA ILE A 659 44.84 11.43 -39.22
C ILE A 659 46.32 11.34 -39.57
N LEU A 660 47.17 11.63 -38.60
CA LEU A 660 48.60 11.64 -38.81
C LEU A 660 49.30 10.58 -37.98
N SER A 661 49.18 10.65 -36.65
CA SER A 661 49.86 9.69 -35.80
C SER A 661 48.89 9.09 -34.80
N GLY A 662 49.15 7.82 -34.48
CA GLY A 662 48.48 7.14 -33.39
C GLY A 662 47.24 6.37 -33.79
N VAL A 663 46.87 5.39 -32.97
CA VAL A 663 45.61 4.69 -33.17
C VAL A 663 44.54 5.36 -32.33
N MET A 664 43.30 4.92 -32.50
CA MET A 664 42.22 5.75 -32.00
C MET A 664 41.60 5.17 -30.74
N ASP A 665 40.79 4.12 -30.88
CA ASP A 665 40.63 3.22 -29.75
C ASP A 665 40.02 3.87 -28.51
N LYS A 666 38.71 4.08 -28.54
CA LYS A 666 38.02 4.86 -27.52
C LYS A 666 38.68 6.22 -27.53
N SER A 667 38.89 6.87 -26.38
CA SER A 667 39.59 8.14 -26.38
C SER A 667 38.95 9.08 -27.39
N VAL A 668 39.70 9.35 -28.46
CA VAL A 668 39.30 10.27 -29.52
C VAL A 668 37.87 10.07 -30.03
N LEU A 669 37.46 8.85 -30.35
CA LEU A 669 36.03 8.69 -30.68
C LEU A 669 35.22 8.15 -29.52
N GLY A 670 35.82 8.04 -28.34
CA GLY A 670 35.41 7.10 -27.32
C GLY A 670 34.49 7.45 -26.18
N ASP A 671 33.58 8.43 -26.34
CA ASP A 671 32.56 8.58 -25.32
C ASP A 671 33.09 8.98 -23.95
N GLY A 672 33.34 10.26 -23.73
CA GLY A 672 33.68 10.68 -22.39
C GLY A 672 35.05 11.23 -22.10
N LYS A 673 35.77 11.70 -23.10
CA LYS A 673 36.79 12.70 -22.86
C LYS A 673 36.51 13.89 -23.77
N LYS A 674 36.64 15.09 -23.19
CA LYS A 674 36.36 16.34 -23.89
C LYS A 674 37.04 16.38 -25.26
N HIS A 675 38.38 16.33 -25.29
CA HIS A 675 39.08 16.15 -26.54
C HIS A 675 38.62 14.86 -27.16
N SER A 676 38.17 14.91 -28.41
CA SER A 676 37.51 13.78 -29.03
C SER A 676 37.16 14.15 -30.46
N VAL A 677 36.90 13.14 -31.29
CA VAL A 677 36.59 13.41 -32.69
C VAL A 677 35.11 13.72 -32.84
N PHE A 678 34.26 12.74 -32.56
CA PHE A 678 32.82 12.97 -32.65
C PHE A 678 32.37 14.07 -31.72
N TYR A 679 33.22 14.48 -30.79
CA TYR A 679 32.95 15.72 -30.09
C TYR A 679 33.33 16.92 -30.94
N THR A 680 34.63 17.05 -31.25
CA THR A 680 35.13 18.23 -31.96
C THR A 680 34.33 18.55 -33.21
N ILE A 681 34.04 17.54 -34.03
CA ILE A 681 33.23 17.76 -35.21
C ILE A 681 31.94 18.50 -34.85
N LEU A 682 31.28 18.06 -33.79
CA LEU A 682 30.07 18.74 -33.35
C LEU A 682 30.36 20.14 -32.84
N ARG A 683 31.31 20.27 -31.93
CA ARG A 683 31.62 21.57 -31.34
C ARG A 683 31.93 22.60 -32.43
N ASP A 684 32.40 22.14 -33.57
CA ASP A 684 32.69 22.99 -34.70
C ASP A 684 31.46 23.23 -35.57
N TYR A 685 31.00 22.20 -36.26
CA TYR A 685 30.10 22.36 -37.41
C TYR A 685 28.63 22.14 -37.08
N GLY A 686 28.29 21.86 -35.82
CA GLY A 686 26.92 21.61 -35.47
C GLY A 686 26.55 20.17 -35.70
N PRO A 687 25.47 19.71 -35.06
CA PRO A 687 25.21 18.26 -34.97
C PRO A 687 24.97 17.54 -36.28
N GLN A 688 24.15 18.10 -37.18
CA GLN A 688 23.73 17.35 -38.35
C GLN A 688 24.91 16.75 -39.08
N GLU A 689 26.06 17.39 -39.02
CA GLU A 689 27.25 16.77 -39.56
C GLU A 689 27.87 15.75 -38.63
N ALA A 690 27.93 16.05 -37.33
CA ALA A 690 28.47 15.07 -36.39
C ALA A 690 27.79 13.73 -36.54
N ALA A 691 26.50 13.65 -36.23
CA ALA A 691 25.77 12.40 -36.35
C ALA A 691 25.93 11.77 -37.73
N ASN A 692 26.14 12.59 -38.76
CA ASN A 692 26.45 12.03 -40.06
C ASN A 692 27.73 11.20 -39.98
N ALA A 693 28.79 11.78 -39.43
CA ALA A 693 30.01 11.01 -39.23
C ALA A 693 29.72 9.69 -38.56
N MET A 694 29.22 9.72 -37.32
CA MET A 694 28.93 8.49 -36.60
C MET A 694 28.09 7.50 -37.39
N ASN A 695 27.10 7.95 -38.15
CA ASN A 695 26.40 7.03 -39.04
C ASN A 695 27.39 6.29 -39.90
N ARG A 696 28.29 7.02 -40.56
CA ARG A 696 29.28 6.35 -41.38
C ARG A 696 30.18 5.43 -40.56
N MET A 697 30.60 5.87 -39.38
CA MET A 697 31.32 4.97 -38.48
C MET A 697 30.61 3.64 -38.36
N ALA A 698 29.39 3.63 -37.83
CA ALA A 698 28.62 2.41 -37.73
C ALA A 698 28.61 1.63 -39.02
N LYS A 699 28.09 2.19 -40.10
CA LYS A 699 27.97 1.42 -41.33
C LYS A 699 29.32 1.01 -41.89
N LEU A 700 30.43 1.48 -41.33
CA LEU A 700 31.74 0.94 -41.71
C LEU A 700 32.16 -0.19 -40.79
N CYS A 701 32.45 0.14 -39.52
CA CYS A 701 32.96 -0.86 -38.59
C CYS A 701 32.11 -2.11 -38.59
N ALA A 702 30.79 -1.95 -38.62
CA ALA A 702 29.90 -3.11 -38.68
C ALA A 702 30.27 -4.00 -39.85
N ARG A 703 30.01 -3.56 -41.07
CA ARG A 703 30.15 -4.40 -42.25
C ARG A 703 31.57 -4.87 -42.49
N PHE A 704 32.56 -4.10 -42.05
CA PHE A 704 33.94 -4.50 -42.24
C PHE A 704 34.39 -5.55 -41.24
N LEU A 705 33.98 -5.41 -39.97
CA LEU A 705 34.59 -6.21 -38.94
C LEU A 705 34.37 -7.70 -39.18
N GLY A 706 33.14 -8.08 -39.49
CA GLY A 706 32.92 -9.45 -39.91
C GLY A 706 33.70 -9.88 -41.13
N ASN A 707 33.66 -9.10 -42.21
CA ASN A 707 34.32 -9.45 -43.44
C ASN A 707 35.83 -9.60 -43.27
N ARG A 708 36.41 -9.06 -42.19
CA ARG A 708 37.78 -9.35 -41.80
C ARG A 708 37.84 -10.43 -40.72
N GLY A 709 37.20 -10.17 -39.59
CA GLY A 709 37.04 -11.17 -38.56
C GLY A 709 37.91 -10.95 -37.35
N PHE A 710 37.40 -11.36 -36.20
CA PHE A 710 38.10 -11.21 -34.93
C PHE A 710 37.52 -12.25 -33.98
N SER A 711 38.35 -12.80 -33.09
CA SER A 711 37.84 -13.80 -32.17
C SER A 711 38.81 -13.93 -30.99
N ILE A 712 38.46 -14.79 -30.04
CA ILE A 712 39.18 -14.85 -28.78
C ILE A 712 39.98 -16.13 -28.64
N GLY A 713 39.32 -17.24 -28.34
CA GLY A 713 39.98 -18.53 -28.23
C GLY A 713 40.62 -18.73 -26.86
N ILE A 714 40.92 -20.00 -26.56
CA ILE A 714 41.53 -20.36 -25.28
C ILE A 714 43.00 -19.94 -25.23
N ASN A 715 43.79 -20.30 -26.25
CA ASN A 715 45.22 -20.00 -26.22
C ASN A 715 45.46 -18.55 -25.89
N ASP A 716 44.50 -17.69 -26.20
CA ASP A 716 44.60 -16.28 -25.88
C ASP A 716 44.56 -16.05 -24.37
N VAL A 717 43.77 -16.85 -23.65
CA VAL A 717 43.81 -16.77 -22.19
C VAL A 717 44.81 -17.78 -21.64
N THR A 718 45.33 -18.66 -22.48
CA THR A 718 46.26 -19.67 -22.00
C THR A 718 47.60 -19.04 -21.63
N PRO A 719 48.06 -19.17 -20.39
CA PRO A 719 49.44 -18.80 -20.08
C PRO A 719 50.39 -19.81 -20.71
N ALA A 720 51.50 -19.30 -21.25
CA ALA A 720 52.50 -20.15 -21.90
C ALA A 720 53.85 -19.98 -21.22
N ASP A 721 54.29 -21.05 -20.55
CA ASP A 721 55.58 -21.10 -19.83
C ASP A 721 55.64 -19.86 -18.93
N ASP A 722 56.80 -19.20 -18.83
CA ASP A 722 56.86 -17.78 -18.51
C ASP A 722 55.99 -17.43 -17.32
N LEU A 723 54.87 -16.77 -17.59
CA LEU A 723 53.95 -16.31 -16.55
C LEU A 723 53.55 -17.44 -15.60
N LYS A 724 53.77 -18.70 -15.99
CA LYS A 724 53.75 -19.76 -14.98
C LYS A 724 54.98 -19.69 -14.07
N GLN A 725 56.18 -19.56 -14.66
CA GLN A 725 57.39 -19.46 -13.85
C GLN A 725 57.33 -18.26 -12.92
N LYS A 726 57.02 -17.08 -13.46
CA LYS A 726 56.83 -15.91 -12.61
C LYS A 726 55.61 -16.05 -11.71
N LYS A 727 54.57 -16.74 -12.18
CA LYS A 727 53.37 -16.93 -11.37
C LYS A 727 53.68 -17.66 -10.08
N GLU A 728 54.41 -18.77 -10.16
CA GLU A 728 54.73 -19.54 -8.96
C GLU A 728 55.59 -18.74 -7.99
N GLU A 729 56.74 -18.24 -8.45
CA GLU A 729 57.68 -17.54 -7.57
C GLU A 729 57.12 -16.24 -7.02
N LEU A 730 56.57 -15.38 -7.88
CA LEU A 730 56.03 -14.10 -7.41
C LEU A 730 54.93 -14.29 -6.36
N VAL A 731 54.24 -15.42 -6.36
CA VAL A 731 53.35 -15.72 -5.26
C VAL A 731 54.13 -16.29 -4.07
N GLU A 732 55.08 -17.18 -4.34
CA GLU A 732 55.87 -17.76 -3.26
C GLU A 732 56.75 -16.73 -2.56
N ILE A 733 57.17 -15.67 -3.26
CA ILE A 733 57.94 -14.63 -2.62
C ILE A 733 57.13 -13.97 -1.51
N ALA A 734 55.81 -13.88 -1.66
CA ALA A 734 54.94 -13.29 -0.65
C ALA A 734 54.64 -14.23 0.51
N TYR A 735 54.52 -15.53 0.26
CA TYR A 735 54.20 -16.47 1.33
C TYR A 735 55.23 -16.40 2.46
N HIS A 736 56.52 -16.34 2.11
CA HIS A 736 57.53 -16.29 3.16
C HIS A 736 57.74 -14.87 3.69
N LYS A 737 57.47 -13.85 2.87
CA LYS A 737 57.54 -12.48 3.38
C LYS A 737 56.51 -12.26 4.46
N CYS A 738 55.22 -12.44 4.14
CA CYS A 738 54.19 -12.21 5.15
C CYS A 738 54.19 -13.32 6.20
N ASP A 739 54.61 -14.52 5.81
CA ASP A 739 54.83 -15.58 6.79
C ASP A 739 55.84 -15.16 7.85
N GLU A 740 56.91 -14.48 7.42
CA GLU A 740 57.88 -13.95 8.36
C GLU A 740 57.25 -12.92 9.30
N LEU A 741 56.39 -12.06 8.76
CA LEU A 741 55.71 -11.06 9.58
C LEU A 741 54.77 -11.67 10.61
N ILE A 742 53.97 -12.65 10.22
CA ILE A 742 53.05 -13.26 11.17
C ILE A 742 53.77 -14.18 12.16
N THR A 743 54.82 -14.89 11.73
CA THR A 743 55.47 -15.83 12.63
C THR A 743 56.29 -15.13 13.71
N LEU A 744 56.73 -13.90 13.47
CA LEU A 744 57.42 -13.12 14.50
C LEU A 744 56.49 -12.20 15.27
N PHE A 745 55.23 -12.09 14.89
CA PHE A 745 54.26 -11.33 15.65
C PHE A 745 53.71 -12.11 16.84
N ASN A 746 53.57 -13.42 16.71
CA ASN A 746 53.02 -14.22 17.79
C ASN A 746 54.01 -14.46 18.92
N LYS A 747 55.24 -14.90 18.61
CA LYS A 747 56.24 -15.19 19.63
C LYS A 747 57.19 -14.01 19.86
N GLY A 748 56.95 -12.88 19.21
CA GLY A 748 57.75 -11.70 19.44
C GLY A 748 56.99 -10.46 19.04
N GLU A 749 57.64 -9.29 19.07
CA GLU A 749 57.00 -8.07 18.64
C GLU A 749 57.71 -7.57 17.39
N LEU A 750 57.17 -6.50 16.82
CA LEU A 750 57.58 -6.02 15.50
C LEU A 750 57.47 -4.50 15.46
N GLU A 751 57.61 -3.95 14.25
CA GLU A 751 57.39 -2.53 14.03
C GLU A 751 55.93 -2.32 13.64
N THR A 752 55.17 -1.66 14.50
CA THR A 752 53.77 -1.40 14.25
C THR A 752 53.62 -0.03 13.60
N GLN A 753 53.16 -0.01 12.36
CA GLN A 753 52.94 1.25 11.65
C GLN A 753 51.85 2.06 12.34
N PRO A 754 51.74 3.37 12.01
CA PRO A 754 50.73 4.20 12.68
C PRO A 754 49.31 3.77 12.39
N GLY A 755 49.00 2.51 12.73
CA GLY A 755 47.66 1.97 12.62
C GLY A 755 46.99 1.91 13.98
N CYS A 756 47.45 2.76 14.90
CA CYS A 756 47.02 2.74 16.30
C CYS A 756 47.35 1.37 16.86
N ASN A 757 46.37 0.55 17.24
CA ASN A 757 46.66 -0.70 17.92
C ASN A 757 47.34 -1.69 16.98
N GLU A 758 47.69 -2.85 17.52
CA GLU A 758 48.45 -3.84 16.76
C GLU A 758 47.53 -4.98 16.33
N GLU A 759 48.09 -5.93 15.58
CA GLU A 759 47.42 -7.04 14.92
C GLU A 759 46.66 -6.54 13.68
N GLN A 760 46.43 -5.23 13.60
CA GLN A 760 46.12 -4.62 12.31
C GLN A 760 47.37 -4.20 11.57
N THR A 761 48.50 -4.18 12.26
CA THR A 761 49.79 -3.94 11.62
C THR A 761 50.00 -4.94 10.48
N LEU A 762 50.13 -6.22 10.81
CA LEU A 762 50.28 -7.25 9.78
C LEU A 762 49.06 -7.35 8.89
N GLU A 763 47.93 -6.77 9.30
CA GLU A 763 46.76 -6.75 8.43
C GLU A 763 46.95 -5.79 7.26
N ALA A 764 47.31 -4.54 7.54
CA ALA A 764 47.66 -3.62 6.47
C ALA A 764 48.87 -4.11 5.68
N LYS A 765 49.85 -4.71 6.37
CA LYS A 765 50.99 -5.30 5.67
C LYS A 765 50.54 -6.33 4.65
N ILE A 766 49.78 -7.33 5.11
CA ILE A 766 49.39 -8.42 4.20
C ILE A 766 48.51 -7.89 3.07
N GLY A 767 47.60 -6.97 3.38
CA GLY A 767 46.75 -6.39 2.35
C GLY A 767 47.51 -5.62 1.30
N GLY A 768 48.51 -4.85 1.70
CA GLY A 768 49.32 -4.12 0.74
C GLY A 768 50.20 -5.04 -0.08
N LEU A 769 50.92 -5.93 0.60
CA LEU A 769 51.84 -6.84 -0.08
C LEU A 769 51.11 -7.68 -1.12
N LEU A 770 50.00 -8.31 -0.74
CA LEU A 770 49.32 -9.18 -1.69
C LEU A 770 48.73 -8.38 -2.85
N SER A 771 48.31 -7.14 -2.60
CA SER A 771 47.83 -6.30 -3.70
C SER A 771 48.96 -5.98 -4.68
N LYS A 772 50.12 -5.56 -4.17
CA LYS A 772 51.23 -5.24 -5.06
C LYS A 772 51.71 -6.47 -5.83
N VAL A 773 51.72 -7.63 -5.17
CA VAL A 773 52.08 -8.86 -5.86
C VAL A 773 51.09 -9.17 -6.97
N ARG A 774 49.79 -9.13 -6.65
CA ARG A 774 48.76 -9.44 -7.64
C ARG A 774 48.84 -8.51 -8.84
N GLU A 775 48.99 -7.22 -8.61
CA GLU A 775 49.16 -6.28 -9.72
C GLU A 775 50.45 -6.53 -10.49
N GLU A 776 51.54 -6.87 -9.78
CA GLU A 776 52.81 -7.10 -10.44
C GLU A 776 52.74 -8.31 -11.38
N VAL A 777 52.05 -9.37 -10.97
CA VAL A 777 51.92 -10.52 -11.85
C VAL A 777 51.07 -10.15 -13.06
N GLY A 778 50.12 -9.24 -12.89
CA GLY A 778 49.40 -8.70 -14.03
C GLY A 778 50.26 -7.87 -14.96
N ASP A 779 51.29 -7.21 -14.42
CA ASP A 779 52.21 -6.46 -15.27
C ASP A 779 52.93 -7.38 -16.25
N VAL A 780 53.56 -8.43 -15.74
CA VAL A 780 54.17 -9.41 -16.64
C VAL A 780 53.12 -10.21 -17.39
N CYS A 781 51.85 -10.12 -16.97
CA CYS A 781 50.79 -10.76 -17.74
C CYS A 781 50.46 -9.99 -19.00
N ILE A 782 50.31 -8.68 -18.91
CA ILE A 782 49.97 -7.86 -20.07
C ILE A 782 51.20 -7.58 -20.94
N ASN A 783 52.36 -7.37 -20.33
CA ASN A 783 53.54 -6.96 -21.08
C ASN A 783 54.07 -8.11 -21.92
N GLU A 784 54.32 -9.25 -21.28
CA GLU A 784 55.03 -10.34 -21.96
C GLU A 784 54.06 -11.26 -22.67
N LEU A 785 52.78 -10.93 -22.67
CA LEU A 785 51.79 -11.65 -23.44
C LEU A 785 52.06 -11.41 -24.92
N ASP A 786 51.65 -12.37 -25.75
CA ASP A 786 51.90 -12.27 -27.18
C ASP A 786 51.12 -11.11 -27.78
N ASN A 787 51.59 -10.63 -28.92
CA ASN A 787 50.87 -9.68 -29.73
C ASN A 787 49.64 -10.34 -30.37
N TRP A 788 48.69 -9.50 -30.79
CA TRP A 788 47.52 -9.93 -31.55
C TRP A 788 46.61 -10.91 -30.82
N ASN A 789 46.23 -10.64 -29.59
CA ASN A 789 45.29 -11.53 -28.95
C ASN A 789 44.32 -10.74 -28.08
N ALA A 790 43.10 -11.23 -28.00
CA ALA A 790 41.94 -10.35 -27.78
C ALA A 790 41.89 -9.72 -26.41
N PRO A 791 42.07 -10.44 -25.29
CA PRO A 791 42.19 -9.75 -24.01
C PRO A 791 43.24 -8.66 -24.00
N LEU A 792 44.15 -8.65 -24.97
CA LEU A 792 44.95 -7.46 -25.17
C LEU A 792 44.25 -6.44 -26.05
N ILE A 793 44.17 -6.68 -27.36
CA ILE A 793 43.70 -5.67 -28.30
C ILE A 793 42.39 -5.02 -27.85
N MET A 794 41.50 -5.77 -27.20
CA MET A 794 40.33 -5.14 -26.62
C MET A 794 40.68 -4.40 -25.34
N ALA A 795 40.95 -5.15 -24.27
CA ALA A 795 41.04 -4.55 -22.95
C ALA A 795 42.29 -3.69 -22.81
N THR A 796 43.42 -4.17 -23.34
CA THR A 796 44.63 -3.35 -23.32
C THR A 796 44.36 -1.98 -23.90
N CYS A 797 43.48 -1.91 -24.88
CA CYS A 797 43.23 -0.62 -25.50
C CYS A 797 41.75 -0.25 -25.48
N GLY A 798 40.96 -0.85 -26.36
CA GLY A 798 39.71 -0.19 -26.69
C GLY A 798 38.55 -0.13 -25.73
N SER A 799 37.92 -1.25 -25.42
CA SER A 799 36.56 -1.13 -24.93
C SER A 799 36.26 -1.95 -23.69
N LYS A 800 36.14 -3.26 -23.86
CA LYS A 800 35.58 -4.12 -22.82
C LYS A 800 36.71 -4.66 -21.97
N GLY A 801 36.46 -4.75 -20.66
CA GLY A 801 37.48 -5.20 -19.73
C GLY A 801 38.62 -4.21 -19.60
N SER A 802 39.62 -4.62 -18.83
CA SER A 802 40.82 -3.82 -18.64
C SER A 802 41.95 -4.76 -18.27
N THR A 803 43.15 -4.21 -18.09
CA THR A 803 44.32 -5.02 -17.80
C THR A 803 44.20 -5.77 -16.48
N LEU A 804 43.52 -5.19 -15.48
CA LEU A 804 43.26 -5.91 -14.25
C LEU A 804 42.38 -7.13 -14.51
N ASN A 805 41.38 -6.98 -15.37
CA ASN A 805 40.49 -8.08 -15.68
C ASN A 805 41.25 -9.24 -16.30
N VAL A 806 42.00 -8.99 -17.38
CA VAL A 806 42.79 -10.06 -17.99
C VAL A 806 43.82 -10.60 -17.03
N SER A 807 44.35 -9.76 -16.13
CA SER A 807 45.21 -10.26 -15.07
C SER A 807 44.50 -11.30 -14.22
N GLN A 808 43.22 -11.10 -13.89
CA GLN A 808 42.47 -12.10 -13.17
C GLN A 808 42.25 -13.39 -13.97
N MET A 809 42.21 -13.32 -15.29
CA MET A 809 42.09 -14.53 -16.08
C MET A 809 43.40 -15.32 -16.10
N VAL A 810 44.42 -14.80 -16.79
CA VAL A 810 45.59 -15.60 -17.11
C VAL A 810 46.53 -15.72 -15.93
N ALA A 811 46.83 -14.61 -15.27
CA ALA A 811 47.91 -14.60 -14.29
C ALA A 811 47.45 -15.17 -12.96
N VAL A 812 46.68 -14.39 -12.19
CA VAL A 812 46.20 -14.85 -10.90
C VAL A 812 45.01 -13.99 -10.51
N VAL A 813 44.18 -14.51 -9.62
CA VAL A 813 43.20 -13.73 -8.90
C VAL A 813 43.72 -13.59 -7.48
N GLY A 814 43.39 -12.50 -6.81
CA GLY A 814 43.84 -12.45 -5.43
C GLY A 814 43.00 -11.64 -4.48
N GLN A 815 43.05 -12.04 -3.21
CA GLN A 815 42.36 -11.35 -2.13
C GLN A 815 40.92 -10.99 -2.47
N GLN A 816 40.03 -11.98 -2.52
CA GLN A 816 38.61 -11.66 -2.50
C GLN A 816 38.42 -10.82 -1.25
N ILE A 817 37.91 -9.61 -1.44
CA ILE A 817 37.88 -8.63 -0.37
C ILE A 817 36.44 -8.20 -0.15
N ILE A 818 35.90 -8.53 1.02
CA ILE A 818 34.51 -8.21 1.35
C ILE A 818 34.51 -7.24 2.52
N SER A 819 33.63 -6.25 2.45
CA SER A 819 33.49 -5.24 3.50
C SER A 819 34.79 -4.48 3.74
N GLY A 820 35.66 -4.42 2.73
CA GLY A 820 36.87 -3.63 2.81
C GLY A 820 38.13 -4.38 3.19
N ASN A 821 38.03 -5.62 3.62
CA ASN A 821 39.20 -6.38 4.07
C ASN A 821 39.02 -7.85 3.74
N ARG A 822 39.85 -8.71 4.34
CA ARG A 822 39.76 -10.13 4.10
C ARG A 822 38.44 -10.64 4.66
N VAL A 823 38.14 -11.92 4.49
CA VAL A 823 36.85 -12.44 4.92
C VAL A 823 36.87 -12.63 6.43
N PRO A 824 35.91 -12.06 7.16
CA PRO A 824 35.88 -12.23 8.61
C PRO A 824 35.49 -13.65 8.99
N ASP A 825 35.71 -13.98 10.26
CA ASP A 825 35.35 -15.30 10.76
C ASP A 825 33.83 -15.41 10.82
N GLY A 826 33.29 -16.36 10.06
CA GLY A 826 31.99 -16.90 10.41
C GLY A 826 32.10 -17.94 11.51
N PHE A 827 33.11 -18.79 11.42
CA PHE A 827 33.43 -19.79 12.42
C PHE A 827 34.31 -19.22 13.53
N GLN A 828 34.86 -20.10 14.36
CA GLN A 828 35.70 -19.70 15.49
C GLN A 828 37.17 -19.98 15.15
N ASP A 829 37.98 -18.92 15.18
CA ASP A 829 39.43 -19.02 14.98
C ASP A 829 39.76 -19.63 13.61
N ARG A 830 38.79 -19.58 12.70
CA ARG A 830 38.99 -20.15 11.37
C ARG A 830 37.92 -19.60 10.45
N SER A 831 38.16 -19.73 9.15
CA SER A 831 37.18 -19.35 8.15
C SER A 831 36.27 -20.53 7.80
N LEU A 832 36.84 -21.58 7.24
CA LEU A 832 36.17 -22.76 6.71
C LEU A 832 36.61 -24.02 7.44
N PRO A 833 35.84 -25.11 7.32
CA PRO A 833 36.24 -26.37 7.98
C PRO A 833 37.57 -26.93 7.52
N HIS A 834 38.10 -26.46 6.39
CA HIS A 834 39.26 -27.11 5.79
C HIS A 834 40.58 -26.58 6.31
N PHE A 835 40.59 -25.66 7.27
CA PHE A 835 41.82 -25.02 7.70
C PHE A 835 42.08 -25.28 9.17
N PRO A 836 43.34 -25.40 9.58
CA PRO A 836 43.64 -25.56 11.00
C PRO A 836 43.27 -24.32 11.79
N LYS A 837 43.43 -24.37 13.11
CA LYS A 837 43.08 -23.23 13.94
C LYS A 837 44.28 -22.29 14.06
N ASN A 838 43.97 -20.99 14.09
CA ASN A 838 44.99 -19.93 14.10
C ASN A 838 45.89 -20.02 12.88
N SER A 839 45.27 -20.05 11.70
CA SER A 839 46.00 -19.92 10.45
C SER A 839 45.79 -18.51 9.91
N LYS A 840 46.82 -17.68 9.99
CA LYS A 840 46.79 -16.34 9.42
C LYS A 840 47.39 -16.27 8.03
N THR A 841 47.89 -17.40 7.51
CA THR A 841 48.44 -17.45 6.17
C THR A 841 47.39 -17.01 5.15
N PRO A 842 47.81 -16.54 3.98
CA PRO A 842 46.83 -16.34 2.90
C PRO A 842 46.23 -17.68 2.50
N GLN A 843 45.25 -17.65 1.59
CA GLN A 843 44.42 -18.79 1.24
C GLN A 843 43.55 -19.24 2.41
N SER A 844 43.86 -18.80 3.64
CA SER A 844 42.99 -19.01 4.78
C SER A 844 41.87 -17.99 4.90
N LYS A 845 42.09 -16.74 4.49
CA LYS A 845 41.03 -15.75 4.40
C LYS A 845 41.01 -15.19 2.98
N GLY A 846 39.95 -15.51 2.25
CA GLY A 846 39.59 -14.84 1.02
C GLY A 846 40.70 -14.60 0.01
N PHE A 847 41.66 -15.51 -0.10
CA PHE A 847 42.72 -15.37 -1.08
C PHE A 847 42.76 -16.60 -1.97
N VAL A 848 43.28 -16.41 -3.18
CA VAL A 848 43.37 -17.44 -4.21
C VAL A 848 44.71 -17.31 -4.92
N ARG A 849 45.40 -18.44 -5.08
CA ARG A 849 46.62 -18.45 -5.87
C ARG A 849 46.42 -18.97 -7.28
N ASN A 850 45.21 -19.35 -7.66
CA ASN A 850 44.95 -20.00 -8.94
C ASN A 850 44.22 -19.04 -9.87
N SER A 851 44.61 -19.06 -11.14
CA SER A 851 43.88 -18.32 -12.15
C SER A 851 42.51 -18.94 -12.38
N PHE A 852 41.58 -18.17 -12.94
CA PHE A 852 40.34 -18.78 -13.41
C PHE A 852 40.60 -19.88 -14.40
N PHE A 853 41.70 -19.80 -15.15
CA PHE A 853 42.05 -20.79 -16.14
C PHE A 853 42.53 -22.09 -15.51
N SER A 854 43.36 -22.00 -14.47
CA SER A 854 43.85 -23.21 -13.81
C SER A 854 42.78 -23.88 -12.96
N GLY A 855 41.62 -23.27 -12.79
CA GLY A 855 40.61 -23.81 -11.90
C GLY A 855 40.74 -23.26 -10.51
N LEU A 856 39.87 -23.67 -9.60
CA LEU A 856 39.90 -23.20 -8.23
C LEU A 856 39.90 -24.37 -7.26
N SER A 857 40.30 -24.12 -6.03
CA SER A 857 40.03 -25.06 -4.95
C SER A 857 38.74 -24.68 -4.25
N PRO A 858 38.06 -25.63 -3.62
CA PRO A 858 36.82 -25.31 -2.91
C PRO A 858 36.99 -24.18 -1.91
N PRO A 859 38.05 -24.18 -1.10
CA PRO A 859 38.18 -23.07 -0.12
C PRO A 859 38.20 -21.70 -0.78
N GLU A 860 38.93 -21.57 -1.88
CA GLU A 860 38.97 -20.29 -2.57
C GLU A 860 37.74 -20.07 -3.43
N PHE A 861 37.08 -21.15 -3.87
CA PHE A 861 35.85 -20.98 -4.63
C PHE A 861 34.75 -20.38 -3.77
N LEU A 862 34.53 -20.95 -2.58
CA LEU A 862 33.52 -20.40 -1.70
C LEU A 862 33.80 -18.93 -1.40
N PHE A 863 35.07 -18.57 -1.26
CA PHE A 863 35.43 -17.16 -1.09
C PHE A 863 35.04 -16.34 -2.31
N HIS A 864 35.43 -16.80 -3.50
CA HIS A 864 35.10 -16.05 -4.70
C HIS A 864 33.61 -16.02 -4.97
N ALA A 865 32.84 -16.82 -4.25
CA ALA A 865 31.39 -16.78 -4.28
C ALA A 865 30.83 -15.79 -3.29
N ILE A 866 31.70 -15.03 -2.63
CA ILE A 866 31.29 -14.01 -1.68
C ILE A 866 31.49 -12.61 -2.24
N SER A 867 32.72 -12.23 -2.58
CA SER A 867 33.01 -10.84 -2.95
C SER A 867 32.03 -10.31 -3.99
N GLY A 868 31.94 -10.98 -5.14
CA GLY A 868 30.99 -10.56 -6.16
C GLY A 868 29.56 -10.47 -5.67
N ARG A 869 29.22 -11.26 -4.67
CA ARG A 869 27.89 -11.20 -4.06
C ARG A 869 27.70 -10.01 -3.14
N GLU A 870 28.66 -9.73 -2.25
CA GLU A 870 28.61 -8.52 -1.44
C GLU A 870 28.48 -7.28 -2.32
N GLY A 871 29.12 -7.30 -3.50
CA GLY A 871 28.82 -6.26 -4.47
C GLY A 871 27.37 -6.24 -4.93
N LEU A 872 26.79 -7.42 -5.19
CA LEU A 872 25.43 -7.50 -5.67
C LEU A 872 24.43 -6.93 -4.66
N VAL A 873 24.53 -7.35 -3.39
CA VAL A 873 23.67 -6.75 -2.38
C VAL A 873 23.98 -5.26 -2.21
N ASP A 874 25.27 -4.90 -2.19
CA ASP A 874 25.67 -3.51 -2.03
C ASP A 874 25.01 -2.60 -3.06
N THR A 875 24.80 -3.09 -4.27
CA THR A 875 23.95 -2.41 -5.23
C THR A 875 22.47 -2.48 -4.86
N ALA A 876 21.97 -3.69 -4.62
CA ALA A 876 20.53 -3.93 -4.54
C ALA A 876 19.88 -3.09 -3.44
N VAL A 877 20.46 -3.06 -2.24
CA VAL A 877 19.78 -2.37 -1.15
C VAL A 877 19.87 -0.85 -1.33
N LYS A 878 21.01 -0.35 -1.81
CA LYS A 878 21.25 1.09 -1.79
C LYS A 878 20.57 1.83 -2.93
N THR A 879 20.54 1.25 -4.15
CA THR A 879 19.92 1.96 -5.27
C THR A 879 18.51 2.42 -4.97
N ALA A 880 17.74 1.61 -4.22
CA ALA A 880 16.42 2.03 -3.78
C ALA A 880 16.47 3.30 -2.93
N GLU A 881 17.58 3.54 -2.25
CA GLU A 881 17.73 4.82 -1.58
C GLU A 881 18.12 5.92 -2.55
N THR A 882 18.98 5.62 -3.53
CA THR A 882 19.40 6.65 -4.47
C THR A 882 18.21 7.25 -5.23
N GLY A 883 17.28 6.40 -5.67
CA GLY A 883 16.09 6.94 -6.32
C GLY A 883 15.40 8.01 -5.49
N TYR A 884 15.07 7.70 -4.24
CA TYR A 884 14.53 8.70 -3.33
C TYR A 884 15.43 9.91 -3.22
N MET A 885 16.75 9.71 -3.20
CA MET A 885 17.68 10.83 -3.19
C MET A 885 17.40 11.80 -4.32
N SER A 886 17.40 11.33 -5.56
CA SER A 886 17.13 12.24 -6.67
C SER A 886 15.74 12.84 -6.58
N ARG A 887 14.71 12.01 -6.40
CA ARG A 887 13.35 12.51 -6.40
C ARG A 887 13.16 13.65 -5.41
N ARG A 888 13.62 13.49 -4.17
CA ARG A 888 13.42 14.57 -3.22
C ARG A 888 14.36 15.72 -3.50
N LEU A 889 15.57 15.42 -3.96
CA LEU A 889 16.50 16.50 -4.26
C LEU A 889 15.90 17.44 -5.29
N MET A 890 14.98 16.93 -6.10
CA MET A 890 14.29 17.80 -7.03
C MET A 890 13.35 18.75 -6.31
N LYS A 891 12.48 18.21 -5.46
CA LYS A 891 11.28 18.95 -5.06
C LYS A 891 11.59 20.34 -4.51
N SER A 892 12.69 20.49 -3.79
CA SER A 892 13.14 21.81 -3.42
C SER A 892 13.75 22.55 -4.59
N LEU A 893 14.45 21.84 -5.48
CA LEU A 893 15.14 22.49 -6.58
C LEU A 893 14.32 22.44 -7.87
N GLU A 894 13.10 21.89 -7.85
CA GLU A 894 12.40 21.48 -9.06
C GLU A 894 12.14 22.63 -10.01
N ASP A 895 11.52 23.71 -9.55
CA ASP A 895 11.33 24.85 -10.43
C ASP A 895 12.35 25.91 -10.04
N LEU A 896 13.39 26.03 -10.86
CA LEU A 896 14.30 27.14 -10.74
C LEU A 896 14.68 27.54 -12.15
N SER A 897 14.34 28.75 -12.56
CA SER A 897 14.44 29.11 -13.96
C SER A 897 15.43 30.23 -14.16
N CYS A 898 16.03 30.25 -15.34
CA CYS A 898 16.85 31.38 -15.77
C CYS A 898 16.00 32.33 -16.58
N GLN A 899 15.72 33.49 -16.00
CA GLN A 899 14.92 34.51 -16.65
C GLN A 899 15.77 35.23 -17.69
N TYR A 900 15.23 36.30 -18.25
CA TYR A 900 15.96 37.01 -19.29
C TYR A 900 16.90 38.06 -18.75
N ASP A 901 17.01 38.19 -17.43
CA ASP A 901 18.04 39.02 -16.82
C ASP A 901 19.31 38.24 -16.57
N ASN A 902 19.35 36.98 -16.97
CA ASN A 902 20.37 36.04 -16.51
C ASN A 902 20.38 35.96 -14.99
N THR A 903 19.23 36.21 -14.36
CA THR A 903 19.09 36.08 -12.92
C THR A 903 18.16 34.92 -12.63
N VAL A 904 18.72 33.83 -12.14
CA VAL A 904 17.96 32.60 -11.96
C VAL A 904 17.05 32.76 -10.76
N ARG A 905 15.77 32.48 -10.94
CA ARG A 905 14.77 32.86 -9.96
C ARG A 905 13.81 31.71 -9.68
N THR A 906 13.03 31.87 -8.63
CA THR A 906 12.16 30.81 -8.16
C THR A 906 10.85 30.75 -8.92
N SER A 907 9.93 29.94 -8.41
CA SER A 907 8.56 29.90 -8.89
C SER A 907 7.86 31.21 -8.59
N ALA A 908 8.02 31.68 -7.36
CA ALA A 908 7.26 32.81 -6.83
C ALA A 908 7.91 34.13 -7.25
N ASN A 909 8.94 33.99 -8.09
CA ASN A 909 9.69 35.13 -8.60
C ASN A 909 10.46 35.82 -7.48
N GLY A 910 11.04 35.01 -6.59
CA GLY A 910 12.09 35.51 -5.73
C GLY A 910 13.38 35.43 -6.51
N ILE A 911 14.53 35.62 -5.87
CA ILE A 911 15.78 35.47 -6.57
C ILE A 911 16.76 34.67 -5.73
N VAL A 912 17.15 33.50 -6.23
CA VAL A 912 18.14 32.70 -5.54
C VAL A 912 19.56 33.12 -5.90
N GLN A 913 19.76 33.77 -7.04
CA GLN A 913 21.12 34.05 -7.46
C GLN A 913 21.06 35.18 -8.48
N PHE A 914 22.16 35.90 -8.64
CA PHE A 914 22.10 37.06 -9.52
C PHE A 914 22.61 36.73 -10.90
N THR A 915 23.90 36.47 -11.04
CA THR A 915 24.35 35.81 -12.25
C THR A 915 24.27 34.32 -12.04
N TYR A 916 24.71 33.54 -13.01
CA TYR A 916 24.72 32.10 -12.82
C TYR A 916 26.13 31.65 -12.47
N GLY A 917 26.27 31.08 -11.28
CA GLY A 917 27.55 30.60 -10.82
C GLY A 917 28.68 31.57 -10.99
N GLY A 918 28.44 32.86 -10.75
CA GLY A 918 29.45 33.87 -11.00
C GLY A 918 29.87 33.95 -12.44
N ASP A 919 29.11 33.33 -13.33
CA ASP A 919 29.60 33.09 -14.68
C ASP A 919 28.59 33.55 -15.71
N GLY A 920 27.42 32.89 -15.71
CA GLY A 920 26.44 33.14 -16.74
C GLY A 920 26.56 32.18 -17.89
N LEU A 921 27.36 31.14 -17.74
CA LEU A 921 27.69 30.24 -18.84
C LEU A 921 27.14 28.85 -18.57
N ASP A 922 26.29 28.39 -19.48
CA ASP A 922 25.66 27.07 -19.39
C ASP A 922 26.74 25.99 -19.34
N PRO A 923 26.77 25.17 -18.29
CA PRO A 923 27.82 24.14 -18.21
C PRO A 923 27.80 23.17 -19.37
N LEU A 924 26.66 22.99 -20.03
CA LEU A 924 26.60 22.02 -21.12
C LEU A 924 27.58 22.34 -22.22
N GLU A 925 27.37 23.42 -22.97
CA GLU A 925 28.18 23.65 -24.15
C GLU A 925 29.51 24.29 -23.79
N MET A 926 29.73 24.52 -22.50
CA MET A 926 31.02 24.93 -21.99
C MET A 926 32.06 23.86 -22.31
N GLU A 927 33.15 24.26 -22.95
CA GLU A 927 34.14 23.32 -23.43
C GLU A 927 35.17 23.08 -22.34
N GLY A 928 36.29 22.45 -22.66
CA GLY A 928 37.18 21.84 -21.68
C GLY A 928 37.59 22.64 -20.47
N ASN A 929 37.62 21.96 -19.33
CA ASN A 929 38.11 22.49 -18.05
C ASN A 929 37.28 23.66 -17.54
N ALA A 930 36.04 23.76 -17.99
CA ALA A 930 35.07 24.73 -17.48
C ALA A 930 35.47 26.19 -17.74
N GLN A 931 36.25 26.46 -18.78
CA GLN A 931 36.42 27.82 -19.29
C GLN A 931 36.23 27.72 -20.79
N PRO A 932 35.07 27.93 -21.29
CA PRO A 932 34.66 27.41 -22.60
C PRO A 932 35.44 27.98 -23.79
N VAL A 933 36.74 27.75 -23.81
CA VAL A 933 37.52 27.93 -25.03
C VAL A 933 38.43 26.73 -25.21
N ASN A 934 39.32 26.51 -24.24
CA ASN A 934 40.47 25.64 -24.40
C ASN A 934 41.34 26.20 -25.51
N PHE A 935 42.00 27.32 -25.22
CA PHE A 935 42.86 28.02 -26.16
C PHE A 935 43.84 27.10 -26.85
N ASN A 936 44.31 26.07 -26.16
CA ASN A 936 45.28 25.17 -26.74
C ASN A 936 44.84 24.72 -28.12
N ARG A 937 43.73 23.99 -28.19
CA ARG A 937 43.29 23.48 -29.50
C ARG A 937 42.89 24.61 -30.45
N SER A 938 42.13 25.60 -29.99
CA SER A 938 41.58 26.56 -30.93
C SER A 938 42.68 27.35 -31.61
N TRP A 939 43.80 27.57 -30.92
CA TRP A 939 44.93 28.17 -31.59
C TRP A 939 45.34 27.38 -32.81
N ASP A 940 45.38 26.05 -32.69
CA ASP A 940 45.58 25.24 -33.88
C ASP A 940 44.44 25.42 -34.86
N HIS A 941 43.19 25.19 -34.41
CA HIS A 941 42.07 25.16 -35.33
C HIS A 941 42.00 26.42 -36.17
N ALA A 942 42.48 27.53 -35.64
CA ALA A 942 42.70 28.71 -36.44
C ALA A 942 43.83 28.51 -37.42
N TYR A 943 44.98 28.08 -36.94
CA TYR A 943 46.21 28.04 -37.72
C TYR A 943 46.06 27.29 -39.03
N ASN A 944 45.90 25.97 -39.00
CA ASN A 944 45.95 25.22 -40.24
C ASN A 944 44.79 25.53 -41.17
N ILE A 945 43.78 26.26 -40.69
CA ILE A 945 42.80 26.81 -41.62
C ILE A 945 43.37 28.03 -42.32
N THR A 946 43.66 29.08 -41.55
CA THR A 946 44.26 30.30 -42.07
C THR A 946 45.67 30.07 -42.60
N PHE A 947 46.22 28.88 -42.39
CA PHE A 947 47.57 28.58 -42.85
C PHE A 947 47.68 28.91 -44.33
N ASN A 948 48.76 29.59 -44.69
CA ASN A 948 49.09 29.84 -46.08
C ASN A 948 50.59 29.74 -46.25
N ASN A 949 51.02 28.92 -47.21
CA ASN A 949 52.42 28.90 -47.55
C ASN A 949 52.77 30.16 -48.34
N GLN A 950 54.01 30.61 -48.19
CA GLN A 950 54.56 31.66 -49.04
C GLN A 950 53.82 32.99 -48.82
N ASP A 951 53.29 33.18 -47.62
CA ASP A 951 52.62 34.44 -47.28
C ASP A 951 53.09 34.93 -45.92
N LYS A 952 53.86 36.03 -45.94
CA LYS A 952 54.12 36.89 -44.79
C LYS A 952 54.36 36.13 -43.50
N GLY A 953 53.60 36.47 -42.47
CA GLY A 953 53.54 35.64 -41.29
C GLY A 953 54.49 36.01 -40.18
N LEU A 954 55.16 37.16 -40.25
CA LEU A 954 56.00 37.62 -39.15
C LEU A 954 55.55 39.03 -38.77
N LEU A 955 54.92 39.15 -37.60
CA LEU A 955 54.48 40.44 -37.09
C LEU A 955 54.53 40.43 -35.57
N PRO A 956 55.73 40.25 -34.99
CA PRO A 956 55.82 39.85 -33.58
C PRO A 956 55.21 40.84 -32.60
N TYR A 957 55.52 42.13 -32.69
CA TYR A 957 54.82 43.08 -31.84
C TYR A 957 53.46 43.43 -32.38
N ALA A 958 53.32 43.47 -33.71
CA ALA A 958 52.04 43.73 -34.33
C ALA A 958 50.97 42.72 -33.95
N ILE A 959 51.38 41.54 -33.48
CA ILE A 959 50.45 40.63 -32.82
C ILE A 959 49.69 41.38 -31.74
N MET A 960 50.42 42.10 -30.89
CA MET A 960 49.75 42.87 -29.85
C MET A 960 48.90 43.98 -30.45
N GLU A 961 49.34 44.55 -31.57
CA GLU A 961 48.52 45.52 -32.27
C GLU A 961 47.15 44.97 -32.58
N THR A 962 47.10 43.94 -33.44
CA THR A 962 45.84 43.31 -33.80
C THR A 962 45.06 42.81 -32.59
N ALA A 963 45.74 42.21 -31.63
CA ALA A 963 45.06 41.77 -30.41
C ALA A 963 44.32 42.93 -29.75
N ASN A 964 45.07 43.90 -29.22
CA ASN A 964 44.44 45.08 -28.63
C ASN A 964 43.53 45.80 -29.61
N GLU A 965 43.74 45.63 -30.91
CA GLU A 965 42.78 46.16 -31.87
C GLU A 965 41.39 45.60 -31.66
N ILE A 966 41.25 44.31 -31.37
CA ILE A 966 39.95 43.70 -31.11
C ILE A 966 39.46 44.05 -29.71
N LEU A 967 40.31 43.82 -28.71
CA LEU A 967 39.85 43.91 -27.34
C LEU A 967 39.56 45.34 -26.92
N GLY A 968 40.20 46.31 -27.57
CA GLY A 968 39.98 47.70 -27.26
C GLY A 968 38.51 48.03 -27.33
N PRO A 969 37.90 47.82 -28.49
CA PRO A 969 36.46 48.00 -28.57
C PRO A 969 35.71 46.76 -28.08
N LEU A 970 36.15 46.23 -26.94
CA LEU A 970 35.35 45.32 -26.13
C LEU A 970 35.48 45.74 -24.68
N GLU A 971 36.72 45.66 -24.19
CA GLU A 971 37.04 46.01 -22.81
C GLU A 971 36.34 47.29 -22.39
N GLU A 972 36.71 48.42 -23.00
CA GLU A 972 36.10 49.68 -22.63
C GLU A 972 34.61 49.74 -22.92
N ARG A 973 34.11 48.97 -23.89
CA ARG A 973 32.67 48.94 -24.12
C ARG A 973 31.93 48.30 -22.96
N LEU A 974 32.65 47.61 -22.08
CA LEU A 974 32.03 47.09 -20.87
C LEU A 974 31.94 48.15 -19.79
N VAL A 975 32.83 49.14 -19.83
CA VAL A 975 33.04 50.21 -18.84
C VAL A 975 33.03 49.66 -17.43
N ARG A 976 32.59 50.48 -16.48
CA ARG A 976 32.26 50.11 -15.11
C ARG A 976 31.30 51.17 -14.59
N TYR A 977 30.47 50.79 -13.63
CA TYR A 977 29.62 51.75 -12.92
C TYR A 977 29.87 51.57 -11.43
N ASP A 978 30.31 52.63 -10.77
CA ASP A 978 30.66 52.54 -9.36
C ASP A 978 29.40 52.55 -8.52
N ASN A 979 29.17 51.45 -7.80
CA ASN A 979 28.16 51.41 -6.76
C ASN A 979 26.86 51.98 -7.30
N SER A 980 26.44 53.14 -6.80
CA SER A 980 25.26 53.81 -7.30
C SER A 980 25.65 54.85 -8.33
N GLY A 981 25.29 54.61 -9.59
CA GLY A 981 25.20 55.63 -10.62
C GLY A 981 26.39 56.56 -10.76
N CYS A 982 27.60 56.02 -10.75
CA CYS A 982 28.80 56.83 -10.97
C CYS A 982 29.85 56.00 -11.66
N LEU A 983 30.79 56.69 -12.31
CA LEU A 983 31.93 56.04 -12.94
C LEU A 983 33.15 56.23 -12.07
N VAL A 984 33.61 55.16 -11.44
CA VAL A 984 34.85 55.19 -10.69
C VAL A 984 36.01 55.18 -11.68
N LYS A 985 37.04 55.97 -11.40
CA LYS A 985 38.16 56.11 -12.32
C LYS A 985 39.49 55.89 -11.58
N ARG A 986 40.16 54.79 -11.91
CA ARG A 986 41.58 54.59 -11.64
C ARG A 986 41.91 54.73 -10.16
N GLU A 987 40.91 54.53 -9.31
CA GLU A 987 41.12 54.50 -7.87
C GLU A 987 40.96 53.10 -7.30
N ASP A 988 39.72 52.63 -7.17
CA ASP A 988 39.45 51.23 -6.96
C ASP A 988 38.90 50.69 -8.28
N LEU A 989 39.74 49.96 -9.00
CA LEU A 989 39.35 49.20 -10.18
C LEU A 989 39.92 47.80 -10.17
N ASN A 990 41.24 47.68 -10.32
CA ASN A 990 41.93 46.43 -10.02
C ASN A 990 41.86 46.09 -8.54
N LYS A 991 42.04 47.08 -7.66
CA LYS A 991 41.79 46.85 -6.24
C LYS A 991 40.39 46.31 -6.01
N ALA A 992 39.40 46.83 -6.73
CA ALA A 992 38.15 46.13 -6.99
C ALA A 992 37.41 45.78 -5.69
N GLU A 993 36.89 46.81 -5.03
CA GLU A 993 35.79 46.60 -4.11
C GLU A 993 34.43 46.87 -4.72
N TYR A 994 34.37 47.42 -5.93
CA TYR A 994 33.11 47.69 -6.61
C TYR A 994 32.59 46.50 -7.42
N VAL A 995 33.44 45.79 -8.15
CA VAL A 995 33.09 44.56 -8.88
C VAL A 995 31.80 44.79 -9.66
N ASP A 996 30.68 44.22 -9.18
CA ASP A 996 29.40 44.28 -9.87
C ASP A 996 29.45 43.51 -11.19
N GLN A 997 29.56 42.20 -11.05
CA GLN A 997 29.53 41.20 -12.11
C GLN A 997 30.42 41.59 -13.28
N TYR A 998 30.08 41.13 -14.49
CA TYR A 998 30.84 41.43 -15.69
C TYR A 998 32.30 41.00 -15.57
N ASP A 999 32.74 40.67 -14.36
CA ASP A 999 34.17 40.46 -14.11
C ASP A 999 34.63 39.10 -14.60
N ALA A 1000 33.71 38.14 -14.72
CA ALA A 1000 34.06 36.93 -15.43
C ALA A 1000 34.43 37.25 -16.86
N GLU A 1001 33.79 38.26 -17.45
CA GLU A 1001 34.10 38.60 -18.83
C GLU A 1001 35.36 39.47 -18.92
N ARG A 1002 35.50 40.44 -18.02
CA ARG A 1002 36.77 41.15 -17.94
C ARG A 1002 37.92 40.18 -17.81
N ASP A 1003 37.78 39.18 -16.94
CA ASP A 1003 38.74 38.10 -16.90
C ASP A 1003 38.90 37.45 -18.27
N PHE A 1004 37.85 36.80 -18.77
CA PHE A 1004 37.98 35.99 -19.97
C PHE A 1004 38.71 36.74 -21.08
N TYR A 1005 38.33 37.98 -21.33
CA TYR A 1005 39.11 38.84 -22.21
C TYR A 1005 40.56 38.93 -21.75
N HIS A 1006 40.77 39.45 -20.54
CA HIS A 1006 42.11 39.67 -20.01
C HIS A 1006 43.01 38.46 -20.19
N SER A 1007 42.55 37.31 -19.69
CA SER A 1007 43.20 36.02 -19.92
C SER A 1007 43.53 35.82 -21.39
N LEU A 1008 42.52 35.82 -22.26
CA LEU A 1008 42.78 35.60 -23.69
C LEU A 1008 43.94 36.46 -24.18
N ARG A 1009 43.91 37.75 -23.88
CA ARG A 1009 44.99 38.64 -24.30
C ARG A 1009 46.32 38.16 -23.75
N GLU A 1010 46.38 37.85 -22.45
CA GLU A 1010 47.63 37.40 -21.85
C GLU A 1010 48.13 36.11 -22.50
N TYR A 1011 47.21 35.28 -22.97
CA TYR A 1011 47.60 34.08 -23.69
C TYR A 1011 48.29 34.44 -25.00
N ILE A 1012 47.64 35.27 -25.83
CA ILE A 1012 48.26 35.67 -27.08
C ILE A 1012 49.62 36.31 -26.82
N ASN A 1013 49.68 37.22 -25.85
CA ASN A 1013 50.96 37.81 -25.48
C ASN A 1013 51.99 36.73 -25.18
N GLY A 1014 51.73 35.90 -24.18
CA GLY A 1014 52.63 34.82 -23.83
C GLY A 1014 53.07 33.97 -24.99
N LYS A 1015 52.22 33.84 -26.02
CA LYS A 1015 52.69 33.13 -27.20
C LYS A 1015 53.63 33.98 -28.05
N ALA A 1016 53.28 35.25 -28.28
CA ALA A 1016 54.13 36.12 -29.08
C ALA A 1016 55.52 36.26 -28.48
N THR A 1017 55.60 36.48 -27.17
CA THR A 1017 56.89 36.64 -26.52
C THR A 1017 57.78 35.43 -26.72
N ALA A 1018 57.20 34.24 -26.93
CA ALA A 1018 58.03 33.09 -27.27
C ALA A 1018 58.61 33.24 -28.67
N LEU A 1019 57.77 33.59 -29.64
CA LEU A 1019 58.28 33.90 -30.97
C LEU A 1019 59.46 34.87 -30.91
N ALA A 1020 59.31 35.96 -30.16
CA ALA A 1020 60.42 36.89 -30.01
C ALA A 1020 61.60 36.23 -29.33
N ASN A 1021 61.34 35.38 -28.32
CA ASN A 1021 62.43 34.72 -27.60
C ASN A 1021 63.31 33.92 -28.55
N LEU A 1022 62.71 33.10 -29.40
CA LEU A 1022 63.54 32.43 -30.39
C LEU A 1022 64.16 33.40 -31.37
N ARG A 1023 63.38 34.33 -31.91
CA ARG A 1023 63.89 35.26 -32.90
C ARG A 1023 65.20 35.89 -32.45
N LYS A 1024 65.25 36.42 -31.22
CA LYS A 1024 66.52 36.94 -30.73
C LYS A 1024 67.55 35.84 -30.53
N SER A 1025 67.22 34.76 -29.81
CA SER A 1025 68.20 33.71 -29.54
C SER A 1025 68.64 33.01 -30.81
N ARG A 1026 67.92 33.21 -31.91
CA ARG A 1026 68.38 32.77 -33.22
C ARG A 1026 69.26 33.81 -33.90
N GLY A 1027 69.61 34.88 -33.20
CA GLY A 1027 70.50 35.89 -33.72
C GLY A 1027 69.87 37.22 -34.03
N MET A 1028 68.55 37.36 -33.90
CA MET A 1028 67.91 38.63 -34.22
C MET A 1028 67.74 39.52 -33.00
N LEU A 1029 66.99 40.61 -33.18
CA LEU A 1029 66.57 41.47 -32.08
C LEU A 1029 65.19 41.04 -31.64
N GLY A 1030 64.98 41.01 -30.32
CA GLY A 1030 63.62 40.76 -29.86
C GLY A 1030 62.74 41.92 -30.25
N LEU A 1031 61.73 41.65 -31.06
CA LEU A 1031 60.89 42.71 -31.59
C LEU A 1031 59.61 42.79 -30.76
N LEU A 1032 59.58 42.06 -29.65
CA LEU A 1032 58.40 41.87 -28.80
C LEU A 1032 57.69 43.16 -28.45
N GLU A 1033 58.37 44.28 -28.59
CA GLU A 1033 57.98 45.59 -28.16
C GLU A 1033 57.66 46.45 -29.38
N PRO A 1034 56.75 47.42 -29.27
CA PRO A 1034 56.40 48.25 -30.43
C PRO A 1034 57.65 48.88 -31.03
N PRO A 1035 57.62 49.21 -32.33
CA PRO A 1035 58.85 49.56 -33.04
C PRO A 1035 59.48 50.81 -32.47
N ALA A 1036 60.73 51.04 -32.87
CA ALA A 1036 61.48 52.16 -32.33
C ALA A 1036 60.85 53.45 -32.82
N LYS A 1037 61.41 54.58 -32.36
CA LYS A 1037 60.77 55.87 -32.58
C LYS A 1037 60.66 56.19 -34.07
N GLU A 1038 61.59 55.68 -34.86
CA GLU A 1038 61.59 55.95 -36.29
C GLU A 1038 60.38 55.30 -36.95
N LEU A 1039 59.99 55.86 -38.09
CA LEU A 1039 58.80 55.41 -38.80
C LEU A 1039 58.96 53.99 -39.30
N GLN A 1040 57.83 53.32 -39.51
CA GLN A 1040 57.83 51.98 -40.07
C GLN A 1040 58.41 52.00 -41.47
N GLY A 1041 58.92 50.85 -41.93
CA GLY A 1041 59.61 50.77 -43.19
C GLY A 1041 61.10 50.60 -43.00
N ILE A 1042 61.53 50.54 -41.74
CA ILE A 1042 62.91 50.21 -41.44
C ILE A 1042 63.22 48.77 -41.84
N ASP A 1043 62.21 47.89 -41.79
CA ASP A 1043 62.35 46.46 -42.07
C ASP A 1043 63.48 45.91 -41.21
N PRO A 1044 63.25 45.74 -39.91
CA PRO A 1044 64.35 45.43 -38.99
C PRO A 1044 65.14 44.18 -39.37
N ASP A 1045 64.59 43.31 -40.20
CA ASP A 1045 65.28 42.10 -40.63
C ASP A 1045 66.10 42.32 -41.90
N GLU A 1046 66.20 43.58 -42.34
CA GLU A 1046 66.92 43.94 -43.55
C GLU A 1046 68.34 43.37 -43.58
N THR A 1047 69.03 43.32 -42.45
CA THR A 1047 70.41 42.87 -42.39
C THR A 1047 70.54 41.38 -42.06
N VAL A 1048 69.45 40.64 -41.98
CA VAL A 1048 69.51 39.22 -41.67
C VAL A 1048 70.37 38.52 -42.72
N PRO A 1049 71.20 37.56 -42.33
CA PRO A 1049 71.84 36.70 -43.34
C PRO A 1049 70.86 35.71 -43.95
N ASP A 1050 69.75 36.23 -44.49
CA ASP A 1050 68.78 35.41 -45.18
C ASP A 1050 68.25 34.30 -44.28
N ASN A 1051 68.65 33.06 -44.58
CA ASN A 1051 67.99 31.85 -44.12
C ASN A 1051 67.60 31.89 -42.65
N VAL A 1052 68.34 32.61 -41.81
CA VAL A 1052 67.89 32.85 -40.45
C VAL A 1052 66.44 33.32 -40.45
N LYS A 1053 66.10 34.26 -41.35
CA LYS A 1053 64.69 34.50 -41.65
C LYS A 1053 63.98 33.19 -41.94
N THR A 1054 64.31 32.54 -43.06
CA THR A 1054 63.59 31.34 -43.48
C THR A 1054 63.54 30.30 -42.37
N SER A 1055 64.62 30.18 -41.60
CA SER A 1055 64.59 29.34 -40.41
C SER A 1055 63.45 29.73 -39.49
N VAL A 1056 63.37 31.02 -39.13
CA VAL A 1056 62.24 31.49 -38.34
C VAL A 1056 60.92 31.15 -39.01
N SER A 1057 60.69 31.71 -40.21
CA SER A 1057 59.44 31.57 -40.94
C SER A 1057 58.95 30.13 -40.98
N GLN A 1058 59.84 29.16 -41.16
CA GLN A 1058 59.38 27.77 -41.10
C GLN A 1058 59.18 27.29 -39.68
N LEU A 1059 59.95 27.79 -38.72
CA LEU A 1059 59.80 27.26 -37.37
C LEU A 1059 58.60 27.87 -36.65
N TYR A 1060 58.44 29.18 -36.71
CA TYR A 1060 57.19 29.85 -36.34
C TYR A 1060 56.77 30.75 -37.49
N ARG A 1061 55.50 30.73 -37.84
CA ARG A 1061 54.93 31.75 -38.71
C ARG A 1061 53.51 32.02 -38.23
N ILE A 1062 53.20 33.28 -38.00
CA ILE A 1062 51.88 33.69 -37.54
C ILE A 1062 51.44 34.88 -38.39
N SER A 1063 50.41 34.69 -39.20
CA SER A 1063 50.00 35.73 -40.14
C SER A 1063 48.59 36.20 -39.83
N GLU A 1064 48.47 37.41 -39.25
CA GLU A 1064 47.26 38.19 -39.39
C GLU A 1064 46.04 37.35 -39.09
N LYS A 1065 45.33 36.97 -40.16
CA LYS A 1065 44.17 36.09 -40.06
C LYS A 1065 44.43 34.90 -39.16
N SER A 1066 45.68 34.52 -38.98
CA SER A 1066 46.01 33.68 -37.83
C SER A 1066 45.31 34.19 -36.58
N VAL A 1067 45.67 35.37 -36.13
CA VAL A 1067 45.04 35.95 -34.94
C VAL A 1067 43.57 36.23 -35.17
N ARG A 1068 43.21 36.85 -36.30
CA ARG A 1068 41.82 37.24 -36.49
C ARG A 1068 40.86 36.05 -36.42
N LYS A 1069 41.07 35.05 -37.28
CA LYS A 1069 40.25 33.84 -37.18
C LYS A 1069 40.30 33.27 -35.78
N PHE A 1070 41.45 33.36 -35.11
CA PHE A 1070 41.53 32.86 -33.75
C PHE A 1070 40.52 33.55 -32.85
N LEU A 1071 40.71 34.85 -32.57
CA LEU A 1071 39.79 35.58 -31.72
C LEU A 1071 38.35 35.41 -32.16
N GLU A 1072 38.10 35.44 -33.46
CA GLU A 1072 36.79 35.12 -34.00
C GLU A 1072 36.26 33.84 -33.38
N ILE A 1073 36.94 32.72 -33.62
CA ILE A 1073 36.57 31.45 -33.01
C ILE A 1073 36.37 31.60 -31.51
N ALA A 1074 37.40 31.99 -30.77
CA ALA A 1074 37.32 32.04 -29.32
C ALA A 1074 36.06 32.75 -28.85
N LEU A 1075 36.00 34.07 -29.03
CA LEU A 1075 34.91 34.80 -28.43
C LEU A 1075 33.58 34.45 -29.07
N PHE A 1076 33.57 33.86 -30.26
CA PHE A 1076 32.33 33.32 -30.79
C PHE A 1076 31.84 32.15 -29.94
N LYS A 1077 32.68 31.14 -29.76
CA LYS A 1077 32.36 30.07 -28.83
C LYS A 1077 32.01 30.59 -27.46
N TYR A 1078 32.53 31.76 -27.10
CA TYR A 1078 32.11 32.32 -25.83
C TYR A 1078 30.68 32.80 -25.90
N ARG A 1079 30.41 33.80 -26.71
CA ARG A 1079 29.07 34.38 -26.80
C ARG A 1079 28.01 33.33 -27.07
N LYS A 1080 28.35 32.23 -27.74
CA LYS A 1080 27.38 31.15 -27.86
C LYS A 1080 27.29 30.35 -26.57
N ALA A 1081 28.37 30.23 -25.81
CA ALA A 1081 28.29 29.42 -24.60
C ALA A 1081 27.92 30.35 -23.45
N ARG A 1082 26.66 30.28 -23.08
CA ARG A 1082 26.10 31.14 -22.06
C ARG A 1082 24.77 30.51 -21.67
N LEU A 1083 24.25 30.86 -20.50
CA LEU A 1083 22.87 30.47 -20.31
C LEU A 1083 22.02 31.07 -21.43
N GLU A 1084 21.30 30.21 -22.12
CA GLU A 1084 20.29 30.69 -23.03
C GLU A 1084 18.98 30.87 -22.26
N PRO A 1085 18.53 32.10 -22.07
CA PRO A 1085 17.50 32.37 -21.07
C PRO A 1085 16.25 31.55 -21.32
N GLY A 1086 15.65 31.10 -20.23
CA GLY A 1086 14.49 30.24 -20.29
C GLY A 1086 14.77 28.78 -19.99
N THR A 1087 16.01 28.34 -20.11
CA THR A 1087 16.37 26.99 -19.72
C THR A 1087 16.10 26.83 -18.23
N ALA A 1088 15.65 25.65 -17.82
CA ALA A 1088 15.40 25.45 -16.40
C ALA A 1088 16.66 24.87 -15.80
N ILE A 1089 17.38 25.69 -15.03
CA ILE A 1089 18.66 25.22 -14.53
C ILE A 1089 18.46 24.44 -13.25
N GLY A 1090 17.31 24.60 -12.60
CA GLY A 1090 17.04 23.80 -11.43
C GLY A 1090 16.95 22.33 -11.76
N ALA A 1091 16.06 21.96 -12.68
CA ALA A 1091 15.91 20.56 -13.06
C ALA A 1091 17.21 19.93 -13.50
N ILE A 1092 17.91 20.53 -14.47
CA ILE A 1092 19.19 19.99 -14.87
C ILE A 1092 20.14 19.90 -13.68
N GLY A 1093 20.03 20.85 -12.75
CA GLY A 1093 20.82 20.78 -11.54
C GLY A 1093 20.59 19.52 -10.74
N ALA A 1094 19.33 19.21 -10.43
CA ALA A 1094 19.07 18.00 -9.67
C ALA A 1094 19.46 16.74 -10.42
N GLN A 1095 18.94 16.55 -11.63
CA GLN A 1095 19.30 15.38 -12.43
C GLN A 1095 20.78 15.29 -12.72
N SER A 1096 21.53 16.35 -12.47
CA SER A 1096 22.97 16.30 -12.56
C SER A 1096 23.63 15.62 -11.37
N ILE A 1097 23.14 15.85 -10.16
CA ILE A 1097 23.77 15.29 -8.98
C ILE A 1097 23.16 13.92 -8.73
N GLY A 1098 22.10 13.61 -9.47
CA GLY A 1098 21.32 12.42 -9.22
C GLY A 1098 22.04 11.09 -9.30
N GLU A 1099 22.67 10.81 -10.43
CA GLU A 1099 23.24 9.48 -10.61
C GLU A 1099 24.66 9.39 -10.09
N PRO A 1100 25.07 8.18 -9.66
CA PRO A 1100 24.18 7.02 -9.54
C PRO A 1100 23.70 6.81 -8.11
N MET A 1117 40.67 9.87 11.56
CA MET A 1117 41.12 8.98 10.51
C MET A 1117 39.94 8.41 9.74
N ASN A 1118 39.15 7.58 10.42
CA ASN A 1118 37.96 7.01 9.80
C ASN A 1118 36.94 8.11 9.54
N VAL A 1119 36.38 8.11 8.34
CA VAL A 1119 35.42 9.14 7.92
C VAL A 1119 34.55 8.53 6.84
N THR A 1120 33.36 9.09 6.65
CA THR A 1120 32.40 8.54 5.71
C THR A 1120 32.40 9.32 4.41
N LEU A 1121 32.93 8.69 3.36
CA LEU A 1121 32.94 9.28 2.03
C LEU A 1121 31.82 8.81 1.11
N GLY A 1122 30.95 7.92 1.56
CA GLY A 1122 29.92 7.36 0.71
C GLY A 1122 28.84 8.37 0.35
N VAL A 1123 27.93 7.93 -0.51
CA VAL A 1123 26.77 8.72 -0.87
C VAL A 1123 25.95 9.09 0.37
N PRO A 1124 25.83 8.26 1.41
CA PRO A 1124 25.09 8.73 2.59
C PRO A 1124 25.68 9.96 3.21
N ARG A 1125 26.94 10.29 2.91
CA ARG A 1125 27.42 11.59 3.35
C ARG A 1125 26.69 12.71 2.63
N ILE A 1126 26.57 12.60 1.30
CA ILE A 1126 25.72 13.55 0.59
C ILE A 1126 24.33 13.56 1.19
N LYS A 1127 23.81 12.40 1.62
CA LYS A 1127 22.51 12.37 2.27
C LYS A 1127 22.47 13.34 3.44
N GLU A 1128 23.53 13.37 4.24
CA GLU A 1128 23.50 14.18 5.45
C GLU A 1128 23.86 15.65 5.17
N ILE A 1129 24.70 15.91 4.19
CA ILE A 1129 25.03 17.29 3.85
C ILE A 1129 23.85 17.98 3.21
N ILE A 1130 23.33 17.40 2.12
CA ILE A 1130 22.06 17.87 1.58
C ILE A 1130 21.01 17.93 2.69
N ASN A 1131 20.70 16.79 3.29
CA ASN A 1131 19.66 16.74 4.30
C ASN A 1131 19.92 17.74 5.42
N ALA A 1132 21.19 17.98 5.76
CA ALA A 1132 21.61 19.05 6.65
C ALA A 1132 20.95 18.94 8.02
N SER A 1133 21.32 17.88 8.73
CA SER A 1133 20.73 17.62 10.04
C SER A 1133 21.67 18.09 11.14
N LYS A 1134 21.22 17.96 12.39
CA LYS A 1134 22.02 18.43 13.51
C LYS A 1134 23.23 17.53 13.74
N VAL A 1135 23.00 16.23 13.88
CA VAL A 1135 24.05 15.31 14.27
C VAL A 1135 24.50 14.50 13.06
N ILE A 1136 25.77 14.14 13.06
CA ILE A 1136 26.41 13.55 11.90
C ILE A 1136 27.52 12.63 12.37
N SER A 1137 27.71 11.53 11.65
CA SER A 1137 28.85 10.68 11.93
C SER A 1137 30.14 11.41 11.54
N THR A 1138 31.25 10.94 12.11
CA THR A 1138 32.60 11.42 11.85
C THR A 1138 32.69 12.91 11.56
N PRO A 1139 32.24 13.76 12.48
CA PRO A 1139 32.31 15.21 12.24
C PRO A 1139 33.72 15.76 12.44
N ILE A 1140 34.56 15.71 11.41
CA ILE A 1140 35.94 16.11 11.57
C ILE A 1140 36.06 17.64 11.61
N ILE A 1141 36.98 18.10 12.45
CA ILE A 1141 37.44 19.48 12.49
C ILE A 1141 38.85 19.49 11.93
N ASN A 1142 39.07 20.27 10.88
CA ASN A 1142 40.40 20.48 10.34
C ASN A 1142 40.90 21.81 10.90
N ALA A 1143 42.03 21.78 11.59
CA ALA A 1143 42.59 22.99 12.18
C ALA A 1143 44.09 23.06 11.94
N VAL A 1144 44.53 24.08 11.21
CA VAL A 1144 45.94 24.26 10.91
C VAL A 1144 46.72 24.70 12.14
N LEU A 1145 47.89 24.11 12.35
CA LEU A 1145 48.73 24.44 13.50
C LEU A 1145 49.50 25.73 13.25
N VAL A 1146 49.93 26.38 14.33
CA VAL A 1146 50.68 27.63 14.23
C VAL A 1146 51.89 27.47 13.33
N ASN A 1147 52.77 26.54 13.69
CA ASN A 1147 53.98 26.28 12.92
C ASN A 1147 54.04 24.81 12.58
N ASP A 1148 55.16 24.35 12.03
CA ASP A 1148 55.35 22.94 11.69
C ASP A 1148 56.34 22.32 12.68
N ASN A 1149 55.83 21.47 13.56
CA ASN A 1149 56.61 20.69 14.51
C ASN A 1149 55.85 19.41 14.79
N ASP A 1150 56.57 18.32 15.09
CA ASP A 1150 55.94 17.14 15.64
C ASP A 1150 56.12 17.05 17.16
N GLU A 1151 56.77 18.04 17.74
CA GLU A 1151 57.18 17.99 19.14
C GLU A 1151 56.54 19.11 19.94
N ARG A 1152 56.27 18.81 21.21
CA ARG A 1152 55.87 19.82 22.18
C ARG A 1152 54.65 20.59 21.71
N ALA A 1153 54.83 21.88 21.39
CA ALA A 1153 53.72 22.73 20.99
C ALA A 1153 52.81 22.02 20.00
N ALA A 1154 53.39 21.23 19.10
CA ALA A 1154 52.61 20.24 18.37
C ALA A 1154 51.69 19.44 19.28
N ARG A 1155 52.25 18.59 20.14
CA ARG A 1155 51.45 17.86 21.11
C ARG A 1155 50.78 18.74 22.15
N VAL A 1156 51.39 19.87 22.52
CA VAL A 1156 50.85 20.70 23.60
C VAL A 1156 49.38 20.98 23.37
N VAL A 1157 49.07 21.70 22.29
CA VAL A 1157 47.69 22.03 21.98
C VAL A 1157 46.79 20.80 21.96
N LYS A 1158 47.29 19.67 21.48
CA LYS A 1158 46.51 18.44 21.57
C LYS A 1158 46.18 18.12 23.03
N GLY A 1159 47.15 18.30 23.93
CA GLY A 1159 46.84 18.20 25.33
C GLY A 1159 45.91 19.28 25.83
N ARG A 1160 45.90 20.43 25.17
CA ARG A 1160 45.03 21.51 25.60
C ARG A 1160 43.58 21.18 25.31
N VAL A 1161 43.32 20.48 24.21
CA VAL A 1161 42.00 19.92 23.97
C VAL A 1161 42.20 18.46 23.61
N GLU A 1162 41.94 17.56 24.57
CA GLU A 1162 41.51 16.22 24.23
C GLU A 1162 40.60 15.67 25.31
N LYS A 1163 39.30 15.57 25.04
CA LYS A 1163 38.33 14.83 25.85
C LYS A 1163 38.62 15.04 27.34
N THR A 1164 38.84 13.94 28.07
CA THR A 1164 39.29 13.97 29.45
C THR A 1164 40.36 12.90 29.63
N LEU A 1165 41.42 13.27 30.34
CA LEU A 1165 42.49 12.34 30.62
C LEU A 1165 42.37 11.71 32.00
N LEU A 1166 41.30 12.01 32.74
CA LEU A 1166 41.24 11.69 34.16
C LEU A 1166 41.58 10.24 34.46
N SER A 1167 40.93 9.27 33.81
CA SER A 1167 41.27 7.88 34.08
C SER A 1167 42.71 7.58 33.70
N ASP A 1168 43.15 8.04 32.53
CA ASP A 1168 44.55 7.96 32.16
C ASP A 1168 45.44 8.72 33.15
N VAL A 1169 44.91 9.75 33.80
CA VAL A 1169 45.60 10.46 34.87
C VAL A 1169 45.34 9.81 36.22
N ALA A 1170 44.36 8.91 36.31
CA ALA A 1170 43.81 8.50 37.60
C ALA A 1170 44.78 7.71 38.46
N PHE A 1171 45.84 7.12 37.89
CA PHE A 1171 46.77 6.34 38.68
C PHE A 1171 45.99 5.23 39.37
N TYR A 1172 45.86 5.24 40.70
CA TYR A 1172 44.86 4.37 41.33
C TYR A 1172 43.94 5.18 42.22
N VAL A 1173 42.84 4.55 42.61
CA VAL A 1173 41.80 5.16 43.42
C VAL A 1173 41.84 4.51 44.80
N GLN A 1174 41.46 5.27 45.83
CA GLN A 1174 41.65 4.88 47.22
C GLN A 1174 40.46 5.32 48.06
N ASP A 1175 39.99 4.42 48.92
CA ASP A 1175 38.96 4.71 49.92
C ASP A 1175 39.33 4.02 51.23
N VAL A 1176 39.25 4.76 52.33
CA VAL A 1176 39.53 4.26 53.67
C VAL A 1176 38.58 4.97 54.63
N TYR A 1177 38.30 4.34 55.77
CA TYR A 1177 37.50 4.94 56.82
C TYR A 1177 38.29 4.94 58.12
N LYS A 1178 38.30 6.07 58.81
CA LYS A 1178 38.75 6.13 60.20
C LYS A 1178 37.57 6.65 61.01
N ASP A 1179 36.94 5.78 61.78
CA ASP A 1179 35.80 6.14 62.62
C ASP A 1179 34.79 6.87 61.76
N ASN A 1180 34.51 8.14 62.01
CA ASN A 1180 33.59 8.94 61.20
C ASN A 1180 34.17 9.40 59.88
N LEU A 1181 35.48 9.22 59.66
CA LEU A 1181 36.15 9.82 58.51
C LEU A 1181 35.73 9.11 57.24
N SER A 1182 35.25 9.88 56.27
CA SER A 1182 34.91 9.41 54.94
C SER A 1182 35.91 9.98 53.95
N PHE A 1183 36.76 9.12 53.39
CA PHE A 1183 37.81 9.56 52.49
C PHE A 1183 37.62 9.03 51.08
N ILE A 1184 37.60 9.95 50.12
CA ILE A 1184 37.88 9.64 48.73
C ILE A 1184 39.26 10.20 48.46
N GLN A 1185 40.24 9.31 48.30
CA GLN A 1185 41.65 9.69 48.25
C GLN A 1185 42.30 8.96 47.08
N VAL A 1186 42.83 9.72 46.13
CA VAL A 1186 43.47 9.13 44.96
C VAL A 1186 44.82 9.82 44.76
N ARG A 1187 45.62 9.24 43.88
CA ARG A 1187 46.90 9.80 43.51
C ARG A 1187 47.01 9.83 41.98
N ILE A 1188 48.05 10.49 41.49
CA ILE A 1188 48.23 10.72 40.07
C ILE A 1188 49.71 10.59 39.73
N ASP A 1189 50.01 10.17 38.51
CA ASP A 1189 51.37 10.18 38.00
C ASP A 1189 51.66 11.52 37.32
N LEU A 1190 52.60 12.28 37.89
CA LEU A 1190 53.06 13.50 37.22
C LEU A 1190 53.88 13.19 35.97
N GLY A 1191 54.57 12.06 35.95
CA GLY A 1191 55.35 11.69 34.78
C GLY A 1191 54.53 11.56 33.52
N THR A 1192 53.21 11.37 33.67
CA THR A 1192 52.34 11.37 32.51
C THR A 1192 52.14 12.78 31.99
N ILE A 1193 51.94 13.74 32.88
CA ILE A 1193 51.97 15.15 32.48
C ILE A 1193 53.30 15.48 31.84
N ASP A 1194 54.36 14.77 32.23
CA ASP A 1194 55.64 14.94 31.55
C ASP A 1194 55.64 14.24 30.19
N LYS A 1195 54.84 13.18 30.04
CA LYS A 1195 54.76 12.50 28.75
C LYS A 1195 53.96 13.36 27.79
N LEU A 1196 52.67 13.48 28.05
CA LEU A 1196 51.83 14.44 27.34
C LEU A 1196 51.88 15.73 28.14
N GLN A 1197 52.44 16.78 27.54
CA GLN A 1197 52.59 18.03 28.26
C GLN A 1197 51.22 18.67 28.46
N LEU A 1198 50.86 18.94 29.71
CA LEU A 1198 49.61 19.56 30.07
C LEU A 1198 49.88 20.70 31.02
N GLU A 1199 48.88 21.54 31.25
CA GLU A 1199 49.01 22.59 32.25
C GLU A 1199 48.15 22.22 33.44
N LEU A 1200 48.82 21.73 34.47
CA LEU A 1200 48.21 21.46 35.77
C LEU A 1200 49.32 21.29 36.79
N THR A 1201 48.98 21.43 38.06
CA THR A 1201 49.81 20.89 39.13
C THR A 1201 48.98 19.92 39.96
N ILE A 1202 48.15 20.42 40.87
CA ILE A 1202 46.99 19.67 41.32
C ILE A 1202 45.78 20.59 41.36
N GLU A 1203 45.89 21.67 42.15
CA GLU A 1203 44.74 22.49 42.48
C GLU A 1203 43.93 22.86 41.25
N ASP A 1204 44.58 22.94 40.09
CA ASP A 1204 43.83 22.98 38.84
C ASP A 1204 42.82 21.85 38.76
N ILE A 1205 43.28 20.60 38.72
CA ILE A 1205 42.36 19.48 38.68
C ILE A 1205 41.50 19.41 39.93
N ALA A 1206 42.02 19.86 41.08
CA ALA A 1206 41.23 19.87 42.30
C ALA A 1206 39.94 20.67 42.10
N VAL A 1207 40.06 21.98 41.85
CA VAL A 1207 38.88 22.78 41.59
C VAL A 1207 38.12 22.23 40.39
N ALA A 1208 38.82 21.71 39.38
CA ALA A 1208 38.15 21.15 38.22
C ALA A 1208 37.14 20.08 38.60
N ILE A 1209 37.48 19.23 39.58
CA ILE A 1209 36.54 18.23 40.06
C ILE A 1209 35.22 18.86 40.43
N THR A 1210 35.23 19.75 41.44
CA THR A 1210 34.00 20.37 41.88
C THR A 1210 33.35 21.22 40.79
N ARG A 1211 34.13 21.71 39.82
CA ARG A 1211 33.53 22.32 38.64
C ARG A 1211 32.62 21.32 37.93
N ALA A 1212 33.21 20.28 37.34
CA ALA A 1212 32.46 19.27 36.62
C ALA A 1212 31.52 18.48 37.50
N SER A 1213 31.73 18.50 38.83
CA SER A 1213 30.90 17.72 39.74
C SER A 1213 29.43 18.06 39.64
N LYS A 1214 29.08 19.22 39.10
CA LYS A 1214 27.69 19.64 38.96
C LYS A 1214 26.84 18.60 38.24
N LEU A 1215 27.43 17.79 37.38
CA LEU A 1215 26.74 16.65 36.81
C LEU A 1215 26.14 15.76 37.89
N LYS A 1216 26.93 15.42 38.90
CA LYS A 1216 26.43 14.64 40.02
C LYS A 1216 26.78 15.23 41.38
N ILE A 1217 28.08 15.35 41.69
CA ILE A 1217 28.56 15.54 43.05
C ILE A 1217 28.22 16.95 43.51
N GLN A 1218 28.54 17.27 44.76
CA GLN A 1218 28.27 18.57 45.36
C GLN A 1218 29.60 19.22 45.73
N ALA A 1219 29.59 20.55 45.81
CA ALA A 1219 30.80 21.31 46.03
C ALA A 1219 31.18 21.35 47.49
N SER A 1220 32.45 21.06 47.79
CA SER A 1220 32.98 21.11 49.15
C SER A 1220 34.50 21.16 49.13
N ASP A 1221 35.11 21.03 50.30
CA ASP A 1221 36.55 21.09 50.45
C ASP A 1221 37.20 19.89 49.78
N VAL A 1222 38.42 20.11 49.29
CA VAL A 1222 39.29 19.05 48.80
C VAL A 1222 40.72 19.50 49.02
N ASN A 1223 41.62 18.55 49.26
CA ASN A 1223 42.99 18.93 49.60
C ASN A 1223 43.99 17.89 49.14
N ILE A 1224 45.21 18.36 48.95
CA ILE A 1224 46.39 17.53 48.73
C ILE A 1224 47.34 17.73 49.90
N ILE A 1225 47.97 16.63 50.36
CA ILE A 1225 49.11 16.73 51.23
C ILE A 1225 50.40 16.99 50.44
N GLY A 1226 50.62 16.30 49.33
CA GLY A 1226 51.69 16.56 48.41
C GLY A 1226 51.71 15.44 47.39
N LYS A 1227 52.31 15.67 46.23
CA LYS A 1227 52.41 14.66 45.18
C LYS A 1227 51.07 13.98 44.93
N ASP A 1228 50.12 14.76 44.41
CA ASP A 1228 48.86 14.24 43.87
C ASP A 1228 48.01 13.48 44.89
N ARG A 1229 47.36 14.20 45.81
CA ARG A 1229 46.36 13.61 46.69
C ARG A 1229 45.08 14.41 46.63
N ILE A 1230 43.94 13.73 46.72
CA ILE A 1230 42.65 14.40 46.85
C ILE A 1230 42.06 14.06 48.20
N ALA A 1231 41.21 14.95 48.71
CA ALA A 1231 40.55 14.74 49.99
C ALA A 1231 39.06 15.05 49.82
N ILE A 1232 38.21 14.04 49.98
CA ILE A 1232 36.77 14.21 49.85
C ILE A 1232 36.12 13.61 51.09
N ASN A 1233 35.45 14.46 51.86
CA ASN A 1233 34.70 14.04 53.03
C ASN A 1233 33.21 14.23 52.76
N VAL A 1234 32.44 13.15 52.84
CA VAL A 1234 31.01 13.20 52.58
C VAL A 1234 30.29 12.66 53.80
N PHE A 1235 28.99 12.90 53.84
CA PHE A 1235 28.21 12.76 55.05
C PHE A 1235 26.76 13.04 54.71
N PRO A 1236 25.79 12.82 55.62
CA PRO A 1236 24.42 13.21 55.29
C PRO A 1236 24.24 14.72 55.17
N SER A 1252 15.99 5.84 54.23
CA SER A 1252 16.92 6.44 53.28
C SER A 1252 18.33 6.49 53.85
N GLU A 1253 18.60 5.68 54.86
CA GLU A 1253 19.89 5.69 55.54
C GLU A 1253 20.93 4.97 54.68
N ASN A 1254 22.12 4.77 55.24
CA ASN A 1254 23.27 4.26 54.50
C ASN A 1254 23.62 5.19 53.34
N ASP A 1255 23.21 6.45 53.46
CA ASP A 1255 23.54 7.45 52.45
C ASP A 1255 25.03 7.60 52.26
N VAL A 1256 25.80 7.54 53.35
CA VAL A 1256 27.26 7.57 53.23
C VAL A 1256 27.73 6.46 52.30
N PHE A 1257 27.18 5.27 52.45
CA PHE A 1257 27.57 4.16 51.60
C PHE A 1257 27.06 4.35 50.17
N TYR A 1258 25.82 4.79 50.00
CA TYR A 1258 25.25 4.91 48.66
C TYR A 1258 25.97 5.98 47.84
N ARG A 1259 26.05 7.19 48.35
CA ARG A 1259 26.85 8.20 47.66
C ARG A 1259 28.29 7.75 47.51
N MET A 1260 28.83 7.11 48.55
CA MET A 1260 30.18 6.57 48.49
C MET A 1260 30.38 5.73 47.23
N GLN A 1261 29.46 4.81 46.99
CA GLN A 1261 29.53 3.95 45.81
C GLN A 1261 29.61 4.77 44.53
N GLN A 1262 28.56 5.54 44.23
CA GLN A 1262 28.53 6.33 43.00
C GLN A 1262 29.80 7.17 42.85
N LEU A 1263 30.27 7.77 43.94
CA LEU A 1263 31.54 8.48 43.89
C LEU A 1263 32.68 7.58 43.43
N ARG A 1264 32.85 6.42 44.06
CA ARG A 1264 33.89 5.50 43.61
C ARG A 1264 33.69 5.08 42.16
N ARG A 1265 32.47 5.15 41.65
CA ARG A 1265 32.13 4.70 40.31
C ARG A 1265 32.39 5.74 39.23
N ALA A 1266 31.67 6.85 39.23
CA ALA A 1266 31.75 7.79 38.14
C ALA A 1266 32.97 8.72 38.23
N LEU A 1267 33.56 8.86 39.41
CA LEU A 1267 34.70 9.77 39.55
C LEU A 1267 35.84 9.44 38.60
N PRO A 1268 36.26 8.17 38.43
CA PRO A 1268 37.35 7.91 37.48
C PRO A 1268 36.87 7.99 36.04
N ASP A 1269 36.13 9.06 35.73
CA ASP A 1269 35.68 9.35 34.39
C ASP A 1269 35.90 10.83 34.07
N VAL A 1270 35.27 11.67 34.89
CA VAL A 1270 34.79 13.00 34.52
C VAL A 1270 35.90 13.92 34.04
N VAL A 1271 35.50 14.95 33.31
CA VAL A 1271 36.43 15.80 32.58
C VAL A 1271 37.44 16.43 33.53
N VAL A 1272 38.69 16.45 33.11
CA VAL A 1272 39.77 17.10 33.85
C VAL A 1272 40.30 18.32 33.09
N LYS A 1273 40.87 18.11 31.92
CA LYS A 1273 41.21 19.24 31.03
C LYS A 1273 40.85 18.82 29.61
N GLY A 1274 40.19 19.71 28.89
CA GLY A 1274 39.78 19.41 27.52
C GLY A 1274 38.51 20.15 27.19
N LEU A 1275 38.01 19.87 26.00
CA LEU A 1275 36.77 20.46 25.54
C LEU A 1275 35.70 19.39 25.47
N PRO A 1276 34.69 19.47 26.34
CA PRO A 1276 33.89 18.29 26.70
C PRO A 1276 33.18 17.61 25.55
N ASP A 1277 32.99 18.25 24.40
CA ASP A 1277 32.25 17.64 23.31
C ASP A 1277 33.15 16.94 22.30
N ILE A 1278 34.46 16.90 22.54
CA ILE A 1278 35.42 16.36 21.59
C ILE A 1278 35.85 14.98 22.03
N SER A 1279 35.68 14.00 21.16
CA SER A 1279 36.01 12.62 21.51
C SER A 1279 37.53 12.40 21.50
N ARG A 1280 38.18 12.73 20.40
CA ARG A 1280 39.62 12.50 20.32
C ARG A 1280 40.21 13.38 19.22
N ALA A 1281 41.53 13.31 19.10
CA ALA A 1281 42.28 14.19 18.23
C ALA A 1281 43.51 13.47 17.73
N VAL A 1282 43.99 13.84 16.55
CA VAL A 1282 45.16 13.22 15.93
C VAL A 1282 46.00 14.31 15.30
N ILE A 1283 47.31 14.26 15.52
CA ILE A 1283 48.21 15.09 14.75
C ILE A 1283 48.60 14.36 13.46
N ASN A 1284 48.53 15.07 12.34
CA ASN A 1284 48.62 14.48 11.02
C ASN A 1284 49.86 15.01 10.30
N ILE A 1285 50.05 14.57 9.07
CA ILE A 1285 51.16 14.98 8.22
C ILE A 1285 50.59 15.53 6.93
N ARG A 1286 50.98 16.76 6.58
CA ARG A 1286 50.49 17.42 5.38
C ARG A 1286 51.58 17.37 4.32
N ASP A 1287 51.26 16.81 3.15
CA ASP A 1287 52.25 16.64 2.08
C ASP A 1287 53.46 15.91 2.65
N ASP A 1288 54.60 16.60 2.67
CA ASP A 1288 55.71 16.20 3.51
C ASP A 1288 55.93 17.22 4.60
N GLY A 1289 56.24 18.46 4.22
CA GLY A 1289 56.67 19.47 5.17
C GLY A 1289 55.72 19.75 6.32
N LYS A 1290 54.49 20.14 6.03
CA LYS A 1290 53.58 20.51 7.10
C LYS A 1290 53.00 19.26 7.77
N ARG A 1291 52.78 19.37 9.09
CA ARG A 1291 52.14 18.30 9.85
C ARG A 1291 51.26 18.95 10.90
N GLU A 1292 49.95 18.68 10.85
CA GLU A 1292 49.00 19.37 11.68
C GLU A 1292 47.78 18.53 12.00
N LEU A 1293 47.08 18.84 13.10
CA LEU A 1293 46.06 17.99 13.67
C LEU A 1293 44.68 18.15 13.05
N LEU A 1294 43.90 17.08 13.13
CA LEU A 1294 42.45 17.10 12.95
C LEU A 1294 41.81 16.46 14.17
N VAL A 1295 40.59 16.90 14.49
CA VAL A 1295 39.98 16.62 15.78
C VAL A 1295 38.51 16.29 15.59
N GLU A 1296 38.06 15.16 16.13
CA GLU A 1296 36.63 14.82 16.11
C GLU A 1296 35.92 15.63 17.19
N GLY A 1297 34.84 16.31 16.80
CA GLY A 1297 34.05 17.04 17.78
C GLY A 1297 33.17 18.05 17.10
N TYR A 1298 32.25 18.62 17.87
CA TYR A 1298 31.31 19.59 17.35
C TYR A 1298 31.67 21.06 17.60
N GLY A 1299 32.72 21.35 18.34
CA GLY A 1299 32.83 22.71 18.84
C GLY A 1299 33.05 23.82 17.83
N LEU A 1300 34.18 23.80 17.13
CA LEU A 1300 34.52 24.75 16.07
C LEU A 1300 34.54 26.19 16.57
N ARG A 1301 34.02 26.43 17.77
CA ARG A 1301 34.08 27.76 18.36
C ARG A 1301 35.14 27.83 19.44
N ASP A 1302 34.96 27.04 20.50
CA ASP A 1302 36.01 26.83 21.48
C ASP A 1302 37.34 26.49 20.83
N VAL A 1303 37.42 25.37 20.11
CA VAL A 1303 38.68 24.98 19.50
C VAL A 1303 39.20 26.05 18.55
N MET A 1304 38.32 26.80 17.90
CA MET A 1304 38.76 27.97 17.17
C MET A 1304 39.48 28.94 18.10
N CYS A 1305 38.83 29.29 19.20
CA CYS A 1305 39.39 30.14 20.25
C CYS A 1305 40.63 29.55 20.91
N THR A 1306 40.68 28.24 21.08
CA THR A 1306 41.68 27.62 21.94
C THR A 1306 43.08 28.10 21.58
N ASP A 1307 43.85 28.42 22.61
CA ASP A 1307 45.15 29.04 22.43
C ASP A 1307 46.07 28.16 21.61
N GLY A 1308 46.98 28.80 20.87
CA GLY A 1308 48.03 28.08 20.19
C GLY A 1308 47.62 27.43 18.88
N VAL A 1309 46.46 27.81 18.34
CA VAL A 1309 46.07 27.41 17.01
C VAL A 1309 45.49 28.61 16.28
N ILE A 1310 46.12 28.98 15.17
CA ILE A 1310 45.68 30.12 14.40
C ILE A 1310 44.25 29.86 13.95
N GLY A 1311 43.35 30.76 14.31
CA GLY A 1311 41.93 30.48 14.14
C GLY A 1311 41.40 30.93 12.81
N SER A 1312 42.06 31.92 12.20
CA SER A 1312 41.62 32.52 10.96
C SER A 1312 41.40 31.46 9.88
N ARG A 1313 42.10 30.33 9.97
CA ARG A 1313 41.80 29.16 9.17
C ARG A 1313 41.49 28.00 10.10
N THR A 1314 40.22 27.60 10.15
CA THR A 1314 39.77 26.36 10.77
C THR A 1314 38.63 25.87 9.90
N THR A 1315 38.56 24.57 9.66
CA THR A 1315 37.64 24.05 8.67
C THR A 1315 36.99 22.79 9.22
N THR A 1316 35.82 22.46 8.70
CA THR A 1316 35.05 21.34 9.24
C THR A 1316 34.01 20.87 8.25
N ASN A 1317 33.11 20.05 8.77
CA ASN A 1317 32.00 19.43 8.10
C ASN A 1317 30.73 19.79 8.87
N HIS A 1318 29.63 19.12 8.57
CA HIS A 1318 28.32 19.35 9.18
C HIS A 1318 28.00 20.83 9.14
N VAL A 1319 27.61 21.29 7.94
CA VAL A 1319 27.42 22.69 7.64
C VAL A 1319 26.68 23.42 8.73
N LEU A 1320 25.66 22.77 9.32
CA LEU A 1320 24.79 23.47 10.25
C LEU A 1320 25.56 24.17 11.35
N GLU A 1321 26.57 23.50 11.92
CA GLU A 1321 27.29 24.10 13.02
C GLU A 1321 28.24 25.19 12.54
N VAL A 1322 28.67 25.15 11.27
CA VAL A 1322 29.32 26.33 10.70
C VAL A 1322 28.34 27.49 10.69
N PHE A 1323 27.09 27.21 10.33
CA PHE A 1323 26.10 28.27 10.28
C PHE A 1323 25.88 28.92 11.64
N SER A 1324 26.27 28.25 12.71
CA SER A 1324 26.05 28.81 14.04
C SER A 1324 27.24 29.61 14.56
N VAL A 1325 28.32 29.72 13.81
CA VAL A 1325 29.52 30.42 14.29
C VAL A 1325 29.94 31.46 13.27
N LEU A 1326 30.23 31.03 12.05
CA LEU A 1326 30.52 31.95 10.95
C LEU A 1326 29.21 32.34 10.28
N GLY A 1327 28.50 31.39 9.70
CA GLY A 1327 27.10 31.58 9.34
C GLY A 1327 26.83 32.02 7.93
N ILE A 1328 25.72 31.51 7.37
CA ILE A 1328 25.24 31.88 6.05
C ILE A 1328 26.40 31.78 5.07
N GLU A 1329 26.81 32.93 4.53
CA GLU A 1329 27.69 32.95 3.37
C GLU A 1329 28.86 31.99 3.55
N ALA A 1330 29.40 31.92 4.77
CA ALA A 1330 30.44 30.93 5.04
C ALA A 1330 29.89 29.52 4.93
N ALA A 1331 28.78 29.23 5.61
CA ALA A 1331 28.22 27.89 5.56
C ALA A 1331 28.00 27.42 4.14
N ARG A 1332 27.35 28.25 3.33
CA ARG A 1332 27.20 27.94 1.92
C ARG A 1332 28.55 27.67 1.27
N TYR A 1333 29.44 28.67 1.24
CA TYR A 1333 30.71 28.49 0.57
C TYR A 1333 31.44 27.24 1.02
N SER A 1334 31.14 26.75 2.22
CA SER A 1334 31.66 25.46 2.64
C SER A 1334 30.91 24.31 1.98
N ILE A 1335 29.58 24.40 1.88
CA ILE A 1335 28.82 23.24 1.45
C ILE A 1335 29.16 22.87 0.01
N ILE A 1336 29.46 23.84 -0.83
CA ILE A 1336 29.82 23.53 -2.20
C ILE A 1336 31.30 23.20 -2.30
N ARG A 1337 32.06 23.46 -1.27
CA ARG A 1337 33.41 22.92 -1.24
C ARG A 1337 33.39 21.45 -0.89
N GLU A 1338 32.53 21.08 0.06
CA GLU A 1338 32.51 19.71 0.54
C GLU A 1338 31.75 18.79 -0.40
N ILE A 1339 30.64 19.25 -0.95
CA ILE A 1339 29.99 18.47 -2.00
C ILE A 1339 30.98 18.19 -3.13
N ASN A 1340 31.49 19.23 -3.76
CA ASN A 1340 32.48 19.06 -4.80
C ASN A 1340 33.63 18.16 -4.37
N TYR A 1341 34.08 18.27 -3.12
CA TYR A 1341 35.10 17.40 -2.58
C TYR A 1341 34.70 15.93 -2.64
N THR A 1342 33.72 15.53 -1.84
CA THR A 1342 33.34 14.13 -1.73
C THR A 1342 32.91 13.51 -3.05
N MET A 1343 32.39 14.31 -3.97
CA MET A 1343 31.87 13.77 -5.21
C MET A 1343 32.90 13.82 -6.33
N SER A 1344 34.10 14.31 -6.04
CA SER A 1344 35.22 14.05 -6.94
C SER A 1344 36.00 12.82 -6.53
N ASN A 1345 35.74 12.27 -5.34
CA ASN A 1345 36.40 11.03 -4.95
C ASN A 1345 35.72 9.81 -5.56
N HIS A 1346 34.41 9.73 -5.49
CA HIS A 1346 33.70 8.62 -6.11
C HIS A 1346 33.76 8.66 -7.62
N GLY A 1347 34.33 9.70 -8.20
CA GLY A 1347 34.44 9.78 -9.65
C GLY A 1347 33.50 10.80 -10.25
N MET A 1348 33.39 10.67 -11.58
CA MET A 1348 32.77 11.58 -12.54
C MET A 1348 33.24 13.02 -12.35
N SER A 1349 32.44 13.99 -12.79
CA SER A 1349 32.60 15.38 -12.42
C SER A 1349 31.27 16.05 -12.66
N VAL A 1350 30.85 16.91 -11.73
CA VAL A 1350 29.58 17.59 -11.88
C VAL A 1350 29.74 19.04 -12.32
N ASP A 1351 30.96 19.56 -12.39
CA ASP A 1351 31.27 20.98 -12.57
C ASP A 1351 30.85 21.75 -11.32
N PRO A 1352 31.51 22.86 -11.00
CA PRO A 1352 31.03 23.69 -9.90
C PRO A 1352 29.76 24.44 -10.20
N ARG A 1353 29.39 24.58 -11.47
CA ARG A 1353 28.19 25.34 -11.82
C ARG A 1353 26.97 24.86 -11.03
N HIS A 1354 26.55 23.62 -11.27
CA HIS A 1354 25.44 23.03 -10.56
C HIS A 1354 25.60 23.06 -9.05
N ILE A 1355 26.76 22.67 -8.53
CA ILE A 1355 26.90 22.60 -7.08
C ILE A 1355 26.68 23.96 -6.46
N GLN A 1356 27.33 25.00 -7.00
CA GLN A 1356 27.09 26.35 -6.49
C GLN A 1356 25.61 26.66 -6.46
N LEU A 1357 24.85 26.13 -7.41
CA LEU A 1357 23.43 26.39 -7.38
C LEU A 1357 22.75 25.62 -6.26
N LEU A 1358 23.10 24.35 -6.08
CA LEU A 1358 22.54 23.60 -4.96
C LEU A 1358 22.81 24.30 -3.64
N GLY A 1359 24.07 24.54 -3.33
CA GLY A 1359 24.40 25.26 -2.11
C GLY A 1359 23.77 26.62 -2.06
N ASP A 1360 23.41 27.18 -3.21
CA ASP A 1360 22.76 28.47 -3.21
C ASP A 1360 21.32 28.34 -2.72
N VAL A 1361 20.47 27.61 -3.45
CA VAL A 1361 19.06 27.54 -3.06
C VAL A 1361 18.92 26.88 -1.70
N MET A 1362 19.94 26.17 -1.25
CA MET A 1362 19.89 25.70 0.13
C MET A 1362 20.13 26.85 1.09
N THR A 1363 20.95 27.81 0.71
CA THR A 1363 21.25 28.99 1.51
C THR A 1363 20.42 30.20 1.05
N TYR A 1364 19.49 29.95 0.14
CA TYR A 1364 18.56 30.98 -0.32
C TYR A 1364 17.99 31.80 0.80
N LYS A 1365 17.21 31.18 1.69
CA LYS A 1365 16.70 31.85 2.87
C LYS A 1365 17.84 32.11 3.85
N GLY A 1366 17.53 32.67 5.00
CA GLY A 1366 18.57 32.95 5.97
C GLY A 1366 19.18 31.70 6.55
N GLU A 1367 18.35 30.84 7.12
CA GLU A 1367 18.86 29.67 7.79
C GLU A 1367 19.10 28.53 6.80
N VAL A 1368 20.15 27.77 7.04
CA VAL A 1368 20.51 26.62 6.20
C VAL A 1368 19.48 25.53 6.44
N LEU A 1369 18.85 25.07 5.37
CA LEU A 1369 17.80 24.07 5.49
C LEU A 1369 17.63 23.39 4.13
N GLY A 1370 17.00 22.24 4.13
CA GLY A 1370 16.32 21.91 2.90
C GLY A 1370 16.20 20.42 2.68
N ILE A 1371 15.43 20.11 1.64
CA ILE A 1371 15.45 18.85 0.91
C ILE A 1371 14.73 17.73 1.65
N THR A 1372 14.47 17.91 2.94
CA THR A 1372 13.66 16.89 3.61
C THR A 1372 12.22 17.38 3.72
N ARG A 1373 11.35 16.50 4.23
CA ARG A 1373 9.94 16.84 4.29
C ARG A 1373 9.70 18.07 5.16
N PHE A 1374 10.52 18.25 6.19
CA PHE A 1374 10.41 19.46 6.98
C PHE A 1374 10.98 20.66 6.24
N GLY A 1375 12.29 20.64 5.97
CA GLY A 1375 12.93 21.74 5.29
C GLY A 1375 12.30 22.12 3.97
N LEU A 1376 11.62 21.17 3.31
CA LEU A 1376 10.97 21.53 2.05
C LEU A 1376 9.86 22.54 2.26
N SER A 1377 9.36 22.69 3.49
CA SER A 1377 8.55 23.86 3.80
C SER A 1377 9.48 24.92 4.36
N LYS A 1378 9.81 25.85 3.47
CA LYS A 1378 10.74 26.93 3.74
C LYS A 1378 10.27 28.26 3.21
N MET A 1379 10.21 28.41 1.89
CA MET A 1379 9.58 29.51 1.19
C MET A 1379 8.30 28.96 0.58
N ARG A 1380 8.44 27.87 -0.19
CA ARG A 1380 7.41 27.46 -1.14
C ARG A 1380 6.04 27.50 -0.50
N ASP A 1381 5.14 28.28 -1.10
CA ASP A 1381 3.80 28.40 -0.55
C ASP A 1381 2.86 27.43 -1.23
N SER A 1382 3.28 26.82 -2.33
CA SER A 1382 2.39 25.96 -3.09
C SER A 1382 1.96 24.83 -2.17
N VAL A 1383 0.65 24.70 -1.97
CA VAL A 1383 0.16 23.63 -1.12
C VAL A 1383 0.07 22.31 -1.84
N LEU A 1384 0.00 22.32 -3.17
CA LEU A 1384 -0.10 21.06 -3.87
C LEU A 1384 1.27 20.38 -4.01
N GLN A 1385 2.34 21.15 -4.22
CA GLN A 1385 3.62 20.47 -4.27
C GLN A 1385 4.10 20.03 -2.88
N LEU A 1386 3.93 20.87 -1.87
CA LEU A 1386 4.12 20.37 -0.50
C LEU A 1386 3.12 19.25 -0.21
N ALA A 1387 2.03 19.18 -0.96
CA ALA A 1387 1.12 18.05 -0.91
C ALA A 1387 1.36 17.03 -2.02
N SER A 1388 2.31 17.28 -2.91
CA SER A 1388 2.71 16.30 -3.91
C SER A 1388 3.86 15.44 -3.43
N PHE A 1389 4.25 15.59 -2.17
CA PHE A 1389 5.54 15.13 -1.71
C PHE A 1389 5.42 14.19 -0.51
N GLU A 1390 5.05 14.70 0.65
CA GLU A 1390 4.95 13.89 1.85
C GLU A 1390 4.04 14.63 2.80
N LYS A 1391 3.47 13.90 3.77
CA LYS A 1391 2.51 14.49 4.71
C LYS A 1391 1.31 15.05 3.98
N THR A 1392 0.98 14.51 2.81
CA THR A 1392 0.03 15.11 1.90
C THR A 1392 -1.30 15.47 2.56
N THR A 1393 -1.73 14.69 3.55
CA THR A 1393 -2.96 15.02 4.27
C THR A 1393 -2.87 16.36 4.97
N ASP A 1394 -2.03 16.46 6.00
CA ASP A 1394 -2.12 17.62 6.88
C ASP A 1394 -1.62 18.90 6.21
N HIS A 1395 -0.90 18.77 5.10
CA HIS A 1395 -0.70 19.96 4.27
C HIS A 1395 -2.03 20.47 3.74
N LEU A 1396 -2.88 19.58 3.26
CA LEU A 1396 -4.18 20.05 2.78
C LEU A 1396 -5.03 20.56 3.92
N PHE A 1397 -5.26 19.75 4.96
CA PHE A 1397 -6.05 20.25 6.08
C PHE A 1397 -5.47 21.50 6.68
N ASP A 1398 -4.33 21.37 7.37
CA ASP A 1398 -3.72 22.50 8.03
C ASP A 1398 -3.59 23.67 7.08
N ALA A 1399 -3.41 23.40 5.79
CA ALA A 1399 -3.50 24.46 4.79
C ALA A 1399 -4.85 25.17 4.84
N ALA A 1400 -5.92 24.49 4.46
CA ALA A 1400 -7.22 25.13 4.35
C ALA A 1400 -7.70 25.71 5.66
N PHE A 1401 -7.22 25.21 6.80
CA PHE A 1401 -7.59 25.82 8.07
C PHE A 1401 -7.18 27.28 8.10
N TYR A 1402 -5.90 27.55 7.86
CA TYR A 1402 -5.42 28.93 7.82
C TYR A 1402 -5.85 29.66 6.56
N MET A 1403 -6.54 28.98 5.64
CA MET A 1403 -7.15 29.61 4.48
C MET A 1403 -6.06 30.22 3.58
N LYS A 1404 -5.08 29.38 3.30
CA LYS A 1404 -3.93 29.77 2.49
C LYS A 1404 -4.39 30.14 1.09
N LYS A 1405 -3.77 31.18 0.53
CA LYS A 1405 -4.19 31.67 -0.77
C LYS A 1405 -3.66 30.79 -1.89
N ASP A 1406 -2.37 30.45 -1.85
CA ASP A 1406 -1.80 29.48 -2.76
C ASP A 1406 -1.99 29.85 -4.23
N ALA A 1407 -1.24 30.84 -4.71
CA ALA A 1407 -1.19 31.11 -6.14
C ALA A 1407 -0.58 29.89 -6.81
N VAL A 1408 -0.90 29.68 -8.08
CA VAL A 1408 -0.28 28.59 -8.83
C VAL A 1408 0.75 29.21 -9.78
N GLU A 1409 2.01 29.20 -9.35
CA GLU A 1409 3.11 29.56 -10.24
C GLU A 1409 3.98 28.40 -10.68
N GLY A 1410 3.79 27.20 -10.13
CA GLY A 1410 4.87 26.23 -10.10
C GLY A 1410 5.04 25.47 -11.38
N VAL A 1411 5.69 24.30 -11.26
CA VAL A 1411 5.77 23.36 -12.37
C VAL A 1411 5.10 22.04 -12.00
N SER A 1412 5.62 21.35 -10.97
CA SER A 1412 4.91 20.24 -10.38
C SER A 1412 3.53 20.65 -9.90
N GLU A 1413 3.30 21.94 -9.77
CA GLU A 1413 2.00 22.51 -9.57
C GLU A 1413 1.18 22.53 -10.84
N CYS A 1414 1.65 23.22 -11.88
CA CYS A 1414 0.86 23.40 -13.09
C CYS A 1414 0.59 22.11 -13.84
N ILE A 1415 1.48 21.11 -13.75
CA ILE A 1415 1.19 19.86 -14.44
C ILE A 1415 -0.06 19.20 -13.90
N ILE A 1416 -0.41 19.50 -12.64
CA ILE A 1416 -1.68 19.04 -12.11
C ILE A 1416 -2.83 19.58 -12.94
N LEU A 1417 -3.03 20.89 -12.89
CA LEU A 1417 -4.19 21.50 -13.51
C LEU A 1417 -4.14 21.47 -15.03
N GLY A 1418 -3.01 21.05 -15.60
CA GLY A 1418 -2.95 20.89 -17.04
C GLY A 1418 -2.83 22.16 -17.83
N GLN A 1419 -2.52 23.29 -17.21
CA GLN A 1419 -2.23 24.49 -17.96
C GLN A 1419 -0.73 24.54 -18.26
N THR A 1420 -0.28 25.57 -18.96
CA THR A 1420 1.09 25.60 -19.45
C THR A 1420 2.06 25.86 -18.31
N MET A 1421 3.32 26.02 -18.68
CA MET A 1421 4.40 26.07 -17.72
C MET A 1421 5.14 27.39 -17.83
N SER A 1422 5.82 27.77 -16.76
CA SER A 1422 6.47 29.08 -16.69
C SER A 1422 7.94 29.04 -17.10
N ILE A 1423 8.46 27.90 -17.54
CA ILE A 1423 9.86 27.80 -17.90
C ILE A 1423 9.96 27.37 -19.36
N GLY A 1424 11.18 27.29 -19.84
CA GLY A 1424 11.44 26.69 -21.14
C GLY A 1424 10.59 27.28 -22.22
N THR A 1425 10.00 26.41 -23.03
CA THR A 1425 9.12 26.86 -24.10
C THR A 1425 7.98 27.72 -23.57
N GLY A 1426 7.58 27.53 -22.33
CA GLY A 1426 6.49 28.30 -21.77
C GLY A 1426 6.91 29.62 -21.17
N SER A 1427 8.14 30.06 -21.45
CA SER A 1427 8.63 31.29 -20.85
C SER A 1427 8.12 32.54 -21.55
N PHE A 1428 7.71 32.47 -22.80
CA PHE A 1428 7.40 33.67 -23.55
C PHE A 1428 6.15 33.47 -24.39
N LYS A 1429 5.18 34.35 -24.21
CA LYS A 1429 4.04 34.37 -25.10
C LYS A 1429 4.54 34.75 -26.49
N VAL A 1430 3.95 34.16 -27.52
CA VAL A 1430 4.31 34.47 -28.90
C VAL A 1430 3.13 35.16 -29.57
N VAL A 1431 3.43 36.10 -30.46
CA VAL A 1431 2.45 37.03 -31.00
C VAL A 1431 2.68 37.15 -32.50
N LYS A 1432 1.60 37.31 -33.26
CA LYS A 1432 1.77 37.60 -34.66
C LYS A 1432 1.48 39.08 -34.92
N GLY A 1433 2.27 39.66 -35.82
CA GLY A 1433 2.07 41.04 -36.20
C GLY A 1433 0.75 41.22 -36.91
N THR A 1434 -0.07 42.15 -36.45
CA THR A 1434 -1.39 42.32 -37.04
C THR A 1434 -1.33 43.17 -38.30
N ASN A 1435 -0.23 43.87 -38.52
CA ASN A 1435 0.08 44.49 -39.80
C ASN A 1435 -1.04 45.40 -40.28
N ILE A 1436 -1.23 46.54 -39.62
CA ILE A 1436 -2.22 47.52 -40.02
C ILE A 1436 -1.78 48.90 -39.56
N SER A 1437 -2.13 49.91 -40.33
CA SER A 1437 -1.80 51.30 -40.00
C SER A 1437 -3.08 52.06 -39.66
N GLU A 1438 -2.93 53.09 -38.81
CA GLU A 1438 -4.07 53.87 -38.35
C GLU A 1438 -4.76 54.63 -39.47
N LYS A 1439 -4.13 54.71 -40.66
CA LYS A 1439 -4.70 55.45 -41.77
C LYS A 1439 -6.13 55.03 -42.10
N ASP A 1440 -6.44 53.74 -41.98
CA ASP A 1440 -7.79 53.25 -42.21
C ASP A 1440 -8.64 53.28 -40.95
N LEU A 1441 -8.07 53.69 -39.83
CA LEU A 1441 -8.74 53.60 -38.54
C LEU A 1441 -9.44 54.88 -38.13
N VAL A 1442 -9.37 55.93 -38.95
CA VAL A 1442 -10.06 57.18 -38.63
C VAL A 1442 -11.55 56.98 -38.79
N PRO A 1443 -12.36 57.37 -37.82
CA PRO A 1443 -13.81 57.18 -37.93
C PRO A 1443 -14.43 58.02 -39.05
N LYS A 1444 -15.71 57.84 -39.30
CA LYS A 1444 -16.40 58.63 -40.32
C LYS A 1444 -17.83 58.90 -39.90
N ARG A 1445 -18.27 60.14 -40.07
CA ARG A 1445 -19.68 60.49 -39.96
C ARG A 1445 -19.65 61.86 -40.63
N CYS A 1446 -20.83 62.30 -41.04
CA CYS A 1446 -21.02 63.61 -41.65
C CYS A 1446 -21.80 64.45 -40.63
N LEU A 1447 -21.51 64.20 -39.36
CA LEU A 1447 -22.11 64.87 -38.20
C LEU A 1447 -23.63 64.74 -38.02
N PHE A 1448 -24.07 63.64 -37.41
CA PHE A 1448 -25.47 63.46 -37.10
C PHE A 1448 -25.62 64.50 -36.01
N GLU A 1449 -24.92 64.25 -34.91
CA GLU A 1449 -24.83 65.24 -33.83
C GLU A 1449 -24.72 66.74 -34.06
N SER A 1450 -23.61 67.20 -34.63
CA SER A 1450 -23.29 68.62 -34.74
C SER A 1450 -24.36 69.46 -35.41
N LEU A 1451 -25.02 68.93 -36.45
CA LEU A 1451 -26.10 69.70 -37.07
C LEU A 1451 -27.29 69.84 -36.12
N SER A 1452 -27.74 68.73 -35.54
CA SER A 1452 -28.81 68.75 -34.54
C SER A 1452 -28.39 69.39 -33.22
N ASN A 1453 -27.10 69.71 -33.06
CA ASN A 1453 -26.62 70.26 -31.80
C ASN A 1453 -27.23 71.63 -31.52
N GLU A 1454 -27.25 72.51 -32.53
CA GLU A 1454 -27.56 73.91 -32.28
C GLU A 1454 -29.01 74.14 -31.91
N ALA A 1455 -29.88 73.14 -32.06
CA ALA A 1455 -31.24 73.25 -31.53
C ALA A 1455 -31.26 73.24 -30.01
N ALA A 1456 -30.29 72.58 -29.37
CA ALA A 1456 -30.19 72.54 -27.92
C ALA A 1456 -29.22 73.59 -27.38
N LEU A 1457 -28.62 74.42 -28.23
CA LEU A 1457 -27.63 75.38 -27.79
C LEU A 1457 -28.21 76.74 -27.42
N LYS A 1458 -29.53 76.90 -27.46
CA LYS A 1458 -30.17 78.17 -27.15
C LYS A 1458 -31.26 78.01 -26.10
N ALA A 1459 -31.69 79.14 -25.55
CA ALA A 1459 -32.64 79.18 -24.45
C ALA A 1459 -32.15 78.37 -23.25
N ASN A 1460 -30.86 78.46 -22.96
CA ASN A 1460 -30.25 77.65 -21.90
C ASN A 1460 -29.09 78.36 -21.23
N ASP B 36 40.75 -54.88 -12.48
CA ASP B 36 40.24 -53.52 -12.48
C ASP B 36 40.14 -52.98 -11.06
N GLU B 37 41.28 -52.65 -10.46
CA GLU B 37 41.25 -52.07 -9.12
C GLU B 37 40.74 -50.64 -9.18
N ILE B 38 39.80 -50.34 -8.30
CA ILE B 38 39.14 -49.04 -8.30
C ILE B 38 40.02 -48.05 -7.55
N ASN B 39 40.15 -46.85 -8.10
CA ASN B 39 41.10 -45.88 -7.59
C ASN B 39 40.56 -45.24 -6.32
N THR B 40 41.34 -45.30 -5.24
CA THR B 40 40.92 -44.71 -3.97
C THR B 40 40.62 -43.22 -4.12
N ALA B 41 41.21 -42.56 -5.10
CA ALA B 41 40.92 -41.16 -5.37
C ALA B 41 39.45 -40.90 -5.65
N GLN B 42 38.94 -41.33 -6.80
CA GLN B 42 37.57 -41.04 -7.19
C GLN B 42 36.53 -42.03 -6.70
N ASP B 43 36.91 -43.24 -6.30
CA ASP B 43 35.94 -44.28 -6.00
C ASP B 43 34.86 -43.82 -5.03
N LYS B 44 35.19 -42.86 -4.15
CA LYS B 44 34.19 -42.25 -3.29
C LYS B 44 33.02 -41.67 -4.09
N TRP B 45 33.24 -41.37 -5.37
CA TRP B 45 32.16 -40.97 -6.24
C TRP B 45 30.97 -41.91 -6.12
N HIS B 46 31.22 -43.21 -6.11
CA HIS B 46 30.15 -44.20 -6.09
C HIS B 46 29.26 -44.08 -4.86
N LEU B 47 29.72 -43.38 -3.82
CA LEU B 47 28.87 -43.05 -2.70
C LEU B 47 27.63 -42.26 -3.11
N LEU B 48 27.82 -41.04 -3.58
CA LEU B 48 26.75 -40.05 -3.75
C LEU B 48 25.54 -40.67 -4.45
N PRO B 49 25.70 -41.46 -5.52
CA PRO B 49 24.52 -42.16 -6.05
C PRO B 49 23.90 -43.10 -5.04
N ALA B 50 24.69 -43.97 -4.41
CA ALA B 50 24.13 -44.92 -3.47
C ALA B 50 23.46 -44.22 -2.29
N PHE B 51 24.09 -43.17 -1.77
CA PHE B 51 23.39 -42.23 -0.92
C PHE B 51 22.05 -41.84 -1.50
N LEU B 52 22.05 -41.17 -2.64
CA LEU B 52 20.83 -40.68 -3.27
C LEU B 52 19.94 -41.80 -3.79
N LYS B 53 20.50 -42.98 -4.08
CA LYS B 53 19.73 -44.05 -4.71
C LYS B 53 18.60 -44.53 -3.81
N VAL B 54 18.94 -45.03 -2.63
CA VAL B 54 17.92 -45.49 -1.70
C VAL B 54 17.22 -44.32 -1.04
N LYS B 55 17.94 -43.59 -0.21
CA LYS B 55 17.42 -42.36 0.39
C LYS B 55 17.44 -41.30 -0.71
N GLY B 56 16.27 -40.76 -1.03
CA GLY B 56 16.09 -40.08 -2.29
C GLY B 56 16.58 -38.64 -2.30
N LEU B 57 16.58 -38.07 -3.52
CA LEU B 57 16.94 -36.67 -3.67
C LEU B 57 16.03 -35.79 -2.84
N VAL B 58 14.75 -35.78 -3.16
CA VAL B 58 13.77 -34.99 -2.43
C VAL B 58 13.10 -35.81 -1.34
N LYS B 59 13.80 -35.99 -0.23
CA LYS B 59 13.27 -36.77 0.89
C LYS B 59 12.77 -35.89 2.02
N GLN B 60 13.16 -34.62 1.99
CA GLN B 60 12.75 -33.66 3.01
C GLN B 60 11.22 -33.63 3.15
N HIS B 61 10.54 -33.25 2.07
CA HIS B 61 9.10 -33.19 2.07
C HIS B 61 8.45 -34.55 2.23
N LEU B 62 9.11 -35.62 1.81
CA LEU B 62 8.51 -36.94 2.03
C LEU B 62 8.57 -37.31 3.50
N ASP B 63 9.75 -37.58 4.03
CA ASP B 63 9.89 -38.06 5.40
C ASP B 63 9.03 -37.31 6.40
N SER B 64 9.24 -36.01 6.55
CA SER B 64 8.41 -35.23 7.46
C SER B 64 6.94 -35.52 7.29
N PHE B 65 6.46 -35.60 6.05
CA PHE B 65 5.09 -36.07 5.85
C PHE B 65 4.90 -37.48 6.38
N ASN B 66 5.58 -38.46 5.78
CA ASN B 66 5.42 -39.85 6.19
C ASN B 66 5.64 -40.04 7.67
N TYR B 67 6.45 -39.18 8.29
CA TYR B 67 6.51 -39.21 9.75
C TYR B 67 5.24 -38.65 10.37
N PHE B 68 4.67 -37.61 9.78
CA PHE B 68 3.43 -37.02 10.27
C PHE B 68 2.30 -38.04 10.33
N VAL B 69 1.86 -38.56 9.17
CA VAL B 69 0.68 -39.40 9.10
C VAL B 69 0.88 -40.67 9.92
N ASP B 70 2.12 -41.11 10.04
CA ASP B 70 2.34 -42.37 10.74
C ASP B 70 2.51 -42.12 12.24
N THR B 71 2.73 -40.87 12.62
CA THR B 71 3.00 -40.63 14.04
C THR B 71 2.21 -39.48 14.65
N ASP B 72 2.44 -38.24 14.21
CA ASP B 72 1.98 -37.10 14.98
C ASP B 72 0.47 -37.05 15.08
N LEU B 73 -0.25 -37.74 14.19
CA LEU B 73 -1.68 -37.90 14.42
C LEU B 73 -1.92 -38.68 15.71
N LYS B 74 -1.28 -39.84 15.85
CA LYS B 74 -1.38 -40.59 17.09
C LYS B 74 -0.92 -39.79 18.30
N LYS B 75 -0.22 -38.68 18.09
CA LYS B 75 0.02 -37.76 19.18
C LYS B 75 -1.14 -36.82 19.41
N ILE B 76 -1.49 -36.00 18.42
CA ILE B 76 -2.48 -34.94 18.60
C ILE B 76 -3.72 -35.45 19.29
N ILE B 77 -4.26 -36.59 18.83
CA ILE B 77 -5.43 -37.10 19.52
C ILE B 77 -5.08 -37.60 20.90
N LYS B 78 -3.86 -38.08 21.11
CA LYS B 78 -3.43 -38.50 22.42
C LYS B 78 -3.37 -37.32 23.37
N ALA B 79 -3.13 -36.12 22.84
CA ALA B 79 -3.36 -34.89 23.57
C ALA B 79 -4.82 -34.73 23.97
N ASN B 80 -5.73 -34.56 22.99
CA ASN B 80 -7.14 -34.41 23.35
C ASN B 80 -7.85 -35.65 22.84
N GLN B 81 -8.06 -36.63 23.73
CA GLN B 81 -8.87 -37.79 23.39
C GLN B 81 -10.25 -37.78 24.02
N LEU B 82 -10.55 -36.80 24.86
CA LEU B 82 -11.80 -36.79 25.60
C LEU B 82 -12.44 -35.41 25.47
N ILE B 83 -13.60 -35.36 24.81
CA ILE B 83 -14.45 -34.18 24.85
C ILE B 83 -15.63 -34.51 25.76
N LEU B 84 -15.87 -33.63 26.72
CA LEU B 84 -17.00 -33.83 27.62
C LEU B 84 -17.62 -32.48 27.94
N SER B 85 -18.94 -32.39 27.80
CA SER B 85 -19.64 -31.16 28.09
C SER B 85 -19.67 -30.92 29.59
N ASP B 86 -20.28 -29.82 30.01
CA ASP B 86 -20.79 -29.76 31.37
C ASP B 86 -22.30 -29.93 31.34
N VAL B 87 -22.70 -31.17 31.59
CA VAL B 87 -24.09 -31.61 31.64
C VAL B 87 -24.03 -33.13 31.71
N ASP B 88 -25.13 -33.75 32.14
CA ASP B 88 -25.28 -35.20 32.08
C ASP B 88 -23.98 -35.88 32.49
N PRO B 89 -23.65 -35.89 33.78
CA PRO B 89 -22.28 -36.27 34.17
C PRO B 89 -21.84 -37.59 33.59
N GLU B 90 -22.77 -38.44 33.17
CA GLU B 90 -22.39 -39.61 32.40
C GLU B 90 -22.47 -39.26 30.91
N PHE B 91 -21.29 -38.98 30.38
CA PHE B 91 -21.02 -39.06 28.95
C PHE B 91 -19.53 -39.05 28.80
N TYR B 92 -19.02 -39.62 27.70
CA TYR B 92 -17.69 -39.22 27.24
C TYR B 92 -17.52 -39.67 25.81
N LEU B 93 -16.58 -39.03 25.14
CA LEU B 93 -16.24 -39.37 23.77
C LEU B 93 -14.74 -39.59 23.73
N LYS B 94 -14.33 -40.84 23.54
CA LYS B 94 -12.94 -41.22 23.70
C LYS B 94 -12.39 -41.68 22.37
N TYR B 95 -11.51 -40.87 21.78
CA TYR B 95 -10.81 -41.31 20.58
C TYR B 95 -9.83 -42.41 20.94
N VAL B 96 -9.50 -43.23 19.96
CA VAL B 96 -8.44 -44.20 20.18
C VAL B 96 -7.38 -44.14 19.08
N ASP B 97 -7.75 -44.45 17.85
CA ASP B 97 -6.77 -44.55 16.77
C ASP B 97 -7.11 -43.60 15.63
N ILE B 98 -6.11 -43.26 14.84
CA ILE B 98 -6.25 -42.49 13.61
C ILE B 98 -5.61 -43.27 12.49
N ARG B 99 -6.26 -43.29 11.34
CA ARG B 99 -5.69 -43.92 10.16
C ARG B 99 -6.09 -43.15 8.92
N VAL B 100 -5.24 -43.22 7.90
CA VAL B 100 -5.52 -42.54 6.64
C VAL B 100 -5.62 -43.57 5.53
N GLY B 101 -6.81 -43.74 4.98
CA GLY B 101 -7.01 -44.65 3.87
C GLY B 101 -7.08 -46.11 4.26
N LYS B 102 -6.68 -46.47 5.48
CA LYS B 102 -6.67 -47.87 5.87
C LYS B 102 -7.74 -48.06 6.95
N LYS B 103 -8.83 -48.69 6.58
CA LYS B 103 -9.95 -48.97 7.48
C LYS B 103 -9.83 -50.36 8.09
N SER B 104 -8.66 -50.97 7.89
CA SER B 104 -8.42 -52.40 8.13
C SER B 104 -9.23 -53.26 7.16
N SER B 105 -8.84 -53.14 5.88
CA SER B 105 -9.28 -54.05 4.82
C SER B 105 -8.06 -54.62 4.10
N SER B 106 -7.29 -53.76 3.46
CA SER B 106 -5.99 -54.13 2.91
C SER B 106 -4.98 -53.11 3.42
N SER B 107 -3.71 -53.28 3.04
CA SER B 107 -2.68 -52.34 3.47
C SER B 107 -2.80 -50.94 2.88
N THR B 108 -2.77 -50.85 1.56
CA THR B 108 -3.15 -49.63 0.86
C THR B 108 -4.67 -49.62 0.67
N LYS B 109 -5.24 -48.41 0.68
CA LYS B 109 -6.68 -48.26 0.51
C LYS B 109 -7.18 -49.01 -0.71
N ASP B 110 -8.29 -49.74 -0.53
CA ASP B 110 -8.82 -50.57 -1.59
C ASP B 110 -9.14 -49.76 -2.84
N TYR B 111 -9.62 -48.53 -2.67
CA TYR B 111 -9.84 -47.67 -3.83
C TYR B 111 -9.63 -46.20 -3.48
N LEU B 112 -9.01 -45.48 -4.41
CA LEU B 112 -8.88 -44.04 -4.33
C LEU B 112 -8.83 -43.52 -5.76
N THR B 113 -8.75 -42.21 -5.93
CA THR B 113 -8.76 -41.64 -7.27
C THR B 113 -7.33 -41.35 -7.75
N PRO B 114 -6.99 -41.75 -8.97
CA PRO B 114 -5.61 -41.62 -9.42
C PRO B 114 -5.23 -40.15 -9.53
N PRO B 115 -4.03 -39.77 -9.06
CA PRO B 115 -3.72 -38.35 -8.96
C PRO B 115 -3.76 -37.63 -10.29
N HIS B 116 -3.10 -38.15 -11.33
CA HIS B 116 -3.11 -37.41 -12.59
C HIS B 116 -4.51 -37.18 -13.10
N GLU B 117 -5.31 -38.23 -13.17
CA GLU B 117 -6.70 -38.04 -13.56
C GLU B 117 -7.39 -37.08 -12.60
N CYS B 118 -6.98 -37.07 -11.34
CA CYS B 118 -7.53 -36.11 -10.39
C CYS B 118 -7.11 -34.68 -10.70
N ARG B 119 -6.07 -34.51 -11.50
CA ARG B 119 -5.62 -33.17 -11.83
C ARG B 119 -6.47 -32.54 -12.92
N LEU B 120 -7.07 -33.37 -13.78
CA LEU B 120 -7.89 -32.84 -14.86
C LEU B 120 -9.25 -32.36 -14.40
N ARG B 121 -9.80 -32.95 -13.35
CA ARG B 121 -11.16 -32.64 -12.91
C ARG B 121 -11.23 -31.49 -11.92
N ASP B 122 -10.12 -30.82 -11.65
CA ASP B 122 -10.08 -29.75 -10.66
C ASP B 122 -10.41 -30.27 -9.27
N MET B 123 -10.21 -31.56 -9.05
CA MET B 123 -10.50 -32.16 -7.77
C MET B 123 -9.35 -31.87 -6.82
N THR B 124 -9.38 -32.47 -5.64
CA THR B 124 -8.27 -32.37 -4.72
C THR B 124 -7.87 -33.76 -4.26
N TYR B 125 -6.66 -34.15 -4.62
CA TYR B 125 -6.15 -35.49 -4.34
C TYR B 125 -6.27 -35.74 -2.86
N SER B 126 -6.93 -36.82 -2.49
CA SER B 126 -7.33 -36.99 -1.11
C SER B 126 -7.35 -38.44 -0.71
N ALA B 127 -6.98 -38.68 0.53
CA ALA B 127 -7.23 -39.94 1.19
C ALA B 127 -8.02 -39.64 2.45
N PRO B 128 -9.02 -40.46 2.76
CA PRO B 128 -9.89 -40.13 3.88
C PRO B 128 -9.24 -40.42 5.21
N ILE B 129 -9.68 -39.68 6.23
CA ILE B 129 -9.28 -39.90 7.61
C ILE B 129 -10.18 -40.99 8.18
N TYR B 130 -9.62 -41.82 9.05
CA TYR B 130 -10.38 -42.82 9.79
C TYR B 130 -10.08 -42.68 11.27
N VAL B 131 -11.14 -42.62 12.08
CA VAL B 131 -11.01 -42.47 13.51
C VAL B 131 -11.88 -43.55 14.16
N ASP B 132 -11.49 -43.93 15.37
CA ASP B 132 -12.24 -44.92 16.14
C ASP B 132 -12.58 -44.30 17.49
N ILE B 133 -13.82 -44.49 17.93
CA ILE B 133 -14.45 -43.64 18.93
C ILE B 133 -15.01 -44.53 20.04
N GLU B 134 -15.21 -43.96 21.22
CA GLU B 134 -16.01 -44.61 22.27
C GLU B 134 -17.12 -43.66 22.66
N TYR B 135 -18.33 -44.18 22.78
CA TYR B 135 -19.47 -43.32 23.09
C TYR B 135 -19.91 -43.47 24.54
N THR B 136 -20.87 -42.63 24.90
CA THR B 136 -21.81 -42.93 25.98
C THR B 136 -23.19 -42.59 25.44
N ARG B 137 -24.00 -43.60 25.18
CA ARG B 137 -25.31 -43.39 24.60
C ARG B 137 -26.46 -43.88 25.48
N GLY B 138 -26.52 -45.17 25.76
CA GLY B 138 -27.58 -45.72 26.57
C GLY B 138 -27.01 -46.83 27.42
N ARG B 139 -27.82 -47.38 28.32
CA ARG B 139 -27.35 -48.32 29.32
C ARG B 139 -26.57 -49.44 28.64
N ASN B 140 -25.35 -49.67 29.11
CA ASN B 140 -24.46 -50.70 28.56
C ASN B 140 -24.20 -50.47 27.08
N ILE B 141 -23.41 -49.43 26.79
CA ILE B 141 -22.96 -49.26 25.41
C ILE B 141 -21.44 -49.21 25.31
N ILE B 142 -20.84 -48.06 25.61
CA ILE B 142 -19.41 -47.79 25.50
C ILE B 142 -18.84 -48.43 24.24
N MET B 143 -19.56 -48.29 23.14
CA MET B 143 -19.30 -49.01 21.90
C MET B 143 -18.32 -48.22 21.02
N HIS B 144 -17.95 -48.80 19.88
CA HIS B 144 -16.98 -48.18 19.01
C HIS B 144 -17.27 -48.50 17.55
N LYS B 145 -16.55 -47.79 16.66
CA LYS B 145 -16.67 -47.92 15.22
C LYS B 145 -15.37 -47.61 14.49
N ASP B 146 -15.45 -47.47 13.17
CA ASP B 146 -14.36 -46.96 12.31
C ASP B 146 -15.04 -45.93 11.40
N VAL B 147 -14.69 -44.66 11.58
CA VAL B 147 -15.48 -43.55 11.06
C VAL B 147 -14.59 -42.54 10.35
N GLU B 148 -15.15 -41.89 9.32
CA GLU B 148 -14.49 -40.79 8.63
C GLU B 148 -14.87 -39.47 9.30
N ILE B 149 -13.87 -38.70 9.71
CA ILE B 149 -14.11 -37.31 10.07
C ILE B 149 -13.89 -36.36 8.91
N GLY B 150 -13.32 -36.84 7.81
CA GLY B 150 -13.02 -35.96 6.71
C GLY B 150 -11.79 -36.47 5.98
N ARG B 151 -11.32 -35.64 5.05
CA ARG B 151 -10.32 -36.09 4.10
C ARG B 151 -9.08 -35.21 4.12
N MET B 152 -7.93 -35.87 4.00
CA MET B 152 -6.60 -35.32 4.11
C MET B 152 -5.96 -35.24 2.73
N PRO B 153 -5.47 -34.11 2.32
CA PRO B 153 -4.78 -34.03 1.02
C PRO B 153 -3.36 -34.54 1.07
N ILE B 154 -3.15 -35.84 0.93
CA ILE B 154 -1.80 -36.38 1.04
C ILE B 154 -1.00 -35.97 -0.17
N MET B 155 0.27 -36.37 -0.18
CA MET B 155 1.25 -35.79 -1.07
C MET B 155 1.78 -36.83 -2.03
N LEU B 156 1.89 -36.45 -3.30
CA LEU B 156 2.32 -37.40 -4.33
C LEU B 156 3.63 -38.05 -3.96
N ARG B 157 3.65 -39.37 -4.08
CA ARG B 157 4.82 -40.19 -3.75
C ARG B 157 5.19 -40.07 -2.28
N SER B 158 4.18 -40.01 -1.43
CA SER B 158 4.31 -40.21 0.00
C SER B 158 4.18 -41.70 0.27
N ASN B 159 4.00 -42.06 1.55
CA ASN B 159 3.65 -43.43 1.86
C ASN B 159 2.30 -43.83 1.29
N LYS B 160 1.26 -43.03 1.55
CA LYS B 160 -0.11 -43.44 1.31
C LYS B 160 -0.54 -43.24 -0.14
N CYS B 161 0.30 -42.64 -0.97
CA CYS B 161 -0.05 -42.37 -2.35
C CYS B 161 -0.16 -43.66 -3.15
N ILE B 162 -1.00 -43.62 -4.18
CA ILE B 162 -1.12 -44.76 -5.08
C ILE B 162 0.16 -44.95 -5.86
N LEU B 163 0.82 -43.86 -6.21
CA LEU B 163 2.02 -43.93 -7.04
C LEU B 163 3.15 -44.62 -6.30
N TYR B 164 3.13 -44.56 -4.98
CA TYR B 164 4.24 -44.98 -4.15
C TYR B 164 4.60 -46.43 -4.44
N ASP B 165 5.87 -46.66 -4.72
CA ASP B 165 6.40 -47.98 -5.03
C ASP B 165 5.62 -48.61 -6.18
N ALA B 166 5.70 -48.00 -7.35
CA ALA B 166 5.11 -48.53 -8.57
C ALA B 166 6.08 -48.31 -9.71
N ASP B 167 6.36 -49.38 -10.45
CA ASP B 167 7.45 -49.30 -11.42
C ASP B 167 6.95 -49.40 -12.86
N GLU B 168 6.90 -48.26 -13.55
CA GLU B 168 6.87 -48.18 -15.01
C GLU B 168 5.67 -48.87 -15.64
N SER B 169 4.91 -49.62 -14.84
CA SER B 169 3.72 -50.26 -15.37
C SER B 169 2.47 -49.57 -14.85
N LYS B 170 2.28 -49.57 -13.53
CA LYS B 170 1.30 -48.69 -12.91
C LYS B 170 1.46 -47.27 -13.43
N MET B 171 2.70 -46.80 -13.58
CA MET B 171 2.96 -45.50 -14.18
C MET B 171 2.20 -45.32 -15.48
N ALA B 172 2.32 -46.29 -16.39
CA ALA B 172 1.48 -46.28 -17.57
C ALA B 172 0.00 -46.27 -17.20
N LYS B 173 -0.50 -47.34 -16.57
CA LYS B 173 -1.93 -47.44 -16.32
C LYS B 173 -2.46 -46.27 -15.52
N LEU B 174 -1.65 -45.66 -14.66
CA LEU B 174 -2.10 -44.47 -13.98
C LEU B 174 -1.88 -43.20 -14.78
N ASN B 175 -1.32 -43.32 -15.99
CA ASN B 175 -1.22 -42.19 -16.90
C ASN B 175 -0.49 -41.03 -16.21
N GLU B 176 0.78 -41.21 -15.89
CA GLU B 176 1.47 -40.25 -15.04
C GLU B 176 2.98 -40.40 -15.21
N CYS B 177 3.73 -39.37 -14.82
CA CYS B 177 5.17 -39.32 -15.12
C CYS B 177 5.99 -40.21 -14.20
N PRO B 178 6.98 -40.94 -14.73
CA PRO B 178 7.93 -41.63 -13.85
C PRO B 178 8.88 -40.69 -13.14
N LEU B 179 9.36 -39.65 -13.81
CA LEU B 179 10.48 -38.87 -13.32
C LEU B 179 10.07 -37.63 -12.55
N ASP B 180 8.79 -37.39 -12.37
CA ASP B 180 8.38 -36.26 -11.53
C ASP B 180 8.70 -36.59 -10.09
N PRO B 181 9.60 -35.85 -9.44
CA PRO B 181 10.04 -36.25 -8.09
C PRO B 181 8.93 -36.28 -7.09
N GLY B 182 7.84 -35.57 -7.32
CA GLY B 182 6.80 -35.62 -6.35
C GLY B 182 7.14 -34.82 -5.11
N GLY B 183 6.36 -35.02 -4.07
CA GLY B 183 6.53 -34.22 -2.88
C GLY B 183 5.77 -32.92 -2.93
N TYR B 184 4.92 -32.75 -3.94
CA TYR B 184 4.07 -31.59 -4.07
C TYR B 184 2.62 -32.03 -3.95
N PHE B 185 1.82 -31.24 -3.25
CA PHE B 185 0.42 -31.57 -3.10
C PHE B 185 -0.29 -31.26 -4.40
N ILE B 186 -1.57 -31.61 -4.44
CA ILE B 186 -2.45 -31.14 -5.49
C ILE B 186 -3.84 -30.93 -4.91
N VAL B 187 -4.37 -29.72 -5.07
CA VAL B 187 -5.68 -29.35 -4.52
C VAL B 187 -6.42 -28.49 -5.53
N ASN B 188 -7.75 -28.65 -5.55
CA ASN B 188 -8.62 -27.86 -6.42
C ASN B 188 -8.22 -27.98 -7.88
N GLY B 189 -7.48 -29.03 -8.20
CA GLY B 189 -6.97 -29.24 -9.53
C GLY B 189 -5.71 -28.47 -9.83
N THR B 190 -5.42 -27.40 -9.09
CA THR B 190 -4.13 -26.79 -9.29
C THR B 190 -3.08 -27.58 -8.55
N GLU B 191 -1.84 -27.19 -8.71
CA GLU B 191 -0.72 -28.04 -8.34
C GLU B 191 0.27 -27.19 -7.55
N LYS B 192 0.40 -27.48 -6.26
CA LYS B 192 1.07 -26.57 -5.34
C LYS B 192 2.01 -27.30 -4.41
N VAL B 193 2.84 -26.52 -3.72
CA VAL B 193 3.89 -27.03 -2.86
C VAL B 193 3.91 -26.22 -1.58
N ILE B 194 4.12 -26.92 -0.46
CA ILE B 194 4.57 -26.30 0.78
C ILE B 194 6.06 -26.08 0.69
N LEU B 195 6.48 -24.84 0.86
CA LEU B 195 7.87 -24.48 0.64
C LEU B 195 8.62 -24.54 1.97
N VAL B 196 9.81 -25.14 1.95
CA VAL B 196 10.57 -25.31 3.17
C VAL B 196 10.77 -23.95 3.81
N GLN B 197 10.36 -23.82 5.06
CA GLN B 197 10.32 -22.54 5.71
C GLN B 197 11.40 -22.46 6.77
N GLU B 198 12.36 -21.56 6.57
CA GLU B 198 13.38 -21.31 7.57
C GLU B 198 12.75 -20.58 8.75
N GLN B 199 13.25 -20.86 9.93
CA GLN B 199 12.82 -20.14 11.12
C GLN B 199 14.01 -19.98 12.06
N LEU B 200 14.04 -18.84 12.73
CA LEU B 200 15.09 -18.57 13.69
C LEU B 200 15.10 -19.63 14.78
N SER B 201 16.28 -19.88 15.32
CA SER B 201 16.43 -20.90 16.36
C SER B 201 15.43 -20.64 17.49
N LYS B 202 14.74 -21.69 17.90
CA LYS B 202 13.68 -21.57 18.88
C LYS B 202 14.09 -22.30 20.15
N ASN B 203 13.86 -21.68 21.30
CA ASN B 203 14.35 -22.15 22.59
C ASN B 203 15.88 -22.23 22.57
N ARG B 204 16.48 -21.06 22.50
CA ARG B 204 17.93 -20.97 22.45
C ARG B 204 18.36 -19.59 22.91
N ILE B 205 19.60 -19.47 23.33
CA ILE B 205 20.13 -18.20 23.79
C ILE B 205 20.58 -17.38 22.58
N ILE B 206 20.46 -16.06 22.67
CA ILE B 206 21.06 -15.17 21.68
C ILE B 206 21.44 -13.87 22.38
N VAL B 207 22.56 -13.28 21.96
CA VAL B 207 23.07 -12.06 22.57
C VAL B 207 23.46 -11.09 21.47
N GLU B 208 22.77 -9.95 21.42
CA GLU B 208 23.04 -8.90 20.45
C GLU B 208 23.46 -7.63 21.17
N ALA B 209 24.47 -6.97 20.59
CA ALA B 209 24.86 -5.64 21.02
C ALA B 209 24.38 -4.61 20.01
N ASP B 210 24.57 -3.35 20.35
CA ASP B 210 24.23 -2.26 19.43
C ASP B 210 24.93 -0.99 19.90
N GLU B 211 25.01 -0.02 18.99
CA GLU B 211 25.17 1.36 19.41
C GLU B 211 24.05 1.70 20.38
N LYS B 212 24.37 2.52 21.38
CA LYS B 212 23.56 2.71 22.58
C LYS B 212 23.08 1.34 23.08
N LYS B 213 21.78 1.15 23.28
CA LYS B 213 21.27 -0.16 23.69
C LYS B 213 21.93 -0.59 24.98
N GLY B 214 22.94 -1.47 24.91
CA GLY B 214 23.31 -2.22 26.10
C GLY B 214 23.12 -3.71 25.98
N ILE B 215 23.13 -4.19 24.75
CA ILE B 215 23.33 -5.62 24.49
C ILE B 215 22.16 -6.45 25.02
N VAL B 216 21.05 -6.41 24.31
CA VAL B 216 19.91 -7.28 24.56
C VAL B 216 20.39 -8.73 24.51
N GLN B 217 19.93 -9.52 25.46
CA GLN B 217 19.92 -10.97 25.35
C GLN B 217 18.49 -11.43 25.19
N ALA B 218 18.29 -12.55 24.52
CA ALA B 218 16.94 -13.04 24.34
C ALA B 218 16.97 -14.55 24.31
N SER B 219 15.93 -15.13 24.89
CA SER B 219 15.66 -16.54 24.75
C SER B 219 14.16 -16.68 24.49
N VAL B 220 13.81 -17.20 23.32
CA VAL B 220 12.41 -17.39 22.97
C VAL B 220 12.13 -18.88 22.90
N THR B 221 11.37 -19.38 23.86
CA THR B 221 11.15 -20.81 23.97
C THR B 221 9.71 -21.12 23.62
N SER B 222 9.51 -22.27 22.97
CA SER B 222 8.17 -22.71 22.65
C SER B 222 8.13 -24.22 22.53
N SER B 223 7.06 -24.80 23.05
CA SER B 223 6.60 -26.13 22.63
C SER B 223 5.15 -26.21 23.06
N THR B 224 4.37 -27.06 22.40
CA THR B 224 2.96 -27.24 22.74
C THR B 224 2.27 -25.89 22.85
N HIS B 225 1.77 -25.58 24.05
CA HIS B 225 1.07 -24.35 24.34
C HIS B 225 2.04 -23.17 24.41
N GLU B 226 1.51 -21.96 24.24
CA GLU B 226 2.13 -20.68 24.59
C GLU B 226 3.53 -20.46 24.03
N ARG B 227 3.64 -20.20 22.73
CA ARG B 227 4.92 -19.72 22.25
C ARG B 227 5.16 -18.32 22.81
N LYS B 228 6.26 -18.16 23.51
CA LYS B 228 6.41 -16.94 24.30
C LYS B 228 7.86 -16.48 24.30
N SER B 229 8.05 -15.19 24.01
CA SER B 229 9.34 -14.55 24.04
C SER B 229 9.67 -14.06 25.44
N LYS B 230 10.96 -14.07 25.77
CA LYS B 230 11.46 -13.32 26.90
C LYS B 230 12.71 -12.56 26.51
N THR B 231 12.62 -11.23 26.47
CA THR B 231 13.76 -10.37 26.32
C THR B 231 14.42 -10.16 27.68
N TYR B 232 15.71 -9.82 27.64
CA TYR B 232 16.40 -9.31 28.81
C TYR B 232 17.43 -8.29 28.31
N VAL B 233 17.75 -7.30 29.12
CA VAL B 233 18.74 -6.31 28.71
C VAL B 233 19.11 -5.46 29.92
N ILE B 234 20.08 -4.57 29.72
CA ILE B 234 20.25 -3.44 30.62
C ILE B 234 19.25 -2.37 30.26
N THR B 235 18.71 -1.71 31.28
CA THR B 235 17.99 -0.47 31.06
C THR B 235 19.01 0.65 30.98
N LYS B 236 19.74 0.88 32.07
CA LYS B 236 20.68 2.00 32.17
C LYS B 236 21.88 1.59 32.99
N ASN B 237 23.07 2.00 32.54
CA ASN B 237 24.25 2.18 33.38
C ASN B 237 24.46 1.08 34.43
N GLY B 238 24.82 -0.12 33.99
CA GLY B 238 25.12 -1.20 34.91
C GLY B 238 23.92 -1.63 35.73
N LYS B 239 22.76 -1.05 35.47
CA LYS B 239 21.55 -1.37 36.22
C LYS B 239 20.57 -2.05 35.27
N ILE B 240 20.40 -3.36 35.44
CA ILE B 240 19.94 -4.24 34.36
C ILE B 240 18.70 -4.99 34.81
N TYR B 241 17.82 -5.31 33.86
CA TYR B 241 16.46 -5.73 34.19
C TYR B 241 15.87 -6.75 33.22
N LEU B 242 14.97 -7.60 33.71
CA LEU B 242 14.16 -8.47 32.88
C LEU B 242 12.94 -7.74 32.36
N LYS B 243 12.81 -7.69 31.04
CA LYS B 243 11.55 -7.30 30.41
C LYS B 243 10.85 -8.57 29.97
N HIS B 244 9.72 -8.88 30.57
CA HIS B 244 8.86 -9.91 30.04
C HIS B 244 7.42 -9.41 30.06
N ASN B 245 6.84 -9.30 28.86
CA ASN B 245 5.55 -8.64 28.72
C ASN B 245 4.48 -9.26 29.61
N SER B 246 4.69 -10.48 30.09
CA SER B 246 3.80 -11.02 31.11
C SER B 246 3.92 -10.27 32.43
N ILE B 247 5.10 -9.75 32.74
CA ILE B 247 5.26 -8.94 33.94
C ILE B 247 4.88 -7.52 33.55
N ALA B 248 4.89 -6.60 34.50
CA ALA B 248 4.53 -5.22 34.15
C ALA B 248 5.64 -4.58 33.34
N GLU B 249 6.79 -4.33 33.98
CA GLU B 249 7.83 -3.54 33.34
C GLU B 249 9.20 -4.20 33.40
N GLU B 250 9.79 -4.26 34.59
CA GLU B 250 11.15 -4.76 34.73
C GLU B 250 11.40 -5.20 36.17
N ILE B 251 12.44 -6.00 36.36
CA ILE B 251 12.89 -6.39 37.69
C ILE B 251 14.41 -6.37 37.70
N PRO B 252 15.05 -5.90 38.77
CA PRO B 252 16.50 -6.08 38.88
C PRO B 252 16.83 -7.56 38.89
N ILE B 253 17.78 -7.95 38.05
CA ILE B 253 18.04 -9.38 37.86
C ILE B 253 18.49 -10.00 39.17
N ALA B 254 19.10 -9.22 40.06
CA ALA B 254 19.47 -9.75 41.36
C ALA B 254 18.23 -10.22 42.12
N ILE B 255 17.16 -9.43 42.09
CA ILE B 255 15.92 -9.84 42.75
C ILE B 255 15.45 -11.17 42.22
N VAL B 256 15.15 -11.24 40.92
CA VAL B 256 14.67 -12.48 40.31
C VAL B 256 15.58 -13.64 40.68
N LEU B 257 16.87 -13.49 40.49
CA LEU B 257 17.78 -14.60 40.75
C LEU B 257 17.73 -15.03 42.22
N LYS B 258 17.56 -14.09 43.14
CA LYS B 258 17.19 -14.45 44.51
C LYS B 258 15.94 -15.31 44.51
N ALA B 259 14.82 -14.73 44.10
CA ALA B 259 13.54 -15.41 44.03
C ALA B 259 13.60 -16.67 43.19
N CYS B 260 14.55 -16.78 42.27
CA CYS B 260 14.81 -18.01 41.55
C CYS B 260 15.34 -19.10 42.46
N GLY B 261 15.58 -18.80 43.72
CA GLY B 261 15.87 -19.86 44.67
C GLY B 261 17.34 -20.08 44.91
N ILE B 262 18.19 -19.16 44.46
CA ILE B 262 19.52 -19.09 45.03
C ILE B 262 19.60 -17.87 45.93
N LEU B 263 19.60 -18.11 47.24
CA LEU B 263 19.43 -17.04 48.20
C LEU B 263 20.73 -16.47 48.73
N SER B 264 21.88 -17.09 48.46
CA SER B 264 23.11 -16.71 49.13
C SER B 264 23.61 -15.34 48.72
N ASP B 265 22.94 -14.68 47.79
CA ASP B 265 23.37 -13.35 47.38
C ASP B 265 24.79 -13.44 46.85
N LEU B 266 25.76 -12.92 47.61
CA LEU B 266 27.11 -12.69 47.11
C LEU B 266 27.66 -13.88 46.33
N GLU B 267 27.10 -15.07 46.54
CA GLU B 267 27.45 -16.19 45.67
C GLU B 267 26.85 -16.06 44.28
N ILE B 268 25.81 -15.23 44.11
CA ILE B 268 25.43 -14.78 42.77
C ILE B 268 26.66 -14.29 42.03
N MET B 269 27.32 -13.26 42.58
CA MET B 269 28.56 -12.78 41.99
C MET B 269 29.52 -13.91 41.68
N GLN B 270 29.81 -14.78 42.63
CA GLN B 270 30.69 -15.90 42.34
C GLN B 270 30.18 -16.78 41.21
N LEU B 271 28.88 -16.79 40.97
CA LEU B 271 28.32 -17.61 39.90
C LEU B 271 28.30 -16.92 38.55
N VAL B 272 27.47 -15.91 38.37
CA VAL B 272 27.32 -15.28 37.05
C VAL B 272 28.58 -14.53 36.61
N CYS B 273 29.32 -13.94 37.53
CA CYS B 273 30.49 -13.14 37.20
C CYS B 273 31.69 -14.00 36.81
N GLY B 274 32.29 -14.68 37.77
CA GLY B 274 33.49 -15.44 37.52
C GLY B 274 34.35 -15.40 38.77
N ASN B 275 35.62 -15.73 38.66
CA ASN B 275 36.49 -15.55 39.80
C ASN B 275 37.06 -14.14 39.86
N ASP B 276 37.98 -13.82 38.96
CA ASP B 276 38.62 -12.51 39.06
C ASP B 276 38.42 -11.68 37.80
N SER B 277 39.29 -11.89 36.82
CA SER B 277 39.30 -11.20 35.52
C SER B 277 39.03 -9.71 35.76
N SER B 278 38.29 -9.07 34.85
CA SER B 278 37.67 -7.78 35.07
C SER B 278 36.31 -7.90 35.74
N TYR B 279 35.57 -8.97 35.44
CA TYR B 279 34.12 -9.04 35.61
C TYR B 279 33.66 -8.67 37.02
N GLN B 280 34.54 -8.76 38.01
CA GLN B 280 34.18 -8.53 39.40
C GLN B 280 33.31 -7.28 39.52
N ASP B 281 33.89 -6.12 39.24
CA ASP B 281 33.23 -4.85 39.47
C ASP B 281 31.92 -4.71 38.69
N ILE B 282 31.97 -4.94 37.37
CA ILE B 282 30.87 -4.61 36.47
C ILE B 282 29.55 -5.19 36.96
N PHE B 283 29.58 -6.41 37.50
CA PHE B 283 28.35 -7.01 37.97
C PHE B 283 27.92 -6.51 39.34
N ALA B 284 28.86 -6.36 40.29
CA ALA B 284 28.48 -5.94 41.64
C ALA B 284 27.72 -4.63 41.66
N VAL B 285 28.08 -3.70 40.77
CA VAL B 285 27.32 -2.46 40.61
C VAL B 285 25.83 -2.75 40.53
N ASN B 286 25.46 -3.71 39.70
CA ASN B 286 24.09 -4.21 39.71
C ASN B 286 23.70 -4.69 41.10
N LEU B 287 24.50 -5.59 41.69
CA LEU B 287 24.10 -6.27 42.92
C LEU B 287 23.75 -5.27 44.01
N GLU B 288 24.27 -4.04 43.90
CA GLU B 288 23.93 -3.00 44.87
C GLU B 288 22.41 -2.86 45.05
N GLU B 289 21.71 -2.42 44.01
CA GLU B 289 20.34 -1.95 44.18
C GLU B 289 19.40 -3.02 44.69
N SER B 290 19.79 -4.28 44.70
CA SER B 290 19.01 -5.25 45.45
C SER B 290 19.14 -5.03 46.95
N SER B 291 20.35 -4.76 47.44
CA SER B 291 20.54 -4.48 48.85
C SER B 291 19.76 -3.27 49.33
N LYS B 292 19.66 -2.21 48.54
CA LYS B 292 18.93 -1.04 48.98
C LYS B 292 17.44 -1.30 49.10
N LEU B 293 16.95 -2.47 48.70
CA LEU B 293 15.51 -2.68 48.76
C LEU B 293 15.11 -3.85 49.66
N ASP B 294 15.23 -5.08 49.16
CA ASP B 294 14.55 -6.24 49.76
C ASP B 294 15.24 -7.53 49.35
N ILE B 295 14.88 -8.61 50.03
CA ILE B 295 15.67 -9.84 50.00
C ILE B 295 14.78 -11.00 50.46
N TYR B 296 15.36 -12.20 50.63
CA TYR B 296 14.68 -13.37 51.20
C TYR B 296 13.46 -13.87 50.45
N THR B 297 13.70 -14.61 49.36
CA THR B 297 12.67 -15.29 48.57
C THR B 297 11.76 -16.15 49.40
N GLN B 298 12.17 -16.52 50.61
CA GLN B 298 11.36 -17.35 51.48
C GLN B 298 9.92 -16.89 51.55
N GLN B 299 9.69 -15.58 51.61
CA GLN B 299 8.36 -15.05 51.34
C GLN B 299 8.41 -13.83 50.41
N GLN B 300 8.98 -12.71 50.85
CA GLN B 300 8.67 -11.45 50.22
C GLN B 300 9.45 -11.21 48.93
N ALA B 301 10.66 -11.75 48.79
CA ALA B 301 11.41 -11.44 47.58
C ALA B 301 10.68 -11.93 46.35
N LEU B 302 10.04 -13.10 46.44
CA LEU B 302 9.05 -13.45 45.43
C LEU B 302 7.95 -12.39 45.36
N GLU B 303 7.53 -11.86 46.51
CA GLU B 303 6.36 -10.99 46.55
C GLU B 303 6.60 -9.71 45.76
N TYR B 304 7.85 -9.27 45.65
CA TYR B 304 8.13 -8.12 44.79
C TYR B 304 7.71 -8.39 43.36
N ILE B 305 7.75 -9.65 42.94
CA ILE B 305 7.43 -9.97 41.57
C ILE B 305 5.93 -9.99 41.34
N GLY B 306 5.21 -10.87 42.01
CA GLY B 306 3.76 -10.95 41.92
C GLY B 306 3.10 -9.62 42.25
N ALA B 307 3.79 -8.82 43.07
CA ALA B 307 3.35 -7.45 43.25
C ALA B 307 3.33 -6.69 41.94
N LYS B 308 4.30 -6.93 41.07
CA LYS B 308 4.38 -6.20 39.81
C LYS B 308 3.81 -6.97 38.62
N VAL B 309 3.36 -8.22 38.82
CA VAL B 309 2.73 -8.92 37.72
C VAL B 309 1.37 -8.27 37.41
N LYS B 310 0.89 -8.48 36.19
CA LYS B 310 -0.47 -8.09 35.90
C LYS B 310 -1.43 -9.07 36.54
N THR B 311 -2.72 -8.79 36.41
CA THR B 311 -3.75 -9.58 37.07
C THR B 311 -3.96 -10.91 36.36
N MET B 312 -4.58 -11.84 37.07
CA MET B 312 -5.01 -13.13 36.52
C MET B 312 -6.34 -13.01 35.78
N ARG B 313 -6.86 -11.79 35.63
CA ARG B 313 -8.16 -11.53 35.02
C ARG B 313 -9.27 -12.17 35.84
N ARG B 314 -9.55 -11.51 36.98
CA ARG B 314 -10.58 -11.93 37.92
C ARG B 314 -10.28 -13.31 38.49
N GLN B 315 -11.15 -14.28 38.25
CA GLN B 315 -11.10 -15.56 38.95
C GLN B 315 -9.71 -16.18 38.89
N LYS B 316 -9.36 -16.90 39.95
CA LYS B 316 -8.04 -17.51 40.00
C LYS B 316 -7.07 -16.58 40.74
N LEU B 317 -7.46 -15.31 40.87
CA LEU B 317 -6.66 -14.32 41.57
C LEU B 317 -6.45 -14.87 42.97
N THR B 318 -7.37 -15.73 43.38
CA THR B 318 -7.28 -16.39 44.67
C THR B 318 -5.84 -16.68 45.08
N ILE B 319 -4.95 -16.83 44.09
CA ILE B 319 -3.57 -17.18 44.38
C ILE B 319 -2.73 -15.97 44.78
N LEU B 320 -3.34 -14.79 44.90
CA LEU B 320 -2.59 -13.66 45.44
C LEU B 320 -2.13 -14.11 46.82
N GLN B 321 -0.81 -14.19 46.98
CA GLN B 321 -0.16 -14.87 48.09
C GLN B 321 1.25 -14.32 48.19
N GLU B 322 2.13 -14.99 48.95
CA GLU B 322 3.54 -14.93 48.60
C GLU B 322 3.83 -15.91 47.47
N GLY B 323 3.00 -16.93 47.33
CA GLY B 323 3.01 -17.80 46.16
C GLY B 323 2.20 -17.16 45.06
N ILE B 324 1.98 -15.85 45.20
CA ILE B 324 1.34 -15.08 44.15
C ILE B 324 2.03 -15.30 42.82
N GLU B 325 3.35 -15.10 42.77
CA GLU B 325 4.11 -15.21 41.55
C GLU B 325 4.86 -16.52 41.42
N ALA B 326 4.79 -17.38 42.45
CA ALA B 326 5.52 -18.64 42.39
C ALA B 326 5.14 -19.42 41.15
N ILE B 327 3.96 -19.15 40.59
CA ILE B 327 3.65 -19.61 39.25
C ILE B 327 4.65 -19.08 38.26
N ALA B 328 4.79 -17.76 38.19
CA ALA B 328 5.62 -17.17 37.13
C ALA B 328 7.07 -17.60 37.24
N THR B 329 7.65 -17.61 38.43
CA THR B 329 9.03 -18.07 38.56
C THR B 329 9.44 -19.41 37.98
N THR B 330 8.50 -20.36 37.85
CA THR B 330 8.68 -21.50 36.95
C THR B 330 8.10 -21.40 35.52
N VAL B 331 6.86 -20.91 35.40
CA VAL B 331 6.43 -20.46 34.09
C VAL B 331 6.25 -18.95 34.00
N ILE B 332 7.30 -18.27 33.56
CA ILE B 332 7.20 -16.91 33.07
C ILE B 332 7.11 -16.99 31.56
N ALA B 333 8.24 -17.29 30.94
CA ALA B 333 8.38 -17.52 29.51
C ALA B 333 8.79 -18.96 29.34
N HIS B 334 9.95 -19.26 29.91
CA HIS B 334 10.61 -20.55 29.85
C HIS B 334 9.80 -21.78 30.22
N LEU B 335 9.50 -22.57 29.21
CA LEU B 335 8.80 -23.83 29.39
C LEU B 335 9.93 -24.81 29.18
N THR B 336 11.14 -24.25 29.12
CA THR B 336 12.35 -25.02 28.91
C THR B 336 12.74 -25.80 30.17
N VAL B 337 12.36 -25.29 31.33
CA VAL B 337 12.75 -25.97 32.57
C VAL B 337 11.55 -26.19 33.49
N GLU B 338 10.95 -25.12 34.03
CA GLU B 338 9.76 -25.25 34.85
C GLU B 338 10.07 -26.15 36.06
N ALA B 339 9.51 -27.35 36.08
CA ALA B 339 9.66 -28.34 37.15
C ALA B 339 9.17 -27.86 38.51
N LEU B 340 9.89 -28.24 39.56
CA LEU B 340 9.32 -28.24 40.91
C LEU B 340 10.15 -27.48 41.94
N ASP B 341 11.39 -27.89 42.22
CA ASP B 341 12.26 -26.95 42.90
C ASP B 341 12.95 -26.09 41.84
N PHE B 342 13.68 -25.06 42.28
CA PHE B 342 14.04 -23.99 41.38
C PHE B 342 15.42 -24.06 40.76
N ARG B 343 16.30 -24.94 41.25
CA ARG B 343 17.72 -24.67 41.02
C ARG B 343 18.08 -24.65 39.55
N GLU B 344 17.44 -25.48 38.74
CA GLU B 344 17.76 -25.52 37.32
C GLU B 344 17.54 -24.17 36.65
N LYS B 345 16.27 -23.77 36.52
CA LYS B 345 15.94 -22.46 35.97
C LYS B 345 16.74 -21.34 36.60
N ALA B 346 16.90 -21.37 37.92
CA ALA B 346 17.74 -20.39 38.58
C ALA B 346 19.09 -20.30 37.91
N LEU B 347 19.84 -21.39 37.93
CA LEU B 347 21.19 -21.34 37.38
C LEU B 347 21.17 -21.18 35.87
N TYR B 348 20.09 -21.58 35.20
CA TYR B 348 19.98 -21.31 33.78
C TYR B 348 19.95 -19.82 33.49
N ILE B 349 18.99 -19.11 34.08
CA ILE B 349 18.93 -17.66 33.97
C ILE B 349 20.25 -17.05 34.39
N ALA B 350 20.91 -17.62 35.39
CA ALA B 350 22.23 -17.16 35.76
C ALA B 350 23.19 -17.23 34.56
N MET B 351 23.48 -18.44 34.09
CA MET B 351 24.42 -18.62 33.00
C MET B 351 24.06 -17.77 31.79
N MET B 352 22.77 -17.46 31.62
CA MET B 352 22.42 -16.49 30.60
C MET B 352 22.91 -15.10 30.99
N THR B 353 22.68 -14.68 32.23
CA THR B 353 23.13 -13.35 32.67
C THR B 353 24.63 -13.21 32.53
N ARG B 354 25.37 -14.31 32.60
CA ARG B 354 26.81 -14.21 32.37
C ARG B 354 27.12 -13.66 30.99
N ARG B 355 26.43 -14.11 29.96
CA ARG B 355 26.89 -13.78 28.63
C ARG B 355 26.68 -12.32 28.27
N VAL B 356 25.66 -11.66 28.81
CA VAL B 356 25.54 -10.22 28.63
C VAL B 356 26.63 -9.43 29.32
N VAL B 357 26.93 -9.67 30.60
CA VAL B 357 28.03 -8.96 31.21
C VAL B 357 29.34 -9.27 30.51
N MET B 358 29.48 -10.48 29.95
CA MET B 358 30.64 -10.73 29.11
C MET B 358 30.68 -9.79 27.92
N ALA B 359 29.53 -9.48 27.35
CA ALA B 359 29.49 -8.53 26.24
C ALA B 359 29.75 -7.11 26.69
N MET B 360 29.20 -6.71 27.83
CA MET B 360 29.44 -5.37 28.33
C MET B 360 30.91 -5.14 28.59
N TYR B 361 31.65 -6.20 28.90
CA TYR B 361 33.10 -6.08 29.01
C TYR B 361 33.70 -5.59 27.70
N ASN B 362 33.61 -6.41 26.65
CA ASN B 362 34.08 -5.98 25.34
C ASN B 362 33.03 -6.34 24.31
N PRO B 363 32.83 -5.52 23.31
CA PRO B 363 32.09 -5.98 22.13
C PRO B 363 32.83 -7.12 21.45
N LYS B 364 32.32 -7.53 20.29
CA LYS B 364 32.64 -8.83 19.72
C LYS B 364 32.29 -9.86 20.78
N MET B 365 33.00 -10.98 20.86
CA MET B 365 32.77 -12.02 21.87
C MET B 365 31.28 -12.26 22.11
N ILE B 366 30.51 -12.22 21.03
CA ILE B 366 29.05 -12.32 21.10
C ILE B 366 28.54 -13.11 19.91
N ASP B 367 27.22 -13.12 19.76
CA ASP B 367 26.54 -13.97 18.80
C ASP B 367 25.79 -13.10 17.81
N ASP B 368 26.25 -13.11 16.57
CA ASP B 368 25.39 -12.65 15.49
C ASP B 368 24.35 -13.71 15.17
N ARG B 369 23.26 -13.28 14.54
CA ARG B 369 22.39 -14.26 13.91
C ARG B 369 22.63 -14.27 12.40
N ASP B 370 23.52 -15.16 12.01
CA ASP B 370 23.84 -15.42 10.61
C ASP B 370 24.05 -16.89 10.34
N TYR B 371 25.14 -17.45 10.89
CA TYR B 371 25.59 -18.76 10.48
C TYR B 371 24.59 -19.82 10.88
N VAL B 372 24.41 -20.78 9.98
CA VAL B 372 23.23 -21.63 9.97
C VAL B 372 22.93 -22.25 11.32
N GLY B 373 23.97 -22.60 12.08
CA GLY B 373 23.77 -23.27 13.35
C GLY B 373 22.86 -22.53 14.30
N ASN B 374 22.70 -21.23 14.11
CA ASN B 374 21.80 -20.44 14.92
C ASN B 374 20.43 -20.30 14.26
N LYS B 375 20.23 -20.96 13.13
CA LYS B 375 18.95 -20.93 12.42
C LYS B 375 18.54 -22.35 12.12
N ARG B 376 17.25 -22.66 12.28
CA ARG B 376 16.79 -24.01 12.04
C ARG B 376 15.64 -23.96 11.07
N LEU B 377 15.85 -24.51 9.88
CA LEU B 377 14.74 -24.58 8.94
C LEU B 377 13.75 -25.60 9.44
N GLU B 378 12.62 -25.72 8.78
CA GLU B 378 11.62 -26.68 9.19
C GLU B 378 10.74 -27.05 8.00
N LEU B 379 10.33 -28.31 7.94
CA LEU B 379 9.73 -28.88 6.75
C LEU B 379 8.21 -28.78 6.78
N ALA B 380 7.55 -29.49 5.87
CA ALA B 380 6.10 -29.55 5.88
C ALA B 380 5.56 -30.40 7.02
N GLY B 381 6.39 -31.26 7.62
CA GLY B 381 5.90 -32.17 8.62
C GLY B 381 5.28 -31.48 9.82
N GLN B 382 6.03 -30.63 10.50
CA GLN B 382 5.47 -29.91 11.64
C GLN B 382 4.46 -28.87 11.22
N LEU B 383 4.58 -28.30 10.03
CA LEU B 383 3.60 -27.32 9.58
C LEU B 383 2.20 -27.89 9.54
N ILE B 384 1.95 -28.87 8.66
CA ILE B 384 0.62 -29.45 8.56
C ILE B 384 0.01 -30.02 9.84
N SER B 385 0.82 -30.50 10.78
CA SER B 385 0.28 -30.81 12.10
C SER B 385 -0.20 -29.59 12.88
N LEU B 386 0.67 -28.58 12.99
CA LEU B 386 0.30 -27.37 13.71
C LEU B 386 -1.01 -26.90 13.14
N LEU B 387 -1.10 -26.79 11.82
CA LEU B 387 -2.38 -26.44 11.21
C LEU B 387 -3.46 -27.43 11.56
N PHE B 388 -3.13 -28.72 11.52
CA PHE B 388 -4.09 -29.75 11.84
C PHE B 388 -4.64 -29.54 13.25
N GLU B 389 -3.80 -29.72 14.28
CA GLU B 389 -4.33 -29.74 15.63
C GLU B 389 -5.17 -28.52 15.95
N ASP B 390 -4.91 -27.39 15.28
CA ASP B 390 -5.89 -26.31 15.32
C ASP B 390 -7.21 -26.74 14.72
N LEU B 391 -7.25 -27.03 13.42
CA LEU B 391 -8.55 -27.36 12.81
C LEU B 391 -9.25 -28.48 13.57
N PHE B 392 -8.53 -29.54 13.92
CA PHE B 392 -9.11 -30.60 14.72
C PHE B 392 -9.55 -30.08 16.09
N LYS B 393 -8.82 -29.12 16.64
CA LYS B 393 -9.19 -28.60 17.95
C LYS B 393 -10.52 -27.85 17.87
N LYS B 394 -10.65 -26.96 16.90
CA LYS B 394 -11.91 -26.29 16.66
C LYS B 394 -13.02 -27.29 16.38
N PHE B 395 -12.69 -28.35 15.64
CA PHE B 395 -13.61 -29.45 15.44
C PHE B 395 -14.15 -29.98 16.76
N ASN B 396 -13.28 -30.18 17.75
CA ASN B 396 -13.77 -30.68 19.02
C ASN B 396 -14.51 -29.64 19.83
N ASN B 397 -13.94 -28.45 20.03
CA ASN B 397 -14.64 -27.41 20.78
C ASN B 397 -16.06 -27.22 20.25
N ASP B 398 -16.21 -27.14 18.94
CA ASP B 398 -17.55 -26.92 18.41
C ASP B 398 -18.39 -28.19 18.39
N PHE B 399 -17.80 -29.36 18.20
CA PHE B 399 -18.60 -30.58 18.25
C PHE B 399 -19.17 -30.81 19.64
N LYS B 400 -18.44 -30.38 20.68
CA LYS B 400 -19.04 -30.24 22.00
C LYS B 400 -20.33 -29.46 21.91
N LEU B 401 -20.23 -28.18 21.58
CA LEU B 401 -21.38 -27.29 21.59
C LEU B 401 -22.52 -27.82 20.72
N SER B 402 -22.21 -28.67 19.74
CA SER B 402 -23.28 -29.33 19.00
C SER B 402 -23.82 -30.53 19.76
N ILE B 403 -23.01 -31.11 20.66
CA ILE B 403 -23.55 -32.22 21.44
C ILE B 403 -24.30 -31.68 22.65
N ASP B 404 -24.18 -30.39 22.93
CA ASP B 404 -24.99 -29.78 23.96
C ASP B 404 -26.43 -29.60 23.54
N LYS B 405 -26.66 -29.08 22.32
CA LYS B 405 -28.02 -28.79 21.87
C LYS B 405 -28.94 -29.99 22.06
N VAL B 406 -28.49 -31.18 21.68
CA VAL B 406 -29.29 -32.38 21.88
C VAL B 406 -29.56 -32.62 23.35
N LEU B 407 -28.55 -32.44 24.20
CA LEU B 407 -28.67 -32.81 25.61
C LEU B 407 -29.23 -31.69 26.47
N LYS B 408 -29.63 -30.57 25.88
CA LYS B 408 -30.24 -29.49 26.65
C LYS B 408 -31.64 -29.89 27.09
N LYS B 409 -32.53 -30.09 26.12
CA LYS B 409 -33.96 -30.17 26.38
C LYS B 409 -34.37 -31.63 26.44
N PRO B 410 -34.73 -32.16 27.62
CA PRO B 410 -34.98 -33.60 27.74
C PRO B 410 -36.14 -34.09 26.90
N ASN B 411 -35.92 -35.17 26.17
CA ASN B 411 -36.94 -35.82 25.35
C ASN B 411 -36.79 -37.32 25.56
N ARG B 412 -37.85 -37.97 26.07
CA ARG B 412 -37.74 -39.34 26.54
C ARG B 412 -36.62 -39.34 27.58
N ALA B 413 -35.77 -40.36 27.57
CA ALA B 413 -34.45 -40.27 28.20
C ALA B 413 -33.47 -39.99 27.08
N MET B 414 -32.79 -38.84 27.14
CA MET B 414 -31.98 -38.41 26.01
C MET B 414 -30.81 -39.38 25.86
N GLU B 415 -30.79 -40.05 24.72
CA GLU B 415 -29.69 -40.93 24.36
C GLU B 415 -29.17 -40.55 22.97
N TYR B 416 -29.92 -40.90 21.93
CA TYR B 416 -29.49 -40.53 20.59
C TYR B 416 -28.01 -40.71 20.27
N ASP B 417 -27.82 -41.70 19.42
CA ASP B 417 -26.50 -42.14 19.01
C ASP B 417 -25.50 -41.12 19.48
N ALA B 418 -25.77 -39.86 19.13
CA ALA B 418 -24.91 -38.71 19.40
C ALA B 418 -23.58 -39.09 18.77
N LEU B 419 -23.64 -39.41 17.48
CA LEU B 419 -22.50 -39.88 16.76
C LEU B 419 -22.56 -39.54 15.30
N LEU B 420 -23.67 -39.75 14.59
CA LEU B 420 -23.49 -39.34 13.22
C LEU B 420 -23.32 -37.84 13.06
N SER B 421 -23.47 -37.07 14.14
CA SER B 421 -23.36 -35.63 14.01
C SER B 421 -21.95 -35.18 13.64
N ILE B 422 -20.97 -36.08 13.66
CA ILE B 422 -19.65 -35.71 13.18
C ILE B 422 -19.67 -35.45 11.68
N ASN B 423 -20.46 -36.21 10.92
CA ASN B 423 -20.52 -35.96 9.48
C ASN B 423 -20.92 -34.52 9.19
N VAL B 424 -22.14 -34.14 9.58
CA VAL B 424 -22.58 -32.77 9.42
C VAL B 424 -21.61 -31.78 10.00
N HIS B 425 -20.94 -32.12 11.09
CA HIS B 425 -20.05 -31.13 11.66
C HIS B 425 -18.66 -31.69 11.46
N SER B 426 -18.11 -31.43 10.29
CA SER B 426 -16.82 -31.84 9.82
C SER B 426 -16.24 -30.82 8.89
N ASN B 427 -15.57 -31.27 7.83
CA ASN B 427 -14.97 -30.39 6.82
C ASN B 427 -14.14 -29.20 7.28
N ASN B 428 -14.55 -28.65 8.42
CA ASN B 428 -13.84 -27.52 9.01
C ASN B 428 -12.45 -28.09 9.17
N ILE B 429 -12.45 -29.42 9.24
CA ILE B 429 -11.21 -30.18 9.24
C ILE B 429 -10.69 -30.32 7.83
N THR B 430 -11.57 -30.47 6.84
CA THR B 430 -11.15 -30.77 5.48
C THR B 430 -11.18 -29.52 4.60
N SER B 431 -12.37 -29.03 4.26
CA SER B 431 -12.47 -27.87 3.41
C SER B 431 -11.67 -26.69 3.96
N GLY B 432 -11.71 -26.51 5.28
CA GLY B 432 -10.82 -25.54 5.89
C GLY B 432 -9.37 -25.85 5.61
N LEU B 433 -9.00 -27.13 5.63
CA LEU B 433 -7.62 -27.49 5.38
C LEU B 433 -7.24 -27.21 3.93
N ASN B 434 -8.12 -27.55 2.99
CA ASN B 434 -7.86 -27.21 1.59
C ASN B 434 -7.70 -25.71 1.40
N ARG B 435 -8.53 -24.92 2.08
CA ARG B 435 -8.41 -23.48 2.01
C ARG B 435 -7.00 -23.03 2.39
N ALA B 436 -6.49 -23.53 3.51
CA ALA B 436 -5.12 -23.22 3.89
C ALA B 436 -4.12 -23.67 2.83
N ILE B 437 -4.01 -24.98 2.62
CA ILE B 437 -2.99 -25.54 1.74
C ILE B 437 -2.98 -24.90 0.37
N SER B 438 -4.13 -24.51 -0.16
CA SER B 438 -4.15 -23.84 -1.45
C SER B 438 -3.81 -22.36 -1.35
N THR B 439 -4.44 -21.63 -0.42
CA THR B 439 -4.33 -20.18 -0.41
C THR B 439 -3.01 -19.73 0.19
N GLY B 440 -2.65 -20.28 1.34
CA GLY B 440 -1.46 -19.86 2.05
C GLY B 440 -1.74 -18.94 3.22
N ASN B 441 -3.01 -18.77 3.59
CA ASN B 441 -3.35 -18.09 4.83
C ASN B 441 -3.43 -19.15 5.92
N TRP B 442 -2.53 -19.09 6.88
CA TRP B 442 -2.61 -19.96 8.04
C TRP B 442 -2.97 -19.09 9.24
N SER B 443 -4.19 -19.26 9.75
CA SER B 443 -4.62 -18.57 10.95
C SER B 443 -4.58 -19.56 12.09
N LEU B 444 -3.62 -19.38 12.99
CA LEU B 444 -3.46 -20.24 14.15
C LEU B 444 -4.03 -19.46 15.34
N LYS B 445 -5.20 -19.86 15.81
CA LYS B 445 -5.78 -19.26 16.99
C LYS B 445 -5.01 -19.64 18.25
N ARG B 446 -4.39 -20.82 18.25
CA ARG B 446 -3.79 -21.33 19.47
C ARG B 446 -2.47 -20.62 19.78
N PHE B 447 -1.69 -20.31 18.75
CA PHE B 447 -0.51 -19.46 18.91
C PHE B 447 -0.80 -17.99 18.65
N LYS B 448 -1.97 -17.66 18.10
CA LYS B 448 -2.26 -16.31 17.63
C LYS B 448 -1.12 -15.79 16.76
N MET B 449 -0.65 -16.62 15.82
CA MET B 449 0.47 -16.25 14.96
C MET B 449 0.14 -16.64 13.53
N GLU B 450 0.21 -15.67 12.63
CA GLU B 450 -0.25 -15.81 11.26
C GLU B 450 0.92 -15.64 10.30
N ARG B 451 1.02 -16.51 9.31
CA ARG B 451 2.04 -16.42 8.28
C ARG B 451 1.40 -16.68 6.93
N ALA B 452 1.97 -16.11 5.88
CA ALA B 452 1.40 -16.21 4.55
C ALA B 452 2.48 -16.31 3.49
N GLY B 453 2.07 -16.44 2.24
CA GLY B 453 2.99 -16.67 1.15
C GLY B 453 3.78 -17.93 1.34
N VAL B 454 3.21 -18.90 2.06
CA VAL B 454 3.94 -20.08 2.47
C VAL B 454 3.84 -21.23 1.48
N THR B 455 3.01 -21.16 0.43
CA THR B 455 2.96 -22.19 -0.59
C THR B 455 3.05 -21.56 -1.97
N HIS B 456 3.08 -22.39 -3.01
CA HIS B 456 3.15 -21.86 -4.37
C HIS B 456 2.54 -22.83 -5.37
N VAL B 457 2.08 -22.30 -6.48
CA VAL B 457 1.99 -23.09 -7.69
C VAL B 457 3.39 -23.59 -8.00
N LEU B 458 3.54 -24.90 -8.16
CA LEU B 458 4.82 -25.42 -8.60
C LEU B 458 4.96 -25.10 -10.08
N SER B 459 6.00 -24.35 -10.42
CA SER B 459 6.10 -23.86 -11.78
C SER B 459 6.84 -24.88 -12.64
N ARG B 460 6.15 -25.43 -13.62
CA ARG B 460 6.78 -26.33 -14.57
C ARG B 460 7.01 -25.52 -15.83
N LEU B 461 8.22 -24.99 -15.97
CA LEU B 461 8.75 -24.62 -17.27
C LEU B 461 9.86 -25.54 -17.74
N SER B 462 10.31 -26.43 -16.87
CA SER B 462 11.44 -27.29 -17.19
C SER B 462 11.41 -28.46 -16.23
N TYR B 463 12.11 -29.53 -16.60
CA TYR B 463 12.34 -30.58 -15.63
C TYR B 463 13.23 -30.09 -14.50
N ILE B 464 14.06 -29.07 -14.75
CA ILE B 464 14.89 -28.55 -13.66
C ILE B 464 14.03 -27.79 -12.68
N SER B 465 13.10 -26.97 -13.18
CA SER B 465 12.23 -26.21 -12.29
C SER B 465 11.34 -27.11 -11.47
N ALA B 466 11.03 -28.30 -11.99
CA ALA B 466 10.19 -29.23 -11.25
C ALA B 466 10.73 -29.49 -9.86
N LEU B 467 12.02 -29.81 -9.75
CA LEU B 467 12.70 -29.89 -8.48
C LEU B 467 13.36 -28.58 -8.09
N GLY B 468 13.14 -27.52 -8.87
CA GLY B 468 13.63 -26.21 -8.51
C GLY B 468 12.79 -25.51 -7.46
N MET B 469 11.48 -25.43 -7.70
CA MET B 469 10.58 -24.98 -6.64
C MET B 469 10.66 -25.91 -5.45
N MET B 470 10.65 -27.20 -5.73
CA MET B 470 10.99 -28.18 -4.73
C MET B 470 12.41 -27.89 -4.24
N THR B 471 12.65 -28.13 -2.96
CA THR B 471 13.94 -27.80 -2.36
C THR B 471 14.29 -26.33 -2.62
N ARG B 472 13.49 -25.47 -1.99
CA ARG B 472 13.82 -24.05 -1.98
C ARG B 472 13.56 -23.54 -0.57
N ILE B 473 14.54 -22.90 0.00
CA ILE B 473 14.45 -22.40 1.36
C ILE B 473 13.87 -20.99 1.32
N SER B 474 12.71 -20.84 1.92
CA SER B 474 12.11 -19.52 2.10
C SER B 474 12.43 -19.05 3.51
N SER B 475 13.30 -18.06 3.61
CA SER B 475 13.46 -17.31 4.84
C SER B 475 12.30 -16.34 4.96
N GLN B 476 11.92 -16.04 6.18
CA GLN B 476 10.76 -15.19 6.42
C GLN B 476 11.13 -14.26 7.56
N PHE B 477 10.16 -13.49 8.06
CA PHE B 477 10.39 -12.46 9.06
C PHE B 477 11.40 -11.50 8.44
N GLU B 478 12.63 -11.39 8.96
CA GLU B 478 13.64 -10.42 8.54
C GLU B 478 13.24 -8.99 8.88
N LYS B 479 12.34 -8.80 9.85
CA LYS B 479 12.05 -7.50 10.45
C LYS B 479 11.77 -6.51 9.32
N SER B 480 12.56 -5.45 9.17
CA SER B 480 12.54 -4.65 7.95
C SER B 480 13.76 -5.00 7.11
N ARG B 481 13.84 -4.43 5.91
CA ARG B 481 14.91 -4.72 4.97
C ARG B 481 16.24 -4.06 5.32
N LYS B 482 16.21 -2.96 6.09
CA LYS B 482 17.31 -2.01 6.14
C LYS B 482 18.57 -2.59 6.78
N VAL B 483 18.47 -3.71 7.50
CA VAL B 483 19.67 -4.35 8.02
C VAL B 483 20.28 -5.20 6.91
N SER B 484 21.57 -4.98 6.64
CA SER B 484 22.29 -5.79 5.65
C SER B 484 22.80 -7.10 6.23
N GLY B 485 22.57 -7.36 7.51
CA GLY B 485 23.06 -8.55 8.16
C GLY B 485 22.45 -9.85 7.65
N PRO B 486 21.11 -9.98 7.72
CA PRO B 486 20.49 -11.23 7.23
C PRO B 486 20.39 -11.27 5.72
N ARG B 487 21.51 -11.00 5.05
CA ARG B 487 21.52 -10.95 3.59
C ARG B 487 22.64 -11.79 2.99
N ALA B 488 23.88 -11.44 3.28
CA ALA B 488 25.00 -11.94 2.51
C ALA B 488 25.21 -13.43 2.77
N LEU B 489 26.18 -13.99 2.07
CA LEU B 489 26.41 -15.43 2.09
C LEU B 489 27.59 -15.73 3.01
N GLN B 490 27.32 -16.33 4.14
CA GLN B 490 28.24 -16.63 5.21
C GLN B 490 29.10 -17.86 4.89
N PRO B 491 30.41 -17.76 5.13
CA PRO B 491 31.31 -18.86 4.79
C PRO B 491 30.96 -20.17 5.47
N SER B 492 30.25 -20.13 6.58
CA SER B 492 29.81 -21.35 7.28
C SER B 492 28.90 -22.21 6.42
N GLN B 493 28.30 -21.61 5.40
CA GLN B 493 27.34 -22.25 4.51
C GLN B 493 27.97 -23.37 3.68
N PHE B 494 29.28 -23.57 3.77
CA PHE B 494 29.97 -24.41 2.82
C PHE B 494 29.34 -25.78 2.73
N GLY B 495 28.92 -26.15 1.53
CA GLY B 495 28.44 -27.48 1.23
C GLY B 495 27.13 -27.89 1.83
N MET B 496 26.59 -27.11 2.76
CA MET B 496 25.29 -27.47 3.31
C MET B 496 24.17 -26.63 2.71
N LEU B 497 24.49 -25.68 1.86
CA LEU B 497 23.51 -24.94 1.08
C LEU B 497 24.15 -24.53 -0.25
N CYS B 498 23.33 -24.50 -1.29
CA CYS B 498 23.81 -24.07 -2.60
C CYS B 498 24.34 -22.65 -2.50
N THR B 499 25.55 -22.44 -2.99
CA THR B 499 26.16 -21.12 -3.02
C THR B 499 25.82 -20.36 -4.29
N ALA B 500 25.21 -21.04 -5.25
CA ALA B 500 25.12 -20.52 -6.61
C ALA B 500 23.84 -19.81 -7.02
N ASP B 501 22.87 -19.64 -6.13
CA ASP B 501 21.68 -18.85 -6.44
C ASP B 501 21.21 -18.14 -5.19
N THR B 502 20.98 -16.84 -5.31
CA THR B 502 20.17 -16.10 -4.34
C THR B 502 19.43 -15.07 -5.18
N PRO B 503 18.41 -15.51 -5.93
CA PRO B 503 17.81 -14.62 -6.95
C PRO B 503 17.11 -13.39 -6.38
N GLU B 504 16.58 -12.56 -7.27
CA GLU B 504 16.10 -11.23 -6.97
C GLU B 504 14.63 -11.17 -6.56
N GLY B 505 13.99 -12.31 -6.34
CA GLY B 505 12.64 -12.31 -5.83
C GLY B 505 12.60 -12.07 -4.33
N GLU B 506 13.68 -11.48 -3.81
CA GLU B 506 13.87 -11.24 -2.38
C GLU B 506 12.66 -10.61 -1.72
N ALA B 507 12.44 -9.31 -1.96
CA ALA B 507 11.32 -8.58 -1.39
C ALA B 507 11.21 -8.80 0.12
N CYS B 508 10.09 -9.37 0.56
CA CYS B 508 9.81 -9.52 1.99
C CYS B 508 10.64 -10.64 2.60
N GLY B 509 11.39 -11.36 1.79
CA GLY B 509 12.09 -12.54 2.29
C GLY B 509 13.35 -12.90 1.54
N LEU B 510 13.93 -14.04 1.87
CA LEU B 510 15.15 -14.51 1.21
C LEU B 510 14.87 -15.91 0.68
N VAL B 511 15.58 -16.29 -0.37
CA VAL B 511 15.42 -17.61 -0.97
C VAL B 511 16.79 -18.24 -1.18
N LYS B 512 16.93 -19.48 -0.70
CA LYS B 512 18.15 -20.24 -0.86
C LYS B 512 17.75 -21.60 -1.39
N ASN B 513 18.73 -22.47 -1.53
CA ASN B 513 18.49 -23.86 -1.90
C ASN B 513 19.42 -24.75 -1.10
N LEU B 514 19.00 -25.99 -0.91
CA LEU B 514 19.85 -26.94 -0.21
C LEU B 514 21.03 -27.34 -1.08
N ALA B 515 21.88 -28.20 -0.55
CA ALA B 515 22.94 -28.79 -1.34
C ALA B 515 22.40 -30.07 -1.97
N LEU B 516 23.25 -30.79 -2.70
CA LEU B 516 22.81 -32.11 -3.13
C LEU B 516 22.74 -33.09 -1.97
N MET B 517 23.68 -33.02 -1.04
CA MET B 517 23.69 -33.93 0.09
C MET B 517 23.45 -33.14 1.36
N THR B 518 22.23 -33.28 1.88
CA THR B 518 21.79 -32.70 3.15
C THR B 518 20.77 -33.70 3.66
N HIS B 519 20.76 -33.93 4.97
CA HIS B 519 19.65 -34.66 5.58
C HIS B 519 19.18 -33.83 6.75
N ILE B 520 17.96 -33.34 6.63
CA ILE B 520 17.45 -32.38 7.60
C ILE B 520 17.06 -33.24 8.79
N THR B 521 17.80 -33.10 9.89
CA THR B 521 17.56 -33.95 11.04
C THR B 521 16.18 -33.73 11.60
N THR B 522 15.49 -34.82 11.92
CA THR B 522 14.19 -34.71 12.58
C THR B 522 14.33 -34.59 14.09
N ASP B 523 13.20 -34.58 14.78
CA ASP B 523 13.24 -34.62 16.22
C ASP B 523 13.72 -36.01 16.66
N ASP B 524 14.48 -36.06 17.75
CA ASP B 524 14.96 -37.36 18.19
C ASP B 524 14.35 -37.80 19.52
N GLU B 525 14.85 -37.25 20.61
CA GLU B 525 14.47 -37.69 21.95
C GLU B 525 15.31 -36.91 22.95
N GLU B 526 14.93 -36.99 24.21
CA GLU B 526 15.70 -36.27 25.21
C GLU B 526 16.08 -37.14 26.41
N GLU B 527 15.10 -37.63 27.17
CA GLU B 527 15.40 -38.30 28.43
C GLU B 527 16.51 -39.34 28.30
N PRO B 528 16.50 -40.24 27.31
CA PRO B 528 17.62 -41.18 27.19
C PRO B 528 18.97 -40.52 27.07
N ILE B 529 19.12 -39.49 26.23
CA ILE B 529 20.42 -38.87 26.11
C ILE B 529 20.80 -38.19 27.42
N LYS B 530 19.82 -37.68 28.15
CA LYS B 530 20.09 -37.14 29.47
C LYS B 530 20.69 -38.20 30.37
N LYS B 531 19.93 -39.24 30.70
CA LYS B 531 20.44 -40.25 31.62
C LYS B 531 21.74 -40.85 31.12
N LEU B 532 21.89 -41.02 29.81
CA LEU B 532 23.17 -41.46 29.26
C LEU B 532 24.29 -40.52 29.66
N CYS B 533 24.10 -39.21 29.46
CA CYS B 533 25.13 -38.25 29.81
C CYS B 533 25.57 -38.43 31.25
N TYR B 534 24.64 -38.61 32.19
CA TYR B 534 24.99 -39.02 33.53
C TYR B 534 25.79 -40.31 33.55
N VAL B 535 25.36 -41.31 32.79
CA VAL B 535 26.05 -42.60 32.79
C VAL B 535 27.53 -42.41 32.46
N LEU B 536 27.84 -41.46 31.59
CA LEU B 536 29.25 -41.24 31.31
C LEU B 536 29.96 -40.58 32.48
N GLY B 537 29.21 -40.10 33.47
CA GLY B 537 29.84 -39.54 34.64
C GLY B 537 29.81 -38.04 34.80
N VAL B 538 28.99 -37.35 34.01
CA VAL B 538 28.69 -35.96 34.30
C VAL B 538 27.95 -35.94 35.62
N GLU B 539 28.09 -34.85 36.34
CA GLU B 539 27.48 -34.75 37.67
C GLU B 539 26.35 -33.75 37.66
N ASP B 540 25.25 -34.12 38.30
CA ASP B 540 24.07 -33.26 38.28
C ASP B 540 24.40 -31.90 38.87
N ILE B 541 23.74 -30.88 38.33
CA ILE B 541 23.93 -29.51 38.80
C ILE B 541 23.71 -29.39 40.29
N THR B 542 22.80 -30.19 40.85
CA THR B 542 22.49 -30.07 42.27
C THR B 542 23.70 -30.40 43.13
N LEU B 543 24.60 -31.24 42.64
CA LEU B 543 25.79 -31.62 43.41
C LEU B 543 26.90 -30.58 43.25
N ILE B 544 26.79 -29.77 42.20
CA ILE B 544 27.88 -28.93 41.73
C ILE B 544 28.28 -27.96 42.84
N ASP B 545 29.57 -27.59 42.83
CA ASP B 545 30.26 -26.68 43.73
C ASP B 545 29.48 -25.39 43.99
N SER B 546 28.71 -24.91 43.03
CA SER B 546 28.27 -23.53 42.97
C SER B 546 29.49 -22.62 42.84
N ALA B 547 30.59 -23.22 42.41
CA ALA B 547 31.64 -22.54 41.66
C ALA B 547 31.93 -23.41 40.45
N SER B 548 31.63 -22.90 39.27
CA SER B 548 31.56 -23.75 38.08
C SER B 548 32.54 -23.27 37.03
N LEU B 549 32.32 -22.03 36.57
CA LEU B 549 32.96 -21.48 35.40
C LEU B 549 34.45 -21.73 35.33
N HIS B 550 35.16 -21.69 36.45
CA HIS B 550 36.56 -22.06 36.47
C HIS B 550 36.78 -23.50 36.02
N LEU B 551 35.96 -24.43 36.49
CA LEU B 551 36.23 -25.85 36.30
C LEU B 551 35.63 -26.29 34.98
N ASN B 552 36.49 -26.80 34.11
CA ASN B 552 36.16 -27.32 32.77
C ASN B 552 35.28 -26.29 32.05
N TYR B 553 34.17 -26.73 31.46
CA TYR B 553 33.39 -25.97 30.50
C TYR B 553 31.94 -25.91 30.92
N GLY B 554 31.35 -27.10 31.06
CA GLY B 554 29.93 -27.26 31.22
C GLY B 554 29.32 -27.94 30.02
N VAL B 555 28.25 -28.69 30.26
CA VAL B 555 27.66 -29.52 29.22
C VAL B 555 26.21 -29.09 29.03
N TYR B 556 25.94 -28.50 27.87
CA TYR B 556 24.65 -27.90 27.60
C TYR B 556 23.84 -28.76 26.66
N LEU B 557 22.77 -29.34 27.19
CA LEU B 557 21.76 -30.01 26.38
C LEU B 557 20.81 -28.92 25.92
N ASN B 558 20.73 -28.71 24.60
CA ASN B 558 19.79 -27.78 24.00
C ASN B 558 19.94 -26.39 24.59
N GLY B 559 21.14 -26.03 25.04
CA GLY B 559 21.31 -24.78 25.75
C GLY B 559 20.67 -24.82 27.12
N THR B 560 20.97 -25.88 27.88
CA THR B 560 20.55 -25.98 29.27
C THR B 560 21.68 -26.65 30.03
N LEU B 561 22.03 -26.08 31.19
CA LEU B 561 23.21 -26.57 31.88
C LEU B 561 22.91 -27.88 32.61
N ILE B 562 23.86 -28.80 32.55
CA ILE B 562 23.72 -30.02 33.33
C ILE B 562 24.89 -30.21 34.28
N GLY B 563 26.01 -30.73 33.77
CA GLY B 563 27.04 -31.18 34.69
C GLY B 563 28.38 -30.49 34.82
N SER B 564 28.82 -29.77 33.79
CA SER B 564 30.22 -29.37 33.70
C SER B 564 31.15 -30.50 34.13
N ILE B 565 31.19 -31.56 33.35
CA ILE B 565 31.97 -32.74 33.72
C ILE B 565 33.48 -32.57 33.79
N ARG B 566 34.15 -33.49 34.48
CA ARG B 566 35.60 -33.46 34.57
C ARG B 566 36.15 -34.08 33.29
N PHE B 567 37.28 -33.57 32.79
CA PHE B 567 37.94 -34.03 31.54
C PHE B 567 37.01 -33.92 30.33
N PRO B 568 36.94 -32.71 29.74
CA PRO B 568 35.97 -32.49 28.65
C PRO B 568 36.28 -33.28 27.37
N THR B 569 37.53 -33.22 26.92
CA THR B 569 37.85 -33.81 25.63
C THR B 569 37.61 -35.32 25.64
N LYS B 570 38.09 -36.00 26.69
CA LYS B 570 37.85 -37.44 26.76
C LYS B 570 36.36 -37.74 26.76
N PHE B 571 35.57 -36.98 27.53
CA PHE B 571 34.11 -37.10 27.43
C PHE B 571 33.65 -37.03 25.98
N VAL B 572 34.09 -36.02 25.25
CA VAL B 572 33.71 -35.87 23.85
C VAL B 572 34.03 -37.12 23.07
N THR B 573 35.32 -37.45 22.94
CA THR B 573 35.73 -38.59 22.13
C THR B 573 34.97 -39.85 22.52
N GLN B 574 34.77 -40.06 23.81
CA GLN B 574 33.91 -41.16 24.25
C GLN B 574 32.51 -41.07 23.63
N PHE B 575 31.84 -39.94 23.76
CA PHE B 575 30.48 -39.81 23.27
C PHE B 575 30.40 -39.97 21.76
N ARG B 576 31.16 -39.17 21.02
CA ARG B 576 31.23 -39.32 19.58
C ARG B 576 31.49 -40.76 19.17
N HIS B 577 32.36 -41.46 19.91
CA HIS B 577 32.57 -42.86 19.61
C HIS B 577 31.29 -43.67 19.73
N LEU B 578 30.48 -43.38 20.75
CA LEU B 578 29.20 -44.06 20.86
C LEU B 578 28.30 -43.76 19.68
N ARG B 579 28.16 -42.47 19.34
CA ARG B 579 27.20 -42.11 18.30
C ARG B 579 27.51 -42.79 16.98
N ARG B 580 28.78 -42.74 16.55
CA ARG B 580 29.18 -43.28 15.27
C ARG B 580 28.95 -44.79 15.17
N THR B 581 28.62 -45.46 16.27
CA THR B 581 28.34 -46.88 16.19
C THR B 581 27.09 -47.22 16.96
N GLY B 582 27.10 -47.18 18.29
CA GLY B 582 26.14 -47.94 19.06
C GLY B 582 24.74 -47.41 19.24
N LYS B 583 24.60 -46.10 19.41
CA LYS B 583 23.35 -45.60 19.98
C LYS B 583 23.17 -44.14 19.58
N VAL B 584 21.92 -43.68 19.66
CA VAL B 584 21.51 -42.30 19.43
C VAL B 584 22.19 -41.72 18.19
N SER B 585 21.77 -42.16 17.01
CA SER B 585 22.51 -41.88 15.78
C SER B 585 21.99 -40.65 15.05
N GLU B 586 22.52 -40.43 13.84
CA GLU B 586 22.27 -39.25 13.04
C GLU B 586 22.63 -38.01 13.85
N PHE B 587 21.62 -37.19 14.11
CA PHE B 587 21.76 -35.95 14.87
C PHE B 587 22.44 -36.13 16.22
N ILE B 588 21.91 -35.43 17.23
CA ILE B 588 22.44 -35.45 18.60
C ILE B 588 23.93 -35.15 18.51
N SER B 589 24.26 -34.20 17.65
CA SER B 589 25.63 -33.82 17.39
C SER B 589 26.27 -33.41 18.72
N ILE B 590 27.58 -33.16 18.66
CA ILE B 590 28.31 -32.70 19.83
C ILE B 590 29.49 -31.89 19.33
N TYR B 591 29.82 -30.83 20.05
CA TYR B 591 31.03 -30.10 19.70
C TYR B 591 31.59 -29.43 20.93
N SER B 592 32.91 -29.45 21.04
CA SER B 592 33.56 -28.74 22.13
C SER B 592 33.58 -27.26 21.82
N ASN B 593 34.10 -26.48 22.76
CA ASN B 593 34.27 -25.06 22.56
C ASN B 593 35.38 -24.58 23.47
N SER B 594 36.03 -23.48 23.10
CA SER B 594 37.20 -23.04 23.84
C SER B 594 36.98 -21.70 24.50
N HIS B 595 36.96 -20.63 23.70
CA HIS B 595 36.83 -19.26 24.20
C HIS B 595 35.68 -19.19 25.17
N GLN B 596 34.46 -19.31 24.65
CA GLN B 596 33.33 -19.71 25.48
C GLN B 596 33.64 -21.10 26.02
N MET B 597 33.49 -21.28 27.33
CA MET B 597 33.75 -22.60 27.91
C MET B 597 32.43 -23.36 27.98
N ALA B 598 32.28 -24.33 27.08
CA ALA B 598 31.11 -25.17 27.05
C ALA B 598 31.42 -26.42 26.24
N VAL B 599 30.62 -27.46 26.43
CA VAL B 599 30.48 -28.54 25.47
C VAL B 599 29.00 -28.74 25.26
N HIS B 600 28.58 -28.79 23.99
CA HIS B 600 27.17 -28.81 23.68
C HIS B 600 26.74 -30.16 23.13
N ILE B 601 25.64 -30.67 23.67
CA ILE B 601 24.93 -31.81 23.12
C ILE B 601 23.58 -31.28 22.69
N ALA B 602 23.36 -31.21 21.38
CA ALA B 602 22.13 -30.69 20.83
C ALA B 602 21.28 -31.82 20.28
N THR B 603 20.07 -31.97 20.83
CA THR B 603 19.16 -32.98 20.30
C THR B 603 18.08 -32.42 19.37
N ASP B 604 18.03 -31.12 19.14
CA ASP B 604 16.88 -30.50 18.50
C ASP B 604 16.63 -31.09 17.12
N GLY B 605 15.37 -31.09 16.72
CA GLY B 605 15.00 -31.44 15.37
C GLY B 605 14.97 -30.23 14.46
N GLY B 606 14.68 -30.48 13.18
CA GLY B 606 14.60 -29.42 12.21
C GLY B 606 15.92 -28.73 11.99
N ARG B 607 16.95 -29.49 11.60
CA ARG B 607 18.29 -28.94 11.61
C ARG B 607 19.09 -29.56 10.48
N ILE B 608 20.11 -28.84 10.02
CA ILE B 608 20.83 -29.25 8.82
C ILE B 608 22.03 -30.10 9.18
N CYS B 609 22.20 -31.20 8.45
CA CYS B 609 23.30 -32.14 8.64
C CYS B 609 23.82 -32.54 7.27
N ARG B 610 25.02 -33.08 7.23
CA ARG B 610 25.59 -33.49 5.95
C ARG B 610 26.45 -34.72 6.08
N PRO B 611 26.55 -35.52 5.03
CA PRO B 611 27.42 -36.71 5.07
C PRO B 611 28.87 -36.36 4.83
N LEU B 612 29.74 -37.23 5.32
CA LEU B 612 31.17 -37.22 5.00
C LEU B 612 31.86 -38.33 5.78
N ILE B 613 33.10 -38.61 5.36
CA ILE B 613 33.85 -39.78 5.81
C ILE B 613 34.73 -39.41 6.98
N ILE B 614 34.81 -40.29 7.97
CA ILE B 614 35.78 -40.17 9.07
C ILE B 614 37.12 -40.70 8.61
N VAL B 615 38.19 -39.98 8.93
CA VAL B 615 39.53 -40.51 8.80
C VAL B 615 40.06 -40.85 10.19
N SER B 616 40.22 -42.14 10.45
CA SER B 616 40.89 -42.62 11.65
C SER B 616 42.37 -42.71 11.35
N ASP B 617 43.18 -42.15 12.25
CA ASP B 617 44.61 -42.00 12.01
C ASP B 617 44.80 -41.27 10.67
N GLY B 618 45.77 -41.71 9.87
CA GLY B 618 46.05 -41.04 8.63
C GLY B 618 44.98 -41.21 7.56
N GLN B 619 44.68 -42.46 7.22
CA GLN B 619 43.82 -42.73 6.08
C GLN B 619 42.36 -42.68 6.52
N SER B 620 41.46 -42.91 5.57
CA SER B 620 40.04 -42.93 5.85
C SER B 620 39.64 -44.25 6.49
N ARG B 621 38.35 -44.41 6.75
CA ARG B 621 37.81 -45.68 7.20
C ARG B 621 37.31 -46.52 6.03
N VAL B 622 37.47 -46.04 4.80
CA VAL B 622 36.94 -46.76 3.64
C VAL B 622 37.75 -48.02 3.37
N LYS B 623 39.08 -47.88 3.27
CA LYS B 623 40.00 -48.99 3.02
C LYS B 623 39.78 -49.64 1.65
N ASP B 624 39.10 -48.94 0.73
CA ASP B 624 39.20 -49.14 -0.71
C ASP B 624 38.75 -50.51 -1.21
N ILE B 625 38.70 -51.51 -0.32
CA ILE B 625 38.10 -52.78 -0.69
C ILE B 625 36.63 -52.78 -0.30
N HIS B 626 36.24 -51.75 0.44
CA HIS B 626 34.89 -51.63 0.91
C HIS B 626 33.95 -51.20 -0.22
N LEU B 627 34.50 -50.56 -1.24
CA LEU B 627 33.69 -50.05 -2.34
C LEU B 627 33.35 -51.09 -3.38
N ARG B 628 34.27 -52.00 -3.72
CA ARG B 628 33.84 -53.19 -4.44
C ARG B 628 32.77 -53.92 -3.65
N LYS B 629 32.96 -54.01 -2.34
CA LYS B 629 31.95 -54.50 -1.41
C LYS B 629 30.69 -53.64 -1.42
N LEU B 630 30.75 -52.46 -2.03
CA LEU B 630 29.61 -51.55 -2.16
C LEU B 630 28.90 -51.65 -3.50
N LEU B 631 29.58 -51.30 -4.60
CA LEU B 631 28.92 -51.24 -5.89
C LEU B 631 28.37 -52.60 -6.34
N ASP B 632 28.74 -53.68 -5.65
CA ASP B 632 28.12 -54.96 -5.87
C ASP B 632 26.63 -54.93 -5.58
N GLY B 633 26.20 -54.10 -4.62
CA GLY B 633 24.79 -53.92 -4.35
C GLY B 633 24.29 -54.62 -3.10
N GLU B 634 25.19 -55.32 -2.40
CA GLU B 634 24.79 -56.04 -1.20
C GLU B 634 25.04 -55.18 0.04
N LEU B 635 25.42 -53.93 -0.19
CA LEU B 635 25.90 -53.05 0.87
C LEU B 635 25.15 -51.73 0.98
N ASP B 636 25.10 -50.93 -0.08
CA ASP B 636 24.39 -49.66 -0.26
C ASP B 636 24.74 -48.63 0.82
N PHE B 637 23.77 -47.83 1.23
CA PHE B 637 24.04 -46.73 2.15
C PHE B 637 23.10 -46.83 3.34
N ASP B 638 23.33 -45.97 4.32
CA ASP B 638 22.87 -46.11 5.70
C ASP B 638 23.34 -47.44 6.29
N ASP B 639 24.29 -48.10 5.64
CA ASP B 639 24.98 -49.23 6.22
C ASP B 639 26.34 -48.85 6.78
N PHE B 640 26.84 -47.65 6.44
CA PHE B 640 28.16 -47.29 6.92
C PHE B 640 28.09 -46.78 8.35
N LEU B 641 26.96 -46.20 8.73
CA LEU B 641 26.73 -45.88 10.13
C LEU B 641 26.91 -47.11 11.01
N LYS B 642 26.18 -48.20 10.70
CA LYS B 642 26.36 -49.42 11.44
C LYS B 642 27.74 -50.04 11.23
N LEU B 643 28.45 -49.64 10.19
CA LEU B 643 29.85 -50.05 10.05
C LEU B 643 30.83 -49.00 10.56
N GLY B 644 30.33 -47.84 11.00
CA GLY B 644 31.20 -46.83 11.56
C GLY B 644 32.17 -46.25 10.55
N LEU B 645 31.66 -45.87 9.37
CA LEU B 645 32.48 -45.20 8.38
C LEU B 645 32.10 -43.73 8.29
N VAL B 646 30.90 -43.41 7.81
CA VAL B 646 30.47 -42.03 7.65
C VAL B 646 29.36 -41.75 8.63
N GLU B 647 29.24 -40.48 9.01
CA GLU B 647 28.11 -40.04 9.80
C GLU B 647 27.82 -38.59 9.43
N TYR B 648 26.77 -38.05 10.02
CA TYR B 648 26.30 -36.72 9.70
C TYR B 648 26.87 -35.75 10.71
N LEU B 649 27.63 -34.77 10.22
CA LEU B 649 28.09 -33.70 11.07
C LEU B 649 27.02 -32.63 11.16
N ASP B 650 27.40 -31.49 11.73
CA ASP B 650 26.51 -30.33 11.81
C ASP B 650 27.40 -29.09 11.79
N VAL B 651 26.86 -27.97 11.32
CA VAL B 651 27.62 -26.74 11.16
C VAL B 651 28.40 -26.41 12.42
N ASN B 652 27.78 -26.56 13.58
CA ASN B 652 28.53 -26.54 14.83
C ASN B 652 29.62 -27.59 14.87
N GLU B 653 29.24 -28.86 14.82
CA GLU B 653 30.20 -29.94 14.98
C GLU B 653 31.36 -29.78 14.02
N GLU B 654 31.08 -29.62 12.72
CA GLU B 654 32.15 -29.50 11.76
C GLU B 654 33.01 -28.29 12.04
N ASN B 655 32.41 -27.19 12.48
CA ASN B 655 33.21 -26.05 12.92
C ASN B 655 34.18 -26.45 14.01
N ASP B 656 33.75 -27.33 14.92
CA ASP B 656 34.70 -27.84 15.89
C ASP B 656 35.65 -28.85 15.24
N SER B 657 35.21 -29.52 14.19
CA SER B 657 36.03 -30.55 13.58
C SER B 657 37.05 -29.98 12.60
N TYR B 658 37.70 -30.87 11.86
CA TYR B 658 38.72 -30.47 10.90
C TYR B 658 38.55 -31.36 9.67
N ILE B 659 38.46 -30.74 8.50
CA ILE B 659 38.15 -31.47 7.28
C ILE B 659 39.22 -31.22 6.24
N ALA B 660 39.44 -32.19 5.36
CA ALA B 660 40.29 -32.01 4.21
C ALA B 660 39.48 -32.25 2.94
N LEU B 661 39.98 -31.69 1.83
CA LEU B 661 39.30 -31.81 0.55
C LEU B 661 39.55 -33.18 -0.05
N TYR B 662 40.77 -33.40 -0.50
CA TYR B 662 41.15 -34.61 -1.21
C TYR B 662 41.88 -35.55 -0.27
N GLU B 663 41.69 -36.86 -0.50
CA GLU B 663 42.52 -37.84 0.17
C GLU B 663 43.99 -37.61 -0.13
N LYS B 664 44.29 -37.04 -1.29
CA LYS B 664 45.67 -36.75 -1.69
C LYS B 664 46.40 -35.97 -0.61
N ASP B 665 45.70 -35.09 0.10
CA ASP B 665 46.32 -34.32 1.19
C ASP B 665 45.61 -34.66 2.49
N ILE B 666 46.35 -35.33 3.38
CA ILE B 666 45.90 -35.59 4.74
C ILE B 666 47.08 -35.39 5.67
N VAL B 667 46.78 -35.03 6.92
CA VAL B 667 47.75 -35.02 8.00
C VAL B 667 47.07 -35.69 9.18
N PRO B 668 47.75 -36.51 9.99
CA PRO B 668 47.03 -37.15 11.09
C PRO B 668 46.81 -36.19 12.24
N SER B 669 46.39 -34.97 11.91
CA SER B 669 45.68 -34.08 12.80
C SER B 669 44.19 -34.08 12.49
N MET B 670 43.78 -34.80 11.46
CA MET B 670 42.47 -34.59 10.85
C MET B 670 41.41 -35.46 11.48
N THR B 671 40.19 -35.27 11.00
CA THR B 671 39.00 -35.93 11.49
C THR B 671 38.24 -36.52 10.32
N HIS B 672 37.87 -35.66 9.37
CA HIS B 672 36.98 -36.04 8.30
C HIS B 672 37.50 -35.52 6.97
N LEU B 673 37.05 -36.15 5.90
CA LEU B 673 37.25 -35.62 4.56
C LEU B 673 35.91 -35.65 3.83
N GLU B 674 35.65 -34.58 3.09
CA GLU B 674 34.45 -34.53 2.28
C GLU B 674 34.49 -35.66 1.27
N ILE B 675 33.33 -36.23 0.98
CA ILE B 675 33.32 -37.34 0.04
C ILE B 675 33.55 -36.82 -1.37
N GLU B 676 32.93 -35.71 -1.74
CA GLU B 676 33.25 -35.02 -2.98
C GLU B 676 33.06 -33.52 -2.84
N PRO B 677 33.91 -32.74 -3.50
CA PRO B 677 33.81 -31.28 -3.37
C PRO B 677 32.61 -30.70 -4.08
N PHE B 678 32.13 -31.31 -5.17
CA PHE B 678 31.12 -30.70 -6.00
C PHE B 678 29.71 -30.93 -5.48
N THR B 679 29.57 -31.57 -4.34
CA THR B 679 28.28 -31.59 -3.67
C THR B 679 27.84 -30.20 -3.24
N ILE B 680 28.73 -29.21 -3.25
CA ILE B 680 28.37 -27.90 -2.72
C ILE B 680 27.39 -27.19 -3.64
N LEU B 681 27.57 -27.31 -4.94
CA LEU B 681 26.64 -26.66 -5.86
C LEU B 681 25.29 -27.37 -5.85
N GLY B 682 24.23 -26.57 -5.92
CA GLY B 682 22.88 -27.07 -5.78
C GLY B 682 22.44 -27.90 -6.95
N ALA B 683 21.24 -28.48 -6.82
CA ALA B 683 20.68 -29.28 -7.90
C ALA B 683 20.57 -28.45 -9.18
N VAL B 684 20.22 -27.18 -9.05
CA VAL B 684 20.23 -26.29 -10.21
C VAL B 684 21.66 -26.00 -10.64
N ALA B 685 22.51 -25.60 -9.71
CA ALA B 685 23.88 -25.22 -10.00
C ALA B 685 24.70 -26.33 -10.64
N GLY B 686 24.44 -27.59 -10.31
CA GLY B 686 25.22 -28.67 -10.87
C GLY B 686 25.22 -28.73 -12.37
N LEU B 687 24.27 -28.06 -13.01
CA LEU B 687 24.22 -27.97 -14.45
C LEU B 687 25.48 -27.39 -15.07
N ILE B 688 25.96 -26.26 -14.55
CA ILE B 688 26.99 -25.48 -15.22
C ILE B 688 28.24 -26.31 -15.43
N PRO B 689 28.72 -26.43 -16.66
CA PRO B 689 29.98 -27.13 -16.88
C PRO B 689 31.15 -26.29 -16.39
N TYR B 690 32.13 -26.94 -15.79
CA TYR B 690 33.34 -26.27 -15.31
C TYR B 690 33.06 -25.00 -14.52
N PRO B 691 32.24 -25.05 -13.47
CA PRO B 691 31.92 -23.81 -12.74
C PRO B 691 33.13 -23.17 -12.09
N HIS B 692 34.15 -23.95 -11.77
CA HIS B 692 35.31 -23.44 -11.06
C HIS B 692 36.17 -22.50 -11.91
N HIS B 693 35.84 -22.33 -13.19
CA HIS B 693 36.53 -21.38 -14.04
C HIS B 693 35.81 -20.04 -14.18
N ASN B 694 34.64 -19.86 -13.56
CA ASN B 694 33.86 -18.65 -13.72
C ASN B 694 34.08 -17.68 -12.57
N GLN B 695 33.44 -16.52 -12.68
CA GLN B 695 33.17 -15.68 -11.53
C GLN B 695 31.71 -15.85 -11.12
N SER B 696 31.51 -16.11 -9.83
CA SER B 696 30.28 -16.64 -9.27
C SER B 696 29.00 -15.93 -9.69
N PRO B 697 28.96 -14.59 -9.83
CA PRO B 697 27.70 -13.97 -10.26
C PRO B 697 27.14 -14.54 -11.55
N ARG B 698 28.00 -15.05 -12.43
CA ARG B 698 27.50 -15.73 -13.62
C ARG B 698 26.74 -17.00 -13.26
N ASN B 699 27.28 -17.81 -12.36
CA ASN B 699 26.51 -18.96 -11.91
C ASN B 699 25.25 -18.57 -11.16
N THR B 700 25.25 -17.44 -10.46
CA THR B 700 24.02 -17.00 -9.83
C THR B 700 22.95 -16.65 -10.85
N TYR B 701 23.29 -15.81 -11.83
CA TYR B 701 22.35 -15.58 -12.92
C TYR B 701 21.96 -16.87 -13.61
N GLN B 702 22.85 -17.86 -13.61
CA GLN B 702 22.52 -19.11 -14.27
C GLN B 702 21.52 -19.93 -13.48
N CYS B 703 21.71 -20.03 -12.17
CA CYS B 703 20.66 -20.67 -11.36
C CYS B 703 19.39 -19.84 -11.39
N ALA B 704 19.48 -18.57 -11.79
CA ALA B 704 18.29 -17.76 -11.98
C ALA B 704 17.73 -17.88 -13.40
N MET B 705 18.44 -18.57 -14.29
CA MET B 705 17.94 -18.78 -15.64
C MET B 705 17.48 -20.21 -15.89
N GLY B 706 18.37 -21.19 -15.76
CA GLY B 706 18.11 -22.52 -16.27
C GLY B 706 16.74 -23.04 -15.93
N LYS B 707 16.20 -22.65 -14.79
CA LYS B 707 14.82 -23.02 -14.49
C LYS B 707 13.82 -22.32 -15.41
N GLN B 708 14.26 -21.33 -16.20
CA GLN B 708 13.41 -20.80 -17.25
C GLN B 708 13.70 -21.39 -18.62
N ALA B 709 14.60 -22.36 -18.72
CA ALA B 709 14.82 -22.97 -20.01
C ALA B 709 13.64 -23.85 -20.38
N ILE B 710 13.08 -23.60 -21.54
CA ILE B 710 11.99 -24.44 -22.03
C ILE B 710 12.57 -25.82 -22.32
N GLY B 711 11.72 -26.83 -22.23
CA GLY B 711 12.22 -28.19 -22.16
C GLY B 711 11.17 -29.23 -22.44
N ALA B 712 11.44 -30.48 -22.08
CA ALA B 712 10.50 -31.55 -22.34
C ALA B 712 9.54 -31.81 -21.18
N ILE B 713 9.67 -31.09 -20.07
CA ILE B 713 8.80 -31.32 -18.91
C ILE B 713 8.91 -32.78 -18.51
N ALA B 714 7.83 -33.54 -18.64
CA ALA B 714 7.83 -34.92 -18.17
C ALA B 714 7.22 -35.81 -19.25
N TYR B 715 7.37 -37.12 -19.07
CA TYR B 715 6.88 -38.05 -20.09
C TYR B 715 5.39 -37.97 -20.31
N ASN B 716 4.62 -37.51 -19.33
CA ASN B 716 3.16 -37.49 -19.46
C ASN B 716 2.73 -36.20 -20.14
N GLN B 717 3.74 -35.53 -20.68
CA GLN B 717 3.62 -34.18 -21.20
C GLN B 717 2.31 -33.96 -21.95
N PHE B 718 2.12 -34.65 -23.06
CA PHE B 718 1.00 -34.37 -23.95
C PHE B 718 -0.34 -34.68 -23.30
N LYS B 719 -0.41 -35.71 -22.46
CA LYS B 719 -1.68 -36.06 -21.85
C LYS B 719 -2.17 -35.04 -20.83
N ARG B 720 -1.30 -34.50 -19.98
CA ARG B 720 -1.72 -33.52 -19.00
C ARG B 720 -2.10 -32.23 -19.70
N ILE B 721 -2.92 -31.45 -19.01
CA ILE B 721 -3.47 -30.20 -19.53
C ILE B 721 -3.16 -29.14 -18.49
N ASP B 722 -2.30 -28.19 -18.83
CA ASP B 722 -1.82 -27.25 -17.84
C ASP B 722 -2.18 -25.83 -18.25
N THR B 723 -1.85 -24.86 -17.40
CA THR B 723 -2.25 -23.50 -17.68
C THR B 723 -1.41 -22.87 -18.78
N LEU B 724 -0.12 -22.60 -18.55
CA LEU B 724 0.75 -22.16 -19.64
C LEU B 724 2.00 -23.02 -19.60
N LEU B 725 2.14 -23.87 -20.60
CA LEU B 725 3.19 -24.87 -20.65
C LEU B 725 3.91 -24.81 -21.98
N TYR B 726 5.17 -24.37 -21.96
CA TYR B 726 6.00 -24.42 -23.14
C TYR B 726 6.56 -25.82 -23.29
N LEU B 727 7.29 -26.03 -24.37
CA LEU B 727 8.02 -27.27 -24.61
C LEU B 727 8.66 -27.19 -25.98
N MET B 728 9.68 -28.01 -26.19
CA MET B 728 10.55 -27.84 -27.34
C MET B 728 10.44 -29.04 -28.28
N THR B 729 10.70 -28.78 -29.55
CA THR B 729 10.45 -29.77 -30.59
C THR B 729 11.52 -30.83 -30.66
N TYR B 730 12.79 -30.45 -30.56
CA TYR B 730 13.91 -31.37 -30.79
C TYR B 730 14.96 -31.20 -29.70
N PRO B 731 14.63 -31.50 -28.45
CA PRO B 731 15.62 -31.37 -27.38
C PRO B 731 16.80 -32.27 -27.59
N GLN B 732 17.91 -31.96 -26.94
CA GLN B 732 19.16 -32.71 -27.08
C GLN B 732 19.98 -32.68 -25.79
N GLN B 733 20.68 -33.78 -25.53
CA GLN B 733 21.59 -33.83 -24.41
C GLN B 733 22.64 -32.73 -24.52
N PRO B 734 22.87 -31.99 -23.45
CA PRO B 734 24.00 -31.07 -23.45
C PRO B 734 25.28 -31.86 -23.66
N MET B 735 26.13 -31.37 -24.56
CA MET B 735 27.24 -32.17 -25.04
C MET B 735 28.17 -32.58 -23.92
N VAL B 736 28.55 -31.66 -23.07
CA VAL B 736 29.30 -31.99 -21.86
C VAL B 736 28.32 -32.04 -20.70
N LYS B 737 28.29 -33.17 -20.02
CA LYS B 737 27.40 -33.35 -18.88
C LYS B 737 28.17 -32.96 -17.64
N THR B 738 27.57 -33.24 -16.49
CA THR B 738 28.29 -33.18 -15.22
C THR B 738 27.80 -34.32 -14.35
N LYS B 739 28.73 -34.89 -13.57
CA LYS B 739 28.39 -36.00 -12.70
C LYS B 739 27.23 -35.65 -11.79
N THR B 740 26.91 -34.36 -11.66
CA THR B 740 25.68 -33.93 -11.04
C THR B 740 24.45 -34.09 -11.93
N ILE B 741 24.58 -33.80 -13.24
CA ILE B 741 23.42 -33.94 -14.13
C ILE B 741 22.92 -35.37 -14.14
N GLU B 742 23.80 -36.33 -14.43
CA GLU B 742 23.34 -37.69 -14.68
C GLU B 742 22.52 -38.22 -13.53
N LEU B 743 22.72 -37.70 -12.32
CA LEU B 743 22.06 -38.23 -11.15
C LEU B 743 20.71 -37.58 -10.88
N ILE B 744 20.40 -36.48 -11.55
CA ILE B 744 19.04 -35.95 -11.55
C ILE B 744 18.27 -36.37 -12.80
N ASP B 745 18.87 -37.22 -13.64
CA ASP B 745 18.23 -37.73 -14.86
C ASP B 745 17.93 -36.60 -15.84
N TYR B 746 18.70 -35.53 -15.70
CA TYR B 746 18.55 -34.37 -16.55
C TYR B 746 18.81 -34.65 -18.03
N ASP B 747 19.53 -35.72 -18.36
CA ASP B 747 19.75 -35.96 -19.78
C ASP B 747 18.60 -36.72 -20.41
N LYS B 748 17.69 -37.26 -19.61
CA LYS B 748 16.52 -37.92 -20.19
C LYS B 748 15.38 -36.94 -20.40
N LEU B 749 15.54 -35.70 -19.95
CA LEU B 749 14.58 -34.62 -20.22
C LEU B 749 15.35 -33.36 -20.53
N PRO B 750 16.17 -33.37 -21.57
CA PRO B 750 17.08 -32.24 -21.81
C PRO B 750 16.31 -31.01 -22.22
N ALA B 751 16.71 -29.84 -21.75
CA ALA B 751 16.07 -28.61 -22.19
C ALA B 751 17.11 -27.81 -22.96
N GLY B 752 16.97 -27.77 -24.27
CA GLY B 752 17.85 -26.95 -25.06
C GLY B 752 18.11 -27.57 -26.41
N GLN B 753 18.83 -26.82 -27.23
CA GLN B 753 19.37 -27.31 -28.48
C GLN B 753 20.88 -27.29 -28.33
N ASN B 754 21.57 -28.12 -29.08
CA ASN B 754 23.02 -28.12 -29.04
C ASN B 754 23.54 -27.54 -30.35
N ALA B 755 24.02 -26.31 -30.27
CA ALA B 755 24.17 -25.49 -31.46
C ALA B 755 25.62 -25.30 -31.81
N THR B 756 25.96 -25.51 -33.08
CA THR B 756 27.34 -25.39 -33.51
C THR B 756 27.66 -23.94 -33.83
N VAL B 757 28.55 -23.36 -33.06
CA VAL B 757 28.53 -21.93 -32.83
C VAL B 757 29.91 -21.33 -32.93
N ALA B 758 30.07 -20.40 -33.86
CA ALA B 758 31.32 -19.71 -33.98
C ALA B 758 31.42 -18.71 -32.85
N VAL B 759 32.57 -18.06 -32.73
CA VAL B 759 32.71 -16.87 -31.90
C VAL B 759 33.41 -15.86 -32.78
N MET B 760 32.68 -14.83 -33.18
CA MET B 760 33.20 -13.89 -34.16
C MET B 760 32.39 -12.61 -34.09
N SER B 761 32.92 -11.50 -34.59
CA SER B 761 32.04 -10.36 -34.82
C SER B 761 31.63 -10.44 -36.27
N TYR B 762 30.33 -10.31 -36.50
CA TYR B 762 29.74 -10.42 -37.81
C TYR B 762 28.71 -9.33 -37.94
N SER B 763 28.19 -9.12 -39.15
CA SER B 763 27.10 -8.16 -39.27
C SER B 763 27.63 -6.84 -38.80
N GLY B 764 27.48 -6.62 -37.50
CA GLY B 764 27.37 -5.33 -36.90
C GLY B 764 26.06 -5.31 -36.16
N TYR B 765 25.25 -6.36 -36.31
CA TYR B 765 24.18 -6.57 -35.34
C TYR B 765 24.70 -7.59 -34.33
N ASP B 766 25.36 -7.07 -33.32
CA ASP B 766 25.94 -8.01 -32.38
C ASP B 766 26.07 -7.38 -31.00
N ILE B 767 27.08 -6.53 -30.87
CA ILE B 767 27.26 -5.62 -29.75
C ILE B 767 27.15 -6.33 -28.40
N GLU B 768 26.24 -5.92 -27.56
CA GLU B 768 26.21 -6.40 -26.19
C GLU B 768 25.29 -7.61 -26.14
N ASP B 769 25.89 -8.77 -25.98
CA ASP B 769 25.17 -10.00 -25.68
C ASP B 769 24.20 -10.41 -26.77
N ALA B 770 24.01 -9.59 -27.80
CA ALA B 770 22.99 -9.91 -28.78
C ALA B 770 23.52 -10.94 -29.77
N LEU B 771 22.87 -12.09 -29.81
CA LEU B 771 23.29 -13.17 -30.68
C LEU B 771 22.92 -12.82 -32.11
N VAL B 772 23.33 -13.67 -33.05
CA VAL B 772 22.83 -13.61 -34.42
C VAL B 772 22.64 -15.03 -34.95
N LEU B 773 21.41 -15.36 -35.30
CA LEU B 773 21.00 -16.71 -35.64
C LEU B 773 21.26 -17.01 -37.12
N ASN B 774 20.70 -18.11 -37.61
CA ASN B 774 21.02 -18.61 -38.93
C ASN B 774 19.73 -19.06 -39.61
N LYS B 775 19.35 -18.42 -40.72
CA LYS B 775 18.24 -19.00 -41.47
C LYS B 775 18.70 -20.32 -42.07
N SER B 776 17.80 -20.98 -42.76
CA SER B 776 18.09 -22.28 -43.36
C SER B 776 18.67 -23.23 -42.33
N SER B 777 18.49 -22.91 -41.05
CA SER B 777 18.96 -23.69 -39.93
C SER B 777 17.86 -23.68 -38.91
N ILE B 778 17.59 -22.47 -38.43
CA ILE B 778 16.36 -22.19 -37.70
C ILE B 778 15.18 -22.76 -38.47
N ASP B 779 15.25 -22.78 -39.79
CA ASP B 779 14.19 -23.39 -40.57
C ASP B 779 14.36 -24.90 -40.66
N ARG B 780 15.54 -25.42 -40.35
CA ARG B 780 15.71 -26.86 -40.42
C ARG B 780 15.26 -27.56 -39.15
N GLY B 781 14.66 -26.83 -38.21
CA GLY B 781 14.24 -27.44 -36.97
C GLY B 781 15.08 -27.10 -35.77
N PHE B 782 15.93 -26.09 -35.89
CA PHE B 782 16.67 -25.58 -34.74
C PHE B 782 15.69 -24.80 -33.87
N GLY B 783 15.80 -24.99 -32.56
CA GLY B 783 15.16 -24.11 -31.60
C GLY B 783 13.71 -23.78 -31.86
N ARG B 784 12.93 -24.73 -32.33
CA ARG B 784 11.51 -24.48 -32.54
C ARG B 784 10.76 -24.67 -31.23
N CYS B 785 9.75 -23.86 -30.98
CA CYS B 785 9.01 -23.99 -29.74
C CYS B 785 7.58 -24.38 -30.02
N GLU B 786 6.92 -24.95 -29.02
CA GLU B 786 5.47 -25.01 -28.98
C GLU B 786 5.03 -24.23 -27.75
N THR B 787 3.74 -24.09 -27.58
CA THR B 787 3.19 -23.45 -26.40
C THR B 787 1.81 -24.02 -26.17
N ARG B 788 1.44 -24.21 -24.92
CA ARG B 788 0.17 -24.83 -24.62
C ARG B 788 -0.54 -23.99 -23.55
N ARG B 789 -1.78 -23.63 -23.83
CA ARG B 789 -2.60 -22.88 -22.90
C ARG B 789 -3.85 -23.69 -22.61
N LYS B 790 -4.43 -23.50 -21.43
CA LYS B 790 -5.73 -24.09 -21.16
C LYS B 790 -6.73 -22.99 -20.96
N THR B 791 -7.95 -23.22 -21.45
CA THR B 791 -9.06 -22.35 -21.11
C THR B 791 -10.11 -23.23 -20.42
N THR B 792 -10.27 -23.03 -19.13
CA THR B 792 -11.34 -23.69 -18.41
C THR B 792 -12.60 -22.86 -18.50
N THR B 793 -13.71 -23.51 -18.81
CA THR B 793 -15.03 -22.89 -18.75
C THR B 793 -15.85 -23.83 -17.90
N VAL B 794 -16.19 -23.40 -16.70
CA VAL B 794 -17.06 -24.21 -15.87
C VAL B 794 -18.50 -23.91 -16.22
N LEU B 795 -19.30 -24.98 -16.36
CA LEU B 795 -20.73 -24.84 -16.53
C LEU B 795 -21.37 -25.09 -15.17
N LYS B 796 -22.29 -24.20 -14.80
CA LYS B 796 -22.90 -24.32 -13.49
C LYS B 796 -24.41 -24.06 -13.58
N ARG B 797 -25.15 -24.86 -12.83
CA ARG B 797 -26.60 -24.74 -12.75
C ARG B 797 -26.94 -23.61 -11.78
N TYR B 798 -28.06 -22.94 -12.04
CA TYR B 798 -28.50 -21.83 -11.20
C TYR B 798 -29.75 -22.21 -10.42
N ALA B 799 -29.93 -21.55 -9.28
CA ALA B 799 -31.04 -21.85 -8.38
C ALA B 799 -32.40 -21.81 -9.06
N ASN B 800 -32.55 -21.08 -10.16
CA ASN B 800 -33.75 -21.18 -10.98
C ASN B 800 -33.90 -22.55 -11.61
N HIS B 801 -32.93 -23.44 -11.40
CA HIS B 801 -32.88 -24.73 -12.07
C HIS B 801 -32.79 -24.52 -13.57
N THR B 802 -31.71 -23.86 -14.00
CA THR B 802 -31.50 -23.55 -15.41
C THR B 802 -30.03 -23.78 -15.72
N GLN B 803 -29.75 -24.61 -16.70
CA GLN B 803 -28.40 -25.02 -17.00
C GLN B 803 -27.82 -24.17 -18.12
N ASP B 804 -26.61 -23.66 -17.91
CA ASP B 804 -25.90 -22.88 -18.91
C ASP B 804 -25.48 -23.80 -20.06
N ILE B 805 -25.90 -23.45 -21.27
CA ILE B 805 -25.85 -24.40 -22.38
C ILE B 805 -24.83 -23.96 -23.41
N ILE B 806 -24.21 -24.94 -24.07
CA ILE B 806 -23.15 -24.77 -25.04
C ILE B 806 -23.66 -24.81 -26.47
N GLY B 807 -24.98 -24.88 -26.66
CA GLY B 807 -25.52 -24.95 -28.00
C GLY B 807 -25.06 -23.80 -28.88
N GLY B 808 -25.08 -24.02 -30.20
CA GLY B 808 -24.46 -23.06 -31.09
C GLY B 808 -24.57 -23.37 -32.58
N MET B 809 -23.63 -22.82 -33.34
CA MET B 809 -23.47 -23.03 -34.78
C MET B 809 -24.65 -22.48 -35.58
N ARG B 810 -24.73 -21.16 -35.68
CA ARG B 810 -25.84 -20.47 -36.34
C ARG B 810 -25.99 -20.84 -37.82
N VAL B 811 -24.93 -20.67 -38.61
CA VAL B 811 -24.92 -21.16 -39.99
C VAL B 811 -26.02 -20.53 -40.84
N ASP B 812 -25.84 -19.28 -41.24
CA ASP B 812 -26.77 -18.68 -42.18
C ASP B 812 -26.37 -19.01 -43.62
N GLU B 813 -27.22 -18.57 -44.55
CA GLU B 813 -26.96 -18.59 -45.99
C GLU B 813 -26.38 -19.90 -46.51
N ASN B 814 -27.21 -20.93 -46.57
CA ASN B 814 -26.94 -22.14 -47.33
C ASN B 814 -25.73 -22.93 -46.84
N GLY B 815 -25.86 -23.56 -45.68
CA GLY B 815 -24.95 -24.63 -45.30
C GLY B 815 -23.51 -24.24 -45.10
N ASP B 816 -23.27 -23.32 -44.16
CA ASP B 816 -21.93 -22.94 -43.73
C ASP B 816 -22.05 -21.94 -42.60
N PRO B 817 -21.24 -22.06 -41.54
CA PRO B 817 -21.32 -21.09 -40.46
C PRO B 817 -20.66 -19.78 -40.84
N ILE B 818 -21.07 -18.72 -40.15
CA ILE B 818 -20.39 -17.46 -40.32
C ILE B 818 -18.92 -17.62 -39.91
N TRP B 819 -18.05 -16.89 -40.62
CA TRP B 819 -16.63 -17.01 -40.35
C TRP B 819 -16.28 -16.67 -38.91
N GLN B 820 -16.94 -15.67 -38.32
CA GLN B 820 -16.73 -15.40 -36.91
C GLN B 820 -16.98 -16.66 -36.09
N HIS B 821 -17.74 -17.60 -36.63
CA HIS B 821 -18.04 -18.79 -35.87
C HIS B 821 -17.12 -19.90 -36.34
N GLN B 822 -17.53 -20.55 -37.42
CA GLN B 822 -16.79 -21.64 -38.06
C GLN B 822 -16.25 -22.69 -37.11
N SER B 823 -14.95 -22.64 -36.89
CA SER B 823 -14.19 -23.58 -36.05
C SER B 823 -14.87 -24.30 -34.89
N LEU B 824 -16.06 -24.89 -35.11
CA LEU B 824 -16.66 -25.64 -34.03
C LEU B 824 -17.03 -27.05 -34.45
N GLY B 825 -17.98 -27.17 -35.36
CA GLY B 825 -18.62 -28.43 -35.62
C GLY B 825 -19.98 -28.46 -35.00
N PRO B 826 -20.71 -29.55 -35.21
CA PRO B 826 -22.14 -29.56 -34.86
C PRO B 826 -22.39 -29.41 -33.37
N ASP B 827 -21.44 -29.87 -32.55
CA ASP B 827 -21.72 -29.96 -31.12
C ASP B 827 -21.82 -28.58 -30.48
N GLY B 828 -21.27 -27.57 -31.13
CA GLY B 828 -21.22 -26.25 -30.53
C GLY B 828 -19.98 -26.04 -29.70
N LEU B 829 -19.41 -27.11 -29.16
CA LEU B 829 -18.11 -27.06 -28.53
C LEU B 829 -17.07 -26.96 -29.63
N GLY B 830 -15.87 -26.51 -29.26
CA GLY B 830 -14.77 -26.51 -30.22
C GLY B 830 -14.43 -27.92 -30.67
N GLU B 831 -13.55 -28.05 -31.65
CA GLU B 831 -13.20 -29.37 -32.16
C GLU B 831 -11.68 -29.49 -32.28
N VAL B 832 -11.21 -30.71 -32.46
CA VAL B 832 -9.78 -31.03 -32.41
C VAL B 832 -9.11 -30.63 -33.70
N GLY B 833 -7.91 -30.06 -33.59
CA GLY B 833 -6.98 -29.98 -34.69
C GLY B 833 -7.24 -28.91 -35.72
N MET B 834 -8.26 -28.10 -35.53
CA MET B 834 -8.59 -27.13 -36.57
C MET B 834 -7.97 -25.80 -36.22
N LYS B 835 -7.41 -25.16 -37.23
CA LYS B 835 -6.81 -23.85 -37.09
C LYS B 835 -7.85 -22.85 -36.62
N VAL B 836 -7.56 -22.17 -35.51
CA VAL B 836 -8.44 -21.12 -35.02
C VAL B 836 -7.69 -19.80 -35.04
N GLN B 837 -8.39 -18.75 -35.42
CA GLN B 837 -7.77 -17.52 -35.87
C GLN B 837 -8.41 -16.31 -35.22
N SER B 838 -7.63 -15.63 -34.38
CA SER B 838 -8.04 -14.36 -33.80
C SER B 838 -9.45 -14.42 -33.23
N GLY B 839 -10.34 -13.59 -33.76
CA GLY B 839 -11.60 -13.27 -33.12
C GLY B 839 -12.69 -14.33 -33.13
N GLN B 840 -12.35 -15.56 -33.52
CA GLN B 840 -13.31 -16.65 -33.60
C GLN B 840 -13.71 -17.12 -32.20
N ILE B 841 -14.48 -18.20 -32.16
CA ILE B 841 -14.96 -18.75 -30.90
C ILE B 841 -14.57 -20.21 -30.80
N TYR B 842 -13.70 -20.53 -29.86
CA TYR B 842 -13.32 -21.94 -29.71
C TYR B 842 -14.17 -22.71 -28.72
N ILE B 843 -14.98 -22.03 -27.90
CA ILE B 843 -16.08 -22.70 -27.22
C ILE B 843 -17.28 -21.76 -27.12
N ASN B 844 -18.43 -22.22 -27.61
CA ASN B 844 -19.65 -21.43 -27.58
C ASN B 844 -20.33 -21.69 -26.25
N LYS B 845 -20.74 -20.63 -25.57
CA LYS B 845 -21.30 -20.69 -24.23
C LYS B 845 -22.39 -19.65 -24.12
N SER B 846 -23.49 -19.97 -23.44
CA SER B 846 -24.56 -19.01 -23.20
C SER B 846 -25.11 -19.20 -21.80
N VAL B 847 -25.26 -18.09 -21.07
CA VAL B 847 -25.84 -18.13 -19.73
C VAL B 847 -27.35 -17.93 -19.84
N PRO B 848 -28.11 -18.38 -18.86
CA PRO B 848 -29.53 -18.01 -18.80
C PRO B 848 -29.67 -16.57 -18.37
N THR B 849 -30.73 -15.93 -18.86
CA THR B 849 -30.92 -14.51 -18.60
C THR B 849 -31.47 -14.22 -17.22
N ASN B 850 -32.36 -15.07 -16.70
CA ASN B 850 -33.06 -14.84 -15.45
C ASN B 850 -32.38 -15.50 -14.26
N SER B 851 -31.18 -16.04 -14.45
CA SER B 851 -30.52 -16.94 -13.51
C SER B 851 -30.60 -16.48 -12.06
N ALA B 852 -30.48 -15.19 -11.78
CA ALA B 852 -30.47 -14.71 -10.41
C ALA B 852 -31.84 -14.34 -9.89
N ASP B 853 -32.91 -14.61 -10.64
CA ASP B 853 -34.24 -14.22 -10.20
C ASP B 853 -34.72 -15.07 -9.03
N ALA B 854 -35.91 -14.77 -8.53
CA ALA B 854 -36.46 -15.49 -7.39
C ALA B 854 -37.23 -16.70 -7.90
N PRO B 855 -36.75 -17.92 -7.68
CA PRO B 855 -37.50 -19.09 -8.15
C PRO B 855 -38.85 -19.21 -7.46
N ASN B 856 -39.87 -19.37 -8.28
CA ASN B 856 -41.24 -19.54 -7.82
C ASN B 856 -41.79 -20.84 -8.35
N PRO B 857 -42.84 -21.38 -7.74
CA PRO B 857 -43.48 -22.56 -8.33
C PRO B 857 -44.46 -22.16 -9.41
N ASN B 858 -44.01 -21.26 -10.30
CA ASN B 858 -44.83 -20.77 -11.38
C ASN B 858 -43.96 -20.75 -12.65
N ASN B 859 -44.30 -21.62 -13.60
CA ASN B 859 -43.77 -21.53 -14.95
C ASN B 859 -44.67 -22.34 -15.88
N VAL B 860 -44.63 -22.01 -17.16
CA VAL B 860 -45.27 -22.85 -18.18
C VAL B 860 -44.31 -23.08 -19.35
N ASN B 861 -43.92 -22.00 -20.03
CA ASN B 861 -43.26 -22.14 -21.33
C ASN B 861 -41.77 -21.79 -21.30
N VAL B 862 -41.43 -20.52 -21.12
CA VAL B 862 -40.08 -20.09 -21.46
C VAL B 862 -39.21 -19.96 -20.21
N GLN B 863 -38.32 -20.93 -20.04
CA GLN B 863 -37.11 -20.74 -19.22
C GLN B 863 -35.93 -20.43 -20.13
N THR B 864 -36.17 -20.34 -21.44
CA THR B 864 -35.18 -20.60 -22.48
C THR B 864 -34.52 -19.35 -23.03
N GLN B 865 -34.78 -18.18 -22.46
CA GLN B 865 -34.15 -16.97 -22.95
C GLN B 865 -32.70 -16.96 -22.48
N TYR B 866 -31.77 -16.96 -23.43
CA TYR B 866 -30.35 -17.04 -23.11
C TYR B 866 -29.61 -15.82 -23.62
N ARG B 867 -28.64 -15.40 -22.81
CA ARG B 867 -27.69 -14.36 -23.15
C ARG B 867 -26.43 -15.12 -23.55
N GLU B 868 -26.09 -15.12 -24.82
CA GLU B 868 -24.90 -15.85 -25.23
C GLU B 868 -23.68 -14.95 -25.07
N ALA B 869 -22.80 -15.36 -24.18
CA ALA B 869 -21.56 -14.65 -23.91
C ALA B 869 -20.40 -15.60 -24.12
N PRO B 870 -20.16 -16.04 -25.34
CA PRO B 870 -19.08 -16.99 -25.59
C PRO B 870 -17.73 -16.34 -25.37
N VAL B 871 -16.79 -17.15 -24.91
CA VAL B 871 -15.42 -16.69 -24.74
C VAL B 871 -14.74 -16.63 -26.10
N ILE B 872 -14.19 -15.47 -26.43
CA ILE B 872 -13.60 -15.23 -27.73
C ILE B 872 -12.12 -15.54 -27.62
N TYR B 873 -11.55 -16.11 -28.68
CA TYR B 873 -10.10 -16.19 -28.76
C TYR B 873 -9.59 -14.83 -29.19
N ARG B 874 -8.51 -14.38 -28.56
CA ARG B 874 -7.83 -13.15 -28.97
C ARG B 874 -6.34 -13.38 -28.81
N GLY B 875 -5.59 -13.05 -29.85
CA GLY B 875 -4.16 -13.19 -29.84
C GLY B 875 -3.54 -12.72 -31.13
N PRO B 876 -2.25 -12.40 -31.08
CA PRO B 876 -1.58 -11.88 -32.26
C PRO B 876 -1.36 -12.91 -33.35
N GLU B 877 -1.42 -14.19 -33.02
CA GLU B 877 -1.10 -15.22 -33.98
C GLU B 877 -2.31 -16.11 -34.19
N PRO B 878 -2.27 -17.03 -35.15
CA PRO B 878 -3.23 -18.15 -35.12
C PRO B 878 -2.89 -19.12 -34.00
N SER B 879 -3.65 -20.21 -33.95
CA SER B 879 -3.34 -21.30 -33.04
C SER B 879 -4.14 -22.53 -33.45
N HIS B 880 -4.04 -23.59 -32.66
CA HIS B 880 -4.74 -24.82 -32.96
C HIS B 880 -5.32 -25.39 -31.68
N ILE B 881 -6.50 -25.98 -31.83
CA ILE B 881 -7.14 -26.70 -30.73
C ILE B 881 -6.77 -28.15 -30.87
N ASP B 882 -5.89 -28.62 -30.01
CA ASP B 882 -5.47 -30.01 -30.08
C ASP B 882 -6.39 -30.97 -29.35
N GLN B 883 -6.86 -30.62 -28.17
CA GLN B 883 -7.53 -31.56 -27.30
C GLN B 883 -8.52 -30.80 -26.46
N VAL B 884 -9.72 -31.34 -26.29
CA VAL B 884 -10.72 -30.70 -25.45
C VAL B 884 -11.23 -31.75 -24.49
N MET B 885 -11.68 -31.30 -23.34
CA MET B 885 -12.05 -32.22 -22.29
C MET B 885 -13.40 -31.82 -21.72
N MET B 886 -14.37 -32.71 -21.83
CA MET B 886 -15.65 -32.57 -21.15
C MET B 886 -15.60 -33.52 -19.96
N SER B 887 -15.91 -33.02 -18.78
CA SER B 887 -15.89 -33.83 -17.58
C SER B 887 -16.83 -33.24 -16.55
N VAL B 888 -16.85 -33.84 -15.38
CA VAL B 888 -17.69 -33.37 -14.30
C VAL B 888 -16.80 -33.14 -13.09
N SER B 889 -17.03 -32.04 -12.39
CA SER B 889 -16.22 -31.76 -11.22
C SER B 889 -16.67 -32.65 -10.07
N ASP B 890 -16.03 -32.49 -8.91
CA ASP B 890 -16.34 -33.32 -7.76
C ASP B 890 -17.78 -33.16 -7.28
N ASN B 891 -18.33 -31.95 -7.38
CA ASN B 891 -19.64 -31.63 -6.84
C ASN B 891 -20.77 -31.90 -7.82
N ASP B 892 -20.46 -32.54 -8.96
CA ASP B 892 -21.40 -32.76 -10.04
C ASP B 892 -21.91 -31.46 -10.65
N GLN B 893 -21.01 -30.72 -11.29
CA GLN B 893 -21.37 -29.61 -12.17
C GLN B 893 -20.48 -29.71 -13.40
N ALA B 894 -21.10 -29.48 -14.56
CA ALA B 894 -20.44 -29.74 -15.83
C ALA B 894 -19.18 -28.89 -15.96
N LEU B 895 -18.16 -29.44 -16.61
CA LEU B 895 -16.87 -28.78 -16.78
C LEU B 895 -16.35 -29.04 -18.17
N ILE B 896 -15.85 -28.00 -18.82
CA ILE B 896 -15.27 -28.10 -20.14
C ILE B 896 -13.91 -27.44 -20.09
N LYS B 897 -12.92 -28.10 -20.66
CA LYS B 897 -11.55 -27.59 -20.69
C LYS B 897 -10.94 -27.89 -22.05
N VAL B 898 -10.49 -26.85 -22.75
CA VAL B 898 -9.80 -27.01 -24.02
C VAL B 898 -8.39 -26.47 -23.82
N LEU B 899 -7.46 -26.93 -24.64
CA LEU B 899 -6.13 -26.37 -24.59
C LEU B 899 -5.65 -26.09 -26.00
N LEU B 900 -5.02 -24.94 -26.16
CA LEU B 900 -4.62 -24.42 -27.45
C LEU B 900 -3.12 -24.50 -27.60
N ARG B 901 -2.66 -24.67 -28.83
CA ARG B 901 -1.24 -24.79 -29.08
C ARG B 901 -0.82 -23.96 -30.26
N GLN B 902 0.45 -23.55 -30.25
CA GLN B 902 1.07 -22.92 -31.40
C GLN B 902 2.56 -23.17 -31.33
N ASN B 903 3.18 -23.36 -32.48
CA ASN B 903 4.61 -23.60 -32.49
C ASN B 903 5.32 -22.35 -33.00
N ARG B 904 6.05 -21.68 -32.12
CA ARG B 904 6.67 -20.41 -32.45
C ARG B 904 8.00 -20.72 -33.08
N ARG B 905 8.22 -20.14 -34.24
CA ARG B 905 9.54 -20.11 -34.83
C ARG B 905 10.37 -19.10 -34.07
N PRO B 906 11.62 -19.38 -33.79
CA PRO B 906 12.40 -18.46 -32.94
C PRO B 906 12.69 -17.16 -33.63
N GLU B 907 11.69 -16.30 -33.59
CA GLU B 907 11.64 -15.00 -34.23
C GLU B 907 12.74 -14.10 -33.68
N LEU B 908 13.07 -13.08 -34.46
CA LEU B 908 13.92 -12.01 -33.98
C LEU B 908 13.41 -11.47 -32.65
N GLY B 909 14.32 -11.19 -31.73
CA GLY B 909 13.97 -10.77 -30.39
C GLY B 909 13.61 -11.84 -29.38
N ASP B 910 14.37 -12.93 -29.32
CA ASP B 910 14.08 -14.01 -28.39
C ASP B 910 15.28 -14.38 -27.54
N LYS B 911 15.13 -14.20 -26.23
CA LYS B 911 16.19 -14.44 -25.27
C LYS B 911 16.74 -15.86 -25.43
N PHE B 912 18.05 -15.97 -25.62
CA PHE B 912 18.73 -17.25 -25.52
C PHE B 912 19.76 -17.19 -24.41
N SER B 913 20.15 -18.37 -23.93
CA SER B 913 21.22 -18.45 -22.96
C SER B 913 22.29 -19.39 -23.47
N SER B 914 23.45 -19.26 -22.87
CA SER B 914 24.57 -20.15 -23.09
C SER B 914 24.67 -21.20 -21.99
N ARG B 915 23.69 -21.21 -21.08
CA ARG B 915 23.64 -22.02 -19.85
C ARG B 915 24.82 -21.64 -18.96
N HIS B 916 25.71 -20.84 -19.48
CA HIS B 916 26.88 -20.46 -18.73
C HIS B 916 26.80 -19.06 -18.12
N GLY B 917 25.66 -18.37 -18.22
CA GLY B 917 25.53 -17.01 -17.75
C GLY B 917 25.39 -15.96 -18.83
N GLN B 918 25.70 -16.29 -20.08
CA GLN B 918 25.43 -15.38 -21.18
C GLN B 918 23.93 -15.33 -21.45
N LYS B 919 23.40 -14.11 -21.46
CA LYS B 919 21.95 -13.92 -21.56
C LYS B 919 21.74 -12.91 -22.68
N GLY B 920 21.18 -13.34 -23.81
CA GLY B 920 21.15 -12.49 -24.98
C GLY B 920 19.97 -12.72 -25.90
N VAL B 921 19.84 -11.83 -26.88
CA VAL B 921 18.76 -11.83 -27.85
C VAL B 921 19.33 -11.88 -29.26
N CYS B 922 18.71 -12.67 -30.12
CA CYS B 922 19.19 -12.77 -31.48
C CYS B 922 19.05 -11.44 -32.21
N GLY B 923 20.02 -11.17 -33.08
CA GLY B 923 20.00 -10.00 -33.93
C GLY B 923 19.48 -10.38 -35.30
N ILE B 924 20.02 -9.78 -36.35
CA ILE B 924 19.64 -10.16 -37.71
C ILE B 924 19.71 -11.67 -37.85
N ILE B 925 18.72 -12.22 -38.52
CA ILE B 925 18.78 -13.62 -38.88
C ILE B 925 19.36 -13.72 -40.27
N VAL B 926 20.61 -14.19 -40.37
CA VAL B 926 21.27 -14.20 -41.66
C VAL B 926 20.79 -15.42 -42.43
N LYS B 927 21.17 -15.51 -43.71
CA LYS B 927 20.45 -16.52 -44.47
C LYS B 927 21.08 -17.91 -44.30
N GLN B 928 21.98 -18.26 -45.21
CA GLN B 928 22.74 -19.49 -45.07
C GLN B 928 24.11 -19.20 -45.62
N GLU B 929 24.08 -18.78 -46.87
CA GLU B 929 25.23 -18.39 -47.66
C GLU B 929 26.16 -17.54 -46.83
N ASP B 930 25.63 -16.56 -46.12
CA ASP B 930 26.44 -15.66 -45.34
C ASP B 930 27.09 -16.41 -44.18
N MET B 931 27.93 -15.71 -43.41
CA MET B 931 28.71 -16.16 -42.26
C MET B 931 29.70 -17.25 -42.64
N PRO B 932 30.71 -17.53 -41.82
CA PRO B 932 31.81 -18.37 -42.26
C PRO B 932 31.37 -19.80 -42.55
N PHE B 933 32.29 -20.58 -43.08
CA PHE B 933 32.05 -22.01 -43.21
C PHE B 933 33.25 -22.90 -42.89
N ASN B 934 34.37 -22.64 -43.54
CA ASN B 934 35.62 -23.41 -43.70
C ASN B 934 35.57 -24.71 -44.50
N ASP B 935 36.40 -25.67 -44.08
CA ASP B 935 36.83 -26.73 -44.98
C ASP B 935 35.81 -27.86 -45.07
N GLN B 936 35.30 -28.28 -43.92
CA GLN B 936 34.29 -29.32 -43.93
C GLN B 936 33.08 -28.90 -44.73
N GLY B 937 32.78 -27.61 -44.75
CA GLY B 937 31.57 -27.09 -45.30
C GLY B 937 30.55 -26.66 -44.27
N ILE B 938 30.79 -26.99 -43.00
CA ILE B 938 29.81 -26.70 -41.97
C ILE B 938 29.62 -25.19 -41.84
N VAL B 939 28.43 -24.79 -41.45
CA VAL B 939 28.14 -23.38 -41.23
C VAL B 939 27.83 -23.18 -39.76
N PRO B 940 28.61 -22.39 -39.04
CA PRO B 940 28.31 -22.09 -37.65
C PRO B 940 26.87 -21.64 -37.55
N ASP B 941 26.14 -22.18 -36.56
CA ASP B 941 24.71 -21.98 -36.53
C ASP B 941 24.34 -20.73 -35.77
N ILE B 942 24.48 -20.74 -34.45
CA ILE B 942 24.55 -19.52 -33.68
C ILE B 942 25.93 -18.94 -33.93
N ILE B 943 26.03 -17.63 -34.03
CA ILE B 943 27.30 -16.93 -34.05
C ILE B 943 27.23 -15.82 -33.02
N MET B 944 28.29 -15.67 -32.23
CA MET B 944 28.21 -15.06 -30.93
C MET B 944 29.26 -13.96 -30.81
N ASN B 945 28.97 -12.90 -30.07
CA ASN B 945 29.89 -11.78 -30.02
C ASN B 945 31.02 -12.11 -29.08
N PRO B 946 32.26 -11.89 -29.49
CA PRO B 946 33.38 -12.14 -28.58
C PRO B 946 33.43 -11.30 -27.34
N HIS B 947 33.09 -10.01 -27.43
CA HIS B 947 33.36 -9.08 -26.34
C HIS B 947 32.89 -9.56 -24.99
N GLY B 948 31.81 -10.33 -24.94
CA GLY B 948 31.20 -10.71 -23.69
C GLY B 948 32.12 -11.43 -22.74
N PHE B 949 33.06 -12.20 -23.26
CA PHE B 949 33.85 -13.05 -22.40
C PHE B 949 34.78 -12.27 -21.49
N PRO B 950 35.63 -11.37 -21.99
CA PRO B 950 36.58 -10.70 -21.09
C PRO B 950 35.95 -9.87 -19.98
N SER B 951 34.98 -9.03 -20.31
CA SER B 951 34.40 -8.16 -19.29
C SER B 951 33.57 -8.95 -18.30
N ARG B 952 32.86 -9.97 -18.76
CA ARG B 952 32.22 -10.87 -17.83
C ARG B 952 33.20 -11.86 -17.24
N MET B 953 34.37 -11.99 -17.87
CA MET B 953 35.45 -12.84 -17.39
C MET B 953 34.90 -14.22 -17.04
N THR B 954 34.40 -14.94 -18.03
CA THR B 954 34.00 -16.32 -17.80
C THR B 954 34.69 -17.19 -18.84
N VAL B 955 35.69 -17.95 -18.40
CA VAL B 955 36.41 -18.83 -19.30
C VAL B 955 35.89 -20.26 -19.25
N GLY B 956 34.97 -20.55 -18.33
CA GLY B 956 34.44 -21.90 -18.25
C GLY B 956 33.83 -22.33 -19.58
N LYS B 957 32.85 -21.57 -20.06
CA LYS B 957 32.29 -21.82 -21.38
C LYS B 957 33.38 -22.00 -22.42
N MET B 958 34.33 -21.07 -22.46
CA MET B 958 35.33 -21.09 -23.51
C MET B 958 36.19 -22.34 -23.44
N ILE B 959 36.18 -23.04 -22.30
CA ILE B 959 36.67 -24.41 -22.26
C ILE B 959 35.61 -25.39 -22.74
N GLU B 960 34.36 -25.18 -22.33
CA GLU B 960 33.28 -26.08 -22.73
C GLU B 960 33.24 -26.27 -24.23
N LEU B 961 33.59 -25.23 -24.99
CA LEU B 961 33.62 -25.37 -26.43
C LEU B 961 34.63 -26.42 -26.86
N ILE B 962 35.88 -26.28 -26.39
CA ILE B 962 36.87 -27.32 -26.64
C ILE B 962 36.32 -28.68 -26.27
N SER B 963 35.96 -28.88 -25.00
CA SER B 963 35.45 -30.18 -24.58
C SER B 963 34.37 -30.68 -25.51
N GLY B 964 33.55 -29.78 -26.04
CA GLY B 964 32.53 -30.18 -26.98
C GLY B 964 33.10 -30.72 -28.26
N LYS B 965 33.92 -29.94 -28.96
CA LYS B 965 34.46 -30.45 -30.22
C LYS B 965 35.23 -31.74 -30.01
N ALA B 966 35.95 -31.86 -28.90
CA ALA B 966 36.61 -33.12 -28.59
C ALA B 966 35.63 -34.25 -28.37
N GLY B 967 34.46 -33.95 -27.80
CA GLY B 967 33.51 -35.01 -27.55
C GLY B 967 33.03 -35.61 -28.85
N VAL B 968 32.48 -34.78 -29.72
CA VAL B 968 31.80 -35.28 -30.90
C VAL B 968 32.73 -36.02 -31.85
N LEU B 969 34.03 -35.83 -31.73
CA LEU B 969 34.90 -36.62 -32.57
C LEU B 969 35.02 -38.05 -32.05
N ASN B 970 35.52 -38.25 -30.83
CA ASN B 970 35.62 -39.60 -30.29
C ASN B 970 34.27 -40.29 -30.22
N GLY B 971 33.19 -39.54 -30.39
CA GLY B 971 31.85 -40.06 -30.26
C GLY B 971 31.44 -40.31 -28.82
N THR B 972 32.04 -39.59 -27.89
CA THR B 972 31.74 -39.80 -26.49
C THR B 972 31.30 -38.50 -25.83
N LEU B 973 30.19 -38.58 -25.10
CA LEU B 973 29.85 -37.51 -24.18
C LEU B 973 31.05 -37.32 -23.26
N GLU B 974 31.58 -36.13 -23.20
CA GLU B 974 32.79 -35.89 -22.43
C GLU B 974 32.45 -35.02 -21.24
N TYR B 975 32.96 -35.38 -20.07
CA TYR B 975 32.41 -34.84 -18.84
C TYR B 975 33.11 -33.55 -18.42
N GLY B 976 32.57 -32.94 -17.37
CA GLY B 976 33.10 -31.77 -16.74
C GLY B 976 32.29 -31.55 -15.48
N THR B 977 32.85 -30.91 -14.47
CA THR B 977 32.23 -30.88 -13.16
C THR B 977 33.03 -29.98 -12.23
N CYS B 978 32.41 -29.62 -11.11
CA CYS B 978 32.98 -28.65 -10.20
C CYS B 978 34.12 -29.28 -9.42
N PHE B 979 35.32 -28.72 -9.59
CA PHE B 979 36.55 -29.29 -9.06
C PHE B 979 36.78 -30.69 -9.61
N GLY B 980 37.01 -30.78 -10.92
CA GLY B 980 37.15 -32.07 -11.56
C GLY B 980 36.81 -32.02 -13.04
N GLY B 981 36.41 -33.16 -13.60
CA GLY B 981 36.04 -33.16 -14.99
C GLY B 981 37.22 -33.48 -15.88
N SER B 982 36.94 -33.60 -17.18
CA SER B 982 37.95 -34.02 -18.14
C SER B 982 39.09 -33.02 -18.17
N LYS B 983 40.31 -33.51 -17.99
CA LYS B 983 41.48 -32.66 -17.97
C LYS B 983 41.73 -32.11 -19.35
N LEU B 984 41.80 -30.77 -19.44
CA LEU B 984 41.88 -30.09 -20.73
C LEU B 984 43.05 -30.52 -21.58
N GLU B 985 44.21 -30.79 -21.00
CA GLU B 985 45.41 -30.92 -21.81
C GLU B 985 45.37 -32.15 -22.69
N ASP B 986 44.56 -33.15 -22.34
CA ASP B 986 44.43 -34.28 -23.24
C ASP B 986 43.47 -34.00 -24.39
N MET B 987 42.47 -33.13 -24.17
CA MET B 987 41.56 -32.73 -25.23
C MET B 987 42.31 -32.39 -26.50
N SER B 988 43.36 -31.59 -26.38
CA SER B 988 44.23 -31.30 -27.51
C SER B 988 44.57 -32.57 -28.27
N LYS B 989 45.25 -33.52 -27.62
CA LYS B 989 45.67 -34.74 -28.26
C LYS B 989 44.55 -35.41 -29.04
N ILE B 990 43.32 -35.39 -28.55
CA ILE B 990 42.23 -36.01 -29.28
C ILE B 990 41.97 -35.29 -30.59
N LEU B 991 42.06 -33.96 -30.60
CA LEU B 991 41.86 -33.21 -31.82
C LEU B 991 43.03 -33.29 -32.77
N VAL B 992 44.24 -33.04 -32.28
CA VAL B 992 45.36 -32.70 -33.13
C VAL B 992 45.66 -33.80 -34.13
N ASP B 993 45.50 -35.06 -33.73
CA ASP B 993 45.61 -36.16 -34.67
C ASP B 993 44.47 -36.20 -35.65
N GLN B 994 43.29 -35.68 -35.27
CA GLN B 994 42.15 -35.78 -36.16
C GLN B 994 42.04 -34.53 -37.01
N GLY B 995 43.00 -33.62 -36.87
CA GLY B 995 43.16 -32.56 -37.85
C GLY B 995 42.75 -31.17 -37.41
N PHE B 996 42.10 -31.05 -36.26
CA PHE B 996 41.65 -29.76 -35.79
C PHE B 996 42.63 -29.21 -34.77
N ASN B 997 42.81 -27.89 -34.82
CA ASN B 997 43.86 -27.16 -34.12
C ASN B 997 43.90 -27.53 -32.64
N TYR B 998 45.12 -27.62 -32.12
CA TYR B 998 45.33 -28.06 -30.74
C TYR B 998 44.58 -27.19 -29.74
N SER B 999 44.24 -25.98 -30.11
CA SER B 999 43.30 -25.17 -29.37
C SER B 999 42.13 -24.88 -30.29
N GLY B 1000 40.99 -24.51 -29.70
CA GLY B 1000 39.74 -24.54 -30.42
C GLY B 1000 39.69 -23.76 -31.71
N LYS B 1001 40.62 -22.83 -31.90
CA LYS B 1001 40.62 -21.94 -33.04
C LYS B 1001 40.72 -22.71 -34.35
N ASP B 1002 40.16 -22.14 -35.41
CA ASP B 1002 40.29 -22.70 -36.74
C ASP B 1002 40.03 -21.60 -37.76
N MET B 1003 40.48 -21.81 -38.99
CA MET B 1003 40.23 -20.84 -40.04
C MET B 1003 38.78 -20.86 -40.46
N LEU B 1004 38.33 -19.78 -41.08
CA LEU B 1004 37.00 -19.67 -41.65
C LEU B 1004 37.02 -18.71 -42.83
N TYR B 1005 36.04 -18.84 -43.70
CA TYR B 1005 35.91 -17.99 -44.87
C TYR B 1005 34.65 -17.15 -44.78
N SER B 1006 34.81 -15.83 -44.70
CA SER B 1006 33.65 -14.97 -44.63
C SER B 1006 32.74 -15.25 -45.80
N GLY B 1007 31.48 -15.54 -45.49
CA GLY B 1007 30.53 -15.90 -46.51
C GLY B 1007 30.36 -14.79 -47.52
N ILE B 1008 30.38 -13.55 -47.04
CA ILE B 1008 30.18 -12.42 -47.93
C ILE B 1008 31.25 -12.40 -49.00
N THR B 1009 32.48 -12.03 -48.64
CA THR B 1009 33.56 -12.00 -49.61
C THR B 1009 33.86 -13.36 -50.18
N GLY B 1010 34.33 -14.30 -49.36
CA GLY B 1010 34.84 -15.54 -49.90
C GLY B 1010 36.34 -15.65 -49.88
N GLU B 1011 37.03 -14.80 -49.12
CA GLU B 1011 38.45 -14.87 -48.92
C GLU B 1011 38.72 -15.17 -47.46
N CYS B 1012 39.91 -15.72 -47.19
CA CYS B 1012 40.24 -16.18 -45.85
C CYS B 1012 40.04 -15.08 -44.82
N LEU B 1013 39.41 -15.43 -43.71
CA LEU B 1013 39.26 -14.48 -42.61
C LEU B 1013 40.62 -14.19 -41.98
N GLN B 1014 40.90 -12.90 -41.84
CA GLN B 1014 42.27 -12.48 -41.59
C GLN B 1014 42.73 -12.86 -40.19
N ALA B 1015 41.84 -13.40 -39.37
CA ALA B 1015 42.20 -13.90 -38.05
C ALA B 1015 41.53 -15.24 -37.80
N TYR B 1016 42.13 -16.04 -36.93
CA TYR B 1016 41.58 -17.33 -36.60
C TYR B 1016 40.28 -17.17 -35.82
N ILE B 1017 39.47 -18.21 -35.83
CA ILE B 1017 38.19 -18.20 -35.12
C ILE B 1017 38.04 -19.52 -34.38
N PHE B 1018 37.22 -19.51 -33.35
CA PHE B 1018 37.19 -20.53 -32.30
C PHE B 1018 35.76 -20.99 -32.17
N PHE B 1019 35.49 -22.23 -32.55
CA PHE B 1019 34.12 -22.72 -32.46
C PHE B 1019 34.04 -24.23 -32.33
N GLY B 1020 32.97 -24.66 -31.68
CA GLY B 1020 32.63 -26.04 -31.50
C GLY B 1020 31.19 -26.13 -31.02
N PRO B 1021 30.75 -27.30 -30.59
CA PRO B 1021 29.40 -27.41 -30.03
C PRO B 1021 29.30 -26.72 -28.68
N ILE B 1022 28.21 -25.98 -28.50
CA ILE B 1022 27.83 -25.40 -27.21
C ILE B 1022 26.35 -25.62 -27.03
N TYR B 1023 25.91 -25.70 -25.79
CA TYR B 1023 24.51 -25.99 -25.53
C TYR B 1023 23.78 -24.70 -25.18
N TYR B 1024 22.99 -24.20 -26.12
CA TYR B 1024 22.23 -22.96 -25.96
C TYR B 1024 20.77 -23.29 -25.72
N GLN B 1025 20.33 -23.07 -24.49
CA GLN B 1025 18.95 -23.32 -24.14
C GLN B 1025 18.13 -22.06 -24.41
N LYS B 1026 16.90 -22.27 -24.85
CA LYS B 1026 16.02 -21.18 -25.26
C LYS B 1026 15.05 -20.91 -24.12
N LEU B 1027 14.65 -19.66 -23.94
CA LEU B 1027 14.03 -19.30 -22.68
C LEU B 1027 12.56 -18.95 -22.87
N LYS B 1028 11.91 -18.59 -21.77
CA LYS B 1028 10.61 -17.95 -21.79
C LYS B 1028 10.89 -16.55 -22.26
N HIS B 1029 9.94 -15.64 -22.17
CA HIS B 1029 10.11 -14.29 -22.69
C HIS B 1029 10.23 -14.33 -24.21
N MET B 1030 9.56 -15.28 -24.82
CA MET B 1030 9.29 -15.20 -26.24
C MET B 1030 8.67 -13.85 -26.54
N VAL B 1031 9.12 -13.22 -27.62
CA VAL B 1031 8.72 -11.84 -27.84
C VAL B 1031 7.25 -11.74 -28.19
N LEU B 1032 6.73 -12.67 -28.98
CA LEU B 1032 5.36 -12.55 -29.47
C LEU B 1032 4.37 -12.45 -28.33
N ASP B 1033 4.73 -12.91 -27.14
CA ASP B 1033 4.00 -12.58 -25.95
C ASP B 1033 4.12 -11.11 -25.59
N LYS B 1034 5.33 -10.58 -25.59
CA LYS B 1034 5.66 -9.41 -24.78
C LYS B 1034 5.50 -8.10 -25.51
N MET B 1035 5.31 -8.11 -26.82
CA MET B 1035 5.12 -6.85 -27.54
C MET B 1035 3.74 -6.31 -27.24
N HIS B 1036 3.62 -5.00 -27.18
CA HIS B 1036 2.43 -4.38 -26.62
C HIS B 1036 2.21 -3.04 -27.27
N ALA B 1037 0.96 -2.67 -27.50
CA ALA B 1037 0.66 -1.42 -28.18
C ALA B 1037 -0.75 -1.00 -27.83
N ARG B 1038 -1.03 0.29 -27.99
CA ARG B 1038 -2.35 0.81 -27.70
C ARG B 1038 -2.63 2.05 -28.52
N ALA B 1039 -3.87 2.21 -28.98
CA ALA B 1039 -4.27 3.43 -29.67
C ALA B 1039 -5.01 4.33 -28.69
N ARG B 1040 -6.25 3.98 -28.39
CA ARG B 1040 -6.91 4.42 -27.16
C ARG B 1040 -7.73 3.23 -26.67
N GLY B 1041 -7.46 2.79 -25.46
CA GLY B 1041 -8.08 1.60 -24.94
C GLY B 1041 -9.08 1.90 -23.84
N PRO B 1042 -9.45 0.88 -23.07
CA PRO B 1042 -10.37 1.12 -21.97
C PRO B 1042 -9.71 1.92 -20.87
N ARG B 1043 -10.55 2.55 -20.05
CA ARG B 1043 -10.13 3.30 -18.89
C ARG B 1043 -10.78 2.74 -17.63
N ALA B 1044 -10.04 2.79 -16.53
CA ALA B 1044 -10.61 2.38 -15.27
C ALA B 1044 -11.68 3.39 -14.84
N VAL B 1045 -12.81 2.85 -14.35
CA VAL B 1045 -13.92 3.68 -13.90
C VAL B 1045 -13.50 4.79 -12.95
N LEU B 1046 -12.61 4.51 -12.01
CA LEU B 1046 -12.31 5.48 -10.98
C LEU B 1046 -11.53 6.67 -11.50
N THR B 1047 -10.37 6.43 -12.11
CA THR B 1047 -9.53 7.52 -12.56
C THR B 1047 -9.74 7.90 -14.02
N ARG B 1048 -10.42 7.08 -14.81
CA ARG B 1048 -10.62 7.33 -16.22
C ARG B 1048 -9.32 7.71 -16.91
N GLN B 1049 -8.28 6.96 -16.59
CA GLN B 1049 -7.04 7.01 -17.34
C GLN B 1049 -6.57 5.59 -17.56
N PRO B 1050 -5.86 5.31 -18.63
CA PRO B 1050 -5.72 3.95 -19.14
C PRO B 1050 -5.33 2.87 -18.14
N THR B 1051 -5.80 1.66 -18.38
CA THR B 1051 -5.56 0.56 -17.47
C THR B 1051 -4.14 0.03 -17.62
N GLU B 1052 -3.82 -1.00 -16.85
CA GLU B 1052 -2.44 -1.41 -16.65
C GLU B 1052 -2.06 -2.64 -17.47
N GLY B 1053 -0.82 -2.67 -17.90
CA GLY B 1053 -0.06 -3.80 -18.41
C GLY B 1053 -0.64 -4.50 -19.62
N ARG B 1054 -0.09 -5.67 -19.88
CA ARG B 1054 -0.50 -6.55 -20.97
C ARG B 1054 -1.84 -7.14 -20.54
N SER B 1055 -2.34 -8.17 -21.24
CA SER B 1055 -3.68 -8.67 -20.93
C SER B 1055 -4.66 -7.53 -21.13
N ARG B 1056 -5.15 -6.95 -20.02
CA ARG B 1056 -6.34 -6.10 -20.00
C ARG B 1056 -6.41 -5.23 -21.23
N ASP B 1057 -5.55 -4.22 -21.30
CA ASP B 1057 -5.26 -3.53 -22.55
C ASP B 1057 -4.13 -2.55 -22.30
N GLY B 1058 -3.79 -1.76 -23.32
CA GLY B 1058 -2.51 -1.09 -23.36
C GLY B 1058 -2.40 0.07 -22.39
N GLY B 1059 -1.45 0.93 -22.69
CA GLY B 1059 -1.11 2.05 -21.84
C GLY B 1059 0.15 1.81 -21.05
N LEU B 1060 0.90 2.87 -20.81
CA LEU B 1060 2.18 2.74 -20.13
C LEU B 1060 2.39 3.80 -19.06
N ARG B 1061 3.53 3.70 -18.37
CA ARG B 1061 3.73 4.43 -17.13
C ARG B 1061 4.61 5.63 -17.42
N LEU B 1062 4.21 6.81 -16.94
CA LEU B 1062 5.15 7.92 -16.79
C LEU B 1062 5.27 8.22 -15.31
N GLY B 1063 6.41 7.87 -14.75
CA GLY B 1063 6.61 8.08 -13.34
C GLY B 1063 7.21 9.43 -13.07
N GLU B 1064 6.96 9.93 -11.87
CA GLU B 1064 7.59 11.14 -11.40
C GLU B 1064 9.11 11.06 -11.50
N MET B 1065 9.65 9.85 -11.33
CA MET B 1065 11.06 9.65 -11.63
C MET B 1065 11.36 9.97 -13.08
N GLU B 1066 10.52 9.50 -14.00
CA GLU B 1066 10.70 9.83 -15.41
C GLU B 1066 10.15 11.21 -15.75
N ARG B 1067 8.93 11.53 -15.32
CA ARG B 1067 8.26 12.73 -15.77
C ARG B 1067 9.17 13.94 -15.69
N ASP B 1068 9.92 14.06 -14.61
CA ASP B 1068 10.88 15.13 -14.49
C ASP B 1068 11.76 15.30 -15.71
N CYS B 1069 12.10 14.21 -16.39
CA CYS B 1069 13.02 14.29 -17.51
C CYS B 1069 12.65 15.42 -18.45
N VAL B 1070 11.46 15.36 -19.04
CA VAL B 1070 11.04 16.41 -19.96
C VAL B 1070 11.12 17.81 -19.36
N ILE B 1071 11.04 17.95 -18.04
CA ILE B 1071 11.22 19.29 -17.48
C ILE B 1071 12.60 19.80 -17.76
N ALA B 1072 13.62 18.98 -17.54
CA ALA B 1072 14.98 19.42 -17.82
C ALA B 1072 15.12 19.90 -19.25
N TYR B 1073 14.63 19.13 -20.22
CA TYR B 1073 14.61 19.63 -21.59
C TYR B 1073 13.84 20.93 -21.69
N GLY B 1074 12.91 21.17 -20.78
CA GLY B 1074 12.18 22.41 -20.76
C GLY B 1074 10.90 22.39 -21.55
N ALA B 1075 10.42 21.23 -21.98
CA ALA B 1075 9.26 21.20 -22.84
C ALA B 1075 8.02 21.40 -21.99
N SER B 1076 7.30 22.49 -22.24
CA SER B 1076 5.95 22.57 -21.70
C SER B 1076 4.96 21.80 -22.57
N GLN B 1077 4.98 22.06 -23.87
CA GLN B 1077 3.95 21.52 -24.74
C GLN B 1077 3.95 20.00 -24.77
N LEU B 1078 5.06 19.36 -24.46
CA LEU B 1078 5.09 17.91 -24.48
C LEU B 1078 4.35 17.34 -23.28
N LEU B 1079 4.47 17.97 -22.12
CA LEU B 1079 3.64 17.58 -20.99
C LEU B 1079 2.17 17.80 -21.26
N LEU B 1080 1.79 19.03 -21.60
CA LEU B 1080 0.38 19.28 -21.86
C LEU B 1080 -0.18 18.35 -22.91
N GLU B 1081 0.59 17.99 -23.93
CA GLU B 1081 0.14 16.87 -24.73
C GLU B 1081 0.05 15.60 -23.91
N ARG B 1082 0.95 15.42 -22.97
CA ARG B 1082 1.21 14.08 -22.42
C ARG B 1082 0.36 13.80 -21.19
N LEU B 1083 0.53 14.58 -20.13
CA LEU B 1083 -0.24 14.31 -18.92
C LEU B 1083 -1.59 15.01 -18.96
N MET B 1084 -1.92 15.60 -20.10
CA MET B 1084 -3.19 16.31 -20.22
C MET B 1084 -4.05 15.84 -21.40
N ILE B 1085 -3.65 16.18 -22.63
CA ILE B 1085 -4.48 15.84 -23.79
C ILE B 1085 -4.59 14.34 -23.99
N SER B 1086 -3.46 13.63 -23.96
CA SER B 1086 -3.48 12.27 -24.47
C SER B 1086 -4.01 11.29 -23.43
N SER B 1087 -4.09 11.69 -22.17
CA SER B 1087 -4.51 10.74 -21.16
C SER B 1087 -5.96 10.95 -20.75
N ASP B 1088 -6.22 11.95 -19.92
CA ASP B 1088 -7.60 12.33 -19.64
C ASP B 1088 -7.81 13.77 -20.10
N ALA B 1089 -8.49 13.94 -21.23
CA ALA B 1089 -8.85 15.27 -21.70
C ALA B 1089 -10.28 15.46 -21.23
N PHE B 1090 -10.54 16.54 -20.54
CA PHE B 1090 -11.82 16.66 -19.88
C PHE B 1090 -12.23 18.12 -19.77
N GLU B 1091 -13.52 18.36 -19.98
CA GLU B 1091 -14.10 19.69 -19.88
C GLU B 1091 -14.88 19.78 -18.59
N VAL B 1092 -14.43 20.61 -17.67
CA VAL B 1092 -15.17 20.90 -16.45
C VAL B 1092 -15.77 22.27 -16.61
N ASP B 1093 -17.02 22.42 -16.20
CA ASP B 1093 -17.71 23.71 -16.21
C ASP B 1093 -17.64 24.26 -14.79
N VAL B 1094 -16.94 25.38 -14.61
CA VAL B 1094 -16.80 25.93 -13.27
C VAL B 1094 -17.53 27.26 -13.23
N CYS B 1095 -17.59 27.87 -12.04
CA CYS B 1095 -18.26 29.14 -11.85
C CYS B 1095 -17.26 30.13 -11.30
N ASP B 1096 -17.04 31.20 -12.05
CA ASP B 1096 -16.09 32.23 -11.64
C ASP B 1096 -16.39 32.68 -10.23
N LYS B 1097 -17.55 33.30 -10.02
CA LYS B 1097 -18.01 33.57 -8.67
C LYS B 1097 -18.00 32.28 -7.86
N CYS B 1098 -17.47 32.35 -6.63
CA CYS B 1098 -17.39 31.23 -5.70
C CYS B 1098 -16.96 29.94 -6.39
N GLY B 1099 -15.69 29.87 -6.78
CA GLY B 1099 -15.27 28.82 -7.68
C GLY B 1099 -15.47 27.40 -7.20
N LEU B 1100 -16.28 26.68 -7.97
CA LEU B 1100 -16.54 25.26 -7.80
C LEU B 1100 -17.01 24.72 -9.14
N MET B 1101 -17.00 23.40 -9.26
CA MET B 1101 -17.34 22.80 -10.53
C MET B 1101 -18.85 22.71 -10.67
N GLY B 1102 -19.28 22.20 -11.82
CA GLY B 1102 -20.69 22.03 -12.07
C GLY B 1102 -20.94 21.50 -13.46
N TYR B 1103 -22.10 20.89 -13.67
CA TYR B 1103 -22.38 20.22 -14.94
C TYR B 1103 -23.16 21.15 -15.83
N SER B 1104 -22.83 21.15 -17.12
CA SER B 1104 -23.57 21.94 -18.10
C SER B 1104 -23.69 23.37 -17.64
N GLY B 1105 -24.90 23.82 -17.34
CA GLY B 1105 -25.13 25.22 -17.03
C GLY B 1105 -25.11 25.66 -15.58
N TRP B 1106 -25.30 24.77 -14.62
CA TRP B 1106 -25.52 25.23 -13.25
C TRP B 1106 -24.25 25.11 -12.43
N CYS B 1107 -24.04 26.10 -11.57
CA CYS B 1107 -23.05 26.05 -10.51
C CYS B 1107 -23.55 25.26 -9.31
N THR B 1108 -24.84 25.34 -9.01
CA THR B 1108 -25.55 24.46 -8.10
C THR B 1108 -25.24 24.73 -6.64
N THR B 1109 -24.12 25.39 -6.35
CA THR B 1109 -23.99 26.01 -5.04
C THR B 1109 -24.65 27.38 -5.03
N CYS B 1110 -24.48 28.14 -6.11
CA CYS B 1110 -25.25 29.33 -6.38
C CYS B 1110 -25.99 29.05 -7.68
N LYS B 1111 -27.31 28.92 -7.62
CA LYS B 1111 -28.02 28.64 -8.84
C LYS B 1111 -27.93 29.88 -9.72
N SER B 1112 -27.30 29.72 -10.88
CA SER B 1112 -26.98 30.87 -11.71
C SER B 1112 -27.33 30.59 -13.17
N ALA B 1113 -26.61 29.64 -13.75
CA ALA B 1113 -26.64 29.37 -15.17
C ALA B 1113 -26.16 30.59 -15.95
N GLU B 1114 -25.29 31.35 -15.32
CA GLU B 1114 -24.76 32.56 -15.93
C GLU B 1114 -23.24 32.57 -15.92
N ASN B 1115 -22.64 32.47 -14.75
CA ASN B 1115 -21.26 32.88 -14.53
C ASN B 1115 -20.27 31.74 -14.79
N ILE B 1116 -20.76 30.61 -15.30
CA ILE B 1116 -19.94 29.44 -15.59
C ILE B 1116 -19.10 29.68 -16.84
N ILE B 1117 -17.89 29.14 -16.83
CA ILE B 1117 -16.94 29.26 -17.93
C ILE B 1117 -16.41 27.88 -18.25
N LYS B 1118 -16.47 27.50 -19.53
CA LYS B 1118 -16.02 26.17 -19.90
C LYS B 1118 -14.52 26.14 -20.13
N MET B 1119 -13.86 25.16 -19.53
CA MET B 1119 -12.42 25.01 -19.64
C MET B 1119 -12.06 23.55 -19.38
N THR B 1120 -10.83 23.20 -19.72
CA THR B 1120 -10.36 21.82 -19.72
C THR B 1120 -9.33 21.59 -18.62
N ILE B 1121 -9.16 20.33 -18.23
CA ILE B 1121 -8.45 20.00 -16.99
C ILE B 1121 -8.31 18.49 -16.88
N PRO B 1122 -7.21 17.99 -16.34
CA PRO B 1122 -7.07 16.53 -16.20
C PRO B 1122 -8.13 15.94 -15.29
N TYR B 1123 -8.75 14.87 -15.76
CA TYR B 1123 -9.82 14.25 -15.00
C TYR B 1123 -9.31 13.74 -13.67
N ALA B 1124 -8.03 13.42 -13.56
CA ALA B 1124 -7.46 13.14 -12.25
C ALA B 1124 -7.52 14.37 -11.36
N ALA B 1125 -7.45 15.56 -11.93
CA ALA B 1125 -7.51 16.75 -11.09
C ALA B 1125 -8.92 16.99 -10.59
N LYS B 1126 -9.91 16.86 -11.47
CA LYS B 1126 -11.27 16.94 -11.00
C LYS B 1126 -11.54 15.89 -9.93
N LEU B 1127 -11.26 14.63 -10.26
CA LEU B 1127 -11.37 13.56 -9.28
C LEU B 1127 -10.68 13.93 -7.98
N LEU B 1128 -9.61 14.70 -8.07
CA LEU B 1128 -8.98 15.21 -6.85
C LEU B 1128 -9.84 16.25 -6.17
N PHE B 1129 -10.61 17.04 -6.92
CA PHE B 1129 -11.49 17.98 -6.25
C PHE B 1129 -12.64 17.24 -5.59
N GLN B 1130 -13.46 16.55 -6.37
CA GLN B 1130 -14.58 15.83 -5.75
C GLN B 1130 -14.12 14.91 -4.63
N GLU B 1131 -12.91 14.35 -4.72
CA GLU B 1131 -12.36 13.75 -3.51
C GLU B 1131 -12.24 14.75 -2.38
N LEU B 1132 -11.39 15.77 -2.53
CA LEU B 1132 -11.25 16.77 -1.49
C LEU B 1132 -12.58 17.23 -0.95
N LEU B 1133 -13.33 17.98 -1.75
CA LEU B 1133 -14.56 18.62 -1.35
C LEU B 1133 -15.51 17.68 -0.62
N SER B 1134 -15.47 16.38 -0.92
CA SER B 1134 -16.16 15.41 -0.08
C SER B 1134 -15.73 15.50 1.36
N MET B 1135 -14.48 15.19 1.64
CA MET B 1135 -13.82 15.59 2.86
C MET B 1135 -13.96 17.10 2.98
N ASN B 1136 -13.98 17.61 4.19
CA ASN B 1136 -14.42 18.99 4.23
C ASN B 1136 -13.22 19.88 4.01
N ILE B 1137 -13.18 20.49 2.82
CA ILE B 1137 -12.10 21.34 2.33
C ILE B 1137 -12.54 21.74 0.95
N ALA B 1138 -12.09 22.88 0.44
CA ALA B 1138 -12.76 23.50 -0.71
C ALA B 1138 -11.79 24.14 -1.67
N PRO B 1139 -11.25 23.42 -2.59
CA PRO B 1139 -10.37 24.05 -3.58
C PRO B 1139 -11.13 25.01 -4.46
N ARG B 1140 -11.47 26.18 -3.93
CA ARG B 1140 -12.09 27.19 -4.75
C ARG B 1140 -11.10 27.70 -5.79
N LEU B 1141 -11.55 27.83 -7.02
CA LEU B 1141 -10.69 28.22 -8.13
C LEU B 1141 -10.90 29.68 -8.47
N ARG B 1142 -9.96 30.53 -8.10
CA ARG B 1142 -9.99 31.87 -8.64
C ARG B 1142 -9.49 31.82 -10.07
N LEU B 1143 -10.18 32.53 -10.95
CA LEU B 1143 -9.90 32.48 -12.38
C LEU B 1143 -9.53 33.85 -12.89
N GLU B 1144 -8.79 33.89 -14.00
CA GLU B 1144 -8.58 35.10 -14.76
C GLU B 1144 -8.39 34.69 -16.21
N ASP B 1145 -8.64 35.64 -17.10
CA ASP B 1145 -8.53 35.38 -18.52
C ASP B 1145 -7.08 35.40 -18.96
N ILE B 1146 -6.80 34.70 -20.04
CA ILE B 1146 -5.43 34.61 -20.53
C ILE B 1146 -5.02 35.93 -21.15
N PHE B 1147 -5.71 36.33 -22.20
CA PHE B 1147 -5.33 37.48 -23.00
C PHE B 1147 -5.63 38.77 -22.25
N GLN B 1148 -4.97 39.84 -22.69
CA GLN B 1148 -5.16 41.17 -22.12
C GLN B 1148 -4.92 41.15 -20.62
N GLN B 1149 -3.66 41.00 -20.21
CA GLN B 1149 -3.28 40.95 -18.81
C GLN B 1149 -4.06 39.89 -18.03
N MET C 1 50.33 -10.95 -54.13
CA MET C 1 51.69 -11.36 -53.81
C MET C 1 51.87 -12.85 -54.04
N SER C 2 52.14 -13.22 -55.28
CA SER C 2 52.53 -14.58 -55.64
C SER C 2 51.45 -15.60 -55.23
N ASN C 3 50.23 -15.10 -55.07
CA ASN C 3 49.03 -15.88 -54.80
C ASN C 3 49.25 -16.97 -53.75
N ILE C 4 50.09 -16.69 -52.76
CA ILE C 4 50.34 -17.62 -51.66
C ILE C 4 50.01 -16.90 -50.36
N VAL C 5 48.97 -17.36 -49.68
CA VAL C 5 48.52 -16.68 -48.48
C VAL C 5 49.52 -16.96 -47.36
N GLY C 6 49.73 -15.95 -46.53
CA GLY C 6 50.54 -16.10 -45.35
C GLY C 6 49.77 -16.86 -44.29
N ILE C 7 50.45 -17.83 -43.68
CA ILE C 7 49.96 -18.51 -42.49
C ILE C 7 50.96 -18.23 -41.39
N GLU C 8 50.48 -17.74 -40.26
CA GLU C 8 51.32 -17.53 -39.12
C GLU C 8 50.75 -18.31 -37.94
N TYR C 9 51.39 -18.20 -36.80
CA TYR C 9 50.82 -18.80 -35.61
C TYR C 9 49.66 -17.99 -35.07
N ASN C 10 49.76 -16.66 -35.09
CA ASN C 10 48.70 -15.84 -34.53
C ASN C 10 47.76 -15.23 -35.56
N ARG C 11 47.97 -15.47 -36.85
CA ARG C 11 47.20 -14.76 -37.87
C ARG C 11 47.39 -15.44 -39.21
N VAL C 12 46.71 -14.90 -40.22
CA VAL C 12 47.01 -15.14 -41.63
C VAL C 12 47.49 -13.83 -42.22
N THR C 13 47.77 -13.83 -43.51
CA THR C 13 48.37 -12.67 -44.15
C THR C 13 48.07 -12.67 -45.66
N ASN C 14 48.11 -11.49 -46.27
CA ASN C 14 48.18 -11.37 -47.72
C ASN C 14 46.92 -11.90 -48.38
N THR C 15 45.77 -11.62 -47.79
CA THR C 15 44.50 -12.24 -48.18
C THR C 15 43.98 -11.75 -49.53
N THR C 16 43.87 -10.44 -49.69
CA THR C 16 43.14 -9.84 -50.81
C THR C 16 43.70 -10.29 -52.16
N SER C 17 42.80 -10.42 -53.13
CA SER C 17 43.16 -10.92 -54.45
C SER C 17 44.34 -10.17 -55.07
N THR C 18 44.29 -8.84 -55.06
CA THR C 18 45.33 -7.95 -55.59
C THR C 18 45.90 -8.38 -56.94
N ASP C 19 45.03 -8.73 -57.89
CA ASP C 19 45.47 -9.01 -59.26
C ASP C 19 45.26 -7.84 -60.20
N PHE C 20 44.63 -6.76 -59.73
CA PHE C 20 44.02 -5.86 -60.69
C PHE C 20 45.00 -4.81 -61.20
N PRO C 21 44.93 -4.43 -62.46
CA PRO C 21 45.71 -3.28 -62.94
C PRO C 21 45.29 -2.05 -62.17
N GLY C 22 46.26 -1.27 -61.72
CA GLY C 22 45.93 -0.11 -60.94
C GLY C 22 46.32 -0.16 -59.47
N PHE C 23 46.77 -1.30 -58.95
CA PHE C 23 47.40 -1.22 -57.64
C PHE C 23 48.90 -1.11 -57.74
N SER C 24 49.47 -1.27 -58.92
CA SER C 24 50.91 -1.16 -59.07
C SER C 24 51.29 0.14 -59.76
N LYS C 25 52.59 0.40 -59.81
CA LYS C 25 53.09 1.44 -60.69
C LYS C 25 52.93 1.03 -62.13
N ASP C 26 53.42 -0.15 -62.48
CA ASP C 26 53.21 -0.74 -63.79
C ASP C 26 51.96 -1.57 -63.73
N ALA C 27 50.91 -1.14 -64.43
CA ALA C 27 49.66 -1.85 -64.38
C ALA C 27 49.63 -2.86 -65.51
N GLU C 28 49.72 -4.13 -65.13
CA GLU C 28 49.55 -5.25 -66.02
C GLU C 28 48.40 -6.08 -65.50
N ASN C 29 48.21 -7.25 -66.11
CA ASN C 29 47.24 -8.21 -65.61
C ASN C 29 45.84 -7.60 -65.64
N GLU C 30 45.59 -6.90 -66.73
CA GLU C 30 44.29 -6.27 -66.95
C GLU C 30 43.45 -7.20 -67.80
N TRP C 31 42.50 -7.87 -67.15
CA TRP C 31 41.30 -8.43 -67.77
C TRP C 31 41.55 -9.04 -69.14
N ASN C 32 40.91 -8.46 -70.15
CA ASN C 32 40.74 -9.04 -71.48
C ASN C 32 40.15 -10.44 -71.33
N VAL C 33 40.54 -11.34 -72.23
CA VAL C 33 40.24 -12.76 -72.15
C VAL C 33 41.44 -13.41 -72.84
N GLU C 34 41.43 -14.73 -72.95
CA GLU C 34 42.55 -15.43 -73.57
C GLU C 34 43.66 -15.37 -72.54
N LYS C 35 43.94 -14.16 -72.07
CA LYS C 35 44.93 -13.98 -71.02
C LYS C 35 44.32 -14.75 -69.88
N PHE C 36 43.01 -14.96 -70.00
CA PHE C 36 42.24 -15.73 -69.04
C PHE C 36 41.98 -17.15 -69.50
N LYS C 37 41.29 -17.30 -70.63
CA LYS C 37 40.99 -18.61 -71.18
C LYS C 37 42.22 -19.50 -71.24
N LYS C 38 43.23 -19.09 -72.02
CA LYS C 38 44.42 -19.91 -72.19
C LYS C 38 45.18 -20.10 -70.88
N ASP C 39 44.79 -19.39 -69.83
CA ASP C 39 45.32 -19.62 -68.50
C ASP C 39 44.47 -20.58 -67.68
N PHE C 40 43.22 -20.22 -67.42
CA PHE C 40 42.36 -20.95 -66.51
C PHE C 40 42.27 -22.43 -66.87
N GLU C 41 42.20 -23.27 -65.85
CA GLU C 41 42.07 -24.71 -66.02
C GLU C 41 41.08 -25.25 -64.99
N VAL C 42 40.81 -26.56 -65.09
CA VAL C 42 39.92 -27.23 -64.16
C VAL C 42 40.29 -28.70 -64.13
N ASN C 43 40.13 -29.33 -62.96
CA ASN C 43 40.32 -30.75 -62.81
C ASN C 43 39.17 -31.34 -61.99
N ILE C 44 39.24 -32.65 -61.80
CA ILE C 44 38.22 -33.40 -61.08
C ILE C 44 38.92 -34.45 -60.23
N SER C 45 38.29 -34.80 -59.13
CA SER C 45 38.83 -35.85 -58.28
C SER C 45 37.99 -37.11 -58.43
N SER C 46 36.71 -37.02 -58.06
CA SER C 46 35.81 -38.16 -58.11
C SER C 46 34.38 -37.71 -58.34
N LEU C 47 33.61 -38.53 -59.02
CA LEU C 47 32.17 -38.32 -59.16
C LEU C 47 31.45 -39.61 -58.77
N ASP C 48 30.65 -39.53 -57.72
CA ASP C 48 29.64 -40.54 -57.48
C ASP C 48 28.30 -39.98 -57.97
N ALA C 49 27.22 -40.72 -57.78
CA ALA C 49 25.93 -40.22 -58.22
C ALA C 49 25.47 -39.05 -57.36
N ARG C 50 25.46 -39.21 -56.05
CA ARG C 50 24.96 -38.19 -55.14
C ARG C 50 26.06 -37.28 -54.59
N GLU C 51 27.29 -37.40 -55.07
CA GLU C 51 28.32 -36.51 -54.58
C GLU C 51 29.41 -36.35 -55.62
N ALA C 52 30.00 -35.15 -55.69
CA ALA C 52 31.15 -34.96 -56.56
C ALA C 52 32.15 -34.03 -55.90
N ASN C 53 33.43 -34.33 -56.10
CA ASN C 53 34.51 -33.54 -55.54
C ASN C 53 35.49 -33.26 -56.67
N PHE C 54 35.64 -32.00 -57.04
CA PHE C 54 36.54 -31.64 -58.13
C PHE C 54 37.25 -30.32 -57.82
N ASP C 55 38.12 -29.96 -58.74
CA ASP C 55 39.16 -28.96 -58.49
C ASP C 55 39.03 -27.84 -59.51
N LEU C 56 39.19 -26.60 -59.05
CA LEU C 56 38.98 -25.44 -59.89
C LEU C 56 40.13 -24.46 -59.67
N ILE C 57 40.91 -24.19 -60.73
CA ILE C 57 42.22 -23.56 -60.58
C ILE C 57 42.33 -22.26 -61.37
N ASN C 58 43.03 -21.29 -60.77
CA ASN C 58 43.43 -20.03 -61.40
C ASN C 58 42.25 -19.13 -61.75
N ILE C 59 41.30 -19.00 -60.82
CA ILE C 59 40.44 -17.82 -60.76
C ILE C 59 40.44 -17.32 -59.32
N ASP C 60 40.05 -16.07 -59.14
CA ASP C 60 40.18 -15.39 -57.85
C ASP C 60 39.16 -15.96 -56.87
N THR C 61 39.11 -15.39 -55.67
CA THR C 61 38.12 -15.81 -54.68
C THR C 61 36.71 -15.45 -55.10
N SER C 62 36.48 -14.25 -55.63
CA SER C 62 35.14 -13.70 -55.68
C SER C 62 34.17 -14.61 -56.42
N ILE C 63 34.28 -14.69 -57.74
CA ILE C 63 33.28 -15.41 -58.50
C ILE C 63 33.16 -16.86 -58.05
N ALA C 64 34.23 -17.44 -57.51
CA ALA C 64 34.09 -18.76 -56.90
C ALA C 64 33.10 -18.71 -55.76
N ASN C 65 33.35 -17.83 -54.79
CA ASN C 65 32.40 -17.64 -53.69
C ASN C 65 31.01 -17.37 -54.22
N ALA C 66 30.89 -16.66 -55.34
CA ALA C 66 29.59 -16.54 -55.97
C ALA C 66 29.02 -17.92 -56.26
N PHE C 67 29.82 -18.81 -56.87
CA PHE C 67 29.32 -20.15 -57.13
C PHE C 67 28.91 -20.86 -55.85
N ARG C 68 29.64 -20.69 -54.76
CA ARG C 68 29.20 -21.32 -53.52
C ARG C 68 27.84 -20.79 -53.11
N ARG C 69 27.73 -19.48 -52.91
CA ARG C 69 26.46 -18.89 -52.48
C ARG C 69 25.32 -19.30 -53.40
N ILE C 70 25.40 -18.88 -54.66
CA ILE C 70 24.34 -19.14 -55.62
C ILE C 70 24.03 -20.62 -55.68
N MET C 71 25.03 -21.48 -55.47
CA MET C 71 24.77 -22.91 -55.50
C MET C 71 23.94 -23.37 -54.31
N ILE C 72 24.28 -22.93 -53.10
CA ILE C 72 23.55 -23.39 -51.94
C ILE C 72 22.15 -22.76 -51.87
N SER C 73 21.83 -21.85 -52.78
CA SER C 73 20.48 -21.30 -52.79
C SER C 73 19.83 -21.35 -54.17
N GLU C 74 20.40 -20.60 -55.11
CA GLU C 74 19.61 -20.13 -56.23
C GLU C 74 19.32 -21.19 -57.29
N VAL C 75 20.03 -22.31 -57.32
CA VAL C 75 19.60 -23.41 -58.19
C VAL C 75 18.30 -23.98 -57.64
N PRO C 76 17.19 -23.86 -58.34
CA PRO C 76 15.90 -24.19 -57.74
C PRO C 76 15.80 -25.68 -57.50
N SER C 77 14.83 -26.07 -56.69
CA SER C 77 14.58 -27.47 -56.44
C SER C 77 13.11 -27.65 -56.06
N VAL C 78 12.75 -28.85 -55.79
CA VAL C 78 11.35 -29.20 -55.58
C VAL C 78 11.24 -30.00 -54.30
N ALA C 79 10.44 -29.51 -53.36
CA ALA C 79 10.26 -30.21 -52.10
C ALA C 79 8.86 -29.95 -51.61
N ALA C 80 8.33 -30.93 -50.88
CA ALA C 80 6.96 -30.85 -50.40
C ALA C 80 6.76 -29.59 -49.56
N GLU C 81 5.68 -28.87 -49.84
CA GLU C 81 5.43 -27.66 -49.07
C GLU C 81 4.11 -27.69 -48.34
N TYR C 82 3.01 -27.57 -49.07
CA TYR C 82 1.69 -27.62 -48.45
C TYR C 82 1.35 -29.06 -48.10
N VAL C 83 0.64 -29.23 -46.99
CA VAL C 83 0.29 -30.55 -46.46
C VAL C 83 -1.18 -30.55 -46.10
N TYR C 84 -1.90 -31.55 -46.55
CA TYR C 84 -3.29 -31.70 -46.17
C TYR C 84 -3.50 -32.96 -45.36
N PHE C 85 -3.99 -32.79 -44.15
CA PHE C 85 -4.27 -33.90 -43.27
C PHE C 85 -5.68 -34.41 -43.47
N PHE C 86 -5.80 -35.72 -43.67
CA PHE C 86 -7.06 -36.40 -43.50
C PHE C 86 -7.00 -37.06 -42.13
N ASN C 87 -7.70 -36.43 -41.19
CA ASN C 87 -7.52 -36.52 -39.74
C ASN C 87 -6.04 -36.48 -39.37
N ASN C 88 -5.74 -37.03 -38.20
CA ASN C 88 -4.50 -37.68 -37.78
C ASN C 88 -4.67 -37.92 -36.29
N THR C 89 -4.20 -39.05 -35.80
CA THR C 89 -4.19 -39.30 -34.37
C THR C 89 -2.79 -39.38 -33.79
N SER C 90 -1.76 -39.22 -34.61
CA SER C 90 -0.42 -39.58 -34.19
C SER C 90 -0.02 -38.84 -32.93
N VAL C 91 0.77 -39.51 -32.09
CA VAL C 91 1.28 -38.85 -30.91
C VAL C 91 2.16 -37.68 -31.31
N ILE C 92 2.82 -37.77 -32.45
CA ILE C 92 3.52 -36.64 -33.01
C ILE C 92 2.52 -35.54 -33.32
N GLN C 93 2.91 -34.30 -33.04
CA GLN C 93 2.12 -33.16 -33.46
C GLN C 93 1.55 -33.16 -34.86
N ASP C 94 0.29 -32.78 -34.98
CA ASP C 94 -0.37 -32.71 -36.29
C ASP C 94 0.25 -31.48 -36.94
N GLU C 95 0.96 -30.67 -36.15
CA GLU C 95 1.76 -29.56 -36.59
C GLU C 95 3.18 -29.85 -37.21
N VAL C 96 4.04 -30.32 -36.31
CA VAL C 96 5.36 -30.81 -36.70
C VAL C 96 5.50 -31.81 -37.84
N LEU C 97 4.89 -32.98 -37.67
CA LEU C 97 4.91 -34.01 -38.69
C LEU C 97 4.74 -33.41 -40.08
N ALA C 98 3.86 -32.43 -40.23
CA ALA C 98 3.79 -31.73 -41.49
C ALA C 98 5.12 -31.11 -41.86
N HIS C 99 5.75 -30.43 -40.91
CA HIS C 99 7.09 -29.89 -41.12
C HIS C 99 8.07 -30.93 -41.62
N ARG C 100 7.95 -32.17 -41.17
CA ARG C 100 8.90 -33.21 -41.54
C ARG C 100 8.86 -33.50 -43.03
N ILE C 101 7.68 -33.86 -43.55
CA ILE C 101 7.56 -34.08 -44.98
C ILE C 101 8.07 -32.89 -45.75
N GLY C 102 7.84 -31.68 -45.24
CA GLY C 102 8.32 -30.48 -45.87
C GLY C 102 9.80 -30.57 -46.14
N LEU C 103 10.55 -31.13 -45.21
CA LEU C 103 11.98 -31.20 -45.40
C LEU C 103 12.47 -32.34 -46.27
N VAL C 104 11.91 -33.54 -46.16
CA VAL C 104 12.53 -34.72 -46.79
C VAL C 104 12.81 -34.47 -48.25
N PRO C 105 13.98 -34.81 -48.77
CA PRO C 105 14.26 -34.57 -50.18
C PRO C 105 13.41 -35.47 -51.06
N LEU C 106 13.53 -35.26 -52.37
CA LEU C 106 12.79 -36.05 -53.35
C LEU C 106 13.68 -36.25 -54.55
N LYS C 107 13.66 -37.45 -55.12
CA LYS C 107 14.39 -37.66 -56.36
C LYS C 107 13.41 -37.41 -57.49
N VAL C 108 13.53 -36.23 -58.08
CA VAL C 108 12.82 -35.90 -59.32
C VAL C 108 13.60 -34.78 -59.97
N ASP C 109 13.64 -34.79 -61.26
CA ASP C 109 14.44 -33.75 -61.88
C ASP C 109 13.56 -32.53 -62.15
N PRO C 110 13.99 -31.34 -61.73
CA PRO C 110 13.26 -30.13 -62.12
C PRO C 110 13.34 -29.92 -63.61
N ASP C 111 12.82 -28.80 -64.10
CA ASP C 111 12.62 -28.52 -65.52
C ASP C 111 11.42 -29.33 -66.00
N MET C 112 11.01 -30.31 -65.21
CA MET C 112 9.76 -31.01 -65.46
C MET C 112 8.57 -30.21 -64.97
N LEU C 113 8.80 -29.11 -64.29
CA LEU C 113 7.73 -28.26 -63.77
C LEU C 113 7.89 -26.84 -64.31
N THR C 114 6.96 -25.99 -63.92
CA THR C 114 7.05 -24.56 -64.14
C THR C 114 6.70 -23.87 -62.83
N TRP C 115 7.31 -22.71 -62.61
CA TRP C 115 7.11 -22.00 -61.37
C TRP C 115 5.63 -21.76 -61.09
N VAL C 116 5.25 -22.01 -59.86
CA VAL C 116 3.95 -21.62 -59.35
C VAL C 116 3.82 -20.11 -59.45
N ASP C 117 2.61 -19.64 -59.73
CA ASP C 117 2.33 -18.23 -59.78
C ASP C 117 1.74 -17.80 -58.44
N SER C 118 2.18 -16.64 -57.96
CA SER C 118 1.68 -16.13 -56.69
C SER C 118 0.17 -15.93 -56.71
N ASN C 119 -0.29 -15.03 -57.58
CA ASN C 119 -1.72 -14.69 -57.74
C ASN C 119 -2.59 -15.83 -58.27
N LEU C 120 -3.84 -15.51 -58.62
CA LEU C 120 -4.86 -16.46 -59.11
C LEU C 120 -4.99 -17.54 -58.06
N PRO C 121 -5.68 -17.25 -56.96
CA PRO C 121 -5.50 -18.30 -55.94
C PRO C 121 -6.07 -19.65 -56.29
N ASP C 122 -5.94 -20.56 -55.32
CA ASP C 122 -6.53 -21.90 -55.28
C ASP C 122 -6.45 -22.59 -56.64
N ASP C 123 -7.59 -22.98 -57.20
CA ASP C 123 -7.65 -23.81 -58.40
C ASP C 123 -6.74 -23.32 -59.52
N GLU C 124 -6.43 -22.03 -59.55
CA GLU C 124 -5.52 -21.53 -60.56
C GLU C 124 -4.07 -21.54 -60.13
N LYS C 125 -3.77 -21.78 -58.86
CA LYS C 125 -2.38 -21.91 -58.45
C LYS C 125 -1.81 -23.25 -58.88
N PHE C 126 -2.24 -24.31 -58.24
CA PHE C 126 -1.56 -25.59 -58.35
C PHE C 126 -2.19 -26.35 -59.51
N THR C 127 -1.46 -26.50 -60.60
CA THR C 127 -2.06 -26.95 -61.84
C THR C 127 -1.19 -28.00 -62.52
N ASP C 128 -1.69 -29.23 -62.58
CA ASP C 128 -1.15 -30.23 -63.49
C ASP C 128 0.35 -30.31 -63.32
N GLU C 129 1.11 -29.91 -64.34
CA GLU C 129 2.56 -29.93 -64.26
C GLU C 129 3.12 -28.98 -63.23
N ASN C 130 2.30 -28.12 -62.62
CA ASN C 130 2.82 -27.17 -61.65
C ASN C 130 3.13 -27.80 -60.31
N THR C 131 2.66 -29.02 -60.06
CA THR C 131 2.79 -29.59 -58.72
C THR C 131 2.91 -31.11 -58.81
N ILE C 132 3.77 -31.68 -57.97
CA ILE C 132 3.79 -33.12 -57.76
C ILE C 132 3.12 -33.37 -56.42
N VAL C 133 1.97 -34.00 -56.44
CA VAL C 133 1.25 -34.32 -55.21
C VAL C 133 1.76 -35.65 -54.67
N LEU C 134 1.88 -35.74 -53.36
CA LEU C 134 2.38 -36.94 -52.69
C LEU C 134 1.30 -37.42 -51.73
N SER C 135 1.08 -38.74 -51.71
CA SER C 135 0.05 -39.31 -50.86
C SER C 135 0.67 -40.29 -49.87
N LEU C 136 0.20 -40.22 -48.63
CA LEU C 136 0.62 -41.16 -47.60
C LEU C 136 -0.55 -41.45 -46.69
N ASN C 137 -0.77 -42.72 -46.39
CA ASN C 137 -1.61 -43.08 -45.24
C ASN C 137 -1.14 -44.44 -44.73
N VAL C 138 -1.09 -44.59 -43.41
CA VAL C 138 -0.68 -45.82 -42.76
C VAL C 138 -1.48 -45.97 -41.47
N LYS C 139 -2.01 -47.16 -41.22
CA LYS C 139 -2.62 -47.49 -39.95
C LYS C 139 -1.85 -48.63 -39.31
N CYS C 140 -1.77 -48.63 -37.99
CA CYS C 140 -1.04 -49.65 -37.24
C CYS C 140 -2.01 -50.50 -36.44
N THR C 141 -1.82 -51.81 -36.53
CA THR C 141 -2.63 -52.78 -35.82
C THR C 141 -1.72 -53.74 -35.07
N ARG C 142 -2.23 -54.29 -33.98
CA ARG C 142 -1.48 -55.31 -33.24
C ARG C 142 -1.24 -56.50 -34.14
N ASN C 143 0.02 -56.90 -34.26
CA ASN C 143 0.36 -58.02 -35.11
C ASN C 143 -0.17 -59.31 -34.50
N PRO C 144 -1.05 -60.05 -35.20
CA PRO C 144 -1.50 -61.34 -34.65
C PRO C 144 -0.36 -62.28 -34.31
N ASP C 145 0.71 -62.27 -35.09
CA ASP C 145 1.92 -62.97 -34.69
C ASP C 145 2.65 -62.13 -33.65
N ALA C 146 2.84 -62.70 -32.46
CA ALA C 146 3.50 -62.03 -31.33
C ALA C 146 4.43 -63.04 -30.68
N PRO C 147 5.67 -63.16 -31.17
CA PRO C 147 6.53 -64.26 -30.73
C PRO C 147 6.71 -64.34 -29.23
N LYS C 148 7.05 -63.22 -28.59
CA LYS C 148 7.22 -63.14 -27.14
C LYS C 148 6.85 -61.75 -26.66
N GLY C 149 6.63 -61.63 -25.36
CA GLY C 149 6.24 -60.37 -24.76
C GLY C 149 7.36 -59.34 -24.76
N SER C 150 7.01 -58.12 -25.16
CA SER C 150 7.87 -56.95 -25.06
C SER C 150 9.16 -57.10 -25.85
N THR C 151 9.12 -57.87 -26.93
CA THR C 151 10.30 -57.96 -27.80
C THR C 151 10.39 -56.70 -28.65
N ASP C 152 11.25 -56.71 -29.67
CA ASP C 152 11.52 -55.55 -30.51
C ASP C 152 10.22 -54.94 -31.02
N PRO C 153 9.99 -53.66 -30.78
CA PRO C 153 8.73 -53.06 -31.24
C PRO C 153 8.69 -52.91 -32.75
N LYS C 154 8.93 -54.01 -33.46
CA LYS C 154 8.60 -54.06 -34.88
C LYS C 154 7.73 -55.29 -35.11
N GLU C 155 8.24 -56.48 -34.77
CA GLU C 155 7.45 -57.71 -34.84
C GLU C 155 6.09 -57.56 -34.16
N LEU C 156 6.03 -56.86 -33.04
CA LEU C 156 4.79 -56.71 -32.29
C LEU C 156 3.68 -56.08 -33.11
N TYR C 157 4.03 -55.26 -34.10
CA TYR C 157 3.06 -54.39 -34.75
C TYR C 157 3.24 -54.47 -36.26
N ASN C 158 2.28 -53.90 -36.98
CA ASN C 158 2.52 -53.64 -38.39
C ASN C 158 2.98 -52.20 -38.57
N ASN C 159 4.02 -52.04 -39.39
CA ASN C 159 4.49 -50.76 -39.91
C ASN C 159 4.49 -49.65 -38.85
N ALA C 160 4.89 -49.98 -37.62
CA ALA C 160 4.92 -48.97 -36.57
C ALA C 160 5.92 -47.87 -36.87
N HIS C 161 6.93 -48.16 -37.69
CA HIS C 161 7.87 -47.15 -38.17
C HIS C 161 7.46 -46.80 -39.60
N VAL C 162 6.91 -45.60 -39.80
CA VAL C 162 6.65 -45.16 -41.15
C VAL C 162 7.93 -44.61 -41.75
N TYR C 163 8.15 -44.90 -43.01
CA TYR C 163 9.35 -44.48 -43.70
C TYR C 163 8.97 -43.55 -44.84
N ALA C 164 9.91 -42.69 -45.22
CA ALA C 164 9.71 -41.91 -46.43
C ALA C 164 9.34 -42.78 -47.61
N ARG C 165 9.78 -44.05 -47.60
CA ARG C 165 9.33 -45.02 -48.59
C ARG C 165 7.82 -45.02 -48.75
N ASP C 166 7.08 -44.79 -47.66
CA ASP C 166 5.63 -44.88 -47.70
C ASP C 166 4.99 -43.86 -48.62
N LEU C 167 5.58 -42.69 -48.79
CA LEU C 167 4.97 -41.68 -49.66
C LEU C 167 4.88 -42.26 -51.06
N LYS C 168 3.67 -42.29 -51.62
CA LYS C 168 3.46 -42.81 -52.95
C LYS C 168 3.36 -41.62 -53.90
N PHE C 169 3.00 -41.89 -55.15
CA PHE C 169 2.77 -40.81 -56.12
C PHE C 169 1.42 -40.97 -56.76
N GLU C 170 0.72 -39.86 -56.89
CA GLU C 170 -0.58 -39.82 -57.57
C GLU C 170 -0.47 -38.95 -58.81
N PRO C 171 -0.52 -39.53 -60.00
CA PRO C 171 -0.51 -38.70 -61.21
C PRO C 171 -1.89 -38.15 -61.52
N GLN C 172 -1.93 -37.35 -62.57
CA GLN C 172 -3.14 -36.72 -63.09
C GLN C 172 -3.07 -36.62 -64.61
N GLY C 173 -4.00 -35.86 -65.20
CA GLY C 173 -3.97 -35.66 -66.64
C GLY C 173 -2.62 -35.14 -67.09
N ARG C 174 -2.04 -35.82 -68.08
CA ARG C 174 -0.72 -35.52 -68.64
C ARG C 174 0.37 -35.83 -67.63
N GLN C 175 0.01 -36.00 -66.36
CA GLN C 175 0.98 -36.20 -65.31
C GLN C 175 1.56 -37.60 -65.32
N SER C 176 0.75 -38.61 -65.60
CA SER C 176 1.22 -39.98 -65.69
C SER C 176 2.30 -40.14 -66.75
N THR C 177 1.93 -39.98 -68.01
CA THR C 177 2.81 -40.32 -69.13
C THR C 177 4.10 -39.53 -69.15
N THR C 178 4.17 -38.37 -68.50
CA THR C 178 5.39 -37.59 -68.53
C THR C 178 6.47 -38.10 -67.59
N PHE C 179 6.11 -38.57 -66.41
CA PHE C 179 7.06 -39.17 -65.48
C PHE C 179 7.09 -40.68 -65.57
N ALA C 180 6.36 -41.26 -66.52
CA ALA C 180 6.23 -42.71 -66.60
C ALA C 180 7.59 -43.40 -66.51
N ASP C 181 8.61 -42.84 -67.17
CA ASP C 181 9.94 -43.42 -67.07
C ASP C 181 10.66 -42.99 -65.80
N CYS C 182 10.29 -41.85 -65.23
CA CYS C 182 10.96 -41.31 -64.04
C CYS C 182 9.95 -41.12 -62.93
N PRO C 183 9.47 -42.20 -62.33
CA PRO C 183 8.53 -42.05 -61.22
C PRO C 183 9.23 -41.49 -59.99
N VAL C 184 8.56 -40.55 -59.34
CA VAL C 184 9.15 -39.85 -58.20
C VAL C 184 9.28 -40.82 -57.03
N VAL C 185 10.44 -40.79 -56.39
CA VAL C 185 10.69 -41.59 -55.19
C VAL C 185 11.28 -40.66 -54.15
N PRO C 186 10.95 -40.84 -52.89
CA PRO C 186 11.43 -39.90 -51.87
C PRO C 186 12.91 -40.04 -51.56
N ALA C 187 13.77 -39.57 -52.47
CA ALA C 187 15.20 -39.43 -52.20
C ALA C 187 15.77 -40.67 -51.53
N ASP C 188 16.47 -40.48 -50.41
CA ASP C 188 16.84 -41.59 -49.56
C ASP C 188 15.57 -42.23 -49.04
N PRO C 189 15.29 -43.49 -49.39
CA PRO C 189 13.97 -44.04 -49.07
C PRO C 189 13.71 -44.18 -47.58
N ASP C 190 14.73 -44.43 -46.78
CA ASP C 190 14.54 -44.83 -45.39
C ASP C 190 14.78 -43.61 -44.50
N ILE C 191 13.69 -43.09 -43.93
CA ILE C 191 13.74 -41.97 -43.01
C ILE C 191 12.59 -42.15 -42.03
N LEU C 192 12.74 -41.68 -40.81
CA LEU C 192 11.63 -41.74 -39.87
C LEU C 192 10.82 -40.47 -40.02
N LEU C 193 9.66 -40.59 -40.63
CA LEU C 193 8.71 -39.50 -40.60
C LEU C 193 7.92 -39.51 -39.31
N ALA C 194 7.55 -40.70 -38.84
CA ALA C 194 6.77 -40.81 -37.62
C ALA C 194 6.98 -42.18 -37.01
N LYS C 195 6.81 -42.24 -35.69
CA LYS C 195 6.59 -43.50 -35.00
C LYS C 195 5.20 -43.46 -34.41
N LEU C 196 4.49 -44.58 -34.46
CA LEU C 196 3.19 -44.68 -33.84
C LEU C 196 2.86 -46.14 -33.58
N ARG C 197 1.96 -46.34 -32.63
CA ARG C 197 1.61 -47.66 -32.10
C ARG C 197 0.14 -47.94 -32.41
N PRO C 198 -0.26 -49.22 -32.43
CA PRO C 198 -1.55 -49.57 -33.03
C PRO C 198 -2.71 -48.81 -32.39
N GLY C 199 -3.78 -48.69 -33.17
CA GLY C 199 -4.83 -47.75 -32.86
C GLY C 199 -4.57 -46.35 -33.37
N GLN C 200 -3.43 -46.11 -34.00
CA GLN C 200 -3.09 -44.78 -34.49
C GLN C 200 -2.80 -44.86 -35.98
N GLU C 201 -3.15 -43.80 -36.69
CA GLU C 201 -3.20 -43.80 -38.14
C GLU C 201 -2.99 -42.39 -38.66
N ILE C 202 -2.32 -42.28 -39.82
CA ILE C 202 -2.01 -40.99 -40.43
C ILE C 202 -2.43 -41.04 -41.89
N SER C 203 -3.26 -40.10 -42.30
CA SER C 203 -3.66 -39.97 -43.69
C SER C 203 -3.50 -38.53 -44.14
N LEU C 204 -2.59 -38.30 -45.08
CA LEU C 204 -2.31 -36.96 -45.55
C LEU C 204 -1.89 -37.02 -47.00
N LYS C 205 -2.31 -36.03 -47.76
CA LYS C 205 -1.74 -35.81 -49.08
C LYS C 205 -1.20 -34.40 -49.10
N ALA C 206 0.05 -34.27 -49.49
CA ALA C 206 0.77 -33.02 -49.47
C ALA C 206 1.17 -32.61 -50.87
N HIS C 207 0.84 -31.38 -51.24
CA HIS C 207 1.21 -30.83 -52.53
C HIS C 207 2.70 -30.50 -52.46
N CYS C 208 3.40 -30.76 -53.55
CA CYS C 208 4.83 -30.51 -53.62
C CYS C 208 5.10 -29.54 -54.76
N ILE C 209 5.77 -28.42 -54.44
CA ILE C 209 5.92 -27.31 -55.37
C ILE C 209 7.39 -27.18 -55.73
N LEU C 210 7.67 -26.22 -56.62
CA LEU C 210 9.03 -25.95 -57.04
C LEU C 210 9.55 -24.72 -56.31
N GLY C 211 10.44 -24.91 -55.35
CA GLY C 211 10.90 -23.82 -54.54
C GLY C 211 12.31 -23.36 -54.88
N ILE C 212 12.82 -22.40 -54.12
CA ILE C 212 14.13 -21.82 -54.35
C ILE C 212 14.91 -21.84 -53.05
N GLY C 213 16.22 -22.04 -53.15
CA GLY C 213 17.02 -22.33 -51.98
C GLY C 213 16.93 -21.31 -50.87
N GLY C 214 17.25 -20.05 -51.16
CA GLY C 214 17.33 -19.07 -50.10
C GLY C 214 16.06 -18.91 -49.29
N ASP C 215 14.94 -19.39 -49.81
CA ASP C 215 13.69 -19.21 -49.09
C ASP C 215 13.58 -20.16 -47.89
N HIS C 216 13.86 -21.44 -48.09
CA HIS C 216 14.00 -22.38 -46.99
C HIS C 216 15.02 -23.44 -47.35
N ALA C 217 15.78 -23.86 -46.34
CA ALA C 217 16.81 -24.86 -46.57
C ALA C 217 16.25 -26.14 -47.18
N LYS C 218 14.97 -26.41 -46.98
CA LYS C 218 14.38 -27.61 -47.55
C LYS C 218 14.35 -27.57 -49.07
N PHE C 219 14.61 -26.41 -49.66
CA PHE C 219 14.74 -26.32 -51.11
C PHE C 219 16.18 -26.38 -51.58
N SER C 220 17.14 -26.43 -50.67
CA SER C 220 18.53 -26.52 -51.07
C SER C 220 18.75 -27.85 -51.79
N PRO C 221 19.13 -27.84 -53.03
CA PRO C 221 19.40 -29.11 -53.72
C PRO C 221 20.63 -29.77 -53.14
N VAL C 222 21.46 -28.98 -52.48
CA VAL C 222 22.74 -29.45 -51.98
C VAL C 222 22.70 -29.49 -50.47
N SER C 223 23.05 -30.64 -49.90
CA SER C 223 23.31 -30.66 -48.47
C SER C 223 24.41 -29.66 -48.13
N THR C 224 25.63 -29.93 -48.60
CA THR C 224 26.78 -29.10 -48.29
C THR C 224 27.58 -28.88 -49.56
N ALA C 225 27.71 -27.62 -49.96
CA ALA C 225 28.54 -27.25 -51.08
C ALA C 225 29.51 -26.20 -50.59
N SER C 226 30.77 -26.53 -50.60
CA SER C 226 31.80 -25.60 -50.18
C SER C 226 33.11 -25.92 -50.87
N TYR C 227 34.08 -25.07 -50.62
CA TYR C 227 35.38 -25.20 -51.23
C TYR C 227 36.47 -24.94 -50.21
N ARG C 228 37.31 -25.95 -50.01
CA ARG C 228 38.51 -25.84 -49.21
C ARG C 228 39.60 -25.26 -50.10
N LEU C 229 40.32 -24.26 -49.59
CA LEU C 229 41.35 -23.61 -50.38
C LEU C 229 42.65 -24.37 -50.19
N LEU C 230 43.22 -24.84 -51.29
CA LEU C 230 44.29 -25.84 -51.24
C LEU C 230 45.46 -25.42 -50.38
N PRO C 231 45.83 -26.22 -49.38
CA PRO C 231 47.01 -25.91 -48.58
C PRO C 231 48.29 -26.19 -49.35
N GLN C 232 49.32 -25.44 -49.04
CA GLN C 232 50.65 -25.69 -49.59
C GLN C 232 51.62 -25.69 -48.43
N ILE C 233 52.21 -26.85 -48.16
CA ILE C 233 53.27 -26.97 -47.17
C ILE C 233 54.60 -26.88 -47.91
N ASN C 234 55.49 -26.03 -47.44
CA ASN C 234 56.79 -25.88 -48.06
C ASN C 234 57.84 -25.73 -46.97
N ILE C 235 58.99 -26.36 -47.17
CA ILE C 235 60.00 -26.48 -46.13
C ILE C 235 61.28 -25.78 -46.56
N LEU C 236 62.08 -25.42 -45.57
CA LEU C 236 63.43 -24.91 -45.77
C LEU C 236 64.38 -25.78 -44.98
N GLN C 237 65.59 -25.96 -45.51
CA GLN C 237 66.61 -26.86 -44.97
C GLN C 237 66.16 -28.32 -45.06
N PRO C 238 67.09 -29.28 -44.99
CA PRO C 238 66.68 -30.69 -45.04
C PRO C 238 65.85 -31.13 -43.86
N ILE C 239 66.05 -30.55 -42.67
CA ILE C 239 65.32 -30.83 -41.44
C ILE C 239 65.35 -32.31 -41.11
N LYS C 240 66.36 -33.02 -41.62
CA LYS C 240 66.39 -34.47 -41.53
C LYS C 240 66.75 -34.92 -40.11
N GLY C 241 66.98 -36.22 -39.97
CA GLY C 241 67.34 -36.80 -38.71
C GLY C 241 66.16 -37.45 -38.01
N GLU C 242 66.35 -37.71 -36.72
CA GLU C 242 65.26 -38.24 -35.91
C GLU C 242 64.05 -37.31 -35.91
N SER C 243 64.20 -36.09 -35.37
CA SER C 243 63.05 -35.22 -35.19
C SER C 243 62.24 -35.02 -36.47
N ALA C 244 62.87 -35.20 -37.64
CA ALA C 244 62.09 -35.25 -38.87
C ALA C 244 61.00 -36.31 -38.79
N ARG C 245 61.26 -37.42 -38.10
CA ARG C 245 60.23 -38.41 -37.89
C ARG C 245 59.08 -37.85 -37.07
N ARG C 246 59.40 -37.13 -35.99
CA ARG C 246 58.39 -36.39 -35.26
C ARG C 246 57.62 -35.43 -36.15
N PHE C 247 58.29 -34.86 -37.15
CA PHE C 247 57.67 -33.87 -38.01
C PHE C 247 56.45 -34.44 -38.72
N GLN C 248 56.51 -35.70 -39.15
CA GLN C 248 55.35 -36.24 -39.84
C GLN C 248 54.21 -36.51 -38.87
N LYS C 249 54.50 -36.95 -37.65
CA LYS C 249 53.43 -37.12 -36.68
C LYS C 249 52.82 -35.79 -36.30
N CYS C 250 53.55 -34.69 -36.54
CA CYS C 250 52.98 -33.37 -36.28
C CYS C 250 51.77 -33.09 -37.17
N PHE C 251 51.74 -33.64 -38.37
CA PHE C 251 50.66 -33.44 -39.31
C PHE C 251 49.71 -34.64 -39.34
N PRO C 252 48.59 -34.53 -40.05
CA PRO C 252 47.73 -35.70 -40.24
C PRO C 252 48.38 -36.71 -41.17
N PRO C 253 48.08 -37.99 -41.03
CA PRO C 253 49.05 -39.02 -41.44
C PRO C 253 49.65 -38.93 -42.83
N GLY C 254 48.84 -38.73 -43.88
CA GLY C 254 49.31 -38.90 -45.24
C GLY C 254 50.31 -37.83 -45.59
N VAL C 255 49.87 -36.57 -45.67
CA VAL C 255 50.66 -35.35 -45.62
C VAL C 255 52.00 -35.50 -46.36
N ILE C 256 53.09 -35.16 -45.66
CA ILE C 256 54.46 -35.46 -46.04
C ILE C 256 54.78 -36.88 -45.56
N GLY C 257 56.01 -37.31 -45.84
CA GLY C 257 56.48 -38.59 -45.38
C GLY C 257 57.99 -38.70 -45.53
N ILE C 258 58.57 -39.60 -44.74
CA ILE C 258 60.01 -39.84 -44.74
C ILE C 258 60.35 -40.65 -45.98
N ASP C 259 61.30 -40.14 -46.77
CA ASP C 259 61.92 -40.94 -47.82
C ASP C 259 63.03 -41.80 -47.24
N GLU C 260 64.06 -41.15 -46.69
CA GLU C 260 65.10 -41.80 -45.93
C GLU C 260 65.52 -40.84 -44.83
N GLY C 261 66.11 -41.38 -43.75
CA GLY C 261 66.63 -40.52 -42.71
C GLY C 261 67.53 -39.44 -43.24
N SER C 262 68.42 -39.79 -44.17
CA SER C 262 69.19 -38.82 -44.91
C SER C 262 68.34 -38.04 -45.91
N ASP C 263 67.33 -38.68 -46.48
CA ASP C 263 66.46 -38.07 -47.47
C ASP C 263 65.29 -37.35 -46.81
N GLU C 264 65.37 -37.28 -45.48
CA GLU C 264 64.49 -36.50 -44.61
C GLU C 264 63.01 -36.77 -44.90
N ALA C 265 62.19 -35.72 -44.82
CA ALA C 265 60.77 -35.80 -45.17
C ALA C 265 60.57 -34.91 -46.38
N TYR C 266 60.39 -35.53 -47.53
CA TYR C 266 59.83 -34.83 -48.66
C TYR C 266 58.34 -34.65 -48.41
N VAL C 267 57.75 -33.70 -49.10
CA VAL C 267 56.30 -33.56 -49.08
C VAL C 267 55.71 -34.65 -49.95
N LYS C 268 54.90 -35.51 -49.36
CA LYS C 268 54.23 -36.54 -50.15
C LYS C 268 53.16 -35.85 -50.98
N ASP C 269 52.17 -35.27 -50.30
CA ASP C 269 51.16 -34.48 -50.97
C ASP C 269 50.53 -33.50 -50.00
N ALA C 270 49.94 -32.45 -50.56
CA ALA C 270 49.05 -31.56 -49.83
C ALA C 270 47.65 -32.11 -49.94
N ARG C 271 46.66 -31.29 -49.60
CA ARG C 271 45.24 -31.50 -49.84
C ARG C 271 44.71 -32.67 -49.03
N LYS C 272 45.59 -33.47 -48.46
CA LYS C 272 45.17 -34.34 -47.37
C LYS C 272 45.09 -33.57 -46.06
N ASP C 273 45.84 -32.48 -45.95
CA ASP C 273 46.04 -31.77 -44.70
C ASP C 273 44.84 -30.87 -44.37
N THR C 274 44.62 -30.63 -43.08
CA THR C 274 43.56 -29.76 -42.59
C THR C 274 44.06 -28.35 -42.29
N VAL C 275 45.32 -28.05 -42.61
CA VAL C 275 45.92 -26.75 -42.32
C VAL C 275 45.77 -26.52 -40.82
N SER C 276 46.27 -27.46 -40.03
CA SER C 276 46.05 -27.40 -38.60
C SER C 276 47.18 -26.73 -37.85
N ARG C 277 48.22 -26.30 -38.56
CA ARG C 277 49.26 -25.42 -38.06
C ARG C 277 49.79 -25.80 -36.68
N GLU C 278 50.17 -27.06 -36.50
CA GLU C 278 50.88 -27.46 -35.29
C GLU C 278 52.36 -27.17 -35.33
N VAL C 279 53.01 -27.28 -36.48
CA VAL C 279 54.45 -27.06 -36.54
C VAL C 279 54.84 -25.73 -35.95
N LEU C 280 53.91 -24.78 -35.86
CA LEU C 280 54.25 -23.50 -35.29
C LEU C 280 54.26 -23.51 -33.77
N ARG C 281 53.43 -24.33 -33.12
CA ARG C 281 53.43 -24.36 -31.67
C ARG C 281 54.61 -25.13 -31.10
N TYR C 282 55.26 -25.97 -31.90
CA TYR C 282 56.39 -26.75 -31.45
C TYR C 282 57.70 -26.02 -31.48
N GLU C 283 57.68 -24.71 -31.77
CA GLU C 283 58.92 -23.95 -31.69
C GLU C 283 59.92 -24.56 -32.68
N GLU C 284 60.88 -25.33 -32.17
CA GLU C 284 62.15 -25.60 -32.84
C GLU C 284 62.01 -25.84 -34.35
N PHE C 285 60.89 -26.36 -34.81
CA PHE C 285 60.62 -26.39 -36.24
C PHE C 285 60.49 -25.01 -36.85
N ALA C 286 60.44 -23.95 -36.02
CA ALA C 286 60.03 -22.63 -36.44
C ALA C 286 60.66 -22.14 -37.72
N ASP C 287 61.94 -21.78 -37.72
CA ASP C 287 62.54 -21.07 -38.82
C ASP C 287 62.52 -21.84 -40.13
N LYS C 288 62.48 -23.16 -40.08
CA LYS C 288 62.74 -23.95 -41.27
C LYS C 288 61.51 -24.40 -42.03
N VAL C 289 60.31 -24.02 -41.59
CA VAL C 289 59.07 -24.38 -42.27
C VAL C 289 58.11 -23.20 -42.21
N LYS C 290 57.47 -22.90 -43.34
CA LYS C 290 56.36 -21.96 -43.39
C LYS C 290 55.21 -22.58 -44.16
N LEU C 291 54.00 -22.09 -43.88
CA LEU C 291 52.78 -22.67 -44.41
C LEU C 291 52.11 -21.70 -45.37
N GLY C 292 51.36 -22.25 -46.32
CA GLY C 292 50.69 -21.41 -47.27
C GLY C 292 49.50 -22.10 -47.90
N ARG C 293 48.60 -21.29 -48.44
CA ARG C 293 47.49 -21.76 -49.24
C ARG C 293 47.42 -20.84 -50.46
N VAL C 294 47.11 -21.40 -51.63
CA VAL C 294 47.16 -20.62 -52.84
C VAL C 294 45.75 -20.19 -53.24
N ARG C 295 45.55 -18.88 -53.39
CA ARG C 295 44.22 -18.34 -53.66
C ARG C 295 43.67 -18.83 -54.99
N ASN C 296 44.54 -19.17 -55.93
CA ASN C 296 44.05 -19.64 -57.21
C ASN C 296 43.41 -21.02 -57.11
N HIS C 297 43.94 -21.90 -56.28
CA HIS C 297 43.62 -23.32 -56.38
C HIS C 297 42.53 -23.65 -55.39
N PHE C 298 41.32 -23.93 -55.89
CA PHE C 298 40.17 -24.22 -55.06
C PHE C 298 39.83 -25.71 -55.14
N ILE C 299 40.07 -26.42 -54.05
CA ILE C 299 39.48 -27.73 -53.86
C ILE C 299 38.02 -27.47 -53.60
N PHE C 300 37.16 -28.12 -54.36
CA PHE C 300 35.76 -27.75 -54.41
C PHE C 300 34.92 -29.01 -54.34
N ASN C 301 34.19 -29.20 -53.24
CA ASN C 301 33.42 -30.42 -53.09
C ASN C 301 31.96 -30.09 -52.86
N VAL C 302 31.08 -30.81 -53.55
CA VAL C 302 29.66 -30.56 -53.49
C VAL C 302 28.94 -31.88 -53.23
N GLU C 303 28.10 -31.88 -52.20
CA GLU C 303 27.23 -32.97 -51.80
C GLU C 303 26.09 -32.98 -52.80
N SER C 304 25.07 -33.78 -52.50
CA SER C 304 23.78 -33.58 -53.13
C SER C 304 22.68 -34.12 -52.22
N ALA C 305 21.53 -33.47 -52.24
CA ALA C 305 20.39 -34.05 -51.56
C ALA C 305 19.90 -35.32 -52.23
N GLY C 306 20.45 -35.65 -53.40
CA GLY C 306 19.93 -36.74 -54.19
C GLY C 306 19.03 -36.20 -55.28
N ALA C 307 18.80 -34.89 -55.24
CA ALA C 307 17.93 -34.26 -56.22
C ALA C 307 18.40 -34.52 -57.63
N MET C 308 19.68 -34.30 -57.88
CA MET C 308 20.26 -34.59 -59.18
C MET C 308 21.76 -34.68 -59.02
N THR C 309 22.43 -35.04 -60.10
CA THR C 309 23.85 -35.25 -60.03
C THR C 309 24.58 -33.92 -59.79
N PRO C 310 25.55 -33.89 -58.89
CA PRO C 310 26.21 -32.63 -58.55
C PRO C 310 26.92 -32.00 -59.73
N GLU C 311 27.44 -32.78 -60.67
CA GLU C 311 27.92 -32.20 -61.90
C GLU C 311 26.87 -31.30 -62.53
N GLU C 312 25.61 -31.77 -62.59
CA GLU C 312 24.51 -30.92 -63.00
C GLU C 312 24.35 -29.71 -62.11
N ILE C 313 24.45 -29.89 -60.79
CA ILE C 313 24.26 -28.77 -59.86
C ILE C 313 25.26 -27.67 -60.17
N PHE C 314 26.55 -27.95 -59.95
CA PHE C 314 27.56 -26.94 -60.24
C PHE C 314 27.40 -26.38 -61.64
N PHE C 315 27.04 -27.22 -62.61
CA PHE C 315 26.85 -26.71 -63.95
C PHE C 315 25.79 -25.63 -64.00
N LYS C 316 24.54 -25.97 -63.72
CA LYS C 316 23.47 -24.97 -63.72
C LYS C 316 23.78 -23.77 -62.86
N SER C 317 24.47 -23.97 -61.73
CA SER C 317 24.79 -22.86 -60.85
C SER C 317 25.54 -21.74 -61.57
N VAL C 318 26.43 -22.09 -62.49
CA VAL C 318 27.01 -21.12 -63.40
C VAL C 318 25.95 -20.44 -64.24
N ARG C 319 25.26 -21.18 -65.09
CA ARG C 319 24.38 -20.54 -66.06
C ARG C 319 23.33 -19.68 -65.38
N ILE C 320 23.03 -19.94 -64.11
CA ILE C 320 22.27 -18.92 -63.39
C ILE C 320 23.04 -17.61 -63.40
N LEU C 321 24.18 -17.56 -62.73
CA LEU C 321 24.90 -16.30 -62.59
C LEU C 321 25.12 -15.63 -63.94
N LYS C 322 25.52 -16.39 -64.96
CA LYS C 322 25.57 -15.83 -66.30
C LYS C 322 24.24 -15.19 -66.69
N ASN C 323 23.20 -16.02 -66.77
CA ASN C 323 21.89 -15.56 -67.24
C ASN C 323 21.44 -14.33 -66.49
N LYS C 324 21.73 -14.28 -65.18
CA LYS C 324 21.44 -13.10 -64.38
C LYS C 324 22.18 -11.89 -64.91
N ALA C 325 23.50 -12.01 -65.04
CA ALA C 325 24.27 -10.89 -65.57
C ALA C 325 23.68 -10.38 -66.88
N GLU C 326 23.42 -11.27 -67.83
CA GLU C 326 22.85 -10.81 -69.10
C GLU C 326 21.51 -10.13 -68.91
N TYR C 327 20.64 -10.72 -68.09
CA TYR C 327 19.35 -10.10 -67.84
C TYR C 327 19.52 -8.70 -67.26
N LEU C 328 20.61 -8.47 -66.54
CA LEU C 328 20.88 -7.11 -66.11
C LEU C 328 21.34 -6.24 -67.27
N LYS C 329 22.19 -6.76 -68.15
CA LYS C 329 22.63 -6.02 -69.33
C LYS C 329 21.46 -5.47 -70.12
N ASN C 330 20.49 -6.32 -70.44
CA ASN C 330 19.48 -5.92 -71.41
C ASN C 330 18.34 -5.14 -70.77
N CYS C 331 18.41 -4.87 -69.48
CA CYS C 331 17.43 -3.97 -68.89
C CYS C 331 17.99 -2.55 -68.86
N PRO C 332 17.42 -1.63 -69.63
CA PRO C 332 17.98 -0.28 -69.71
C PRO C 332 17.80 0.46 -68.39
N ILE C 333 18.71 1.39 -68.14
CA ILE C 333 18.78 2.10 -66.88
C ILE C 333 17.72 3.20 -66.88
N THR C 334 16.77 3.11 -65.96
CA THR C 334 15.80 4.17 -65.80
C THR C 334 16.43 5.35 -65.06
N GLN C 335 15.81 6.51 -65.22
CA GLN C 335 16.28 7.73 -64.57
C GLN C 335 15.26 8.24 -63.57
N MET D 1 -19.20 41.16 -24.71
CA MET D 1 -18.00 41.53 -23.97
C MET D 1 -18.18 42.93 -23.40
N LYS D 2 -17.17 43.44 -22.70
CA LYS D 2 -17.25 44.73 -22.04
C LYS D 2 -17.70 45.83 -23.00
N VAL D 3 -18.63 46.66 -22.54
CA VAL D 3 -19.18 47.75 -23.32
C VAL D 3 -18.64 49.06 -22.75
N LEU D 4 -18.27 49.97 -23.63
CA LEU D 4 -17.68 51.23 -23.16
C LEU D 4 -18.70 52.35 -23.14
N GLU D 5 -19.07 52.87 -24.31
CA GLU D 5 -20.03 53.96 -24.35
C GLU D 5 -21.30 53.45 -25.00
N GLU D 6 -22.33 53.24 -24.19
CA GLU D 6 -23.61 52.73 -24.69
C GLU D 6 -24.35 53.83 -25.43
N ARG D 7 -24.78 54.85 -24.70
CA ARG D 7 -25.31 56.06 -25.32
C ARG D 7 -24.09 56.82 -25.79
N ASN D 8 -23.93 56.93 -27.11
CA ASN D 8 -22.64 57.33 -27.65
C ASN D 8 -22.80 58.42 -28.69
N ALA D 9 -23.30 58.04 -29.86
CA ALA D 9 -23.62 58.99 -30.92
C ALA D 9 -24.99 58.65 -31.47
N PHE D 10 -25.94 59.56 -31.28
CA PHE D 10 -27.28 59.32 -31.78
C PHE D 10 -27.25 59.39 -33.29
N LEU D 11 -27.65 58.30 -33.93
CA LEU D 11 -27.50 58.16 -35.36
C LEU D 11 -28.89 58.06 -35.97
N SER D 12 -29.29 59.10 -36.68
CA SER D 12 -30.45 58.99 -37.54
C SER D 12 -29.98 58.43 -38.88
N ASP D 13 -30.91 58.25 -39.81
CA ASP D 13 -30.61 57.63 -41.09
C ASP D 13 -30.72 58.68 -42.19
N TYR D 14 -29.57 59.04 -42.78
CA TYR D 14 -29.59 59.86 -43.98
C TYR D 14 -28.75 59.17 -45.05
N GLU D 15 -27.43 59.22 -44.88
CA GLU D 15 -26.52 58.41 -45.65
C GLU D 15 -26.28 57.07 -45.00
N VAL D 16 -26.75 56.89 -43.76
CA VAL D 16 -26.64 55.60 -43.10
C VAL D 16 -27.25 54.50 -43.95
N LEU D 17 -28.45 54.75 -44.49
CA LEU D 17 -29.02 53.82 -45.45
C LEU D 17 -28.15 53.69 -46.68
N LYS D 18 -27.70 54.82 -47.22
CA LYS D 18 -26.79 54.78 -48.36
C LYS D 18 -25.49 54.06 -48.04
N PHE D 19 -24.95 54.25 -46.83
CA PHE D 19 -23.70 53.60 -46.49
C PHE D 19 -23.87 52.11 -46.29
N LEU D 20 -24.92 51.69 -45.60
CA LEU D 20 -25.21 50.25 -45.52
C LEU D 20 -25.40 49.67 -46.90
N THR D 21 -26.07 50.40 -47.79
CA THR D 21 -26.18 49.97 -49.18
C THR D 21 -24.82 49.90 -49.84
N ASP D 22 -23.88 50.75 -49.42
CA ASP D 22 -22.54 50.73 -49.98
C ASP D 22 -21.78 49.49 -49.56
N LEU D 23 -21.74 49.21 -48.25
CA LEU D 23 -21.18 47.96 -47.76
C LEU D 23 -21.83 46.77 -48.44
N GLU D 24 -23.14 46.85 -48.69
CA GLU D 24 -23.78 45.79 -49.44
C GLU D 24 -23.26 45.66 -50.86
N LYS D 25 -23.11 46.78 -51.57
CA LYS D 25 -22.48 46.73 -52.88
C LYS D 25 -21.11 46.06 -52.82
N LYS D 26 -20.37 46.27 -51.71
CA LYS D 26 -19.09 45.61 -51.54
C LYS D 26 -19.21 44.10 -51.51
N HIS D 27 -20.21 43.54 -50.84
CA HIS D 27 -20.41 42.10 -50.89
C HIS D 27 -21.74 41.79 -51.58
N LEU D 28 -21.65 41.36 -52.83
CA LEU D 28 -22.72 40.69 -53.57
C LEU D 28 -23.89 41.60 -53.95
N TRP D 29 -24.01 42.76 -53.30
CA TRP D 29 -25.03 43.77 -53.60
C TRP D 29 -26.43 43.14 -53.66
N ASP D 30 -26.95 42.81 -52.49
CA ASP D 30 -28.36 42.46 -52.27
C ASP D 30 -28.83 41.47 -53.34
N GLN D 31 -29.94 41.79 -54.01
CA GLN D 31 -30.61 40.86 -54.89
C GLN D 31 -29.88 40.60 -56.20
N LYS D 32 -29.56 41.63 -56.99
CA LYS D 32 -29.09 41.39 -58.35
C LYS D 32 -27.58 41.60 -58.49
N SER D 33 -26.87 40.49 -58.51
CA SER D 33 -25.55 40.40 -59.14
C SER D 33 -25.61 39.74 -60.51
N LEU D 34 -26.79 39.33 -60.97
CA LEU D 34 -26.93 38.48 -62.14
C LEU D 34 -26.72 39.23 -63.45
N ALA D 35 -26.62 40.55 -63.41
CA ALA D 35 -26.43 41.34 -64.63
C ALA D 35 -25.25 42.28 -64.49
N PRO D 53 -23.14 34.38 -46.05
CA PRO D 53 -22.68 35.08 -44.84
C PRO D 53 -23.82 35.43 -43.89
N GLU D 54 -25.05 35.32 -44.38
CA GLU D 54 -26.28 35.51 -43.60
C GLU D 54 -26.52 36.99 -43.32
N LEU D 55 -25.49 37.81 -43.50
CA LEU D 55 -25.64 39.25 -43.28
C LEU D 55 -26.70 39.85 -44.18
N GLN D 56 -26.91 39.29 -45.36
CA GLN D 56 -27.89 39.74 -46.33
C GLN D 56 -29.30 39.86 -45.74
N GLY D 57 -29.68 38.96 -44.83
CA GLY D 57 -31.02 38.94 -44.28
C GLY D 57 -31.51 40.25 -43.72
N ILE D 58 -30.76 40.87 -42.81
CA ILE D 58 -31.15 42.17 -42.26
C ILE D 58 -31.07 43.29 -43.27
N THR D 59 -30.08 43.31 -44.15
CA THR D 59 -29.86 44.44 -45.04
C THR D 59 -31.12 44.75 -45.85
N ARG D 60 -31.55 43.82 -46.69
CA ARG D 60 -32.83 43.96 -47.38
C ARG D 60 -33.96 44.33 -46.44
N ASN D 61 -33.99 43.75 -45.25
CA ASN D 61 -34.84 44.20 -44.15
C ASN D 61 -34.60 45.65 -43.79
N VAL D 62 -33.39 45.97 -43.34
CA VAL D 62 -33.03 47.34 -42.98
C VAL D 62 -33.44 48.32 -44.07
N VAL D 63 -32.88 48.19 -45.27
CA VAL D 63 -33.23 49.08 -46.38
C VAL D 63 -34.73 49.12 -46.63
N ASN D 64 -35.44 48.04 -46.34
CA ASN D 64 -36.88 47.99 -46.53
C ASN D 64 -37.59 49.13 -45.79
N TYR D 65 -37.66 49.02 -44.48
CA TYR D 65 -38.35 50.01 -43.66
C TYR D 65 -37.81 51.41 -43.86
N LEU D 66 -36.53 51.53 -44.20
CA LEU D 66 -35.93 52.84 -44.44
C LEU D 66 -36.30 53.43 -45.79
N SER D 67 -36.55 52.59 -46.80
CA SER D 67 -36.83 53.08 -48.15
C SER D 67 -38.27 53.52 -48.37
N ILE D 68 -39.24 52.89 -47.72
CA ILE D 68 -40.64 53.10 -48.09
C ILE D 68 -41.10 54.53 -47.89
N ASN D 69 -40.71 55.19 -46.81
CA ASN D 69 -41.18 56.55 -46.57
C ASN D 69 -40.61 57.52 -47.60
N LYS D 70 -39.34 57.35 -47.97
CA LYS D 70 -38.77 58.20 -49.02
C LYS D 70 -39.56 58.10 -50.31
N ASN D 71 -40.04 56.90 -50.66
CA ASN D 71 -40.97 56.75 -51.76
C ASN D 71 -42.39 57.08 -51.37
N PHE D 72 -42.84 56.63 -50.20
CA PHE D 72 -44.21 56.84 -49.76
C PHE D 72 -44.28 57.04 -48.24
N MET D 98 -34.92 61.28 -52.27
CA MET D 98 -33.74 61.33 -51.42
C MET D 98 -32.67 62.25 -51.99
N SER D 99 -31.67 62.57 -51.18
CA SER D 99 -30.63 63.52 -51.57
C SER D 99 -29.39 63.28 -50.73
N ASP D 100 -28.39 64.14 -50.92
CA ASP D 100 -27.13 64.06 -50.20
C ASP D 100 -26.89 65.36 -49.44
N GLU D 101 -26.77 66.46 -50.18
CA GLU D 101 -26.54 67.75 -49.54
C GLU D 101 -27.72 68.22 -48.69
N SER D 102 -28.91 67.64 -48.91
CA SER D 102 -30.08 68.05 -48.16
C SER D 102 -29.89 67.90 -46.65
N PHE D 103 -29.06 66.96 -46.21
CA PHE D 103 -28.70 66.89 -44.80
C PHE D 103 -28.03 68.18 -44.36
N ALA D 104 -27.00 68.61 -45.09
CA ALA D 104 -26.38 69.91 -44.80
C ALA D 104 -27.37 71.05 -45.02
N GLU D 105 -28.26 70.92 -45.99
CA GLU D 105 -29.33 71.89 -46.19
C GLU D 105 -30.33 71.90 -45.05
N LEU D 106 -30.44 70.80 -44.30
CA LEU D 106 -31.51 70.65 -43.34
C LEU D 106 -31.26 71.44 -42.05
N MET D 107 -30.00 71.59 -41.66
CA MET D 107 -29.63 72.22 -40.40
C MET D 107 -30.01 73.69 -40.32
N THR D 108 -29.95 74.41 -41.44
CA THR D 108 -29.87 75.87 -41.45
C THR D 108 -30.88 76.52 -40.51
N LYS D 109 -32.16 76.49 -40.88
CA LYS D 109 -33.20 77.09 -40.06
C LYS D 109 -33.63 76.18 -38.92
N LEU D 110 -33.33 74.89 -38.99
CA LEU D 110 -33.68 73.95 -37.93
C LEU D 110 -32.81 74.11 -36.70
N ASN D 111 -31.60 74.64 -36.85
CA ASN D 111 -30.75 74.97 -35.72
C ASN D 111 -31.32 76.08 -34.85
N SER D 112 -32.39 76.74 -35.29
CA SER D 112 -32.93 77.90 -34.61
C SER D 112 -34.03 77.56 -33.60
N PHE D 113 -34.40 76.28 -33.50
CA PHE D 113 -35.59 75.90 -32.77
C PHE D 113 -35.25 75.28 -31.43
N LYS D 114 -36.30 74.91 -30.69
CA LYS D 114 -36.21 74.40 -29.33
C LYS D 114 -36.19 72.87 -29.28
N LEU D 115 -36.11 72.23 -30.44
CA LEU D 115 -36.32 70.80 -30.59
C LEU D 115 -35.35 69.94 -29.78
N PHE D 116 -34.32 70.54 -29.18
CA PHE D 116 -33.27 69.82 -28.44
C PHE D 116 -32.63 68.82 -29.40
N LYS D 117 -32.25 67.63 -28.94
CA LYS D 117 -31.73 66.58 -29.81
C LYS D 117 -32.76 65.54 -30.23
N ALA D 118 -33.95 65.54 -29.64
CA ALA D 118 -34.86 64.41 -29.82
C ALA D 118 -35.65 64.52 -31.12
N GLU D 119 -36.61 65.44 -31.17
CA GLU D 119 -37.34 65.68 -32.41
C GLU D 119 -36.42 66.18 -33.51
N LYS D 120 -35.32 66.84 -33.14
CA LYS D 120 -34.41 67.37 -34.13
C LYS D 120 -33.85 66.27 -35.03
N LEU D 121 -33.72 65.06 -34.48
CA LEU D 121 -33.50 63.87 -35.31
C LEU D 121 -34.80 63.30 -35.86
N GLN D 122 -35.86 63.26 -35.05
CA GLN D 122 -37.15 62.71 -35.46
C GLN D 122 -37.70 63.36 -36.73
N ILE D 123 -37.47 64.65 -36.92
CA ILE D 123 -37.99 65.39 -38.07
C ILE D 123 -37.54 64.75 -39.38
N VAL D 124 -36.39 64.08 -39.35
CA VAL D 124 -35.82 63.49 -40.55
C VAL D 124 -36.73 62.42 -41.14
N ASN D 125 -37.43 61.68 -40.28
CA ASN D 125 -38.15 60.50 -40.74
C ASN D 125 -39.66 60.54 -40.49
N GLN D 126 -40.08 60.35 -39.25
CA GLN D 126 -41.49 60.11 -38.98
C GLN D 126 -42.44 61.30 -39.08
N LEU D 127 -43.63 61.05 -39.61
CA LEU D 127 -44.62 62.11 -39.75
C LEU D 127 -44.07 63.20 -40.68
N PRO D 128 -44.90 63.67 -41.62
CA PRO D 128 -44.50 64.70 -42.59
C PRO D 128 -44.47 66.12 -42.02
N ALA D 129 -43.59 66.38 -41.05
CA ALA D 129 -43.49 67.73 -40.48
C ALA D 129 -44.63 68.66 -40.87
N ASN D 130 -45.82 68.35 -40.34
CA ASN D 130 -47.02 69.11 -40.64
C ASN D 130 -47.93 69.13 -39.42
N MET D 131 -48.67 70.23 -39.27
CA MET D 131 -49.76 70.38 -38.31
C MET D 131 -49.44 69.86 -36.92
N VAL D 132 -50.35 69.08 -36.34
CA VAL D 132 -50.24 68.54 -34.99
C VAL D 132 -49.20 67.42 -34.91
N HIS D 133 -48.82 66.83 -36.04
CA HIS D 133 -47.77 65.81 -36.03
C HIS D 133 -46.56 66.29 -35.25
N LEU D 134 -45.89 67.34 -35.74
CA LEU D 134 -44.75 67.93 -35.07
C LEU D 134 -45.06 68.39 -33.65
N TYR D 135 -46.30 68.79 -33.37
CA TYR D 135 -46.70 69.20 -32.04
C TYR D 135 -46.80 68.03 -31.06
N SER D 136 -46.94 66.81 -31.57
CA SER D 136 -47.20 65.63 -30.75
C SER D 136 -45.99 65.19 -29.95
N ILE D 137 -44.82 65.80 -30.14
CA ILE D 137 -43.59 65.24 -29.57
C ILE D 137 -43.01 66.12 -28.48
N VAL D 138 -42.37 67.23 -28.88
CA VAL D 138 -41.41 67.89 -28.00
C VAL D 138 -42.13 68.69 -26.93
N GLU D 139 -41.51 68.78 -25.75
CA GLU D 139 -42.04 69.58 -24.66
C GLU D 139 -42.25 71.02 -25.09
N GLU D 140 -43.42 71.56 -24.75
CA GLU D 140 -43.76 72.96 -25.05
C GLU D 140 -43.68 73.23 -26.55
N CYS D 141 -44.16 72.28 -27.34
CA CYS D 141 -43.96 72.35 -28.79
C CYS D 141 -44.62 73.58 -29.41
N ASP D 142 -45.93 73.77 -29.20
CA ASP D 142 -46.57 74.99 -29.67
C ASP D 142 -46.26 76.06 -28.62
N ALA D 143 -46.97 76.05 -27.49
CA ALA D 143 -46.57 76.83 -26.32
C ALA D 143 -46.13 78.23 -26.68
N ARG D 144 -44.88 78.56 -26.33
CA ARG D 144 -44.22 79.79 -26.74
C ARG D 144 -44.20 79.98 -28.25
N PHE D 145 -43.47 79.12 -28.95
CA PHE D 145 -43.19 79.34 -30.37
C PHE D 145 -44.18 78.60 -31.26
N ASP D 146 -44.90 79.35 -32.09
CA ASP D 146 -46.01 78.77 -32.83
C ASP D 146 -45.89 78.88 -34.34
N GLU D 147 -46.22 80.07 -34.87
CA GLU D 147 -46.58 80.22 -36.28
C GLU D 147 -45.48 79.78 -37.24
N LYS D 148 -44.41 80.56 -37.31
CA LYS D 148 -43.30 80.24 -38.20
C LYS D 148 -42.59 78.96 -37.75
N THR D 149 -42.67 78.62 -36.47
CA THR D 149 -41.95 77.44 -35.99
C THR D 149 -42.63 76.16 -36.44
N ILE D 150 -43.96 76.08 -36.34
CA ILE D 150 -44.66 74.91 -36.84
C ILE D 150 -44.78 74.93 -38.36
N GLU D 151 -44.88 76.11 -38.97
CA GLU D 151 -45.06 76.24 -40.40
C GLU D 151 -43.78 75.99 -41.20
N GLU D 152 -42.68 76.65 -40.84
CA GLU D 152 -41.44 76.52 -41.61
C GLU D 152 -40.97 75.08 -41.70
N MET D 153 -41.32 74.24 -40.73
CA MET D 153 -41.04 72.81 -40.83
C MET D 153 -41.67 72.20 -42.08
N LEU D 154 -42.88 72.63 -42.44
CA LEU D 154 -43.54 72.15 -43.65
C LEU D 154 -42.79 72.55 -44.92
N GLU D 155 -42.45 73.82 -45.07
CA GLU D 155 -41.74 74.25 -46.28
C GLU D 155 -40.35 73.67 -46.36
N ILE D 156 -39.71 73.43 -45.22
CA ILE D 156 -38.36 72.86 -45.24
C ILE D 156 -38.42 71.36 -45.47
N ILE D 157 -39.40 70.67 -44.89
CA ILE D 157 -39.54 69.24 -45.17
C ILE D 157 -39.98 69.02 -46.61
N SER D 158 -40.66 70.00 -47.22
CA SER D 158 -40.95 69.92 -48.63
C SER D 158 -39.68 70.06 -49.46
N GLY D 159 -38.66 70.72 -48.91
CA GLY D 159 -37.36 70.82 -49.56
C GLY D 159 -36.66 69.48 -49.76
N TYR D 160 -37.01 68.47 -48.96
CA TYR D 160 -36.51 67.12 -49.16
C TYR D 160 -37.64 66.15 -49.43
N ALA D 161 -38.54 65.94 -48.47
CA ALA D 161 -39.68 65.06 -48.67
C ALA D 161 -40.78 65.75 -49.46
N MET E 1 45.20 31.55 40.72
CA MET E 1 46.32 31.01 39.97
C MET E 1 46.97 32.05 39.07
N ASP E 2 48.30 32.16 39.17
CA ASP E 2 49.07 33.03 38.30
C ASP E 2 48.88 32.71 36.83
N GLN E 3 48.61 31.44 36.49
CA GLN E 3 48.45 31.07 35.09
C GLN E 3 47.07 31.44 34.56
N GLU E 4 46.00 31.11 35.30
CA GLU E 4 44.66 31.32 34.77
C GLU E 4 44.38 32.79 34.51
N ASN E 5 44.99 33.68 35.28
CA ASN E 5 44.90 35.10 34.96
C ASN E 5 45.52 35.40 33.60
N GLU E 6 46.68 34.83 33.32
CA GLU E 6 47.29 35.02 32.01
C GLU E 6 46.41 34.47 30.91
N ARG E 7 45.79 33.31 31.13
CA ARG E 7 44.77 32.82 30.22
C ARG E 7 43.71 33.87 29.96
N ASN E 8 43.10 34.38 31.03
CA ASN E 8 42.05 35.39 30.88
C ASN E 8 42.55 36.60 30.12
N ILE E 9 43.44 37.38 30.72
CA ILE E 9 43.92 38.61 30.10
C ILE E 9 44.37 38.40 28.66
N SER E 10 44.95 37.23 28.36
CA SER E 10 45.24 36.91 26.97
C SER E 10 43.97 36.87 26.16
N ARG E 11 42.96 36.12 26.62
CA ARG E 11 41.67 36.12 25.94
C ARG E 11 41.10 37.52 25.82
N LEU E 12 40.70 38.12 26.94
CA LEU E 12 40.06 39.43 26.96
C LEU E 12 40.81 40.45 26.11
N TRP E 13 42.15 40.39 26.13
CA TRP E 13 42.95 41.16 25.17
C TRP E 13 42.58 40.82 23.74
N ARG E 14 42.77 39.54 23.36
CA ARG E 14 42.44 39.10 22.01
C ARG E 14 41.09 39.59 21.57
N ALA E 15 40.07 39.42 22.40
CA ALA E 15 38.77 40.01 22.15
C ALA E 15 38.85 41.52 21.96
N PHE E 16 39.64 42.20 22.79
CA PHE E 16 39.65 43.65 22.76
C PHE E 16 40.15 44.16 21.41
N ARG E 17 41.12 43.47 20.81
CA ARG E 17 41.52 43.91 19.48
C ARG E 17 40.40 43.72 18.47
N THR E 18 39.77 42.54 18.49
CA THR E 18 38.65 42.27 17.59
C THR E 18 37.58 43.34 17.71
N VAL E 19 36.95 43.45 18.87
CA VAL E 19 35.92 44.47 19.06
C VAL E 19 36.44 45.84 18.72
N LYS E 20 37.72 46.11 18.97
CA LYS E 20 38.28 47.40 18.61
C LYS E 20 38.13 47.67 17.13
N GLU E 21 38.76 46.85 16.28
CA GLU E 21 38.61 47.04 14.84
C GLU E 21 37.17 46.90 14.38
N MET E 22 36.33 46.26 15.16
CA MET E 22 34.92 46.14 14.80
C MET E 22 34.24 47.49 14.70
N VAL E 23 34.57 48.44 15.57
CA VAL E 23 33.97 49.75 15.48
C VAL E 23 34.59 50.58 14.36
N LYS E 24 35.85 50.30 14.00
CA LYS E 24 36.46 50.97 12.87
C LYS E 24 35.67 50.73 11.58
N ASP E 25 35.67 49.49 11.10
CA ASP E 25 35.08 49.16 9.81
C ASP E 25 33.57 49.38 9.77
N ARG E 26 32.94 49.69 10.89
CA ARG E 26 31.61 50.29 10.84
C ARG E 26 31.64 51.73 10.36
N GLY E 27 32.83 52.32 10.24
CA GLY E 27 32.97 53.70 9.85
C GLY E 27 33.39 54.65 10.95
N TYR E 28 33.47 54.19 12.19
CA TYR E 28 33.86 55.06 13.27
C TYR E 28 35.38 55.22 13.29
N PHE E 29 35.82 56.40 13.69
CA PHE E 29 37.25 56.73 13.60
C PHE E 29 38.00 56.15 14.78
N ILE E 30 38.96 55.29 14.46
CA ILE E 30 40.06 54.93 15.35
C ILE E 30 41.28 54.76 14.45
N THR E 31 42.46 54.89 15.05
CA THR E 31 43.68 54.66 14.29
C THR E 31 44.07 53.19 14.38
N GLN E 32 45.13 52.84 13.64
CA GLN E 32 45.61 51.46 13.70
C GLN E 32 46.40 51.21 14.97
N GLU E 33 47.03 52.24 15.54
CA GLU E 33 47.64 52.09 16.85
C GLU E 33 46.60 51.77 17.91
N GLU E 34 45.38 52.27 17.77
CA GLU E 34 44.31 51.91 18.68
C GLU E 34 43.81 50.49 18.49
N VAL E 35 43.93 49.93 17.29
CA VAL E 35 43.66 48.51 17.10
C VAL E 35 44.93 47.67 17.22
N GLU E 36 46.12 48.29 17.22
CA GLU E 36 47.35 47.53 17.43
C GLU E 36 47.83 47.82 18.85
N LEU E 37 47.61 46.86 19.74
CA LEU E 37 48.05 46.97 21.11
C LEU E 37 49.02 45.84 21.43
N PRO E 38 50.26 46.12 21.76
CA PRO E 38 51.12 45.08 22.33
C PRO E 38 50.43 44.46 23.54
N LEU E 39 50.41 43.13 23.54
CA LEU E 39 49.77 42.38 24.63
C LEU E 39 50.28 42.86 25.99
N GLU E 40 51.56 43.21 26.06
CA GLU E 40 52.12 43.78 27.28
C GLU E 40 51.46 45.11 27.64
N ASP E 41 51.23 45.98 26.67
CA ASP E 41 50.74 47.32 26.95
C ASP E 41 49.30 47.31 27.41
N PHE E 42 48.46 46.43 26.85
CA PHE E 42 47.11 46.26 27.38
C PHE E 42 47.14 45.88 28.85
N LYS E 43 48.05 44.99 29.23
CA LYS E 43 48.32 44.75 30.64
C LYS E 43 48.79 46.01 31.35
N ALA E 44 49.72 46.74 30.75
CA ALA E 44 50.13 48.04 31.27
C ALA E 44 49.00 49.06 31.23
N LYS E 45 47.94 48.78 30.50
CA LYS E 45 46.83 49.72 30.44
C LYS E 45 45.71 49.39 31.41
N TYR E 46 44.93 48.35 31.14
CA TYR E 46 43.75 48.04 31.94
C TYR E 46 44.00 47.02 33.04
N CYS E 47 45.17 46.38 33.07
CA CYS E 47 45.49 45.45 34.13
C CYS E 47 46.17 46.18 35.28
N ASP E 48 45.85 45.76 36.49
CA ASP E 48 46.36 46.40 37.70
C ASP E 48 47.80 45.96 37.95
N SER E 49 48.41 46.53 38.99
CA SER E 49 49.75 46.11 39.38
C SER E 49 49.79 44.69 39.91
N MET E 50 48.68 44.21 40.45
CA MET E 50 48.60 42.81 40.87
C MET E 50 48.48 41.90 39.66
N GLY E 51 48.27 42.47 38.48
CA GLY E 51 48.08 41.70 37.27
C GLY E 51 46.68 41.16 37.13
N ARG E 52 45.69 41.99 37.47
CA ARG E 52 44.29 41.65 37.28
C ARG E 52 43.63 42.68 36.37
N PRO E 53 42.67 42.28 35.54
CA PRO E 53 42.06 43.22 34.60
C PRO E 53 41.26 44.30 35.32
N GLN E 54 40.75 45.23 34.53
CA GLN E 54 39.78 46.21 35.01
C GLN E 54 38.64 46.35 34.01
N ARG E 55 37.46 45.94 34.44
CA ARG E 55 36.26 46.06 33.64
C ARG E 55 35.95 47.49 33.23
N LYS E 56 35.70 48.39 34.17
CA LYS E 56 35.22 49.73 33.88
C LYS E 56 36.15 50.55 33.00
N MET E 57 37.43 50.67 33.34
CA MET E 57 38.32 51.56 32.61
C MET E 57 38.49 51.18 31.14
N MET E 58 38.15 49.96 30.76
CA MET E 58 38.25 49.60 29.35
C MET E 58 37.18 50.27 28.50
N SER E 59 35.94 50.32 28.99
CA SER E 59 34.83 50.86 28.22
C SER E 59 35.07 52.32 27.89
N PHE E 60 34.69 52.72 26.68
CA PHE E 60 34.96 54.08 26.23
C PHE E 60 33.91 54.45 25.18
N GLN E 61 34.13 55.56 24.49
CA GLN E 61 33.18 56.04 23.50
C GLN E 61 33.82 56.01 22.12
N ALA E 62 32.99 55.82 21.09
CA ALA E 62 33.41 55.89 19.70
C ALA E 62 32.51 56.87 18.97
N ASN E 63 33.01 57.41 17.86
CA ASN E 63 32.28 58.38 17.07
C ASN E 63 32.59 58.21 15.59
N PRO E 64 31.69 58.62 14.69
CA PRO E 64 31.93 58.44 13.26
C PRO E 64 33.07 59.31 12.77
N THR E 65 33.32 59.22 11.47
CA THR E 65 34.29 60.10 10.83
C THR E 65 33.90 60.31 9.37
N GLU E 66 34.09 61.55 8.92
CA GLU E 66 34.19 61.90 7.49
C GLU E 66 33.16 61.17 6.63
N GLU E 67 33.63 60.42 5.63
CA GLU E 67 32.77 59.75 4.67
C GLU E 67 31.61 59.02 5.31
N SER E 68 31.80 58.41 6.48
CA SER E 68 30.70 57.79 7.19
C SER E 68 29.48 58.69 7.25
N ILE E 69 29.59 59.86 7.88
CA ILE E 69 28.42 60.73 7.99
C ILE E 69 27.92 61.17 6.62
N SER E 70 28.81 61.41 5.65
CA SER E 70 28.36 61.61 4.29
C SER E 70 27.65 60.38 3.76
N LYS E 71 28.38 59.27 3.60
CA LYS E 71 27.79 58.04 3.07
C LYS E 71 26.57 57.62 3.85
N PHE E 72 26.57 57.84 5.17
CA PHE E 72 25.41 57.56 6.00
C PHE E 72 24.96 58.87 6.62
N PRO E 73 24.05 59.60 5.99
CA PRO E 73 23.63 60.92 6.50
C PRO E 73 23.26 60.90 7.97
N ASP E 74 22.60 59.86 8.45
CA ASP E 74 22.40 59.70 9.88
C ASP E 74 23.16 58.46 10.35
N MET E 75 24.32 58.69 10.97
CA MET E 75 24.91 57.79 11.95
C MET E 75 25.68 58.66 12.92
N GLY E 76 25.47 58.44 14.21
CA GLY E 76 26.18 59.24 15.20
C GLY E 76 27.20 58.45 15.97
N SER E 77 27.75 59.06 17.02
CA SER E 77 28.64 58.37 17.91
C SER E 77 27.89 57.30 18.69
N LEU E 78 28.64 56.36 19.26
CA LEU E 78 28.04 55.36 20.15
C LEU E 78 28.99 55.03 21.29
N TRP E 79 28.60 54.07 22.12
CA TRP E 79 29.33 53.73 23.34
C TRP E 79 29.71 52.26 23.31
N VAL E 80 31.02 52.00 23.35
CA VAL E 80 31.55 50.66 23.53
C VAL E 80 31.70 50.41 25.02
N GLU E 81 31.42 49.20 25.45
CA GLU E 81 31.45 48.94 26.88
C GLU E 81 31.65 47.46 27.15
N PHE E 82 32.08 47.16 28.37
CA PHE E 82 31.90 45.84 28.95
C PHE E 82 31.44 46.01 30.39
N CYS E 83 30.67 45.03 30.87
CA CYS E 83 30.07 45.12 32.19
C CYS E 83 31.05 44.66 33.27
N ASP E 84 30.51 44.42 34.47
CA ASP E 84 31.28 43.93 35.60
C ASP E 84 31.33 42.41 35.68
N GLU E 85 30.17 41.77 35.77
CA GLU E 85 30.02 40.47 36.40
C GLU E 85 29.70 39.39 35.39
N PRO E 86 30.19 38.16 35.60
CA PRO E 86 29.76 37.06 34.74
C PRO E 86 28.27 36.85 34.76
N SER E 87 27.60 37.12 35.88
CA SER E 87 26.15 37.08 35.92
C SER E 87 25.64 38.50 35.66
N VAL E 88 24.97 38.65 34.52
CA VAL E 88 24.40 39.94 34.14
C VAL E 88 23.08 40.11 34.87
N GLY E 89 22.46 41.28 34.71
CA GLY E 89 21.23 41.55 35.39
C GLY E 89 20.69 42.95 35.14
N VAL E 90 19.41 43.15 35.42
CA VAL E 90 18.75 44.43 35.21
C VAL E 90 19.52 45.58 35.84
N LYS E 91 20.03 45.38 37.06
CA LYS E 91 20.73 46.46 37.76
C LYS E 91 21.87 47.01 36.92
N THR E 92 22.89 46.18 36.66
CA THR E 92 23.97 46.61 35.78
C THR E 92 23.46 46.98 34.40
N MET E 93 22.28 46.52 34.01
CA MET E 93 21.64 46.99 32.79
C MET E 93 20.97 48.36 32.94
N LYS E 94 20.31 48.62 34.07
CA LYS E 94 19.70 49.94 34.24
C LYS E 94 20.75 51.04 34.17
N THR E 95 21.79 50.93 35.00
CA THR E 95 22.89 51.89 34.96
C THR E 95 23.47 52.03 33.57
N PHE E 96 23.35 51.00 32.74
CA PHE E 96 23.69 51.11 31.34
C PHE E 96 22.67 51.97 30.58
N VAL E 97 21.39 51.65 30.73
CA VAL E 97 20.32 52.43 30.10
C VAL E 97 20.38 53.87 30.61
N ILE E 98 20.72 54.06 31.88
CA ILE E 98 21.01 55.40 32.38
C ILE E 98 21.96 56.11 31.43
N HIS E 99 23.16 55.57 31.25
CA HIS E 99 24.08 56.12 30.26
C HIS E 99 23.40 56.34 28.92
N ILE E 100 22.64 55.36 28.42
CA ILE E 100 21.95 55.51 27.15
C ILE E 100 21.03 56.73 27.14
N GLN E 101 20.62 57.22 28.31
CA GLN E 101 19.77 58.40 28.34
C GLN E 101 20.57 59.65 28.04
N GLU E 102 21.49 60.03 28.92
CA GLU E 102 22.25 61.25 28.66
C GLU E 102 23.26 61.06 27.54
N LYS E 103 23.87 59.89 27.44
CA LYS E 103 24.80 59.65 26.35
C LYS E 103 24.10 59.38 25.03
N ASN E 104 22.82 58.99 25.07
CA ASN E 104 22.03 58.94 23.84
C ASN E 104 22.67 58.02 22.81
N PHE E 105 23.20 58.64 21.76
CA PHE E 105 23.77 58.03 20.56
C PHE E 105 22.76 57.24 19.76
N GLN E 106 23.22 56.27 18.97
CA GLN E 106 22.33 55.34 18.30
C GLN E 106 22.27 53.97 18.92
N THR E 107 23.25 53.60 19.75
CA THR E 107 23.20 52.34 20.46
C THR E 107 24.19 52.38 21.61
N GLY E 108 23.95 51.54 22.60
CA GLY E 108 25.04 51.09 23.43
C GLY E 108 25.48 49.74 22.90
N ILE E 109 26.73 49.41 23.09
CA ILE E 109 27.19 48.07 22.81
C ILE E 109 28.08 47.63 23.97
N PHE E 110 27.70 46.52 24.60
CA PHE E 110 28.59 45.93 25.58
C PHE E 110 28.52 44.42 25.45
N VAL E 111 29.34 43.73 26.24
CA VAL E 111 29.63 42.33 26.03
C VAL E 111 29.28 41.56 27.28
N TYR E 112 28.87 40.30 27.12
CA TYR E 112 28.66 39.46 28.29
C TYR E 112 30.00 38.95 28.80
N GLN E 113 29.98 38.27 29.94
CA GLN E 113 31.14 37.53 30.43
C GLN E 113 30.82 36.05 30.41
N ASN E 114 29.81 35.65 31.17
CA ASN E 114 29.30 34.28 31.08
C ASN E 114 27.79 34.24 30.95
N ASN E 115 27.08 34.64 32.00
CA ASN E 115 25.64 34.46 32.07
C ASN E 115 24.93 35.49 31.21
N ILE E 116 23.85 35.04 30.58
CA ILE E 116 22.91 35.93 29.91
C ILE E 116 21.58 35.71 30.59
N THR E 117 21.14 36.65 31.29
CA THR E 117 19.88 36.26 31.90
C THR E 117 18.73 36.58 30.95
N PRO E 118 17.68 35.74 30.93
CA PRO E 118 16.47 36.12 30.18
C PRO E 118 15.88 37.41 30.69
N SER E 119 16.15 37.79 31.94
CA SER E 119 15.80 39.10 32.43
C SER E 119 16.49 40.19 31.63
N ALA E 120 17.67 39.91 31.07
CA ALA E 120 18.33 40.88 30.21
C ALA E 120 17.56 41.07 28.91
N MET E 121 17.21 39.98 28.24
CA MET E 121 16.38 40.05 27.05
C MET E 121 14.93 40.34 27.37
N LYS E 122 14.52 40.17 28.63
CA LYS E 122 13.14 40.47 29.03
C LYS E 122 12.74 41.86 28.57
N LEU E 123 13.37 42.89 29.13
CA LEU E 123 13.51 44.15 28.39
C LEU E 123 15.00 44.28 28.08
N VAL E 124 15.38 43.81 26.90
CA VAL E 124 16.56 44.31 26.19
C VAL E 124 16.23 45.57 25.37
N PRO E 125 15.14 45.60 24.55
CA PRO E 125 15.05 46.63 23.52
C PRO E 125 14.30 47.86 24.01
N SER E 126 14.77 48.48 25.08
CA SER E 126 14.12 49.65 25.66
C SER E 126 13.97 50.80 24.67
N ILE E 127 15.09 51.40 24.27
CA ILE E 127 15.12 52.68 23.58
C ILE E 127 14.54 52.54 22.18
N PRO E 128 13.48 53.26 21.83
CA PRO E 128 13.03 53.28 20.43
C PRO E 128 14.03 53.97 19.51
N PRO E 129 14.51 55.19 19.81
CA PRO E 129 15.42 55.85 18.87
C PRO E 129 16.79 55.23 18.78
N ALA E 130 17.35 54.79 19.91
CA ALA E 130 18.65 54.14 19.92
C ALA E 130 18.44 52.67 20.25
N THR E 131 19.49 51.89 20.37
CA THR E 131 19.33 50.46 20.56
C THR E 131 20.49 49.91 21.37
N ILE E 132 20.60 48.58 21.39
CA ILE E 132 21.66 47.88 22.10
C ILE E 132 22.38 46.99 21.10
N GLU E 133 23.58 46.57 21.47
CA GLU E 133 24.23 45.47 20.78
C GLU E 133 24.99 44.68 21.84
N THR E 134 24.79 43.36 21.87
CA THR E 134 25.24 42.54 22.98
C THR E 134 26.00 41.33 22.47
N PHE E 135 27.18 41.09 23.05
CA PHE E 135 28.06 40.00 22.65
C PHE E 135 28.47 39.17 23.85
N ASN E 136 28.81 37.92 23.58
CA ASN E 136 29.54 37.11 24.54
C ASN E 136 31.02 37.42 24.45
N GLU E 137 31.69 37.39 25.60
CA GLU E 137 33.13 37.61 25.62
C GLU E 137 33.85 36.58 24.77
N ALA E 138 33.58 35.31 25.02
CA ALA E 138 34.14 34.25 24.19
C ALA E 138 33.73 34.39 22.73
N ALA E 139 32.52 34.88 22.46
CA ALA E 139 32.06 35.02 21.08
C ALA E 139 32.99 35.87 20.23
N LEU E 140 33.72 36.79 20.83
CA LEU E 140 34.75 37.54 20.12
C LEU E 140 36.09 37.02 20.62
N VAL E 141 36.74 36.23 19.79
CA VAL E 141 38.11 35.82 20.03
C VAL E 141 38.87 36.00 18.72
N VAL E 142 38.48 35.26 17.69
CA VAL E 142 38.91 35.54 16.33
C VAL E 142 37.82 36.40 15.69
N ASN E 143 38.25 37.31 14.84
CA ASN E 143 37.29 38.21 14.19
C ASN E 143 36.74 37.55 12.94
N ILE E 144 35.43 37.28 12.98
CA ILE E 144 34.84 36.35 12.02
C ILE E 144 34.94 36.89 10.61
N THR E 145 34.58 38.16 10.41
CA THR E 145 34.69 38.75 9.08
C THR E 145 36.09 38.62 8.51
N HIS E 146 37.09 38.47 9.37
CA HIS E 146 38.49 38.46 9.00
C HIS E 146 39.01 37.04 8.83
N HIS E 147 38.12 36.04 8.89
CA HIS E 147 38.61 34.70 9.13
C HIS E 147 39.21 34.07 7.89
N GLU E 148 38.42 33.32 7.13
CA GLU E 148 38.85 32.90 5.81
C GLU E 148 37.63 32.79 4.92
N LEU E 149 36.81 31.79 5.25
CA LEU E 149 35.59 31.47 4.52
C LEU E 149 34.67 32.66 4.36
N VAL E 150 34.37 33.38 5.43
CA VAL E 150 33.49 34.53 5.35
C VAL E 150 34.13 35.54 4.43
N PRO E 151 33.54 35.85 3.30
CA PRO E 151 34.18 36.81 2.40
C PRO E 151 33.83 38.22 2.79
N LYS E 152 34.36 39.20 2.09
CA LYS E 152 34.20 40.59 2.52
C LYS E 152 32.79 41.06 2.20
N HIS E 153 32.14 41.62 3.22
CA HIS E 153 30.81 42.19 3.10
C HIS E 153 30.88 43.70 3.15
N ILE E 154 30.02 44.35 2.39
CA ILE E 154 29.97 45.80 2.33
C ILE E 154 28.57 46.26 2.64
N ARG E 155 28.43 47.03 3.71
CA ARG E 155 27.20 47.74 3.97
C ARG E 155 27.09 48.88 2.96
N LEU E 156 26.03 48.85 2.16
CA LEU E 156 25.83 49.87 1.15
C LEU E 156 24.83 50.90 1.64
N SER E 157 25.06 52.16 1.28
CA SER E 157 24.29 53.27 1.78
C SER E 157 22.81 53.06 1.47
N SER E 158 21.95 53.54 2.37
CA SER E 158 20.52 53.33 2.23
C SER E 158 20.01 53.82 0.89
N ASP E 159 20.57 54.90 0.38
CA ASP E 159 20.20 55.33 -0.97
C ASP E 159 20.69 54.36 -2.02
N GLU E 160 21.86 53.77 -1.82
CA GLU E 160 22.43 52.87 -2.80
C GLU E 160 21.53 51.66 -3.07
N LYS E 161 20.76 51.25 -2.07
CA LYS E 161 19.70 50.27 -2.30
C LYS E 161 18.85 50.67 -3.50
N ARG E 162 18.21 51.84 -3.43
CA ARG E 162 17.33 52.28 -4.50
C ARG E 162 17.98 52.10 -5.86
N GLU E 163 19.23 52.54 -6.00
CA GLU E 163 20.00 52.21 -7.19
C GLU E 163 19.90 50.73 -7.52
N LEU E 164 20.40 49.89 -6.61
CA LEU E 164 20.39 48.45 -6.86
C LEU E 164 19.04 47.95 -7.34
N LEU E 165 18.00 48.09 -6.52
CA LEU E 165 16.67 47.65 -6.89
C LEU E 165 16.22 48.17 -8.25
N LYS E 166 16.61 49.39 -8.64
CA LYS E 166 16.26 49.86 -9.97
C LYS E 166 17.09 49.24 -11.08
N ARG E 167 18.31 48.77 -10.78
CA ARG E 167 19.05 48.02 -11.79
C ARG E 167 18.27 46.81 -12.24
N TYR E 168 18.05 45.85 -11.35
CA TYR E 168 17.39 44.61 -11.69
C TYR E 168 15.88 44.73 -11.66
N ARG E 169 15.34 45.92 -11.41
CA ARG E 169 13.90 46.16 -11.40
C ARG E 169 13.21 45.30 -10.35
N LEU E 170 13.99 44.97 -9.33
CA LEU E 170 13.51 44.18 -8.21
C LEU E 170 12.76 45.06 -7.24
N LYS E 171 11.60 44.59 -6.81
CA LYS E 171 10.93 45.16 -5.65
C LYS E 171 11.74 44.76 -4.42
N GLU E 172 11.28 45.20 -3.25
CA GLU E 172 11.96 44.67 -2.09
C GLU E 172 11.37 43.30 -1.76
N SER E 173 11.74 42.77 -0.61
CA SER E 173 11.67 41.33 -0.35
C SER E 173 12.38 40.66 -1.53
N GLN E 174 11.96 39.46 -1.94
CA GLN E 174 12.44 38.79 -3.14
C GLN E 174 13.93 39.04 -3.37
N LEU E 175 14.72 39.01 -2.31
CA LEU E 175 16.17 39.06 -2.38
C LEU E 175 16.71 37.93 -1.51
N PRO E 176 17.96 37.56 -1.69
CA PRO E 176 18.57 36.61 -0.77
C PRO E 176 18.54 37.14 0.65
N ARG E 177 18.05 36.32 1.57
CA ARG E 177 17.83 36.81 2.92
C ARG E 177 18.96 36.36 3.84
N ILE E 178 19.50 37.32 4.57
CA ILE E 178 20.35 37.07 5.73
C ILE E 178 19.48 37.18 6.97
N GLN E 179 19.47 36.14 7.77
CA GLN E 179 18.76 36.24 9.04
C GLN E 179 19.48 37.19 9.97
N ARG E 180 18.69 37.88 10.77
CA ARG E 180 19.20 38.75 11.81
C ARG E 180 19.81 37.89 12.90
N ALA E 181 20.43 38.53 13.89
CA ALA E 181 21.07 37.83 14.99
C ALA E 181 22.10 36.82 14.48
N ASP E 182 22.65 37.07 13.34
CA ASP E 182 23.71 36.26 12.77
C ASP E 182 25.07 36.81 13.18
N PRO E 183 26.05 35.94 13.41
CA PRO E 183 27.39 36.44 13.76
C PRO E 183 27.96 37.45 12.80
N VAL E 184 27.85 37.25 11.49
CA VAL E 184 28.29 38.29 10.57
C VAL E 184 27.37 39.49 10.63
N ALA E 185 26.06 39.25 10.69
CA ALA E 185 25.12 40.34 10.95
C ALA E 185 25.54 41.15 12.17
N LEU E 186 25.55 40.52 13.35
CA LEU E 186 25.95 41.22 14.56
C LEU E 186 27.28 41.92 14.42
N TYR E 187 28.29 41.27 13.83
CA TYR E 187 29.57 41.95 13.70
C TYR E 187 29.43 43.22 12.89
N LEU E 188 28.63 43.18 11.82
CA LEU E 188 28.42 44.39 11.05
C LEU E 188 27.20 45.15 11.55
N GLY E 189 26.42 44.55 12.44
CA GLY E 189 25.33 45.24 13.10
C GLY E 189 24.29 45.77 12.15
N LEU E 190 23.74 44.88 11.33
CA LEU E 190 22.73 45.24 10.37
C LEU E 190 21.41 45.45 11.11
N LYS E 191 20.50 46.19 10.50
CA LYS E 191 19.17 46.33 11.03
C LYS E 191 18.16 45.97 9.93
N ARG E 192 16.88 46.17 10.21
CA ARG E 192 15.82 45.86 9.26
C ARG E 192 16.05 46.60 7.95
N GLY E 193 15.68 45.98 6.84
CA GLY E 193 15.66 46.65 5.55
C GLY E 193 17.00 47.17 5.10
N GLU E 194 18.07 46.53 5.53
CA GLU E 194 19.40 46.94 5.13
C GLU E 194 19.97 45.87 4.20
N VAL E 195 20.84 46.29 3.28
CA VAL E 195 21.32 45.43 2.22
C VAL E 195 22.85 45.42 2.23
N VAL E 196 23.42 44.23 2.10
CA VAL E 196 24.86 44.04 2.07
C VAL E 196 25.25 43.49 0.70
N LYS E 197 26.32 44.03 0.16
CA LYS E 197 26.93 43.58 -1.09
C LYS E 197 28.09 42.69 -0.71
N ILE E 198 27.97 41.40 -1.03
CA ILE E 198 28.98 40.42 -0.68
C ILE E 198 29.87 40.18 -1.89
N ILE E 199 31.18 40.23 -1.68
CA ILE E 199 32.12 39.84 -2.72
C ILE E 199 32.58 38.44 -2.34
N ARG E 200 32.12 37.45 -3.09
CA ARG E 200 32.56 36.09 -2.82
C ARG E 200 33.66 35.70 -3.81
N LYS E 201 34.86 35.45 -3.28
CA LYS E 201 35.96 35.02 -4.13
C LYS E 201 36.10 33.52 -3.99
N SER E 202 35.71 32.82 -5.05
CA SER E 202 35.71 31.37 -5.09
C SER E 202 36.30 30.97 -6.43
N GLU E 203 37.35 30.15 -6.41
CA GLU E 203 38.04 29.92 -7.67
C GLU E 203 37.37 28.75 -8.38
N THR E 204 36.47 29.14 -9.28
CA THR E 204 35.85 28.35 -10.31
C THR E 204 35.88 29.24 -11.54
N SER E 205 35.17 30.35 -11.42
CA SER E 205 35.30 31.49 -12.33
C SER E 205 36.30 32.49 -11.79
N GLY E 206 35.95 33.17 -10.71
CA GLY E 206 36.79 34.23 -10.18
C GLY E 206 36.05 35.02 -9.13
N ARG E 207 36.47 36.27 -8.95
CA ARG E 207 35.80 37.17 -8.02
C ARG E 207 34.53 37.71 -8.66
N TYR E 208 33.41 37.48 -8.00
CA TYR E 208 32.15 38.11 -8.40
C TYR E 208 31.38 38.48 -7.16
N ALA E 209 30.21 39.08 -7.31
CA ALA E 209 29.51 39.62 -6.16
C ALA E 209 28.03 39.25 -6.25
N SER E 210 27.39 39.25 -5.09
CA SER E 210 25.96 39.01 -5.00
C SER E 210 25.46 39.73 -3.75
N TYR E 211 24.15 39.96 -3.70
CA TYR E 211 23.58 40.86 -2.71
C TYR E 211 22.70 40.07 -1.76
N ARG E 212 22.56 40.57 -0.54
CA ARG E 212 21.67 39.96 0.45
C ARG E 212 21.03 41.06 1.30
N ILE E 213 19.76 40.84 1.64
CA ILE E 213 19.03 41.78 2.47
C ILE E 213 18.85 41.19 3.85
N CYS E 214 19.00 42.02 4.88
CA CYS E 214 18.87 41.58 6.25
C CYS E 214 17.41 41.52 6.65
N MET E 215 17.03 40.45 7.33
CA MET E 215 15.64 40.23 7.68
C MET E 215 15.49 39.95 9.17
N GLU F 71 5.85 50.29 -16.98
CA GLU F 71 5.56 48.87 -17.16
C GLU F 71 4.78 48.64 -18.44
N LYS F 72 5.26 49.22 -19.53
CA LYS F 72 4.65 49.05 -20.85
C LYS F 72 5.69 48.47 -21.82
N ALA F 73 5.32 48.33 -23.08
CA ALA F 73 6.25 47.84 -24.08
C ALA F 73 7.45 48.78 -24.18
N ILE F 74 8.63 48.20 -24.05
CA ILE F 74 9.88 48.93 -24.15
C ILE F 74 10.02 49.45 -25.58
N PRO F 75 10.40 50.70 -25.78
CA PRO F 75 10.45 51.25 -27.13
C PRO F 75 11.42 50.50 -28.03
N LYS F 76 11.20 50.68 -29.34
CA LYS F 76 11.89 49.91 -30.37
C LYS F 76 13.41 49.85 -30.18
N ASP F 77 14.10 51.00 -30.26
CA ASP F 77 15.55 50.97 -30.32
C ASP F 77 16.15 50.28 -29.09
N GLN F 78 16.03 50.88 -27.92
CA GLN F 78 16.61 50.33 -26.71
C GLN F 78 15.97 48.98 -26.42
N ARG F 79 16.80 47.96 -26.31
CA ARG F 79 16.37 46.62 -25.93
C ARG F 79 17.49 45.99 -25.13
N ALA F 80 17.15 45.37 -24.01
CA ALA F 80 18.16 44.62 -23.26
C ALA F 80 17.79 43.14 -23.30
N THR F 81 18.53 42.37 -24.10
CA THR F 81 18.37 40.93 -24.22
C THR F 81 19.33 40.48 -25.32
N THR F 82 19.66 39.20 -25.31
CA THR F 82 20.53 38.66 -26.35
C THR F 82 19.82 38.68 -27.69
N PRO F 83 20.42 39.23 -28.74
CA PRO F 83 19.84 39.16 -30.08
C PRO F 83 19.83 37.76 -30.68
N TYR F 84 20.55 36.81 -30.11
CA TYR F 84 20.47 35.43 -30.59
C TYR F 84 19.16 34.79 -30.18
N MET F 85 18.75 33.76 -30.92
CA MET F 85 17.62 32.95 -30.51
C MET F 85 17.95 32.25 -29.21
N THR F 86 16.93 31.90 -28.44
CA THR F 86 17.15 30.88 -27.44
C THR F 86 17.21 29.53 -28.15
N LYS F 87 17.41 28.46 -27.38
CA LYS F 87 17.23 27.13 -27.94
C LYS F 87 15.76 26.79 -28.02
N TYR F 88 14.98 27.29 -27.08
CA TYR F 88 13.56 27.01 -26.99
C TYR F 88 12.75 27.82 -27.98
N GLU F 89 13.15 29.07 -28.21
CA GLU F 89 12.50 29.86 -29.24
C GLU F 89 12.35 29.07 -30.53
N ARG F 90 13.44 28.51 -31.03
CA ARG F 90 13.36 27.71 -32.25
C ARG F 90 12.30 26.64 -32.14
N ALA F 91 12.04 26.13 -30.95
CA ALA F 91 11.01 25.11 -30.82
C ALA F 91 9.62 25.69 -31.02
N ARG F 92 9.19 26.55 -30.10
CA ARG F 92 7.82 27.03 -30.14
C ARG F 92 7.52 27.80 -31.43
N ILE F 93 8.53 28.43 -32.02
CA ILE F 93 8.30 29.07 -33.32
C ILE F 93 7.92 28.02 -34.36
N LEU F 94 8.68 26.94 -34.46
CA LEU F 94 8.27 25.90 -35.39
C LEU F 94 6.93 25.33 -35.02
N GLY F 95 6.76 24.85 -33.79
CA GLY F 95 5.54 24.18 -33.43
C GLY F 95 4.35 25.04 -33.74
N THR F 96 4.29 26.24 -33.15
CA THR F 96 3.17 27.12 -33.43
C THR F 96 3.01 27.37 -34.92
N ARG F 97 4.10 27.73 -35.60
CA ARG F 97 4.01 27.95 -37.03
C ARG F 97 3.55 26.70 -37.76
N ALA F 98 4.17 25.56 -37.46
CA ALA F 98 3.74 24.33 -38.13
C ALA F 98 2.26 24.07 -37.89
N LEU F 99 1.79 24.28 -36.66
CA LEU F 99 0.38 24.07 -36.40
C LEU F 99 -0.47 24.98 -37.26
N GLN F 100 -0.11 26.27 -37.37
CA GLN F 100 -0.86 27.16 -38.23
C GLN F 100 -0.82 26.69 -39.68
N ILE F 101 0.25 26.00 -40.07
CA ILE F 101 0.25 25.42 -41.40
C ILE F 101 -0.75 24.29 -41.54
N SER F 102 -0.95 23.51 -40.47
CA SER F 102 -1.86 22.39 -40.58
C SER F 102 -3.33 22.80 -40.59
N MET F 103 -3.62 24.08 -40.32
CA MET F 103 -4.98 24.59 -40.35
C MET F 103 -5.44 25.28 -41.63
N ASN F 104 -4.66 25.17 -42.71
CA ASN F 104 -4.88 25.94 -43.93
C ASN F 104 -4.51 27.42 -43.92
N ALA F 105 -3.24 27.70 -43.67
CA ALA F 105 -2.72 29.03 -43.74
C ALA F 105 -1.81 29.18 -44.95
N PRO F 106 -1.74 30.35 -45.55
CA PRO F 106 -0.87 30.49 -46.74
C PRO F 106 0.58 30.32 -46.34
N VAL F 107 1.34 29.67 -47.21
CA VAL F 107 2.73 29.37 -46.94
C VAL F 107 3.60 30.30 -47.77
N PHE F 108 4.45 31.05 -47.08
CA PHE F 108 5.20 32.12 -47.72
C PHE F 108 6.42 31.63 -48.48
N VAL F 109 7.19 30.71 -47.93
CA VAL F 109 8.31 30.14 -48.66
C VAL F 109 7.74 29.37 -49.83
N ASP F 110 8.45 29.40 -50.95
CA ASP F 110 8.10 28.51 -52.06
C ASP F 110 8.09 27.09 -51.54
N LEU F 111 6.98 26.40 -51.72
CA LEU F 111 6.87 25.05 -51.21
C LEU F 111 7.32 24.08 -52.28
N GLU F 112 8.45 23.41 -52.04
CA GLU F 112 8.91 22.38 -52.96
C GLU F 112 8.03 21.16 -52.81
N GLY F 113 8.33 20.10 -53.55
CA GLY F 113 7.36 19.04 -53.72
C GLY F 113 7.04 18.28 -52.45
N GLU F 114 7.66 18.65 -51.33
CA GLU F 114 7.45 17.95 -50.07
C GLU F 114 6.08 18.28 -49.51
N THR F 115 5.77 17.68 -48.38
CA THR F 115 4.45 17.77 -47.79
C THR F 115 4.63 17.74 -46.27
N ASP F 116 3.53 17.64 -45.55
CA ASP F 116 3.27 17.53 -44.11
C ASP F 116 3.58 18.86 -43.43
N PRO F 117 2.89 19.17 -42.33
CA PRO F 117 2.97 20.52 -41.77
C PRO F 117 4.32 20.88 -41.17
N LEU F 118 4.96 19.97 -40.43
CA LEU F 118 6.12 20.41 -39.67
C LEU F 118 7.31 20.73 -40.56
N ARG F 119 7.55 19.89 -41.58
CA ARG F 119 8.80 20.00 -42.32
C ARG F 119 8.81 21.22 -43.23
N ILE F 120 7.65 21.64 -43.74
CA ILE F 120 7.66 22.85 -44.53
C ILE F 120 7.89 24.06 -43.64
N ALA F 121 7.60 23.93 -42.34
CA ALA F 121 7.92 25.03 -41.44
C ALA F 121 9.42 25.19 -41.29
N MET F 122 10.13 24.10 -40.96
CA MET F 122 11.59 24.13 -40.98
C MET F 122 12.10 24.72 -42.28
N LYS F 123 11.63 24.17 -43.40
CA LYS F 123 11.90 24.71 -44.72
C LYS F 123 11.71 26.21 -44.76
N GLU F 124 10.69 26.72 -44.06
CA GLU F 124 10.44 28.15 -44.09
C GLU F 124 11.45 28.91 -43.25
N LEU F 125 11.76 28.42 -42.05
CA LEU F 125 12.68 29.12 -41.18
C LEU F 125 14.08 29.16 -41.75
N ALA F 126 14.39 28.30 -42.72
CA ALA F 126 15.60 28.57 -43.48
C ALA F 126 15.55 29.94 -44.13
N GLU F 127 14.37 30.38 -44.55
CA GLU F 127 14.22 31.60 -45.34
C GLU F 127 13.84 32.83 -44.51
N LYS F 128 13.62 32.68 -43.21
CA LYS F 128 13.26 33.80 -42.34
C LYS F 128 11.99 34.52 -42.85
N LYS F 129 11.10 33.72 -43.40
CA LYS F 129 9.87 34.27 -43.97
C LYS F 129 8.71 34.15 -42.99
N ILE F 130 8.95 33.68 -41.79
CA ILE F 130 7.89 33.51 -40.80
C ILE F 130 7.44 34.89 -40.35
N PRO F 131 6.17 35.18 -40.38
CA PRO F 131 5.65 36.48 -39.92
C PRO F 131 5.15 36.49 -38.48
N LEU F 132 6.05 36.25 -37.54
CA LEU F 132 5.69 36.28 -36.13
C LEU F 132 6.61 37.22 -35.35
N VAL F 133 6.13 37.65 -34.19
CA VAL F 133 6.89 38.49 -33.29
C VAL F 133 6.92 37.82 -31.93
N ILE F 134 8.13 37.59 -31.41
CA ILE F 134 8.29 36.86 -30.16
C ILE F 134 8.34 37.88 -29.02
N ARG F 135 7.65 37.58 -27.95
CA ARG F 135 7.39 38.55 -26.89
C ARG F 135 7.99 38.04 -25.61
N ARG F 136 8.91 38.82 -25.04
CA ARG F 136 9.65 38.37 -23.87
C ARG F 136 9.29 39.18 -22.65
N TYR F 137 8.70 38.50 -21.67
CA TYR F 137 8.36 39.13 -20.39
C TYR F 137 9.51 38.99 -19.44
N LEU F 138 10.09 40.08 -19.07
CA LEU F 138 11.04 40.09 -17.98
C LEU F 138 10.34 39.70 -16.68
N PRO F 139 11.06 39.60 -15.55
CA PRO F 139 10.36 39.21 -14.31
C PRO F 139 9.30 40.20 -13.88
N ASP F 140 9.59 41.49 -13.91
CA ASP F 140 8.64 42.48 -13.42
C ASP F 140 7.40 42.58 -14.28
N GLY F 141 7.42 42.05 -15.49
CA GLY F 141 6.32 42.28 -16.40
C GLY F 141 6.55 43.46 -17.30
N SER F 142 7.81 43.78 -17.57
CA SER F 142 8.17 44.90 -18.45
C SER F 142 8.12 44.52 -19.93
N PHE F 143 7.58 43.35 -20.24
CA PHE F 143 7.25 42.92 -21.59
C PHE F 143 8.51 42.81 -22.43
N GLU F 144 8.40 42.77 -23.76
CA GLU F 144 9.50 42.87 -24.73
C GLU F 144 9.00 42.38 -26.08
N ASP F 145 9.67 42.79 -27.16
CA ASP F 145 9.35 42.36 -28.51
C ASP F 145 10.61 42.08 -29.31
N TRP F 146 10.51 41.15 -30.26
CA TRP F 146 11.53 40.97 -31.29
C TRP F 146 10.82 40.41 -32.53
N SER F 147 11.25 40.81 -33.71
CA SER F 147 10.69 40.17 -34.88
C SER F 147 11.54 38.98 -35.30
N VAL F 148 10.85 37.89 -35.69
CA VAL F 148 11.55 36.67 -36.06
C VAL F 148 12.53 36.93 -37.18
N GLU F 149 12.16 37.76 -38.14
CA GLU F 149 13.12 38.16 -39.18
C GLU F 149 14.30 38.90 -38.57
N GLU F 150 14.03 39.79 -37.61
CA GLU F 150 15.08 40.61 -37.02
C GLU F 150 16.11 39.81 -36.25
N LEU F 151 15.88 38.53 -36.04
CA LEU F 151 16.58 37.80 -35.00
C LEU F 151 17.50 36.78 -35.67
N ILE F 152 18.62 36.49 -35.04
CA ILE F 152 19.66 35.70 -35.68
C ILE F 152 19.77 34.32 -35.05
N VAL F 153 19.97 33.31 -35.88
CA VAL F 153 20.09 31.94 -35.41
C VAL F 153 21.45 31.70 -34.78
N PHE G 2 -30.71 51.98 -34.60
CA PHE G 2 -30.58 53.41 -34.80
C PHE G 2 -29.18 53.94 -34.58
N ILE G 3 -28.74 53.96 -33.33
CA ILE G 3 -27.56 54.73 -32.96
C ILE G 3 -26.29 53.89 -33.04
N LEU G 4 -25.17 54.52 -32.72
CA LEU G 4 -23.84 53.94 -32.89
C LEU G 4 -23.09 54.00 -31.57
N SER G 5 -22.47 52.90 -31.17
CA SER G 5 -21.89 52.80 -29.83
C SER G 5 -20.57 52.03 -29.86
N LYS G 6 -19.78 52.23 -28.81
CA LYS G 6 -18.43 51.70 -28.71
C LYS G 6 -18.41 50.50 -27.79
N ILE G 7 -17.90 49.37 -28.31
CA ILE G 7 -17.74 48.16 -27.51
C ILE G 7 -16.37 47.55 -27.82
N ALA G 8 -15.85 46.82 -26.86
CA ALA G 8 -14.58 46.14 -26.96
C ALA G 8 -14.78 44.65 -26.76
N ASP G 9 -14.10 43.86 -27.59
CA ASP G 9 -14.26 42.42 -27.51
C ASP G 9 -13.01 41.73 -28.03
N LEU G 10 -12.79 40.50 -27.55
CA LEU G 10 -11.67 39.66 -27.97
C LEU G 10 -12.16 38.73 -29.06
N VAL G 11 -11.48 38.75 -30.21
CA VAL G 11 -11.99 38.12 -31.42
C VAL G 11 -10.98 37.10 -31.93
N ARG G 12 -11.47 36.00 -32.49
CA ARG G 12 -10.67 34.87 -32.93
C ARG G 12 -10.77 34.72 -34.43
N ILE G 13 -9.67 34.94 -35.14
CA ILE G 13 -9.58 34.65 -36.56
C ILE G 13 -8.86 33.33 -36.74
N PRO G 14 -9.46 32.35 -37.39
CA PRO G 14 -8.79 31.10 -37.69
C PRO G 14 -7.71 31.31 -38.73
N PRO G 15 -6.76 30.38 -38.85
CA PRO G 15 -5.67 30.55 -39.81
C PRO G 15 -6.12 30.66 -41.25
N ASP G 16 -7.36 30.30 -41.57
CA ASP G 16 -7.79 30.25 -42.96
C ASP G 16 -7.66 31.59 -43.66
N GLN G 17 -8.12 32.66 -43.04
CA GLN G 17 -8.33 33.93 -43.72
C GLN G 17 -7.07 34.79 -43.80
N PHE G 18 -5.93 34.29 -43.30
CA PHE G 18 -4.76 35.13 -43.21
C PHE G 18 -4.34 35.72 -44.55
N HIS G 19 -4.73 35.10 -45.66
CA HIS G 19 -4.54 35.74 -46.95
C HIS G 19 -5.36 37.01 -47.05
N ARG G 20 -6.64 36.95 -46.69
CA ARG G 20 -7.49 38.12 -46.71
C ARG G 20 -6.92 39.19 -45.78
N ASP G 21 -7.14 40.44 -46.14
CA ASP G 21 -6.63 41.52 -45.31
C ASP G 21 -7.26 41.46 -43.92
N THR G 22 -6.49 41.96 -42.94
CA THR G 22 -6.86 41.78 -41.55
C THR G 22 -8.20 42.43 -41.22
N ILE G 23 -8.32 43.73 -41.49
CA ILE G 23 -9.52 44.46 -41.07
C ILE G 23 -10.80 43.85 -41.63
N SER G 24 -10.76 43.32 -42.86
CA SER G 24 -11.93 42.63 -43.38
C SER G 24 -12.27 41.40 -42.54
N ALA G 25 -11.27 40.57 -42.24
CA ALA G 25 -11.50 39.40 -41.40
C ALA G 25 -12.07 39.77 -40.05
N ILE G 26 -11.50 40.79 -39.39
CA ILE G 26 -12.08 41.29 -38.16
C ILE G 26 -13.55 41.62 -38.36
N THR G 27 -13.86 42.39 -39.40
CA THR G 27 -15.24 42.71 -39.70
C THR G 27 -16.08 41.45 -39.89
N HIS G 28 -15.60 40.51 -40.71
CA HIS G 28 -16.38 39.32 -40.99
C HIS G 28 -16.70 38.55 -39.71
N GLN G 29 -15.69 38.31 -38.89
CA GLN G 29 -15.91 37.59 -37.63
C GLN G 29 -16.87 38.34 -36.72
N LEU G 30 -16.73 39.66 -36.63
CA LEU G 30 -17.66 40.41 -35.80
C LEU G 30 -19.09 40.27 -36.28
N ASN G 31 -19.33 40.39 -37.58
CA ASN G 31 -20.68 40.18 -38.08
C ASN G 31 -21.16 38.75 -37.79
N ASN G 32 -20.27 37.78 -37.94
CA ASN G 32 -20.62 36.42 -37.55
C ASN G 32 -20.98 36.34 -36.08
N LYS G 33 -20.37 37.16 -35.23
CA LYS G 33 -20.67 37.11 -33.81
C LYS G 33 -21.93 37.88 -33.44
N PHE G 34 -22.21 38.99 -34.12
CA PHE G 34 -23.33 39.82 -33.68
C PHE G 34 -24.50 39.78 -34.65
N ALA G 35 -24.41 40.53 -35.75
CA ALA G 35 -25.49 40.63 -36.72
C ALA G 35 -26.84 40.82 -36.04
N ASN G 36 -27.78 39.91 -36.32
CA ASN G 36 -29.07 39.90 -35.64
C ASN G 36 -28.94 39.78 -34.14
N LYS G 37 -27.93 39.08 -33.63
CA LYS G 37 -27.85 38.81 -32.21
C LYS G 37 -27.88 40.12 -31.42
N ILE G 38 -28.51 40.07 -30.26
CA ILE G 38 -28.72 41.26 -29.45
C ILE G 38 -27.78 41.25 -28.26
N ILE G 39 -26.96 42.29 -28.16
CA ILE G 39 -26.16 42.56 -26.98
C ILE G 39 -27.11 43.00 -25.86
N PRO G 40 -27.07 42.35 -24.70
CA PRO G 40 -28.08 42.63 -23.66
C PRO G 40 -27.93 43.97 -22.97
N ASN G 41 -29.03 44.39 -22.33
CA ASN G 41 -29.19 45.58 -21.50
C ASN G 41 -28.75 46.84 -22.24
N VAL G 42 -28.73 46.75 -23.57
CA VAL G 42 -28.52 47.88 -24.47
C VAL G 42 -29.56 47.80 -25.59
N GLY G 43 -29.62 46.65 -26.25
CA GLY G 43 -30.44 46.46 -27.43
C GLY G 43 -29.60 46.16 -28.66
N LEU G 44 -30.27 45.50 -29.61
CA LEU G 44 -29.60 44.71 -30.64
C LEU G 44 -28.79 45.58 -31.58
N CYS G 45 -27.71 44.99 -32.07
CA CYS G 45 -26.85 45.58 -33.09
C CYS G 45 -27.53 45.48 -34.44
N ILE G 46 -26.85 46.06 -35.43
CA ILE G 46 -27.27 45.95 -36.81
C ILE G 46 -26.12 45.31 -37.55
N THR G 47 -25.00 46.02 -37.60
CA THR G 47 -23.75 45.47 -38.09
C THR G 47 -22.62 46.34 -37.55
N ILE G 48 -21.41 45.96 -37.88
CA ILE G 48 -20.23 46.75 -37.57
C ILE G 48 -20.26 47.99 -38.43
N TYR G 49 -20.04 49.15 -37.82
CA TYR G 49 -19.93 50.36 -38.62
C TYR G 49 -18.47 50.72 -38.79
N ASP G 50 -17.81 51.06 -37.69
CA ASP G 50 -16.43 51.50 -37.74
C ASP G 50 -15.55 50.48 -37.04
N LEU G 51 -14.27 50.82 -36.95
CA LEU G 51 -13.27 49.97 -36.32
C LEU G 51 -12.13 50.88 -35.90
N LEU G 52 -11.31 50.45 -34.94
CA LEU G 52 -10.27 51.34 -34.41
C LEU G 52 -9.42 50.59 -33.38
N THR G 53 -8.20 51.12 -33.17
CA THR G 53 -7.18 50.69 -32.21
C THR G 53 -7.01 49.17 -32.10
N VAL G 54 -7.07 48.48 -33.21
CA VAL G 54 -6.62 47.09 -33.23
C VAL G 54 -5.14 47.04 -32.96
N GLU G 55 -4.70 46.10 -32.13
CA GLU G 55 -3.29 46.00 -31.79
C GLU G 55 -2.77 44.59 -31.97
N GLU G 56 -1.50 44.35 -31.59
CA GLU G 56 -0.88 43.04 -31.75
C GLU G 56 -1.73 41.99 -31.05
N GLY G 57 -2.13 40.96 -31.80
CA GLY G 57 -2.99 39.95 -31.24
C GLY G 57 -2.20 38.90 -30.48
N GLN G 58 -2.75 38.44 -29.37
CA GLN G 58 -2.08 37.44 -28.55
C GLN G 58 -2.74 36.07 -28.66
N LEU G 59 -2.00 35.10 -29.23
CA LEU G 59 -2.51 33.75 -29.39
C LEU G 59 -2.38 32.96 -28.09
N LYS G 60 -2.99 31.78 -28.05
CA LYS G 60 -2.93 30.94 -26.86
C LYS G 60 -2.19 29.65 -27.18
N PRO G 61 -1.42 29.14 -26.22
CA PRO G 61 -0.61 27.95 -26.48
C PRO G 61 -1.39 26.75 -26.97
N GLY G 62 -2.56 26.48 -26.39
CA GLY G 62 -3.31 25.29 -26.75
C GLY G 62 -3.69 25.17 -28.21
N ASP G 63 -4.11 26.27 -28.83
CA ASP G 63 -4.65 26.19 -30.17
C ASP G 63 -3.65 26.62 -31.23
N GLY G 64 -3.44 27.92 -31.38
CA GLY G 64 -2.64 28.40 -32.48
C GLY G 64 -3.43 29.08 -33.58
N SER G 65 -4.72 29.28 -33.38
CA SER G 65 -5.43 30.26 -34.18
C SER G 65 -5.01 31.65 -33.72
N SER G 66 -5.52 32.68 -34.37
CA SER G 66 -5.08 34.01 -33.99
C SER G 66 -6.14 34.73 -33.17
N TYR G 67 -5.72 35.37 -32.08
CA TYR G 67 -6.61 36.07 -31.18
C TYR G 67 -6.22 37.53 -31.10
N ILE G 68 -7.10 38.40 -31.58
CA ILE G 68 -6.90 39.84 -31.54
C ILE G 68 -8.10 40.44 -30.82
N ASN G 69 -7.86 41.17 -29.75
CA ASN G 69 -8.90 41.90 -29.05
C ASN G 69 -8.90 43.34 -29.53
N VAL G 70 -10.08 43.87 -29.84
CA VAL G 70 -10.23 45.18 -30.46
C VAL G 70 -11.38 45.91 -29.79
N THR G 71 -11.67 47.11 -30.30
CA THR G 71 -12.85 47.86 -29.94
C THR G 71 -13.23 48.79 -31.07
N PHE G 72 -14.50 49.18 -31.09
CA PHE G 72 -15.08 49.82 -32.26
C PHE G 72 -16.43 50.42 -31.88
N ARG G 73 -17.17 50.88 -32.88
CA ARG G 73 -18.57 51.30 -32.72
C ARG G 73 -19.40 50.56 -33.75
N ALA G 74 -20.34 49.75 -33.29
CA ALA G 74 -21.25 49.06 -34.19
C ALA G 74 -22.66 49.61 -34.01
N VAL G 75 -23.44 49.58 -35.08
CA VAL G 75 -24.74 50.22 -35.09
C VAL G 75 -25.76 49.36 -34.37
N VAL G 76 -26.43 49.93 -33.37
CA VAL G 76 -27.42 49.20 -32.58
C VAL G 76 -28.78 49.84 -32.80
N PHE G 77 -29.80 49.29 -32.14
CA PHE G 77 -31.15 49.86 -32.18
C PHE G 77 -31.48 50.35 -30.78
N LYS G 78 -31.47 51.67 -30.60
CA LYS G 78 -31.72 52.25 -29.30
C LYS G 78 -32.48 53.56 -29.46
N PRO G 79 -33.79 53.53 -29.67
CA PRO G 79 -34.55 54.77 -29.80
C PRO G 79 -34.65 55.56 -28.51
N PHE G 80 -35.28 56.72 -28.54
CA PHE G 80 -35.56 57.48 -27.34
C PHE G 80 -36.88 56.96 -26.78
N LEU G 81 -37.45 57.65 -25.79
CA LEU G 81 -38.45 56.99 -24.97
C LEU G 81 -39.83 56.96 -25.61
N GLY G 82 -40.58 58.05 -25.54
CA GLY G 82 -41.82 58.11 -26.29
C GLY G 82 -41.59 58.37 -27.77
N GLU G 83 -42.02 57.49 -28.67
CA GLU G 83 -41.85 57.81 -30.08
C GLU G 83 -42.99 57.31 -30.95
N ILE G 84 -43.60 58.23 -31.69
CA ILE G 84 -44.55 57.89 -32.75
C ILE G 84 -43.76 57.28 -33.90
N VAL G 85 -44.15 56.08 -34.34
CA VAL G 85 -43.37 55.34 -35.33
C VAL G 85 -44.27 54.37 -36.08
N THR G 86 -43.85 54.00 -37.29
CA THR G 86 -44.64 53.14 -38.17
C THR G 86 -44.60 51.69 -37.69
N GLY G 87 -45.62 50.93 -38.04
CA GLY G 87 -45.75 49.53 -37.63
C GLY G 87 -47.21 49.14 -37.61
N TRP G 88 -47.47 47.89 -37.26
CA TRP G 88 -48.84 47.36 -37.30
C TRP G 88 -48.97 46.23 -36.29
N ILE G 89 -50.20 46.06 -35.78
CA ILE G 89 -50.54 44.93 -34.93
C ILE G 89 -50.18 43.63 -35.65
N SER G 90 -49.70 42.64 -34.89
CA SER G 90 -49.22 41.40 -35.48
C SER G 90 -50.00 40.24 -34.85
N LYS G 91 -49.71 39.87 -33.61
CA LYS G 91 -50.40 38.76 -32.95
C LYS G 91 -50.90 39.24 -31.60
N CYS G 92 -52.23 39.31 -31.46
CA CYS G 92 -52.88 39.89 -30.29
C CYS G 92 -54.24 39.22 -30.10
N THR G 93 -54.77 39.30 -28.87
CA THR G 93 -56.14 38.85 -28.65
C THR G 93 -56.93 40.00 -28.02
N ALA G 94 -56.89 40.14 -26.69
CA ALA G 94 -57.75 41.10 -26.03
C ALA G 94 -57.04 42.35 -25.51
N GLU G 95 -55.71 42.39 -25.56
CA GLU G 95 -55.00 43.43 -24.82
C GLU G 95 -54.42 44.46 -25.79
N GLY G 96 -53.70 45.45 -25.27
CA GLY G 96 -52.97 46.36 -26.12
C GLY G 96 -52.14 45.62 -27.15
N ILE G 97 -52.10 46.20 -28.36
CA ILE G 97 -51.70 45.42 -29.52
C ILE G 97 -50.19 45.19 -29.52
N LYS G 98 -49.80 44.04 -30.05
CA LYS G 98 -48.39 43.67 -30.16
C LYS G 98 -48.00 43.94 -31.62
N VAL G 99 -47.35 45.07 -31.82
CA VAL G 99 -46.99 45.47 -33.18
C VAL G 99 -45.66 44.84 -33.58
N SER G 100 -45.48 44.69 -34.89
CA SER G 100 -44.16 44.36 -35.41
C SER G 100 -43.80 45.37 -36.48
N LEU G 101 -42.60 45.22 -37.00
CA LEU G 101 -42.11 46.00 -38.13
C LEU G 101 -41.37 45.03 -39.04
N LEU G 102 -41.68 45.09 -40.33
CA LEU G 102 -41.24 44.04 -41.24
C LEU G 102 -39.71 44.05 -41.29
N GLY G 103 -39.12 42.90 -40.97
CA GLY G 103 -37.68 42.74 -41.09
C GLY G 103 -36.85 43.28 -39.94
N ILE G 104 -37.44 43.41 -38.74
CA ILE G 104 -36.61 43.79 -37.61
C ILE G 104 -36.89 42.84 -36.42
N PHE G 105 -38.06 42.93 -35.82
CA PHE G 105 -38.47 41.97 -34.79
C PHE G 105 -39.93 42.16 -34.44
N ASP G 106 -40.43 41.25 -33.58
CA ASP G 106 -41.82 41.25 -33.14
C ASP G 106 -42.01 41.86 -31.75
N ASP G 107 -40.93 42.32 -31.12
CA ASP G 107 -40.93 42.56 -29.69
C ASP G 107 -41.50 43.91 -29.27
N ILE G 108 -42.02 44.72 -30.21
CA ILE G 108 -42.67 45.96 -29.80
C ILE G 108 -44.08 45.58 -29.37
N PHE G 109 -44.41 45.88 -28.12
CA PHE G 109 -45.74 45.57 -27.57
C PHE G 109 -46.28 46.83 -26.92
N ILE G 110 -47.33 47.41 -27.49
CA ILE G 110 -47.92 48.61 -26.91
C ILE G 110 -49.22 48.22 -26.19
N PRO G 111 -49.24 48.23 -24.86
CA PRO G 111 -50.47 47.90 -24.14
C PRO G 111 -51.48 49.05 -24.20
N GLN G 112 -52.66 48.86 -23.63
CA GLN G 112 -53.66 49.92 -23.61
C GLN G 112 -53.70 50.55 -22.22
N ASN G 113 -53.14 51.74 -22.12
CA ASN G 113 -53.31 52.65 -21.00
C ASN G 113 -53.58 54.06 -21.50
N MET G 114 -52.60 54.67 -22.17
CA MET G 114 -52.79 55.94 -22.85
C MET G 114 -53.53 55.78 -24.17
N LEU G 115 -53.59 54.56 -24.71
CA LEU G 115 -54.44 54.28 -25.85
C LEU G 115 -55.88 54.67 -25.51
N PHE G 116 -56.57 55.25 -26.50
CA PHE G 116 -57.83 55.93 -26.23
C PHE G 116 -58.83 55.04 -25.50
N GLU G 117 -59.47 55.61 -24.49
CA GLU G 117 -60.33 54.84 -23.59
C GLU G 117 -61.55 54.32 -24.33
N GLY G 118 -62.29 55.19 -25.02
CA GLY G 118 -63.45 54.71 -25.74
C GLY G 118 -63.04 53.79 -26.87
N CYS G 119 -63.47 52.54 -26.78
CA CYS G 119 -63.17 51.52 -27.77
C CYS G 119 -64.10 50.34 -27.56
N TYR G 120 -64.23 49.49 -28.57
CA TYR G 120 -64.94 48.24 -28.39
C TYR G 120 -64.24 47.14 -29.17
N TYR G 121 -64.08 45.98 -28.53
CA TYR G 121 -63.39 44.84 -29.14
C TYR G 121 -64.35 43.83 -29.73
N THR G 122 -64.06 43.40 -30.96
CA THR G 122 -64.89 42.42 -31.65
C THR G 122 -64.01 41.53 -32.53
N PRO G 123 -64.19 40.21 -32.43
CA PRO G 123 -63.43 39.24 -33.22
C PRO G 123 -63.42 39.59 -34.70
N GLU G 124 -62.58 40.57 -35.06
CA GLU G 124 -62.45 41.00 -36.44
C GLU G 124 -60.99 41.32 -36.75
N GLU G 125 -60.67 42.61 -36.79
CA GLU G 125 -59.32 43.06 -37.06
C GLU G 125 -59.11 44.50 -36.60
N SER G 126 -59.26 44.73 -35.30
CA SER G 126 -59.09 46.07 -34.76
C SER G 126 -58.77 46.08 -33.25
N ALA G 127 -58.87 44.91 -32.62
CA ALA G 127 -58.60 44.82 -31.20
C ALA G 127 -59.60 45.71 -30.49
N TRP G 128 -59.55 47.02 -30.73
CA TRP G 128 -60.47 47.94 -30.09
C TRP G 128 -60.80 49.08 -31.04
N ILE G 129 -62.09 49.43 -31.11
CA ILE G 129 -62.60 50.37 -32.11
C ILE G 129 -63.13 51.60 -31.38
N TRP G 130 -62.47 52.69 -31.58
CA TRP G 130 -62.63 54.02 -31.03
C TRP G 130 -63.84 54.73 -31.62
N PRO G 131 -64.28 55.85 -31.05
CA PRO G 131 -65.36 56.62 -31.68
C PRO G 131 -64.89 57.44 -32.88
N LYS G 137 -60.36 56.59 -33.94
CA LYS G 137 -61.72 56.87 -34.38
C LYS G 137 -62.42 55.59 -34.83
N LEU G 138 -61.63 54.59 -35.22
CA LEU G 138 -62.15 53.30 -35.66
C LEU G 138 -61.11 52.18 -35.61
N TYR G 139 -61.35 51.11 -36.37
CA TYR G 139 -60.44 49.98 -36.38
C TYR G 139 -59.33 50.13 -37.43
N PHE G 140 -58.22 49.47 -37.18
CA PHE G 140 -57.07 49.45 -38.07
C PHE G 140 -56.89 48.02 -38.59
N ASP G 141 -55.73 47.71 -39.15
CA ASP G 141 -55.49 46.36 -39.66
C ASP G 141 -54.02 45.95 -39.79
N VAL G 142 -53.75 44.69 -39.45
CA VAL G 142 -52.40 44.12 -39.56
C VAL G 142 -51.82 44.48 -40.92
N ASN G 143 -50.49 44.42 -41.01
CA ASN G 143 -49.77 44.76 -42.24
C ASN G 143 -50.17 46.14 -42.75
N GLU G 144 -50.10 47.14 -41.89
CA GLU G 144 -50.56 48.48 -42.18
C GLU G 144 -49.53 49.50 -41.71
N LYS G 145 -49.44 50.62 -42.41
CA LYS G 145 -48.69 51.74 -41.85
C LYS G 145 -49.47 52.27 -40.67
N ILE G 146 -48.87 52.23 -39.48
CA ILE G 146 -49.56 52.59 -38.25
C ILE G 146 -48.58 53.35 -37.37
N ARG G 147 -48.94 54.55 -36.98
CA ARG G 147 -48.10 55.36 -36.12
C ARG G 147 -48.49 55.14 -34.66
N PHE G 148 -47.56 54.55 -33.90
CA PHE G 148 -47.74 54.22 -32.50
C PHE G 148 -46.55 54.75 -31.71
N ARG G 149 -46.84 55.35 -30.56
CA ARG G 149 -45.81 55.92 -29.70
C ARG G 149 -45.16 54.83 -28.87
N ILE G 150 -43.92 55.07 -28.48
CA ILE G 150 -43.14 54.20 -27.61
C ILE G 150 -43.00 54.90 -26.28
N GLU G 151 -42.90 54.13 -25.20
CA GLU G 151 -42.73 54.72 -23.87
C GLU G 151 -41.56 54.09 -23.13
N ARG G 152 -41.65 52.82 -22.77
CA ARG G 152 -40.68 52.18 -21.88
C ARG G 152 -40.17 50.91 -22.53
N GLU G 153 -39.06 50.38 -22.02
CA GLU G 153 -38.47 49.16 -22.57
C GLU G 153 -38.16 48.21 -21.43
N VAL G 154 -38.28 46.91 -21.70
CA VAL G 154 -37.99 45.87 -20.71
C VAL G 154 -36.80 45.04 -21.18
N PHE G 155 -35.67 45.19 -20.49
CA PHE G 155 -34.55 44.28 -20.64
C PHE G 155 -34.77 43.11 -19.68
N VAL G 156 -34.84 41.90 -20.22
CA VAL G 156 -34.82 40.70 -19.39
C VAL G 156 -33.79 39.77 -19.99
N ASP G 157 -33.10 39.03 -19.14
CA ASP G 157 -32.16 38.02 -19.64
C ASP G 157 -32.82 36.65 -19.68
N VAL G 158 -33.07 36.06 -18.51
CA VAL G 158 -33.88 34.86 -18.39
C VAL G 158 -33.28 33.74 -19.24
N LYS G 159 -32.15 33.19 -18.79
CA LYS G 159 -31.64 31.92 -19.32
C LYS G 159 -31.42 30.95 -18.16
N PRO G 160 -32.51 30.67 -17.38
CA PRO G 160 -32.39 29.81 -16.19
C PRO G 160 -32.88 28.41 -16.50
N LYS G 161 -32.08 27.63 -17.21
CA LYS G 161 -32.62 26.35 -17.66
C LYS G 161 -32.27 25.31 -16.58
N SER G 162 -33.29 24.76 -16.01
CA SER G 162 -33.15 23.80 -14.93
C SER G 162 -33.16 22.45 -15.62
N PRO G 163 -32.07 21.69 -15.49
CA PRO G 163 -31.77 20.63 -16.45
C PRO G 163 -32.93 19.70 -16.76
N LYS G 164 -33.82 19.44 -15.79
CA LYS G 164 -34.91 18.50 -16.06
C LYS G 164 -36.08 19.18 -16.75
N GLU G 165 -36.05 20.50 -16.91
CA GLU G 165 -37.06 21.17 -17.73
C GLU G 165 -36.94 20.75 -19.19
N ARG G 166 -35.79 20.19 -19.57
CA ARG G 166 -35.54 19.65 -20.90
C ARG G 166 -36.63 18.68 -21.35
N GLU G 189 -41.51 29.32 -24.85
CA GLU G 189 -40.22 29.92 -25.18
C GLU G 189 -39.95 31.15 -24.32
N LYS G 190 -40.88 32.11 -24.37
CA LYS G 190 -40.78 33.35 -23.62
C LYS G 190 -39.44 34.04 -23.92
N PRO G 191 -39.23 34.54 -25.14
CA PRO G 191 -38.02 35.30 -25.43
C PRO G 191 -38.28 36.80 -25.53
N PRO G 192 -38.77 37.50 -24.48
CA PRO G 192 -38.86 38.96 -24.55
C PRO G 192 -37.60 39.65 -24.01
N ALA G 193 -36.43 39.20 -24.47
CA ALA G 193 -35.18 39.71 -23.93
C ALA G 193 -35.07 41.22 -24.08
N TYR G 194 -35.52 41.75 -25.21
CA TYR G 194 -35.57 43.19 -25.44
C TYR G 194 -36.93 43.48 -26.10
N ALA G 195 -37.75 44.24 -25.41
CA ALA G 195 -39.11 44.53 -25.85
C ALA G 195 -39.48 45.96 -25.47
N LEU G 196 -40.21 46.63 -26.36
CA LEU G 196 -40.54 48.03 -26.20
C LEU G 196 -42.05 48.20 -26.08
N LEU G 197 -42.47 49.32 -25.49
CA LEU G 197 -43.86 49.56 -25.18
C LEU G 197 -44.17 51.04 -25.26
N GLY G 198 -45.42 51.34 -25.61
CA GLY G 198 -45.95 52.68 -25.70
C GLY G 198 -47.46 52.63 -25.79
N SER G 199 -48.08 53.74 -26.18
CA SER G 199 -49.52 53.78 -26.38
C SER G 199 -49.83 54.98 -27.27
N CYS G 200 -51.12 55.15 -27.59
CA CYS G 200 -51.56 56.22 -28.47
C CYS G 200 -52.40 57.23 -27.67
N GLN G 201 -51.80 58.37 -27.36
CA GLN G 201 -52.48 59.40 -26.59
C GLN G 201 -53.05 60.53 -27.44
N THR G 202 -52.81 60.53 -28.75
CA THR G 202 -53.25 61.60 -29.61
C THR G 202 -53.89 61.03 -30.88
N ASP G 203 -54.36 61.93 -31.75
CA ASP G 203 -55.09 61.50 -32.92
C ASP G 203 -54.12 60.98 -33.99
N GLY G 204 -54.68 60.49 -35.09
CA GLY G 204 -53.86 59.93 -36.15
C GLY G 204 -53.08 58.70 -35.74
N MET G 205 -53.31 58.20 -34.54
CA MET G 205 -52.47 57.17 -33.93
C MET G 205 -53.19 55.83 -33.99
N GLY G 206 -52.51 54.83 -34.52
CA GLY G 206 -53.09 53.53 -34.80
C GLY G 206 -53.64 53.39 -36.20
N LEU G 207 -54.03 54.50 -36.83
CA LEU G 207 -54.32 54.53 -38.25
C LEU G 207 -53.80 55.85 -38.80
N VAL G 208 -52.93 55.78 -39.80
CA VAL G 208 -52.24 56.98 -40.25
C VAL G 208 -53.17 57.92 -41.02
N SER G 209 -54.21 57.40 -41.66
CA SER G 209 -55.09 58.26 -42.44
C SER G 209 -56.03 59.07 -41.57
N TRP G 210 -56.06 58.82 -40.26
CA TRP G 210 -56.78 59.72 -39.35
C TRP G 210 -56.16 61.11 -39.36
N TRP G 211 -54.84 61.18 -39.22
CA TRP G 211 -54.10 62.37 -39.61
C TRP G 211 -53.83 62.32 -41.11
N GLU G 212 -52.92 63.17 -41.58
CA GLU G 212 -52.64 63.33 -43.02
C GLU G 212 -53.83 63.98 -43.71
N MET H 1 65.00 18.07 -62.24
CA MET H 1 65.09 19.49 -61.96
C MET H 1 65.24 19.75 -60.45
N SER H 2 64.94 20.97 -60.04
CA SER H 2 65.12 21.41 -58.65
C SER H 2 64.20 20.65 -57.68
N ASN H 3 63.27 19.88 -58.25
CA ASN H 3 62.27 19.16 -57.49
C ASN H 3 62.84 18.26 -56.41
N THR H 4 64.12 17.91 -56.47
CA THR H 4 64.75 17.18 -55.39
C THR H 4 65.13 18.14 -54.27
N LEU H 5 64.53 17.94 -53.10
CA LEU H 5 64.78 18.80 -51.95
C LEU H 5 66.05 18.35 -51.23
N PHE H 6 66.06 17.14 -50.67
CA PHE H 6 67.17 16.70 -49.84
C PHE H 6 67.56 15.29 -50.21
N ASP H 7 68.84 14.98 -50.06
CA ASP H 7 69.36 13.64 -50.22
C ASP H 7 70.59 13.50 -49.34
N ASP H 8 70.72 12.34 -48.69
CA ASP H 8 71.95 12.03 -47.97
C ASP H 8 71.98 10.53 -47.80
N ILE H 9 73.16 10.02 -47.49
CA ILE H 9 73.38 8.61 -47.21
C ILE H 9 73.33 8.42 -45.69
N PHE H 10 72.48 7.50 -45.23
CA PHE H 10 72.41 7.18 -43.81
C PHE H 10 72.79 5.72 -43.62
N GLN H 11 73.24 5.41 -42.40
CA GLN H 11 73.53 4.04 -42.01
C GLN H 11 72.56 3.60 -40.93
N VAL H 12 72.09 2.37 -41.03
CA VAL H 12 71.15 1.82 -40.06
C VAL H 12 71.84 1.69 -38.71
N SER H 13 71.06 1.83 -37.64
CA SER H 13 71.56 1.51 -36.30
C SER H 13 70.92 0.22 -35.80
N GLU H 14 69.62 0.26 -35.50
CA GLU H 14 68.91 -0.95 -35.09
C GLU H 14 67.47 -0.91 -35.57
N VAL H 15 66.87 -2.09 -35.55
CA VAL H 15 65.55 -2.36 -36.10
C VAL H 15 64.78 -3.22 -35.11
N ASP H 16 63.69 -2.69 -34.56
CA ASP H 16 62.94 -3.36 -33.51
C ASP H 16 61.45 -3.39 -33.83
N PRO H 17 60.97 -4.45 -34.46
CA PRO H 17 59.53 -4.54 -34.74
C PRO H 17 58.73 -4.79 -33.48
N GLY H 18 58.94 -3.97 -32.46
CA GLY H 18 58.22 -4.10 -31.21
C GLY H 18 56.73 -4.05 -31.36
N ARG H 19 56.05 -5.08 -30.87
CA ARG H 19 54.60 -5.17 -30.81
C ARG H 19 53.94 -5.04 -32.17
N TYR H 20 54.67 -5.32 -33.24
CA TYR H 20 54.12 -5.28 -34.59
C TYR H 20 54.61 -6.51 -35.34
N ASN H 21 54.26 -6.63 -36.61
CA ASN H 21 54.90 -7.68 -37.39
C ASN H 21 55.45 -7.13 -38.70
N LYS H 22 54.60 -6.64 -39.60
CA LYS H 22 55.06 -6.26 -40.92
C LYS H 22 55.52 -4.81 -41.01
N VAL H 23 55.52 -4.07 -39.91
CA VAL H 23 55.97 -2.68 -39.90
C VAL H 23 56.88 -2.48 -38.70
N CYS H 24 58.03 -1.88 -38.92
CA CYS H 24 59.04 -1.75 -37.88
C CYS H 24 59.55 -0.33 -37.79
N ARG H 25 60.31 -0.07 -36.71
CA ARG H 25 60.90 1.26 -36.49
C ARG H 25 62.40 1.15 -36.73
N ILE H 26 62.86 1.76 -37.82
CA ILE H 26 64.28 1.88 -38.10
C ILE H 26 64.78 3.20 -37.56
N GLU H 27 65.70 3.12 -36.60
CA GLU H 27 66.40 4.29 -36.07
C GLU H 27 67.79 4.23 -36.65
N ALA H 28 68.17 5.25 -37.42
CA ALA H 28 69.41 5.22 -38.17
C ALA H 28 70.14 6.54 -38.10
N ALA H 29 71.46 6.47 -37.94
CA ALA H 29 72.31 7.64 -37.99
C ALA H 29 72.78 7.89 -39.41
N SER H 30 73.71 8.83 -39.60
CA SER H 30 74.09 9.23 -40.94
C SER H 30 75.61 9.22 -41.06
N THR H 31 76.07 9.14 -42.30
CA THR H 31 77.45 9.40 -42.64
C THR H 31 77.60 10.89 -42.96
N THR H 32 78.78 11.28 -43.41
CA THR H 32 79.13 12.66 -43.74
C THR H 32 78.93 13.53 -42.50
N GLN H 33 78.11 14.58 -42.58
CA GLN H 33 77.87 15.42 -41.41
C GLN H 33 77.03 14.65 -40.41
N ASP H 34 77.50 14.61 -39.17
CA ASP H 34 77.00 13.69 -38.16
C ASP H 34 75.84 14.28 -37.37
N GLN H 35 75.43 15.50 -37.71
CA GLN H 35 74.36 16.17 -36.99
C GLN H 35 72.98 15.70 -37.40
N CYS H 36 72.87 14.90 -38.45
CA CYS H 36 71.57 14.50 -38.97
C CYS H 36 71.28 13.03 -38.63
N LYS H 37 70.32 12.84 -37.75
CA LYS H 37 69.88 11.48 -37.43
C LYS H 37 68.61 11.18 -38.21
N LEU H 38 68.11 9.96 -38.09
CA LEU H 38 66.84 9.62 -38.71
C LEU H 38 66.11 8.63 -37.82
N THR H 39 64.81 8.87 -37.64
CA THR H 39 63.92 7.95 -36.94
C THR H 39 62.72 7.75 -37.85
N LEU H 40 62.52 6.51 -38.27
CA LEU H 40 61.53 6.19 -39.30
C LEU H 40 60.74 4.96 -38.89
N ASP H 41 59.51 4.89 -39.35
CA ASP H 41 58.72 3.66 -39.32
C ASP H 41 58.54 3.25 -40.77
N ILE H 42 58.99 2.03 -41.08
CA ILE H 42 59.01 1.55 -42.46
C ILE H 42 58.29 0.22 -42.52
N ASN H 43 57.83 -0.11 -43.72
CA ASN H 43 57.18 -1.39 -43.95
C ASN H 43 58.23 -2.41 -44.32
N VAL H 44 58.48 -3.37 -43.42
CA VAL H 44 59.54 -4.33 -43.65
C VAL H 44 59.13 -5.41 -44.63
N GLU H 45 57.85 -5.78 -44.69
CA GLU H 45 57.45 -6.86 -45.57
C GLU H 45 57.67 -6.47 -47.03
N LEU H 46 57.47 -5.20 -47.35
CA LEU H 46 57.75 -4.72 -48.70
C LEU H 46 59.22 -4.41 -48.91
N PHE H 47 59.90 -3.89 -47.90
CA PHE H 47 61.30 -3.56 -48.05
C PHE H 47 62.08 -3.99 -46.81
N PRO H 48 62.51 -5.24 -46.74
CA PRO H 48 63.23 -5.71 -45.55
C PRO H 48 64.51 -4.92 -45.34
N VAL H 49 64.92 -4.85 -44.08
CA VAL H 49 66.11 -4.07 -43.70
C VAL H 49 66.78 -4.76 -42.53
N ALA H 50 68.10 -4.63 -42.46
CA ALA H 50 68.85 -5.18 -41.35
C ALA H 50 69.67 -4.08 -40.70
N ALA H 51 70.39 -4.44 -39.64
CA ALA H 51 71.17 -3.46 -38.89
C ALA H 51 72.48 -3.15 -39.62
N GLN H 52 72.86 -1.87 -39.57
CA GLN H 52 74.11 -1.39 -40.15
C GLN H 52 74.21 -1.74 -41.63
N ASP H 53 73.34 -1.09 -42.40
CA ASP H 53 73.33 -1.22 -43.85
C ASP H 53 73.56 0.15 -44.46
N SER H 54 73.60 0.20 -45.79
CA SER H 54 73.84 1.42 -46.54
C SER H 54 72.51 1.88 -47.12
N LEU H 55 72.02 3.04 -46.67
CA LEU H 55 70.76 3.58 -47.14
C LEU H 55 71.01 4.89 -47.85
N THR H 56 70.35 5.07 -48.99
CA THR H 56 70.24 6.36 -49.65
C THR H 56 68.86 6.89 -49.32
N VAL H 57 68.82 8.02 -48.64
CA VAL H 57 67.55 8.64 -48.31
C VAL H 57 67.44 9.96 -49.05
N THR H 58 66.42 10.09 -49.88
CA THR H 58 66.22 11.27 -50.71
C THR H 58 64.76 11.65 -50.63
N ILE H 59 64.48 12.84 -50.11
CA ILE H 59 63.12 13.34 -50.04
C ILE H 59 63.00 14.45 -51.09
N ALA H 60 61.83 14.52 -51.72
CA ALA H 60 61.69 15.46 -52.81
C ALA H 60 60.22 15.82 -52.96
N SER H 61 59.90 16.51 -54.05
CA SER H 61 58.51 16.79 -54.41
C SER H 61 58.40 16.62 -55.91
N SER H 62 57.21 16.23 -56.36
CA SER H 62 56.91 16.14 -57.79
C SER H 62 57.85 15.21 -58.53
N LEU H 63 57.64 13.89 -58.38
CA LEU H 63 58.50 12.86 -58.96
C LEU H 63 58.74 13.04 -60.45
N ASN H 64 57.92 13.84 -61.13
CA ASN H 64 57.83 13.83 -62.58
C ASN H 64 59.15 14.12 -63.30
N LEU H 65 60.20 14.51 -62.57
CA LEU H 65 61.44 14.94 -63.20
C LEU H 65 61.11 16.12 -64.10
N GLU H 66 61.27 15.96 -65.41
CA GLU H 66 60.84 16.98 -66.37
C GLU H 66 59.49 16.58 -66.92
N ASP H 67 58.59 17.56 -67.01
CA ASP H 67 57.23 17.35 -67.53
C ASP H 67 56.52 16.18 -66.87
N SER H 74 41.67 13.94 -67.48
CA SER H 74 41.82 13.22 -66.23
C SER H 74 42.18 14.16 -65.09
N ALA H 75 42.81 13.59 -64.05
CA ALA H 75 43.32 14.34 -62.92
C ALA H 75 42.23 15.18 -62.25
N THR H 76 41.09 14.55 -61.96
CA THR H 76 40.02 15.26 -61.25
C THR H 76 39.89 14.75 -59.83
N ARG H 77 40.47 15.52 -58.91
CA ARG H 77 40.24 15.39 -57.47
C ARG H 77 40.64 14.02 -56.93
N SER H 78 40.90 13.07 -57.83
CA SER H 78 41.34 11.76 -57.40
C SER H 78 42.79 11.56 -57.79
N TRP H 79 43.57 11.08 -56.85
CA TRP H 79 44.97 10.78 -57.15
C TRP H 79 45.02 9.73 -58.25
N ARG H 80 45.94 9.90 -59.17
CA ARG H 80 46.04 9.01 -60.31
C ARG H 80 47.38 8.33 -60.29
N PRO H 81 47.47 7.06 -60.68
CA PRO H 81 48.78 6.48 -60.95
C PRO H 81 49.40 7.17 -62.15
N PRO H 82 50.67 7.47 -62.09
CA PRO H 82 51.31 8.18 -63.20
C PRO H 82 51.52 7.29 -64.42
N GLN H 83 50.45 7.11 -65.19
CA GLN H 83 50.47 6.34 -66.44
C GLN H 83 51.05 4.95 -66.18
N ALA H 84 51.82 4.45 -67.14
CA ALA H 84 52.51 3.18 -67.09
C ALA H 84 53.97 3.29 -67.46
N GLY H 85 54.25 3.74 -68.67
CA GLY H 85 55.58 4.11 -69.07
C GLY H 85 55.85 5.52 -68.61
N ASP H 86 56.64 6.27 -69.36
CA ASP H 86 57.04 7.61 -68.93
C ASP H 86 57.79 7.51 -67.61
N ARG H 87 58.99 6.95 -67.65
CA ARG H 87 59.79 6.80 -66.44
C ARG H 87 59.98 8.15 -65.77
N SER H 88 59.83 8.17 -64.45
CA SER H 88 59.93 9.39 -63.68
C SER H 88 61.16 9.30 -62.79
N LEU H 89 61.40 10.37 -62.04
CA LEU H 89 62.39 10.29 -60.98
C LEU H 89 61.89 9.33 -59.91
N ALA H 90 62.83 8.84 -59.10
CA ALA H 90 62.57 7.90 -58.01
C ALA H 90 62.33 6.49 -58.52
N ASP H 91 62.05 6.35 -59.82
CA ASP H 91 61.94 5.03 -60.41
C ASP H 91 63.21 4.20 -60.24
N ASP H 92 64.37 4.81 -60.41
CA ASP H 92 65.61 4.08 -60.19
C ASP H 92 65.88 3.81 -58.72
N TYR H 93 65.11 4.39 -57.81
CA TYR H 93 65.22 3.99 -56.42
C TYR H 93 64.11 2.98 -56.14
N ASP H 94 64.04 2.45 -54.93
CA ASP H 94 63.24 1.26 -54.72
C ASP H 94 61.93 1.50 -53.99
N TYR H 95 62.00 1.70 -52.69
CA TYR H 95 60.81 1.81 -51.86
C TYR H 95 60.56 3.25 -51.47
N VAL H 96 59.54 3.88 -52.05
CA VAL H 96 59.26 5.27 -51.77
C VAL H 96 58.19 5.33 -50.70
N MET H 97 57.81 6.56 -50.35
CA MET H 97 56.72 6.81 -49.44
C MET H 97 55.95 7.99 -49.98
N TYR H 98 54.96 8.44 -49.21
CA TYR H 98 54.32 9.72 -49.47
C TYR H 98 54.00 10.31 -48.12
N GLY H 99 53.92 11.62 -48.04
CA GLY H 99 53.47 12.23 -46.82
C GLY H 99 53.58 13.72 -46.79
N THR H 100 53.45 14.25 -45.59
CA THR H 100 53.35 15.68 -45.40
C THR H 100 54.07 16.08 -44.13
N ALA H 101 54.70 17.24 -44.18
CA ALA H 101 55.31 17.82 -43.01
C ALA H 101 54.25 18.55 -42.20
N TYR H 102 54.32 18.40 -40.88
CA TYR H 102 53.37 19.11 -40.04
C TYR H 102 54.11 19.88 -38.96
N LYS H 103 54.89 19.20 -38.12
CA LYS H 103 55.53 19.83 -36.98
C LYS H 103 57.01 20.01 -37.26
N PHE H 104 57.45 21.25 -37.45
CA PHE H 104 58.84 21.63 -37.33
C PHE H 104 59.10 22.01 -35.88
N GLU H 105 60.28 21.67 -35.38
CA GLU H 105 60.71 22.17 -34.08
C GLU H 105 62.21 22.25 -34.07
N GLU H 106 62.77 22.50 -32.89
CA GLU H 106 64.19 22.73 -32.74
C GLU H 106 64.70 22.08 -31.46
N VAL H 107 65.98 21.76 -31.46
CA VAL H 107 66.66 21.22 -30.29
C VAL H 107 67.82 22.14 -29.98
N SER H 108 67.93 22.57 -28.72
CA SER H 108 69.01 23.43 -28.28
C SER H 108 69.14 24.65 -29.19
N LYS H 109 70.39 25.02 -29.51
CA LYS H 109 70.64 25.96 -30.58
C LYS H 109 70.78 25.17 -31.86
N ASP H 110 70.29 25.73 -32.96
CA ASP H 110 70.56 25.33 -34.33
C ASP H 110 70.59 23.82 -34.55
N LEU H 111 69.67 23.10 -33.89
CA LEU H 111 69.38 21.70 -34.21
C LEU H 111 67.88 21.65 -34.50
N ILE H 112 67.54 21.37 -35.76
CA ILE H 112 66.18 21.57 -36.23
C ILE H 112 65.56 20.23 -36.58
N ALA H 113 64.49 19.88 -35.87
CA ALA H 113 63.82 18.60 -36.08
C ALA H 113 62.66 18.78 -37.06
N VAL H 114 62.73 18.04 -38.17
CA VAL H 114 61.65 17.96 -39.14
C VAL H 114 60.93 16.64 -38.94
N TYR H 115 59.61 16.69 -38.95
CA TYR H 115 58.76 15.51 -38.78
C TYR H 115 57.94 15.32 -40.04
N TYR H 116 57.69 14.07 -40.39
CA TYR H 116 56.76 13.71 -41.45
C TYR H 116 55.79 12.67 -40.94
N SER H 117 54.54 12.79 -41.37
CA SER H 117 53.52 11.80 -41.04
C SER H 117 52.97 11.27 -42.35
N PHE H 118 53.14 9.97 -42.56
CA PHE H 118 52.73 9.29 -43.77
C PHE H 118 51.37 8.65 -43.65
N GLY H 119 50.61 9.01 -42.63
CA GLY H 119 49.43 8.27 -42.27
C GLY H 119 49.78 7.09 -41.39
N GLY H 120 50.54 7.38 -40.33
CA GLY H 120 50.90 6.42 -39.34
C GLY H 120 52.36 6.02 -39.41
N LEU H 121 53.05 6.38 -40.47
CA LEU H 121 54.46 6.11 -40.60
C LEU H 121 55.20 7.43 -40.47
N LEU H 122 56.03 7.54 -39.45
CA LEU H 122 56.57 8.82 -39.02
C LEU H 122 58.05 8.91 -39.34
N MET H 123 58.52 10.14 -39.53
CA MET H 123 59.90 10.36 -39.91
C MET H 123 60.45 11.54 -39.12
N ARG H 124 61.51 11.31 -38.38
CA ARG H 124 62.20 12.36 -37.64
C ARG H 124 63.60 12.53 -38.17
N LEU H 125 63.89 13.68 -38.76
CA LEU H 125 65.28 13.95 -39.07
C LEU H 125 65.66 15.29 -38.48
N GLU H 126 66.96 15.55 -38.42
CA GLU H 126 67.42 16.79 -37.82
C GLU H 126 68.81 17.15 -38.31
N GLY H 127 69.43 18.15 -37.71
CA GLY H 127 70.72 18.66 -38.13
C GLY H 127 70.81 20.13 -37.81
N ASN H 128 71.74 20.82 -38.47
CA ASN H 128 71.90 22.24 -38.20
C ASN H 128 71.17 23.06 -39.25
N TYR H 129 71.74 23.20 -40.44
CA TYR H 129 70.98 23.62 -41.61
C TYR H 129 71.26 22.68 -42.76
N ARG H 130 70.37 21.73 -42.96
CA ARG H 130 70.08 21.11 -44.24
C ARG H 130 68.79 21.65 -44.83
N ASN H 131 68.15 22.57 -44.13
CA ASN H 131 66.74 22.91 -44.28
C ASN H 131 66.41 23.77 -45.47
N LEU H 132 67.32 24.66 -45.87
CA LEU H 132 66.92 25.84 -46.66
C LEU H 132 66.05 25.47 -47.85
N ASN H 133 66.18 24.25 -48.37
CA ASN H 133 65.27 23.78 -49.40
C ASN H 133 63.92 23.36 -48.83
N ASN H 134 63.88 22.84 -47.61
CA ASN H 134 62.65 22.31 -47.03
C ASN H 134 61.71 23.44 -46.63
N LEU H 135 60.47 23.36 -47.11
CA LEU H 135 59.38 24.13 -46.53
C LEU H 135 58.41 23.14 -45.91
N LYS H 136 57.35 23.65 -45.30
CA LYS H 136 56.27 22.78 -44.84
C LYS H 136 55.18 22.76 -45.91
N GLN H 137 55.04 21.60 -46.54
CA GLN H 137 54.18 21.42 -47.69
C GLN H 137 53.41 20.12 -47.55
N GLU H 138 52.11 20.18 -47.85
CA GLU H 138 51.26 19.01 -47.75
C GLU H 138 51.73 17.87 -48.63
N ASN H 139 52.68 18.12 -49.53
CA ASN H 139 53.28 17.07 -50.33
C ASN H 139 54.77 17.02 -50.04
N ALA H 140 55.24 15.85 -49.60
CA ALA H 140 56.66 15.54 -49.64
C ALA H 140 56.77 14.05 -49.88
N TYR H 141 57.68 13.66 -50.76
CA TYR H 141 57.88 12.25 -51.09
C TYR H 141 59.14 11.77 -50.40
N LEU H 142 58.99 10.92 -49.40
CA LEU H 142 60.12 10.18 -48.88
C LEU H 142 60.52 9.15 -49.90
N LEU H 143 61.82 9.00 -50.08
CA LEU H 143 62.37 8.23 -51.19
C LEU H 143 63.58 7.45 -50.69
N ILE H 144 63.64 6.15 -51.01
CA ILE H 144 64.58 5.25 -50.36
C ILE H 144 65.11 4.26 -51.38
N ARG H 145 66.40 3.92 -51.26
CA ARG H 145 66.99 2.80 -51.96
C ARG H 145 68.15 2.25 -51.13
N ARG H 146 68.51 1.00 -51.40
CA ARG H 146 69.78 0.47 -50.93
C ARG H 146 70.77 0.45 -52.09
N MET I 1 32.84 -0.77 49.76
CA MET I 1 34.07 -1.54 49.85
C MET I 1 33.84 -2.95 49.30
N LEU I 2 32.58 -3.38 49.33
CA LEU I 2 32.16 -4.60 48.65
C LEU I 2 32.92 -5.82 49.17
N SER I 3 32.60 -6.26 50.38
CA SER I 3 33.28 -7.40 50.98
C SER I 3 32.23 -8.43 51.39
N PHE I 4 32.67 -9.49 52.05
CA PHE I 4 31.88 -10.69 52.25
C PHE I 4 31.36 -10.80 53.68
N CYS I 5 30.15 -11.32 53.81
CA CYS I 5 29.56 -11.61 55.12
C CYS I 5 30.03 -12.97 55.59
N PRO I 6 30.87 -13.06 56.62
CA PRO I 6 31.08 -14.35 57.27
C PRO I 6 29.77 -14.82 57.86
N SER I 7 29.67 -16.13 58.14
CA SER I 7 28.42 -16.62 58.71
C SER I 7 27.30 -16.27 57.75
N CYS I 8 26.56 -15.21 58.08
CA CYS I 8 25.34 -14.82 57.38
C CYS I 8 25.46 -14.98 55.87
N ASN I 9 26.61 -14.61 55.31
CA ASN I 9 26.89 -14.82 53.89
C ASN I 9 25.82 -14.18 53.02
N ASN I 10 25.76 -12.86 53.02
CA ASN I 10 24.83 -12.13 52.18
C ASN I 10 25.58 -11.09 51.37
N MET I 11 26.14 -10.12 52.07
CA MET I 11 26.68 -8.90 51.47
C MET I 11 27.48 -8.23 52.57
N LEU I 12 28.11 -7.12 52.24
CA LEU I 12 28.51 -6.15 53.25
C LEU I 12 28.19 -4.75 52.76
N LEU I 13 28.01 -3.85 53.72
CA LEU I 13 27.84 -2.45 53.38
C LEU I 13 28.35 -1.62 54.55
N ILE I 14 28.80 -0.42 54.24
CA ILE I 14 29.15 0.55 55.27
C ILE I 14 27.84 1.18 55.71
N THR I 15 27.65 1.26 57.02
CA THR I 15 26.40 1.76 57.55
C THR I 15 26.66 2.97 58.43
N SER I 16 25.63 3.79 58.60
CA SER I 16 25.70 4.88 59.55
C SER I 16 25.71 4.30 60.96
N GLY I 17 26.78 4.57 61.71
CA GLY I 17 26.99 3.98 63.00
C GLY I 17 26.46 4.85 64.13
N ASP I 18 26.14 4.19 65.24
CA ASP I 18 25.77 4.87 66.47
C ASP I 18 27.04 5.36 67.16
N SER I 19 26.94 6.57 67.74
CA SER I 19 28.12 7.31 68.20
C SER I 19 29.11 7.47 67.04
N GLY I 20 28.58 7.61 65.83
CA GLY I 20 29.44 7.67 64.66
C GLY I 20 30.15 6.35 64.46
N VAL I 21 31.37 6.44 63.94
CA VAL I 21 32.32 5.33 63.80
C VAL I 21 31.88 4.42 62.66
N TYR I 22 30.60 4.50 62.30
CA TYR I 22 30.00 3.83 61.15
C TYR I 22 30.05 2.32 61.23
N THR I 23 30.97 1.77 62.02
CA THR I 23 31.08 0.34 62.08
C THR I 23 30.93 -0.14 60.63
N LEU I 24 30.48 -1.37 60.44
CA LEU I 24 30.26 -1.95 59.12
C LEU I 24 29.42 -3.17 59.43
N ALA I 25 28.16 -3.18 59.00
CA ALA I 25 27.36 -4.33 59.38
C ALA I 25 27.09 -5.21 58.18
N CYS I 26 26.42 -6.33 58.42
CA CYS I 26 25.86 -7.09 57.33
C CYS I 26 24.36 -6.90 57.39
N ARG I 27 23.84 -6.13 56.44
CA ARG I 27 22.42 -5.82 56.43
C ARG I 27 21.62 -7.11 56.36
N SER I 28 20.58 -7.20 57.19
CA SER I 28 19.64 -8.32 57.13
C SER I 28 20.31 -9.64 57.45
N CYS I 29 21.25 -9.62 58.43
CA CYS I 29 21.69 -10.76 59.22
C CYS I 29 22.82 -10.34 60.16
N PRO I 30 22.78 -10.74 61.43
CA PRO I 30 23.59 -10.06 62.45
C PRO I 30 25.09 -10.18 62.27
N TYR I 31 25.76 -9.04 62.23
CA TYR I 31 27.21 -8.96 62.29
C TYR I 31 27.58 -7.53 62.64
N GLU I 32 28.79 -7.33 63.16
CA GLU I 32 29.30 -5.99 63.45
C GLU I 32 30.77 -5.93 63.03
N PHE I 33 31.37 -4.75 63.22
CA PHE I 33 32.68 -4.61 62.68
C PHE I 33 33.62 -3.89 63.63
N PRO I 34 34.87 -4.33 63.72
CA PRO I 34 35.84 -3.76 64.67
C PRO I 34 36.27 -2.33 64.39
N ILE I 35 35.93 -1.78 63.22
CA ILE I 35 36.54 -0.59 62.62
C ILE I 35 38.06 -0.71 62.69
N GLU I 36 38.74 0.40 62.95
CA GLU I 36 40.20 0.47 62.76
C GLU I 36 40.58 -0.04 61.37
N GLY I 37 39.69 0.19 60.40
CA GLY I 37 39.76 -0.49 59.13
C GLY I 37 40.95 -0.16 58.27
N ILE I 38 41.71 -1.20 57.90
CA ILE I 38 42.73 -1.09 56.88
C ILE I 38 42.09 -1.50 55.56
N GLU I 39 41.91 -0.52 54.68
CA GLU I 39 41.17 -0.70 53.42
C GLU I 39 42.09 -0.25 52.29
N ILE I 40 42.44 -1.19 51.43
CA ILE I 40 43.39 -0.94 50.35
C ILE I 40 42.86 -1.58 49.07
N TYR I 41 42.84 -0.79 48.00
CA TYR I 41 42.48 -1.30 46.67
C TYR I 41 43.07 -0.36 45.63
N ASP I 42 43.19 -0.87 44.41
CA ASP I 42 43.67 -0.06 43.30
C ASP I 42 42.73 -0.18 42.10
N MET J 1 11.94 -35.84 -29.04
CA MET J 1 11.19 -36.49 -30.10
C MET J 1 12.13 -37.09 -31.14
N ILE J 2 11.62 -37.26 -32.34
CA ILE J 2 12.24 -38.09 -33.36
C ILE J 2 13.53 -37.44 -33.82
N VAL J 3 14.48 -38.26 -34.25
CA VAL J 3 15.71 -37.73 -34.85
C VAL J 3 15.35 -36.76 -35.96
N PRO J 4 15.96 -35.58 -36.03
CA PRO J 4 15.63 -34.65 -37.10
C PRO J 4 16.01 -35.24 -38.44
N VAL J 5 15.47 -34.64 -39.49
CA VAL J 5 15.68 -35.19 -40.82
C VAL J 5 16.86 -34.56 -41.53
N ARG J 6 17.45 -33.51 -40.96
CA ARG J 6 18.74 -33.00 -41.39
C ARG J 6 19.40 -32.32 -40.21
N CYS J 7 20.71 -32.15 -40.27
CA CYS J 7 21.34 -31.47 -39.17
C CYS J 7 20.93 -30.00 -39.19
N PHE J 8 21.48 -29.23 -38.26
CA PHE J 8 21.07 -27.84 -38.19
C PHE J 8 22.05 -26.93 -38.92
N SER J 9 23.06 -27.53 -39.52
CA SER J 9 24.04 -26.73 -40.24
C SER J 9 24.28 -27.27 -41.65
N CYS J 10 24.88 -28.45 -41.75
CA CYS J 10 25.15 -29.06 -43.05
C CYS J 10 23.90 -29.13 -43.90
N GLY J 11 22.97 -29.99 -43.51
CA GLY J 11 21.83 -30.26 -44.36
C GLY J 11 21.90 -31.62 -44.98
N LYS J 12 22.92 -32.39 -44.62
CA LYS J 12 22.93 -33.81 -44.91
C LYS J 12 21.77 -34.45 -44.15
N VAL J 13 21.15 -35.46 -44.76
CA VAL J 13 19.99 -36.05 -44.10
C VAL J 13 20.47 -37.02 -43.04
N VAL J 14 20.15 -36.71 -41.79
CA VAL J 14 20.41 -37.63 -40.69
C VAL J 14 19.20 -38.49 -40.35
N GLY J 15 18.02 -38.15 -40.87
CA GLY J 15 16.82 -38.90 -40.53
C GLY J 15 16.96 -40.39 -40.69
N ASP J 16 17.53 -40.84 -41.79
CA ASP J 16 17.79 -42.24 -42.03
C ASP J 16 18.61 -42.91 -40.94
N LYS J 17 19.83 -42.47 -40.72
CA LYS J 17 20.87 -43.31 -40.16
C LYS J 17 20.66 -43.62 -38.68
N TRP J 18 19.78 -42.89 -37.99
CA TRP J 18 19.48 -43.16 -36.59
C TRP J 18 19.07 -44.60 -36.33
N GLU J 19 18.16 -45.13 -37.14
CA GLU J 19 17.85 -46.56 -37.06
C GLU J 19 19.11 -47.39 -37.26
N SER J 20 19.71 -47.32 -38.44
CA SER J 20 20.93 -48.05 -38.73
C SER J 20 22.02 -47.81 -37.70
N TYR J 21 22.10 -46.60 -37.14
CA TYR J 21 23.02 -46.37 -36.03
C TYR J 21 22.74 -47.31 -34.88
N LEU J 22 21.60 -47.14 -34.21
CA LEU J 22 21.32 -47.88 -33.00
C LEU J 22 21.39 -49.38 -33.24
N ASN J 23 20.74 -49.87 -34.31
CA ASN J 23 20.92 -51.25 -34.71
C ASN J 23 22.38 -51.64 -34.79
N LEU J 24 23.18 -50.84 -35.48
CA LEU J 24 24.59 -51.13 -35.62
C LEU J 24 25.32 -51.15 -34.27
N LEU J 25 24.81 -50.45 -33.28
CA LEU J 25 25.44 -50.49 -31.97
C LEU J 25 25.07 -51.73 -31.18
N GLN J 26 23.77 -52.05 -31.12
CA GLN J 26 23.33 -53.10 -30.21
C GLN J 26 23.80 -54.45 -30.72
N GLU J 27 23.23 -54.91 -31.82
CA GLU J 27 23.88 -55.96 -32.58
C GLU J 27 25.23 -55.43 -33.05
N ASP J 28 26.22 -56.31 -33.10
CA ASP J 28 27.57 -55.91 -33.46
C ASP J 28 28.04 -54.83 -32.49
N GLU J 29 28.29 -55.21 -31.23
CA GLU J 29 28.72 -54.24 -30.24
C GLU J 29 30.00 -53.58 -30.69
N LEU J 30 29.96 -52.25 -30.81
CA LEU J 30 31.10 -51.52 -31.36
C LEU J 30 31.05 -50.11 -30.80
N ASP J 31 32.23 -49.54 -30.62
CA ASP J 31 32.35 -48.26 -29.93
C ASP J 31 31.77 -47.13 -30.79
N GLU J 32 31.37 -46.06 -30.10
CA GLU J 32 30.66 -44.94 -30.71
C GLU J 32 31.44 -44.38 -31.90
N GLY J 33 32.57 -43.71 -31.61
CA GLY J 33 33.25 -42.94 -32.64
C GLY J 33 33.52 -43.74 -33.89
N THR J 34 34.07 -44.94 -33.74
CA THR J 34 34.21 -45.82 -34.87
C THR J 34 32.88 -46.16 -35.53
N ALA J 35 31.81 -46.34 -34.74
CA ALA J 35 30.52 -46.66 -35.34
C ALA J 35 30.08 -45.60 -36.33
N LEU J 36 29.81 -44.40 -35.86
CA LEU J 36 29.32 -43.31 -36.70
C LEU J 36 30.20 -43.08 -37.91
N SER J 37 31.52 -43.27 -37.78
CA SER J 37 32.42 -43.00 -38.90
C SER J 37 32.11 -43.90 -40.09
N ARG J 38 32.16 -45.22 -39.91
CA ARG J 38 31.80 -46.08 -41.02
C ARG J 38 30.31 -46.06 -41.29
N LEU J 39 29.53 -45.40 -40.43
CA LEU J 39 28.16 -45.12 -40.79
C LEU J 39 28.08 -43.96 -41.77
N GLY J 40 29.18 -43.24 -41.97
CA GLY J 40 29.23 -42.29 -43.06
C GLY J 40 29.07 -40.81 -42.75
N LEU J 41 29.27 -40.39 -41.51
CA LEU J 41 29.25 -38.97 -41.17
C LEU J 41 30.66 -38.55 -40.75
N LYS J 42 31.37 -37.85 -41.64
CA LYS J 42 32.65 -37.27 -41.26
C LYS J 42 32.52 -35.90 -40.62
N ARG J 43 31.67 -35.04 -41.15
CA ARG J 43 31.49 -33.71 -40.59
C ARG J 43 30.80 -33.84 -39.24
N TYR J 44 31.27 -33.05 -38.27
CA TYR J 44 30.84 -33.31 -36.91
C TYR J 44 29.48 -32.72 -36.59
N CYS J 45 29.08 -31.62 -37.22
CA CYS J 45 27.76 -31.11 -36.91
C CYS J 45 26.67 -32.01 -37.46
N CYS J 46 26.88 -32.59 -38.64
CA CYS J 46 26.06 -33.71 -39.03
C CYS J 46 26.04 -34.81 -37.98
N ARG J 47 27.16 -35.03 -37.30
CA ARG J 47 27.32 -36.17 -36.41
C ARG J 47 26.67 -36.00 -35.05
N ARG J 48 26.73 -34.79 -34.48
CA ARG J 48 26.25 -34.59 -33.13
C ARG J 48 24.85 -35.17 -32.96
N MET J 49 23.98 -34.98 -33.93
CA MET J 49 22.58 -35.29 -33.71
C MET J 49 22.35 -36.78 -33.59
N ILE J 50 23.00 -37.57 -34.44
CA ILE J 50 23.11 -38.98 -34.09
C ILE J 50 23.60 -39.11 -32.66
N LEU J 51 24.80 -38.63 -32.36
CA LEU J 51 25.33 -38.83 -31.01
C LEU J 51 24.43 -38.22 -29.95
N THR J 52 23.97 -37.00 -30.17
CA THR J 52 23.10 -36.31 -29.22
C THR J 52 21.69 -36.80 -29.47
N HIS J 53 20.67 -36.07 -29.03
CA HIS J 53 19.30 -36.45 -29.29
C HIS J 53 18.88 -37.75 -28.64
N VAL J 54 18.64 -37.70 -27.34
CA VAL J 54 17.81 -38.72 -26.71
C VAL J 54 16.51 -38.85 -27.48
N ASP J 55 16.05 -40.09 -27.63
CA ASP J 55 14.81 -40.38 -28.32
C ASP J 55 13.72 -40.47 -27.26
N LEU J 56 12.86 -39.45 -27.23
CA LEU J 56 11.76 -39.43 -26.30
C LEU J 56 10.55 -40.23 -26.79
N ILE J 57 10.35 -40.30 -28.10
CA ILE J 57 9.05 -40.74 -28.61
C ILE J 57 8.63 -42.07 -28.02
N GLU J 58 9.57 -42.99 -27.78
CA GLU J 58 9.24 -44.17 -26.99
C GLU J 58 8.64 -43.79 -25.66
N LYS J 59 9.39 -43.07 -24.83
CA LYS J 59 8.87 -42.69 -23.52
C LYS J 59 7.57 -41.89 -23.63
N PHE J 60 7.24 -41.40 -24.83
CA PHE J 60 5.93 -40.77 -24.99
C PHE J 60 4.87 -41.74 -25.49
N LEU J 61 5.26 -42.94 -25.89
CA LEU J 61 4.23 -43.84 -26.38
C LEU J 61 3.69 -44.78 -25.32
N ARG J 62 4.16 -44.69 -24.09
CA ARG J 62 3.54 -45.44 -23.01
C ARG J 62 2.11 -44.98 -22.79
N TYR J 63 1.82 -43.74 -23.12
CA TYR J 63 0.61 -43.03 -22.73
C TYR J 63 -0.48 -43.05 -23.80
N ASN J 64 -0.33 -43.90 -24.80
CA ASN J 64 -1.21 -43.85 -25.96
C ASN J 64 -2.67 -44.10 -25.55
N PRO J 65 -3.61 -43.98 -26.49
CA PRO J 65 -5.02 -44.21 -26.11
C PRO J 65 -5.32 -45.63 -25.66
N LEU J 66 -4.92 -46.65 -26.42
CA LEU J 66 -5.49 -47.97 -26.23
C LEU J 66 -4.90 -48.68 -25.03
N GLU J 67 -3.58 -48.57 -24.85
CA GLU J 67 -2.84 -49.30 -23.81
C GLU J 67 -2.99 -50.81 -23.98
N PRO K 42 10.91 -5.40 -71.65
CA PRO K 42 11.78 -5.25 -70.47
C PRO K 42 11.13 -4.46 -69.35
N ASP K 43 11.06 -5.05 -68.16
CA ASP K 43 10.55 -4.33 -67.00
C ASP K 43 11.52 -3.24 -66.58
N ARG K 44 10.96 -2.06 -66.29
CA ARG K 44 11.76 -0.87 -66.06
C ARG K 44 12.20 -0.75 -64.61
N GLU K 45 11.86 -1.72 -63.76
CA GLU K 45 12.42 -1.75 -62.41
C GLU K 45 13.37 -2.94 -62.29
N LYS K 46 14.66 -2.66 -62.50
CA LYS K 46 15.77 -3.45 -61.98
C LYS K 46 16.84 -2.49 -61.51
N ILE K 47 17.42 -1.78 -62.47
CA ILE K 47 18.38 -0.71 -62.22
C ILE K 47 17.61 0.60 -62.13
N LYS K 48 17.98 1.45 -61.18
CA LYS K 48 17.53 2.83 -61.14
C LYS K 48 18.73 3.70 -60.87
N LEU K 49 19.07 4.57 -61.82
CA LEU K 49 20.20 5.46 -61.63
C LEU K 49 19.83 6.48 -60.57
N LEU K 50 20.60 6.54 -59.50
CA LEU K 50 20.28 7.48 -58.44
C LEU K 50 20.56 8.90 -58.90
N THR K 51 19.52 9.74 -58.84
CA THR K 51 19.67 11.13 -59.27
C THR K 51 20.58 11.89 -58.33
N GLN K 52 20.62 11.49 -57.07
CA GLN K 52 21.23 12.23 -55.98
C GLN K 52 22.74 12.10 -55.95
N ALA K 53 23.29 10.93 -56.29
CA ALA K 53 24.73 10.76 -56.23
C ALA K 53 25.45 10.97 -57.55
N THR K 54 24.76 11.15 -58.67
CA THR K 54 25.45 11.38 -59.93
C THR K 54 26.03 12.78 -59.96
N SER K 55 27.03 12.97 -60.81
CA SER K 55 27.52 14.33 -60.99
C SER K 55 27.21 14.83 -62.39
N GLU K 56 28.09 14.54 -63.34
CA GLU K 56 27.91 14.85 -64.76
C GLU K 56 28.89 13.98 -65.52
N ASP K 57 28.67 13.84 -66.83
CA ASP K 57 29.68 13.33 -67.75
C ASP K 57 30.31 12.05 -67.21
N GLY K 58 29.52 11.00 -67.08
CA GLY K 58 30.03 9.75 -66.53
C GLY K 58 30.62 9.97 -65.17
N THR K 59 31.90 9.62 -65.02
CA THR K 59 32.61 9.80 -63.77
C THR K 59 31.83 9.04 -62.70
N SER K 60 31.29 9.75 -61.72
CA SER K 60 30.55 9.13 -60.63
C SER K 60 29.18 8.68 -61.09
N ALA K 61 28.59 7.76 -60.31
CA ALA K 61 27.19 7.36 -60.41
C ALA K 61 26.97 6.27 -59.38
N SER K 62 25.71 6.09 -58.99
CA SER K 62 25.33 5.09 -58.01
C SER K 62 24.09 4.38 -58.49
N PHE K 63 24.19 3.10 -58.77
CA PHE K 63 23.08 2.31 -59.28
C PHE K 63 22.55 1.46 -58.16
N GLN K 64 21.25 1.52 -57.92
CA GLN K 64 20.66 0.56 -57.01
C GLN K 64 20.00 -0.53 -57.84
N ILE K 65 20.32 -1.77 -57.50
CA ILE K 65 19.81 -2.93 -58.22
C ILE K 65 18.86 -3.64 -57.28
N VAL K 66 17.59 -3.56 -57.57
CA VAL K 66 16.57 -4.16 -56.72
C VAL K 66 16.65 -5.67 -56.88
N GLU K 67 16.27 -6.39 -55.83
CA GLU K 67 16.21 -7.86 -55.84
C GLU K 67 17.59 -8.44 -56.17
N GLU K 68 18.47 -8.34 -55.19
CA GLU K 68 19.79 -8.94 -55.36
C GLU K 68 20.47 -8.98 -54.01
N ASP K 69 21.69 -9.49 -53.98
CA ASP K 69 22.44 -9.68 -52.74
C ASP K 69 23.94 -9.74 -53.10
N HIS K 70 24.82 -10.08 -52.18
CA HIS K 70 26.25 -10.15 -52.43
C HIS K 70 26.58 -11.06 -53.60
N THR K 71 25.74 -12.05 -53.89
CA THR K 71 26.06 -13.04 -54.91
C THR K 71 26.50 -12.38 -56.21
N LEU K 72 25.84 -11.30 -56.59
CA LEU K 72 26.23 -10.58 -57.79
C LEU K 72 27.33 -9.57 -57.53
N GLY K 73 27.08 -8.59 -56.67
CA GLY K 73 28.01 -7.49 -56.52
C GLY K 73 29.44 -7.95 -56.30
N ASN K 74 29.65 -8.85 -55.34
CA ASN K 74 31.01 -9.28 -55.03
C ASN K 74 31.70 -9.90 -56.23
N ALA K 75 30.93 -10.30 -57.22
CA ALA K 75 31.50 -10.70 -58.50
C ALA K 75 31.63 -9.51 -59.43
N LEU K 76 30.51 -8.86 -59.74
CA LEU K 76 30.52 -7.78 -60.72
C LEU K 76 31.64 -6.79 -60.45
N ARG K 77 31.83 -6.37 -59.20
CA ARG K 77 32.93 -5.46 -58.91
C ARG K 77 34.27 -6.07 -59.26
N TYR K 78 34.46 -7.37 -59.08
CA TYR K 78 35.76 -7.92 -59.43
C TYR K 78 36.06 -7.77 -60.90
N VAL K 79 35.06 -7.85 -61.75
CA VAL K 79 35.31 -7.57 -63.16
C VAL K 79 35.52 -6.08 -63.36
N ILE K 80 34.70 -5.25 -62.72
CA ILE K 80 34.79 -3.81 -62.93
C ILE K 80 36.14 -3.26 -62.54
N MET K 81 36.66 -3.62 -61.37
CA MET K 81 37.82 -2.94 -60.85
C MET K 81 39.02 -3.08 -61.76
N LYS K 82 39.09 -4.16 -62.52
CA LYS K 82 40.24 -4.34 -63.38
C LYS K 82 40.04 -3.72 -64.76
N ASN K 83 38.95 -3.03 -64.99
CA ASN K 83 38.81 -2.25 -66.20
C ASN K 83 39.75 -1.06 -66.14
N PRO K 84 40.66 -0.88 -67.10
CA PRO K 84 41.75 0.10 -66.93
C PRO K 84 41.37 1.45 -66.41
N ASP K 85 40.25 2.01 -66.87
CA ASP K 85 39.84 3.32 -66.44
C ASP K 85 39.24 3.35 -65.05
N VAL K 86 38.43 2.34 -64.73
CA VAL K 86 37.56 2.42 -63.57
C VAL K 86 38.43 2.63 -62.35
N GLU K 87 38.02 3.54 -61.49
CA GLU K 87 38.71 3.89 -60.27
C GLU K 87 38.02 3.38 -59.01
N PHE K 88 36.84 3.89 -58.72
CA PHE K 88 36.15 3.58 -57.47
C PHE K 88 34.92 2.76 -57.83
N CYS K 89 34.93 1.47 -57.54
CA CYS K 89 33.72 0.68 -57.75
C CYS K 89 33.48 -0.20 -56.54
N GLY K 90 32.40 0.05 -55.81
CA GLY K 90 32.14 -0.72 -54.62
C GLY K 90 30.67 -0.79 -54.29
N TYR K 91 30.24 -1.83 -53.59
CA TYR K 91 28.82 -2.03 -53.38
C TYR K 91 28.54 -2.23 -51.91
N SER K 92 27.30 -1.97 -51.53
CA SER K 92 26.85 -2.26 -50.18
C SER K 92 25.36 -2.53 -50.19
N ILE K 93 24.88 -3.19 -49.15
CA ILE K 93 23.46 -3.43 -48.97
C ILE K 93 22.92 -2.44 -47.94
N PRO K 94 21.89 -1.66 -48.27
CA PRO K 94 21.46 -0.62 -47.33
C PRO K 94 20.96 -1.18 -46.03
N HIS K 95 20.30 -2.33 -46.04
CA HIS K 95 19.75 -2.91 -44.84
C HIS K 95 19.14 -4.25 -45.21
N PRO K 96 19.47 -5.33 -44.50
CA PRO K 96 19.11 -6.66 -45.00
C PRO K 96 17.61 -6.92 -44.99
N SER K 97 16.89 -6.43 -43.99
CA SER K 97 15.44 -6.64 -43.98
C SER K 97 14.77 -5.95 -45.15
N GLU K 98 15.51 -5.16 -45.90
CA GLU K 98 15.08 -4.57 -47.16
C GLU K 98 15.95 -5.20 -48.23
N ASN K 99 15.42 -5.35 -49.44
CA ASN K 99 16.27 -6.00 -50.43
C ASN K 99 16.65 -5.04 -51.55
N LEU K 100 17.88 -4.56 -51.52
CA LEU K 100 18.44 -3.65 -52.50
C LEU K 100 19.94 -3.85 -52.54
N LEU K 101 20.54 -3.50 -53.68
CA LEU K 101 21.97 -3.54 -53.82
C LEU K 101 22.43 -2.20 -54.35
N ASN K 102 23.14 -1.43 -53.54
CA ASN K 102 23.72 -0.19 -54.02
C ASN K 102 25.12 -0.49 -54.53
N ILE K 103 25.45 0.04 -55.69
CA ILE K 103 26.77 -0.13 -56.28
C ILE K 103 27.22 1.22 -56.81
N ARG K 104 28.49 1.51 -56.65
CA ARG K 104 29.05 2.83 -56.85
C ARG K 104 30.16 2.74 -57.87
N ILE K 105 30.07 3.56 -58.92
CA ILE K 105 31.13 3.63 -59.93
C ILE K 105 31.52 5.07 -60.13
N GLN K 106 32.74 5.40 -59.77
CA GLN K 106 33.31 6.72 -59.94
C GLN K 106 34.63 6.54 -60.66
N THR K 107 34.68 6.97 -61.92
CA THR K 107 35.81 6.66 -62.76
C THR K 107 36.55 7.94 -63.10
N TYR K 108 37.55 7.81 -63.95
CA TYR K 108 38.24 8.97 -64.50
C TYR K 108 37.36 9.68 -65.51
N GLY K 109 37.96 10.60 -66.25
CA GLY K 109 37.28 11.16 -67.39
C GLY K 109 37.31 10.13 -68.49
N GLU K 110 37.30 10.56 -69.75
CA GLU K 110 37.29 9.61 -70.85
C GLU K 110 35.96 8.86 -70.86
N THR K 111 35.93 7.54 -70.77
CA THR K 111 34.60 6.90 -70.90
C THR K 111 33.78 7.12 -69.65
N THR K 112 32.60 6.52 -69.60
CA THR K 112 31.51 6.92 -68.72
C THR K 112 31.10 5.95 -67.63
N ALA K 113 30.49 6.50 -66.58
CA ALA K 113 29.95 5.68 -65.50
C ALA K 113 29.14 4.51 -66.03
N VAL K 114 27.97 4.77 -66.60
CA VAL K 114 27.14 3.69 -67.12
C VAL K 114 27.90 2.82 -68.11
N ASP K 115 28.71 3.41 -68.99
CA ASP K 115 29.46 2.62 -69.95
C ASP K 115 30.40 1.64 -69.27
N ALA K 116 30.99 2.03 -68.14
CA ALA K 116 31.77 1.08 -67.37
C ALA K 116 30.93 -0.13 -67.02
N LEU K 117 29.90 0.04 -66.19
CA LEU K 117 29.11 -1.09 -65.74
C LEU K 117 28.54 -1.89 -66.90
N GLN K 118 28.07 -1.23 -67.97
CA GLN K 118 27.72 -1.96 -69.18
C GLN K 118 28.84 -2.90 -69.59
N LYS K 119 30.01 -2.34 -69.92
CA LYS K 119 31.14 -3.17 -70.34
C LYS K 119 31.42 -4.28 -69.35
N GLY K 120 31.89 -3.92 -68.15
CA GLY K 120 32.30 -4.93 -67.18
C GLY K 120 31.27 -6.01 -66.99
N LEU K 121 30.00 -5.64 -66.93
CA LEU K 121 28.97 -6.66 -66.87
C LEU K 121 29.04 -7.59 -68.08
N LYS K 122 29.16 -7.01 -69.29
CA LYS K 122 29.27 -7.83 -70.48
C LYS K 122 30.51 -8.71 -70.43
N ASP K 123 31.50 -8.31 -69.64
CA ASP K 123 32.66 -9.17 -69.44
C ASP K 123 32.33 -10.32 -68.52
N LEU K 124 31.70 -10.04 -67.38
CA LEU K 124 31.34 -11.10 -66.45
C LEU K 124 30.49 -12.16 -67.12
N MET K 125 29.71 -11.78 -68.13
CA MET K 125 29.17 -12.79 -69.04
C MET K 125 30.26 -13.74 -69.51
N ASP K 126 31.26 -13.21 -70.22
CA ASP K 126 32.19 -14.07 -70.94
C ASP K 126 32.91 -15.03 -70.02
N LEU K 127 33.26 -14.61 -68.79
CA LEU K 127 33.81 -15.57 -67.84
C LEU K 127 32.97 -16.81 -67.76
N CYS K 128 31.76 -16.69 -67.20
CA CYS K 128 30.88 -17.84 -67.06
C CYS K 128 30.76 -18.62 -68.36
N ASP K 129 30.70 -17.93 -69.50
CA ASP K 129 30.73 -18.66 -70.76
C ASP K 129 31.95 -19.57 -70.84
N VAL K 130 33.12 -19.08 -70.41
CA VAL K 130 34.33 -19.88 -70.45
C VAL K 130 34.29 -21.00 -69.42
N VAL K 131 33.89 -20.69 -68.18
CA VAL K 131 33.81 -21.73 -67.16
C VAL K 131 32.97 -22.90 -67.64
N GLU K 132 31.82 -22.61 -68.24
CA GLU K 132 31.07 -23.70 -68.86
C GLU K 132 31.88 -24.37 -69.95
N SER K 133 32.50 -23.59 -70.84
CA SER K 133 33.23 -24.20 -71.95
C SER K 133 34.27 -25.19 -71.45
N LYS K 134 35.32 -24.71 -70.78
CA LYS K 134 36.37 -25.58 -70.28
C LYS K 134 35.84 -26.66 -69.34
N PHE K 135 34.81 -26.36 -68.54
CA PHE K 135 34.34 -27.31 -67.55
C PHE K 135 33.59 -28.47 -68.18
N THR K 136 32.43 -28.20 -68.77
CA THR K 136 31.63 -29.26 -69.37
C THR K 136 32.40 -30.05 -70.42
N GLU K 137 33.47 -29.48 -70.96
CA GLU K 137 34.35 -30.22 -71.84
C GLU K 137 35.13 -31.28 -71.08
N LYS K 138 35.83 -30.89 -70.01
CA LYS K 138 36.56 -31.88 -69.22
C LYS K 138 35.64 -32.93 -68.62
N ILE K 139 34.45 -32.53 -68.17
CA ILE K 139 33.59 -33.54 -67.55
C ILE K 139 33.07 -34.54 -68.58
N LYS K 140 32.91 -34.13 -69.84
CA LYS K 140 32.50 -35.08 -70.86
C LYS K 140 33.59 -36.11 -71.11
N SER K 141 34.81 -35.65 -71.34
CA SER K 141 35.94 -36.56 -71.42
C SER K 141 36.21 -37.28 -70.11
N MET K 142 35.99 -36.60 -68.98
CA MET K 142 36.17 -37.19 -67.66
C MET K 142 37.56 -37.82 -67.48
N ALA L 25 -13.87 -44.63 -34.57
CA ALA L 25 -14.80 -44.53 -35.69
C ALA L 25 -15.06 -43.07 -36.05
N THR L 26 -16.17 -42.84 -36.74
CA THR L 26 -16.56 -41.51 -37.17
C THR L 26 -17.37 -40.77 -36.10
N LEU L 27 -17.85 -41.48 -35.09
CA LEU L 27 -18.72 -40.86 -34.10
C LEU L 27 -17.93 -39.94 -33.16
N LYS L 28 -18.58 -39.42 -32.12
CA LYS L 28 -18.14 -38.17 -31.53
C LYS L 28 -16.83 -38.27 -30.75
N TYR L 29 -16.81 -38.93 -29.59
CA TYR L 29 -15.61 -38.89 -28.78
C TYR L 29 -15.40 -40.11 -27.88
N ILE L 30 -14.37 -40.00 -27.05
CA ILE L 30 -13.65 -41.13 -26.50
C ILE L 30 -13.58 -41.02 -24.98
N CYS L 31 -13.41 -42.17 -24.33
CA CYS L 31 -13.06 -42.20 -22.92
C CYS L 31 -11.62 -41.75 -22.72
N ALA L 32 -11.16 -41.88 -21.48
CA ALA L 32 -9.75 -41.79 -21.16
C ALA L 32 -9.16 -43.19 -21.10
N GLU L 33 -9.56 -43.99 -20.13
CA GLU L 33 -8.98 -45.32 -19.98
C GLU L 33 -9.63 -46.33 -20.94
N CYS L 34 -10.95 -46.26 -21.09
CA CYS L 34 -11.61 -47.17 -22.02
C CYS L 34 -11.10 -46.99 -23.44
N SER L 35 -10.80 -45.76 -23.84
CA SER L 35 -10.34 -45.46 -25.18
C SER L 35 -11.33 -45.99 -26.22
N SER L 36 -12.60 -45.93 -25.85
CA SER L 36 -13.68 -46.52 -26.63
C SER L 36 -14.49 -45.45 -27.33
N LYS L 37 -14.89 -45.74 -28.57
CA LYS L 37 -15.77 -44.84 -29.29
C LYS L 37 -17.06 -44.63 -28.49
N LEU L 38 -17.39 -43.38 -28.22
CA LEU L 38 -18.60 -43.08 -27.46
C LEU L 38 -19.34 -41.92 -28.09
N SER L 39 -20.59 -42.17 -28.47
CA SER L 39 -21.50 -41.13 -28.90
C SER L 39 -22.42 -40.79 -27.74
N LEU L 40 -22.67 -39.51 -27.53
CA LEU L 40 -23.47 -39.07 -26.39
C LEU L 40 -24.74 -38.39 -26.88
N SER L 41 -25.83 -38.62 -26.16
CA SER L 41 -27.08 -37.93 -26.40
C SER L 41 -27.01 -36.55 -25.76
N ARG L 42 -27.76 -35.59 -26.30
CA ARG L 42 -27.83 -34.25 -25.76
C ARG L 42 -28.28 -34.33 -24.30
N THR L 43 -27.48 -33.74 -23.41
CA THR L 43 -27.73 -33.80 -21.97
C THR L 43 -28.10 -35.21 -21.54
N ASP L 44 -27.19 -36.15 -21.70
CA ASP L 44 -27.48 -37.53 -21.32
C ASP L 44 -26.76 -37.85 -20.01
N ALA L 45 -25.45 -38.05 -20.08
CA ALA L 45 -24.64 -38.21 -18.88
C ALA L 45 -23.19 -37.91 -19.25
N VAL L 46 -22.40 -37.57 -18.23
CA VAL L 46 -21.00 -37.31 -18.50
C VAL L 46 -20.19 -38.60 -18.40
N ARG L 47 -20.77 -39.65 -17.84
CA ARG L 47 -20.10 -40.93 -17.78
C ARG L 47 -19.87 -41.48 -19.17
N CYS L 48 -19.01 -42.48 -19.24
CA CYS L 48 -18.74 -43.22 -20.46
C CYS L 48 -19.63 -44.46 -20.32
N LYS L 49 -20.34 -44.85 -21.36
CA LYS L 49 -21.25 -45.97 -21.29
C LYS L 49 -20.58 -47.24 -20.81
N ASP L 50 -19.35 -47.51 -21.26
CA ASP L 50 -18.68 -48.75 -20.89
C ASP L 50 -18.09 -48.68 -19.49
N CYS L 51 -17.01 -47.91 -19.32
CA CYS L 51 -16.35 -47.82 -18.02
C CYS L 51 -17.01 -46.81 -17.08
N GLY L 52 -16.80 -46.96 -15.78
CA GLY L 52 -17.41 -46.03 -14.84
C GLY L 52 -16.54 -44.79 -14.78
N HIS L 53 -15.37 -44.89 -15.41
CA HIS L 53 -14.43 -43.79 -15.44
C HIS L 53 -15.02 -42.60 -16.17
N ARG L 54 -14.83 -41.42 -15.61
CA ARG L 54 -15.64 -40.26 -15.98
C ARG L 54 -15.08 -39.48 -17.16
N ILE L 55 -13.90 -38.88 -17.02
CA ILE L 55 -13.45 -37.85 -17.96
C ILE L 55 -13.44 -38.42 -19.37
N LEU L 56 -13.72 -37.54 -20.33
CA LEU L 56 -13.72 -37.94 -21.72
C LEU L 56 -13.19 -36.80 -22.57
N LEU L 57 -12.35 -37.17 -23.53
CA LEU L 57 -11.79 -36.24 -24.50
C LEU L 57 -12.78 -36.02 -25.62
N LYS L 58 -12.36 -35.34 -26.67
CA LYS L 58 -13.16 -35.30 -27.88
C LYS L 58 -12.32 -35.83 -29.01
N ALA L 59 -12.81 -36.85 -29.70
CA ALA L 59 -12.06 -37.41 -30.81
C ALA L 59 -11.87 -36.49 -31.99
N ARG L 60 -10.83 -36.78 -32.76
CA ARG L 60 -10.46 -35.98 -33.92
C ARG L 60 -11.59 -35.71 -34.90
N THR L 61 -11.60 -34.49 -35.45
CA THR L 61 -12.60 -34.09 -36.42
C THR L 61 -12.20 -34.69 -37.76
N LYS L 62 -13.19 -35.17 -38.51
CA LYS L 62 -12.92 -35.78 -39.81
C LYS L 62 -12.65 -34.75 -40.88
N ARG L 63 -12.76 -33.47 -40.53
CA ARG L 63 -12.73 -32.39 -41.50
C ARG L 63 -11.30 -32.10 -41.91
N LEU L 64 -11.12 -31.66 -43.14
CA LEU L 64 -9.78 -31.37 -43.65
C LEU L 64 -9.17 -30.18 -42.91
N VAL L 65 -7.85 -30.13 -42.89
CA VAL L 65 -7.11 -29.01 -42.31
C VAL L 65 -5.78 -28.86 -43.04
N GLN L 66 -5.30 -27.63 -43.14
CA GLN L 66 -4.18 -27.28 -44.00
C GLN L 66 -3.03 -26.69 -43.19
N PHE L 67 -1.85 -27.26 -43.35
CA PHE L 67 -0.63 -26.63 -42.88
C PHE L 67 0.28 -26.34 -44.06
N GLU L 68 1.19 -25.38 -43.87
CA GLU L 68 2.26 -25.18 -44.81
C GLU L 68 3.58 -25.48 -44.14
N ALA L 69 4.25 -26.52 -44.61
CA ALA L 69 5.51 -26.90 -43.99
C ALA L 69 6.61 -26.00 -44.51
N ARG L 70 7.21 -25.23 -43.60
CA ARG L 70 8.27 -24.26 -43.89
C ARG L 70 8.50 -23.38 -42.68
N ILE M 71 48.55 -54.66 39.44
CA ILE M 71 47.84 -55.83 38.96
C ILE M 71 47.33 -56.62 40.18
N GLU M 72 47.49 -56.02 41.35
CA GLU M 72 46.96 -56.55 42.60
C GLU M 72 45.46 -56.26 42.67
N GLU M 73 44.85 -56.45 43.84
CA GLU M 73 43.41 -56.21 43.99
C GLU M 73 43.14 -55.49 45.30
N PHE M 74 42.31 -54.44 45.24
CA PHE M 74 41.84 -53.73 46.41
C PHE M 74 40.33 -53.91 46.52
N PRO M 75 39.83 -54.64 47.52
CA PRO M 75 38.45 -55.10 47.47
C PRO M 75 37.45 -53.98 47.75
N LEU M 76 36.23 -54.19 47.25
CA LEU M 76 35.09 -53.36 47.59
C LEU M 76 33.85 -54.22 47.49
N LYS M 77 32.85 -53.94 48.31
CA LYS M 77 31.56 -54.61 48.22
C LYS M 77 30.45 -53.63 48.55
N ILE M 78 29.23 -54.02 48.19
CA ILE M 78 28.08 -53.13 48.30
C ILE M 78 27.64 -53.00 49.75
N SER M 79 26.61 -52.21 49.98
CA SER M 79 25.93 -52.17 51.27
C SER M 79 24.47 -52.53 51.08
N GLY M 80 23.71 -52.58 52.16
CA GLY M 80 22.29 -52.82 52.05
C GLY M 80 21.50 -51.53 52.09
N GLU M 81 20.26 -51.60 52.56
CA GLU M 81 19.47 -50.39 52.70
C GLU M 81 19.96 -49.63 53.93
N GLU M 82 19.81 -50.25 55.10
CA GLU M 82 20.31 -49.68 56.36
C GLU M 82 19.77 -48.26 56.55
N GLU M 83 18.45 -48.19 56.73
CA GLU M 83 17.72 -46.95 57.02
C GLU M 83 18.16 -45.79 56.11
N SER M 84 18.58 -46.07 54.88
CA SER M 84 18.98 -45.00 53.97
C SER M 84 20.34 -44.37 54.29
N LEU M 85 20.49 -43.06 54.03
CA LEU M 85 21.74 -42.35 54.26
C LEU M 85 21.80 -40.79 54.30
N HIS M 86 21.56 -40.17 53.14
CA HIS M 86 21.56 -38.69 52.92
C HIS M 86 22.91 -37.96 53.05
N VAL M 87 22.94 -36.65 52.80
CA VAL M 87 24.20 -35.90 52.89
C VAL M 87 24.06 -34.43 52.51
N PHE M 88 24.46 -33.56 53.43
CA PHE M 88 24.44 -32.12 53.26
C PHE M 88 25.72 -31.66 52.58
N GLN M 89 25.56 -30.66 51.72
CA GLN M 89 26.65 -29.72 51.47
C GLN M 89 26.03 -28.33 51.47
N TYR M 90 26.76 -27.38 52.02
CA TYR M 90 26.20 -26.06 52.30
C TYR M 90 27.18 -24.98 51.90
N ALA M 91 26.64 -23.79 51.64
CA ALA M 91 27.37 -22.68 51.06
C ALA M 91 28.23 -21.95 52.08
N ASN M 92 27.90 -22.10 53.36
CA ASN M 92 28.50 -21.29 54.42
C ASN M 92 30.01 -21.39 54.52
N ARG M 93 30.54 -22.54 54.91
CA ARG M 93 31.88 -22.62 55.51
C ARG M 93 32.79 -23.53 54.71
N PRO M 94 33.57 -22.96 53.80
CA PRO M 94 34.57 -23.76 53.07
C PRO M 94 35.67 -24.29 53.95
N ARG M 95 36.68 -24.91 53.32
CA ARG M 95 37.86 -25.36 54.05
C ARG M 95 38.63 -24.18 54.59
N LEU M 96 39.15 -24.32 55.81
CA LEU M 96 40.04 -23.30 56.36
C LEU M 96 41.34 -23.26 55.57
N VAL M 97 41.89 -22.06 55.42
CA VAL M 97 43.20 -21.91 54.77
C VAL M 97 44.31 -22.49 55.62
N GLY M 98 44.09 -22.62 56.92
CA GLY M 98 45.14 -23.05 57.85
C GLY M 98 45.49 -24.52 57.79
N ARG M 99 46.28 -24.95 58.78
CA ARG M 99 46.82 -26.31 58.87
C ARG M 99 45.77 -27.40 58.77
N LYS M 100 44.60 -27.22 59.40
CA LYS M 100 43.52 -28.22 59.41
C LYS M 100 42.29 -27.53 58.84
N PRO M 101 42.05 -27.66 57.54
CA PRO M 101 41.00 -26.85 56.90
C PRO M 101 39.62 -27.06 57.49
N ALA M 102 39.41 -28.11 58.27
CA ALA M 102 38.07 -28.41 58.76
C ALA M 102 37.90 -27.59 60.04
N GLU M 103 36.63 -27.28 60.33
CA GLU M 103 36.13 -26.64 61.52
C GLU M 103 34.56 -26.88 61.52
N HIS M 104 34.29 -28.12 61.92
CA HIS M 104 32.95 -28.71 61.85
C HIS M 104 31.89 -27.89 62.58
N PRO M 105 30.67 -27.93 62.04
CA PRO M 105 29.40 -27.32 62.49
C PRO M 105 28.92 -27.88 63.81
N PHE M 106 27.74 -27.47 64.27
CA PHE M 106 27.38 -27.76 65.64
C PHE M 106 25.86 -27.82 65.83
N ILE M 107 25.45 -28.58 66.85
CA ILE M 107 24.17 -28.61 67.57
C ILE M 107 23.05 -29.27 66.78
N SER M 108 23.20 -29.38 65.46
CA SER M 108 22.10 -29.94 64.68
C SER M 108 20.79 -29.21 64.99
N ALA M 109 19.87 -29.90 65.65
CA ALA M 109 18.52 -29.41 65.94
C ALA M 109 17.77 -29.17 64.65
N ALA M 110 17.43 -30.26 63.96
CA ALA M 110 16.93 -30.21 62.59
C ALA M 110 15.53 -30.78 62.50
N ARG M 111 15.02 -30.81 61.27
CA ARG M 111 13.68 -31.33 61.00
C ARG M 111 13.66 -32.07 59.66
N TYR M 112 12.48 -32.58 59.35
CA TYR M 112 12.18 -33.30 58.12
C TYR M 112 10.68 -33.21 57.89
N LYS M 113 10.27 -33.37 56.64
CA LYS M 113 8.87 -33.62 56.35
C LYS M 113 8.80 -34.50 55.12
N PRO M 114 7.77 -35.31 54.96
CA PRO M 114 7.74 -36.24 53.83
C PRO M 114 7.58 -35.54 52.50
N LYS M 115 7.66 -36.30 51.41
CA LYS M 115 7.77 -35.74 50.07
C LYS M 115 8.91 -34.73 50.07
N SER M 116 8.61 -33.46 49.82
CA SER M 116 9.53 -32.37 50.01
C SER M 116 10.07 -32.44 51.43
N HIS M 117 11.39 -32.38 51.58
CA HIS M 117 11.96 -32.59 52.91
C HIS M 117 12.13 -31.26 53.62
N LEU M 118 12.92 -30.35 53.06
CA LEU M 118 13.07 -28.99 53.58
C LEU M 118 13.50 -28.99 55.04
N TRP M 119 14.76 -29.36 55.28
CA TRP M 119 15.21 -29.52 56.66
C TRP M 119 15.67 -28.20 57.27
N GLU M 120 14.98 -27.78 58.32
CA GLU M 120 15.46 -26.72 59.19
C GLU M 120 16.82 -27.14 59.75
N ILE M 121 17.83 -26.30 59.58
CA ILE M 121 19.16 -26.58 60.10
C ILE M 121 19.62 -25.41 60.94
N ASP M 122 20.23 -25.72 62.08
CA ASP M 122 20.36 -24.78 63.19
C ASP M 122 21.79 -24.82 63.74
N ILE M 123 22.40 -23.63 63.86
CA ILE M 123 23.64 -23.47 64.62
C ILE M 123 23.55 -22.18 65.44
N PRO M 124 23.97 -22.19 66.70
CA PRO M 124 23.89 -20.97 67.51
C PRO M 124 24.94 -19.95 67.09
N LEU M 125 24.75 -18.72 67.58
CA LEU M 125 25.63 -17.61 67.27
C LEU M 125 26.40 -17.20 68.51
N ASP M 126 27.60 -16.69 68.30
CA ASP M 126 28.47 -16.24 69.38
C ASP M 126 28.14 -14.80 69.72
N GLU M 127 28.17 -14.47 71.02
CA GLU M 127 27.96 -13.09 71.44
C GLU M 127 29.23 -12.26 71.25
N GLN M 128 30.39 -12.90 71.25
CA GLN M 128 31.68 -12.24 71.09
C GLN M 128 32.07 -12.04 69.63
N ALA M 129 31.17 -12.35 68.71
CA ALA M 129 31.44 -12.45 67.27
C ALA M 129 31.29 -11.12 66.57
N PHE M 130 31.18 -10.02 67.31
CA PHE M 130 30.60 -8.77 66.84
C PHE M 130 29.15 -9.06 66.51
N TYR M 131 28.40 -9.46 67.52
CA TYR M 131 27.06 -9.99 67.40
C TYR M 131 25.97 -8.94 67.27
N ASN M 132 26.06 -7.85 68.03
CA ASN M 132 25.00 -6.82 68.10
C ASN M 132 23.68 -7.34 68.62
N LYS M 133 23.57 -7.58 69.93
CA LYS M 133 22.28 -7.87 70.54
C LYS M 133 21.23 -6.84 70.19
N ASP M 134 21.63 -5.60 69.90
CA ASP M 134 20.67 -4.58 69.48
C ASP M 134 19.83 -5.03 68.29
N LYS M 135 20.46 -5.56 67.24
CA LYS M 135 19.69 -6.14 66.14
C LYS M 135 18.76 -7.24 66.65
N ALA M 136 19.25 -8.10 67.52
CA ALA M 136 18.40 -9.13 68.12
C ALA M 136 17.33 -8.49 69.00
N GLU M 137 17.65 -7.37 69.63
CA GLU M 137 16.67 -6.63 70.41
C GLU M 137 15.96 -5.55 69.61
N SER M 138 16.25 -5.44 68.31
CA SER M 138 15.56 -4.46 67.49
C SER M 138 14.14 -4.91 67.18
N GLU M 139 13.99 -5.94 66.36
CA GLU M 139 12.69 -6.51 66.06
C GLU M 139 12.73 -8.02 66.24
N TRP M 140 13.42 -8.69 65.33
CA TRP M 140 13.62 -10.13 65.37
C TRP M 140 14.67 -10.48 66.41
N ASN M 141 14.43 -11.58 67.13
CA ASN M 141 15.36 -12.01 68.16
C ASN M 141 16.35 -12.98 67.53
N GLY M 142 17.59 -12.54 67.40
CA GLY M 142 18.62 -13.31 66.75
C GLY M 142 19.49 -14.12 67.67
N VAL M 143 19.39 -13.90 68.98
CA VAL M 143 20.12 -14.71 69.96
C VAL M 143 19.79 -16.18 69.77
N ASN M 144 18.70 -16.47 69.07
CA ASN M 144 18.34 -17.82 68.73
C ASN M 144 19.31 -18.37 67.70
N VAL M 145 19.03 -19.60 67.28
CA VAL M 145 19.93 -20.37 66.44
C VAL M 145 19.93 -19.82 65.01
N GLN M 146 20.96 -20.17 64.24
CA GLN M 146 20.97 -19.73 62.86
C GLN M 146 20.08 -20.64 62.00
N THR M 147 19.35 -20.03 61.08
CA THR M 147 18.32 -20.71 60.31
C THR M 147 18.85 -21.10 58.94
N LEU M 148 18.93 -22.41 58.70
CA LEU M 148 19.35 -22.95 57.42
C LEU M 148 18.33 -24.00 56.97
N LYS M 149 17.98 -23.96 55.70
CA LYS M 149 17.11 -24.98 55.13
C LYS M 149 17.27 -24.97 53.62
N GLY M 150 16.83 -26.03 52.97
CA GLY M 150 16.81 -26.09 51.53
C GLY M 150 16.08 -27.34 51.07
N VAL M 151 15.65 -27.32 49.81
CA VAL M 151 15.06 -28.47 49.17
C VAL M 151 16.20 -29.45 48.90
N GLY M 152 15.88 -30.62 48.37
CA GLY M 152 16.87 -31.62 48.06
C GLY M 152 16.33 -32.59 47.02
N VAL M 153 17.25 -33.43 46.53
CA VAL M 153 16.90 -34.34 45.45
C VAL M 153 17.77 -35.59 45.59
N GLU M 154 17.21 -36.71 45.13
CA GLU M 154 17.98 -37.93 44.97
C GLU M 154 18.17 -38.21 43.48
N ASN M 155 19.33 -38.77 43.16
CA ASN M 155 19.56 -39.29 41.83
C ASN M 155 20.61 -40.40 41.92
N ASN M 156 20.44 -41.41 41.07
CA ASN M 156 21.04 -42.71 41.31
C ASN M 156 22.53 -42.72 41.08
N GLY M 157 23.21 -43.73 41.63
CA GLY M 157 24.62 -43.93 41.40
C GLY M 157 25.49 -43.20 42.40
N GLN M 158 24.90 -42.23 43.09
CA GLN M 158 25.67 -41.44 44.03
C GLN M 158 25.80 -42.22 45.33
N TYR M 159 27.04 -42.51 45.71
CA TYR M 159 27.32 -43.44 46.79
C TYR M 159 28.39 -42.88 47.71
N ALA M 160 28.14 -42.97 49.01
CA ALA M 160 29.21 -42.73 49.96
C ALA M 160 30.11 -43.96 50.02
N ALA M 161 31.21 -43.83 50.77
CA ALA M 161 32.09 -44.96 51.03
C ALA M 161 32.94 -44.64 52.23
N PHE M 162 33.52 -45.68 52.82
CA PHE M 162 34.53 -45.50 53.84
C PHE M 162 35.54 -46.62 53.74
N VAL M 163 36.77 -46.34 54.14
CA VAL M 163 37.86 -47.30 54.02
C VAL M 163 38.07 -47.95 55.40
N LYS M 164 37.69 -49.22 55.51
CA LYS M 164 37.92 -50.01 56.71
C LYS M 164 39.12 -50.89 56.43
N ASP M 165 40.25 -50.57 57.08
CA ASP M 165 41.49 -51.29 56.87
C ASP M 165 41.78 -51.43 55.38
N MET M 166 42.18 -52.63 54.95
CA MET M 166 42.47 -52.88 53.54
C MET M 166 41.25 -52.85 52.65
N GLN M 167 40.05 -53.02 53.19
CA GLN M 167 38.88 -53.00 52.34
C GLN M 167 38.16 -51.66 52.41
N VAL M 168 37.13 -51.53 51.56
CA VAL M 168 36.38 -50.30 51.40
C VAL M 168 34.92 -50.67 51.21
N TYR M 169 34.04 -49.92 51.86
CA TYR M 169 32.62 -50.22 51.84
C TYR M 169 31.85 -49.03 51.28
N LEU M 170 31.21 -49.25 50.13
CA LEU M 170 30.31 -48.30 49.49
C LEU M 170 28.93 -48.38 50.12
N VAL M 171 28.23 -47.26 50.14
CA VAL M 171 26.88 -47.18 50.68
C VAL M 171 26.02 -46.33 49.75
N PRO M 172 24.75 -46.68 49.52
CA PRO M 172 23.87 -45.78 48.78
C PRO M 172 23.53 -44.54 49.58
N ILE M 173 23.04 -43.52 48.87
CA ILE M 173 22.85 -42.19 49.45
C ILE M 173 21.37 -41.80 49.49
N GLU M 174 20.72 -41.82 48.32
CA GLU M 174 19.41 -41.24 48.07
C GLU M 174 19.44 -39.72 48.14
N ARG M 175 18.46 -39.14 48.84
CA ARG M 175 18.15 -37.73 48.72
C ARG M 175 19.32 -36.88 49.20
N VAL M 176 19.77 -35.98 48.34
CA VAL M 176 20.86 -35.06 48.64
C VAL M 176 20.29 -33.66 48.61
N ALA M 177 20.58 -32.88 49.65
CA ALA M 177 20.05 -31.54 49.77
C ALA M 177 21.19 -30.53 49.82
N GLN M 178 20.99 -29.40 49.16
CA GLN M 178 21.82 -28.25 49.44
C GLN M 178 21.36 -27.69 50.79
N LEU M 179 22.05 -26.70 51.33
CA LEU M 179 21.61 -26.10 52.58
C LEU M 179 21.80 -24.60 52.47
N LYS M 180 20.71 -23.85 52.55
CA LYS M 180 20.76 -22.40 52.35
C LYS M 180 20.33 -21.65 53.60
N PRO M 181 21.19 -20.80 54.16
CA PRO M 181 20.79 -19.95 55.28
C PRO M 181 19.74 -18.95 54.84
N PHE M 182 18.79 -18.67 55.72
CA PHE M 182 17.75 -17.68 55.48
C PHE M 182 17.15 -17.27 56.82
N PHE M 183 16.09 -16.49 56.79
CA PHE M 183 15.60 -16.02 58.08
C PHE M 183 14.12 -16.10 58.38
N LYS M 184 13.81 -16.70 59.52
CA LYS M 184 12.45 -16.77 59.99
C LYS M 184 12.27 -15.38 60.54
N TYR M 185 13.39 -14.64 60.58
CA TYR M 185 13.36 -13.26 61.06
C TYR M 185 12.50 -12.36 60.19
N ILE M 186 12.51 -12.57 58.88
CA ILE M 186 11.65 -11.78 58.01
C ILE M 186 10.22 -12.29 58.09
N ASP M 187 10.05 -13.52 58.59
CA ASP M 187 8.72 -13.92 59.03
C ASP M 187 8.25 -13.02 60.17
N ASP M 188 9.15 -12.68 61.08
CA ASP M 188 8.83 -11.66 62.07
C ASP M 188 8.57 -10.31 61.41
N ALA M 189 9.31 -9.98 60.36
CA ALA M 189 9.00 -8.78 59.58
C ALA M 189 7.59 -8.84 59.02
N ASN M 190 7.07 -10.05 58.75
CA ASN M 190 5.69 -10.21 58.36
C ASN M 190 4.73 -10.05 59.53
N VAL M 191 5.11 -10.54 60.71
CA VAL M 191 4.21 -10.50 61.87
C VAL M 191 3.67 -9.09 62.09
N THR M 192 4.53 -8.08 61.94
CA THR M 192 4.08 -6.69 62.01
C THR M 192 3.50 -6.19 60.69
N ARG M 193 3.80 -6.86 59.58
CA ARG M 193 3.37 -6.41 58.26
C ARG M 193 1.94 -6.76 57.93
N LYS M 194 1.45 -7.90 58.41
CA LYS M 194 0.13 -8.40 58.00
C LYS M 194 -0.99 -7.65 58.72
N GLN M 195 -0.85 -7.46 60.03
CA GLN M 195 -1.99 -6.99 60.82
C GLN M 195 -2.27 -5.51 60.60
N GLU M 196 -1.41 -4.64 61.14
CA GLU M 196 -1.63 -3.20 61.06
C GLU M 196 -0.30 -2.47 61.01
N ASN M 225 -10.16 -26.43 42.25
CA ASN M 225 -9.55 -26.40 40.93
C ASN M 225 -8.13 -25.88 40.99
N ARG M 226 -7.52 -25.76 39.81
CA ARG M 226 -6.20 -25.13 39.63
C ARG M 226 -5.23 -25.80 40.60
N LEU M 227 -4.33 -25.05 41.25
CA LEU M 227 -3.30 -25.59 42.14
C LEU M 227 -2.68 -26.85 41.53
N THR M 228 -2.06 -26.64 40.37
CA THR M 228 -1.40 -27.72 39.66
C THR M 228 0.00 -27.26 39.29
N GLY M 229 1.01 -27.83 39.94
CA GLY M 229 2.38 -27.43 39.67
C GLY M 229 3.25 -27.52 40.91
N SER M 230 4.37 -26.79 40.89
CA SER M 230 5.18 -26.64 42.09
C SER M 230 4.36 -26.01 43.21
N LEU M 231 3.43 -25.12 42.87
CA LEU M 231 2.57 -24.56 43.89
C LEU M 231 1.69 -25.62 44.53
N LEU M 232 1.14 -26.53 43.72
CA LEU M 232 0.52 -27.73 44.27
C LEU M 232 1.45 -28.41 45.26
N ALA M 233 2.75 -28.39 44.97
CA ALA M 233 3.75 -28.91 45.90
C ALA M 233 4.10 -27.94 47.01
N HIS M 234 4.08 -26.63 46.76
CA HIS M 234 4.39 -25.69 47.83
C HIS M 234 3.34 -25.73 48.93
N LYS M 235 2.07 -25.53 48.59
CA LYS M 235 1.03 -25.52 49.60
C LYS M 235 1.00 -26.82 50.37
N VAL M 236 1.12 -27.96 49.69
CA VAL M 236 1.19 -29.24 50.40
C VAL M 236 2.41 -29.28 51.31
N ALA M 237 3.55 -28.79 50.82
CA ALA M 237 4.74 -28.73 51.64
C ALA M 237 4.51 -27.92 52.91
N ASP M 238 3.70 -26.88 52.82
CA ASP M 238 3.36 -26.08 54.01
C ASP M 238 2.41 -26.81 54.94
N GLU M 239 1.32 -27.37 54.39
CA GLU M 239 0.35 -28.15 55.14
C GLU M 239 0.99 -29.23 56.00
N GLU M 240 1.68 -30.20 55.39
CA GLU M 240 2.17 -31.37 56.08
C GLU M 240 3.49 -31.12 56.81
N ALA M 241 3.97 -29.87 56.82
CA ALA M 241 5.27 -29.58 57.41
C ALA M 241 5.15 -29.69 58.92
N ASN M 242 5.89 -30.60 59.53
CA ASN M 242 5.86 -30.72 61.00
C ASN M 242 6.48 -31.96 61.67
N ILE M 243 7.65 -31.77 62.31
CA ILE M 243 8.37 -32.84 63.01
C ILE M 243 9.54 -32.36 63.88
N GLU M 244 9.76 -33.02 65.02
CA GLU M 244 10.88 -32.72 65.90
C GLU M 244 11.83 -33.90 65.82
N LEU M 245 13.00 -33.68 65.24
CA LEU M 245 14.00 -34.72 65.10
C LEU M 245 15.11 -34.53 66.12
N THR M 246 15.47 -35.63 66.77
CA THR M 246 16.59 -35.63 67.70
C THR M 246 17.89 -35.59 66.89
N TRP M 247 19.01 -35.68 67.58
CA TRP M 247 20.27 -35.81 66.87
C TRP M 247 21.21 -36.71 67.65
N ALA M 248 21.94 -37.54 66.93
CA ALA M 248 22.84 -38.53 67.52
C ALA M 248 24.16 -38.53 66.79
N GLU M 249 25.15 -39.18 67.39
CA GLU M 249 26.47 -39.31 66.78
C GLU M 249 27.10 -40.61 67.27
N GLY M 250 27.83 -41.28 66.40
CA GLY M 250 28.58 -42.46 66.83
C GLY M 250 28.78 -43.44 65.70
N THR M 251 29.51 -44.50 66.01
CA THR M 251 29.78 -45.61 65.09
C THR M 251 29.28 -46.89 65.74
N PHE M 252 28.20 -47.48 65.20
CA PHE M 252 27.73 -48.73 65.76
C PHE M 252 27.73 -49.83 64.71
N GLU M 253 26.70 -49.84 63.87
CA GLU M 253 26.57 -50.82 62.80
C GLU M 253 27.31 -50.40 61.55
N GLN M 254 27.59 -49.10 61.39
CA GLN M 254 28.26 -48.62 60.19
C GLN M 254 29.59 -49.33 59.98
N PHE M 255 30.29 -49.70 61.04
CA PHE M 255 31.21 -50.81 60.96
C PHE M 255 30.51 -52.15 60.80
N LYS M 256 29.64 -52.52 61.73
CA LYS M 256 29.21 -53.89 61.91
C LYS M 256 28.15 -54.33 60.90
N ASP M 257 27.16 -53.48 60.61
CA ASP M 257 26.22 -53.83 59.54
C ASP M 257 26.95 -54.10 58.24
N THR M 258 27.92 -53.25 57.90
CA THR M 258 28.78 -53.52 56.76
C THR M 258 29.62 -54.78 56.94
N ILE M 259 30.04 -55.10 58.16
CA ILE M 259 30.75 -56.34 58.43
C ILE M 259 29.87 -57.56 58.19
N VAL M 260 28.67 -57.58 58.77
CA VAL M 260 27.84 -58.77 58.77
C VAL M 260 27.23 -59.02 57.40
N LYS M 261 27.19 -57.98 56.57
CA LYS M 261 26.52 -58.07 55.28
C LYS M 261 27.44 -58.38 54.12
N GLU M 262 28.73 -58.60 54.37
CA GLU M 262 29.62 -58.99 53.28
C GLU M 262 29.45 -60.49 52.99
N LYS N 274 48.72 -27.78 22.16
CA LYS N 274 48.65 -29.08 22.81
C LYS N 274 47.60 -29.08 23.92
N GLU N 275 46.80 -30.15 23.95
CA GLU N 275 45.70 -30.24 24.90
C GLU N 275 45.70 -31.58 25.63
N ALA N 276 45.45 -32.64 24.87
CA ALA N 276 45.30 -33.99 25.41
C ALA N 276 46.45 -34.40 26.32
N ALA N 277 47.69 -34.12 25.92
CA ALA N 277 48.85 -34.53 26.70
C ALA N 277 48.70 -34.15 28.17
N ALA N 278 48.68 -32.85 28.46
CA ALA N 278 48.38 -32.38 29.81
C ALA N 278 47.09 -32.95 30.35
N GLU N 279 46.01 -32.97 29.55
CA GLU N 279 44.76 -33.56 30.00
C GLU N 279 44.98 -35.00 30.47
N LEU N 280 45.41 -35.89 29.57
CA LEU N 280 45.62 -37.28 29.95
C LEU N 280 46.67 -37.41 31.05
N GLU N 281 47.58 -36.43 31.17
CA GLU N 281 48.51 -36.46 32.28
C GLU N 281 47.80 -36.24 33.61
N LEU N 282 46.79 -35.37 33.62
CA LEU N 282 46.05 -35.13 34.86
C LEU N 282 45.33 -36.38 35.33
N LEU N 283 45.13 -37.36 34.46
CA LEU N 283 44.68 -38.67 34.93
C LEU N 283 45.64 -39.24 35.96
N ASN N 284 46.88 -39.52 35.54
CA ASN N 284 47.87 -40.02 36.47
C ASN N 284 48.07 -39.09 37.65
N ALA N 285 48.03 -37.77 37.39
CA ALA N 285 48.02 -36.82 38.50
C ALA N 285 46.92 -37.17 39.49
N ASP N 286 45.77 -37.62 39.00
CA ASP N 286 44.76 -38.09 39.93
C ASP N 286 45.16 -39.40 40.59
N HIS N 287 45.59 -40.39 39.82
CA HIS N 287 45.98 -41.67 40.42
C HIS N 287 46.90 -41.44 41.62
N GLN N 288 47.80 -40.46 41.50
CA GLN N 288 48.50 -39.96 42.68
C GLN N 288 47.55 -39.35 43.69
N HIS N 289 46.67 -38.43 43.25
CA HIS N 289 45.81 -37.70 44.18
C HIS N 289 44.94 -38.64 45.00
N ILE N 290 43.98 -39.31 44.36
CA ILE N 290 43.21 -40.36 45.01
C ILE N 290 44.11 -41.39 45.69
N LEU N 291 45.28 -41.68 45.14
CA LEU N 291 46.09 -42.72 45.76
C LEU N 291 46.48 -42.36 47.19
N ARG N 292 47.14 -41.21 47.36
CA ARG N 292 47.57 -40.80 48.69
C ARG N 292 46.40 -40.67 49.66
N LYS N 293 45.56 -39.65 49.48
CA LYS N 293 44.48 -39.43 50.44
C LYS N 293 43.55 -40.62 50.54
N LEU N 294 43.49 -41.44 49.49
CA LEU N 294 42.81 -42.73 49.58
C LEU N 294 43.41 -43.59 50.69
N LYS N 295 44.67 -44.00 50.52
CA LYS N 295 45.28 -44.84 51.54
C LYS N 295 45.45 -44.14 52.87
N LYS N 296 45.27 -42.82 52.92
CA LYS N 296 45.22 -42.12 54.20
C LYS N 296 43.93 -42.43 54.95
N MET N 297 42.92 -42.94 54.26
CA MET N 297 41.66 -43.36 54.87
C MET N 297 41.74 -44.78 55.40
N ASN N 298 42.93 -45.39 55.29
CA ASN N 298 43.12 -46.77 55.74
C ASN N 298 42.66 -46.97 57.17
N ASN N 299 42.78 -45.93 58.00
CA ASN N 299 42.31 -45.97 59.37
C ASN N 299 40.79 -45.99 59.45
N LYS N 300 40.23 -45.96 60.65
CA LYS N 300 38.77 -45.97 60.83
C LYS N 300 38.33 -44.80 61.70
N PRO N 301 38.54 -43.55 61.23
CA PRO N 301 37.86 -42.42 61.86
C PRO N 301 36.48 -42.29 61.26
N GLU N 302 35.80 -41.17 61.48
CA GLU N 302 34.67 -40.96 60.59
C GLU N 302 35.08 -40.00 59.49
N ARG N 303 35.38 -40.57 58.32
CA ARG N 303 35.73 -39.83 57.13
C ARG N 303 35.16 -40.61 55.95
N PHE N 304 34.43 -39.94 55.08
CA PHE N 304 33.77 -40.61 53.97
C PHE N 304 34.18 -40.00 52.65
N MET N 305 34.61 -40.87 51.75
CA MET N 305 34.85 -40.51 50.35
C MET N 305 33.63 -41.01 49.59
N VAL N 306 33.18 -40.22 48.60
CA VAL N 306 31.94 -40.53 47.91
C VAL N 306 32.21 -40.76 46.44
N PHE N 307 31.51 -41.72 45.86
CA PHE N 307 31.69 -42.09 44.46
C PHE N 307 30.42 -41.79 43.66
N GLN N 308 30.51 -42.05 42.36
CA GLN N 308 29.35 -42.10 41.49
C GLN N 308 29.51 -43.30 40.57
N LEU N 309 28.49 -44.14 40.52
CA LEU N 309 28.55 -45.28 39.63
C LEU N 309 27.41 -45.22 38.63
N PRO N 310 27.64 -45.67 37.40
CA PRO N 310 26.55 -45.76 36.44
C PRO N 310 25.44 -46.66 36.95
N THR N 311 24.22 -46.36 36.53
CA THR N 311 23.06 -47.10 36.98
C THR N 311 23.01 -48.46 36.30
N ARG N 312 21.89 -49.16 36.50
CA ARG N 312 21.62 -50.46 35.91
C ARG N 312 22.51 -51.55 36.52
N LEU N 313 23.48 -51.14 37.35
CA LEU N 313 24.46 -52.01 37.98
C LEU N 313 25.00 -52.96 36.94
N PRO N 314 25.84 -52.48 36.02
CA PRO N 314 26.31 -53.36 34.94
C PRO N 314 27.47 -54.24 35.35
N ALA N 315 27.18 -55.35 36.04
CA ALA N 315 28.23 -56.32 36.33
C ALA N 315 28.00 -57.62 35.58
N PHE N 316 27.13 -58.48 36.11
CA PHE N 316 26.63 -59.60 35.33
C PHE N 316 25.12 -59.74 35.52
N GLU N 317 24.70 -60.09 36.74
CA GLU N 317 23.32 -60.38 37.06
C GLU N 317 23.12 -60.09 38.54
N ARG N 318 21.98 -60.52 39.08
CA ARG N 318 21.71 -60.50 40.51
C ARG N 318 21.55 -61.95 40.96
N PRO N 319 22.67 -62.64 41.21
CA PRO N 319 22.61 -64.09 41.48
C PRO N 319 21.91 -64.40 42.80
N ALA N 320 22.03 -63.51 43.78
CA ALA N 320 21.41 -63.73 45.09
C ALA N 320 20.15 -62.90 45.24
N VAL N 360 31.29 -57.74 45.55
CA VAL N 360 31.30 -57.44 44.12
C VAL N 360 32.73 -57.19 43.62
N GLY N 361 32.91 -56.18 42.77
CA GLY N 361 34.18 -55.92 42.13
C GLY N 361 35.25 -55.41 43.07
N SER N 362 36.38 -55.01 42.50
CA SER N 362 37.50 -54.51 43.29
C SER N 362 38.32 -53.54 42.45
N ILE N 363 39.39 -53.03 43.07
CA ILE N 363 40.14 -51.88 42.57
C ILE N 363 41.61 -52.27 42.47
N ARG N 364 42.33 -51.63 41.56
CA ARG N 364 43.78 -51.68 41.50
C ARG N 364 44.28 -50.46 40.75
N VAL N 365 45.53 -50.09 41.01
CA VAL N 365 46.28 -49.18 40.15
C VAL N 365 47.39 -50.00 39.50
N HIS N 366 47.26 -50.27 38.22
CA HIS N 366 48.22 -51.16 37.58
C HIS N 366 49.55 -50.42 37.43
N LYS N 367 50.56 -51.14 36.96
CA LYS N 367 51.92 -50.61 36.97
C LYS N 367 52.03 -49.38 36.08
N SER N 368 52.91 -48.47 36.48
CA SER N 368 52.98 -47.12 35.91
C SER N 368 51.70 -46.33 36.15
N GLY N 369 51.12 -46.50 37.34
CA GLY N 369 50.03 -45.65 37.78
C GLY N 369 48.75 -45.72 36.95
N LYS N 370 48.21 -46.92 36.77
CA LYS N 370 46.98 -47.09 36.00
C LYS N 370 45.74 -47.08 36.88
N LEU N 371 44.61 -47.45 36.30
CA LEU N 371 43.46 -47.86 37.10
C LEU N 371 42.83 -49.09 36.47
N SER N 372 42.83 -50.20 37.21
CA SER N 372 42.06 -51.37 36.79
C SER N 372 41.01 -51.63 37.87
N VAL N 373 39.75 -51.33 37.56
CA VAL N 373 38.63 -51.54 38.46
C VAL N 373 37.61 -52.41 37.77
N LYS N 374 37.24 -53.52 38.41
CA LYS N 374 36.38 -54.49 37.75
C LYS N 374 35.20 -54.82 38.65
N ILE N 375 34.08 -55.18 38.03
CA ILE N 375 32.85 -55.41 38.77
C ILE N 375 32.34 -56.81 38.50
N GLY N 376 31.83 -57.04 37.30
CA GLY N 376 31.30 -58.34 36.93
C GLY N 376 31.42 -58.56 35.44
N ASN N 377 31.42 -59.84 35.04
CA ASN N 377 31.93 -60.25 33.74
C ASN N 377 33.34 -59.71 33.52
N VAL N 378 34.08 -59.55 34.63
CA VAL N 378 35.37 -58.88 34.71
C VAL N 378 35.32 -57.60 33.87
N VAL N 379 34.20 -56.89 33.96
CA VAL N 379 34.04 -55.66 33.19
C VAL N 379 35.11 -54.66 33.62
N MET N 380 35.69 -53.98 32.65
CA MET N 380 36.69 -52.95 32.95
C MET N 380 35.95 -51.64 33.03
N ASP N 381 35.84 -51.11 34.24
CA ASP N 381 35.09 -49.88 34.47
C ASP N 381 35.99 -48.93 35.24
N ILE N 382 36.39 -47.83 34.62
CA ILE N 382 37.44 -46.97 35.18
C ILE N 382 37.05 -45.50 35.04
N GLY N 383 37.11 -44.79 36.15
CA GLY N 383 37.00 -43.36 36.09
C GLY N 383 37.74 -42.74 37.26
N LYS N 384 38.24 -41.53 37.07
CA LYS N 384 39.17 -40.91 37.99
C LYS N 384 38.87 -39.42 38.07
N GLY N 385 39.78 -38.69 38.72
CA GLY N 385 39.59 -37.28 38.97
C GLY N 385 38.28 -37.02 39.69
N ALA N 386 37.79 -35.81 39.54
CA ALA N 386 36.41 -35.50 39.92
C ALA N 386 36.08 -34.08 39.45
N GLU N 387 34.85 -33.69 39.72
CA GLU N 387 34.53 -32.28 39.85
C GLU N 387 35.08 -31.81 41.20
N THR N 388 35.44 -30.54 41.26
CA THR N 388 36.11 -30.03 42.45
C THR N 388 35.07 -29.39 43.36
N THR N 389 34.85 -29.99 44.52
CA THR N 389 33.89 -29.44 45.47
C THR N 389 34.47 -28.23 46.19
N PHE N 390 35.56 -28.41 46.94
CA PHE N 390 36.16 -27.32 47.69
C PHE N 390 35.15 -26.66 48.61
N LEU N 391 34.79 -25.41 48.29
CA LEU N 391 34.03 -24.55 49.20
C LEU N 391 32.87 -25.27 49.86
N GLN N 392 32.20 -26.17 49.17
CA GLN N 392 31.17 -26.98 49.80
C GLN N 392 31.86 -27.94 50.75
N ASP N 393 31.54 -27.86 52.03
CA ASP N 393 32.03 -28.84 53.00
C ASP N 393 30.87 -29.75 53.32
N VAL N 394 31.07 -31.05 53.05
CA VAL N 394 29.96 -31.97 52.88
C VAL N 394 29.94 -32.94 54.05
N ILE N 395 28.74 -33.24 54.55
CA ILE N 395 28.55 -34.01 55.77
C ILE N 395 27.53 -35.11 55.51
N ALA N 396 27.84 -36.33 55.95
CA ALA N 396 27.01 -37.49 55.72
C ALA N 396 26.08 -37.70 56.91
N LEU N 397 24.78 -37.82 56.64
CA LEU N 397 23.76 -37.95 57.66
C LEU N 397 23.10 -39.33 57.62
N SER N 398 22.26 -39.59 58.62
CA SER N 398 21.43 -40.77 58.65
C SER N 398 20.04 -40.56 59.22
N ILE N 399 19.05 -41.20 58.61
CA ILE N 399 17.69 -41.22 59.11
C ILE N 399 17.68 -42.36 60.13
N ALA N 400 17.41 -42.03 61.39
CA ALA N 400 17.27 -43.06 62.42
C ALA N 400 15.79 -43.25 62.70
N ASP N 401 15.26 -44.37 62.19
CA ASP N 401 13.91 -44.88 62.44
C ASP N 401 12.87 -43.76 62.44
N ASP N 402 12.73 -43.13 61.27
CA ASP N 402 11.76 -42.05 61.10
C ASP N 402 12.01 -40.98 62.15
N ALA N 403 11.10 -40.81 63.10
CA ALA N 403 11.31 -39.89 64.21
C ALA N 403 12.51 -40.34 65.05
N SER N 404 13.09 -39.38 65.78
CA SER N 404 14.33 -39.61 66.53
C SER N 404 15.43 -39.87 65.50
N SER N 405 15.39 -39.12 64.40
CA SER N 405 16.36 -39.21 63.33
C SER N 405 17.66 -38.46 63.51
N ALA N 406 18.43 -38.33 62.43
CA ALA N 406 19.66 -37.55 62.36
C ALA N 406 20.79 -37.98 63.30
N GLU N 407 21.39 -39.12 62.96
CA GLU N 407 22.73 -39.46 63.44
C GLU N 407 23.70 -38.97 62.37
N LEU N 408 24.58 -38.05 62.76
CA LEU N 408 25.61 -37.55 61.86
C LEU N 408 26.79 -38.51 61.86
N LEU N 409 27.45 -38.65 60.71
CA LEU N 409 28.47 -39.70 60.67
C LEU N 409 29.88 -39.26 60.32
N GLY N 410 30.19 -39.18 59.03
CA GLY N 410 31.58 -39.15 58.61
C GLY N 410 32.13 -37.92 57.89
N ARG N 411 31.33 -36.86 57.79
CA ARG N 411 31.58 -35.71 56.91
C ARG N 411 31.99 -36.19 55.53
N VAL N 412 32.90 -35.48 54.87
CA VAL N 412 33.35 -35.82 53.52
C VAL N 412 34.76 -35.28 53.33
N ASP N 413 35.57 -36.00 52.56
CA ASP N 413 36.85 -35.48 52.10
C ASP N 413 36.97 -35.67 50.59
N GLY N 414 37.03 -36.93 50.15
CA GLY N 414 37.27 -37.24 48.76
C GLY N 414 36.02 -37.43 47.94
N LYS N 415 36.15 -37.17 46.64
CA LYS N 415 35.10 -37.35 45.67
C LYS N 415 35.73 -37.80 44.36
N ILE N 416 35.13 -38.82 43.73
CA ILE N 416 35.62 -39.31 42.45
C ILE N 416 34.46 -40.00 41.72
N VAL N 417 34.52 -39.98 40.40
CA VAL N 417 33.51 -40.63 39.59
C VAL N 417 34.08 -41.92 39.01
N VAL N 418 33.23 -42.67 38.32
CA VAL N 418 33.61 -43.90 37.62
C VAL N 418 32.80 -43.99 36.34
N THR N 419 33.46 -44.34 35.23
CA THR N 419 32.80 -44.42 33.94
C THR N 419 33.26 -45.67 33.20
N PRO N 420 32.37 -46.40 32.54
CA PRO N 420 32.83 -47.51 31.69
C PRO N 420 33.66 -46.97 30.54
N GLN N 421 34.84 -47.53 30.33
CA GLN N 421 35.69 -47.04 29.27
C GLN N 421 35.22 -47.61 27.94
N ILE N 422 35.86 -47.15 26.86
CA ILE N 422 35.49 -47.54 25.51
C ILE N 422 36.75 -47.78 24.69
N VAL O 31 -32.09 23.81 0.22
CA VAL O 31 -33.22 23.23 -0.50
C VAL O 31 -34.52 23.68 0.15
N MET O 32 -35.48 24.06 -0.70
CA MET O 32 -36.84 24.45 -0.34
C MET O 32 -36.90 25.87 0.24
N THR O 33 -35.76 26.40 0.70
CA THR O 33 -35.56 27.82 0.95
C THR O 33 -36.47 28.37 2.06
N ILE O 34 -37.47 27.60 2.47
CA ILE O 34 -38.44 28.09 3.45
C ILE O 34 -37.85 28.17 4.86
N SER O 35 -36.89 27.30 5.18
CA SER O 35 -36.28 27.35 6.50
C SER O 35 -35.03 28.17 6.27
N SER O 36 -34.73 28.48 5.01
CA SER O 36 -33.60 29.35 4.68
C SER O 36 -32.31 29.01 5.43
N LEU O 37 -31.55 28.09 4.85
CA LEU O 37 -30.28 27.68 5.46
C LEU O 37 -29.16 28.65 5.14
N GLU O 38 -28.98 29.00 3.87
CA GLU O 38 -27.96 29.98 3.47
C GLU O 38 -27.94 31.15 4.43
N GLN O 39 -29.05 31.86 4.52
CA GLN O 39 -29.18 32.80 5.62
C GLN O 39 -29.77 32.05 6.79
N ARG O 40 -28.94 31.49 7.67
CA ARG O 40 -29.53 30.78 8.79
C ARG O 40 -28.59 30.25 9.89
N THR O 41 -27.29 30.35 9.70
CA THR O 41 -26.39 29.82 10.73
C THR O 41 -24.99 30.43 10.83
N LEU O 42 -24.21 30.33 9.76
CA LEU O 42 -22.83 30.79 9.79
C LEU O 42 -22.73 32.26 10.17
N ASN O 43 -23.86 32.94 10.35
CA ASN O 43 -23.90 34.35 10.70
C ASN O 43 -24.57 34.56 12.04
N PRO O 44 -23.83 34.47 13.12
CA PRO O 44 -24.33 35.00 14.40
C PRO O 44 -23.90 36.43 14.66
N ASP O 45 -24.36 37.01 15.77
CA ASP O 45 -23.91 38.33 16.21
C ASP O 45 -24.15 39.31 15.07
N LEU O 46 -23.07 39.65 14.38
CA LEU O 46 -23.06 40.58 13.26
C LEU O 46 -24.26 40.47 12.35
N PHE O 47 -24.76 39.26 12.11
CA PHE O 47 -25.88 39.10 11.18
C PHE O 47 -27.07 39.98 11.56
N LEU O 48 -27.23 40.27 12.84
CA LEU O 48 -28.14 41.33 13.26
C LEU O 48 -27.79 42.65 12.58
N TYR O 49 -26.65 43.23 12.95
CA TYR O 49 -26.27 44.56 12.50
C TYR O 49 -26.35 44.68 10.98
N LYS O 50 -25.69 43.77 10.27
CA LYS O 50 -25.64 43.92 8.82
C LYS O 50 -27.01 44.05 8.21
N GLU O 51 -28.06 43.58 8.89
CA GLU O 51 -29.39 43.98 8.47
C GLU O 51 -29.81 45.36 8.96
N LEU O 52 -29.64 45.63 10.26
CA LEU O 52 -30.10 46.90 10.82
C LEU O 52 -29.59 48.06 10.00
N VAL O 53 -28.28 48.26 9.98
CA VAL O 53 -27.73 49.34 9.16
C VAL O 53 -28.16 49.20 7.71
N LYS O 54 -28.22 47.98 7.17
CA LYS O 54 -28.81 47.81 5.85
C LYS O 54 -30.26 48.26 5.84
N ALA O 55 -31.13 47.52 6.50
CA ALA O 55 -32.55 47.85 6.50
C ALA O 55 -32.80 49.30 6.89
N HIS O 56 -32.09 49.81 7.88
CA HIS O 56 -32.40 51.13 8.41
C HIS O 56 -31.59 52.24 7.76
N LEU O 57 -30.54 51.91 7.00
CA LEU O 57 -29.80 52.90 6.21
C LEU O 57 -29.60 52.43 4.78
N GLY O 58 -28.88 51.33 4.56
CA GLY O 58 -28.87 50.69 3.27
C GLY O 58 -27.55 50.77 2.52
N GLU O 59 -27.41 49.86 1.55
CA GLU O 59 -26.33 49.80 0.58
C GLU O 59 -24.96 50.05 1.21
N ARG O 60 -24.16 50.89 0.56
CA ARG O 60 -22.82 51.21 1.01
C ARG O 60 -22.77 51.55 2.50
N ALA O 61 -23.69 52.37 2.98
CA ALA O 61 -23.76 52.71 4.39
C ALA O 61 -23.72 51.49 5.29
N ALA O 62 -24.47 50.45 4.97
CA ALA O 62 -24.38 49.18 5.67
C ALA O 62 -23.01 48.54 5.55
N SER O 63 -22.62 48.15 4.33
CA SER O 63 -21.56 47.18 4.12
C SER O 63 -20.29 47.50 4.88
N VAL O 64 -20.01 48.77 5.16
CA VAL O 64 -18.86 49.10 5.99
C VAL O 64 -18.97 48.41 7.35
N ILE O 65 -20.00 48.75 8.14
CA ILE O 65 -20.12 48.24 9.50
C ILE O 65 -19.97 46.74 9.54
N GLY O 66 -20.55 46.03 8.57
CA GLY O 66 -20.30 44.61 8.47
C GLY O 66 -18.83 44.27 8.51
N MET O 67 -18.04 44.88 7.65
CA MET O 67 -16.59 44.72 7.72
C MET O 67 -16.02 45.11 9.07
N LEU O 68 -16.42 46.25 9.61
CA LEU O 68 -15.87 46.72 10.87
C LEU O 68 -16.04 45.70 11.98
N VAL O 69 -17.30 45.39 12.33
CA VAL O 69 -17.55 44.44 13.41
C VAL O 69 -16.86 43.11 13.14
N ALA O 70 -16.92 42.62 11.91
CA ALA O 70 -16.32 41.32 11.61
C ALA O 70 -14.83 41.33 11.89
N LEU O 71 -14.11 42.27 11.30
CA LEU O 71 -12.66 42.24 11.39
C LEU O 71 -12.14 43.11 12.53
N GLY O 72 -13.02 43.83 13.22
CA GLY O 72 -12.60 44.60 14.40
C GLY O 72 -11.99 45.96 14.03
N ARG O 73 -10.92 46.32 14.73
CA ARG O 73 -10.21 47.59 14.52
C ARG O 73 -9.84 47.78 13.05
N LEU O 74 -9.96 49.00 12.54
CA LEU O 74 -9.72 49.26 11.12
C LEU O 74 -9.42 50.72 10.88
N SER O 75 -8.72 51.01 9.79
CA SER O 75 -8.30 52.38 9.48
C SER O 75 -8.84 52.82 8.12
N VAL O 76 -8.98 54.16 7.98
CA VAL O 76 -9.70 54.74 6.84
C VAL O 76 -9.28 54.11 5.53
N ARG O 77 -8.04 54.39 5.11
CA ARG O 77 -7.52 53.80 3.88
C ARG O 77 -7.68 52.29 3.89
N GLU O 78 -7.34 51.65 4.99
CA GLU O 78 -7.35 50.20 5.08
C GLU O 78 -8.71 49.60 4.76
N LEU O 79 -9.81 50.28 5.11
CA LEU O 79 -11.14 49.80 4.72
C LEU O 79 -11.16 49.39 3.27
N VAL O 80 -10.91 50.34 2.36
CA VAL O 80 -11.10 50.12 0.95
C VAL O 80 -10.18 49.04 0.43
N GLU O 81 -9.20 48.60 1.22
CA GLU O 81 -8.44 47.42 0.84
C GLU O 81 -9.33 46.19 0.69
N LYS O 82 -10.57 46.26 1.18
CA LYS O 82 -11.44 45.10 1.29
C LYS O 82 -12.82 45.34 0.69
N ILE O 83 -13.55 46.33 1.21
CA ILE O 83 -14.94 46.56 0.82
C ILE O 83 -15.09 46.65 -0.70
N ASP O 84 -14.07 47.16 -1.40
CA ASP O 84 -14.19 47.54 -2.80
C ASP O 84 -15.23 48.65 -2.95
N GLY O 85 -15.14 49.62 -2.06
CA GLY O 85 -16.15 50.63 -1.91
C GLY O 85 -15.82 51.99 -2.49
N MET O 86 -14.93 52.07 -3.48
CA MET O 86 -14.64 53.35 -4.11
C MET O 86 -14.08 54.36 -3.12
N ASP O 87 -12.78 54.25 -2.85
CA ASP O 87 -12.12 54.84 -1.70
C ASP O 87 -12.44 56.32 -1.50
N VAL O 88 -12.43 56.72 -0.22
CA VAL O 88 -12.46 58.10 0.27
C VAL O 88 -13.67 58.80 -0.31
N ASP O 89 -14.69 58.01 -0.66
CA ASP O 89 -15.94 58.57 -1.14
C ASP O 89 -17.03 58.14 -0.17
N SER O 90 -17.42 56.87 -0.25
CA SER O 90 -18.30 56.28 0.72
C SER O 90 -17.73 56.31 2.13
N VAL O 91 -16.52 55.79 2.33
CA VAL O 91 -15.89 55.75 3.64
C VAL O 91 -15.96 57.11 4.32
N LYS O 92 -15.56 58.17 3.61
CA LYS O 92 -15.84 59.50 4.12
C LYS O 92 -17.32 59.72 4.36
N THR O 93 -18.13 59.71 3.30
CA THR O 93 -19.56 59.97 3.42
C THR O 93 -20.20 59.05 4.44
N THR O 94 -20.23 57.74 4.18
CA THR O 94 -20.87 56.79 5.07
C THR O 94 -20.34 56.86 6.48
N LEU O 95 -19.02 56.98 6.66
CA LEU O 95 -18.44 56.90 7.98
C LEU O 95 -18.88 58.06 8.86
N VAL O 96 -18.64 59.30 8.39
CA VAL O 96 -19.09 60.45 9.15
C VAL O 96 -20.60 60.46 9.29
N SER O 97 -21.31 59.98 8.27
CA SER O 97 -22.75 59.84 8.38
C SER O 97 -23.12 59.00 9.60
N LEU O 98 -22.45 57.86 9.76
CA LEU O 98 -22.63 57.05 10.95
C LEU O 98 -22.28 57.83 12.22
N THR O 99 -21.20 58.60 12.18
CA THR O 99 -20.79 59.34 13.37
C THR O 99 -21.86 60.32 13.81
N GLN O 100 -22.54 60.97 12.86
CA GLN O 100 -23.64 61.84 13.22
C GLN O 100 -24.73 61.09 13.95
N LEU O 101 -24.99 59.85 13.54
CA LEU O 101 -25.90 58.97 14.24
C LEU O 101 -25.20 58.22 15.36
N ARG O 102 -23.91 58.49 15.56
CA ARG O 102 -23.03 57.82 16.51
C ARG O 102 -23.25 56.31 16.51
N CYS O 103 -23.03 55.72 15.35
CA CYS O 103 -23.01 54.27 15.24
C CYS O 103 -21.60 53.71 15.21
N VAL O 104 -20.58 54.57 15.32
CA VAL O 104 -19.20 54.14 15.26
C VAL O 104 -18.44 54.76 16.43
N LYS O 105 -17.39 54.08 16.86
CA LYS O 105 -16.44 54.66 17.80
C LYS O 105 -15.22 55.14 17.03
N TYR O 106 -14.64 56.24 17.49
CA TYR O 106 -13.70 57.03 16.72
C TYR O 106 -12.48 57.36 17.57
N LEU O 107 -11.33 56.84 17.17
CA LEU O 107 -10.11 57.11 17.92
C LEU O 107 -8.95 57.35 16.99
N GLN O 108 -8.34 58.53 17.10
CA GLN O 108 -7.20 58.85 16.25
C GLN O 108 -6.01 59.19 17.13
N GLU O 109 -4.82 58.83 16.65
CA GLU O 109 -3.58 59.32 17.23
C GLU O 109 -2.49 59.16 16.20
N THR O 110 -1.30 59.62 16.55
CA THR O 110 -0.14 59.46 15.71
C THR O 110 0.82 58.47 16.38
N ALA O 111 1.56 57.74 15.56
CA ALA O 111 2.63 56.93 16.07
C ALA O 111 3.81 57.81 16.44
N ILE O 112 4.84 57.20 17.02
CA ILE O 112 6.04 57.97 17.35
C ILE O 112 6.90 58.16 16.11
N SER O 113 6.72 57.31 15.10
CA SER O 113 7.47 57.49 13.86
C SER O 113 7.11 58.80 13.18
N GLY O 114 5.83 59.13 13.12
CA GLY O 114 5.41 60.39 12.54
C GLY O 114 4.00 60.29 12.00
N LYS O 115 3.72 61.20 11.08
CA LYS O 115 2.40 61.37 10.47
C LYS O 115 1.30 61.51 11.51
N LYS O 116 0.13 60.96 11.18
CA LYS O 116 -0.99 60.79 12.11
C LYS O 116 -1.92 59.78 11.46
N THR O 117 -2.78 59.15 12.26
CA THR O 117 -3.72 58.19 11.71
C THR O 117 -4.96 58.10 12.59
N THR O 118 -6.06 57.71 11.96
CA THR O 118 -7.29 57.46 12.69
C THR O 118 -7.48 55.95 12.68
N TYR O 119 -8.55 55.53 13.34
CA TYR O 119 -9.02 54.17 13.41
C TYR O 119 -10.43 54.20 13.97
N TYR O 120 -11.19 53.14 13.73
CA TYR O 120 -12.61 53.19 14.01
C TYR O 120 -13.09 51.89 14.63
N TYR O 121 -14.13 52.03 15.43
CA TYR O 121 -14.85 50.90 16.01
C TYR O 121 -16.33 51.18 15.84
N TYR O 122 -17.16 50.17 16.06
CA TYR O 122 -18.60 50.37 16.06
C TYR O 122 -19.02 50.88 17.42
N ASN O 123 -19.84 51.92 17.44
CA ASN O 123 -20.19 52.63 18.67
C ASN O 123 -20.84 51.64 19.61
N GLU O 124 -20.25 51.35 20.77
CA GLU O 124 -20.88 50.36 21.66
C GLU O 124 -22.05 49.61 21.02
N GLU O 125 -23.14 49.43 21.77
CA GLU O 125 -24.40 48.93 21.19
C GLU O 125 -24.72 49.95 20.09
N GLY O 126 -25.39 51.02 20.49
CA GLY O 126 -25.47 52.21 19.65
C GLY O 126 -26.41 52.01 18.47
N ILE O 127 -26.39 50.80 17.95
CA ILE O 127 -27.39 50.32 17.03
C ILE O 127 -28.49 49.85 17.96
N HIS O 128 -28.09 49.69 19.22
CA HIS O 128 -29.01 49.59 20.34
C HIS O 128 -30.10 50.63 20.20
N ILE O 129 -29.70 51.88 19.98
CA ILE O 129 -30.66 52.95 19.78
C ILE O 129 -31.66 52.60 18.69
N LEU O 130 -31.15 52.44 17.46
CA LEU O 130 -32.03 52.04 16.36
C LEU O 130 -32.86 50.82 16.73
N LEU O 131 -32.23 49.80 17.29
CA LEU O 131 -32.94 48.54 17.51
C LEU O 131 -34.11 48.74 18.47
N TYR O 132 -34.02 49.71 19.37
CA TYR O 132 -35.11 50.02 20.27
C TYR O 132 -36.07 51.03 19.67
N SER O 133 -35.60 52.25 19.45
CA SER O 133 -36.39 53.24 18.75
C SER O 133 -37.72 53.49 19.44
N GLY O 134 -38.81 53.07 18.81
CA GLY O 134 -40.14 53.40 19.30
C GLY O 134 -40.33 53.10 20.78
N LEU O 135 -39.55 52.17 21.33
CA LEU O 135 -39.53 52.02 22.77
C LEU O 135 -38.91 53.23 23.44
N ILE O 136 -37.77 53.69 22.93
CA ILE O 136 -37.19 54.94 23.41
C ILE O 136 -38.18 56.08 23.21
N ILE O 137 -39.06 55.95 22.23
CA ILE O 137 -40.22 56.84 22.18
C ILE O 137 -41.12 56.60 23.37
N ASP O 138 -41.35 55.33 23.72
CA ASP O 138 -42.22 55.01 24.84
C ASP O 138 -41.64 55.52 26.15
N GLU O 139 -40.40 56.03 26.13
CA GLU O 139 -39.88 56.79 27.25
C GLU O 139 -40.80 57.93 27.66
N ILE O 140 -41.64 58.41 26.74
CA ILE O 140 -42.60 59.46 27.07
C ILE O 140 -43.42 59.11 28.31
N ILE O 141 -43.78 57.84 28.46
CA ILE O 141 -44.74 57.43 29.49
C ILE O 141 -44.28 57.84 30.88
N THR O 142 -42.98 57.87 31.12
CA THR O 142 -42.49 58.33 32.42
C THR O 142 -42.83 59.80 32.63
N GLN O 143 -42.47 60.65 31.67
CA GLN O 143 -42.72 62.08 31.73
C GLN O 143 -44.07 62.44 31.14
N MET O 144 -44.85 61.44 30.78
CA MET O 144 -46.18 61.58 30.20
C MET O 144 -47.10 62.42 31.08
N ARG O 145 -46.75 62.60 32.35
CA ARG O 145 -47.54 63.37 33.30
C ARG O 145 -47.50 64.84 32.93
N VAL O 146 -48.05 65.71 33.78
CA VAL O 146 -48.46 67.06 33.41
C VAL O 146 -49.55 66.85 32.36
N ASN O 147 -49.33 67.31 31.13
CA ASN O 147 -50.29 67.13 30.04
C ASN O 147 -50.31 65.66 29.68
N ASP O 148 -51.49 65.04 29.75
CA ASP O 148 -51.66 63.62 29.49
C ASP O 148 -52.40 63.43 28.18
N GLU O 149 -51.75 62.77 27.22
CA GLU O 149 -52.33 62.46 25.91
C GLU O 149 -52.94 63.73 25.29
N GLU O 150 -52.05 64.67 24.99
CA GLU O 150 -52.42 65.97 24.49
C GLU O 150 -51.68 66.21 23.18
N GLU O 151 -51.83 67.40 22.63
CA GLU O 151 -50.80 67.89 21.71
C GLU O 151 -49.41 67.76 22.32
N HIS O 152 -49.28 68.05 23.62
CA HIS O 152 -48.02 67.88 24.33
C HIS O 152 -47.42 66.50 24.09
N LYS O 153 -48.24 65.44 24.21
CA LYS O 153 -47.77 64.12 23.81
C LYS O 153 -47.19 64.14 22.41
N GLN O 154 -48.01 64.47 21.40
CA GLN O 154 -47.53 64.51 20.03
C GLN O 154 -46.32 65.42 19.90
N LEU O 155 -46.31 66.55 20.62
CA LEU O 155 -45.15 67.44 20.58
C LEU O 155 -43.87 66.71 20.98
N VAL O 156 -43.76 66.34 22.26
CA VAL O 156 -42.55 65.70 22.75
C VAL O 156 -42.22 64.45 21.94
N ALA O 157 -43.24 63.73 21.47
CA ALA O 157 -43.01 62.65 20.52
C ALA O 157 -42.19 63.11 19.33
N GLU O 158 -42.72 64.06 18.55
CA GLU O 158 -41.96 64.66 17.46
C GLU O 158 -40.56 65.07 17.90
N ILE O 159 -40.44 65.67 19.10
CA ILE O 159 -39.15 66.09 19.60
C ILE O 159 -38.17 64.92 19.64
N VAL O 160 -38.40 63.97 20.53
CA VAL O 160 -37.43 62.89 20.74
C VAL O 160 -37.23 62.10 19.45
N GLN O 161 -38.32 61.75 18.77
CA GLN O 161 -38.19 60.98 17.54
C GLN O 161 -37.35 61.71 16.50
N ASN O 162 -37.32 63.03 16.52
CA ASN O 162 -36.38 63.77 15.70
C ASN O 162 -34.97 63.76 16.28
N VAL O 163 -34.85 63.80 17.60
CA VAL O 163 -33.53 63.88 18.21
C VAL O 163 -32.74 62.61 17.96
N ILE O 164 -33.43 61.47 17.92
CA ILE O 164 -32.72 60.26 17.52
C ILE O 164 -32.41 60.30 16.03
N SER O 165 -33.37 60.75 15.22
CA SER O 165 -33.22 60.68 13.78
C SER O 165 -32.02 61.48 13.30
N LEU O 166 -31.83 62.68 13.84
CA LEU O 166 -30.73 63.51 13.39
C LEU O 166 -29.40 63.07 14.01
N GLY O 167 -29.29 63.20 15.33
CA GLY O 167 -28.00 63.11 15.99
C GLY O 167 -28.06 63.92 17.25
N SER O 168 -26.92 64.46 17.69
CA SER O 168 -26.95 65.52 18.69
C SER O 168 -27.74 66.70 18.14
N LEU O 169 -28.51 67.36 19.00
CA LEU O 169 -29.27 68.53 18.60
C LEU O 169 -28.98 69.69 19.54
N THR O 170 -29.31 70.89 19.08
CA THR O 170 -29.28 72.08 19.91
C THR O 170 -30.65 72.74 19.89
N VAL O 171 -31.15 73.06 21.08
CA VAL O 171 -32.42 73.75 21.17
C VAL O 171 -32.38 75.06 20.39
N GLU O 172 -31.19 75.64 20.24
CA GLU O 172 -31.06 76.85 19.43
C GLU O 172 -31.32 76.56 17.96
N ASP O 173 -30.64 75.55 17.40
CA ASP O 173 -30.79 75.28 15.97
C ASP O 173 -32.06 74.50 15.67
N TYR O 174 -32.47 73.60 16.58
CA TYR O 174 -33.74 72.92 16.37
C TYR O 174 -34.90 73.88 16.55
N LEU O 175 -34.93 74.59 17.68
CA LEU O 175 -35.92 75.64 17.87
C LEU O 175 -35.87 76.68 16.76
N SER O 176 -34.70 76.84 16.12
CA SER O 176 -34.61 77.69 14.94
C SER O 176 -35.32 77.06 13.76
N SER O 177 -35.10 75.76 13.53
CA SER O 177 -35.87 75.04 12.52
C SER O 177 -37.35 75.03 12.89
N VAL O 178 -37.65 74.92 14.19
CA VAL O 178 -39.01 75.11 14.65
C VAL O 178 -39.40 76.57 14.42
N THR O 179 -40.70 76.82 14.27
CA THR O 179 -41.17 78.17 14.03
C THR O 179 -40.75 79.13 15.13
N SER O 180 -40.48 80.36 14.73
CA SER O 180 -40.33 81.47 15.66
C SER O 180 -41.72 82.00 15.97
N ASP O 181 -41.80 83.21 16.54
CA ASP O 181 -43.00 84.02 16.68
C ASP O 181 -44.13 83.27 17.38
N SER O 182 -43.76 82.30 18.20
CA SER O 182 -44.64 81.68 19.17
C SER O 182 -43.81 81.47 20.44
N MET O 183 -44.44 80.96 21.49
CA MET O 183 -43.76 80.99 22.77
C MET O 183 -42.75 79.85 22.85
N LYS O 184 -41.48 80.21 22.90
CA LYS O 184 -40.41 79.26 22.60
C LYS O 184 -40.25 78.24 23.72
N TYR O 185 -40.23 78.70 24.96
CA TYR O 185 -40.24 77.83 26.12
C TYR O 185 -41.53 77.04 26.23
N THR O 186 -42.51 77.34 25.37
CA THR O 186 -43.78 76.64 25.32
C THR O 186 -43.94 75.81 24.06
N ILE O 187 -43.85 76.44 22.89
CA ILE O 187 -43.93 75.66 21.67
C ILE O 187 -43.06 74.45 21.97
N SER O 188 -41.81 74.72 22.36
CA SER O 188 -40.87 73.70 22.78
C SER O 188 -40.95 73.83 24.29
N SER O 189 -41.84 73.07 24.89
CA SER O 189 -42.13 73.17 26.31
C SER O 189 -41.26 72.24 27.13
N LEU O 190 -40.44 71.43 26.48
CA LEU O 190 -39.60 70.51 27.22
C LEU O 190 -38.30 71.27 27.49
N PHE O 191 -38.18 71.70 28.73
CA PHE O 191 -37.37 72.87 29.04
C PHE O 191 -36.48 72.58 30.25
N VAL O 192 -37.09 72.48 31.42
CA VAL O 192 -36.43 71.91 32.59
C VAL O 192 -36.51 70.40 32.48
N GLN O 193 -37.52 69.91 31.75
CA GLN O 193 -37.69 68.48 31.56
C GLN O 193 -36.58 67.87 30.72
N LEU O 194 -35.71 68.70 30.14
CA LEU O 194 -34.57 68.22 29.38
C LEU O 194 -33.62 67.38 30.23
N CYS O 195 -33.76 67.41 31.55
CA CYS O 195 -32.82 66.65 32.37
C CYS O 195 -33.39 65.30 32.75
N GLU O 196 -34.30 65.28 33.73
CA GLU O 196 -34.92 64.06 34.22
C GLU O 196 -33.84 63.02 34.54
N MET O 197 -34.06 61.77 34.16
CA MET O 197 -33.00 60.76 34.18
C MET O 197 -32.45 60.67 32.76
N GLY O 198 -33.32 60.36 31.81
CA GLY O 198 -32.97 60.16 30.42
C GLY O 198 -32.86 61.50 29.75
N TYR O 199 -33.34 61.58 28.51
CA TYR O 199 -33.15 62.76 27.65
C TYR O 199 -31.66 62.84 27.34
N LEU O 200 -31.06 64.01 27.49
CA LEU O 200 -29.84 64.32 26.76
C LEU O 200 -28.68 64.65 27.67
N ILE O 201 -27.48 64.53 27.12
CA ILE O 201 -26.23 64.97 27.75
C ILE O 201 -25.35 65.51 26.64
N GLN O 202 -24.59 66.56 26.92
CA GLN O 202 -23.63 67.01 25.94
C GLN O 202 -22.60 65.92 25.70
N ILE O 203 -22.45 65.52 24.45
CA ILE O 203 -21.52 64.48 24.09
C ILE O 203 -20.36 65.11 23.33
N SER O 204 -19.16 64.87 23.84
CA SER O 204 -17.98 65.46 23.23
C SER O 204 -16.82 64.49 23.44
N LYS O 205 -15.98 64.34 22.41
CA LYS O 205 -14.65 63.80 22.60
C LYS O 205 -14.73 62.50 23.38
N LEU O 206 -14.24 62.53 24.61
CA LEU O 206 -14.18 61.40 25.53
C LEU O 206 -15.56 60.80 25.80
N HIS O 207 -16.63 61.45 25.34
CA HIS O 207 -17.93 60.77 25.43
C HIS O 207 -17.89 59.42 24.75
N TYR O 208 -17.60 59.37 23.45
CA TYR O 208 -17.47 58.09 22.77
C TYR O 208 -16.02 57.95 22.29
N THR O 209 -15.33 57.05 22.95
CA THR O 209 -14.01 56.56 22.65
C THR O 209 -14.09 55.15 23.19
N PRO O 210 -13.35 54.18 22.65
CA PRO O 210 -13.34 52.87 23.28
C PRO O 210 -13.01 53.00 24.76
N ILE O 211 -13.88 52.44 25.60
CA ILE O 211 -13.70 52.57 27.04
C ILE O 211 -12.39 51.92 27.45
N GLU O 212 -12.11 50.75 26.89
CA GLU O 212 -10.80 50.14 27.03
C GLU O 212 -9.70 51.14 26.74
N ASP O 213 -9.64 51.67 25.53
CA ASP O 213 -8.49 52.49 25.16
C ASP O 213 -8.43 53.78 25.96
N LEU O 214 -9.56 54.27 26.47
CA LEU O 214 -9.46 55.45 27.31
C LEU O 214 -8.93 55.08 28.68
N TRP O 215 -9.21 53.86 29.14
CA TRP O 215 -8.51 53.34 30.31
C TRP O 215 -7.02 53.25 30.06
N GLN O 216 -6.62 52.80 28.87
CA GLN O 216 -5.21 52.72 28.52
C GLN O 216 -4.59 54.09 28.39
N PHE O 217 -5.37 55.10 28.01
CA PHE O 217 -4.84 56.46 27.91
C PHE O 217 -4.68 57.07 29.29
N LEU O 218 -5.72 56.95 30.12
CA LEU O 218 -5.61 57.34 31.51
C LEU O 218 -4.55 56.53 32.23
N TYR O 219 -4.12 55.41 31.63
CA TYR O 219 -3.04 54.62 32.21
C TYR O 219 -1.72 55.38 32.14
N GLU O 220 -1.67 56.45 31.36
CA GLU O 220 -0.56 57.39 31.38
C GLU O 220 -0.69 58.21 32.67
N LYS O 221 0.15 59.22 32.85
CA LYS O 221 0.11 60.12 34.02
C LYS O 221 0.46 59.40 35.30
N HIS O 222 0.57 58.08 35.28
CA HIS O 222 0.70 57.33 36.53
C HIS O 222 1.91 56.40 36.47
N TYR O 223 1.91 55.45 35.54
CA TYR O 223 3.17 54.80 35.19
C TYR O 223 4.09 55.73 34.41
N LYS O 224 3.60 56.38 33.37
CA LYS O 224 4.38 57.36 32.63
C LYS O 224 4.87 58.50 33.50
N ASN O 225 4.09 58.93 34.48
CA ASN O 225 4.57 59.94 35.43
C ASN O 225 4.83 59.26 36.76
N ILE O 226 6.11 59.06 37.05
CA ILE O 226 6.60 58.67 38.37
C ILE O 226 7.84 59.50 38.61
N PRO O 227 8.08 60.03 39.81
CA PRO O 227 9.23 60.92 39.98
C PRO O 227 10.54 60.17 39.96
N ARG O 228 10.70 59.29 38.97
CA ARG O 228 11.88 58.44 38.80
C ARG O 228 12.36 57.95 40.16
N ASN O 229 11.53 57.15 40.83
CA ASN O 229 11.80 56.87 42.23
C ASN O 229 12.74 55.68 42.35
N SER O 230 12.19 54.47 42.18
CA SER O 230 13.03 53.29 42.19
C SER O 230 12.40 52.21 41.33
N PRO O 231 13.19 51.29 40.77
CA PRO O 231 12.61 50.09 40.14
C PRO O 231 11.97 49.13 41.12
N LEU O 232 12.21 49.26 42.42
CA LEU O 232 11.76 48.32 43.42
C LEU O 232 10.23 48.35 43.58
N SER O 233 9.68 47.17 43.87
CA SER O 233 8.29 47.00 44.30
C SER O 233 7.28 47.60 43.32
N ASP O 234 7.07 46.94 42.18
CA ASP O 234 6.06 47.41 41.23
C ASP O 234 4.70 47.61 41.87
N LEU O 235 4.46 47.01 43.04
CA LEU O 235 3.23 47.26 43.79
C LEU O 235 2.98 48.75 43.99
N LYS O 236 3.98 49.49 44.50
CA LYS O 236 3.82 50.94 44.61
C LYS O 236 3.60 51.58 43.25
N LYS O 237 4.21 51.02 42.20
CA LYS O 237 3.98 51.46 40.83
C LYS O 237 2.59 51.12 40.31
N ARG O 238 1.90 50.18 40.96
CA ARG O 238 0.71 49.61 40.35
C ARG O 238 -0.57 50.11 41.01
N SER O 239 -0.88 49.61 42.21
CA SER O 239 -2.13 49.98 42.88
C SER O 239 -2.25 51.49 42.99
N GLN O 240 -1.20 52.17 43.44
CA GLN O 240 -1.16 53.62 43.38
C GLN O 240 -1.58 54.14 42.02
N ALA O 241 -0.84 53.77 40.98
CA ALA O 241 -1.25 54.13 39.63
C ALA O 241 -2.67 53.66 39.33
N LYS O 242 -3.01 52.43 39.70
CA LYS O 242 -4.37 51.96 39.49
C LYS O 242 -5.39 52.78 40.26
N MET O 243 -5.17 52.97 41.57
CA MET O 243 -6.05 53.84 42.33
C MET O 243 -6.18 55.21 41.66
N ASN O 244 -5.04 55.85 41.40
CA ASN O 244 -5.06 57.06 40.60
C ASN O 244 -5.78 56.86 39.28
N ALA O 245 -5.50 55.75 38.58
CA ALA O 245 -6.30 55.41 37.41
C ALA O 245 -7.77 55.30 37.76
N LYS O 246 -8.10 54.52 38.80
CA LYS O 246 -9.49 54.37 39.19
C LYS O 246 -10.13 55.70 39.56
N THR O 247 -9.55 56.39 40.55
CA THR O 247 -10.20 57.60 41.06
C THR O 247 -10.26 58.71 40.03
N ASP O 248 -9.27 58.82 39.15
CA ASP O 248 -9.39 59.75 38.05
C ASP O 248 -10.44 59.32 37.05
N PHE O 249 -10.56 58.02 36.81
CA PHE O 249 -11.57 57.49 35.91
C PHE O 249 -12.98 57.86 36.35
N ALA O 250 -13.23 57.89 37.66
CA ALA O 250 -14.55 58.16 38.19
C ALA O 250 -15.13 59.45 37.61
N LYS O 251 -14.49 60.58 37.86
CA LYS O 251 -14.98 61.85 37.34
C LYS O 251 -15.03 61.86 35.81
N ILE O 252 -14.31 60.97 35.14
CA ILE O 252 -14.35 60.92 33.69
C ILE O 252 -15.75 60.56 33.20
N ILE O 253 -16.35 59.53 33.82
CA ILE O 253 -17.72 59.19 33.45
C ILE O 253 -18.73 60.08 34.14
N ASN O 254 -18.38 60.66 35.30
CA ASN O 254 -19.26 61.59 35.96
C ASN O 254 -19.25 62.97 35.34
N LYS O 255 -18.21 63.30 34.57
CA LYS O 255 -18.24 64.55 33.79
C LYS O 255 -19.47 64.59 32.90
N PRO O 256 -19.80 63.57 32.10
CA PRO O 256 -21.08 63.58 31.39
C PRO O 256 -22.29 63.37 32.28
N ASN O 257 -22.13 62.71 33.43
CA ASN O 257 -23.26 62.30 34.27
C ASN O 257 -24.24 63.44 34.44
N GLU O 258 -23.84 64.49 35.14
CA GLU O 258 -24.58 65.74 35.11
C GLU O 258 -23.58 66.87 35.26
N LEU O 259 -23.79 67.95 34.51
CA LEU O 259 -22.98 69.14 34.65
C LEU O 259 -23.91 70.35 34.65
N SER O 260 -23.84 71.11 35.73
CA SER O 260 -24.78 72.20 36.00
C SER O 260 -24.78 73.28 34.94
N GLN O 261 -23.61 73.65 34.38
CA GLN O 261 -23.54 74.68 33.36
C GLN O 261 -24.47 74.41 32.19
N ILE O 262 -24.87 73.15 32.00
CA ILE O 262 -26.00 72.83 31.15
C ILE O 262 -27.26 73.17 31.94
N LEU O 263 -27.56 72.37 32.96
CA LEU O 263 -28.87 72.38 33.60
C LEU O 263 -29.21 73.75 34.20
N THR O 264 -28.24 74.44 34.80
CA THR O 264 -28.52 75.57 35.68
C THR O 264 -28.96 76.83 34.95
N VAL O 265 -28.60 76.99 33.67
CA VAL O 265 -28.72 78.28 33.00
C VAL O 265 -30.14 78.84 33.14
N ASP O 266 -30.24 80.05 33.64
CA ASP O 266 -31.53 80.76 33.75
C ASP O 266 -31.32 82.16 33.22
N PRO O 267 -31.52 82.39 31.93
CA PRO O 267 -31.30 83.70 31.34
C PRO O 267 -32.37 84.69 31.80
N LYS O 268 -32.24 85.92 31.33
CA LYS O 268 -33.15 86.99 31.70
C LYS O 268 -34.49 86.83 30.98
N THR O 269 -35.54 87.30 31.64
CA THR O 269 -36.92 87.20 31.14
C THR O 269 -37.27 85.75 30.84
N SER O 270 -36.69 84.83 31.62
CA SER O 270 -36.84 83.40 31.33
C SER O 270 -36.77 82.56 32.59
N LEU O 271 -36.71 81.25 32.40
CA LEU O 271 -36.69 80.30 33.50
C LEU O 271 -35.43 79.46 33.34
N ARG O 272 -35.19 78.54 34.26
CA ARG O 272 -33.96 77.75 34.27
C ARG O 272 -33.95 76.82 33.06
N ILE O 273 -32.92 76.93 32.25
CA ILE O 273 -32.82 76.19 31.00
C ILE O 273 -31.48 75.48 30.95
N VAL O 274 -31.35 74.55 30.02
CA VAL O 274 -30.06 73.97 29.70
C VAL O 274 -29.23 75.05 29.03
N LYS O 275 -28.00 74.72 28.66
CA LYS O 275 -27.30 75.64 27.78
C LYS O 275 -27.81 75.39 26.38
N PRO O 276 -28.59 76.30 25.78
CA PRO O 276 -29.19 76.04 24.48
C PRO O 276 -28.16 75.85 23.38
N THR O 277 -26.91 76.24 23.62
CA THR O 277 -25.84 76.22 22.64
C THR O 277 -25.35 74.80 22.35
N VAL O 278 -24.82 74.11 23.36
CA VAL O 278 -24.13 72.86 23.14
C VAL O 278 -25.09 71.81 22.60
N SER O 279 -24.57 70.94 21.73
CA SER O 279 -25.34 69.81 21.24
C SER O 279 -25.41 68.72 22.31
N LEU O 280 -26.62 68.25 22.57
CA LEU O 280 -26.85 67.17 23.53
C LEU O 280 -27.51 66.00 22.83
N THR O 281 -27.42 64.83 23.46
CA THR O 281 -27.84 63.60 22.80
C THR O 281 -28.55 62.68 23.79
N ILE O 282 -29.36 61.77 23.25
CA ILE O 282 -30.14 60.85 24.08
C ILE O 282 -29.21 60.01 24.92
N ASN O 283 -29.47 59.97 26.23
CA ASN O 283 -28.75 59.06 27.11
C ASN O 283 -29.34 57.66 26.95
N LEU O 284 -28.47 56.69 26.75
CA LEU O 284 -28.90 55.30 26.60
C LEU O 284 -29.14 54.61 27.94
N ASP O 285 -28.38 54.93 28.98
CA ASP O 285 -28.37 54.09 30.17
C ASP O 285 -29.58 54.34 31.05
N ARG O 286 -30.00 55.60 31.18
CA ARG O 286 -31.23 55.85 31.93
C ARG O 286 -32.44 55.25 31.23
N PHE O 287 -32.38 55.11 29.91
CA PHE O 287 -33.36 54.28 29.24
C PHE O 287 -33.16 52.81 29.59
N MET O 288 -31.91 52.33 29.51
CA MET O 288 -31.56 51.02 30.05
C MET O 288 -32.12 50.85 31.45
N LYS O 289 -31.71 51.71 32.37
CA LYS O 289 -32.19 51.66 33.74
C LYS O 289 -33.70 51.54 33.80
N GLY O 290 -34.41 52.48 33.18
CA GLY O 290 -35.85 52.53 33.30
C GLY O 290 -36.51 51.27 32.80
N ARG O 291 -36.08 50.78 31.65
CA ARG O 291 -36.70 49.59 31.10
C ARG O 291 -36.40 48.38 31.97
N ARG O 292 -35.24 48.37 32.63
CA ARG O 292 -34.94 47.30 33.57
C ARG O 292 -35.93 47.30 34.72
N SER O 293 -36.21 48.50 35.25
CA SER O 293 -37.21 48.62 36.30
C SER O 293 -38.49 47.91 35.92
N LYS O 294 -38.89 48.00 34.64
CA LYS O 294 -40.11 47.34 34.20
C LYS O 294 -39.98 45.84 34.40
N GLN O 295 -38.87 45.25 33.99
CA GLN O 295 -38.74 43.81 34.18
C GLN O 295 -38.79 43.42 35.65
N LEU O 296 -38.17 44.21 36.53
CA LEU O 296 -38.41 43.92 37.93
C LEU O 296 -39.87 44.02 38.34
N ILE O 297 -40.59 45.01 37.82
CA ILE O 297 -42.02 45.12 38.07
C ILE O 297 -42.73 43.86 37.62
N ASN O 298 -42.23 43.22 36.56
CA ASN O 298 -42.84 41.97 36.14
C ASN O 298 -42.55 40.84 37.11
N LEU O 299 -41.28 40.68 37.50
CA LEU O 299 -40.95 39.58 38.40
C LEU O 299 -41.70 39.71 39.72
N ALA O 300 -41.59 40.85 40.39
CA ALA O 300 -42.42 41.09 41.56
C ALA O 300 -43.90 40.99 41.25
N LYS O 301 -44.31 41.38 40.04
CA LYS O 301 -45.74 41.35 39.70
C LYS O 301 -46.27 39.94 39.78
N THR O 302 -45.39 38.95 39.84
CA THR O 302 -45.74 37.59 40.22
C THR O 302 -45.90 37.45 41.73
N ARG O 303 -44.79 37.52 42.45
CA ARG O 303 -44.72 36.85 43.74
C ARG O 303 -45.40 37.65 44.86
N VAL O 304 -45.95 38.80 44.55
CA VAL O 304 -46.65 39.60 45.52
C VAL O 304 -48.01 40.02 44.98
N GLY O 305 -48.73 40.82 45.77
CA GLY O 305 -50.07 41.21 45.38
C GLY O 305 -50.09 42.52 44.60
N SER O 306 -51.15 42.67 43.80
CA SER O 306 -51.27 43.82 42.91
C SER O 306 -51.12 45.14 43.66
N VAL O 307 -51.72 45.24 44.84
CA VAL O 307 -51.47 46.41 45.68
C VAL O 307 -49.99 46.56 45.99
N THR O 308 -49.40 45.59 46.71
CA THR O 308 -47.98 45.62 47.01
C THR O 308 -47.16 45.80 45.74
N ALA O 309 -47.56 45.13 44.66
CA ALA O 309 -46.91 45.33 43.38
C ALA O 309 -46.87 46.81 43.02
N GLN O 310 -48.02 47.41 42.74
CA GLN O 310 -48.11 48.81 42.32
C GLN O 310 -47.31 49.72 43.25
N VAL O 311 -47.42 49.48 44.56
CA VAL O 311 -46.54 50.16 45.51
C VAL O 311 -45.09 50.08 45.04
N TYR O 312 -44.56 48.87 44.92
CA TYR O 312 -43.20 48.69 44.44
C TYR O 312 -42.99 49.35 43.07
N LYS O 313 -44.03 49.42 42.25
CA LYS O 313 -43.93 50.02 40.92
C LYS O 313 -43.62 51.50 41.01
N ILE O 314 -44.22 52.20 41.97
CA ILE O 314 -43.84 53.60 42.20
C ILE O 314 -42.70 53.72 43.18
N ALA O 315 -42.27 52.61 43.81
CA ALA O 315 -41.15 52.68 44.73
C ALA O 315 -39.84 52.89 43.98
N LEU O 316 -39.68 52.24 42.84
CA LEU O 316 -38.53 52.53 42.00
C LEU O 316 -38.58 53.92 41.42
N ARG O 317 -39.78 54.41 41.06
CA ARG O 317 -39.90 55.70 40.39
C ARG O 317 -39.17 56.82 41.11
N LEU O 318 -39.03 56.75 42.43
CA LEU O 318 -38.16 57.67 43.13
C LEU O 318 -36.69 57.30 43.04
N THR O 319 -36.36 56.01 43.17
CA THR O 319 -34.97 55.57 43.12
C THR O 319 -34.50 55.17 41.73
N GLU O 320 -35.39 55.14 40.74
CA GLU O 320 -35.02 54.69 39.41
C GLU O 320 -33.93 55.54 38.77
N GLN O 321 -33.70 56.75 39.27
CA GLN O 321 -32.61 57.59 38.83
C GLN O 321 -31.24 56.95 39.00
N LYS O 322 -30.85 56.69 40.24
CA LYS O 322 -29.44 56.58 40.62
C LYS O 322 -28.76 55.28 40.25
N SER O 323 -29.37 54.13 40.54
CA SER O 323 -28.64 52.85 40.52
C SER O 323 -27.99 52.59 39.17
N PRO O 324 -26.79 52.03 39.13
CA PRO O 324 -26.07 51.90 37.86
C PRO O 324 -26.68 50.89 36.91
N LYS O 325 -27.17 49.77 37.43
CA LYS O 325 -27.47 48.61 36.59
C LYS O 325 -26.24 48.33 35.73
N ILE O 326 -26.37 48.52 34.43
CA ILE O 326 -25.29 48.24 33.50
C ILE O 326 -24.17 49.26 33.62
N ARG O 327 -24.33 50.32 34.40
CA ARG O 327 -23.34 51.40 34.43
C ARG O 327 -22.08 51.07 35.22
N ASP O 328 -22.21 50.51 36.42
CA ASP O 328 -21.03 50.28 37.25
C ASP O 328 -20.03 49.26 36.72
N PRO O 329 -20.41 48.12 36.05
CA PRO O 329 -19.38 47.11 35.73
C PRO O 329 -18.28 47.73 34.89
N LEU O 330 -18.65 48.41 33.80
CA LEU O 330 -17.84 49.46 33.23
C LEU O 330 -16.41 48.97 33.02
N THR O 331 -15.47 49.47 33.83
CA THR O 331 -14.08 49.02 33.84
C THR O 331 -13.94 47.50 33.90
N GLN O 332 -14.94 46.78 34.42
CA GLN O 332 -14.94 45.31 34.31
C GLN O 332 -14.68 44.88 32.88
N THR O 333 -15.14 45.67 31.93
CA THR O 333 -14.65 45.61 30.56
C THR O 333 -13.49 46.60 30.43
N GLY O 334 -12.35 46.11 29.98
CA GLY O 334 -11.21 46.98 29.73
C GLY O 334 -10.07 46.92 30.73
N LEU O 335 -10.12 45.99 31.68
CA LEU O 335 -8.95 45.73 32.50
C LEU O 335 -8.92 44.26 32.88
N LEU O 336 -7.72 43.69 32.90
CA LEU O 336 -7.54 42.35 33.44
C LEU O 336 -8.00 42.32 34.88
N GLN O 337 -8.82 41.33 35.21
CA GLN O 337 -9.23 41.17 36.59
C GLN O 337 -8.06 40.68 37.41
N ASP O 338 -8.26 40.47 38.70
CA ASP O 338 -7.28 39.77 39.53
C ASP O 338 -8.05 38.90 40.50
N LEU O 339 -7.67 37.62 40.54
CA LEU O 339 -8.31 36.67 41.44
C LEU O 339 -8.25 37.13 42.89
N GLU O 340 -7.44 38.14 43.19
CA GLU O 340 -7.54 38.91 44.42
C GLU O 340 -8.31 40.20 44.18
N GLU O 341 -7.78 41.07 43.32
CA GLU O 341 -8.32 42.43 43.20
C GLU O 341 -9.73 42.44 42.64
N ALA O 342 -10.09 41.47 41.79
CA ALA O 342 -11.46 41.42 41.30
C ALA O 342 -12.45 41.32 42.46
N LYS O 343 -12.04 40.71 43.57
CA LYS O 343 -12.85 40.80 44.78
C LYS O 343 -12.93 42.23 45.27
N SER O 344 -11.82 42.98 45.20
CA SER O 344 -11.86 44.39 45.60
C SER O 344 -12.75 45.20 44.68
N PHE O 345 -13.02 44.69 43.48
CA PHE O 345 -14.00 45.27 42.57
C PHE O 345 -15.43 44.88 42.93
N GLN O 346 -15.67 43.61 43.22
CA GLN O 346 -17.02 43.13 43.49
C GLN O 346 -17.53 43.64 44.83
N ASP O 347 -16.72 43.55 45.88
CA ASP O 347 -17.11 44.10 47.17
C ASP O 347 -17.29 45.61 47.10
N GLU O 348 -16.49 46.28 46.26
CA GLU O 348 -16.77 47.68 45.95
C GLU O 348 -18.17 47.84 45.38
N ALA O 349 -18.55 46.94 44.46
CA ALA O 349 -19.92 46.95 43.97
C ALA O 349 -20.93 46.61 45.06
N GLU O 350 -20.53 45.81 46.05
CA GLU O 350 -21.44 45.46 47.13
C GLU O 350 -21.93 46.68 47.90
N LEU O 351 -21.07 47.67 48.14
CA LEU O 351 -21.48 48.83 48.91
C LEU O 351 -21.88 50.04 48.07
N VAL O 352 -21.72 50.00 46.75
CA VAL O 352 -21.63 51.24 45.98
C VAL O 352 -22.90 52.08 46.10
N GLU O 353 -24.07 51.47 45.89
CA GLU O 353 -25.35 52.16 45.98
C GLU O 353 -25.94 52.15 47.38
N GLU O 354 -25.38 51.37 48.28
CA GLU O 354 -26.03 51.11 49.55
C GLU O 354 -25.97 52.27 50.52
N LYS O 355 -24.80 52.88 50.71
CA LYS O 355 -24.64 53.87 51.76
C LYS O 355 -24.98 55.27 51.26
N THR O 356 -24.10 55.87 50.47
CA THR O 356 -24.31 57.25 50.04
C THR O 356 -25.50 57.37 49.08
N PRO O 357 -25.59 56.55 48.03
CA PRO O 357 -26.81 56.58 47.21
C PRO O 357 -28.04 56.12 47.97
N GLY O 358 -27.88 55.32 49.02
CA GLY O 358 -28.99 55.02 49.91
C GLY O 358 -29.66 56.25 50.47
N LEU O 359 -28.88 57.31 50.73
CA LEU O 359 -29.46 58.60 51.12
C LEU O 359 -30.43 59.11 50.06
N THR O 360 -30.16 58.83 48.78
CA THR O 360 -31.08 59.20 47.72
C THR O 360 -32.29 58.27 47.68
N PHE O 361 -32.21 57.14 48.36
CA PHE O 361 -33.20 56.08 48.18
C PHE O 361 -34.28 56.14 49.25
N ASN O 362 -35.24 55.21 49.18
CA ASN O 362 -36.43 55.27 50.01
C ASN O 362 -36.09 55.23 51.50
N ALA O 363 -36.56 56.24 52.21
CA ALA O 363 -36.42 56.28 53.66
C ALA O 363 -37.78 56.60 54.26
N ILE O 364 -38.25 57.82 54.03
CA ILE O 364 -39.62 58.22 54.32
C ILE O 364 -40.18 58.83 53.04
N ASP O 365 -41.17 58.16 52.44
CA ASP O 365 -41.87 58.68 51.29
C ASP O 365 -43.37 58.49 51.47
N LEU O 366 -44.13 59.44 50.93
CA LEU O 366 -45.56 59.49 51.19
C LEU O 366 -46.37 59.66 49.92
N ALA O 367 -47.36 58.78 49.71
CA ALA O 367 -48.47 58.99 48.78
C ALA O 367 -48.03 59.64 47.48
N ARG O 368 -47.26 58.93 46.67
CA ARG O 368 -46.72 59.55 45.46
C ARG O 368 -47.86 59.97 44.53
N HIS O 369 -48.70 59.01 44.12
CA HIS O 369 -49.95 59.41 43.48
C HIS O 369 -51.12 58.65 44.09
N LEU O 370 -51.19 57.34 43.87
CA LEU O 370 -52.19 56.43 44.42
C LEU O 370 -53.58 56.76 43.86
N PRO O 371 -54.56 55.84 43.99
CA PRO O 371 -55.93 56.13 43.54
C PRO O 371 -56.52 57.39 44.17
N SER O 449 -56.44 50.59 51.76
CA SER O 449 -55.58 51.46 50.96
C SER O 449 -55.91 52.94 51.18
N ALA O 450 -57.19 53.27 51.07
CA ALA O 450 -57.64 54.64 51.20
C ALA O 450 -57.65 55.05 52.67
N SER O 451 -58.13 56.26 52.95
CA SER O 451 -58.19 56.84 54.30
C SER O 451 -56.78 56.83 54.88
N LEU O 452 -56.51 56.12 55.97
CA LEU O 452 -55.20 56.18 56.61
C LEU O 452 -54.20 55.41 55.76
N ILE O 453 -53.16 56.11 55.30
CA ILE O 453 -52.23 55.55 54.33
C ILE O 453 -50.94 55.03 54.96
N ASN O 454 -50.76 55.21 56.28
CA ASN O 454 -49.46 54.97 56.88
C ASN O 454 -49.17 53.48 57.03
N SER O 455 -49.94 52.76 57.84
CA SER O 455 -49.75 51.32 57.94
C SER O 455 -49.87 50.66 56.57
N HIS O 456 -50.68 51.23 55.69
CA HIS O 456 -50.69 50.84 54.29
C HIS O 456 -49.32 50.99 53.66
N LEU O 457 -48.54 51.98 54.09
CA LEU O 457 -47.15 52.09 53.65
C LEU O 457 -46.26 51.04 54.30
N LYS O 458 -46.61 50.58 55.50
CA LYS O 458 -45.83 49.57 56.21
C LYS O 458 -45.78 48.25 55.46
N ILE O 459 -46.54 48.13 54.37
CA ILE O 459 -46.53 46.95 53.52
C ILE O 459 -45.14 46.60 53.00
N LEU O 460 -44.19 47.53 53.10
CA LEU O 460 -42.82 47.26 52.65
C LEU O 460 -42.30 45.94 53.15
N ALA O 461 -42.55 45.61 54.42
CA ALA O 461 -42.07 44.34 54.97
C ALA O 461 -42.66 43.13 54.25
N SER O 462 -43.79 43.29 53.57
CA SER O 462 -44.38 42.16 52.85
C SER O 462 -43.44 41.65 51.78
N SER O 463 -42.64 42.53 51.18
CA SER O 463 -41.64 42.10 50.21
C SER O 463 -40.61 41.28 50.98
N ASN O 464 -40.41 40.03 50.56
CA ASN O 464 -39.46 39.16 51.22
C ASN O 464 -38.55 38.45 50.23
N PHE O 465 -39.11 37.62 49.36
CA PHE O 465 -38.32 36.79 48.44
C PHE O 465 -38.57 37.06 46.96
N PRO O 466 -37.53 36.89 46.14
CA PRO O 466 -36.13 36.90 46.58
C PRO O 466 -35.48 38.26 46.40
N PHE O 467 -36.06 39.33 46.95
CA PHE O 467 -35.58 40.67 46.66
C PHE O 467 -36.07 41.63 47.74
N LEU O 468 -35.42 42.80 47.80
CA LEU O 468 -35.72 43.83 48.80
C LEU O 468 -35.49 43.29 50.21
N ASN O 469 -36.43 43.60 51.10
CA ASN O 469 -36.58 42.89 52.38
C ASN O 469 -35.37 43.06 53.29
N GLU O 470 -34.65 44.18 53.11
CA GLU O 470 -33.57 44.57 54.03
C GLU O 470 -33.68 46.08 54.19
N THR O 471 -32.94 46.62 55.16
CA THR O 471 -32.85 48.05 55.36
C THR O 471 -31.77 48.40 56.37
N LYS O 472 -31.59 49.70 56.57
CA LYS O 472 -30.95 50.20 57.78
C LYS O 472 -31.92 49.94 58.94
N PRO O 473 -31.40 49.56 60.12
CA PRO O 473 -32.23 48.79 61.07
C PRO O 473 -33.50 49.48 61.53
N GLY O 474 -34.53 49.39 60.70
CA GLY O 474 -35.88 49.75 61.07
C GLY O 474 -36.47 50.96 60.38
N VAL O 475 -35.65 51.77 59.72
CA VAL O 475 -36.15 52.77 58.79
C VAL O 475 -36.59 52.01 57.56
N TYR O 476 -37.72 52.41 56.98
CA TYR O 476 -38.18 51.65 55.84
C TYR O 476 -37.40 52.07 54.60
N TYR O 477 -36.64 51.11 54.07
CA TYR O 477 -35.65 51.33 53.04
C TYR O 477 -35.42 50.02 52.31
N VAL O 478 -35.00 50.09 51.06
CA VAL O 478 -34.61 48.87 50.33
C VAL O 478 -33.14 48.96 49.97
N PRO O 479 -32.31 47.99 50.37
CA PRO O 479 -30.94 47.97 49.88
C PRO O 479 -30.94 47.69 48.39
N TYR O 480 -29.86 48.13 47.73
CA TYR O 480 -29.71 47.81 46.31
C TYR O 480 -28.31 47.33 45.96
N SER O 481 -27.29 48.14 46.29
CA SER O 481 -25.91 47.78 45.96
C SER O 481 -25.58 46.34 46.35
N LYS O 482 -26.17 45.83 47.42
CA LYS O 482 -26.26 44.39 47.57
C LYS O 482 -27.41 43.78 46.77
N LEU O 483 -28.62 44.33 46.90
CA LEU O 483 -29.79 43.76 46.24
C LEU O 483 -29.62 43.66 44.74
N MET O 484 -29.50 44.82 44.06
CA MET O 484 -29.39 44.80 42.60
C MET O 484 -28.44 43.72 42.11
N PRO O 485 -27.20 43.61 42.60
CA PRO O 485 -26.36 42.48 42.18
C PRO O 485 -26.90 41.12 42.61
N VAL O 486 -27.28 40.93 43.87
CA VAL O 486 -27.78 39.63 44.31
C VAL O 486 -29.17 39.36 43.75
N LEU O 487 -29.78 40.34 43.11
CA LEU O 487 -31.04 40.18 42.40
C LEU O 487 -30.87 39.63 41.00
N LYS O 488 -30.10 40.31 40.14
CA LYS O 488 -29.93 39.92 38.74
C LYS O 488 -29.69 38.42 38.56
N SER O 489 -28.91 37.80 39.43
CA SER O 489 -28.60 36.39 39.30
C SER O 489 -29.84 35.49 39.31
N SER O 490 -30.97 35.97 39.82
CA SER O 490 -32.20 35.21 39.85
C SER O 490 -32.95 35.27 38.52
N VAL O 491 -32.87 36.41 37.84
CA VAL O 491 -33.91 36.82 36.91
C VAL O 491 -34.21 35.81 35.79
N TYR O 492 -33.28 34.91 35.48
CA TYR O 492 -33.46 33.97 34.38
C TYR O 492 -34.82 33.27 34.42
N GLU O 493 -34.98 32.38 35.39
CA GLU O 493 -36.26 31.78 35.70
C GLU O 493 -36.88 30.95 34.58
N TYR O 494 -38.13 31.28 34.26
CA TYR O 494 -38.87 30.62 33.19
C TYR O 494 -37.99 30.37 31.97
N VAL O 495 -38.37 30.99 30.84
CA VAL O 495 -37.69 30.87 29.54
C VAL O 495 -37.21 29.45 29.27
N ILE O 496 -38.14 28.50 29.43
CA ILE O 496 -37.88 27.08 29.25
C ILE O 496 -39.03 26.39 29.99
N ALA O 497 -40.23 26.69 29.52
CA ALA O 497 -41.48 26.22 30.10
C ALA O 497 -42.33 25.76 28.93
N SER O 498 -42.64 26.70 28.04
CA SER O 498 -43.40 26.40 26.83
C SER O 498 -42.37 25.83 25.87
N THR O 499 -41.16 26.36 25.99
CA THR O 499 -40.03 25.93 25.20
C THR O 499 -40.00 24.41 25.09
N LEU O 500 -39.64 23.70 26.17
CA LEU O 500 -39.57 22.25 26.13
C LEU O 500 -40.75 21.54 26.79
N GLY O 501 -41.65 22.28 27.42
CA GLY O 501 -42.64 21.68 28.29
C GLY O 501 -42.27 21.85 29.75
N PRO O 502 -43.27 21.93 30.62
CA PRO O 502 -42.99 22.24 32.03
C PRO O 502 -42.22 21.15 32.75
N SER O 503 -42.44 19.88 32.41
CA SER O 503 -41.73 18.78 33.06
C SER O 503 -40.22 18.95 32.99
N ALA O 504 -39.71 19.66 31.99
CA ALA O 504 -38.30 19.99 31.93
C ALA O 504 -37.83 20.81 33.11
N MET O 505 -38.47 21.95 33.38
CA MET O 505 -38.00 22.86 34.41
C MET O 505 -37.55 22.15 35.66
N ARG O 506 -38.47 21.45 36.34
CA ARG O 506 -38.17 20.88 37.63
C ARG O 506 -36.87 20.10 37.64
N LEU O 507 -36.54 19.35 36.60
CA LEU O 507 -35.27 18.65 36.65
C LEU O 507 -34.10 19.58 36.43
N SER O 508 -34.17 20.45 35.41
CA SER O 508 -33.22 21.55 35.31
C SER O 508 -33.17 22.31 36.62
N ARG O 509 -34.28 22.87 37.04
CA ARG O 509 -34.41 23.49 38.35
C ARG O 509 -33.85 22.60 39.45
N CYS O 510 -34.07 21.28 39.38
CA CYS O 510 -33.42 20.38 40.33
C CYS O 510 -31.91 20.46 40.20
N ILE O 511 -31.39 20.32 38.98
CA ILE O 511 -29.96 20.49 38.76
C ILE O 511 -29.51 21.85 39.26
N ARG O 512 -30.45 22.79 39.43
CA ARG O 512 -30.10 24.05 40.07
C ARG O 512 -29.52 23.84 41.46
N ASP O 513 -30.36 23.44 42.42
CA ASP O 513 -29.95 23.43 43.82
C ASP O 513 -28.75 22.52 44.06
N ASN O 514 -28.95 21.21 43.96
CA ASN O 514 -27.80 20.33 44.06
C ASN O 514 -27.03 20.43 42.75
N LYS O 515 -25.89 19.76 42.64
CA LYS O 515 -25.03 20.04 41.49
C LYS O 515 -24.21 18.80 41.15
N LEU O 516 -23.89 18.67 39.87
CA LEU O 516 -23.15 17.50 39.39
C LEU O 516 -23.87 16.36 40.09
N VAL O 517 -24.99 15.94 39.53
CA VAL O 517 -25.77 14.91 40.22
C VAL O 517 -26.16 13.83 39.22
N SER O 518 -25.87 12.58 39.56
CA SER O 518 -26.07 11.47 38.64
C SER O 518 -27.56 11.17 38.47
N GLU O 519 -27.91 10.66 37.29
CA GLU O 519 -29.33 10.46 37.01
C GLU O 519 -29.94 9.35 37.83
N LYS O 520 -29.12 8.44 38.38
CA LYS O 520 -29.68 7.45 39.30
C LYS O 520 -30.40 8.15 40.44
N ILE O 521 -29.75 9.13 41.06
CA ILE O 521 -30.38 9.86 42.15
C ILE O 521 -31.16 11.06 41.67
N ILE O 522 -31.05 11.41 40.39
CA ILE O 522 -32.06 12.28 39.79
C ILE O 522 -33.39 11.57 39.73
N ASN O 523 -33.39 10.34 39.22
CA ASN O 523 -34.61 9.55 39.17
C ASN O 523 -35.29 9.50 40.53
N SER O 524 -34.51 9.48 41.61
CA SER O 524 -35.09 9.53 42.94
C SER O 524 -35.51 10.94 43.32
N THR O 525 -34.61 11.92 43.17
CA THR O 525 -34.86 13.26 43.68
C THR O 525 -36.00 13.93 42.95
N ALA O 526 -35.90 14.06 41.64
CA ALA O 526 -37.05 14.45 40.85
C ALA O 526 -37.97 13.25 40.79
N LEU O 527 -39.15 13.40 40.19
CA LEU O 527 -40.03 12.25 40.19
C LEU O 527 -40.71 12.08 38.84
N MET O 528 -40.45 10.95 38.20
CA MET O 528 -41.07 10.54 36.94
C MET O 528 -40.43 9.24 36.50
N LYS O 529 -41.06 8.52 35.56
CA LYS O 529 -40.52 7.27 35.06
C LYS O 529 -39.28 7.59 34.23
N GLU O 530 -38.62 6.55 33.73
CA GLU O 530 -37.47 6.77 32.88
C GLU O 530 -37.88 7.35 31.53
N LYS O 531 -38.95 6.81 30.93
CA LYS O 531 -39.32 7.16 29.58
C LYS O 531 -39.42 8.66 29.36
N ASP O 532 -39.96 9.41 30.30
CA ASP O 532 -39.95 10.86 30.19
C ASP O 532 -38.58 11.45 30.44
N ILE O 533 -37.93 11.10 31.57
CA ILE O 533 -36.68 11.74 31.95
C ILE O 533 -35.66 11.65 30.82
N ARG O 534 -35.57 10.50 30.18
CA ARG O 534 -34.67 10.36 29.05
C ARG O 534 -34.89 11.42 27.99
N SER O 535 -36.13 11.68 27.60
CA SER O 535 -36.41 12.71 26.61
C SER O 535 -36.21 14.09 27.17
N THR O 536 -37.02 14.49 28.16
CA THR O 536 -36.98 15.85 28.68
C THR O 536 -35.61 16.22 29.21
N LEU O 537 -34.72 15.26 29.37
CA LEU O 537 -33.32 15.59 29.57
C LEU O 537 -32.58 15.71 28.25
N ALA O 538 -32.54 14.62 27.47
CA ALA O 538 -31.91 14.68 26.15
C ALA O 538 -32.45 15.83 25.32
N SER O 539 -33.76 16.03 25.29
CA SER O 539 -34.29 17.21 24.63
C SER O 539 -33.76 18.49 25.22
N LEU O 540 -33.38 18.47 26.50
CA LEU O 540 -32.79 19.65 27.12
C LEU O 540 -31.31 19.78 26.79
N ILE O 541 -30.61 18.66 26.57
CA ILE O 541 -29.17 18.76 26.41
C ILE O 541 -28.76 19.20 25.02
N ARG O 542 -29.52 18.83 23.98
CA ARG O 542 -29.19 19.34 22.65
C ARG O 542 -29.27 20.86 22.61
N TYR O 543 -30.16 21.43 23.41
CA TYR O 543 -30.29 22.87 23.52
C TYR O 543 -29.31 23.35 24.59
N ASN O 544 -28.35 22.49 24.93
CA ASN O 544 -27.28 22.82 25.85
C ASN O 544 -27.83 23.03 27.25
N SER O 545 -27.55 24.17 27.89
CA SER O 545 -27.79 24.25 29.33
C SER O 545 -26.99 23.16 30.04
N VAL O 546 -27.69 22.11 30.48
CA VAL O 546 -27.20 21.12 31.44
C VAL O 546 -25.77 20.63 31.23
N GLU O 547 -25.28 20.60 29.99
CA GLU O 547 -23.92 20.15 29.70
C GLU O 547 -23.69 18.72 30.21
N ILE O 548 -22.44 18.36 30.52
CA ILE O 548 -22.09 17.02 31.00
C ILE O 548 -20.76 17.09 31.75
N GLN O 549 -20.63 16.25 32.78
CA GLN O 549 -19.34 15.85 33.34
C GLN O 549 -19.19 14.35 33.13
N GLU O 550 -17.96 13.86 33.14
CA GLU O 550 -17.82 12.42 33.29
C GLU O 550 -16.53 12.13 34.03
N VAL O 551 -16.34 10.84 34.34
CA VAL O 551 -15.10 10.34 34.92
C VAL O 551 -14.81 8.99 34.26
N PRO O 552 -13.55 8.68 33.97
CA PRO O 552 -13.22 7.33 33.55
C PRO O 552 -13.40 6.35 34.69
N ARG O 553 -14.13 5.27 34.40
CA ARG O 553 -14.39 4.26 35.40
C ARG O 553 -13.71 2.98 34.95
N THR O 554 -12.71 2.55 35.72
CA THR O 554 -11.81 1.43 35.42
C THR O 554 -11.41 1.46 33.95
N ALA O 555 -11.17 2.66 33.43
CA ALA O 555 -10.95 2.86 32.01
C ALA O 555 -9.63 3.60 31.83
N ASP O 556 -9.11 3.51 30.61
CA ASP O 556 -7.99 4.32 30.20
C ASP O 556 -8.72 5.64 29.84
N ARG O 557 -9.80 5.48 29.04
CA ARG O 557 -10.71 6.51 28.56
C ARG O 557 -11.74 5.73 27.75
N SER O 558 -12.90 5.39 28.34
CA SER O 558 -13.82 4.58 27.55
C SER O 558 -15.24 5.06 27.82
N ALA O 559 -16.17 4.71 26.93
CA ALA O 559 -17.52 5.25 27.06
C ALA O 559 -18.36 4.43 28.03
N SER O 560 -18.75 3.23 27.63
CA SER O 560 -19.72 2.41 28.36
C SER O 560 -19.29 2.19 29.81
N ARG O 561 -18.07 1.68 30.02
CA ARG O 561 -17.61 1.33 31.35
C ARG O 561 -17.49 2.54 32.27
N ALA O 562 -17.52 3.75 31.71
CA ALA O 562 -17.43 4.96 32.53
C ALA O 562 -18.81 5.26 33.09
N VAL O 563 -18.90 6.31 33.90
CA VAL O 563 -20.15 6.77 34.47
C VAL O 563 -20.24 8.27 34.25
N PHE O 564 -21.46 8.76 34.09
CA PHE O 564 -21.71 10.12 33.65
C PHE O 564 -22.34 10.95 34.75
N LEU O 565 -22.03 12.24 34.73
CA LEU O 565 -22.59 13.23 35.63
C LEU O 565 -23.07 14.42 34.82
N PHE O 566 -23.81 15.31 35.48
CA PHE O 566 -24.38 16.49 34.85
C PHE O 566 -23.83 17.72 35.56
N ARG O 567 -24.31 18.90 35.18
CA ARG O 567 -24.03 20.13 35.90
C ARG O 567 -24.91 21.24 35.34
N CYS O 568 -24.68 22.48 35.77
CA CYS O 568 -25.32 23.64 35.16
C CYS O 568 -24.32 24.52 34.42
N LYS O 569 -23.40 25.18 35.13
CA LYS O 569 -22.47 26.12 34.54
C LYS O 569 -23.25 27.18 33.80
N GLU O 570 -23.94 28.04 34.55
CA GLU O 570 -24.98 28.89 34.00
C GLU O 570 -24.48 29.88 32.97
N THR O 571 -23.19 30.21 32.97
CA THR O 571 -22.67 31.14 31.99
C THR O 571 -23.06 30.72 30.57
N HIS O 572 -22.73 29.49 30.18
CA HIS O 572 -23.22 28.94 28.93
C HIS O 572 -24.73 29.06 28.80
N SER O 573 -25.49 28.40 29.68
CA SER O 573 -26.94 28.36 29.55
C SER O 573 -27.54 29.73 29.32
N TYR O 574 -27.16 30.73 30.11
CA TYR O 574 -27.52 32.10 29.79
C TYR O 574 -27.04 32.50 28.43
N ASN O 575 -25.78 32.23 28.12
CA ASN O 575 -25.12 32.84 26.98
C ASN O 575 -25.82 32.56 25.66
N PHE O 576 -25.83 31.30 25.22
CA PHE O 576 -26.40 31.00 23.91
C PHE O 576 -27.90 31.22 23.87
N MET O 577 -28.53 31.60 24.98
CA MET O 577 -29.84 32.21 24.84
C MET O 577 -29.76 33.51 24.05
N ARG O 578 -28.56 34.08 23.89
CA ARG O 578 -28.41 35.14 22.92
C ARG O 578 -28.53 34.64 21.49
N GLN O 579 -28.70 33.34 21.26
CA GLN O 579 -29.25 32.97 19.98
C GLN O 579 -30.51 33.76 19.70
N ASN O 580 -31.29 34.03 20.75
CA ASN O 580 -32.44 34.90 20.65
C ASN O 580 -32.09 36.17 19.89
N LEU O 581 -30.89 36.72 20.12
CA LEU O 581 -30.41 37.81 19.27
C LEU O 581 -30.51 37.47 17.80
N GLU O 582 -29.67 36.56 17.33
CA GLU O 582 -29.71 36.15 15.94
C GLU O 582 -31.00 35.46 15.59
N TRP O 583 -31.87 35.24 16.56
CA TRP O 583 -32.91 34.29 16.23
C TRP O 583 -33.98 34.94 15.38
N ASN O 584 -34.89 35.67 16.01
CA ASN O 584 -35.77 36.44 15.16
C ASN O 584 -35.48 37.93 15.19
N MET O 585 -34.57 38.40 16.06
CA MET O 585 -34.15 39.78 15.89
C MET O 585 -33.37 39.95 14.61
N ALA O 586 -32.94 38.83 14.04
CA ALA O 586 -32.39 38.80 12.70
C ALA O 586 -33.36 38.23 11.67
N ASN O 587 -33.60 36.92 11.69
CA ASN O 587 -34.50 36.26 10.76
C ASN O 587 -35.83 37.00 10.66
N LEU O 588 -36.41 37.36 11.81
CA LEU O 588 -37.65 38.13 11.78
C LEU O 588 -37.50 39.39 10.97
N LEU O 589 -36.58 40.27 11.36
CA LEU O 589 -36.41 41.54 10.68
C LEU O 589 -36.20 41.34 9.18
N PHE O 590 -35.48 40.29 8.79
CA PHE O 590 -35.41 39.98 7.36
C PHE O 590 -36.76 39.62 6.77
N LYS O 591 -37.54 38.78 7.47
CA LYS O 591 -38.88 38.51 7.00
C LYS O 591 -39.69 39.79 6.90
N LYS O 592 -39.27 40.84 7.59
CA LYS O 592 -39.80 42.16 7.26
C LYS O 592 -39.28 42.64 5.92
N GLU O 593 -37.95 42.59 5.72
CA GLU O 593 -37.37 43.09 4.48
C GLU O 593 -37.91 42.40 3.23
N LYS O 594 -37.65 41.11 3.07
CA LYS O 594 -38.03 40.41 1.83
C LYS O 594 -39.50 40.58 1.51
N LEU O 595 -40.32 40.87 2.50
CA LEU O 595 -41.70 41.29 2.27
C LEU O 595 -41.80 42.58 1.46
N LYS O 596 -40.93 43.55 1.72
CA LYS O 596 -41.07 44.87 1.11
C LYS O 596 -41.07 44.79 -0.41
N GLN O 597 -40.25 43.91 -1.00
CA GLN O 597 -40.12 43.88 -2.44
C GLN O 597 -41.41 43.48 -3.14
N GLU O 598 -42.30 42.77 -2.43
CA GLU O 598 -43.60 42.47 -3.03
C GLU O 598 -44.37 43.74 -3.33
N ASN O 599 -44.49 44.63 -2.35
CA ASN O 599 -45.17 45.91 -2.50
C ASN O 599 -44.20 47.03 -2.84
N SER O 600 -42.93 46.69 -3.09
CA SER O 600 -41.94 47.72 -3.45
C SER O 600 -42.47 48.63 -4.55
N THR O 601 -43.02 48.06 -5.62
CA THR O 601 -43.67 48.84 -6.64
C THR O 601 -44.88 49.60 -6.12
N LEU O 602 -45.54 49.10 -5.08
CA LEU O 602 -46.62 49.81 -4.42
C LEU O 602 -46.15 50.86 -3.43
N LEU O 603 -45.00 50.65 -2.78
CA LEU O 603 -44.55 51.57 -1.74
C LEU O 603 -44.45 53.00 -2.27
N LYS O 604 -43.82 53.18 -3.44
CA LYS O 604 -43.73 54.51 -4.03
C LYS O 604 -45.12 55.09 -4.33
N LYS O 605 -46.08 54.23 -4.67
CA LYS O 605 -47.44 54.68 -4.89
C LYS O 605 -48.09 55.17 -3.59
N ALA O 606 -48.05 54.36 -2.55
CA ALA O 606 -48.65 54.73 -1.27
C ALA O 606 -47.94 55.93 -0.65
N ASN O 607 -46.69 56.18 -1.03
CA ASN O 607 -46.00 57.37 -0.56
C ASN O 607 -46.63 58.64 -1.10
N ARG O 608 -46.89 58.70 -2.40
CA ARG O 608 -47.46 59.88 -3.03
C ARG O 608 -48.98 59.81 -3.15
N ASP O 609 -49.61 58.75 -2.69
CA ASP O 609 -51.07 58.74 -2.59
C ASP O 609 -51.56 59.57 -1.41
N ASP O 610 -50.92 59.42 -0.26
CA ASP O 610 -51.29 60.18 0.93
C ASP O 610 -50.09 60.97 1.47
N LEU O 619 -56.77 52.97 -4.72
CA LEU O 619 -56.82 52.47 -6.09
C LEU O 619 -56.74 50.95 -6.13
N LEU O 620 -57.65 50.34 -6.89
CA LEU O 620 -57.82 48.91 -7.11
C LEU O 620 -58.34 48.23 -5.86
N PRO O 621 -59.19 47.20 -5.98
CA PRO O 621 -59.60 46.44 -4.79
C PRO O 621 -58.51 45.55 -4.22
N SER O 622 -57.79 44.83 -5.08
CA SER O 622 -56.77 43.89 -4.60
C SER O 622 -55.58 44.60 -4.01
N GLU O 623 -55.31 45.83 -4.44
CA GLU O 623 -54.30 46.65 -3.79
C GLU O 623 -54.71 46.96 -2.35
N LEU O 624 -55.95 47.41 -2.14
CA LEU O 624 -56.48 47.57 -0.78
C LEU O 624 -56.43 46.28 0.01
N ASN O 625 -56.66 45.12 -0.63
CA ASN O 625 -56.58 43.86 0.09
C ASN O 625 -55.19 43.63 0.66
N GLN O 626 -54.16 43.67 -0.21
CA GLN O 626 -52.81 43.46 0.27
C GLN O 626 -52.30 44.59 1.15
N LEU O 627 -52.95 45.76 1.13
CA LEU O 627 -52.67 46.75 2.16
C LEU O 627 -52.91 46.19 3.56
N LYS O 628 -54.15 45.79 3.86
CA LYS O 628 -54.45 45.12 5.11
C LYS O 628 -53.50 43.98 5.40
N MET O 629 -53.21 43.14 4.40
CA MET O 629 -52.26 42.05 4.54
C MET O 629 -50.91 42.51 5.08
N VAL O 630 -50.20 43.35 4.33
CA VAL O 630 -48.86 43.78 4.70
C VAL O 630 -48.92 44.55 6.01
N ASN O 631 -50.06 45.18 6.30
CA ASN O 631 -50.16 45.97 7.52
C ASN O 631 -50.25 45.08 8.76
N GLU O 632 -51.20 44.16 8.78
CA GLU O 632 -51.23 43.19 9.87
C GLU O 632 -49.92 42.44 9.99
N ARG O 633 -49.35 42.07 8.84
CA ARG O 633 -48.02 41.48 8.76
C ARG O 633 -47.02 42.29 9.57
N GLU O 634 -46.81 43.55 9.20
CA GLU O 634 -45.96 44.45 9.98
C GLU O 634 -46.32 44.43 11.45
N LEU O 635 -47.55 44.82 11.79
CA LEU O 635 -47.94 44.91 13.19
C LEU O 635 -47.59 43.65 13.98
N ASN O 636 -47.66 42.48 13.35
CA ASN O 636 -46.98 41.31 13.89
C ASN O 636 -45.49 41.53 14.06
N VAL O 637 -44.75 41.76 12.97
CA VAL O 637 -43.30 41.67 13.03
C VAL O 637 -42.68 42.56 14.10
N PHE O 638 -43.18 43.77 14.30
CA PHE O 638 -42.58 44.63 15.31
C PHE O 638 -43.07 44.32 16.72
N ALA O 639 -44.36 44.11 16.92
CA ALA O 639 -44.82 43.69 18.24
C ALA O 639 -44.16 42.37 18.62
N ARG O 640 -44.03 41.47 17.65
CA ARG O 640 -43.24 40.27 17.86
C ARG O 640 -41.85 40.63 18.37
N LEU O 641 -41.19 41.57 17.70
CA LEU O 641 -39.90 42.05 18.16
C LEU O 641 -39.96 42.46 19.63
N SER O 642 -40.77 43.45 19.97
CA SER O 642 -40.88 43.89 21.37
C SER O 642 -41.06 42.73 22.32
N ARG O 643 -41.87 41.74 21.93
CA ARG O 643 -41.94 40.52 22.73
C ARG O 643 -40.55 39.93 22.94
N LEU O 644 -39.78 39.74 21.87
CA LEU O 644 -38.41 39.29 22.06
C LEU O 644 -37.59 40.22 22.94
N LEU O 645 -37.39 41.45 22.48
CA LEU O 645 -36.53 42.42 23.14
C LEU O 645 -36.80 42.48 24.64
N SER O 646 -38.07 42.47 25.02
CA SER O 646 -38.39 42.37 26.44
C SER O 646 -37.73 41.14 27.06
N LEU O 647 -37.55 40.08 26.28
CA LEU O 647 -36.88 38.89 26.79
C LEU O 647 -35.37 38.99 26.58
N TRP O 648 -34.93 39.97 25.79
CA TRP O 648 -33.52 40.21 25.53
C TRP O 648 -32.84 41.03 26.62
N GLU O 649 -33.52 42.06 27.12
CA GLU O 649 -32.90 43.00 28.04
C GLU O 649 -32.18 42.32 29.19
N VAL O 650 -32.68 41.19 29.66
CA VAL O 650 -32.04 40.45 30.74
C VAL O 650 -30.63 40.02 30.36
N PHE O 651 -30.47 39.14 29.38
CA PHE O 651 -29.20 38.45 29.18
C PHE O 651 -28.05 39.36 28.82
N GLN O 652 -28.14 40.13 27.73
CA GLN O 652 -26.98 40.82 27.17
C GLN O 652 -26.24 41.61 28.24
N MET O 653 -26.97 42.25 29.13
CA MET O 653 -26.40 43.08 30.17
C MET O 653 -27.26 42.92 31.41
N ALA O 654 -26.60 42.76 32.55
CA ALA O 654 -27.23 42.25 33.76
C ALA O 654 -27.87 40.89 33.44
N GLN P 10 -20.89 -40.31 70.28
CA GLN P 10 -21.92 -41.14 69.65
C GLN P 10 -22.75 -40.32 68.67
N LEU P 11 -23.16 -40.97 67.57
CA LEU P 11 -23.97 -40.29 66.57
C LEU P 11 -25.21 -39.66 67.18
N SER P 12 -26.04 -40.46 67.83
CA SER P 12 -27.25 -39.93 68.45
C SER P 12 -26.92 -39.05 69.66
N ASP P 13 -26.08 -39.53 70.57
CA ASP P 13 -25.81 -38.78 71.79
C ASP P 13 -25.16 -37.43 71.50
N ASN P 14 -23.98 -37.45 70.86
CA ASN P 14 -23.33 -36.19 70.55
C ASN P 14 -24.14 -35.39 69.53
N ALA P 15 -24.96 -36.07 68.72
CA ALA P 15 -25.89 -35.35 67.86
C ALA P 15 -26.92 -34.59 68.67
N LYS P 16 -27.60 -35.27 69.59
CA LYS P 16 -28.69 -34.65 70.33
C LYS P 16 -28.19 -33.59 71.31
N THR P 17 -27.06 -33.84 71.98
CA THR P 17 -26.52 -32.85 72.89
C THR P 17 -25.81 -31.72 72.16
N LEU P 18 -25.27 -31.98 70.97
CA LEU P 18 -24.74 -30.92 70.13
C LEU P 18 -25.87 -30.17 69.42
N HIS P 19 -26.97 -30.85 69.13
CA HIS P 19 -28.19 -30.17 68.73
C HIS P 19 -28.81 -29.38 69.87
N SER P 20 -28.47 -29.72 71.11
CA SER P 20 -29.05 -29.03 72.25
C SER P 20 -28.50 -27.62 72.40
N GLN P 21 -27.19 -27.45 72.19
CA GLN P 21 -26.62 -26.11 72.21
C GLN P 21 -27.14 -25.25 71.07
N MET P 22 -27.45 -25.86 69.92
CA MET P 22 -27.98 -25.11 68.80
C MET P 22 -29.43 -24.71 69.02
N MET P 23 -30.29 -25.66 69.38
CA MET P 23 -31.70 -25.36 69.64
C MET P 23 -31.87 -24.44 70.84
N SER P 24 -30.98 -24.53 71.83
CA SER P 24 -31.01 -23.62 72.96
C SER P 24 -30.49 -22.25 72.56
N LYS P 25 -29.20 -22.18 72.21
CA LYS P 25 -28.60 -20.93 71.78
C LYS P 25 -27.94 -21.09 70.41
N GLY P 26 -26.93 -21.96 70.31
CA GLY P 26 -26.12 -22.01 69.12
C GLY P 26 -25.26 -20.80 68.89
N ILE P 27 -25.03 -19.99 69.94
CA ILE P 27 -24.25 -18.76 69.89
C ILE P 27 -24.69 -17.95 68.67
N GLY P 28 -26.00 -17.78 68.53
CA GLY P 28 -26.59 -17.07 67.42
C GLY P 28 -26.11 -17.60 66.08
N ALA P 29 -25.97 -16.67 65.13
CA ALA P 29 -25.46 -16.98 63.81
C ALA P 29 -23.94 -17.06 63.77
N LEU P 30 -23.23 -16.30 64.61
CA LEU P 30 -21.80 -16.12 64.52
C LEU P 30 -21.01 -17.28 65.12
N PHE P 31 -21.70 -18.31 65.61
CA PHE P 31 -21.06 -19.47 66.22
C PHE P 31 -20.01 -20.08 65.31
N THR P 32 -18.78 -20.21 65.80
CA THR P 32 -17.72 -20.85 65.04
C THR P 32 -17.35 -22.16 65.74
N GLN P 33 -16.39 -22.90 65.16
CA GLN P 33 -16.00 -24.15 65.76
C GLN P 33 -15.21 -23.95 67.05
N GLN P 34 -14.43 -22.88 67.14
CA GLN P 34 -13.82 -22.53 68.42
C GLN P 34 -14.87 -22.23 69.47
N GLU P 35 -16.02 -21.71 69.06
CA GLU P 35 -17.11 -21.48 69.99
C GLU P 35 -17.73 -22.79 70.47
N LEU P 36 -17.56 -23.87 69.72
CA LEU P 36 -17.97 -25.18 70.22
C LEU P 36 -17.08 -25.61 71.38
N GLN P 37 -15.76 -25.55 71.19
CA GLN P 37 -14.83 -25.76 72.29
C GLN P 37 -15.08 -24.77 73.44
N LYS P 38 -15.57 -23.57 73.13
CA LYS P 38 -15.96 -22.64 74.18
C LYS P 38 -17.05 -23.25 75.06
N GLN P 39 -18.01 -23.95 74.46
CA GLN P 39 -19.03 -24.66 75.20
C GLN P 39 -18.63 -26.10 75.50
N MET P 40 -18.55 -26.95 74.49
CA MET P 40 -18.08 -28.32 74.66
C MET P 40 -16.66 -28.39 74.11
N GLY P 41 -15.69 -28.46 75.01
CA GLY P 41 -14.31 -28.68 74.64
C GLY P 41 -13.91 -30.09 74.98
N ILE P 42 -14.88 -30.84 75.50
CA ILE P 42 -14.68 -32.21 75.97
C ILE P 42 -14.37 -33.13 74.79
N GLY P 43 -14.94 -32.82 73.63
CA GLY P 43 -14.72 -33.65 72.46
C GLY P 43 -13.33 -33.50 71.89
N SER P 44 -12.73 -34.65 71.56
CA SER P 44 -11.46 -34.65 70.87
C SER P 44 -11.63 -34.13 69.44
N LEU P 45 -10.50 -33.73 68.86
CA LEU P 45 -10.53 -33.04 67.57
C LEU P 45 -11.36 -33.78 66.53
N THR P 46 -11.06 -35.05 66.28
CA THR P 46 -11.78 -35.79 65.25
C THR P 46 -13.15 -36.28 65.72
N ASP P 47 -13.32 -36.61 67.00
CA ASP P 47 -14.59 -37.06 67.53
C ASP P 47 -15.70 -36.04 67.29
N LEU P 48 -15.47 -34.79 67.68
CA LEU P 48 -16.47 -33.76 67.43
C LEU P 48 -16.62 -33.46 65.93
N MET P 49 -15.52 -33.50 65.17
CA MET P 49 -15.59 -33.21 63.74
C MET P 49 -16.14 -34.36 62.91
N SER P 50 -15.89 -35.61 63.29
CA SER P 50 -16.48 -36.71 62.55
C SER P 50 -18.00 -36.64 62.59
N ILE P 51 -18.58 -36.46 63.77
CA ILE P 51 -20.03 -36.36 63.87
C ILE P 51 -20.53 -35.04 63.31
N VAL P 52 -19.74 -33.96 63.38
CA VAL P 52 -20.07 -32.77 62.60
C VAL P 52 -20.31 -33.13 61.15
N GLN P 53 -19.29 -33.67 60.49
CA GLN P 53 -19.40 -34.02 59.07
C GLN P 53 -20.56 -34.96 58.80
N GLU P 54 -20.78 -35.96 59.67
CA GLU P 54 -21.87 -36.88 59.42
C GLU P 54 -23.23 -36.20 59.59
N LEU P 55 -23.37 -35.36 60.62
CA LEU P 55 -24.66 -34.71 60.86
C LEU P 55 -24.99 -33.73 59.75
N LEU P 56 -23.97 -33.14 59.11
CA LEU P 56 -24.25 -32.39 57.89
C LEU P 56 -24.62 -33.34 56.75
N ASP P 57 -23.92 -34.48 56.65
CA ASP P 57 -24.33 -35.53 55.73
C ASP P 57 -25.69 -36.08 56.10
N LYS P 58 -25.99 -36.15 57.39
CA LYS P 58 -27.30 -36.54 57.89
C LYS P 58 -28.24 -35.35 58.01
N ASN P 59 -27.84 -34.19 57.50
CA ASN P 59 -28.55 -32.92 57.57
C ASN P 59 -29.14 -32.67 58.96
N LEU P 60 -28.25 -32.59 59.94
CA LEU P 60 -28.60 -32.26 61.32
C LEU P 60 -27.93 -30.99 61.82
N ILE P 61 -26.60 -30.90 61.81
CA ILE P 61 -25.95 -29.62 61.99
C ILE P 61 -26.19 -28.78 60.74
N LYS P 62 -25.71 -27.54 60.78
CA LYS P 62 -25.82 -26.61 59.67
C LYS P 62 -24.59 -25.71 59.65
N LEU P 63 -24.10 -25.44 58.45
CA LEU P 63 -22.89 -24.66 58.26
C LEU P 63 -23.21 -23.43 57.42
N VAL P 64 -22.55 -22.32 57.73
CA VAL P 64 -22.65 -21.08 56.96
C VAL P 64 -21.23 -20.59 56.70
N LYS P 65 -21.00 -20.08 55.50
CA LYS P 65 -19.67 -19.66 55.08
C LYS P 65 -19.61 -18.14 55.15
N GLN P 66 -18.94 -17.62 56.19
CA GLN P 66 -18.78 -16.20 56.41
C GLN P 66 -17.59 -15.94 57.33
N ASN P 67 -17.07 -14.72 57.27
CA ASN P 67 -16.10 -14.14 58.22
C ASN P 67 -14.96 -15.15 58.43
N ASP P 68 -14.67 -15.51 59.68
CA ASP P 68 -13.58 -16.42 59.97
C ASP P 68 -14.12 -17.73 60.53
N GLU P 69 -13.35 -18.80 60.33
CA GLU P 69 -13.80 -20.16 60.57
C GLU P 69 -15.08 -20.37 59.76
N LEU P 70 -16.09 -21.04 60.33
CA LEU P 70 -17.35 -21.29 59.66
C LEU P 70 -18.46 -21.25 60.70
N LYS P 71 -19.59 -20.65 60.35
CA LYS P 71 -20.73 -20.56 61.23
C LYS P 71 -21.50 -21.88 61.24
N PHE P 72 -22.25 -22.10 62.32
CA PHE P 72 -23.03 -23.32 62.49
C PHE P 72 -24.34 -23.00 63.21
N GLN P 73 -25.37 -23.76 62.87
CA GLN P 73 -26.67 -23.63 63.51
C GLN P 73 -27.40 -24.97 63.41
N GLY P 74 -28.33 -25.19 64.32
CA GLY P 74 -29.12 -26.42 64.33
C GLY P 74 -30.15 -26.40 63.23
N VAL P 75 -30.38 -27.57 62.63
CA VAL P 75 -31.32 -27.66 61.52
C VAL P 75 -32.74 -27.62 62.07
N LEU P 76 -33.66 -27.09 61.25
CA LEU P 76 -35.08 -27.16 61.52
C LEU P 76 -35.66 -28.50 61.11
N GLU P 77 -34.88 -29.31 60.39
CA GLU P 77 -35.16 -30.69 60.03
C GLU P 77 -36.22 -30.77 58.93
N SER P 78 -36.97 -29.70 58.72
CA SER P 78 -37.83 -29.62 57.54
C SER P 78 -37.02 -29.25 56.31
N GLU P 79 -36.17 -28.23 56.44
CA GLU P 79 -35.17 -27.92 55.42
C GLU P 79 -34.21 -29.06 55.19
N ALA P 80 -33.93 -29.85 56.23
CA ALA P 80 -33.05 -31.01 56.10
C ALA P 80 -33.58 -31.99 55.06
N GLN P 81 -34.68 -32.68 55.37
CA GLN P 81 -35.29 -33.59 54.42
C GLN P 81 -35.72 -32.88 53.15
N LYS P 82 -35.97 -31.57 53.22
CA LYS P 82 -36.30 -30.79 52.04
C LYS P 82 -35.16 -30.84 51.02
N LYS P 83 -33.97 -30.41 51.43
CA LYS P 83 -32.82 -30.44 50.53
C LYS P 83 -32.36 -31.86 50.23
N ALA P 84 -32.55 -32.79 51.18
CA ALA P 84 -32.24 -34.19 50.90
C ALA P 84 -33.12 -34.73 49.79
N THR P 85 -34.36 -34.24 49.68
CA THR P 85 -35.19 -34.58 48.54
C THR P 85 -34.67 -33.91 47.27
N MET P 86 -34.10 -32.71 47.40
CA MET P 86 -33.61 -31.98 46.25
C MET P 86 -32.39 -32.66 45.65
N SER P 87 -32.10 -32.34 44.39
CA SER P 87 -30.97 -32.93 43.70
C SER P 87 -29.67 -32.35 44.21
N ALA P 88 -28.55 -32.85 43.66
CA ALA P 88 -27.24 -32.34 44.03
C ALA P 88 -27.03 -30.92 43.53
N GLU P 89 -27.65 -30.58 42.39
CA GLU P 89 -27.66 -29.20 41.93
C GLU P 89 -28.11 -28.24 43.01
N GLU P 90 -29.40 -28.27 43.35
CA GLU P 90 -29.97 -27.41 44.37
C GLU P 90 -29.35 -27.60 45.74
N ALA P 91 -28.83 -28.80 46.03
CA ALA P 91 -28.27 -29.08 47.34
C ALA P 91 -27.32 -27.99 47.80
N LEU P 92 -26.37 -27.60 46.96
CA LEU P 92 -25.71 -26.32 47.14
C LEU P 92 -26.52 -25.14 46.60
N VAL P 93 -27.06 -25.24 45.37
CA VAL P 93 -27.64 -24.08 44.72
C VAL P 93 -28.80 -23.53 45.54
N TYR P 94 -29.78 -24.37 45.88
CA TYR P 94 -30.86 -23.89 46.75
C TYR P 94 -30.33 -23.40 48.09
N SER P 95 -29.42 -24.16 48.71
CA SER P 95 -28.82 -23.72 49.96
C SER P 95 -27.97 -22.47 49.79
N TYR P 96 -27.20 -22.38 48.72
CA TYR P 96 -26.45 -21.17 48.41
C TYR P 96 -27.36 -19.95 48.25
N ILE P 97 -28.56 -20.16 47.69
CA ILE P 97 -29.48 -19.05 47.48
C ILE P 97 -30.21 -18.71 48.76
N GLU P 98 -30.61 -19.71 49.55
CA GLU P 98 -31.28 -19.41 50.81
C GLU P 98 -30.34 -18.74 51.79
N ALA P 99 -29.03 -18.77 51.52
CA ALA P 99 -28.08 -17.98 52.27
C ALA P 99 -28.02 -16.54 51.79
N SER P 100 -28.69 -16.20 50.68
CA SER P 100 -28.69 -14.82 50.20
C SER P 100 -29.49 -13.92 51.12
N GLY P 101 -30.36 -14.51 51.94
CA GLY P 101 -31.11 -13.74 52.90
C GLY P 101 -32.21 -12.89 52.31
N ARG P 102 -32.45 -11.73 52.91
CA ARG P 102 -33.54 -10.85 52.53
C ARG P 102 -33.48 -10.35 51.10
N GLU P 103 -32.31 -9.94 50.61
CA GLU P 103 -32.20 -9.35 49.29
C GLU P 103 -32.14 -10.36 48.16
N GLY P 104 -32.04 -11.64 48.47
CA GLY P 104 -31.98 -12.65 47.43
C GLY P 104 -30.71 -12.52 46.60
N ILE P 105 -30.73 -13.15 45.43
CA ILE P 105 -29.57 -13.20 44.55
C ILE P 105 -30.06 -13.12 43.11
N TRP P 106 -29.19 -12.64 42.24
CA TRP P 106 -29.49 -12.55 40.82
C TRP P 106 -28.97 -13.76 40.07
N SER P 107 -29.72 -14.16 39.03
CA SER P 107 -29.44 -15.42 38.35
C SER P 107 -28.02 -15.48 37.81
N LYS P 108 -27.72 -14.74 36.75
CA LYS P 108 -26.51 -15.01 35.97
C LYS P 108 -25.24 -14.96 36.80
N THR P 109 -25.24 -14.23 37.93
CA THR P 109 -24.05 -14.25 38.78
C THR P 109 -23.87 -15.58 39.49
N ILE P 110 -24.89 -16.45 39.46
CA ILE P 110 -24.71 -17.77 40.05
C ILE P 110 -23.68 -18.58 39.27
N LYS P 111 -23.65 -18.44 37.93
CA LYS P 111 -22.76 -19.25 37.12
C LYS P 111 -21.30 -19.03 37.50
N ALA P 112 -20.89 -17.77 37.61
CA ALA P 112 -19.54 -17.49 38.08
C ALA P 112 -19.32 -18.01 39.49
N ARG P 113 -20.37 -18.03 40.32
CA ARG P 113 -20.23 -18.57 41.67
C ARG P 113 -20.32 -20.09 41.69
N THR P 114 -21.26 -20.68 40.96
CA THR P 114 -21.46 -22.13 41.00
C THR P 114 -20.70 -22.88 39.92
N ASN P 115 -20.12 -22.19 38.95
CA ASN P 115 -19.42 -22.82 37.83
C ASN P 115 -20.33 -23.81 37.11
N LEU P 116 -21.39 -23.26 36.50
CA LEU P 116 -22.36 -24.04 35.75
C LEU P 116 -22.84 -23.23 34.55
N HIS P 117 -23.54 -23.91 33.64
CA HIS P 117 -24.21 -23.23 32.55
C HIS P 117 -25.40 -22.43 33.06
N GLN P 118 -26.08 -21.78 32.13
CA GLN P 118 -27.44 -21.33 32.41
C GLN P 118 -28.42 -22.48 32.22
N HIS P 119 -28.24 -23.29 31.18
CA HIS P 119 -29.17 -24.38 30.91
C HIS P 119 -29.32 -25.32 32.09
N VAL P 120 -28.22 -25.67 32.76
CA VAL P 120 -28.28 -26.59 33.88
C VAL P 120 -28.88 -25.99 35.13
N VAL P 121 -28.70 -24.68 35.37
CA VAL P 121 -29.28 -24.05 36.55
C VAL P 121 -30.74 -23.68 36.34
N LEU P 122 -31.18 -23.51 35.10
CA LEU P 122 -32.58 -23.20 34.84
C LEU P 122 -33.53 -24.25 35.38
N LYS P 123 -33.50 -25.47 34.84
CA LYS P 123 -34.51 -26.47 35.16
C LYS P 123 -34.67 -26.68 36.66
N CYS P 124 -33.59 -26.64 37.43
CA CYS P 124 -33.75 -26.79 38.88
C CYS P 124 -34.42 -25.56 39.48
N LEU P 125 -34.11 -24.37 38.97
CA LEU P 125 -34.87 -23.19 39.39
C LEU P 125 -36.35 -23.37 39.06
N LYS P 126 -36.66 -24.03 37.94
CA LYS P 126 -38.04 -24.32 37.62
C LYS P 126 -38.65 -25.27 38.65
N SER P 127 -37.87 -26.25 39.09
CA SER P 127 -38.35 -27.15 40.14
C SER P 127 -38.67 -26.36 41.42
N LEU P 128 -37.71 -25.58 41.89
CA LEU P 128 -37.94 -24.74 43.07
C LEU P 128 -39.12 -23.80 42.88
N GLU P 129 -39.41 -23.40 41.63
CA GLU P 129 -40.66 -22.70 41.37
C GLU P 129 -41.85 -23.60 41.65
N SER P 130 -41.85 -24.81 41.09
CA SER P 130 -42.88 -25.77 41.43
C SER P 130 -42.80 -26.18 42.89
N GLN P 131 -41.60 -26.23 43.46
CA GLN P 131 -41.45 -26.46 44.88
C GLN P 131 -41.88 -25.25 45.70
N ARG P 132 -41.93 -24.07 45.10
CA ARG P 132 -42.43 -22.85 45.73
C ARG P 132 -41.59 -22.46 46.95
N TYR P 133 -40.31 -22.81 46.89
CA TYR P 133 -39.38 -22.28 47.88
C TYR P 133 -38.63 -21.06 47.36
N VAL P 134 -38.90 -20.66 46.12
CA VAL P 134 -38.27 -19.50 45.51
C VAL P 134 -39.35 -18.79 44.70
N LYS P 135 -39.14 -17.51 44.44
CA LYS P 135 -40.00 -16.76 43.53
C LYS P 135 -39.20 -15.68 42.84
N SER P 136 -39.54 -15.45 41.57
CA SER P 136 -38.92 -14.41 40.76
C SER P 136 -39.37 -13.07 41.32
N VAL P 137 -38.42 -12.20 41.64
CA VAL P 137 -38.71 -10.90 42.20
C VAL P 137 -38.16 -9.83 41.26
N LYS P 138 -39.02 -8.90 40.89
CA LYS P 138 -38.63 -7.78 40.04
C LYS P 138 -38.54 -6.54 40.91
N SER P 139 -37.31 -6.09 41.18
CA SER P 139 -37.07 -5.04 42.16
C SER P 139 -36.96 -3.68 41.47
N VAL P 140 -36.56 -2.67 42.25
CA VAL P 140 -36.42 -1.31 41.75
C VAL P 140 -35.47 -1.26 40.57
N LYS P 141 -34.38 -2.02 40.60
CA LYS P 141 -33.41 -2.00 39.52
C LYS P 141 -34.04 -2.72 38.33
N PHE P 142 -33.36 -2.73 37.19
CA PHE P 142 -34.05 -2.92 35.93
C PHE P 142 -34.60 -4.34 35.80
N PRO P 143 -35.77 -4.52 35.19
CA PRO P 143 -36.33 -5.86 35.01
C PRO P 143 -35.71 -6.67 33.89
N THR P 144 -34.38 -6.72 33.81
CA THR P 144 -33.69 -7.77 33.11
C THR P 144 -33.19 -8.83 34.08
N ARG P 145 -33.42 -8.63 35.37
CA ARG P 145 -32.74 -9.37 36.42
C ARG P 145 -33.44 -10.68 36.76
N LYS P 146 -34.67 -10.57 37.28
CA LYS P 146 -35.38 -11.72 37.83
C LYS P 146 -34.58 -12.34 38.97
N ILE P 147 -34.15 -11.46 39.87
CA ILE P 147 -33.43 -11.91 41.06
C ILE P 147 -34.32 -12.84 41.87
N TYR P 148 -33.70 -13.82 42.51
CA TYR P 148 -34.43 -14.88 43.20
C TYR P 148 -34.14 -14.79 44.69
N MET P 149 -35.19 -14.89 45.50
CA MET P 149 -35.06 -15.10 46.92
C MET P 149 -36.00 -16.22 47.35
N LEU P 150 -35.93 -16.57 48.63
CA LEU P 150 -36.82 -17.58 49.16
C LEU P 150 -38.26 -17.12 49.04
N TYR P 151 -39.10 -17.99 48.49
CA TYR P 151 -40.53 -17.70 48.40
C TYR P 151 -41.13 -17.41 49.77
N SER P 152 -40.46 -17.83 50.84
CA SER P 152 -40.94 -17.58 52.20
C SER P 152 -41.05 -16.11 52.54
N LEU P 153 -40.36 -15.22 51.83
CA LEU P 153 -40.31 -13.81 52.21
C LEU P 153 -40.32 -12.93 50.98
N GLN P 154 -40.79 -11.69 51.15
CA GLN P 154 -40.67 -10.72 50.07
C GLN P 154 -40.09 -9.38 50.57
N PRO P 155 -38.93 -9.37 51.20
CA PRO P 155 -38.30 -8.10 51.57
C PRO P 155 -37.58 -7.49 50.38
N SER P 156 -37.36 -6.17 50.43
CA SER P 156 -36.56 -5.50 49.41
C SER P 156 -36.24 -4.10 49.88
N VAL P 157 -35.51 -3.38 49.05
CA VAL P 157 -35.46 -1.93 49.16
C VAL P 157 -36.46 -1.39 48.14
N ASP P 158 -37.57 -0.86 48.65
CA ASP P 158 -38.72 -0.44 47.84
C ASP P 158 -39.00 -1.42 46.70
N GLU P 169 -42.63 5.17 48.27
CA GLU P 169 -43.69 4.89 47.31
C GLU P 169 -43.39 3.60 46.56
N LEU P 170 -44.21 3.31 45.56
CA LEU P 170 -43.85 2.39 44.50
C LEU P 170 -43.35 3.22 43.32
N ASP P 171 -42.37 2.66 42.61
CA ASP P 171 -41.63 3.44 41.62
C ASP P 171 -42.55 4.08 40.59
N ILE P 172 -43.66 3.43 40.27
CA ILE P 172 -44.48 3.83 39.14
C ILE P 172 -45.55 4.82 39.63
N GLU P 173 -46.55 5.09 38.79
CA GLU P 173 -47.40 6.29 38.87
C GLU P 173 -48.43 6.32 39.99
N PHE P 174 -49.36 7.28 39.88
CA PHE P 174 -50.29 7.66 40.95
C PHE P 174 -49.53 8.21 42.16
N ILE P 175 -48.90 9.36 41.96
CA ILE P 175 -48.24 10.12 43.01
C ILE P 175 -48.79 11.54 42.92
N ASN P 176 -48.59 12.16 41.75
CA ASN P 176 -49.13 13.48 41.47
C ASN P 176 -50.60 13.61 41.86
N SER P 177 -51.35 12.51 41.81
CA SER P 177 -52.66 12.47 42.41
C SER P 177 -52.65 13.07 43.81
N LEU P 178 -51.90 12.51 44.74
CA LEU P 178 -51.81 13.09 46.07
C LEU P 178 -51.00 14.37 46.10
N LEU P 179 -50.11 14.58 45.12
CA LEU P 179 -49.45 15.87 45.01
C LEU P 179 -50.45 17.02 44.94
N THR P 180 -51.31 17.03 43.92
CA THR P 180 -52.32 18.08 43.86
C THR P 180 -53.12 18.19 45.16
N ILE P 181 -53.25 17.09 45.91
CA ILE P 181 -53.91 17.17 47.20
C ILE P 181 -53.11 18.02 48.18
N VAL P 182 -51.82 17.70 48.38
CA VAL P 182 -51.04 18.50 49.33
C VAL P 182 -50.93 19.94 48.85
N TRP P 183 -50.89 20.16 47.53
CA TRP P 183 -50.85 21.51 47.01
C TRP P 183 -52.15 22.26 47.30
N ARG P 184 -53.28 21.54 47.32
CA ARG P 184 -54.51 22.16 47.77
C ARG P 184 -54.40 22.62 49.21
N PHE P 185 -53.96 21.75 50.10
CA PHE P 185 -53.85 22.10 51.51
C PHE P 185 -52.92 23.28 51.74
N ILE P 186 -51.66 23.17 51.29
CA ILE P 186 -50.71 24.25 51.52
C ILE P 186 -51.15 25.51 50.79
N SER P 187 -51.84 25.35 49.66
CA SER P 187 -52.42 26.51 49.01
C SER P 187 -53.40 27.21 49.91
N GLU P 188 -54.23 26.46 50.63
CA GLU P 188 -55.05 27.05 51.68
C GLU P 188 -54.21 27.65 52.80
N ASN P 189 -53.05 27.07 53.08
CA ASN P 189 -52.33 27.45 54.30
C ASN P 189 -51.79 28.86 54.23
N THR P 190 -51.79 29.47 53.05
CA THR P 190 -51.08 30.74 52.91
C THR P 190 -51.91 31.91 53.41
N PHE P 191 -52.86 32.33 52.58
CA PHE P 191 -53.89 33.26 53.00
C PHE P 191 -55.19 32.45 53.17
N PRO P 192 -56.35 33.11 53.38
CA PRO P 192 -57.61 32.32 53.34
C PRO P 192 -57.78 31.63 51.99
N ASN P 193 -58.91 30.95 51.77
CA ASN P 193 -58.93 30.05 50.63
C ASN P 193 -58.93 30.84 49.32
N GLY P 194 -59.00 30.15 48.19
CA GLY P 194 -58.53 30.67 46.91
C GLY P 194 -58.96 32.09 46.58
N PHE P 195 -60.24 32.40 46.72
CA PHE P 195 -60.76 33.75 46.49
C PHE P 195 -60.34 34.32 45.14
N LYS P 196 -60.23 33.48 44.12
CA LYS P 196 -59.81 33.92 42.78
C LYS P 196 -61.00 34.23 41.89
N ASN P 197 -62.19 34.16 42.48
CA ASN P 197 -63.43 34.56 41.82
C ASN P 197 -63.32 35.93 41.17
N PHE P 198 -63.11 36.97 41.97
CA PHE P 198 -62.95 38.32 41.44
C PHE P 198 -61.53 38.84 41.68
N GLU P 199 -61.28 40.09 41.31
CA GLU P 199 -59.91 40.59 41.22
C GLU P 199 -59.16 40.56 42.54
N ASN P 200 -59.63 41.24 43.57
CA ASN P 200 -58.87 41.14 44.80
C ASN P 200 -59.56 40.23 45.80
N GLY P 201 -59.11 38.98 45.84
CA GLY P 201 -59.37 38.11 46.96
C GLY P 201 -58.18 37.82 47.88
N PRO P 202 -56.91 38.07 47.44
CA PRO P 202 -55.80 37.59 48.27
C PRO P 202 -55.70 38.28 49.60
N LYS P 203 -55.71 37.49 50.68
CA LYS P 203 -55.07 37.76 51.96
C LYS P 203 -55.55 39.04 52.65
N LYS P 204 -56.13 39.97 51.88
CA LYS P 204 -56.50 41.28 52.39
C LYS P 204 -55.39 41.82 53.30
N ASN P 205 -54.16 41.76 52.79
CA ASN P 205 -52.93 41.97 53.54
C ASN P 205 -52.72 40.91 54.63
N VAL P 206 -52.97 39.64 54.29
CA VAL P 206 -52.79 38.48 55.15
C VAL P 206 -53.41 38.74 56.52
N PHE P 207 -54.75 38.74 56.59
CA PHE P 207 -55.43 38.88 57.87
C PHE P 207 -54.94 40.16 58.52
N TYR P 208 -54.23 40.06 59.63
CA TYR P 208 -53.53 41.18 60.23
C TYR P 208 -52.04 40.86 60.21
N ALA P 209 -51.22 41.90 60.02
CA ALA P 209 -49.77 41.75 60.01
C ALA P 209 -49.31 40.72 58.99
N PRO P 210 -49.27 41.05 57.69
CA PRO P 210 -48.78 40.07 56.70
C PRO P 210 -47.29 39.85 56.86
N ASN P 211 -46.90 39.62 58.11
CA ASN P 211 -45.56 39.33 58.57
C ASN P 211 -45.65 38.15 59.51
N VAL P 212 -46.43 38.35 60.58
CA VAL P 212 -46.52 37.43 61.72
C VAL P 212 -46.78 35.98 61.31
N LYS P 213 -47.38 35.72 60.16
CA LYS P 213 -47.81 34.37 59.86
C LYS P 213 -46.69 33.60 59.18
N ASN P 214 -46.11 32.64 59.91
CA ASN P 214 -45.12 31.72 59.38
C ASN P 214 -45.72 30.32 59.48
N TYR P 215 -46.06 29.75 58.32
CA TYR P 215 -46.98 28.64 58.25
C TYR P 215 -46.48 27.56 57.31
N SER P 216 -46.66 26.31 57.72
CA SER P 216 -46.38 25.16 56.86
C SER P 216 -46.90 23.91 57.53
N THR P 217 -46.66 22.77 56.87
CA THR P 217 -47.06 21.47 57.38
C THR P 217 -45.92 20.78 58.12
N THR P 218 -44.89 20.34 57.38
CA THR P 218 -43.81 19.56 57.95
C THR P 218 -44.45 18.39 58.69
N GLN P 219 -44.32 18.36 60.01
CA GLN P 219 -45.06 17.42 60.84
C GLN P 219 -46.55 17.42 60.51
N GLU P 220 -47.15 18.61 60.44
CA GLU P 220 -48.59 18.76 60.33
C GLU P 220 -49.21 18.02 59.17
N ILE P 221 -48.49 17.82 58.06
CA ILE P 221 -49.12 17.23 56.90
C ILE P 221 -49.64 15.83 57.18
N LEU P 222 -48.89 15.03 57.93
CA LEU P 222 -49.31 13.65 58.17
C LEU P 222 -50.62 13.58 58.94
N GLU P 223 -50.87 14.55 59.81
CA GLU P 223 -52.21 14.72 60.36
C GLU P 223 -53.24 15.00 59.28
N PHE P 224 -52.88 15.77 58.26
CA PHE P 224 -53.76 15.96 57.11
C PHE P 224 -53.72 14.76 56.17
N ILE P 225 -52.59 14.06 56.11
CA ILE P 225 -52.50 12.83 55.33
C ILE P 225 -53.46 11.76 55.86
N THR P 226 -53.86 11.86 57.13
CA THR P 226 -54.81 10.93 57.72
C THR P 226 -56.08 10.77 56.89
N ALA P 227 -56.48 11.78 56.12
CA ALA P 227 -57.67 11.77 55.29
C ALA P 227 -57.79 10.52 54.42
N ALA P 228 -56.69 10.03 53.85
CA ALA P 228 -56.68 8.80 53.03
C ALA P 228 -57.66 9.00 51.86
N GLN P 229 -58.76 8.23 51.80
CA GLN P 229 -59.66 8.16 50.64
C GLN P 229 -58.90 7.57 49.44
N VAL P 230 -57.83 6.83 49.73
CA VAL P 230 -57.01 6.20 48.71
C VAL P 230 -56.36 4.98 49.33
N ALA P 231 -56.22 3.92 48.52
CA ALA P 231 -55.68 2.65 49.00
C ALA P 231 -54.16 2.75 48.93
N ASN P 232 -53.54 2.67 50.11
CA ASN P 232 -52.09 2.79 50.28
C ASN P 232 -51.77 2.67 51.77
N VAL P 233 -50.49 2.65 52.09
CA VAL P 233 -50.02 2.62 53.47
C VAL P 233 -49.78 4.04 53.93
N GLU P 234 -49.16 4.19 55.10
CA GLU P 234 -48.72 5.49 55.58
C GLU P 234 -47.49 5.94 54.81
N LEU P 235 -46.90 7.06 55.25
CA LEU P 235 -45.71 7.60 54.62
C LEU P 235 -44.89 8.35 55.65
N THR P 236 -43.57 8.32 55.49
CA THR P 236 -42.67 8.82 56.51
C THR P 236 -42.44 10.33 56.34
N PRO P 237 -42.18 11.04 57.43
CA PRO P 237 -41.91 12.49 57.33
C PRO P 237 -40.78 12.83 56.38
N SER P 238 -39.74 11.98 56.29
CA SER P 238 -38.68 12.25 55.32
C SER P 238 -39.21 12.23 53.90
N ASN P 239 -40.06 11.26 53.58
CA ASN P 239 -40.61 11.18 52.23
C ASN P 239 -41.52 12.37 51.92
N ILE P 240 -42.24 12.88 52.92
CA ILE P 240 -42.98 14.12 52.75
C ILE P 240 -42.11 15.19 52.10
N ARG P 241 -41.04 15.59 52.79
CA ARG P 241 -40.11 16.58 52.25
C ARG P 241 -39.67 16.21 50.84
N SER P 242 -39.35 14.94 50.60
CA SER P 242 -38.94 14.52 49.27
C SER P 242 -40.01 14.85 48.24
N LEU P 243 -41.28 14.77 48.62
CA LEU P 243 -42.34 15.24 47.73
C LEU P 243 -42.31 16.74 47.57
N CYS P 244 -42.28 17.47 48.68
CA CYS P 244 -42.40 18.92 48.63
C CYS P 244 -41.28 19.55 47.82
N GLU P 245 -40.08 18.95 47.86
CA GLU P 245 -38.97 19.46 47.07
C GLU P 245 -39.30 19.46 45.59
N VAL P 246 -39.96 18.41 45.11
CA VAL P 246 -40.34 18.35 43.70
C VAL P 246 -41.21 19.55 43.35
N LEU P 247 -42.19 19.86 44.19
CA LEU P 247 -43.03 21.01 43.93
C LEU P 247 -42.25 22.30 44.05
N VAL P 248 -41.19 22.32 44.86
CA VAL P 248 -40.27 23.45 44.82
C VAL P 248 -39.66 23.57 43.43
N TYR P 249 -39.28 22.44 42.84
CA TYR P 249 -38.67 22.47 41.53
C TYR P 249 -39.68 22.89 40.46
N ASP P 250 -40.86 22.27 40.45
CA ASP P 250 -41.95 22.72 39.58
C ASP P 250 -42.48 24.09 39.96
N ASP P 251 -42.02 24.66 41.08
CA ASP P 251 -42.48 25.97 41.53
C ASP P 251 -43.99 26.00 41.78
N LYS P 252 -44.58 24.85 42.07
CA LYS P 252 -45.94 24.85 42.59
C LYS P 252 -45.99 25.47 43.98
N LEU P 253 -44.85 25.48 44.67
CA LEU P 253 -44.75 26.02 46.02
C LEU P 253 -43.32 26.44 46.28
N GLU P 254 -43.12 27.18 47.37
CA GLU P 254 -41.85 27.81 47.69
C GLU P 254 -41.30 27.20 48.98
N LYS P 255 -39.98 27.24 49.14
CA LYS P 255 -39.33 26.76 50.37
C LYS P 255 -38.83 27.93 51.20
N VAL P 256 -39.48 28.15 52.35
CA VAL P 256 -39.09 29.21 53.26
C VAL P 256 -38.64 28.59 54.58
N THR P 257 -37.51 29.05 55.09
CA THR P 257 -37.05 28.72 56.44
C THR P 257 -37.14 27.21 56.74
N HIS P 258 -36.24 26.45 56.12
CA HIS P 258 -36.11 25.01 56.37
C HIS P 258 -37.40 24.28 56.00
N ASP P 259 -37.97 23.54 56.94
CA ASP P 259 -39.10 22.67 56.62
C ASP P 259 -40.38 23.46 56.47
N CYS P 260 -40.34 24.75 56.75
CA CYS P 260 -41.48 25.58 56.42
C CYS P 260 -41.57 25.75 54.91
N TYR P 261 -42.75 26.13 54.43
CA TYR P 261 -42.95 26.32 53.00
C TYR P 261 -44.00 27.39 52.76
N ARG P 262 -44.00 27.91 51.53
CA ARG P 262 -45.01 28.83 51.04
C ARG P 262 -45.60 28.24 49.76
N VAL P 263 -46.49 29.01 49.15
CA VAL P 263 -46.94 28.71 47.80
C VAL P 263 -46.52 29.83 46.88
N THR P 264 -46.28 29.50 45.61
CA THR P 264 -45.78 30.45 44.62
C THR P 264 -46.90 31.29 44.04
N LEU P 265 -48.11 31.17 44.57
CA LEU P 265 -49.30 31.88 44.13
C LEU P 265 -49.57 31.67 42.65
N GLU P 266 -49.10 30.54 42.15
CA GLU P 266 -49.38 30.15 40.78
C GLU P 266 -50.68 29.39 40.71
N SER P 267 -51.45 29.44 41.79
CA SER P 267 -52.88 29.27 41.65
C SER P 267 -53.39 30.17 40.54
N ILE P 268 -52.74 31.32 40.34
CA ILE P 268 -53.05 32.13 39.17
C ILE P 268 -52.91 31.48 37.80
N LEU P 269 -51.90 30.63 37.62
CA LEU P 269 -51.86 29.80 36.41
C LEU P 269 -52.83 28.59 36.42
N GLN P 270 -53.31 28.28 37.62
CA GLN P 270 -54.40 27.32 37.75
C GLN P 270 -55.55 28.04 37.06
N MET P 271 -55.93 29.21 37.58
CA MET P 271 -57.00 30.03 37.03
C MET P 271 -58.33 29.27 36.96
N SER P 292 -43.10 40.09 25.85
CA SER P 292 -43.41 41.23 26.70
C SER P 292 -44.04 40.77 28.00
N ILE P 293 -45.30 41.15 28.20
CA ILE P 293 -46.06 40.65 29.33
C ILE P 293 -46.01 39.13 29.29
N PHE P 294 -45.56 38.53 30.39
CA PHE P 294 -44.89 37.23 30.34
C PHE P 294 -45.53 36.18 31.26
N ASN P 295 -45.92 35.07 30.64
CA ASN P 295 -46.18 33.79 31.28
C ASN P 295 -46.59 32.81 30.19
N TYR P 296 -46.43 31.52 30.47
CA TYR P 296 -46.61 30.48 29.47
C TYR P 296 -48.08 30.28 29.14
N PHE P 297 -48.90 30.05 30.16
CA PHE P 297 -50.32 29.87 30.00
C PHE P 297 -50.90 31.22 29.63
N LYS P 298 -52.22 31.25 29.46
CA LYS P 298 -52.93 32.47 29.11
C LYS P 298 -52.42 33.02 27.77
N MET P 299 -51.82 32.14 26.96
CA MET P 299 -51.22 32.50 25.69
C MET P 299 -51.44 31.37 24.69
N PHE P 300 -51.83 31.73 23.47
CA PHE P 300 -52.04 30.76 22.42
C PHE P 300 -51.61 31.35 21.08
N PRO P 301 -51.04 30.55 20.19
CA PRO P 301 -50.53 31.11 18.93
C PRO P 301 -51.56 31.06 17.81
N ALA P 302 -51.16 31.57 16.64
CA ALA P 302 -51.85 31.31 15.39
C ALA P 302 -51.41 29.97 14.80
N SER P 303 -50.12 29.86 14.48
CA SER P 303 -49.45 28.58 14.23
C SER P 303 -50.07 27.83 13.05
N LYS P 304 -50.64 28.60 12.13
CA LYS P 304 -51.13 28.02 10.88
C LYS P 304 -50.81 29.00 9.77
N HIS P 305 -50.46 28.47 8.59
CA HIS P 305 -50.10 29.33 7.47
C HIS P 305 -48.95 30.25 7.84
N ASP P 306 -49.24 31.52 8.08
CA ASP P 306 -48.32 32.63 7.90
C ASP P 306 -46.90 32.29 8.37
N LYS P 307 -45.94 32.64 7.52
CA LYS P 307 -44.60 32.09 7.53
C LYS P 307 -43.71 32.78 8.56
N GLU P 308 -44.28 33.71 9.32
CA GLU P 308 -43.50 34.50 10.27
C GLU P 308 -43.89 34.04 11.67
N VAL P 309 -42.97 33.30 12.29
CA VAL P 309 -43.16 32.73 13.60
C VAL P 309 -41.82 32.80 14.34
N VAL P 310 -41.82 32.30 15.56
CA VAL P 310 -40.62 32.25 16.37
C VAL P 310 -40.51 30.83 16.91
N TYR P 311 -39.52 30.07 16.44
CA TYR P 311 -39.31 28.81 17.12
C TYR P 311 -38.08 28.89 18.02
N PHE P 312 -37.89 27.86 18.83
CA PHE P 312 -36.66 27.72 19.57
C PHE P 312 -35.67 26.78 18.89
N ASP P 313 -36.13 26.02 17.91
CA ASP P 313 -35.28 25.15 17.11
C ASP P 313 -34.88 25.91 15.84
N GLU P 314 -34.39 25.24 14.78
CA GLU P 314 -33.95 25.83 13.51
C GLU P 314 -32.94 26.94 13.72
N TRP P 315 -32.21 26.87 14.83
CA TRP P 315 -30.92 27.51 14.99
C TRP P 315 -29.99 26.36 15.34
N THR P 316 -30.32 25.67 16.42
CA THR P 316 -29.83 24.32 16.70
C THR P 316 -28.35 24.32 17.00
N PHE Q 36 -39.76 22.73 8.05
CA PHE Q 36 -39.04 21.69 8.78
C PHE Q 36 -39.07 21.83 10.32
N PRO Q 37 -38.79 23.00 10.87
CA PRO Q 37 -38.66 23.12 12.32
C PRO Q 37 -39.99 22.99 13.04
N SER Q 38 -39.94 23.23 14.35
CA SER Q 38 -41.10 22.99 15.20
C SER Q 38 -40.95 23.82 16.47
N ILE Q 39 -41.79 23.53 17.47
CA ILE Q 39 -41.62 23.94 18.87
C ILE Q 39 -41.41 25.44 19.02
N PRO Q 40 -42.45 26.23 18.90
CA PRO Q 40 -42.31 27.69 18.97
C PRO Q 40 -42.10 28.25 20.37
N LEU Q 41 -42.14 29.59 20.47
CA LEU Q 41 -42.10 30.42 21.66
C LEU Q 41 -43.44 31.10 21.87
N PRO Q 42 -43.84 31.38 23.10
CA PRO Q 42 -45.18 31.93 23.31
C PRO Q 42 -45.19 33.45 23.19
N ILE Q 43 -44.51 33.95 22.18
CA ILE Q 43 -44.55 35.37 21.86
C ILE Q 43 -45.42 35.65 20.64
N ASN Q 44 -45.98 34.59 20.05
CA ASN Q 44 -46.69 34.71 18.77
C ASN Q 44 -48.13 35.16 18.98
N GLY Q 45 -48.52 35.41 20.22
CA GLY Q 45 -49.86 35.85 20.53
C GLY Q 45 -50.22 37.12 19.79
N PRO Q 46 -51.50 37.24 19.41
CA PRO Q 46 -51.91 38.39 18.59
C PRO Q 46 -51.60 39.72 19.28
N ILE Q 47 -51.23 40.69 18.45
CA ILE Q 47 -50.90 42.04 18.91
C ILE Q 47 -52.12 42.68 19.56
N THR Q 48 -51.89 43.51 20.57
CA THR Q 48 -52.97 44.27 21.16
C THR Q 48 -52.92 45.73 20.72
N ASN Q 49 -53.89 46.51 21.19
CA ASN Q 49 -54.01 47.91 20.79
C ASN Q 49 -52.75 48.70 21.15
N LYS Q 50 -52.45 48.83 22.45
CA LYS Q 50 -51.32 49.65 22.89
C LYS Q 50 -50.04 49.27 22.13
N GLU Q 51 -49.86 47.99 21.85
CA GLU Q 51 -48.72 47.56 21.06
C GLU Q 51 -48.76 48.13 19.65
N ARG Q 52 -49.94 48.19 19.03
CA ARG Q 52 -50.04 48.82 17.71
C ARG Q 52 -49.54 50.25 17.74
N SER Q 53 -49.95 51.01 18.77
CA SER Q 53 -49.43 52.37 18.93
C SER Q 53 -47.91 52.39 18.94
N LEU Q 54 -47.28 51.48 19.68
CA LEU Q 54 -45.83 51.36 19.62
C LEU Q 54 -45.36 51.04 18.20
N ALA Q 55 -46.16 50.29 17.46
CA ALA Q 55 -45.74 49.83 16.14
C ALA Q 55 -45.73 50.94 15.11
N VAL Q 56 -46.85 51.66 14.97
CA VAL Q 56 -46.93 52.69 13.94
C VAL Q 56 -46.03 53.86 14.28
N LYS Q 57 -46.18 54.41 15.48
CA LYS Q 57 -45.29 55.47 15.96
C LYS Q 57 -43.84 55.02 15.91
N TYR Q 58 -43.61 53.71 16.03
CA TYR Q 58 -42.29 53.14 15.82
C TYR Q 58 -41.86 53.25 14.36
N ILE Q 59 -42.79 53.04 13.43
CA ILE Q 59 -42.42 52.99 12.02
C ILE Q 59 -42.09 54.37 11.48
N ASN Q 60 -42.91 55.38 11.81
CA ASN Q 60 -42.66 56.73 11.33
C ASN Q 60 -41.23 57.17 11.59
N PHE Q 61 -40.66 56.71 12.70
CA PHE Q 61 -39.22 56.84 12.93
C PHE Q 61 -38.44 56.34 11.72
N GLY Q 62 -38.54 55.05 11.43
CA GLY Q 62 -37.81 54.48 10.30
C GLY Q 62 -38.09 55.16 8.99
N LYS Q 63 -39.35 55.31 8.62
CA LYS Q 63 -39.71 55.95 7.36
C LYS Q 63 -39.19 57.37 7.29
N THR Q 64 -38.94 58.00 8.43
CA THR Q 64 -38.23 59.28 8.41
C THR Q 64 -36.78 59.10 7.98
N VAL Q 65 -36.09 58.13 8.57
CA VAL Q 65 -34.67 57.95 8.26
C VAL Q 65 -34.46 57.51 6.83
N LYS Q 66 -35.33 56.63 6.31
CA LYS Q 66 -35.23 56.25 4.90
C LYS Q 66 -35.26 57.48 4.01
N ASP Q 67 -36.05 58.49 4.37
CA ASP Q 67 -36.01 59.79 3.72
C ASP Q 67 -35.11 60.76 4.46
N GLY Q 68 -34.55 60.35 5.59
CA GLY Q 68 -33.55 61.15 6.27
C GLY Q 68 -32.35 61.35 5.38
N PRO Q 69 -31.54 62.35 5.69
CA PRO Q 69 -30.46 62.72 4.76
C PRO Q 69 -29.32 61.73 4.76
N PHE Q 70 -29.61 60.43 4.60
CA PHE Q 70 -28.59 59.39 4.64
C PHE Q 70 -29.02 58.16 3.84
N UNK Q 71 -26.84 70.69 7.58
CA UNK Q 71 -27.61 71.65 8.36
C UNK Q 71 -27.13 71.66 9.81
N UNK Q 72 -26.08 70.90 10.06
CA UNK Q 72 -25.48 70.86 11.40
C UNK Q 72 -24.02 70.48 11.28
N UNK Q 73 -23.74 69.18 11.40
CA UNK Q 73 -22.38 68.67 11.34
C UNK Q 73 -21.51 69.42 12.33
N UNK Q 74 -22.05 69.61 13.54
CA UNK Q 74 -21.38 70.36 14.59
C UNK Q 74 -19.97 69.82 14.80
N UNK Q 75 -19.01 70.43 14.10
CA UNK Q 75 -17.63 69.97 14.07
C UNK Q 75 -17.02 69.77 15.45
N UNK Q 76 -17.70 70.27 16.48
CA UNK Q 76 -17.35 69.95 17.84
C UNK Q 76 -17.37 68.44 17.98
N UNK Q 77 -16.22 67.83 17.68
CA UNK Q 77 -16.05 66.38 17.75
C UNK Q 77 -16.97 65.61 16.81
N UNK Q 78 -16.99 66.02 15.54
CA UNK Q 78 -17.65 65.24 14.50
C UNK Q 78 -16.53 64.56 13.74
N UNK Q 79 -15.80 63.70 14.46
CA UNK Q 79 -14.55 63.11 13.99
C UNK Q 79 -13.51 64.20 13.74
N UNK Q 80 -12.53 63.92 12.90
CA UNK Q 80 -11.43 64.87 12.68
C UNK Q 80 -11.72 65.87 11.58
N UNK Q 81 -10.91 66.92 11.53
CA UNK Q 81 -10.85 67.77 10.36
C UNK Q 81 -10.27 66.89 9.28
N UNK Q 82 -9.40 65.97 9.71
CA UNK Q 82 -8.83 64.96 8.83
C UNK Q 82 -9.93 64.00 8.39
N UNK Q 83 -11.07 64.10 9.05
CA UNK Q 83 -12.23 63.33 8.66
C UNK Q 83 -13.27 64.29 8.11
N UNK Q 84 -13.06 65.58 8.38
CA UNK Q 84 -13.98 66.61 7.90
C UNK Q 84 -13.52 67.17 6.56
N UNK Q 85 -12.84 66.35 5.78
CA UNK Q 85 -12.38 66.77 4.46
C UNK Q 85 -13.59 67.06 3.57
N UNK Q 86 -14.17 66.02 3.01
CA UNK Q 86 -15.38 66.16 2.22
C UNK Q 86 -16.54 66.40 3.18
N UNK Q 87 -16.32 66.03 4.44
CA UNK Q 87 -17.34 66.21 5.46
C UNK Q 87 -17.36 67.64 5.96
N UNK Q 88 -16.64 68.51 5.27
CA UNK Q 88 -16.69 69.94 5.56
C UNK Q 88 -18.10 70.43 5.28
N UNK Q 89 -18.78 69.73 4.38
CA UNK Q 89 -20.19 69.98 4.09
C UNK Q 89 -20.89 68.64 3.91
N MET R 1 -29.05 -2.08 -28.04
CA MET R 1 -30.04 -1.22 -27.41
C MET R 1 -30.15 0.17 -28.05
N PRO R 2 -29.06 0.93 -28.15
CA PRO R 2 -29.16 2.26 -28.75
C PRO R 2 -29.15 2.17 -30.27
N VAL R 3 -29.26 3.34 -30.89
CA VAL R 3 -29.33 3.46 -32.34
C VAL R 3 -28.20 4.38 -32.78
N CYS R 4 -27.65 4.11 -33.97
CA CYS R 4 -26.69 5.04 -34.53
C CYS R 4 -27.29 6.42 -34.69
N LYS R 5 -26.54 7.42 -34.22
CA LYS R 5 -26.92 8.81 -34.36
C LYS R 5 -26.94 9.27 -35.81
N ASN R 6 -26.49 8.45 -36.74
CA ASN R 6 -26.53 8.80 -38.16
C ASN R 6 -27.24 7.76 -39.00
N CYS R 7 -26.64 6.58 -39.18
CA CYS R 7 -27.24 5.54 -40.03
C CYS R 7 -28.61 5.10 -39.55
N HIS R 8 -28.91 5.28 -38.26
CA HIS R 8 -30.15 4.80 -37.64
C HIS R 8 -30.28 3.29 -37.77
N GLY R 9 -29.14 2.60 -37.75
CA GLY R 9 -29.15 1.16 -37.63
C GLY R 9 -29.02 0.69 -36.20
N THR R 10 -29.58 -0.48 -35.91
CA THR R 10 -29.57 -1.02 -34.56
C THR R 10 -28.47 -2.04 -34.32
N GLU R 11 -27.66 -2.36 -35.32
CA GLU R 11 -26.66 -3.43 -35.23
C GLU R 11 -25.32 -2.85 -34.81
N PHE R 12 -24.86 -3.22 -33.63
CA PHE R 12 -23.62 -2.70 -33.07
C PHE R 12 -22.67 -3.84 -32.78
N GLU R 13 -21.38 -3.59 -33.03
CA GLU R 13 -20.32 -4.58 -32.92
C GLU R 13 -19.13 -3.91 -32.28
N ARG R 14 -18.51 -4.59 -31.32
CA ARG R 14 -17.39 -4.03 -30.57
C ARG R 14 -16.12 -4.68 -31.11
N ASP R 15 -15.30 -3.89 -31.82
CA ASP R 15 -14.15 -4.44 -32.52
C ASP R 15 -13.02 -4.67 -31.54
N LEU R 16 -12.61 -5.93 -31.39
CA LEU R 16 -11.59 -6.34 -30.42
C LEU R 16 -10.21 -6.47 -31.03
N SER R 17 -10.06 -6.20 -32.33
CA SER R 17 -8.79 -6.43 -33.00
C SER R 17 -7.67 -5.62 -32.37
N ASN R 18 -7.69 -4.29 -32.53
CA ASN R 18 -6.50 -3.48 -32.37
C ASN R 18 -6.32 -2.96 -30.94
N ALA R 19 -7.09 -3.47 -29.98
CA ALA R 19 -7.02 -3.05 -28.58
C ALA R 19 -7.52 -1.62 -28.41
N ASN R 20 -8.55 -1.30 -29.19
CA ASN R 20 -9.42 -0.17 -28.92
C ASN R 20 -10.65 -0.66 -28.17
N ASN R 21 -11.33 -1.64 -28.76
CA ASN R 21 -12.61 -2.15 -28.28
C ASN R 21 -13.72 -1.14 -28.49
N ASP R 22 -13.64 -0.40 -29.58
CA ASP R 22 -14.68 0.56 -29.90
C ASP R 22 -15.98 -0.16 -30.20
N LEU R 23 -17.09 0.53 -30.01
CA LEU R 23 -18.39 0.03 -30.42
C LEU R 23 -18.79 0.81 -31.67
N VAL R 24 -19.25 0.10 -32.70
CA VAL R 24 -19.52 0.72 -33.99
C VAL R 24 -20.77 0.10 -34.58
N CYS R 25 -21.34 0.76 -35.58
CA CYS R 25 -22.42 0.16 -36.35
C CYS R 25 -21.86 -0.48 -37.61
N LYS R 26 -22.42 -1.62 -37.98
CA LYS R 26 -22.07 -2.17 -39.29
C LYS R 26 -22.70 -1.34 -40.40
N ALA R 27 -23.46 -0.31 -40.07
CA ALA R 27 -24.11 0.38 -41.17
C ALA R 27 -23.23 1.50 -41.73
N CYS R 28 -23.15 2.63 -41.03
CA CYS R 28 -22.38 3.73 -41.57
C CYS R 28 -20.96 3.74 -41.04
N GLY R 29 -20.69 2.91 -40.04
CA GLY R 29 -19.38 2.84 -39.43
C GLY R 29 -19.08 3.93 -38.42
N VAL R 30 -20.08 4.66 -37.94
CA VAL R 30 -19.84 5.64 -36.88
C VAL R 30 -19.75 4.91 -35.56
N VAL R 31 -18.98 5.45 -34.61
CA VAL R 31 -18.84 4.82 -33.31
C VAL R 31 -19.87 5.40 -32.34
N SER R 32 -20.38 4.53 -31.48
CA SER R 32 -21.24 4.99 -30.39
C SER R 32 -20.43 5.53 -29.23
N GLU R 33 -19.72 4.67 -28.51
CA GLU R 33 -18.81 5.17 -27.50
C GLU R 33 -17.42 4.62 -27.79
N ASP R 34 -16.45 5.53 -27.87
CA ASP R 34 -15.05 5.16 -27.80
C ASP R 34 -14.70 4.98 -26.33
N ASN R 35 -13.43 4.77 -26.07
CA ASN R 35 -12.92 4.86 -24.70
C ASN R 35 -13.73 3.96 -23.78
N PRO R 36 -13.70 2.66 -23.98
CA PRO R 36 -14.70 1.80 -23.36
C PRO R 36 -14.50 1.68 -21.86
N ILE R 37 -15.02 2.62 -21.09
CA ILE R 37 -14.85 2.63 -19.65
C ILE R 37 -15.33 1.33 -19.04
N VAL R 38 -14.47 0.66 -18.30
CA VAL R 38 -14.78 -0.58 -17.63
C VAL R 38 -14.40 -0.46 -16.17
N SER R 39 -15.05 -1.27 -15.35
CA SER R 39 -14.66 -1.38 -13.95
C SER R 39 -13.59 -2.45 -13.84
N GLU R 40 -13.19 -2.76 -12.61
CA GLU R 40 -12.17 -3.77 -12.40
C GLU R 40 -12.25 -4.22 -10.94
N VAL R 41 -11.28 -5.03 -10.51
CA VAL R 41 -11.12 -5.53 -9.15
C VAL R 41 -12.44 -5.76 -8.41
N ALA R 72 -28.50 -5.15 8.89
CA ALA R 72 -28.70 -4.26 10.02
C ALA R 72 -29.37 -5.00 11.19
N LEU R 73 -30.39 -4.40 11.77
CA LEU R 73 -31.14 -5.00 12.87
C LEU R 73 -32.47 -5.48 12.30
N GLU R 74 -32.61 -6.80 12.16
CA GLU R 74 -33.83 -7.40 11.65
C GLU R 74 -34.05 -8.74 12.32
N SER R 75 -35.30 -9.01 12.69
CA SER R 75 -35.65 -10.38 13.06
C SER R 75 -35.45 -11.32 11.88
N ARG R 76 -35.52 -10.78 10.65
CA ARG R 76 -35.45 -11.62 9.48
C ARG R 76 -34.00 -11.97 9.10
N GLU R 77 -33.07 -11.04 9.27
CA GLU R 77 -31.68 -11.39 9.01
C GLU R 77 -31.21 -12.50 9.94
N ALA R 78 -31.46 -12.37 11.24
CA ALA R 78 -31.08 -13.41 12.18
C ALA R 78 -31.63 -14.77 11.79
N THR R 79 -32.94 -14.92 11.74
CA THR R 79 -33.56 -16.18 11.34
C THR R 79 -33.07 -16.69 10.00
N LEU R 80 -33.09 -15.85 8.96
CA LEU R 80 -32.65 -16.29 7.65
C LEU R 80 -31.21 -16.80 7.67
N ASN R 81 -30.25 -15.90 7.88
CA ASN R 81 -28.85 -16.34 7.83
C ASN R 81 -28.59 -17.49 8.79
N ASN R 82 -29.30 -17.51 9.92
CA ASN R 82 -29.30 -18.71 10.76
C ASN R 82 -29.79 -19.93 9.99
N ALA R 83 -30.70 -19.72 9.04
CA ALA R 83 -31.19 -20.85 8.26
C ALA R 83 -30.22 -21.23 7.14
N ARG R 84 -29.38 -20.29 6.70
CA ARG R 84 -28.28 -20.76 5.85
C ARG R 84 -27.25 -21.52 6.67
N ARG R 85 -27.05 -21.13 7.93
CA ARG R 85 -26.20 -21.93 8.79
C ARG R 85 -26.76 -23.35 8.96
N LYS R 86 -27.88 -23.48 9.66
CA LYS R 86 -28.47 -24.80 9.89
C LYS R 86 -28.71 -25.55 8.60
N LEU R 87 -29.17 -24.86 7.57
CA LEU R 87 -29.36 -25.50 6.29
C LEU R 87 -28.06 -26.10 5.77
N ARG R 88 -27.06 -25.26 5.49
CA ARG R 88 -25.78 -25.76 4.96
C ARG R 88 -25.21 -26.85 5.84
N ALA R 89 -25.53 -26.82 7.14
CA ALA R 89 -25.09 -27.90 8.02
C ALA R 89 -25.53 -29.25 7.49
N VAL R 90 -26.84 -29.51 7.47
CA VAL R 90 -27.34 -30.81 7.05
C VAL R 90 -27.01 -31.12 5.60
N SER R 91 -26.51 -30.15 4.85
CA SER R 91 -26.30 -30.36 3.42
C SER R 91 -25.11 -31.28 3.18
N TYR R 92 -23.90 -30.79 3.40
CA TYR R 92 -22.74 -31.60 3.07
C TYR R 92 -22.63 -32.82 3.97
N ALA R 93 -23.46 -32.95 5.00
CA ALA R 93 -23.58 -34.24 5.67
C ALA R 93 -24.05 -35.31 4.72
N LEU R 94 -24.99 -34.99 3.85
CA LEU R 94 -25.51 -35.95 2.87
C LEU R 94 -24.75 -35.90 1.57
N HIS R 95 -23.71 -35.07 1.48
CA HIS R 95 -22.88 -34.96 0.28
C HIS R 95 -23.72 -34.58 -0.93
N ILE R 96 -24.82 -33.88 -0.68
CA ILE R 96 -25.64 -33.33 -1.75
C ILE R 96 -24.84 -32.20 -2.38
N PRO R 97 -25.21 -31.73 -3.56
CA PRO R 97 -24.57 -30.51 -4.08
C PRO R 97 -24.79 -29.37 -3.12
N GLU R 98 -23.71 -28.67 -2.79
CA GLU R 98 -23.85 -27.38 -2.13
C GLU R 98 -24.75 -26.46 -2.94
N TYR R 99 -24.63 -26.53 -4.26
CA TYR R 99 -25.51 -25.79 -5.16
C TYR R 99 -26.96 -25.82 -4.70
N ILE R 100 -27.56 -27.00 -4.68
CA ILE R 100 -28.99 -27.13 -4.42
C ILE R 100 -29.40 -26.43 -3.14
N THR R 101 -28.48 -26.31 -2.18
CA THR R 101 -28.80 -25.64 -0.93
C THR R 101 -29.43 -24.27 -1.18
N ASP R 102 -28.82 -23.49 -2.08
CA ASP R 102 -29.36 -22.17 -2.37
C ASP R 102 -30.77 -22.21 -2.93
N ALA R 103 -31.09 -23.21 -3.76
CA ALA R 103 -32.46 -23.31 -4.22
C ALA R 103 -33.40 -23.64 -3.07
N ALA R 104 -33.09 -24.69 -2.31
CA ALA R 104 -33.87 -25.02 -1.13
C ALA R 104 -34.04 -23.84 -0.18
N PHE R 105 -32.94 -23.19 0.19
CA PHE R 105 -33.01 -22.05 1.09
C PHE R 105 -34.07 -21.06 0.65
N GLN R 106 -34.11 -20.71 -0.62
CA GLN R 106 -35.05 -19.69 -1.06
C GLN R 106 -36.48 -20.20 -0.97
N TRP R 107 -36.69 -21.50 -1.20
CA TRP R 107 -37.96 -22.11 -0.80
C TRP R 107 -38.27 -21.80 0.65
N TYR R 108 -37.35 -22.10 1.55
CA TYR R 108 -37.49 -21.69 2.94
C TYR R 108 -37.86 -20.22 3.03
N LYS R 109 -37.21 -19.37 2.23
CA LYS R 109 -37.63 -17.97 2.16
C LYS R 109 -39.11 -17.88 1.84
N LEU R 110 -39.51 -18.37 0.67
CA LEU R 110 -40.92 -18.37 0.32
C LEU R 110 -41.75 -19.12 1.37
N ALA R 111 -41.19 -20.17 1.96
CA ALA R 111 -41.91 -20.88 3.00
C ALA R 111 -42.19 -20.02 4.21
N LEU R 112 -41.31 -19.07 4.53
CA LEU R 112 -41.59 -18.17 5.63
C LEU R 112 -42.67 -17.16 5.27
N ALA R 113 -42.81 -16.85 3.99
CA ALA R 113 -43.74 -15.81 3.56
C ALA R 113 -45.18 -16.12 3.98
N ASN R 114 -45.55 -17.40 4.07
CA ASN R 114 -46.88 -17.79 4.48
C ASN R 114 -46.98 -18.06 5.97
N ASN R 115 -45.87 -17.87 6.70
CA ASN R 115 -45.82 -18.15 8.14
C ASN R 115 -46.15 -19.61 8.44
N PHE R 116 -45.94 -20.45 7.43
CA PHE R 116 -46.02 -21.90 7.61
C PHE R 116 -44.90 -22.44 8.48
N VAL R 117 -43.83 -21.67 8.66
CA VAL R 117 -42.61 -22.17 9.29
C VAL R 117 -42.54 -21.81 10.77
N GLN R 118 -43.59 -21.18 11.29
CA GLN R 118 -43.47 -20.57 12.61
C GLN R 118 -43.48 -21.60 13.74
N GLY R 119 -44.60 -22.29 13.94
CA GLY R 119 -44.81 -23.01 15.18
C GLY R 119 -44.45 -24.48 15.11
N ARG R 120 -43.61 -24.90 14.17
CA ARG R 120 -43.22 -26.29 14.09
C ARG R 120 -41.76 -26.51 14.43
N ARG R 121 -41.35 -27.78 14.44
CA ARG R 121 -40.00 -28.15 14.81
C ARG R 121 -39.12 -27.67 13.67
N SER R 122 -38.11 -26.87 14.01
CA SER R 122 -37.22 -26.31 12.99
C SER R 122 -36.69 -27.39 12.07
N GLN R 123 -36.29 -28.52 12.64
CA GLN R 123 -35.80 -29.63 11.83
C GLN R 123 -36.79 -29.99 10.75
N ASN R 124 -37.98 -30.45 11.12
CA ASN R 124 -38.95 -30.87 10.10
C ASN R 124 -39.16 -29.83 9.01
N VAL R 125 -39.21 -28.56 9.36
CA VAL R 125 -39.31 -27.51 8.35
C VAL R 125 -38.19 -27.56 7.30
N ILE R 126 -36.96 -27.25 7.72
CA ILE R 126 -35.84 -27.20 6.78
C ILE R 126 -35.59 -28.53 6.09
N ALA R 127 -36.00 -29.61 6.74
CA ALA R 127 -35.92 -30.95 6.20
C ALA R 127 -36.67 -30.95 4.89
N SER R 128 -38.00 -30.88 4.95
CA SER R 128 -38.79 -30.82 3.74
C SER R 128 -38.28 -29.73 2.81
N CYS R 129 -37.92 -28.58 3.36
CA CYS R 129 -37.39 -27.50 2.53
C CYS R 129 -36.20 -27.96 1.70
N LEU R 130 -35.34 -28.81 2.22
CA LEU R 130 -34.27 -29.35 1.40
C LEU R 130 -34.74 -30.50 0.52
N TYR R 131 -35.56 -31.39 1.08
CA TYR R 131 -36.05 -32.54 0.34
C TYR R 131 -36.80 -32.14 -0.90
N VAL R 132 -37.74 -31.18 -0.78
CA VAL R 132 -38.44 -30.70 -1.96
C VAL R 132 -37.50 -30.22 -3.03
N ALA R 133 -36.43 -29.52 -2.66
CA ALA R 133 -35.41 -29.16 -3.63
C ALA R 133 -34.82 -30.39 -4.31
N CYS R 134 -34.13 -31.25 -3.54
CA CYS R 134 -33.41 -32.35 -4.17
C CYS R 134 -34.34 -33.25 -4.97
N ARG R 135 -35.64 -33.21 -4.69
CA ARG R 135 -36.60 -33.85 -5.57
C ARG R 135 -36.74 -33.09 -6.87
N LYS R 136 -36.83 -31.76 -6.79
CA LYS R 136 -37.07 -30.97 -7.99
C LYS R 136 -35.94 -31.16 -9.01
N GLU R 137 -34.75 -31.50 -8.54
CA GLU R 137 -33.61 -31.80 -9.40
C GLU R 137 -33.57 -33.25 -9.87
N LYS R 138 -34.46 -34.10 -9.37
CA LYS R 138 -34.41 -35.53 -9.65
C LYS R 138 -33.02 -36.05 -9.31
N THR R 139 -32.69 -36.12 -8.03
CA THR R 139 -31.42 -36.65 -7.56
C THR R 139 -31.70 -37.90 -6.73
N HIS R 140 -30.64 -38.55 -6.29
CA HIS R 140 -30.81 -39.70 -5.41
C HIS R 140 -30.49 -39.28 -3.99
N HIS R 141 -31.54 -38.96 -3.25
CA HIS R 141 -31.56 -39.00 -1.80
C HIS R 141 -32.96 -39.39 -1.40
N MET R 142 -33.12 -40.42 -0.60
CA MET R 142 -34.44 -40.91 -0.24
C MET R 142 -34.82 -40.35 1.12
N LEU R 143 -36.09 -40.01 1.26
CA LEU R 143 -36.56 -39.32 2.45
C LEU R 143 -36.23 -40.10 3.72
N ILE R 144 -36.24 -41.43 3.63
CA ILE R 144 -35.82 -42.24 4.77
C ILE R 144 -34.39 -41.89 5.19
N ASP R 145 -33.45 -41.92 4.26
CA ASP R 145 -32.07 -41.57 4.54
C ASP R 145 -31.94 -40.18 5.12
N PHE R 146 -32.68 -39.22 4.57
CA PHE R 146 -32.63 -37.85 5.02
C PHE R 146 -32.95 -37.70 6.50
N SER R 147 -33.91 -38.49 6.98
CA SER R 147 -34.43 -38.44 8.34
C SER R 147 -33.44 -38.91 9.39
N SER R 148 -32.75 -40.02 9.16
CA SER R 148 -32.04 -40.73 10.21
C SER R 148 -30.92 -39.92 10.85
N ARG R 149 -30.60 -38.74 10.30
CA ARG R 149 -29.79 -37.78 11.02
C ARG R 149 -30.34 -37.48 12.40
N LEU R 150 -31.64 -37.68 12.61
CA LEU R 150 -32.28 -37.33 13.87
C LEU R 150 -32.87 -38.38 14.79
N GLN R 151 -33.41 -37.91 15.91
CA GLN R 151 -34.42 -38.67 16.70
C GLN R 151 -35.71 -39.26 15.91
N VAL R 152 -36.03 -38.40 14.94
CA VAL R 152 -37.27 -38.51 14.19
C VAL R 152 -37.71 -39.79 13.48
N SER R 153 -39.01 -39.92 13.31
CA SER R 153 -39.67 -41.19 12.97
C SER R 153 -39.85 -41.40 11.47
N VAL R 154 -39.31 -40.52 10.63
CA VAL R 154 -39.52 -40.58 9.18
C VAL R 154 -41.01 -40.45 8.95
N TYR R 155 -41.67 -39.82 9.91
CA TYR R 155 -43.12 -39.69 9.89
C TYR R 155 -43.43 -38.21 10.09
N SER R 156 -43.00 -37.67 11.23
CA SER R 156 -43.05 -36.22 11.44
C SER R 156 -42.50 -35.47 10.24
N ILE R 157 -41.38 -35.95 9.68
CA ILE R 157 -40.94 -35.39 8.41
C ILE R 157 -41.95 -35.67 7.33
N GLY R 158 -42.38 -36.93 7.20
CA GLY R 158 -43.44 -37.23 6.26
C GLY R 158 -44.66 -36.36 6.46
N ALA R 159 -44.98 -36.03 7.71
CA ALA R 159 -46.01 -35.03 7.95
C ALA R 159 -45.65 -33.71 7.31
N THR R 160 -44.61 -33.04 7.82
CA THR R 160 -44.32 -31.67 7.41
C THR R 160 -44.20 -31.53 5.90
N PHE R 161 -43.43 -32.44 5.26
CA PHE R 161 -43.33 -32.42 3.81
C PHE R 161 -44.70 -32.40 3.14
N LEU R 162 -45.49 -33.44 3.34
CA LEU R 162 -46.82 -33.49 2.73
C LEU R 162 -47.68 -32.31 3.10
N LYS R 163 -47.42 -31.69 4.26
CA LYS R 163 -48.19 -30.51 4.64
C LYS R 163 -47.82 -29.30 3.79
N MET R 164 -46.53 -29.02 3.60
CA MET R 164 -46.20 -27.86 2.78
C MET R 164 -46.54 -28.09 1.32
N VAL R 165 -46.85 -29.33 0.93
CA VAL R 165 -47.39 -29.57 -0.39
C VAL R 165 -48.66 -28.77 -0.60
N LYS R 166 -49.56 -28.77 0.39
CA LYS R 166 -50.73 -27.90 0.33
C LYS R 166 -50.33 -26.44 0.21
N LYS R 167 -49.78 -25.87 1.27
CA LYS R 167 -49.65 -24.43 1.43
C LYS R 167 -48.91 -23.79 0.26
N LEU R 168 -47.61 -24.01 0.15
CA LEU R 168 -46.94 -23.64 -1.09
C LEU R 168 -47.51 -24.55 -2.18
N HIS R 169 -47.99 -23.98 -3.28
CA HIS R 169 -48.77 -24.74 -4.24
C HIS R 169 -47.83 -25.33 -5.28
N ILE R 170 -47.64 -26.65 -5.21
CA ILE R 170 -46.70 -27.38 -6.05
C ILE R 170 -47.29 -28.75 -6.31
N THR R 171 -47.15 -29.22 -7.54
CA THR R 171 -47.65 -30.56 -7.84
C THR R 171 -46.69 -31.43 -8.66
N GLU R 172 -46.42 -31.02 -9.90
CA GLU R 172 -45.94 -31.91 -10.94
C GLU R 172 -44.55 -32.46 -10.70
N LEU R 173 -43.67 -31.70 -10.08
CA LEU R 173 -42.24 -31.92 -10.16
C LEU R 173 -41.78 -33.25 -9.55
N PRO R 174 -42.06 -33.52 -8.27
CA PRO R 174 -41.31 -34.60 -7.59
C PRO R 174 -41.78 -36.01 -7.93
N LEU R 175 -41.29 -36.57 -9.03
CA LEU R 175 -41.51 -37.99 -9.33
C LEU R 175 -40.21 -38.75 -9.12
N ALA R 176 -40.17 -39.60 -8.10
CA ALA R 176 -39.03 -40.46 -7.83
C ALA R 176 -39.11 -41.71 -8.72
N ASP R 177 -37.94 -42.21 -9.09
CA ASP R 177 -37.84 -43.33 -10.02
C ASP R 177 -36.66 -44.23 -9.65
N PRO R 178 -36.73 -45.51 -10.01
CA PRO R 178 -35.67 -46.45 -9.61
C PRO R 178 -34.30 -46.14 -10.17
N SER R 179 -34.21 -45.71 -11.43
CA SER R 179 -32.94 -45.59 -12.13
C SER R 179 -31.90 -44.80 -11.35
N LEU R 180 -32.33 -43.87 -10.51
CA LEU R 180 -31.42 -43.08 -9.70
C LEU R 180 -30.92 -43.81 -8.47
N PHE R 181 -31.80 -44.49 -7.73
CA PHE R 181 -31.41 -45.09 -6.47
C PHE R 181 -30.37 -46.19 -6.65
N ILE R 182 -30.50 -46.99 -7.71
CA ILE R 182 -29.53 -48.05 -7.95
C ILE R 182 -28.11 -47.50 -8.03
N GLN R 183 -27.93 -46.32 -8.64
CA GLN R 183 -26.59 -45.74 -8.72
C GLN R 183 -25.97 -45.55 -7.34
N HIS R 184 -26.49 -44.61 -6.56
CA HIS R 184 -25.96 -44.37 -5.21
C HIS R 184 -25.87 -45.63 -4.39
N PHE R 185 -26.83 -46.54 -4.54
CA PHE R 185 -26.64 -47.89 -4.02
C PHE R 185 -25.40 -48.54 -4.59
N ALA R 186 -25.33 -48.72 -5.91
CA ALA R 186 -24.27 -49.47 -6.55
C ALA R 186 -22.89 -49.12 -6.04
N GLU R 187 -22.60 -47.84 -5.80
CA GLU R 187 -21.28 -47.47 -5.30
C GLU R 187 -21.00 -48.10 -3.95
N LYS R 188 -21.93 -47.96 -3.00
CA LYS R 188 -21.75 -48.49 -1.66
C LYS R 188 -21.79 -50.01 -1.60
N LEU R 189 -22.11 -50.68 -2.71
CA LEU R 189 -22.30 -52.12 -2.71
C LEU R 189 -21.01 -52.91 -2.84
N ASP R 190 -19.84 -52.25 -2.82
CA ASP R 190 -18.56 -52.92 -2.91
C ASP R 190 -18.48 -53.74 -4.19
N LEU R 191 -18.34 -55.05 -4.08
CA LEU R 191 -18.25 -55.95 -5.25
C LEU R 191 -17.08 -55.50 -6.12
N ALA R 192 -17.27 -55.28 -7.41
CA ALA R 192 -16.18 -54.88 -8.30
C ALA R 192 -16.75 -54.14 -9.50
N ASP R 193 -15.91 -53.91 -10.50
CA ASP R 193 -16.34 -53.22 -11.72
C ASP R 193 -17.46 -53.95 -12.43
N LYS R 194 -17.64 -55.25 -12.19
CA LYS R 194 -18.74 -56.02 -12.76
C LYS R 194 -20.09 -55.35 -12.54
N LYS R 195 -20.30 -54.73 -11.38
CA LYS R 195 -21.59 -54.13 -11.06
C LYS R 195 -22.09 -53.18 -12.13
N ILE R 196 -21.18 -52.46 -12.77
CA ILE R 196 -21.57 -51.57 -13.86
C ILE R 196 -22.41 -52.35 -14.87
N LYS R 197 -21.85 -53.45 -15.38
CA LYS R 197 -22.64 -54.39 -16.16
C LYS R 197 -23.93 -54.74 -15.44
N VAL R 198 -23.82 -55.21 -14.20
CA VAL R 198 -24.99 -55.45 -13.35
C VAL R 198 -25.93 -54.26 -13.37
N VAL R 199 -25.40 -53.05 -13.17
CA VAL R 199 -26.23 -51.86 -13.31
C VAL R 199 -26.98 -51.89 -14.65
N LYS R 200 -26.23 -51.87 -15.75
CA LYS R 200 -26.84 -52.01 -17.06
C LYS R 200 -27.78 -53.21 -17.10
N ASP R 201 -27.37 -54.31 -16.47
CA ASP R 201 -28.27 -55.44 -16.28
C ASP R 201 -29.51 -55.07 -15.51
N ALA R 202 -29.37 -54.64 -14.25
CA ALA R 202 -30.48 -54.51 -13.32
C ALA R 202 -31.55 -53.54 -13.81
N VAL R 203 -31.15 -52.39 -14.34
CA VAL R 203 -32.10 -51.36 -14.71
C VAL R 203 -33.10 -51.89 -15.72
N LYS R 204 -32.60 -52.46 -16.83
CA LYS R 204 -33.48 -53.08 -17.81
C LYS R 204 -34.43 -54.07 -17.14
N LEU R 205 -33.93 -54.82 -16.17
CA LEU R 205 -34.78 -55.62 -15.30
C LEU R 205 -35.88 -54.77 -14.68
N ALA R 206 -35.49 -53.82 -13.82
CA ALA R 206 -36.47 -52.97 -13.16
C ALA R 206 -37.40 -52.30 -14.15
N GLN R 207 -36.89 -51.94 -15.33
CA GLN R 207 -37.76 -51.38 -16.36
C GLN R 207 -38.96 -52.26 -16.65
N ARG R 208 -38.74 -53.54 -16.92
CA ARG R 208 -39.85 -54.40 -17.26
C ARG R 208 -40.79 -54.59 -16.08
N MET R 209 -40.24 -54.68 -14.87
CA MET R 209 -41.07 -54.80 -13.68
C MET R 209 -42.04 -53.63 -13.56
N SER R 210 -41.62 -52.43 -13.97
CA SER R 210 -42.55 -51.32 -14.05
C SER R 210 -43.66 -51.60 -15.05
N LYS R 211 -43.29 -52.03 -16.27
CA LYS R 211 -44.30 -52.51 -17.21
C LYS R 211 -44.89 -53.85 -16.77
N ASP R 212 -44.25 -54.53 -15.82
CA ASP R 212 -44.87 -55.73 -15.28
C ASP R 212 -45.93 -55.39 -14.29
N TRP R 213 -46.07 -54.09 -14.09
CA TRP R 213 -47.26 -53.52 -13.47
C TRP R 213 -47.40 -53.92 -12.00
N MET R 214 -46.27 -54.33 -11.41
CA MET R 214 -46.20 -54.54 -9.98
C MET R 214 -45.59 -53.36 -9.24
N PHE R 215 -45.18 -52.32 -9.96
CA PHE R 215 -44.26 -51.34 -9.42
C PHE R 215 -44.95 -50.32 -8.52
N GLU R 216 -46.21 -50.00 -8.80
CA GLU R 216 -46.89 -48.94 -8.07
C GLU R 216 -47.24 -49.40 -6.67
N GLY R 217 -47.41 -48.45 -5.75
CA GLY R 217 -47.79 -48.78 -4.39
C GLY R 217 -46.66 -49.41 -3.63
N ARG R 218 -45.44 -48.88 -3.78
CA ARG R 218 -44.28 -49.49 -3.18
C ARG R 218 -43.23 -48.44 -2.89
N ARG R 219 -42.54 -48.60 -1.77
CA ARG R 219 -41.38 -47.76 -1.50
C ARG R 219 -40.33 -48.04 -2.56
N PRO R 220 -39.99 -47.07 -3.39
CA PRO R 220 -39.08 -47.35 -4.52
C PRO R 220 -37.75 -47.94 -4.07
N ALA R 221 -37.31 -47.64 -2.86
CA ALA R 221 -36.12 -48.30 -2.34
C ALA R 221 -36.29 -49.81 -2.31
N GLY R 222 -37.48 -50.29 -1.97
CA GLY R 222 -37.71 -51.72 -1.90
C GLY R 222 -37.42 -52.40 -3.22
N ILE R 223 -38.08 -51.96 -4.29
CA ILE R 223 -37.82 -52.58 -5.59
C ILE R 223 -36.41 -52.27 -6.04
N ALA R 224 -35.83 -51.17 -5.58
CA ALA R 224 -34.45 -50.86 -5.92
C ALA R 224 -33.51 -51.97 -5.44
N GLY R 225 -33.36 -52.08 -4.11
CA GLY R 225 -32.54 -53.16 -3.58
C GLY R 225 -32.98 -54.52 -4.09
N ALA R 226 -34.27 -54.69 -4.35
CA ALA R 226 -34.76 -55.93 -4.93
C ALA R 226 -34.05 -56.25 -6.24
N CYS R 227 -34.24 -55.40 -7.25
CA CYS R 227 -33.60 -55.63 -8.55
C CYS R 227 -32.09 -55.75 -8.40
N ILE R 228 -31.51 -54.99 -7.48
CA ILE R 228 -30.07 -55.11 -7.25
C ILE R 228 -29.71 -56.53 -6.85
N LEU R 229 -30.35 -57.05 -5.80
CA LEU R 229 -30.15 -58.44 -5.42
C LEU R 229 -30.37 -59.37 -6.60
N LEU R 230 -31.42 -59.11 -7.40
CA LEU R 230 -31.70 -59.94 -8.55
C LEU R 230 -30.52 -60.03 -9.50
N ALA R 231 -30.11 -58.91 -10.09
CA ALA R 231 -29.01 -58.94 -11.05
C ALA R 231 -27.72 -59.44 -10.41
N CYS R 232 -27.47 -59.08 -9.15
CA CYS R 232 -26.32 -59.60 -8.44
C CYS R 232 -26.29 -61.12 -8.44
N ARG R 233 -27.40 -61.75 -8.05
CA ARG R 233 -27.51 -63.20 -8.17
C ARG R 233 -27.36 -63.63 -9.63
N MET R 234 -27.89 -62.85 -10.56
CA MET R 234 -27.75 -63.17 -11.98
C MET R 234 -26.31 -63.01 -12.44
N ASN R 235 -25.53 -62.18 -11.74
CA ASN R 235 -24.12 -62.02 -12.01
C ASN R 235 -23.27 -63.02 -11.24
N ASN R 236 -23.92 -63.99 -10.60
CA ASN R 236 -23.32 -65.01 -9.74
C ASN R 236 -22.29 -64.44 -8.78
N LEU R 237 -22.76 -63.53 -7.93
CA LEU R 237 -22.02 -63.07 -6.76
C LEU R 237 -22.95 -63.19 -5.56
N ARG R 238 -22.38 -63.61 -4.43
CA ARG R 238 -23.18 -64.01 -3.28
C ARG R 238 -23.07 -62.95 -2.19
N ARG R 239 -24.15 -62.22 -2.02
CA ARG R 239 -24.27 -61.20 -0.99
C ARG R 239 -25.55 -61.43 -0.18
N THR R 240 -25.49 -61.07 1.09
CA THR R 240 -26.56 -61.37 2.02
C THR R 240 -27.76 -60.46 1.73
N HIS R 241 -28.84 -60.71 2.45
CA HIS R 241 -29.98 -59.80 2.42
C HIS R 241 -29.76 -58.58 3.31
N THR R 242 -29.16 -58.78 4.47
CA THR R 242 -28.81 -57.69 5.37
C THR R 242 -27.96 -56.63 4.69
N GLU R 243 -26.76 -56.98 4.24
CA GLU R 243 -25.85 -55.99 3.69
C GLU R 243 -26.50 -55.19 2.57
N ILE R 244 -27.44 -55.78 1.85
CA ILE R 244 -28.24 -55.02 0.89
C ILE R 244 -29.00 -53.90 1.59
N VAL R 245 -29.95 -54.26 2.45
CA VAL R 245 -30.76 -53.24 3.11
C VAL R 245 -29.92 -52.29 3.94
N ALA R 246 -28.65 -52.62 4.18
CA ALA R 246 -27.74 -51.66 4.79
C ALA R 246 -27.73 -50.36 3.98
N VAL R 247 -27.63 -50.45 2.66
CA VAL R 247 -27.85 -49.27 1.83
C VAL R 247 -29.34 -49.03 1.58
N SER R 248 -30.14 -50.09 1.41
CA SER R 248 -31.52 -49.90 0.99
C SER R 248 -32.43 -49.32 2.07
N HIS R 249 -32.21 -49.66 3.33
CA HIS R 249 -33.07 -49.22 4.43
C HIS R 249 -34.51 -49.71 4.25
N VAL R 250 -34.66 -50.99 3.92
CA VAL R 250 -35.96 -51.64 3.91
C VAL R 250 -35.86 -52.90 4.76
N ALA R 251 -36.96 -53.61 4.89
CA ALA R 251 -36.97 -54.83 5.68
C ALA R 251 -36.60 -56.04 4.84
N GLU R 252 -35.88 -56.97 5.47
CA GLU R 252 -35.59 -58.26 4.86
C GLU R 252 -36.85 -58.87 4.26
N GLU R 253 -37.85 -59.12 5.10
CA GLU R 253 -39.11 -59.64 4.59
C GLU R 253 -39.67 -58.75 3.50
N THR R 254 -39.67 -57.42 3.72
CA THR R 254 -40.12 -56.52 2.67
C THR R 254 -39.37 -56.79 1.37
N LEU R 255 -38.06 -57.03 1.47
CA LEU R 255 -37.30 -57.40 0.28
C LEU R 255 -37.85 -58.65 -0.36
N GLN R 256 -37.77 -59.79 0.32
CA GLN R 256 -38.11 -61.07 -0.29
C GLN R 256 -39.57 -61.19 -0.70
N GLN R 257 -40.46 -60.42 -0.09
CA GLN R 257 -41.87 -60.46 -0.49
C GLN R 257 -42.03 -60.10 -1.96
N ARG R 258 -41.70 -58.87 -2.33
CA ARG R 258 -41.82 -58.47 -3.74
C ARG R 258 -40.94 -59.34 -4.63
N LEU R 259 -39.86 -59.90 -4.10
CA LEU R 259 -39.14 -60.93 -4.82
C LEU R 259 -40.06 -62.08 -5.19
N ASN R 260 -40.84 -62.58 -4.22
CA ASN R 260 -41.80 -63.63 -4.51
C ASN R 260 -42.88 -63.14 -5.45
N GLU R 261 -43.27 -61.88 -5.32
CA GLU R 261 -44.20 -61.26 -6.27
C GLU R 261 -43.63 -61.27 -7.68
N PHE R 262 -42.30 -61.28 -7.81
CA PHE R 262 -41.67 -61.48 -9.10
C PHE R 262 -41.63 -62.95 -9.48
N LYS R 263 -41.57 -63.85 -8.49
CA LYS R 263 -41.45 -65.28 -8.78
C LYS R 263 -42.62 -65.83 -9.59
N ASN R 264 -43.81 -65.25 -9.44
CA ASN R 264 -45.02 -65.81 -10.06
C ASN R 264 -45.35 -65.11 -11.37
N THR R 265 -44.52 -64.16 -11.79
CA THR R 265 -44.86 -63.29 -12.91
C THR R 265 -44.80 -64.09 -14.22
N LYS R 266 -45.15 -63.45 -15.33
CA LYS R 266 -45.13 -64.13 -16.62
C LYS R 266 -43.69 -64.29 -17.06
N ALA R 267 -43.32 -65.52 -17.44
CA ALA R 267 -41.95 -65.86 -17.82
C ALA R 267 -40.99 -65.57 -16.67
N ALA R 268 -41.52 -65.56 -15.45
CA ALA R 268 -40.69 -65.42 -14.26
C ALA R 268 -39.63 -66.50 -14.14
N LYS R 269 -40.03 -67.74 -13.85
CA LYS R 269 -39.11 -68.86 -13.88
C LYS R 269 -39.06 -69.54 -15.24
N LEU R 270 -39.96 -69.20 -16.15
CA LEU R 270 -39.93 -69.69 -17.52
C LEU R 270 -38.77 -69.12 -18.33
N SER R 271 -38.59 -67.79 -18.30
CA SER R 271 -37.51 -67.13 -19.01
C SER R 271 -36.31 -66.86 -18.11
N VAL R 272 -36.33 -67.35 -16.87
CA VAL R 272 -35.34 -66.96 -15.87
C VAL R 272 -33.91 -67.37 -16.26
N GLN R 273 -33.74 -68.11 -17.35
CA GLN R 273 -32.42 -68.53 -17.79
C GLN R 273 -31.61 -67.33 -18.28
N LYS R 274 -30.43 -67.61 -18.83
CA LYS R 274 -29.44 -66.60 -19.16
C LYS R 274 -29.86 -65.74 -20.35
N PHE R 275 -28.89 -65.02 -20.92
CA PHE R 275 -29.01 -64.16 -22.10
C PHE R 275 -30.08 -63.10 -21.97
N ARG R 276 -30.30 -62.62 -20.74
CA ARG R 276 -30.94 -61.31 -20.52
C ARG R 276 -32.20 -61.15 -21.36
N GLU R 277 -33.28 -61.81 -20.95
CA GLU R 277 -34.45 -62.01 -21.80
C GLU R 277 -34.87 -60.69 -22.42
N ASN R 278 -35.05 -60.71 -23.75
CA ASN R 278 -35.35 -59.51 -24.51
C ASN R 278 -36.84 -59.28 -24.70
N ASP R 279 -37.69 -60.11 -24.10
CA ASP R 279 -39.13 -59.98 -24.24
C ASP R 279 -39.55 -58.70 -23.53
N VAL R 280 -40.11 -57.76 -24.30
CA VAL R 280 -40.73 -56.57 -23.74
C VAL R 280 -42.26 -56.70 -23.73
N GLU R 281 -42.80 -57.80 -24.25
CA GLU R 281 -44.23 -57.99 -24.35
C GLU R 281 -44.76 -58.44 -23.00
N ASP R 282 -45.67 -57.64 -22.44
CA ASP R 282 -46.07 -57.73 -21.04
C ASP R 282 -47.06 -58.84 -20.76
N GLY R 283 -47.93 -59.18 -21.72
CA GLY R 283 -49.05 -60.02 -21.40
C GLY R 283 -50.10 -59.26 -20.60
N GLU R 284 -50.54 -59.83 -19.48
CA GLU R 284 -51.58 -59.22 -18.66
C GLU R 284 -50.95 -58.28 -17.64
N ALA R 285 -51.81 -57.59 -16.88
CA ALA R 285 -51.37 -56.74 -15.77
C ALA R 285 -52.30 -57.05 -14.59
N ARG R 286 -51.73 -57.63 -13.54
CA ARG R 286 -52.50 -58.13 -12.40
C ARG R 286 -51.74 -57.92 -11.10
N PRO R 287 -51.79 -56.71 -10.53
CA PRO R 287 -51.13 -56.48 -9.25
C PRO R 287 -51.83 -57.21 -8.13
N PRO R 288 -51.08 -57.68 -7.12
CA PRO R 288 -51.72 -58.44 -6.03
C PRO R 288 -52.62 -57.56 -5.19
N SER R 289 -53.62 -56.96 -5.83
CA SER R 289 -54.49 -56.02 -5.15
C SER R 289 -55.94 -56.49 -5.20
N PHE R 290 -56.56 -56.40 -6.37
CA PHE R 290 -57.84 -57.06 -6.61
C PHE R 290 -57.69 -58.57 -6.64
N VAL R 291 -56.46 -59.08 -6.81
CA VAL R 291 -56.20 -60.50 -6.63
C VAL R 291 -56.66 -60.95 -5.25
N LYS R 292 -56.43 -60.10 -4.23
CA LYS R 292 -56.98 -60.38 -2.91
C LYS R 292 -58.50 -60.41 -2.95
N ASN R 293 -59.12 -59.50 -3.70
CA ASN R 293 -60.56 -59.56 -3.86
C ASN R 293 -60.99 -60.80 -4.62
N ARG R 294 -60.14 -61.27 -5.55
CA ARG R 294 -60.40 -62.55 -6.19
C ARG R 294 -60.31 -63.71 -5.20
N LYS R 295 -59.49 -63.56 -4.16
CA LYS R 295 -59.44 -64.56 -3.10
C LYS R 295 -60.70 -64.49 -2.24
N LYS R 296 -61.18 -63.28 -1.96
CA LYS R 296 -62.33 -63.09 -1.09
C LYS R 296 -63.65 -63.52 -1.73
N GLU R 297 -63.78 -63.43 -3.04
CA GLU R 297 -65.02 -63.80 -3.72
C GLU R 297 -65.19 -65.32 -3.72
N SER R 387 -69.59 -46.07 -12.71
CA SER R 387 -70.88 -45.48 -13.05
C SER R 387 -72.04 -46.38 -12.63
N GLY R 388 -71.97 -47.65 -13.01
CA GLY R 388 -73.00 -48.60 -12.64
C GLY R 388 -73.06 -48.84 -11.16
N ILE R 389 -71.95 -49.25 -10.57
CA ILE R 389 -71.88 -49.46 -9.13
C ILE R 389 -71.77 -48.10 -8.43
N VAL R 390 -72.71 -47.84 -7.54
CA VAL R 390 -72.73 -46.57 -6.80
C VAL R 390 -71.78 -46.68 -5.63
N PRO R 391 -71.04 -45.63 -5.30
CA PRO R 391 -70.17 -45.68 -4.11
C PRO R 391 -70.97 -45.91 -2.84
N THR R 392 -70.52 -46.87 -2.04
CA THR R 392 -71.16 -47.17 -0.77
C THR R 392 -70.77 -46.13 0.27
N LEU R 393 -71.75 -45.66 1.03
CA LEU R 393 -71.49 -44.81 2.18
C LEU R 393 -70.81 -45.63 3.26
N GLN R 394 -69.98 -44.98 4.07
CA GLN R 394 -69.29 -45.68 5.14
C GLN R 394 -69.66 -45.13 6.51
N ASN R 395 -69.17 -43.95 6.84
CA ASN R 395 -69.46 -43.35 8.14
C ASN R 395 -69.80 -41.89 7.95
N ILE R 396 -70.56 -41.33 8.89
CA ILE R 396 -70.94 -39.92 8.89
C ILE R 396 -70.66 -39.37 10.27
N VAL R 397 -70.16 -38.15 10.32
CA VAL R 397 -69.87 -37.46 11.57
C VAL R 397 -70.46 -36.06 11.51
N ALA R 398 -70.99 -35.63 12.65
CA ALA R 398 -71.70 -34.37 12.76
C ALA R 398 -71.33 -33.72 14.09
N THR R 399 -72.05 -32.67 14.44
CA THR R 399 -71.90 -32.05 15.75
C THR R 399 -73.28 -31.74 16.31
N VAL R 400 -73.36 -31.62 17.64
CA VAL R 400 -74.59 -31.26 18.34
C VAL R 400 -74.23 -30.35 19.50
N THR R 401 -75.11 -29.40 19.80
CA THR R 401 -74.94 -28.52 20.97
C THR R 401 -76.16 -28.68 21.87
N LEU R 402 -75.90 -28.90 23.16
CA LEU R 402 -77.00 -28.96 24.13
C LEU R 402 -77.48 -27.56 24.45
N GLY R 403 -76.55 -26.61 24.52
CA GLY R 403 -76.87 -25.25 24.90
C GLY R 403 -76.55 -24.99 26.36
N CYS R 404 -76.42 -26.06 27.14
CA CYS R 404 -76.12 -25.95 28.56
C CYS R 404 -74.87 -26.75 28.89
N ARG R 405 -73.96 -26.11 29.60
CA ARG R 405 -72.74 -26.77 30.07
C ARG R 405 -73.10 -27.71 31.21
N LEU R 406 -72.30 -28.74 31.42
CA LEU R 406 -72.60 -29.80 32.37
C LEU R 406 -71.35 -30.20 33.15
N ASP R 407 -71.50 -31.22 33.99
CA ASP R 407 -70.42 -31.78 34.77
C ASP R 407 -70.12 -33.19 34.26
N LEU R 408 -68.98 -33.35 33.59
CA LEU R 408 -68.55 -34.66 33.14
C LEU R 408 -68.36 -35.64 34.29
N LYS R 409 -67.96 -35.14 35.46
CA LYS R 409 -67.93 -35.96 36.67
C LYS R 409 -69.30 -36.50 37.00
N THR R 410 -70.33 -35.64 36.97
CA THR R 410 -71.68 -36.08 37.30
C THR R 410 -72.31 -36.87 36.17
N VAL R 411 -72.04 -36.48 34.93
CA VAL R 411 -72.58 -37.22 33.80
C VAL R 411 -71.98 -38.61 33.74
N ALA R 412 -70.74 -38.76 34.21
CA ALA R 412 -70.06 -40.05 34.24
C ALA R 412 -70.67 -41.03 35.24
N LEU R 413 -71.58 -40.57 36.09
CA LEU R 413 -72.12 -41.41 37.15
C LEU R 413 -72.96 -42.57 36.65
N HIS R 414 -74.04 -42.31 35.91
CA HIS R 414 -74.94 -43.37 35.45
C HIS R 414 -74.90 -43.43 33.93
N ALA R 415 -74.23 -44.45 33.41
CA ALA R 415 -74.29 -44.78 31.99
C ALA R 415 -73.78 -46.20 31.79
N ARG R 416 -74.15 -46.81 30.67
CA ARG R 416 -73.45 -48.03 30.24
C ARG R 416 -72.17 -47.70 29.50
N ASN R 417 -72.19 -46.71 28.62
CA ASN R 417 -71.01 -46.33 27.83
C ASN R 417 -70.53 -44.98 28.33
N ALA R 418 -69.43 -44.97 29.08
CA ALA R 418 -68.80 -43.74 29.50
C ALA R 418 -67.32 -44.00 29.77
N GLU R 419 -66.47 -43.04 29.42
CA GLU R 419 -65.08 -43.03 29.88
C GLU R 419 -64.70 -41.60 30.24
N TYR R 420 -64.30 -41.38 31.47
CA TYR R 420 -63.87 -40.06 31.91
C TYR R 420 -62.49 -40.22 32.53
N ASN R 421 -61.49 -39.66 31.87
CA ASN R 421 -60.09 -39.82 32.26
C ASN R 421 -59.36 -38.51 32.02
N PRO R 422 -59.61 -37.49 32.86
CA PRO R 422 -59.03 -36.17 32.60
C PRO R 422 -57.52 -36.14 32.58
N LYS R 423 -56.85 -37.11 33.23
CA LYS R 423 -55.39 -37.15 33.19
C LYS R 423 -54.88 -37.18 31.76
N ARG R 424 -55.46 -38.04 30.92
CA ARG R 424 -55.15 -38.08 29.49
C ARG R 424 -55.89 -37.04 28.69
N PHE R 425 -57.22 -37.12 28.64
CA PHE R 425 -58.02 -36.23 27.80
C PHE R 425 -59.26 -35.87 28.60
N ALA R 426 -59.68 -34.60 28.50
CA ALA R 426 -60.83 -34.18 29.29
C ALA R 426 -62.11 -34.29 28.47
N ALA R 427 -62.93 -35.30 28.80
CA ALA R 427 -64.20 -35.57 28.17
C ALA R 427 -64.73 -36.88 28.74
N VAL R 428 -65.94 -37.24 28.32
CA VAL R 428 -66.47 -38.57 28.56
C VAL R 428 -66.72 -39.23 27.21
N ILE R 429 -66.40 -40.51 27.13
CA ILE R 429 -66.56 -41.29 25.92
C ILE R 429 -67.85 -42.08 26.02
N MET R 430 -68.77 -41.82 25.11
CA MET R 430 -70.03 -42.53 25.05
C MET R 430 -70.18 -43.19 23.69
N ARG R 431 -71.09 -44.16 23.64
CA ARG R 431 -71.38 -44.93 22.45
C ARG R 431 -72.65 -45.72 22.76
N ILE R 432 -73.08 -46.52 21.78
CA ILE R 432 -74.24 -47.39 22.00
C ILE R 432 -74.09 -48.60 21.09
N ARG R 433 -74.60 -49.74 21.55
CA ARG R 433 -74.60 -50.96 20.74
C ARG R 433 -75.48 -50.80 19.51
N GLU R 434 -76.65 -50.20 19.66
CA GLU R 434 -77.55 -49.97 18.54
C GLU R 434 -78.01 -48.51 18.53
N PRO R 435 -78.09 -47.90 17.33
CA PRO R 435 -77.82 -48.52 16.03
C PRO R 435 -76.35 -48.45 15.62
N LYS R 436 -75.46 -49.02 16.44
CA LYS R 436 -74.03 -49.06 16.18
C LYS R 436 -73.51 -47.63 15.89
N THR R 437 -73.63 -46.79 16.90
CA THR R 437 -73.18 -45.41 16.84
C THR R 437 -72.38 -45.10 18.10
N THR R 438 -71.69 -43.97 18.07
CA THR R 438 -70.76 -43.60 19.14
C THR R 438 -71.04 -42.21 19.68
N ALA R 439 -70.95 -41.19 18.82
CA ALA R 439 -70.96 -39.79 19.20
C ALA R 439 -69.83 -39.49 20.19
N LEU R 440 -70.11 -38.61 21.16
CA LEU R 440 -69.08 -38.08 22.05
C LEU R 440 -69.75 -37.06 22.96
N ILE R 441 -68.99 -36.48 23.89
CA ILE R 441 -69.47 -35.36 24.68
C ILE R 441 -68.30 -34.42 24.91
N PHE R 442 -68.62 -33.16 25.17
CA PHE R 442 -67.66 -32.14 25.58
C PHE R 442 -67.93 -31.75 27.03
N ALA R 443 -67.06 -30.88 27.54
CA ALA R 443 -67.32 -30.21 28.82
C ALA R 443 -68.25 -29.02 28.63
N SER R 444 -68.12 -28.31 27.51
CA SER R 444 -68.87 -27.08 27.29
C SER R 444 -70.37 -27.34 27.08
N GLY R 445 -70.78 -28.59 26.96
CA GLY R 445 -72.17 -28.89 26.69
C GLY R 445 -72.44 -29.13 25.23
N LYS R 446 -71.40 -29.42 24.46
CA LYS R 446 -71.55 -29.80 23.06
C LYS R 446 -71.06 -31.24 22.91
N MET R 447 -71.17 -31.76 21.70
CA MET R 447 -70.79 -33.14 21.46
C MET R 447 -70.52 -33.33 19.97
N VAL R 448 -69.77 -34.40 19.68
CA VAL R 448 -69.48 -34.84 18.32
C VAL R 448 -70.41 -36.00 18.02
N VAL R 449 -70.82 -36.11 16.76
CA VAL R 449 -71.68 -37.22 16.33
C VAL R 449 -70.86 -38.19 15.50
N THR R 450 -70.65 -39.39 16.03
CA THR R 450 -69.86 -40.40 15.34
C THR R 450 -70.60 -41.72 15.37
N GLY R 451 -70.11 -42.65 14.55
CA GLY R 451 -70.74 -43.94 14.40
C GLY R 451 -71.93 -43.97 13.46
N ALA R 452 -72.16 -42.89 12.72
CA ALA R 452 -73.35 -42.80 11.89
C ALA R 452 -73.07 -43.36 10.50
N LYS R 453 -73.74 -44.46 10.16
CA LYS R 453 -73.66 -44.98 8.81
C LYS R 453 -74.71 -44.35 7.91
N SER R 454 -75.67 -43.64 8.50
CA SER R 454 -76.67 -42.89 7.74
C SER R 454 -77.15 -41.72 8.58
N GLU R 455 -78.02 -40.91 7.97
CA GLU R 455 -78.55 -39.74 8.67
C GLU R 455 -79.66 -40.11 9.63
N ASP R 456 -80.47 -41.13 9.28
CA ASP R 456 -81.50 -41.61 10.20
C ASP R 456 -80.92 -41.94 11.56
N ASP R 457 -80.04 -42.94 11.62
CA ASP R 457 -79.42 -43.36 12.86
C ASP R 457 -78.61 -42.25 13.51
N SER R 458 -78.32 -41.17 12.77
CA SER R 458 -77.50 -40.07 13.29
C SER R 458 -78.30 -39.21 14.27
N LYS R 459 -79.27 -38.43 13.80
CA LYS R 459 -80.04 -37.58 14.70
C LYS R 459 -80.87 -38.42 15.66
N LEU R 460 -81.37 -39.57 15.20
CA LEU R 460 -82.16 -40.45 16.05
C LEU R 460 -81.40 -40.82 17.32
N ALA R 461 -80.27 -41.51 17.17
CA ALA R 461 -79.45 -41.83 18.34
C ALA R 461 -78.93 -40.58 19.02
N SER R 462 -78.60 -39.53 18.24
CA SER R 462 -78.12 -38.28 18.81
C SER R 462 -79.07 -37.77 19.89
N ARG R 463 -80.38 -37.84 19.65
CA ARG R 463 -81.33 -37.48 20.68
C ARG R 463 -81.28 -38.47 21.84
N LYS R 464 -81.09 -39.76 21.54
CA LYS R 464 -80.99 -40.75 22.59
C LYS R 464 -79.86 -40.45 23.56
N TYR R 465 -78.78 -39.84 23.08
CA TYR R 465 -77.72 -39.42 23.99
C TYR R 465 -78.21 -38.37 24.98
N ALA R 466 -79.08 -37.45 24.56
CA ALA R 466 -79.67 -36.47 25.45
C ALA R 466 -80.67 -37.08 26.42
N ARG R 467 -81.05 -38.35 26.23
CA ARG R 467 -82.01 -38.98 27.13
C ARG R 467 -81.37 -39.29 28.48
N ILE R 468 -80.08 -39.60 28.51
CA ILE R 468 -79.39 -39.74 29.79
C ILE R 468 -79.42 -38.42 30.54
N ILE R 469 -78.85 -37.37 29.94
CA ILE R 469 -78.74 -36.10 30.62
C ILE R 469 -80.11 -35.56 31.01
N GLN R 470 -80.98 -35.28 30.03
CA GLN R 470 -82.33 -34.82 30.34
C GLN R 470 -83.07 -35.77 31.26
N LYS R 471 -82.70 -37.04 31.31
CA LYS R 471 -83.14 -37.98 32.34
C LYS R 471 -82.38 -37.82 33.64
N ILE R 472 -81.09 -37.51 33.58
CA ILE R 472 -80.22 -37.45 34.74
C ILE R 472 -79.65 -36.06 34.95
N GLY R 473 -78.88 -35.56 33.98
CA GLY R 473 -78.24 -34.27 34.09
C GLY R 473 -79.14 -33.10 33.74
N PHE R 474 -78.54 -32.02 33.22
CA PHE R 474 -79.16 -30.72 33.08
C PHE R 474 -80.06 -30.67 31.84
N ALA R 475 -80.49 -29.46 31.47
CA ALA R 475 -81.51 -29.23 30.44
C ALA R 475 -81.25 -29.96 29.14
N ALA R 476 -80.01 -29.94 28.66
CA ALA R 476 -79.57 -30.69 27.49
C ALA R 476 -80.52 -30.62 26.31
N LYS R 477 -80.70 -29.44 25.73
CA LYS R 477 -81.53 -29.34 24.54
C LYS R 477 -80.80 -29.92 23.33
N PHE R 478 -81.45 -29.93 22.17
CA PHE R 478 -80.83 -30.43 20.95
C PHE R 478 -80.69 -29.24 19.99
N THR R 479 -79.46 -28.79 19.80
CA THR R 479 -79.18 -27.64 18.96
C THR R 479 -77.90 -27.88 18.16
N ASP R 480 -77.77 -27.12 17.08
CA ASP R 480 -76.58 -27.15 16.23
C ASP R 480 -76.27 -28.56 15.73
N PHE R 481 -77.17 -29.12 14.93
CA PHE R 481 -76.95 -30.43 14.33
C PHE R 481 -76.54 -30.20 12.87
N LYS R 482 -75.27 -30.43 12.58
CA LYS R 482 -74.77 -30.31 11.21
C LYS R 482 -73.71 -31.36 10.96
N ILE R 483 -73.83 -32.07 9.84
CA ILE R 483 -72.81 -33.02 9.46
C ILE R 483 -71.55 -32.27 9.06
N GLN R 484 -70.44 -32.58 9.73
CA GLN R 484 -69.15 -32.01 9.34
C GLN R 484 -68.51 -32.74 8.17
N ASN R 485 -68.69 -34.06 8.07
CA ASN R 485 -68.09 -34.82 6.99
C ASN R 485 -68.86 -36.13 6.82
N ILE R 486 -68.69 -36.74 5.65
CA ILE R 486 -69.28 -38.04 5.33
C ILE R 486 -68.21 -38.89 4.68
N VAL R 487 -68.12 -40.16 5.10
CA VAL R 487 -67.15 -41.08 4.56
C VAL R 487 -67.82 -41.91 3.47
N GLY R 488 -67.09 -42.19 2.39
CA GLY R 488 -67.60 -43.02 1.32
C GLY R 488 -66.47 -43.75 0.62
N SER R 489 -66.82 -44.85 -0.03
CA SER R 489 -65.82 -45.69 -0.68
C SER R 489 -66.45 -46.45 -1.83
N CYS R 490 -65.62 -46.88 -2.77
CA CYS R 490 -66.11 -47.66 -3.90
C CYS R 490 -64.94 -48.42 -4.51
N ASP R 491 -65.24 -49.26 -5.51
CA ASP R 491 -64.22 -50.05 -6.18
C ASP R 491 -64.60 -50.19 -7.66
N VAL R 492 -63.63 -49.98 -8.54
CA VAL R 492 -63.87 -50.12 -9.97
C VAL R 492 -63.42 -51.47 -10.53
N LYS R 493 -62.80 -52.32 -9.72
CA LYS R 493 -62.46 -53.70 -10.10
C LYS R 493 -61.49 -53.78 -11.28
N PHE R 494 -60.67 -52.75 -11.51
CA PHE R 494 -59.66 -52.93 -12.55
C PHE R 494 -58.38 -52.20 -12.18
N PRO R 495 -57.23 -52.60 -12.73
CA PRO R 495 -55.96 -51.96 -12.36
C PRO R 495 -55.95 -50.48 -12.70
N ILE R 496 -55.01 -49.76 -12.07
CA ILE R 496 -54.93 -48.31 -12.17
C ILE R 496 -53.47 -47.91 -12.32
N ARG R 497 -53.21 -46.96 -13.22
CA ARG R 497 -51.88 -46.39 -13.33
C ARG R 497 -51.83 -45.00 -12.69
N LEU R 498 -51.15 -44.92 -11.54
CA LEU R 498 -51.04 -43.67 -10.81
C LEU R 498 -49.98 -42.75 -11.35
N GLU R 499 -48.84 -43.28 -11.80
CA GLU R 499 -47.70 -42.48 -12.19
C GLU R 499 -48.05 -41.45 -13.26
N GLY R 500 -48.88 -41.80 -14.23
CA GLY R 500 -49.28 -40.87 -15.26
C GLY R 500 -50.45 -40.01 -14.82
N LEU R 501 -51.26 -40.55 -13.92
CA LEU R 501 -52.42 -39.81 -13.43
C LEU R 501 -52.00 -38.48 -12.83
N ALA R 502 -51.22 -38.51 -11.76
CA ALA R 502 -50.62 -37.30 -11.22
C ALA R 502 -49.75 -36.58 -12.25
N PHE R 503 -49.10 -37.31 -13.15
CA PHE R 503 -48.34 -36.66 -14.21
C PHE R 503 -49.26 -35.89 -15.14
N SER R 504 -50.55 -36.25 -15.16
CA SER R 504 -51.52 -35.58 -16.03
C SER R 504 -52.35 -34.57 -15.25
N HIS R 505 -53.11 -35.04 -14.27
CA HIS R 505 -54.11 -34.24 -13.56
C HIS R 505 -53.51 -33.52 -12.36
N GLY R 506 -52.17 -33.55 -12.27
CA GLY R 506 -51.45 -33.13 -11.08
C GLY R 506 -51.91 -31.83 -10.46
N THR R 507 -52.42 -30.90 -11.27
CA THR R 507 -52.97 -29.67 -10.71
C THR R 507 -53.93 -29.95 -9.56
N PHE R 508 -54.94 -30.78 -9.79
CA PHE R 508 -55.83 -31.23 -8.74
C PHE R 508 -55.40 -32.56 -8.13
N SER R 509 -54.42 -33.24 -8.72
CA SER R 509 -54.04 -34.57 -8.33
C SER R 509 -52.68 -34.54 -7.68
N SER R 510 -52.63 -34.87 -6.39
CA SER R 510 -51.34 -35.01 -5.73
C SER R 510 -51.11 -36.48 -5.44
N TYR R 511 -50.24 -37.11 -6.20
CA TYR R 511 -49.69 -38.40 -5.78
C TYR R 511 -48.38 -38.05 -5.11
N GLU R 512 -48.37 -38.19 -3.80
CA GLU R 512 -47.15 -38.02 -3.07
C GLU R 512 -46.28 -39.24 -3.34
N PRO R 513 -44.96 -39.08 -3.27
CA PRO R 513 -44.08 -40.25 -3.35
C PRO R 513 -44.42 -41.19 -2.21
N GLU R 514 -43.69 -42.30 -2.21
CA GLU R 514 -43.84 -43.38 -1.24
C GLU R 514 -43.92 -42.92 0.22
N LEU R 515 -44.99 -42.19 0.52
CA LEU R 515 -45.23 -41.71 1.87
C LEU R 515 -46.64 -42.14 2.20
N PHE R 516 -47.02 -43.30 1.70
CA PHE R 516 -48.35 -43.83 1.90
C PHE R 516 -48.78 -44.58 0.65
N PRO R 517 -49.52 -45.68 0.76
CA PRO R 517 -49.83 -46.50 -0.42
C PRO R 517 -50.66 -45.80 -1.48
N GLY R 518 -51.67 -45.05 -1.10
CA GLY R 518 -52.64 -44.56 -2.06
C GLY R 518 -52.35 -43.19 -2.63
N LEU R 519 -52.90 -42.93 -3.81
CA LEU R 519 -52.87 -41.58 -4.37
C LEU R 519 -54.00 -40.76 -3.78
N ILE R 520 -53.74 -39.51 -3.47
CA ILE R 520 -54.79 -38.63 -2.97
C ILE R 520 -55.14 -37.62 -4.05
N TYR R 521 -56.41 -37.26 -4.13
CA TYR R 521 -56.89 -36.33 -5.14
C TYR R 521 -57.65 -35.21 -4.42
N ARG R 522 -57.29 -33.97 -4.75
CA ARG R 522 -57.99 -32.81 -4.23
C ARG R 522 -58.85 -32.24 -5.34
N MET R 523 -60.16 -32.43 -5.20
CA MET R 523 -61.10 -31.88 -6.16
C MET R 523 -61.58 -30.52 -5.68
N VAL R 524 -61.61 -29.56 -6.60
CA VAL R 524 -62.14 -28.23 -6.32
C VAL R 524 -63.66 -28.17 -6.43
N LYS R 525 -64.25 -28.89 -7.38
CA LYS R 525 -65.64 -28.67 -7.74
C LYS R 525 -66.48 -29.96 -7.75
N PRO R 526 -67.12 -30.27 -6.61
CA PRO R 526 -66.99 -29.56 -5.34
C PRO R 526 -65.73 -29.98 -4.60
N LYS R 527 -65.49 -29.45 -3.40
CA LYS R 527 -64.20 -29.68 -2.73
C LYS R 527 -64.34 -30.88 -1.80
N ILE R 528 -63.71 -31.98 -2.22
CA ILE R 528 -63.76 -33.26 -1.53
C ILE R 528 -62.46 -34.01 -1.82
N VAL R 529 -61.97 -34.74 -0.83
CA VAL R 529 -60.74 -35.53 -0.97
C VAL R 529 -61.13 -36.96 -1.31
N LEU R 530 -60.43 -37.55 -2.26
CA LEU R 530 -60.62 -38.95 -2.60
C LEU R 530 -59.28 -39.67 -2.54
N LEU R 531 -59.32 -40.91 -2.07
CA LEU R 531 -58.12 -41.74 -1.95
C LEU R 531 -58.20 -42.85 -2.99
N ILE R 532 -57.04 -43.30 -3.45
CA ILE R 532 -56.91 -44.09 -4.67
C ILE R 532 -56.02 -45.27 -4.38
N PHE R 533 -56.56 -46.47 -4.60
CA PHE R 533 -55.78 -47.69 -4.51
C PHE R 533 -55.75 -48.37 -5.88
N VAL R 534 -54.59 -48.89 -6.27
CA VAL R 534 -54.48 -49.54 -7.58
C VAL R 534 -55.42 -50.73 -7.67
N SER R 535 -55.82 -51.27 -6.52
CA SER R 535 -56.84 -52.32 -6.50
C SER R 535 -58.13 -51.87 -7.16
N GLY R 536 -58.35 -50.57 -7.27
CA GLY R 536 -59.60 -50.06 -7.77
C GLY R 536 -60.44 -49.49 -6.65
N LYS R 537 -60.07 -49.85 -5.41
CA LYS R 537 -60.71 -49.29 -4.22
C LYS R 537 -60.47 -47.78 -4.23
N ILE R 538 -61.58 -47.05 -4.18
CA ILE R 538 -61.53 -45.58 -4.20
C ILE R 538 -62.36 -45.09 -3.01
N VAL R 539 -61.77 -44.24 -2.19
CA VAL R 539 -62.38 -43.78 -0.95
C VAL R 539 -62.76 -42.32 -1.15
N LEU R 540 -63.82 -41.88 -0.49
CA LEU R 540 -64.26 -40.50 -0.58
C LEU R 540 -64.62 -39.99 0.81
N THR R 541 -64.08 -38.82 1.16
CA THR R 541 -64.46 -38.13 2.38
C THR R 541 -64.08 -36.66 2.24
N GLY R 542 -64.39 -35.90 3.26
CA GLY R 542 -64.33 -34.46 3.18
C GLY R 542 -65.57 -33.81 2.63
N ALA R 543 -66.70 -34.50 2.66
CA ALA R 543 -67.95 -34.02 2.10
C ALA R 543 -69.04 -34.02 3.16
N LYS R 544 -69.86 -32.98 3.15
CA LYS R 544 -71.04 -32.90 3.98
C LYS R 544 -72.30 -33.30 3.25
N GLN R 545 -72.21 -33.64 1.96
CA GLN R 545 -73.40 -33.83 1.14
C GLN R 545 -73.27 -35.13 0.37
N ARG R 546 -74.37 -35.91 0.36
CA ARG R 546 -74.36 -37.18 -0.36
C ARG R 546 -74.35 -36.98 -1.86
N GLU R 547 -75.04 -35.95 -2.35
CA GLU R 547 -75.07 -35.69 -3.79
C GLU R 547 -73.70 -35.32 -4.32
N GLU R 548 -73.00 -34.39 -3.67
CA GLU R 548 -71.65 -34.03 -4.08
C GLU R 548 -70.75 -35.25 -4.20
N ILE R 549 -70.94 -36.25 -3.35
CA ILE R 549 -70.19 -37.50 -3.45
C ILE R 549 -70.30 -38.07 -4.85
N TYR R 550 -71.52 -38.42 -5.26
CA TYR R 550 -71.72 -39.12 -6.52
C TYR R 550 -71.48 -38.20 -7.71
N GLN R 551 -71.69 -36.89 -7.52
CA GLN R 551 -71.26 -35.94 -8.54
C GLN R 551 -69.77 -36.06 -8.81
N ALA R 552 -68.96 -36.04 -7.75
CA ALA R 552 -67.53 -36.21 -7.90
C ALA R 552 -67.18 -37.58 -8.46
N PHE R 553 -67.94 -38.61 -8.07
CA PHE R 553 -67.61 -39.96 -8.51
C PHE R 553 -67.86 -40.13 -10.00
N GLU R 554 -69.04 -39.73 -10.48
CA GLU R 554 -69.31 -39.82 -11.90
C GLU R 554 -68.50 -38.78 -12.67
N ALA R 555 -67.98 -37.76 -11.97
CA ALA R 555 -67.12 -36.79 -12.61
C ALA R 555 -65.73 -37.35 -12.87
N ILE R 556 -65.13 -38.00 -11.87
CA ILE R 556 -63.77 -38.51 -12.00
C ILE R 556 -63.73 -39.93 -12.51
N TYR R 557 -64.87 -40.60 -12.61
CA TYR R 557 -64.91 -41.90 -13.25
C TYR R 557 -64.40 -41.85 -14.68
N PRO R 558 -64.74 -40.85 -15.50
CA PRO R 558 -64.06 -40.75 -16.81
C PRO R 558 -62.57 -40.49 -16.70
N VAL R 559 -62.06 -40.11 -15.52
CA VAL R 559 -60.62 -40.07 -15.34
C VAL R 559 -60.08 -41.47 -15.09
N LEU R 560 -60.78 -42.25 -14.27
CA LEU R 560 -60.42 -43.66 -14.09
C LEU R 560 -60.43 -44.41 -15.41
N SER R 561 -61.61 -44.58 -16.02
CA SER R 561 -61.71 -45.15 -17.34
C SER R 561 -60.83 -44.43 -18.35
N GLU R 562 -60.61 -43.13 -18.15
CA GLU R 562 -59.67 -42.39 -18.99
C GLU R 562 -58.28 -43.01 -18.96
N PHE R 563 -57.80 -43.37 -17.77
CA PHE R 563 -56.48 -43.99 -17.67
C PHE R 563 -56.65 -45.49 -17.48
N ARG R 564 -56.39 -46.20 -18.56
CA ARG R 564 -56.48 -47.65 -18.67
C ARG R 564 -55.59 -48.08 -19.82
N LYS R 565 -55.27 -49.36 -19.85
CA LYS R 565 -54.52 -49.94 -20.95
C LYS R 565 -55.20 -51.21 -21.42
N MET R 566 -54.87 -51.62 -22.63
CA MET R 566 -55.52 -52.77 -23.25
C MET R 566 -54.51 -53.64 -23.98
N SER R 576 -69.87 -49.76 -12.80
CA SER R 576 -69.84 -50.12 -14.21
C SER R 576 -69.70 -48.87 -15.07
N GLY R 577 -70.19 -48.95 -16.32
CA GLY R 577 -70.09 -47.84 -17.23
C GLY R 577 -71.39 -47.10 -17.44
N SER R 578 -72.45 -47.52 -16.72
CA SER R 578 -73.74 -46.87 -16.88
C SER R 578 -74.08 -46.05 -15.65
N PRO R 579 -74.04 -44.72 -15.73
CA PRO R 579 -74.38 -43.90 -14.55
C PRO R 579 -75.82 -44.02 -14.12
N ARG R 580 -76.70 -44.58 -14.95
CA ARG R 580 -78.13 -44.60 -14.70
C ARG R 580 -78.59 -43.15 -14.52
N ASN R 581 -79.05 -42.79 -13.33
CA ASN R 581 -79.40 -41.41 -13.05
C ASN R 581 -78.35 -40.81 -12.13
N LEU R 582 -78.06 -39.52 -12.34
CA LEU R 582 -77.14 -38.80 -11.48
C LEU R 582 -77.60 -38.76 -10.03
N HIS R 583 -78.91 -38.84 -9.80
CA HIS R 583 -79.44 -38.87 -8.43
C HIS R 583 -80.52 -39.95 -8.38
N LEU R 584 -80.31 -40.95 -7.52
CA LEU R 584 -81.26 -42.04 -7.35
C LEU R 584 -81.91 -42.04 -5.98
N LEU R 585 -81.14 -42.27 -4.92
CA LEU R 585 -81.70 -42.35 -3.58
C LEU R 585 -82.21 -41.00 -3.12
N PRO R 586 -83.08 -40.98 -2.11
CA PRO R 586 -83.54 -39.69 -1.56
C PRO R 586 -82.38 -38.88 -0.98
N THR R 587 -82.63 -37.58 -0.82
CA THR R 587 -81.58 -36.67 -0.40
C THR R 587 -81.24 -36.89 1.07
N THR R 588 -80.26 -36.10 1.54
CA THR R 588 -79.89 -36.14 2.95
C THR R 588 -81.00 -35.58 3.83
N ASP R 589 -81.64 -34.49 3.38
CA ASP R 589 -82.70 -33.88 4.18
C ASP R 589 -83.94 -34.76 4.25
N THR R 590 -84.07 -35.72 3.33
CA THR R 590 -85.14 -36.71 3.48
C THR R 590 -84.93 -37.55 4.74
N TYR R 591 -83.70 -38.07 4.93
CA TYR R 591 -83.41 -38.87 6.11
C TYR R 591 -83.37 -38.00 7.37
N LEU R 592 -82.91 -36.76 7.25
CA LEU R 592 -82.99 -35.85 8.39
C LEU R 592 -84.43 -35.58 8.79
N SER R 593 -85.33 -35.51 7.80
CA SER R 593 -86.75 -35.39 8.08
C SER R 593 -87.35 -36.68 8.60
N LYS R 594 -86.74 -37.82 8.29
CA LYS R 594 -87.21 -39.10 8.84
C LYS R 594 -86.99 -39.17 10.34
N VAL R 595 -86.25 -38.22 10.90
CA VAL R 595 -86.01 -38.16 12.33
C VAL R 595 -86.63 -36.88 12.88
N SER R 596 -87.15 -36.95 14.11
CA SER R 596 -87.71 -35.76 14.74
C SER R 596 -86.61 -34.74 14.99
N ASP R 597 -86.81 -33.53 14.47
CA ASP R 597 -85.81 -32.48 14.59
C ASP R 597 -86.00 -31.60 15.80
N ASP R 598 -87.13 -31.71 16.49
CA ASP R 598 -87.45 -30.85 17.62
C ASP R 598 -86.59 -31.21 18.82
N PRO R 599 -85.81 -30.29 19.38
CA PRO R 599 -85.03 -30.60 20.59
C PRO R 599 -85.87 -31.09 21.76
N ASP R 600 -87.18 -30.85 21.76
CA ASP R 600 -88.00 -31.28 22.88
C ASP R 600 -88.57 -32.69 22.69
N ASN R 601 -88.37 -33.29 21.52
CA ASN R 601 -88.84 -34.65 21.32
C ASN R 601 -87.74 -35.65 21.68
N LEU R 602 -87.95 -36.34 22.79
CA LEU R 602 -86.95 -37.22 23.37
C LEU R 602 -87.55 -38.59 23.68
N GLU R 603 -88.49 -38.61 24.63
CA GLU R 603 -89.15 -39.83 25.04
C GLU R 603 -89.85 -40.56 23.90
N ASP R 604 -90.24 -39.83 22.84
CA ASP R 604 -90.77 -40.48 21.66
C ASP R 604 -89.76 -41.37 20.96
N VAL R 605 -88.52 -40.89 20.81
CA VAL R 605 -87.46 -41.70 20.22
C VAL R 605 -86.63 -42.42 21.29
N ASP R 606 -86.98 -42.28 22.56
CA ASP R 606 -86.32 -43.03 23.62
C ASP R 606 -86.54 -44.52 23.44
N ASP R 607 -85.46 -45.28 23.43
CA ASP R 607 -85.50 -46.73 23.31
C ASP R 607 -86.12 -47.41 24.52
N GLU R 608 -86.16 -46.71 25.65
CA GLU R 608 -86.57 -47.25 26.95
C GLU R 608 -85.52 -48.25 27.44
N GLU R 609 -84.61 -48.65 26.55
CA GLU R 609 -83.43 -49.38 26.98
C GLU R 609 -82.46 -48.45 27.70
N LEU R 610 -82.62 -47.13 27.51
CA LEU R 610 -81.79 -46.19 28.25
C LEU R 610 -82.22 -46.13 29.70
N ASN R 611 -83.48 -46.42 29.99
CA ASN R 611 -83.87 -46.74 31.35
C ASN R 611 -83.04 -47.89 31.89
N ALA R 612 -82.71 -48.87 31.05
CA ALA R 612 -81.75 -49.91 31.40
C ALA R 612 -80.31 -49.47 31.23
N HIS R 613 -80.02 -48.52 30.31
CA HIS R 613 -78.65 -48.08 30.13
C HIS R 613 -78.10 -47.32 31.33
N LEU R 614 -78.93 -47.01 32.33
CA LEU R 614 -78.44 -46.42 33.56
C LEU R 614 -78.09 -47.52 34.55
N LEU R 615 -76.88 -47.43 35.10
CA LEU R 615 -76.43 -48.30 36.17
C LEU R 615 -77.10 -47.93 37.49
N ASN R 616 -77.10 -48.87 38.43
CA ASN R 616 -77.71 -48.61 39.72
C ASN R 616 -76.83 -47.68 40.55
N GLU R 617 -77.32 -47.33 41.74
CA GLU R 617 -76.57 -46.40 42.58
C GLU R 617 -75.29 -47.02 43.11
N GLU R 618 -75.31 -48.31 43.45
CA GLU R 618 -74.09 -48.97 43.92
C GLU R 618 -73.06 -49.07 42.81
N ALA R 619 -73.49 -49.42 41.59
CA ALA R 619 -72.57 -49.43 40.47
C ALA R 619 -71.89 -48.08 40.29
N SER R 620 -72.65 -46.99 40.45
CA SER R 620 -72.04 -45.67 40.47
C SER R 620 -71.04 -45.52 41.60
N LYS R 621 -71.46 -45.71 42.84
CA LYS R 621 -70.60 -45.55 44.00
C LYS R 621 -69.31 -46.36 43.89
N LEU R 622 -69.39 -47.68 43.97
CA LEU R 622 -68.23 -48.55 43.87
C LEU R 622 -67.46 -48.34 42.58
N LYS R 623 -68.15 -48.17 41.45
CA LYS R 623 -67.45 -47.86 40.20
C LYS R 623 -66.74 -46.53 40.28
N GLU R 624 -67.46 -45.47 40.68
CA GLU R 624 -66.82 -44.18 40.90
C GLU R 624 -65.79 -44.27 42.04
N ARG R 625 -66.00 -45.18 42.99
CA ARG R 625 -65.02 -45.36 44.04
C ARG R 625 -63.70 -45.88 43.47
N ILE R 626 -63.77 -46.77 42.49
CA ILE R 626 -62.56 -47.23 41.82
C ILE R 626 -61.97 -46.12 40.97
N TRP R 627 -62.81 -45.47 40.16
CA TRP R 627 -62.34 -44.41 39.28
C TRP R 627 -61.62 -43.32 40.06
N ILE R 628 -62.36 -42.64 40.95
CA ILE R 628 -61.74 -41.65 41.83
C ILE R 628 -60.55 -42.25 42.57
N GLY R 629 -60.67 -43.51 42.99
CA GLY R 629 -59.58 -44.17 43.67
C GLY R 629 -58.28 -44.11 42.93
N LEU R 630 -58.31 -44.33 41.61
CA LEU R 630 -57.10 -44.27 40.80
C LEU R 630 -56.85 -42.90 40.18
N ASN R 631 -57.82 -42.00 40.21
CA ASN R 631 -57.70 -40.66 39.64
C ASN R 631 -57.37 -39.61 40.68
N ALA R 632 -57.27 -40.00 41.95
CA ALA R 632 -56.97 -39.05 43.01
C ALA R 632 -55.55 -38.55 42.94
N ASP R 633 -54.72 -39.14 42.07
CA ASP R 633 -53.42 -38.56 41.79
C ASP R 633 -53.54 -37.40 40.81
N PHE R 634 -54.45 -37.52 39.83
CA PHE R 634 -54.81 -36.36 39.02
C PHE R 634 -55.43 -35.28 39.87
N LEU R 635 -56.40 -35.65 40.72
CA LEU R 635 -56.97 -34.69 41.64
C LEU R 635 -55.94 -34.14 42.62
N LEU R 636 -54.89 -34.92 42.91
CA LEU R 636 -53.83 -34.46 43.80
C LEU R 636 -53.20 -33.18 43.28
N GLU R 637 -52.56 -33.25 42.10
CA GLU R 637 -52.00 -32.06 41.50
C GLU R 637 -53.08 -31.04 41.16
N GLN R 638 -54.29 -31.51 40.88
CA GLN R 638 -55.39 -30.59 40.58
C GLN R 638 -55.64 -29.63 41.73
N GLU R 639 -56.13 -30.15 42.86
CA GLU R 639 -56.46 -29.31 44.00
C GLU R 639 -55.22 -28.76 44.68
N SER R 640 -54.09 -29.48 44.60
CA SER R 640 -52.83 -28.92 45.06
C SER R 640 -52.49 -27.64 44.31
N LYS R 641 -52.62 -27.68 42.98
CA LYS R 641 -52.52 -26.47 42.18
C LYS R 641 -53.56 -25.43 42.62
N ARG R 642 -54.76 -25.88 42.99
CA ARG R 642 -55.76 -24.94 43.49
C ARG R 642 -55.28 -24.25 44.76
N LEU R 643 -54.51 -24.96 45.59
CA LEU R 643 -53.89 -24.31 46.74
C LEU R 643 -52.78 -23.36 46.30
N LYS R 644 -51.97 -23.77 45.32
CA LYS R 644 -50.99 -22.88 44.73
C LYS R 644 -51.63 -21.59 44.23
N GLN R 645 -52.91 -21.64 43.85
CA GLN R 645 -53.62 -20.42 43.48
C GLN R 645 -53.66 -19.44 44.64
N GLU R 646 -53.87 -19.93 45.86
CA GLU R 646 -53.77 -19.07 47.02
C GLU R 646 -52.34 -18.58 47.21
N ALA R 647 -51.36 -19.48 47.04
CA ALA R 647 -49.96 -19.10 47.09
C ALA R 647 -49.61 -17.99 46.10
N ASP R 648 -50.40 -17.84 45.04
CA ASP R 648 -50.15 -16.79 44.07
C ASP R 648 -50.24 -15.41 44.69
N ILE R 649 -51.01 -15.26 45.77
CA ILE R 649 -51.16 -13.96 46.42
C ILE R 649 -49.82 -13.42 46.87
N ALA R 650 -49.03 -14.25 47.55
CA ALA R 650 -47.69 -13.85 47.93
C ALA R 650 -46.78 -13.87 46.71
N UNK S 317 -29.45 -70.29 -19.70
CA UNK S 317 -29.51 -71.69 -19.33
C UNK S 317 -29.28 -71.86 -17.83
N UNK S 318 -28.92 -73.08 -17.45
CA UNK S 318 -28.47 -73.38 -16.09
C UNK S 318 -29.40 -72.89 -14.98
N UNK S 319 -29.02 -71.78 -14.36
CA UNK S 319 -29.67 -71.29 -13.15
C UNK S 319 -31.13 -70.87 -13.36
N UNK S 320 -31.82 -70.65 -12.25
CA UNK S 320 -33.23 -70.28 -12.26
C UNK S 320 -33.51 -69.15 -11.28
N UNK S 321 -34.78 -68.99 -10.92
CA UNK S 321 -35.18 -67.98 -9.96
C UNK S 321 -35.28 -68.61 -8.59
N UNK S 322 -34.96 -67.85 -7.55
CA UNK S 322 -35.02 -68.36 -6.19
C UNK S 322 -34.96 -67.28 -5.14
N UNK S 323 -35.42 -67.64 -3.94
CA UNK S 323 -35.26 -66.80 -2.76
C UNK S 323 -34.43 -67.61 -1.78
N UNK S 324 -33.67 -66.92 -0.94
CA UNK S 324 -32.80 -67.58 0.03
C UNK S 324 -31.81 -68.52 -0.64
N UNK S 325 -31.38 -68.15 -1.84
CA UNK S 325 -30.46 -68.98 -2.63
C UNK S 325 -29.04 -68.86 -2.10
N UNK S 326 -28.10 -69.49 -2.80
CA UNK S 326 -26.70 -69.45 -2.41
C UNK S 326 -25.81 -69.90 -3.56
N UNK S 327 -24.55 -69.48 -3.52
CA UNK S 327 -23.59 -69.93 -4.51
C UNK S 327 -22.90 -68.78 -5.23
N UNK S 328 -21.59 -68.95 -5.45
CA UNK S 328 -20.77 -68.09 -6.30
C UNK S 328 -20.37 -66.71 -5.75
N UNK S 329 -19.07 -66.58 -5.50
CA UNK S 329 -18.41 -65.28 -5.33
C UNK S 329 -18.74 -64.46 -4.08
N UNK S 330 -18.01 -63.36 -3.94
CA UNK S 330 -18.25 -62.31 -2.94
C UNK S 330 -17.92 -62.70 -1.51
N UNK S 331 -17.58 -61.68 -0.71
CA UNK S 331 -17.14 -61.88 0.68
C UNK S 331 -17.92 -60.97 1.63
N UNK S 332 -17.26 -60.56 2.71
CA UNK S 332 -17.86 -59.66 3.72
C UNK S 332 -19.12 -60.24 4.38
N UNK S 333 -19.40 -61.52 4.12
CA UNK S 333 -20.62 -62.15 4.58
C UNK S 333 -20.60 -62.41 6.09
N UNK S 334 -19.43 -62.76 6.61
CA UNK S 334 -19.29 -63.06 8.04
C UNK S 334 -19.74 -61.88 8.88
N UNK S 335 -19.23 -60.70 8.53
CA UNK S 335 -19.60 -59.46 9.19
C UNK S 335 -21.11 -59.29 9.18
N UNK S 336 -21.73 -59.65 8.06
CA UNK S 336 -23.17 -59.51 7.89
C UNK S 336 -23.93 -60.53 8.74
N UNK S 337 -23.73 -61.82 8.43
CA UNK S 337 -24.45 -62.89 9.09
C UNK S 337 -24.32 -62.82 10.61
N UNK S 338 -23.16 -62.38 11.07
CA UNK S 338 -22.93 -62.18 12.50
C UNK S 338 -24.01 -61.27 13.06
N UNK S 339 -24.29 -60.19 12.34
CA UNK S 339 -25.29 -59.23 12.78
C UNK S 339 -26.69 -59.81 12.67
N UNK S 340 -26.88 -60.78 11.79
CA UNK S 340 -28.18 -61.43 11.66
C UNK S 340 -28.44 -62.24 12.91
N UNK S 341 -27.49 -63.12 13.23
CA UNK S 341 -27.59 -63.93 14.43
C UNK S 341 -27.67 -63.05 15.67
N UNK S 342 -27.09 -61.87 15.59
CA UNK S 342 -27.11 -60.93 16.71
C UNK S 342 -28.48 -60.28 16.85
N UNK S 343 -29.13 -60.06 15.72
CA UNK S 343 -30.47 -59.49 15.71
C UNK S 343 -31.40 -60.53 16.32
N UNK S 344 -31.18 -61.78 15.94
CA UNK S 344 -31.92 -62.89 16.52
C UNK S 344 -31.62 -62.98 18.01
N UNK S 345 -30.41 -62.57 18.38
CA UNK S 345 -29.97 -62.67 19.76
C UNK S 345 -30.67 -61.67 20.66
N UNK S 346 -30.54 -60.39 20.33
CA UNK S 346 -31.21 -59.34 21.08
C UNK S 346 -32.71 -59.54 21.00
N UNK S 347 -33.15 -60.15 19.89
CA UNK S 347 -34.55 -60.48 19.71
C UNK S 347 -35.00 -61.45 20.78
N UNK S 348 -34.36 -62.61 20.84
CA UNK S 348 -34.71 -63.64 21.81
C UNK S 348 -34.55 -63.16 23.23
N UNK S 349 -33.55 -62.32 23.47
CA UNK S 349 -33.31 -61.78 24.80
C UNK S 349 -34.47 -60.87 25.18
N UNK S 350 -34.95 -60.10 24.21
CA UNK S 350 -36.09 -59.23 24.43
C UNK S 350 -37.32 -60.07 24.71
N UNK S 351 -37.44 -61.19 24.00
CA UNK S 351 -38.56 -62.11 24.17
C UNK S 351 -38.55 -62.67 25.58
N UNK S 352 -37.35 -62.92 26.08
CA UNK S 352 -37.18 -63.37 27.47
C UNK S 352 -37.66 -62.25 28.37
N UNK S 353 -37.24 -61.03 28.07
CA UNK S 353 -37.63 -59.86 28.84
C UNK S 353 -39.11 -59.57 28.64
N UNK S 354 -39.62 -59.83 27.44
CA UNK S 354 -41.03 -59.61 27.15
C UNK S 354 -41.89 -60.56 27.97
N UNK S 355 -41.46 -61.81 28.05
CA UNK S 355 -42.19 -62.82 28.80
C UNK S 355 -41.88 -62.71 30.29
N UNK S 356 -40.83 -61.98 30.63
CA UNK S 356 -40.40 -61.84 32.02
C UNK S 356 -41.41 -61.06 32.85
N UNK S 357 -41.99 -60.03 32.24
CA UNK S 357 -42.90 -59.13 32.95
C UNK S 357 -44.22 -59.79 33.33
N UNK S 358 -44.41 -61.04 32.91
CA UNK S 358 -45.64 -61.78 33.18
C UNK S 358 -45.90 -61.91 34.68
N UNK S 359 -44.82 -62.12 35.44
CA UNK S 359 -44.93 -62.26 36.88
C UNK S 359 -45.27 -60.91 37.52
N THR S 360 -19.56 -37.29 50.69
CA THR S 360 -19.58 -36.60 49.40
C THR S 360 -19.68 -35.09 49.60
N ALA S 361 -20.13 -34.68 50.77
CA ALA S 361 -20.25 -33.26 51.09
C ALA S 361 -18.87 -32.66 51.34
N ILE S 362 -18.82 -31.37 51.64
CA ILE S 362 -17.56 -30.66 51.87
C ILE S 362 -16.93 -31.26 53.12
N GLN S 363 -15.69 -31.72 52.98
CA GLN S 363 -14.96 -32.29 54.10
C GLN S 363 -14.04 -31.24 54.72
N LEU S 364 -13.22 -31.68 55.67
CA LEU S 364 -12.10 -30.89 56.18
C LEU S 364 -11.22 -31.81 57.00
N LYS S 365 -10.11 -31.25 57.50
CA LYS S 365 -9.17 -32.00 58.31
C LYS S 365 -8.50 -31.03 59.28
N LEU S 366 -7.59 -31.56 60.10
CA LEU S 366 -6.89 -30.78 61.10
C LEU S 366 -5.65 -30.14 60.50
N ASN S 367 -4.91 -29.44 61.37
CA ASN S 367 -3.64 -28.79 61.06
C ASN S 367 -3.12 -28.15 62.35
N PRO S 368 -1.81 -28.25 62.63
CA PRO S 368 -1.28 -27.52 63.78
C PRO S 368 -1.45 -26.01 63.66
N ASP S 369 -1.49 -25.47 62.45
CA ASP S 369 -1.66 -24.03 62.29
C ASP S 369 -3.14 -23.68 62.37
N GLY S 370 -3.89 -23.93 61.29
CA GLY S 370 -5.33 -23.82 61.34
C GLY S 370 -5.93 -24.96 62.14
N THR S 371 -6.70 -24.66 63.18
CA THR S 371 -7.24 -25.74 63.99
C THR S 371 -8.59 -26.19 63.43
N MET S 372 -8.66 -27.45 63.00
CA MET S 372 -9.89 -28.04 62.47
C MET S 372 -10.35 -27.29 61.22
N ALA S 373 -9.38 -26.81 60.45
CA ALA S 373 -9.62 -25.91 59.34
C ALA S 373 -10.26 -26.64 58.15
N ILE S 374 -10.88 -25.84 57.29
CA ILE S 374 -11.51 -26.34 56.07
C ILE S 374 -10.45 -26.95 55.16
N ASP S 375 -10.85 -27.94 54.35
CA ASP S 375 -9.92 -28.57 53.42
C ASP S 375 -9.96 -27.87 52.06
N GLU S 376 -9.35 -28.50 51.07
CA GLU S 376 -9.26 -27.96 49.72
C GLU S 376 -10.03 -28.83 48.73
N GLU S 377 -9.66 -30.12 48.65
CA GLU S 377 -10.20 -31.03 47.64
C GLU S 377 -11.72 -30.94 47.53
N THR S 378 -12.42 -30.92 48.66
CA THR S 378 -13.87 -30.96 48.65
C THR S 378 -14.51 -29.59 48.48
N MET S 379 -13.71 -28.53 48.30
CA MET S 379 -14.28 -27.21 48.07
C MET S 379 -15.16 -27.21 46.83
N VAL S 380 -14.65 -27.69 45.70
CA VAL S 380 -15.43 -27.89 44.49
C VAL S 380 -15.56 -29.38 44.26
N VAL S 381 -16.67 -29.79 43.65
CA VAL S 381 -16.96 -31.20 43.46
C VAL S 381 -16.98 -31.52 41.98
N ASP S 382 -16.23 -32.55 41.59
CA ASP S 382 -16.25 -33.04 40.22
C ASP S 382 -17.54 -33.78 39.89
N ARG S 383 -17.90 -34.79 40.69
CA ARG S 383 -19.14 -35.54 40.54
C ARG S 383 -19.12 -36.41 39.28
N HIS S 384 -18.17 -36.17 38.39
CA HIS S 384 -17.93 -37.06 37.26
C HIS S 384 -17.14 -38.29 37.64
N LYS S 385 -16.29 -38.20 38.68
CA LYS S 385 -15.60 -39.38 39.17
C LYS S 385 -16.60 -40.48 39.52
N ASN S 386 -17.73 -40.11 40.10
CA ASN S 386 -18.81 -41.05 40.33
C ASN S 386 -19.22 -41.76 39.05
N ALA S 387 -19.37 -41.03 37.95
CA ALA S 387 -19.65 -41.65 36.66
C ALA S 387 -18.53 -42.58 36.22
N SER S 388 -17.28 -42.13 36.29
CA SER S 388 -16.15 -42.96 35.88
C SER S 388 -16.14 -44.29 36.63
N ILE S 389 -16.41 -44.26 37.93
CA ILE S 389 -16.59 -45.50 38.67
C ILE S 389 -17.81 -46.26 38.14
N GLU S 390 -18.90 -45.55 37.85
CA GLU S 390 -20.09 -46.20 37.32
C GLU S 390 -19.90 -46.62 35.87
N ASN S 391 -19.08 -45.89 35.12
CA ASN S 391 -18.81 -46.21 33.72
C ASN S 391 -18.11 -47.54 33.54
N GLU S 392 -17.17 -47.89 34.40
CA GLU S 392 -16.31 -49.06 34.22
C GLU S 392 -17.09 -50.37 34.14
N TYR S 393 -17.98 -50.65 35.09
CA TYR S 393 -18.65 -51.95 35.13
C TYR S 393 -19.62 -52.14 33.97
N LYS S 394 -19.97 -51.07 33.26
CA LYS S 394 -20.77 -51.22 32.05
C LYS S 394 -20.08 -52.15 31.07
N GLU S 395 -20.87 -52.99 30.42
CA GLU S 395 -20.32 -53.99 29.51
C GLU S 395 -19.80 -53.32 28.25
N LYS S 396 -18.58 -53.68 27.85
CA LYS S 396 -17.99 -53.18 26.62
C LYS S 396 -18.40 -54.08 25.46
N VAL S 397 -18.74 -53.47 24.33
CA VAL S 397 -19.30 -54.19 23.20
C VAL S 397 -18.98 -53.41 21.94
N ASP S 398 -18.98 -54.10 20.80
CA ASP S 398 -18.56 -53.51 19.55
C ASP S 398 -19.66 -53.23 18.53
N GLU S 399 -19.51 -52.23 17.70
CA GLU S 399 -20.58 -52.07 16.72
C GLU S 399 -20.43 -52.43 15.25
N ASN S 400 -20.60 -53.71 14.89
CA ASN S 400 -20.35 -53.89 13.48
C ASN S 400 -21.23 -52.90 12.74
N PRO S 401 -20.80 -52.41 11.57
CA PRO S 401 -21.56 -51.36 10.89
C PRO S 401 -23.01 -51.72 10.62
N PHE S 402 -23.35 -53.01 10.70
CA PHE S 402 -24.69 -53.45 10.39
C PHE S 402 -25.58 -53.68 11.61
N ALA S 403 -25.09 -53.44 12.83
CA ALA S 403 -25.93 -53.61 14.00
C ALA S 403 -26.90 -52.45 14.19
N ASN S 404 -26.54 -51.25 13.72
CA ASN S 404 -27.42 -50.09 13.77
C ASN S 404 -28.55 -50.17 12.75
N LEU S 405 -28.56 -51.24 11.95
CA LEU S 405 -29.40 -51.32 10.75
C LEU S 405 -30.82 -50.93 11.08
N TYR S 406 -31.37 -50.01 10.29
CA TYR S 406 -32.63 -49.37 10.59
C TYR S 406 -33.40 -49.11 9.31
N ASN S 407 -34.70 -48.88 9.47
CA ASN S 407 -35.59 -48.56 8.36
C ASN S 407 -36.86 -47.96 8.94
N TYR S 408 -37.89 -47.81 8.11
CA TYR S 408 -39.09 -47.09 8.54
C TYR S 408 -39.65 -47.59 9.85
N GLY S 409 -39.34 -48.81 10.26
CA GLY S 409 -39.73 -49.29 11.57
C GLY S 409 -38.95 -48.63 12.68
N SER S 410 -37.71 -48.23 12.39
CA SER S 410 -36.90 -47.55 13.40
C SER S 410 -37.59 -46.25 13.79
N TYR S 411 -37.42 -45.86 15.05
CA TYR S 411 -38.01 -44.62 15.55
C TYR S 411 -39.50 -44.61 15.33
N GLY S 412 -40.25 -45.37 16.13
CA GLY S 412 -41.68 -45.37 15.93
C GLY S 412 -42.47 -45.53 17.21
N ARG S 413 -43.73 -45.11 17.18
CA ARG S 413 -44.57 -45.18 18.36
C ARG S 413 -45.35 -46.48 18.37
N GLY S 414 -45.53 -47.04 19.56
CA GLY S 414 -46.17 -48.33 19.72
C GLY S 414 -45.19 -49.47 19.57
N SER S 415 -45.50 -50.56 20.26
CA SER S 415 -44.61 -51.70 20.32
C SER S 415 -45.38 -52.96 19.99
N TYR S 416 -44.70 -54.10 20.05
CA TYR S 416 -45.34 -55.38 19.79
C TYR S 416 -46.34 -55.71 20.90
N THR S 417 -47.38 -56.45 20.53
CA THR S 417 -48.40 -56.88 21.46
C THR S 417 -48.36 -58.40 21.61
N ASP S 418 -48.00 -58.85 22.80
CA ASP S 418 -48.09 -60.26 23.15
C ASP S 418 -49.51 -60.74 22.91
N PRO S 419 -49.72 -61.82 22.16
CA PRO S 419 -51.09 -62.30 21.91
C PRO S 419 -51.82 -62.63 23.20
N TRP S 420 -53.15 -62.62 23.11
CA TRP S 420 -53.99 -62.82 24.28
C TRP S 420 -54.48 -64.27 24.33
N THR S 421 -54.26 -64.94 25.45
CA THR S 421 -54.82 -66.27 25.62
C THR S 421 -56.28 -66.13 26.04
N VAL S 422 -56.97 -67.27 26.16
CA VAL S 422 -58.39 -67.24 26.46
C VAL S 422 -58.62 -66.94 27.93
N GLU S 423 -57.85 -67.57 28.81
CA GLU S 423 -57.88 -67.21 30.23
C GLU S 423 -57.67 -65.72 30.43
N GLU S 424 -56.70 -65.13 29.75
CA GLU S 424 -56.54 -63.69 29.73
C GLU S 424 -57.70 -62.99 29.03
N MET S 425 -58.36 -63.68 28.10
CA MET S 425 -59.50 -63.11 27.41
C MET S 425 -60.80 -63.24 28.20
N ILE S 426 -60.96 -64.32 28.99
CA ILE S 426 -62.26 -64.55 29.62
C ILE S 426 -62.54 -63.53 30.72
N LYS S 427 -61.52 -63.18 31.51
CA LYS S 427 -61.68 -62.06 32.44
C LYS S 427 -62.01 -60.78 31.71
N PHE S 428 -61.56 -60.64 30.46
CA PHE S 428 -62.05 -59.56 29.62
C PHE S 428 -63.53 -59.72 29.31
N TYR S 429 -63.95 -60.92 28.87
CA TYR S 429 -65.38 -61.17 28.70
C TYR S 429 -66.16 -60.90 29.97
N LYS S 430 -65.59 -61.22 31.14
CA LYS S 430 -66.24 -60.88 32.40
C LYS S 430 -66.59 -59.40 32.45
N ALA S 431 -65.57 -58.54 32.51
CA ALA S 431 -65.80 -57.11 32.66
C ALA S 431 -66.73 -56.55 31.58
N LEU S 432 -66.77 -57.19 30.41
CA LEU S 432 -67.74 -56.80 29.39
C LEU S 432 -69.17 -56.89 29.90
N SER S 433 -69.57 -58.04 30.45
CA SER S 433 -70.89 -58.19 31.05
C SER S 433 -70.99 -57.59 32.44
N MET S 434 -69.87 -57.15 33.02
CA MET S 434 -69.90 -56.58 34.36
C MET S 434 -70.23 -55.09 34.31
N TRP S 435 -69.31 -54.29 33.78
CA TRP S 435 -69.44 -52.84 33.86
C TRP S 435 -69.98 -52.23 32.57
N GLY S 436 -69.16 -52.19 31.54
CA GLY S 436 -69.54 -51.51 30.32
C GLY S 436 -68.35 -51.42 29.37
N THR S 437 -68.41 -50.44 28.47
CA THR S 437 -67.44 -50.28 27.40
C THR S 437 -66.11 -49.72 27.88
N ASP S 438 -66.01 -49.30 29.14
CA ASP S 438 -64.83 -48.57 29.59
C ASP S 438 -63.59 -49.46 29.53
N PHE S 439 -62.58 -49.00 28.78
CA PHE S 439 -61.34 -49.76 28.64
C PHE S 439 -60.40 -49.52 29.80
N ASN S 440 -60.50 -48.37 30.46
CA ASN S 440 -59.58 -48.05 31.55
C ASN S 440 -59.67 -49.09 32.66
N LEU S 441 -60.88 -49.44 33.07
CA LEU S 441 -61.07 -50.50 34.06
C LEU S 441 -60.35 -51.77 33.64
N ILE S 442 -60.51 -52.19 32.39
CA ILE S 442 -59.89 -53.44 31.96
C ILE S 442 -58.38 -53.30 31.96
N SER S 443 -57.87 -52.11 31.65
CA SER S 443 -56.43 -51.87 31.74
C SER S 443 -55.94 -52.04 33.18
N GLN S 444 -56.73 -51.59 34.15
CA GLN S 444 -56.38 -51.87 35.53
C GLN S 444 -56.56 -53.34 35.87
N LEU S 445 -57.43 -54.05 35.16
CA LEU S 445 -57.53 -55.49 35.34
C LEU S 445 -56.28 -56.20 34.85
N TYR S 446 -55.56 -55.63 33.89
CA TYR S 446 -54.34 -56.20 33.36
C TYR S 446 -53.22 -55.17 33.39
N PRO S 447 -52.63 -54.89 34.56
CA PRO S 447 -51.46 -54.00 34.60
C PRO S 447 -50.31 -54.52 33.75
N TYR S 448 -50.28 -55.82 33.46
CA TYR S 448 -49.32 -56.35 32.52
C TYR S 448 -49.62 -55.91 31.10
N ARG S 449 -50.77 -55.28 30.88
CA ARG S 449 -51.20 -54.86 29.55
C ARG S 449 -51.35 -53.34 29.49
N SER S 450 -51.79 -52.85 28.35
CA SER S 450 -52.07 -51.44 28.11
C SER S 450 -53.54 -51.27 27.73
N ARG S 451 -54.06 -50.06 27.93
CA ARG S 451 -55.46 -49.79 27.63
C ARG S 451 -55.77 -49.76 26.14
N LYS S 452 -54.96 -49.08 25.34
CA LYS S 452 -55.18 -49.07 23.90
C LYS S 452 -55.08 -50.47 23.32
N GLN S 453 -54.27 -51.34 23.93
CA GLN S 453 -54.32 -52.76 23.57
C GLN S 453 -55.72 -53.31 23.69
N VAL S 454 -56.36 -53.10 24.84
CA VAL S 454 -57.73 -53.53 25.03
C VAL S 454 -58.67 -52.81 24.06
N LYS S 455 -58.39 -51.55 23.76
CA LYS S 455 -59.20 -50.83 22.77
C LYS S 455 -59.20 -51.56 21.44
N ALA S 456 -58.04 -51.64 20.78
CA ALA S 456 -57.96 -52.26 19.47
C ALA S 456 -58.41 -53.71 19.47
N LYS S 457 -57.96 -54.49 20.45
CA LYS S 457 -58.40 -55.87 20.56
C LYS S 457 -59.91 -55.98 20.63
N PHE S 458 -60.53 -55.20 21.52
CA PHE S 458 -61.99 -55.17 21.61
C PHE S 458 -62.61 -54.87 20.26
N VAL S 459 -62.02 -53.96 19.49
CA VAL S 459 -62.58 -53.66 18.18
C VAL S 459 -62.43 -54.88 17.27
N ASN S 460 -61.36 -55.64 17.42
CA ASN S 460 -61.18 -56.81 16.57
C ASN S 460 -62.21 -57.89 16.89
N GLU S 461 -62.25 -58.35 18.15
CA GLU S 461 -63.22 -59.38 18.50
C GLU S 461 -64.63 -58.89 18.27
N GLU S 462 -64.87 -57.61 18.47
CA GLU S 462 -66.12 -56.97 18.06
C GLU S 462 -66.38 -57.19 16.58
N LYS S 463 -65.35 -57.01 15.75
CA LYS S 463 -65.50 -57.17 14.31
C LYS S 463 -65.66 -58.63 13.92
N LYS S 464 -64.72 -59.49 14.35
CA LYS S 464 -64.73 -60.88 13.90
C LYS S 464 -65.87 -61.67 14.52
N ARG S 465 -66.06 -61.56 15.83
CA ARG S 465 -67.10 -62.30 16.55
C ARG S 465 -68.03 -61.30 17.21
N PRO S 466 -68.93 -60.68 16.45
CA PRO S 466 -69.87 -59.72 17.07
C PRO S 466 -70.85 -60.38 18.02
N ILE S 467 -71.12 -61.67 17.86
CA ILE S 467 -72.14 -62.32 18.69
C ILE S 467 -71.68 -62.42 20.14
N LEU S 468 -70.41 -62.76 20.35
CA LEU S 468 -69.88 -62.79 21.71
C LEU S 468 -69.99 -61.42 22.36
N ILE S 469 -69.88 -60.36 21.57
CA ILE S 469 -70.12 -59.02 22.09
C ILE S 469 -71.61 -58.79 22.31
N GLU S 470 -72.47 -59.47 21.56
CA GLU S 470 -73.90 -59.33 21.77
C GLU S 470 -74.31 -59.95 23.10
N LEU S 471 -73.74 -61.11 23.45
CA LEU S 471 -73.98 -61.64 24.79
C LEU S 471 -73.29 -60.79 25.84
N ALA S 472 -72.04 -60.41 25.61
CA ALA S 472 -71.28 -59.65 26.59
C ALA S 472 -71.93 -58.32 26.97
N LEU S 473 -72.17 -57.43 26.01
CA LEU S 473 -72.79 -56.15 26.26
C LEU S 473 -74.31 -56.22 26.35
N ARG S 474 -74.94 -57.04 25.50
CA ARG S 474 -76.39 -57.13 25.53
C ARG S 474 -76.88 -57.83 26.81
N SER S 475 -76.36 -59.02 27.10
CA SER S 475 -76.72 -59.73 28.31
C SER S 475 -75.77 -59.31 29.43
N LYS S 476 -76.32 -58.77 30.50
CA LYS S 476 -75.55 -58.21 31.60
C LYS S 476 -75.91 -58.94 32.87
N LEU S 477 -74.95 -59.65 33.46
CA LEU S 477 -75.18 -60.21 34.78
C LEU S 477 -74.78 -59.19 35.84
N PRO S 478 -75.58 -59.06 36.90
CA PRO S 478 -75.30 -58.04 37.93
C PRO S 478 -73.96 -58.29 38.58
N PRO S 479 -73.08 -57.29 38.62
CA PRO S 479 -71.79 -57.48 39.30
C PRO S 479 -71.95 -57.60 40.80
N ASN S 480 -71.39 -58.67 41.36
CA ASN S 480 -71.30 -58.80 42.81
C ASN S 480 -69.93 -59.30 43.29
N PHE S 481 -69.64 -60.58 43.08
CA PHE S 481 -68.43 -61.24 43.56
C PHE S 481 -67.23 -60.96 42.66
N ASP S 482 -67.39 -61.14 41.35
CA ASP S 482 -66.33 -60.81 40.41
C ASP S 482 -66.00 -59.32 40.44
N GLU S 483 -67.02 -58.48 40.64
CA GLU S 483 -66.79 -57.04 40.79
C GLU S 483 -65.87 -56.77 41.97
N TYR S 484 -66.04 -57.51 43.07
CA TYR S 484 -65.21 -57.29 44.25
C TYR S 484 -63.83 -57.91 44.09
N CYS S 485 -63.75 -59.13 43.55
CA CYS S 485 -62.46 -59.81 43.43
C CYS S 485 -61.57 -59.13 42.41
N CYS S 486 -62.07 -58.95 41.18
CA CYS S 486 -61.30 -58.18 40.21
C CYS S 486 -61.27 -56.70 40.54
N GLU S 487 -62.16 -56.24 41.42
CA GLU S 487 -62.04 -54.89 41.97
C GLU S 487 -60.75 -54.74 42.76
N ILE S 488 -60.52 -55.62 43.73
CA ILE S 488 -59.36 -55.53 44.60
C ILE S 488 -58.33 -56.54 44.10
N LYS S 489 -57.29 -56.03 43.46
CA LYS S 489 -56.06 -56.76 43.21
C LYS S 489 -54.89 -56.03 43.85
N LYS S 490 -54.62 -54.80 43.41
CA LYS S 490 -53.99 -53.80 44.25
C LYS S 490 -55.12 -53.02 44.91
N ASN S 491 -55.22 -53.12 46.24
CA ASN S 491 -56.40 -52.61 46.92
C ASN S 491 -56.29 -51.10 47.10
N ILE S 492 -57.37 -50.39 46.79
CA ILE S 492 -57.46 -48.97 47.06
C ILE S 492 -58.34 -48.76 48.29
N GLY S 493 -57.73 -48.37 49.40
CA GLY S 493 -58.49 -48.20 50.63
C GLY S 493 -58.93 -46.76 50.81
N THR S 494 -60.05 -46.59 51.51
CA THR S 494 -60.59 -45.28 51.90
C THR S 494 -60.53 -44.27 50.76
N VAL S 495 -61.22 -44.54 49.66
CA VAL S 495 -61.17 -43.64 48.50
C VAL S 495 -61.66 -42.25 48.86
N ALA S 496 -62.96 -42.09 49.13
CA ALA S 496 -63.48 -40.80 49.52
C ALA S 496 -62.91 -40.32 50.85
N ASP S 497 -62.49 -41.25 51.71
CA ASP S 497 -61.91 -40.86 53.00
C ASP S 497 -60.49 -40.33 52.85
N PHE S 498 -59.63 -41.03 52.10
CA PHE S 498 -58.30 -40.51 51.84
C PHE S 498 -58.34 -39.26 50.97
N ASN S 499 -59.39 -39.11 50.16
CA ASN S 499 -59.58 -37.85 49.44
C ASN S 499 -59.61 -36.69 50.41
N GLU S 500 -60.65 -36.60 51.24
CA GLU S 500 -60.78 -35.48 52.17
C GLU S 500 -59.66 -35.47 53.20
N LYS S 501 -59.07 -36.62 53.50
CA LYS S 501 -57.93 -36.66 54.40
C LYS S 501 -56.73 -35.93 53.82
N LEU S 502 -56.31 -36.32 52.62
CA LEU S 502 -55.19 -35.65 51.96
C LEU S 502 -55.52 -34.20 51.65
N ILE S 503 -56.80 -33.91 51.40
CA ILE S 503 -57.24 -32.53 51.23
C ILE S 503 -57.00 -31.73 52.51
N GLU S 504 -57.37 -32.30 53.65
CA GLU S 504 -57.14 -31.62 54.92
C GLU S 504 -55.64 -31.54 55.22
N LEU S 505 -54.85 -32.44 54.65
CA LEU S 505 -53.41 -32.28 54.70
C LEU S 505 -52.98 -31.07 53.88
N GLN S 506 -53.59 -30.88 52.71
CA GLN S 506 -53.37 -29.65 51.96
C GLN S 506 -53.88 -28.44 52.72
N ASN S 507 -54.76 -28.66 53.70
CA ASN S 507 -55.14 -27.59 54.61
C ASN S 507 -54.14 -27.45 55.74
N GLU S 508 -53.34 -28.48 55.99
CA GLU S 508 -52.28 -28.37 56.98
C GLU S 508 -51.10 -27.60 56.43
N HIS S 509 -50.69 -27.90 55.19
CA HIS S 509 -49.68 -27.07 54.56
C HIS S 509 -50.28 -25.75 54.07
N LYS S 510 -51.58 -25.72 53.84
CA LYS S 510 -52.26 -24.46 53.54
C LYS S 510 -52.18 -23.50 54.72
N HIS S 511 -52.68 -23.95 55.88
CA HIS S 511 -52.56 -23.15 57.10
C HIS S 511 -51.11 -22.91 57.46
N HIS S 512 -50.22 -23.85 57.10
CA HIS S 512 -48.79 -23.65 57.30
C HIS S 512 -48.27 -22.49 56.47
N MET S 513 -48.71 -22.39 55.21
CA MET S 513 -48.26 -21.30 54.36
C MET S 513 -48.92 -19.98 54.74
N LYS S 514 -50.13 -20.03 55.29
CA LYS S 514 -50.69 -18.83 55.90
C LYS S 514 -49.90 -18.41 57.13
N GLU S 515 -49.29 -19.39 57.82
CA GLU S 515 -48.49 -19.08 58.99
C GLU S 515 -47.16 -18.45 58.62
N ILE S 516 -46.42 -19.08 57.71
CA ILE S 516 -45.15 -18.50 57.26
C ILE S 516 -45.41 -17.18 56.54
N GLU S 517 -46.55 -17.07 55.87
CA GLU S 517 -46.98 -15.78 55.33
C GLU S 517 -47.25 -14.78 56.44
N GLU S 518 -47.72 -15.26 57.60
CA GLU S 518 -48.03 -14.37 58.70
C GLU S 518 -46.75 -13.81 59.31
N ALA S 519 -45.80 -14.68 59.62
CA ALA S 519 -44.48 -14.20 60.05
C ALA S 519 -43.81 -13.41 58.94
N LYS S 520 -44.20 -13.66 57.69
CA LYS S 520 -43.75 -12.83 56.58
C LYS S 520 -44.33 -11.43 56.68
N ASN S 521 -45.51 -11.30 57.28
CA ASN S 521 -46.05 -9.99 57.62
C ASN S 521 -45.44 -9.41 58.88
N THR S 522 -44.91 -10.27 59.77
CA THR S 522 -44.21 -9.76 60.94
C THR S 522 -43.04 -8.87 60.54
N ALA S 523 -42.04 -9.45 59.85
CA ALA S 523 -40.91 -8.68 59.37
C ALA S 523 -41.33 -7.55 58.43
N LYS S 524 -42.52 -7.64 57.84
CA LYS S 524 -43.03 -6.54 57.03
C LYS S 524 -43.13 -5.26 57.84
N GLU S 525 -43.75 -5.34 59.02
CA GLU S 525 -43.82 -4.18 59.90
C GLU S 525 -42.51 -3.95 60.64
N GLU S 526 -41.81 -5.03 61.00
CA GLU S 526 -40.52 -4.91 61.66
C GLU S 526 -39.55 -4.05 60.85
N ASP S 527 -39.53 -4.24 59.53
CA ASP S 527 -38.70 -3.41 58.67
C ASP S 527 -39.15 -1.96 58.69
N GLN S 528 -40.47 -1.72 58.73
CA GLN S 528 -40.98 -0.37 58.87
C GLN S 528 -40.48 0.29 60.16
N THR S 529 -40.38 -0.49 61.24
CA THR S 529 -39.80 0.04 62.46
C THR S 529 -38.31 0.30 62.30
N ALA S 530 -37.61 -0.58 61.58
CA ALA S 530 -36.17 -0.42 61.39
C ALA S 530 -35.82 0.80 60.56
N GLN S 531 -36.65 1.15 59.57
CA GLN S 531 -36.37 2.29 58.71
C GLN S 531 -36.34 3.60 59.48
N ARG S 532 -36.97 3.65 60.65
CA ARG S 532 -37.01 4.86 61.46
C ARG S 532 -35.63 5.23 62.02
N LEU S 533 -34.64 4.36 61.87
CA LEU S 533 -33.28 4.67 62.32
C LEU S 533 -32.55 5.53 61.30
#